data_1CX8
#
_entry.id   1CX8
#
_cell.length_a   105.400
_cell.length_b   216.900
_cell.length_c   361.900
_cell.angle_alpha   90.00
_cell.angle_beta   90.00
_cell.angle_gamma   90.00
#
_symmetry.space_group_name_H-M   'P 21 21 21'
#
loop_
_entity.id
_entity.type
_entity.pdbx_description
1 polymer 'TRANSFERRIN RECEPTOR PROTEIN'
2 non-polymer 2-acetamido-2-deoxy-beta-D-glucopyranose
3 non-polymer 'SAMARIUM (III) ION'
#
_entity_poly.entity_id   1
_entity_poly.type   'polypeptide(L)'
_entity_poly.pdbx_seq_one_letter_code
;LYWDDLKRKLSEKLDSTDFTSTIKLLNENSYVPREAGSQKDENLALYVENEFREFKLSKVWRDQHFVKIQVKDSAQNSVI
IVDKNGRLVYLVENPGGYVAYSKAATVTGKLVHANFGTKKDFEDLYTPVNGSIVIVRAGKITFAEKVANAESLNAIGVLI
YMDQTKFPIVNAELSFFGHAHLGTGDPYTPGFPSFNHTQFPPSRSSGLPNIPVQTISRAAAEKLFGNMEGDCPSDWKTDS
TCRMVTSESKNVKLTVSNVLKEIKILNIFGVIKGFVEPDHYVVVGAQRDAWGPGAAKSGVGTALLLKLAQMFSDMVLKDG
FQPSRSIIFASWSAGDFGSVGATEWLEGYLSSLHLKAFTYINLDKAVLGTSNFKVSASPLLYTLIEKTMQNVKHPVTGQF
LYQDSNWASKVEKLTLDNAAFPFLAYSGIPAVSFCFCEDTDYPYLGTTMDTYKELIERIPELNKVARAAAEVAGQFVIKL
THDVELNLDYEEYNSQLLSFVRDLNQYRADIKEMGLSLQWLYSARGDFFRATSRLTTDFGNAEKTDRFVMKKLNDRVMRV
EYHFLSPYVSPKESPFRHVFWGSGSHTLPALLENLKLRKQNNGAFNETLFRNQLALATWTIQGAANALSGDVWDIDNEF
;
_entity_poly.pdbx_strand_id   A,B,C,D,E,F,G,H
#
loop_
_chem_comp.id
_chem_comp.type
_chem_comp.name
_chem_comp.formula
NAG D-saccharide, beta linking 2-acetamido-2-deoxy-beta-D-glucopyranose 'C8 H15 N O6'
SM non-polymer 'SAMARIUM (III) ION' 'Sm 3'
#
# COMPACT_ATOMS: atom_id res chain seq x y z
N LEU A 1 50.99 41.96 -40.99
CA LEU A 1 51.22 42.41 -42.37
C LEU A 1 51.01 43.92 -42.52
N TYR A 2 51.59 44.51 -43.56
CA TYR A 2 51.45 45.94 -43.80
C TYR A 2 50.42 46.24 -44.88
N TRP A 3 49.99 47.49 -44.95
CA TRP A 3 48.99 47.90 -45.93
C TRP A 3 49.22 47.36 -47.32
N ASP A 4 50.41 47.60 -47.87
CA ASP A 4 50.73 47.11 -49.21
C ASP A 4 50.31 45.65 -49.31
N ASP A 5 50.72 44.85 -48.33
CA ASP A 5 50.38 43.43 -48.30
C ASP A 5 48.89 43.23 -48.42
N LEU A 6 48.14 43.81 -47.48
CA LEU A 6 46.69 43.69 -47.49
C LEU A 6 46.12 44.24 -48.76
N LYS A 7 46.68 45.34 -49.25
CA LYS A 7 46.15 45.93 -50.48
C LYS A 7 46.37 44.95 -51.63
N ARG A 8 47.60 44.47 -51.76
CA ARG A 8 47.96 43.53 -52.82
C ARG A 8 47.14 42.26 -52.73
N LYS A 9 47.06 41.68 -51.54
CA LYS A 9 46.30 40.46 -51.35
C LYS A 9 44.87 40.72 -51.80
N LEU A 10 44.19 41.61 -51.08
CA LEU A 10 42.80 41.94 -51.40
C LEU A 10 42.57 42.12 -52.89
N SER A 11 43.60 42.57 -53.61
CA SER A 11 43.44 42.78 -55.04
C SER A 11 43.36 41.47 -55.81
N GLU A 12 44.38 40.63 -55.65
CA GLU A 12 44.39 39.36 -56.37
C GLU A 12 43.15 38.55 -56.02
N LYS A 13 42.71 38.63 -54.77
CA LYS A 13 41.53 37.91 -54.33
C LYS A 13 40.36 38.49 -55.13
N LEU A 14 40.39 39.81 -55.34
CA LEU A 14 39.35 40.46 -56.12
C LEU A 14 39.56 40.11 -57.59
N ASP A 15 40.80 39.80 -57.94
CA ASP A 15 41.13 39.44 -59.31
C ASP A 15 40.56 38.07 -59.68
N SER A 16 40.25 37.26 -58.67
CA SER A 16 39.72 35.93 -58.90
C SER A 16 38.38 35.67 -58.21
N THR A 17 37.38 36.51 -58.49
CA THR A 17 36.06 36.36 -57.91
C THR A 17 35.00 36.73 -58.93
N ASP A 18 34.14 35.77 -59.24
CA ASP A 18 33.07 36.01 -60.21
C ASP A 18 31.87 36.68 -59.56
N PHE A 19 31.77 38.00 -59.67
CA PHE A 19 30.66 38.71 -59.09
C PHE A 19 29.42 38.57 -59.96
N THR A 20 29.65 38.54 -61.26
CA THR A 20 28.56 38.43 -62.24
C THR A 20 27.72 37.17 -62.05
N SER A 21 28.39 36.08 -61.68
CA SER A 21 27.71 34.81 -61.44
C SER A 21 26.70 34.92 -60.31
N THR A 22 27.17 35.45 -59.18
CA THR A 22 26.33 35.62 -58.00
C THR A 22 25.22 36.64 -58.20
N ILE A 23 25.47 37.63 -59.06
CA ILE A 23 24.46 38.65 -59.34
C ILE A 23 23.37 37.98 -60.15
N LYS A 24 23.77 36.94 -60.88
CA LYS A 24 22.83 36.17 -61.69
C LYS A 24 22.12 35.17 -60.78
N LEU A 25 22.90 34.38 -60.04
CA LEU A 25 22.35 33.39 -59.14
C LEU A 25 21.22 34.03 -58.34
N LEU A 26 21.44 35.26 -57.90
CA LEU A 26 20.43 35.98 -57.15
C LEU A 26 19.36 36.51 -58.09
N ASN A 27 19.05 35.72 -59.10
CA ASN A 27 18.04 36.09 -60.07
C ASN A 27 17.22 34.87 -60.50
N GLU A 28 17.73 33.68 -60.17
CA GLU A 28 17.04 32.43 -60.49
C GLU A 28 15.65 32.51 -59.87
N ASN A 29 14.67 31.83 -60.46
CA ASN A 29 13.32 31.88 -59.91
C ASN A 29 13.25 31.47 -58.45
N SER A 30 14.36 30.92 -57.93
CA SER A 30 14.42 30.49 -56.54
C SER A 30 14.18 31.69 -55.63
N TYR A 31 14.61 32.86 -56.08
CA TYR A 31 14.42 34.09 -55.32
C TYR A 31 14.35 35.29 -56.25
N VAL A 32 13.30 35.37 -57.06
CA VAL A 32 13.18 36.50 -57.97
C VAL A 32 12.20 37.55 -57.48
N PRO A 33 10.89 37.25 -57.41
CA PRO A 33 10.12 38.40 -56.90
C PRO A 33 10.25 38.40 -55.39
N ARG A 34 11.48 38.61 -54.93
CA ARG A 34 11.81 38.64 -53.50
C ARG A 34 11.27 39.89 -52.81
N GLU A 35 9.95 40.07 -52.84
CA GLU A 35 9.36 41.22 -52.18
C GLU A 35 9.72 41.13 -50.71
N ALA A 36 9.45 42.21 -49.98
CA ALA A 36 9.74 42.26 -48.56
C ALA A 36 8.87 41.28 -47.81
N GLY A 37 9.49 40.45 -47.00
CA GLY A 37 8.75 39.49 -46.20
C GLY A 37 8.03 38.45 -47.02
N SER A 38 8.54 38.16 -48.21
CA SER A 38 7.94 37.15 -49.07
C SER A 38 8.66 35.84 -48.82
N GLN A 39 8.27 34.80 -49.56
CA GLN A 39 8.92 33.50 -49.41
C GLN A 39 10.29 33.56 -50.05
N LYS A 40 10.34 34.12 -51.26
CA LYS A 40 11.60 34.24 -51.98
C LYS A 40 12.56 34.99 -51.05
N ASP A 41 12.05 36.10 -50.51
CA ASP A 41 12.81 36.92 -49.59
C ASP A 41 13.49 35.96 -48.61
N GLU A 42 12.65 35.28 -47.82
CA GLU A 42 13.09 34.33 -46.81
C GLU A 42 14.03 33.28 -47.39
N ASN A 43 13.88 32.99 -48.67
CA ASN A 43 14.74 32.00 -49.31
C ASN A 43 16.17 32.53 -49.36
N LEU A 44 16.36 33.66 -50.03
CA LEU A 44 17.68 34.25 -50.17
C LEU A 44 18.28 34.51 -48.80
N ALA A 45 17.42 34.91 -47.87
CA ALA A 45 17.84 35.20 -46.51
C ALA A 45 18.61 34.00 -45.97
N LEU A 46 17.97 32.84 -46.01
CA LEU A 46 18.59 31.62 -45.52
C LEU A 46 19.81 31.26 -46.36
N TYR A 47 19.81 31.71 -47.62
CA TYR A 47 20.94 31.42 -48.49
C TYR A 47 22.15 32.16 -47.98
N VAL A 48 21.97 33.46 -47.75
CA VAL A 48 23.03 34.30 -47.24
C VAL A 48 23.50 33.73 -45.91
N GLU A 49 22.52 33.47 -45.03
CA GLU A 49 22.81 32.94 -43.71
C GLU A 49 23.72 31.72 -43.75
N ASN A 50 23.40 30.79 -44.64
CA ASN A 50 24.17 29.57 -44.79
C ASN A 50 25.52 29.87 -45.42
N GLU A 51 25.50 30.67 -46.48
CA GLU A 51 26.74 31.04 -47.15
C GLU A 51 27.73 31.56 -46.11
N PHE A 52 27.25 32.44 -45.23
CA PHE A 52 28.08 32.98 -44.17
C PHE A 52 28.66 31.84 -43.35
N ARG A 53 27.80 30.91 -42.95
CA ARG A 53 28.24 29.76 -42.17
C ARG A 53 29.27 29.01 -42.98
N GLU A 54 28.97 28.80 -44.27
CA GLU A 54 29.88 28.09 -45.14
C GLU A 54 31.21 28.84 -45.21
N PHE A 55 31.13 30.17 -45.21
CA PHE A 55 32.33 30.99 -45.28
C PHE A 55 33.20 30.74 -44.06
N LYS A 56 32.65 29.95 -43.14
CA LYS A 56 33.38 29.59 -41.93
C LYS A 56 33.71 30.79 -41.06
N LEU A 57 32.97 31.89 -41.24
CA LEU A 57 33.24 33.07 -40.42
C LEU A 57 32.70 32.79 -39.01
N SER A 58 33.10 33.61 -38.03
CA SER A 58 32.67 33.42 -36.66
C SER A 58 31.15 33.56 -36.52
N LYS A 59 30.67 33.78 -35.30
CA LYS A 59 29.24 33.93 -35.06
C LYS A 59 28.47 34.55 -36.23
N VAL A 60 27.27 34.03 -36.47
CA VAL A 60 26.38 34.51 -37.52
C VAL A 60 24.98 34.20 -37.03
N TRP A 61 24.11 35.21 -37.01
CA TRP A 61 22.76 35.00 -36.50
C TRP A 61 21.66 35.60 -37.37
N ARG A 62 20.44 35.60 -36.84
CA ARG A 62 19.30 36.13 -37.54
C ARG A 62 18.70 37.27 -36.73
N ASP A 63 17.97 38.17 -37.38
CA ASP A 63 17.32 39.26 -36.67
C ASP A 63 15.88 39.32 -37.13
N GLN A 64 14.99 38.89 -36.25
CA GLN A 64 13.56 38.84 -36.55
C GLN A 64 12.86 40.17 -36.26
N HIS A 65 11.80 40.46 -37.01
CA HIS A 65 11.05 41.70 -36.84
C HIS A 65 9.67 41.62 -37.48
N PHE A 66 8.69 42.28 -36.86
CA PHE A 66 7.33 42.29 -37.39
C PHE A 66 6.89 43.73 -37.63
N VAL A 67 7.08 44.22 -38.85
CA VAL A 67 6.69 45.58 -39.16
C VAL A 67 5.49 45.59 -40.08
N LYS A 68 4.74 46.68 -40.07
CA LYS A 68 3.58 46.79 -40.96
C LYS A 68 3.95 47.38 -42.31
N ILE A 69 3.81 46.58 -43.36
CA ILE A 69 4.09 46.99 -44.72
C ILE A 69 2.75 47.23 -45.42
N GLN A 70 2.75 47.95 -46.53
CA GLN A 70 1.51 48.17 -47.25
C GLN A 70 1.56 47.46 -48.59
N VAL A 71 0.45 46.81 -48.95
CA VAL A 71 0.37 46.09 -50.21
C VAL A 71 -0.91 46.38 -50.96
N LYS A 72 -0.88 46.04 -52.25
CA LYS A 72 -1.99 46.26 -53.15
C LYS A 72 -3.16 45.37 -52.77
N ASP A 73 -4.31 45.98 -52.47
CA ASP A 73 -5.53 45.25 -52.10
C ASP A 73 -6.11 44.53 -53.31
N SER A 74 -6.86 43.47 -53.04
CA SER A 74 -7.50 42.69 -54.11
C SER A 74 -8.25 43.62 -55.08
N ALA A 75 -8.79 44.71 -54.53
CA ALA A 75 -9.51 45.69 -55.33
C ALA A 75 -8.48 46.46 -56.19
N GLN A 76 -8.79 46.66 -57.46
CA GLN A 76 -7.86 47.34 -58.35
C GLN A 76 -7.78 48.86 -58.20
N ASN A 77 -6.54 49.35 -58.18
CA ASN A 77 -6.23 50.78 -58.09
C ASN A 77 -6.31 51.32 -59.51
N SER A 78 -6.86 52.52 -59.66
CA SER A 78 -6.99 53.07 -61.00
C SER A 78 -7.16 54.59 -61.11
N VAL A 79 -6.80 55.08 -62.29
CA VAL A 79 -6.91 56.49 -62.63
C VAL A 79 -7.87 56.55 -63.81
N ILE A 80 -8.87 57.41 -63.71
CA ILE A 80 -9.86 57.54 -64.78
C ILE A 80 -10.32 58.98 -65.01
N ILE A 81 -10.25 59.42 -66.26
CA ILE A 81 -10.67 60.78 -66.59
C ILE A 81 -12.18 60.82 -66.57
N VAL A 82 -12.73 61.85 -65.92
CA VAL A 82 -14.17 61.97 -65.81
C VAL A 82 -14.56 63.40 -65.42
N ASP A 83 -15.77 63.79 -65.78
CA ASP A 83 -16.28 65.12 -65.48
C ASP A 83 -16.94 65.19 -64.10
N LYS A 84 -17.82 66.18 -63.92
CA LYS A 84 -18.53 66.37 -62.67
C LYS A 84 -19.55 65.25 -62.51
N ASN A 85 -19.30 64.16 -63.25
CA ASN A 85 -20.13 62.98 -63.30
C ASN A 85 -19.68 62.19 -64.53
N GLY A 86 -20.55 61.31 -65.04
CA GLY A 86 -20.25 60.53 -66.24
C GLY A 86 -18.77 60.28 -66.53
N ARG A 87 -18.26 59.17 -65.99
CA ARG A 87 -16.86 58.80 -66.18
C ARG A 87 -16.49 58.54 -67.65
N LEU A 88 -16.32 59.61 -68.41
CA LEU A 88 -15.98 59.46 -69.82
C LEU A 88 -14.67 58.71 -70.01
N VAL A 89 -14.12 58.80 -71.23
CA VAL A 89 -12.86 58.16 -71.61
C VAL A 89 -12.74 56.68 -71.24
N TYR A 90 -11.70 56.08 -71.80
CA TYR A 90 -11.37 54.69 -71.58
C TYR A 90 -10.72 54.62 -70.18
N LEU A 91 -10.67 53.41 -69.62
CA LEU A 91 -10.06 53.24 -68.31
C LEU A 91 -8.58 53.54 -68.50
N VAL A 92 -8.22 54.82 -68.41
CA VAL A 92 -6.84 55.27 -68.58
C VAL A 92 -5.85 54.18 -68.19
N GLU A 93 -5.95 53.72 -66.94
CA GLU A 93 -5.08 52.66 -66.47
C GLU A 93 -5.30 52.19 -65.04
N ASN A 94 -5.17 50.88 -64.89
CA ASN A 94 -5.27 50.17 -63.60
C ASN A 94 -3.80 49.89 -63.29
N PRO A 95 -3.09 50.90 -62.78
CA PRO A 95 -1.66 50.79 -62.44
C PRO A 95 -1.20 49.40 -61.99
N GLY A 96 -0.07 48.96 -62.54
CA GLY A 96 0.49 47.65 -62.20
C GLY A 96 1.26 47.64 -60.89
N GLY A 97 1.81 48.81 -60.52
CA GLY A 97 2.56 48.93 -59.28
C GLY A 97 1.84 49.86 -58.33
N TYR A 98 2.49 50.26 -57.25
CA TYR A 98 1.85 51.15 -56.29
C TYR A 98 2.85 51.87 -55.41
N VAL A 99 2.36 52.88 -54.70
CA VAL A 99 3.18 53.66 -53.78
C VAL A 99 2.80 53.22 -52.36
N ALA A 100 3.72 52.52 -51.69
CA ALA A 100 3.45 52.04 -50.35
C ALA A 100 3.02 53.15 -49.39
N TYR A 101 2.53 52.76 -48.23
CA TYR A 101 2.10 53.71 -47.23
C TYR A 101 1.26 54.85 -47.78
N SER A 102 0.73 54.70 -48.98
CA SER A 102 -0.10 55.73 -49.57
C SER A 102 -1.45 55.79 -48.85
N LYS A 103 -2.03 56.98 -48.76
CA LYS A 103 -3.34 57.12 -48.11
C LYS A 103 -4.33 56.22 -48.83
N ALA A 104 -5.00 55.37 -48.08
CA ALA A 104 -5.99 54.47 -48.67
C ALA A 104 -7.29 55.24 -48.86
N ALA A 105 -7.51 55.73 -50.07
CA ALA A 105 -8.71 56.49 -50.36
C ALA A 105 -8.90 56.65 -51.87
N THR A 106 -9.90 57.44 -52.23
CA THR A 106 -10.22 57.71 -53.63
C THR A 106 -10.88 59.08 -53.77
N VAL A 107 -10.31 59.91 -54.63
CA VAL A 107 -10.82 61.26 -54.88
C VAL A 107 -10.62 61.68 -56.32
N THR A 108 -11.36 62.69 -56.73
CA THR A 108 -11.28 63.21 -58.08
C THR A 108 -11.31 64.74 -58.13
N GLY A 109 -10.72 65.30 -59.18
CA GLY A 109 -10.67 66.73 -59.34
C GLY A 109 -9.70 67.14 -60.42
N LYS A 110 -9.35 68.42 -60.44
CA LYS A 110 -8.42 68.96 -61.44
C LYS A 110 -7.08 68.22 -61.36
N LEU A 111 -6.29 68.30 -62.43
CA LEU A 111 -4.99 67.63 -62.44
C LEU A 111 -3.82 68.49 -62.94
N VAL A 112 -3.12 69.13 -62.00
CA VAL A 112 -1.97 69.98 -62.32
C VAL A 112 -0.72 69.11 -62.50
N HIS A 113 0.27 69.65 -63.20
CA HIS A 113 1.49 68.91 -63.46
C HIS A 113 2.74 69.65 -62.98
N ALA A 114 3.09 69.47 -61.71
CA ALA A 114 4.25 70.13 -61.12
C ALA A 114 5.54 69.34 -61.35
N ASN A 115 6.25 69.66 -62.43
CA ASN A 115 7.50 69.00 -62.78
C ASN A 115 8.27 68.52 -61.55
N PHE A 116 8.91 67.36 -61.69
CA PHE A 116 9.70 66.76 -60.62
C PHE A 116 9.15 66.95 -59.22
N GLY A 117 8.21 66.07 -58.86
CA GLY A 117 7.59 66.11 -57.55
C GLY A 117 7.64 67.42 -56.82
N THR A 118 7.21 68.48 -57.50
CA THR A 118 7.18 69.82 -56.91
C THR A 118 8.54 70.27 -56.39
N LYS A 119 9.38 69.32 -56.01
CA LYS A 119 10.71 69.63 -55.51
C LYS A 119 10.60 70.61 -54.34
N LYS A 120 9.36 70.91 -53.95
CA LYS A 120 9.08 71.85 -52.87
C LYS A 120 9.35 73.24 -53.46
N ASP A 121 10.35 73.28 -54.33
CA ASP A 121 10.77 74.49 -55.01
C ASP A 121 9.81 74.77 -56.17
N PHE A 122 9.71 73.80 -57.07
CA PHE A 122 8.85 73.90 -58.24
C PHE A 122 7.41 74.30 -57.94
N GLU A 123 6.97 74.12 -56.69
CA GLU A 123 5.60 74.49 -56.33
C GLU A 123 5.36 75.98 -56.56
N ASP A 124 6.44 76.74 -56.64
CA ASP A 124 6.34 78.18 -56.88
C ASP A 124 6.17 78.40 -58.39
N LEU A 125 5.04 77.89 -58.90
CA LEU A 125 4.69 78.00 -60.32
C LEU A 125 3.33 78.72 -60.41
N TYR A 126 2.94 79.09 -61.63
CA TYR A 126 1.69 79.80 -61.87
C TYR A 126 0.40 79.14 -61.36
N THR A 127 -0.01 78.06 -62.02
CA THR A 127 -1.23 77.34 -61.66
C THR A 127 -1.21 76.80 -60.22
N PRO A 128 -2.24 77.14 -59.43
CA PRO A 128 -2.33 76.69 -58.04
C PRO A 128 -2.84 75.25 -57.92
N VAL A 129 -2.38 74.54 -56.89
CA VAL A 129 -2.78 73.15 -56.66
C VAL A 129 -3.74 73.10 -55.49
N ASN A 130 -4.18 74.27 -55.06
CA ASN A 130 -5.10 74.43 -53.95
C ASN A 130 -6.38 73.59 -54.19
N GLY A 131 -6.33 72.33 -53.77
CA GLY A 131 -7.46 71.43 -53.93
C GLY A 131 -7.58 70.81 -55.30
N SER A 132 -6.58 70.01 -55.69
CA SER A 132 -6.59 69.36 -57.00
C SER A 132 -5.48 68.32 -57.11
N ILE A 133 -5.76 67.23 -57.81
CA ILE A 133 -4.77 66.17 -58.00
C ILE A 133 -3.56 66.71 -58.74
N VAL A 134 -2.39 66.10 -58.50
CA VAL A 134 -1.17 66.56 -59.14
C VAL A 134 -0.32 65.45 -59.77
N ILE A 135 0.35 65.80 -60.86
CA ILE A 135 1.23 64.88 -61.56
C ILE A 135 2.66 65.36 -61.35
N VAL A 136 3.60 64.42 -61.25
CA VAL A 136 5.01 64.76 -61.06
C VAL A 136 5.89 63.70 -61.67
N ARG A 137 7.11 64.08 -62.02
CA ARG A 137 8.06 63.18 -62.62
C ARG A 137 8.88 62.52 -61.52
N ALA A 138 9.34 61.31 -61.76
CA ALA A 138 10.16 60.62 -60.77
C ALA A 138 11.55 61.18 -60.96
N GLY A 139 12.07 61.91 -59.96
CA GLY A 139 13.40 62.45 -60.14
C GLY A 139 14.18 63.03 -58.98
N LYS A 140 14.50 64.32 -59.11
CA LYS A 140 15.29 65.06 -58.12
C LYS A 140 15.04 64.72 -56.64
N ILE A 141 13.80 64.44 -56.27
CA ILE A 141 13.54 64.11 -54.87
C ILE A 141 12.89 62.73 -54.71
N THR A 142 12.44 62.43 -53.51
CA THR A 142 11.81 61.14 -53.23
C THR A 142 10.30 61.29 -53.21
N PHE A 143 9.61 60.24 -53.63
CA PHE A 143 8.14 60.25 -53.65
C PHE A 143 7.64 60.87 -52.35
N ALA A 144 8.17 60.35 -51.25
CA ALA A 144 7.81 60.82 -49.92
C ALA A 144 7.75 62.35 -49.93
N GLU A 145 8.85 62.96 -50.34
CA GLU A 145 8.94 64.41 -50.39
C GLU A 145 7.98 64.98 -51.43
N LYS A 146 7.95 64.40 -52.62
CA LYS A 146 7.06 64.87 -53.66
C LYS A 146 5.64 65.00 -53.09
N VAL A 147 5.15 63.91 -52.53
CA VAL A 147 3.82 63.89 -51.95
C VAL A 147 3.69 64.91 -50.83
N ALA A 148 4.62 64.84 -49.87
CA ALA A 148 4.63 65.76 -48.73
C ALA A 148 4.37 67.20 -49.14
N ASN A 149 5.13 67.69 -50.10
CA ASN A 149 4.98 69.07 -50.58
C ASN A 149 3.60 69.24 -51.19
N ALA A 150 3.22 68.32 -52.07
CA ALA A 150 1.91 68.39 -52.71
C ALA A 150 0.83 68.67 -51.66
N GLU A 151 0.86 67.88 -50.59
CA GLU A 151 -0.12 68.03 -49.53
C GLU A 151 0.08 69.29 -48.69
N SER A 152 1.32 69.75 -48.60
CA SER A 152 1.58 70.95 -47.82
C SER A 152 0.92 72.13 -48.51
N LEU A 153 0.65 71.98 -49.80
CA LEU A 153 0.00 73.01 -50.60
C LEU A 153 -1.50 72.73 -50.75
N ASN A 154 -1.99 71.81 -49.92
CA ASN A 154 -3.40 71.43 -49.88
C ASN A 154 -3.92 70.67 -51.09
N ALA A 155 -3.05 69.96 -51.79
CA ALA A 155 -3.47 69.18 -52.94
C ALA A 155 -4.05 67.87 -52.43
N ILE A 156 -4.46 67.00 -53.36
CA ILE A 156 -5.00 65.68 -53.01
C ILE A 156 -4.63 64.76 -54.16
N GLY A 157 -4.18 63.56 -53.84
CA GLY A 157 -3.80 62.64 -54.89
C GLY A 157 -2.59 63.14 -55.66
N VAL A 158 -1.66 62.22 -55.93
CA VAL A 158 -0.45 62.55 -56.66
C VAL A 158 -0.09 61.36 -57.53
N LEU A 159 0.23 61.64 -58.79
CA LEU A 159 0.60 60.58 -59.70
C LEU A 159 2.08 60.77 -60.04
N ILE A 160 2.82 59.67 -60.09
CA ILE A 160 4.24 59.73 -60.40
C ILE A 160 4.53 58.89 -61.64
N TYR A 161 5.12 59.50 -62.67
CA TYR A 161 5.42 58.78 -63.90
C TYR A 161 6.87 58.98 -64.33
N MET A 162 7.38 58.06 -65.14
CA MET A 162 8.75 58.15 -65.63
C MET A 162 8.78 58.68 -67.07
N ASP A 163 8.94 60.00 -67.24
CA ASP A 163 8.97 60.59 -68.57
C ASP A 163 10.05 59.96 -69.45
N GLN A 164 10.00 60.26 -70.74
CA GLN A 164 10.93 59.69 -71.72
C GLN A 164 12.35 60.24 -71.65
N THR A 165 12.48 61.56 -71.51
CA THR A 165 13.81 62.20 -71.44
C THR A 165 14.63 61.69 -70.26
N LYS A 166 14.03 61.76 -69.07
CA LYS A 166 14.66 61.31 -67.83
C LYS A 166 14.78 59.80 -67.79
N PHE A 167 13.75 59.12 -68.28
CA PHE A 167 13.75 57.66 -68.30
C PHE A 167 13.58 57.09 -69.71
N PRO A 168 14.70 56.95 -70.44
CA PRO A 168 14.80 56.44 -71.81
C PRO A 168 14.47 54.97 -71.92
N ILE A 169 13.30 54.57 -71.43
CA ILE A 169 12.89 53.17 -71.51
C ILE A 169 12.05 53.00 -72.76
N VAL A 170 12.44 52.04 -73.60
CA VAL A 170 11.71 51.77 -74.84
C VAL A 170 10.21 51.51 -74.56
N ASN A 171 9.96 50.63 -73.59
CA ASN A 171 8.59 50.29 -73.21
C ASN A 171 7.95 51.39 -72.37
N ALA A 172 6.78 51.85 -72.82
CA ALA A 172 6.05 52.91 -72.12
C ALA A 172 4.85 52.34 -71.38
N GLU A 173 4.72 51.02 -71.42
CA GLU A 173 3.65 50.31 -70.75
C GLU A 173 4.19 49.73 -69.44
N LEU A 174 5.34 50.26 -69.02
CA LEU A 174 6.01 49.82 -67.80
C LEU A 174 5.60 50.58 -66.55
N SER A 175 5.39 49.83 -65.47
CA SER A 175 4.99 50.40 -64.18
C SER A 175 6.03 50.11 -63.08
N PHE A 176 6.18 51.06 -62.15
CA PHE A 176 7.16 50.95 -61.08
C PHE A 176 6.58 51.04 -59.66
N PHE A 177 7.39 50.60 -58.69
CA PHE A 177 7.03 50.57 -57.27
C PHE A 177 7.46 51.79 -56.46
N GLY A 178 6.58 52.22 -55.55
CA GLY A 178 6.86 53.39 -54.75
C GLY A 178 6.96 53.22 -53.24
N HIS A 179 7.34 54.30 -52.57
CA HIS A 179 7.53 54.32 -51.13
C HIS A 179 6.49 55.20 -50.43
N ALA A 180 6.74 56.50 -50.39
CA ALA A 180 5.83 57.49 -49.80
C ALA A 180 5.94 57.85 -48.31
N HIS A 181 6.83 57.16 -47.58
CA HIS A 181 6.99 57.46 -46.15
C HIS A 181 8.09 58.50 -45.94
N LEU A 182 7.70 59.64 -45.36
CA LEU A 182 8.66 60.70 -45.11
C LEU A 182 9.49 60.34 -43.89
N GLY A 183 10.13 59.18 -43.94
CA GLY A 183 10.94 58.75 -42.82
C GLY A 183 11.71 57.49 -43.16
N THR A 184 12.11 56.75 -42.14
CA THR A 184 12.87 55.53 -42.35
C THR A 184 12.38 54.39 -41.48
N GLY A 185 12.03 53.27 -42.10
CA GLY A 185 11.55 52.12 -41.35
C GLY A 185 10.05 52.14 -41.08
N ASP A 186 9.58 51.12 -40.36
CA ASP A 186 8.16 51.03 -40.01
C ASP A 186 7.68 52.39 -39.50
N PRO A 187 6.64 52.95 -40.12
CA PRO A 187 6.09 54.25 -39.74
C PRO A 187 5.22 54.29 -38.50
N TYR A 188 5.38 53.32 -37.61
CA TYR A 188 4.58 53.27 -36.39
C TYR A 188 5.46 52.97 -35.16
N THR A 189 6.75 52.77 -35.41
CA THR A 189 7.73 52.48 -34.35
C THR A 189 8.91 53.43 -34.43
N PRO A 190 8.65 54.77 -34.39
CA PRO A 190 9.65 55.86 -34.47
C PRO A 190 10.59 56.05 -33.26
N GLY A 191 11.80 55.49 -33.39
CA GLY A 191 12.79 55.57 -32.33
C GLY A 191 12.86 54.30 -31.50
N PHE A 192 11.72 53.66 -31.33
CA PHE A 192 11.63 52.43 -30.56
C PHE A 192 11.18 51.28 -31.46
N PRO A 193 11.71 50.07 -31.23
CA PRO A 193 11.35 48.88 -32.03
C PRO A 193 9.88 48.49 -31.98
N SER A 194 9.47 47.71 -32.98
CA SER A 194 8.08 47.25 -33.10
C SER A 194 7.84 45.91 -32.40
N PHE A 195 6.57 45.50 -32.35
CA PHE A 195 6.22 44.25 -31.69
C PHE A 195 5.34 43.41 -32.61
N ASN A 196 4.18 42.99 -32.10
CA ASN A 196 3.20 42.21 -32.84
C ASN A 196 2.19 43.24 -33.36
N HIS A 197 1.15 42.78 -34.02
CA HIS A 197 0.12 43.70 -34.47
C HIS A 197 -0.88 43.61 -33.32
N THR A 198 -0.99 42.40 -32.78
CA THR A 198 -1.89 42.13 -31.67
C THR A 198 -1.60 43.11 -30.57
N GLN A 199 -0.32 43.48 -30.45
CA GLN A 199 0.13 44.43 -29.44
C GLN A 199 0.62 45.69 -30.15
N PHE A 200 0.27 46.86 -29.62
CA PHE A 200 0.69 48.14 -30.21
C PHE A 200 0.34 48.15 -31.71
N PRO A 201 -0.95 48.32 -32.04
CA PRO A 201 -1.34 48.32 -33.46
C PRO A 201 -1.88 49.62 -34.07
N PRO A 202 -1.32 50.80 -33.71
CA PRO A 202 -1.86 52.01 -34.32
C PRO A 202 -1.99 51.89 -35.85
N SER A 203 -2.92 52.66 -36.42
CA SER A 203 -3.17 52.62 -37.86
C SER A 203 -2.09 53.30 -38.73
N ARG A 204 -1.98 54.62 -38.65
CA ARG A 204 -0.98 55.35 -39.43
C ARG A 204 -0.96 56.86 -39.21
N SER A 205 -0.68 57.60 -40.29
CA SER A 205 -0.61 59.06 -40.30
C SER A 205 0.51 59.61 -39.41
N SER A 206 1.30 58.68 -38.85
CA SER A 206 2.40 59.02 -37.98
C SER A 206 3.61 59.39 -38.86
N GLY A 207 3.40 60.37 -39.73
CA GLY A 207 4.44 60.80 -40.66
C GLY A 207 4.17 60.20 -42.02
N LEU A 208 2.91 59.83 -42.25
CA LEU A 208 2.50 59.22 -43.51
C LEU A 208 1.53 60.12 -44.29
N PRO A 209 1.66 60.13 -45.63
CA PRO A 209 0.89 60.89 -46.61
C PRO A 209 -0.45 61.50 -46.22
N ASN A 210 -1.49 60.68 -46.15
CA ASN A 210 -2.83 61.16 -45.83
C ASN A 210 -3.44 61.71 -47.13
N ILE A 211 -2.77 61.38 -48.23
CA ILE A 211 -3.17 61.78 -49.57
C ILE A 211 -2.79 60.63 -50.50
N PRO A 212 -3.77 60.12 -51.26
CA PRO A 212 -3.49 59.01 -52.18
C PRO A 212 -2.35 59.29 -53.15
N VAL A 213 -1.44 58.34 -53.28
CA VAL A 213 -0.31 58.49 -54.17
C VAL A 213 -0.27 57.27 -55.06
N GLN A 214 -0.28 57.48 -56.37
CA GLN A 214 -0.23 56.37 -57.31
C GLN A 214 0.79 56.51 -58.44
N THR A 215 1.56 55.45 -58.65
CA THR A 215 2.55 55.44 -59.72
C THR A 215 1.78 55.17 -61.01
N ILE A 216 2.15 55.86 -62.08
CA ILE A 216 1.48 55.72 -63.37
C ILE A 216 2.48 55.44 -64.51
N SER A 217 2.07 54.60 -65.46
CA SER A 217 2.91 54.26 -66.59
C SER A 217 2.99 55.42 -67.59
N ARG A 218 4.15 55.59 -68.24
CA ARG A 218 4.32 56.68 -69.20
C ARG A 218 3.14 56.74 -70.16
N ALA A 219 2.77 55.56 -70.66
CA ALA A 219 1.64 55.44 -71.58
C ALA A 219 0.44 56.17 -70.98
N ALA A 220 0.13 55.85 -69.73
CA ALA A 220 -1.00 56.46 -69.03
C ALA A 220 -0.80 57.97 -68.93
N ALA A 221 0.43 58.38 -68.64
CA ALA A 221 0.76 59.80 -68.54
C ALA A 221 0.39 60.44 -69.87
N GLU A 222 0.83 59.82 -70.95
CA GLU A 222 0.55 60.31 -72.31
C GLU A 222 -0.92 60.70 -72.40
N LYS A 223 -1.79 59.72 -72.16
CA LYS A 223 -3.22 59.92 -72.22
C LYS A 223 -3.73 61.07 -71.35
N LEU A 224 -3.22 61.16 -70.12
CA LEU A 224 -3.63 62.25 -69.23
C LEU A 224 -3.39 63.59 -69.89
N PHE A 225 -2.15 63.80 -70.33
CA PHE A 225 -1.75 65.03 -71.01
C PHE A 225 -2.66 65.24 -72.22
N GLY A 226 -3.09 64.13 -72.82
CA GLY A 226 -3.96 64.20 -73.98
C GLY A 226 -5.24 64.95 -73.65
N ASN A 227 -5.65 64.89 -72.39
CA ASN A 227 -6.85 65.58 -71.94
C ASN A 227 -6.50 66.78 -71.07
N MET A 228 -5.50 67.55 -71.51
CA MET A 228 -5.08 68.72 -70.77
C MET A 228 -4.83 69.89 -71.72
N GLU A 229 -5.34 71.07 -71.35
CA GLU A 229 -5.20 72.28 -72.15
C GLU A 229 -3.82 72.94 -72.04
N GLY A 230 -3.36 73.18 -70.80
CA GLY A 230 -2.07 73.81 -70.58
C GLY A 230 -0.92 73.25 -71.41
N ASP A 231 0.20 73.98 -71.46
CA ASP A 231 1.34 73.53 -72.24
C ASP A 231 2.63 73.52 -71.42
N CYS A 232 3.31 72.38 -71.43
CA CYS A 232 4.58 72.18 -70.70
C CYS A 232 5.70 73.12 -71.12
N PRO A 233 6.33 73.81 -70.14
CA PRO A 233 7.43 74.78 -70.28
C PRO A 233 8.78 74.19 -70.70
N SER A 234 9.67 75.06 -71.17
CA SER A 234 11.00 74.67 -71.58
C SER A 234 11.92 74.75 -70.37
N ASP A 235 11.46 75.49 -69.35
CA ASP A 235 12.20 75.65 -68.10
C ASP A 235 12.46 74.19 -67.66
N TRP A 236 11.39 73.39 -67.70
CA TRP A 236 11.47 71.97 -67.36
C TRP A 236 12.41 71.31 -68.36
N LYS A 237 13.59 70.87 -67.90
CA LYS A 237 14.55 70.22 -68.79
C LYS A 237 13.96 68.88 -69.22
N THR A 238 12.87 68.95 -69.97
CA THR A 238 12.15 67.77 -70.46
C THR A 238 12.03 67.89 -71.97
N ASP A 239 10.99 67.26 -72.52
CA ASP A 239 10.71 67.32 -73.94
C ASP A 239 9.18 67.25 -74.14
N SER A 240 8.73 67.83 -75.26
CA SER A 240 7.33 67.90 -75.65
C SER A 240 6.41 66.76 -75.22
N THR A 241 5.11 67.00 -75.38
CA THR A 241 4.03 66.05 -75.07
C THR A 241 3.19 66.39 -73.84
N CYS A 242 3.82 66.83 -72.76
CA CYS A 242 3.04 67.14 -71.55
C CYS A 242 2.39 68.51 -71.52
N ARG A 243 1.32 68.59 -70.74
CA ARG A 243 0.57 69.83 -70.57
C ARG A 243 0.88 70.31 -69.15
N MET A 244 0.04 71.21 -68.66
CA MET A 244 0.20 71.75 -67.31
C MET A 244 -1.07 71.50 -66.52
N VAL A 245 -2.22 71.64 -67.18
CA VAL A 245 -3.50 71.43 -66.52
C VAL A 245 -4.44 70.70 -67.47
N THR A 246 -5.31 69.88 -66.91
CA THR A 246 -6.28 69.14 -67.71
C THR A 246 -7.22 70.14 -68.34
N SER A 247 -7.80 69.76 -69.48
CA SER A 247 -8.75 70.63 -70.17
C SER A 247 -9.98 70.80 -69.28
N GLU A 248 -10.26 72.04 -68.92
CA GLU A 248 -11.38 72.40 -68.05
C GLU A 248 -12.60 71.49 -68.28
N SER A 249 -12.94 71.28 -69.55
CA SER A 249 -14.08 70.45 -69.92
C SER A 249 -14.30 69.25 -68.99
N LYS A 250 -13.21 68.72 -68.44
CA LYS A 250 -13.31 67.57 -67.55
C LYS A 250 -12.08 67.36 -66.65
N ASN A 251 -12.26 66.54 -65.61
CA ASN A 251 -11.20 66.25 -64.65
C ASN A 251 -10.86 64.74 -64.55
N VAL A 252 -10.03 64.40 -63.56
CA VAL A 252 -9.61 63.01 -63.34
C VAL A 252 -9.86 62.53 -61.90
N LYS A 253 -10.10 61.23 -61.78
CA LYS A 253 -10.35 60.61 -60.48
C LYS A 253 -9.34 59.52 -60.14
N LEU A 254 -8.70 59.66 -58.97
CA LEU A 254 -7.72 58.70 -58.49
C LEU A 254 -8.30 57.82 -57.39
N THR A 255 -8.18 56.51 -57.58
CA THR A 255 -8.70 55.55 -56.61
C THR A 255 -7.66 54.49 -56.23
N VAL A 256 -7.13 54.61 -55.01
CA VAL A 256 -6.13 53.67 -54.51
C VAL A 256 -6.63 52.91 -53.28
N SER A 257 -6.69 51.59 -53.43
CA SER A 257 -7.12 50.72 -52.37
C SER A 257 -5.97 49.78 -52.01
N ASN A 258 -5.19 50.18 -51.01
CA ASN A 258 -4.08 49.37 -50.56
C ASN A 258 -4.34 48.99 -49.12
N VAL A 259 -3.73 47.91 -48.67
CA VAL A 259 -3.94 47.45 -47.32
C VAL A 259 -2.62 47.15 -46.62
N LEU A 260 -2.63 47.32 -45.30
CA LEU A 260 -1.45 47.04 -44.50
C LEU A 260 -1.34 45.52 -44.33
N LYS A 261 -0.13 45.02 -44.21
CA LYS A 261 0.10 43.60 -44.06
C LYS A 261 1.32 43.30 -43.19
N GLU A 262 1.09 42.89 -41.95
CA GLU A 262 2.18 42.57 -41.05
C GLU A 262 3.02 41.45 -41.61
N ILE A 263 4.30 41.71 -41.82
CA ILE A 263 5.20 40.69 -42.35
C ILE A 263 6.33 40.44 -41.38
N LYS A 264 7.10 39.40 -41.62
CA LYS A 264 8.19 39.11 -40.73
C LYS A 264 9.51 39.35 -41.43
N ILE A 265 10.13 40.50 -41.16
CA ILE A 265 11.41 40.85 -41.75
C ILE A 265 12.52 39.99 -41.14
N LEU A 266 13.54 39.67 -41.93
CA LEU A 266 14.59 38.83 -41.41
C LEU A 266 16.00 39.35 -41.75
N ASN A 267 16.62 40.06 -40.81
CA ASN A 267 17.99 40.55 -41.04
C ASN A 267 18.99 39.46 -40.71
N ILE A 268 19.97 39.26 -41.59
CA ILE A 268 20.98 38.23 -41.38
C ILE A 268 22.37 38.81 -41.15
N PHE A 269 22.98 38.48 -40.01
CA PHE A 269 24.30 39.01 -39.69
C PHE A 269 25.42 38.00 -39.86
N GLY A 270 26.57 38.29 -39.26
CA GLY A 270 27.73 37.42 -39.38
C GLY A 270 28.96 38.29 -39.21
N VAL A 271 29.73 38.06 -38.14
CA VAL A 271 30.92 38.86 -37.88
C VAL A 271 32.24 38.15 -38.03
N ILE A 272 33.32 38.92 -37.90
CA ILE A 272 34.67 38.40 -37.95
C ILE A 272 35.41 39.03 -36.79
N LYS A 273 35.30 38.40 -35.62
CA LYS A 273 35.93 38.89 -34.40
C LYS A 273 37.31 39.50 -34.63
N GLY A 274 37.57 40.64 -34.00
CA GLY A 274 38.86 41.31 -34.13
C GLY A 274 39.88 40.69 -33.19
N PHE A 275 41.10 41.23 -33.16
CA PHE A 275 42.14 40.67 -32.30
C PHE A 275 42.56 41.53 -31.12
N VAL A 276 42.24 42.82 -31.14
CA VAL A 276 42.62 43.73 -30.05
C VAL A 276 41.43 44.50 -29.48
N GLU A 277 40.52 44.93 -30.35
CA GLU A 277 39.32 45.66 -29.95
C GLU A 277 38.15 44.85 -30.50
N PRO A 278 38.12 43.53 -30.24
CA PRO A 278 37.06 42.64 -30.72
C PRO A 278 35.66 43.18 -30.60
N ASP A 279 35.45 44.14 -29.70
CA ASP A 279 34.11 44.66 -29.51
C ASP A 279 33.78 46.00 -30.18
N HIS A 280 34.60 46.39 -31.15
CA HIS A 280 34.38 47.62 -31.91
C HIS A 280 34.22 47.13 -33.34
N TYR A 281 33.01 47.26 -33.88
CA TYR A 281 32.72 46.77 -35.21
C TYR A 281 32.68 47.80 -36.35
N VAL A 282 32.62 47.28 -37.57
CA VAL A 282 32.54 48.06 -38.81
C VAL A 282 31.36 47.47 -39.57
N VAL A 283 30.16 47.98 -39.32
CA VAL A 283 28.99 47.43 -39.99
C VAL A 283 28.97 47.60 -41.52
N VAL A 284 28.94 46.48 -42.25
CA VAL A 284 28.90 46.48 -43.71
C VAL A 284 27.54 45.92 -44.13
N GLY A 285 26.64 46.80 -44.55
CA GLY A 285 25.31 46.34 -44.92
C GLY A 285 24.98 46.27 -46.40
N ALA A 286 23.80 45.71 -46.70
CA ALA A 286 23.31 45.54 -48.07
C ALA A 286 21.86 45.08 -48.15
N GLN A 287 20.99 45.94 -48.68
CA GLN A 287 19.57 45.62 -48.84
C GLN A 287 19.43 44.30 -49.58
N ARG A 288 18.55 43.45 -49.08
CA ARG A 288 18.34 42.13 -49.68
C ARG A 288 16.98 41.93 -50.32
N ASP A 289 15.99 42.74 -49.96
CA ASP A 289 14.67 42.58 -50.55
C ASP A 289 14.54 43.50 -51.73
N ALA A 290 13.44 43.34 -52.47
CA ALA A 290 13.18 44.16 -53.66
C ALA A 290 11.78 43.89 -54.21
N TRP A 291 11.21 44.87 -54.92
CA TRP A 291 9.88 44.69 -55.49
C TRP A 291 9.97 43.77 -56.71
N GLY A 292 10.67 44.23 -57.75
CA GLY A 292 10.84 43.41 -58.92
C GLY A 292 11.97 42.44 -58.63
N PRO A 293 12.75 42.05 -59.64
CA PRO A 293 13.85 41.11 -59.40
C PRO A 293 15.01 41.90 -58.81
N GLY A 294 14.89 43.23 -58.88
CA GLY A 294 15.90 44.13 -58.36
C GLY A 294 17.34 43.68 -58.43
N ALA A 295 17.82 43.35 -59.63
CA ALA A 295 19.19 42.89 -59.79
C ALA A 295 20.12 44.04 -59.38
N ALA A 296 19.68 45.26 -59.65
CA ALA A 296 20.47 46.44 -59.31
C ALA A 296 20.12 46.88 -57.90
N LYS A 297 18.85 47.19 -57.69
CA LYS A 297 18.35 47.62 -56.39
C LYS A 297 18.80 46.71 -55.26
N SER A 298 18.88 45.41 -55.51
CA SER A 298 19.27 44.47 -54.45
C SER A 298 20.29 43.40 -54.81
N GLY A 299 20.38 43.05 -56.10
CA GLY A 299 21.33 42.03 -56.50
C GLY A 299 22.79 42.36 -56.22
N VAL A 300 23.33 43.28 -57.00
CA VAL A 300 24.73 43.72 -56.88
C VAL A 300 25.15 43.86 -55.43
N GLY A 301 24.31 44.50 -54.62
CA GLY A 301 24.60 44.70 -53.22
C GLY A 301 24.86 43.38 -52.50
N THR A 302 23.80 42.59 -52.33
CA THR A 302 23.91 41.31 -51.65
C THR A 302 25.03 40.49 -52.27
N ALA A 303 25.21 40.70 -53.58
CA ALA A 303 26.24 39.99 -54.33
C ALA A 303 27.61 40.33 -53.75
N LEU A 304 27.84 41.62 -53.57
CA LEU A 304 29.09 42.12 -53.01
C LEU A 304 29.20 41.71 -51.54
N LEU A 305 28.12 41.91 -50.79
CA LEU A 305 28.10 41.58 -49.37
C LEU A 305 28.66 40.18 -49.15
N LEU A 306 28.12 39.22 -49.90
CA LEU A 306 28.55 37.84 -49.81
C LEU A 306 30.01 37.68 -50.20
N LYS A 307 30.31 38.02 -51.46
CA LYS A 307 31.67 37.90 -51.97
C LYS A 307 32.70 38.64 -51.12
N LEU A 308 32.26 39.76 -50.55
CA LEU A 308 33.10 40.58 -49.72
C LEU A 308 33.34 39.94 -48.35
N ALA A 309 32.33 39.23 -47.85
CA ALA A 309 32.45 38.56 -46.57
C ALA A 309 33.32 37.33 -46.78
N GLN A 310 33.14 36.70 -47.94
CA GLN A 310 33.88 35.50 -48.30
C GLN A 310 35.38 35.77 -48.27
N MET A 311 35.78 36.94 -48.75
CA MET A 311 37.18 37.29 -48.80
C MET A 311 37.86 37.52 -47.45
N PHE A 312 37.33 38.46 -46.68
CA PHE A 312 37.93 38.77 -45.40
C PHE A 312 38.08 37.57 -44.49
N SER A 313 37.04 36.74 -44.42
CA SER A 313 37.12 35.55 -43.59
C SER A 313 38.32 34.75 -44.08
N ASP A 314 38.37 34.55 -45.39
CA ASP A 314 39.47 33.79 -46.01
C ASP A 314 40.80 34.42 -45.63
N MET A 315 40.92 35.72 -45.85
CA MET A 315 42.15 36.43 -45.53
C MET A 315 42.58 36.22 -44.09
N VAL A 316 41.60 36.18 -43.19
CA VAL A 316 41.90 35.99 -41.78
C VAL A 316 42.44 34.60 -41.46
N LEU A 317 41.84 33.57 -42.06
CA LEU A 317 42.27 32.20 -41.82
C LEU A 317 43.51 31.79 -42.60
N LYS A 318 43.47 31.96 -43.90
CA LYS A 318 44.58 31.58 -44.77
C LYS A 318 45.74 32.57 -44.92
N ASP A 319 45.42 33.83 -45.20
CA ASP A 319 46.44 34.85 -45.45
C ASP A 319 47.09 35.56 -44.26
N GLY A 320 46.61 35.31 -43.06
CA GLY A 320 47.20 35.93 -41.87
C GLY A 320 46.76 37.33 -41.50
N PHE A 321 45.69 37.81 -42.13
CA PHE A 321 45.15 39.14 -41.85
C PHE A 321 44.57 39.19 -40.44
N GLN A 322 45.08 40.08 -39.60
CA GLN A 322 44.60 40.17 -38.22
C GLN A 322 43.88 41.47 -37.85
N PRO A 323 42.69 41.70 -38.43
CA PRO A 323 41.90 42.90 -38.16
C PRO A 323 41.88 43.24 -36.67
N SER A 324 42.39 44.41 -36.30
CA SER A 324 42.39 44.79 -34.89
C SER A 324 40.99 45.00 -34.34
N ARG A 325 40.03 45.22 -35.23
CA ARG A 325 38.64 45.41 -34.83
C ARG A 325 37.75 44.54 -35.69
N SER A 326 36.74 43.94 -35.06
CA SER A 326 35.84 43.04 -35.76
C SER A 326 35.02 43.68 -36.89
N ILE A 327 34.67 42.85 -37.87
CA ILE A 327 33.87 43.26 -39.02
C ILE A 327 32.56 42.51 -38.88
N ILE A 328 31.45 43.17 -39.21
CA ILE A 328 30.12 42.56 -39.13
C ILE A 328 29.28 42.86 -40.35
N PHE A 329 29.12 41.87 -41.23
CA PHE A 329 28.33 42.04 -42.44
C PHE A 329 26.86 41.86 -42.11
N ALA A 330 25.99 42.60 -42.80
CA ALA A 330 24.55 42.51 -42.53
C ALA A 330 23.70 42.72 -43.76
N SER A 331 22.81 41.77 -44.04
CA SER A 331 21.92 41.87 -45.20
C SER A 331 20.51 42.19 -44.71
N TRP A 332 20.16 43.47 -44.77
CA TRP A 332 18.85 43.92 -44.30
C TRP A 332 17.72 43.47 -45.21
N SER A 333 16.49 43.73 -44.77
CA SER A 333 15.31 43.34 -45.53
C SER A 333 14.26 44.43 -45.36
N ALA A 334 13.16 44.32 -46.07
CA ALA A 334 12.09 45.31 -46.00
C ALA A 334 12.67 46.69 -46.24
N GLY A 335 13.75 46.72 -47.02
CA GLY A 335 14.42 47.97 -47.33
C GLY A 335 13.67 48.88 -48.28
N ASP A 336 12.84 48.30 -49.14
CA ASP A 336 12.08 49.11 -50.10
C ASP A 336 11.07 50.01 -49.40
N PHE A 337 10.89 49.81 -48.10
CA PHE A 337 9.94 50.62 -47.38
C PHE A 337 10.58 51.60 -46.42
N GLY A 338 11.85 51.91 -46.67
CA GLY A 338 12.55 52.85 -45.81
C GLY A 338 13.61 52.24 -44.92
N SER A 339 14.29 51.21 -45.43
CA SER A 339 15.33 50.56 -44.67
C SER A 339 14.73 49.96 -43.40
N VAL A 340 13.42 49.75 -43.40
CA VAL A 340 12.68 49.20 -42.27
C VAL A 340 13.45 48.10 -41.55
N GLY A 341 14.21 47.31 -42.30
CA GLY A 341 14.98 46.26 -41.68
C GLY A 341 16.13 46.81 -40.88
N ALA A 342 17.03 47.53 -41.56
CA ALA A 342 18.19 48.11 -40.91
C ALA A 342 17.81 49.16 -39.85
N THR A 343 16.82 49.98 -40.15
CA THR A 343 16.41 51.01 -39.22
C THR A 343 15.96 50.42 -37.87
N GLU A 344 14.99 49.51 -37.90
CA GLU A 344 14.47 48.91 -36.67
C GLU A 344 15.56 48.14 -35.91
N TRP A 345 16.67 47.84 -36.58
CA TRP A 345 17.75 47.18 -35.89
C TRP A 345 18.35 48.28 -35.02
N LEU A 346 18.71 49.39 -35.69
CA LEU A 346 19.28 50.54 -35.01
C LEU A 346 18.32 50.96 -33.90
N GLU A 347 17.04 51.07 -34.22
CA GLU A 347 16.03 51.45 -33.23
C GLU A 347 16.33 50.65 -31.94
N GLY A 348 16.92 49.46 -32.14
CA GLY A 348 17.23 48.55 -31.05
C GLY A 348 18.33 48.95 -30.09
N TYR A 349 19.34 49.69 -30.57
CA TYR A 349 20.43 50.14 -29.72
C TYR A 349 20.42 51.67 -29.69
N LEU A 350 19.25 52.23 -29.35
CA LEU A 350 19.03 53.67 -29.32
C LEU A 350 20.09 54.52 -28.64
N SER A 351 20.85 53.95 -27.73
CA SER A 351 21.85 54.74 -27.03
C SER A 351 23.15 54.02 -26.74
N SER A 352 23.48 53.02 -27.54
CA SER A 352 24.69 52.26 -27.30
C SER A 352 25.39 51.80 -28.56
N LEU A 353 24.69 51.78 -29.68
CA LEU A 353 25.30 51.33 -30.93
C LEU A 353 26.63 52.02 -31.21
N HIS A 354 26.69 53.33 -30.98
CA HIS A 354 27.90 54.07 -31.25
C HIS A 354 29.04 53.59 -30.38
N LEU A 355 28.69 52.94 -29.27
CA LEU A 355 29.69 52.40 -28.36
C LEU A 355 30.22 51.10 -28.97
N LYS A 356 29.52 50.63 -30.00
CA LYS A 356 29.86 49.37 -30.65
C LYS A 356 30.31 49.49 -32.09
N ALA A 357 29.45 50.04 -32.95
CA ALA A 357 29.79 50.20 -34.37
C ALA A 357 30.41 51.57 -34.57
N PHE A 358 31.61 51.63 -35.14
CA PHE A 358 32.28 52.90 -35.34
C PHE A 358 32.22 53.44 -36.76
N THR A 359 31.66 52.66 -37.67
CA THR A 359 31.53 53.07 -39.08
C THR A 359 30.61 52.13 -39.85
N TYR A 360 29.74 52.70 -40.68
CA TYR A 360 28.83 51.88 -41.45
C TYR A 360 29.02 52.08 -42.95
N ILE A 361 29.43 51.03 -43.63
CA ILE A 361 29.61 51.08 -45.08
C ILE A 361 28.30 50.55 -45.65
N ASN A 362 28.02 50.82 -46.92
CA ASN A 362 26.78 50.37 -47.50
C ASN A 362 26.99 50.04 -48.97
N LEU A 363 26.65 48.82 -49.36
CA LEU A 363 26.87 48.38 -50.72
C LEU A 363 25.68 48.51 -51.66
N ASP A 364 24.54 48.99 -51.16
CA ASP A 364 23.35 49.17 -51.99
C ASP A 364 23.65 49.96 -53.26
N LYS A 365 23.00 49.59 -54.35
CA LYS A 365 23.17 50.25 -55.64
C LYS A 365 24.63 50.65 -55.90
N ALA A 366 25.55 49.74 -55.63
CA ALA A 366 26.97 50.05 -55.83
C ALA A 366 27.34 50.19 -57.30
N VAL A 367 26.73 49.38 -58.16
CA VAL A 367 27.04 49.42 -59.58
C VAL A 367 25.81 49.78 -60.39
N LEU A 368 25.85 50.94 -61.05
CA LEU A 368 24.74 51.39 -61.88
C LEU A 368 25.22 51.96 -63.21
N GLY A 369 26.54 52.09 -63.36
CA GLY A 369 27.10 52.62 -64.59
C GLY A 369 28.61 52.46 -64.65
N THR A 370 29.27 53.31 -65.44
CA THR A 370 30.71 53.24 -65.58
C THR A 370 31.32 54.61 -65.90
N SER A 371 30.54 55.66 -65.71
CA SER A 371 31.02 57.01 -66.01
C SER A 371 31.56 57.72 -64.77
N ASN A 372 30.65 58.06 -63.86
CA ASN A 372 31.01 58.77 -62.65
C ASN A 372 31.27 57.85 -61.46
N PHE A 373 31.54 58.46 -60.31
CA PHE A 373 31.79 57.73 -59.09
C PHE A 373 31.36 58.59 -57.91
N LYS A 374 30.05 58.79 -57.79
CA LYS A 374 29.48 59.58 -56.71
C LYS A 374 29.88 58.92 -55.37
N VAL A 375 29.99 59.72 -54.32
CA VAL A 375 30.34 59.22 -52.99
C VAL A 375 29.70 60.10 -51.95
N SER A 376 28.97 59.50 -51.03
CA SER A 376 28.32 60.25 -49.97
C SER A 376 28.78 59.68 -48.63
N ALA A 377 29.13 60.55 -47.71
CA ALA A 377 29.58 60.09 -46.40
C ALA A 377 29.69 61.21 -45.37
N SER A 378 30.00 60.82 -44.15
CA SER A 378 30.17 61.76 -43.07
C SER A 378 31.60 62.29 -43.18
N PRO A 379 31.77 63.60 -43.00
CA PRO A 379 33.12 64.15 -43.10
C PRO A 379 34.17 63.33 -42.37
N LEU A 380 33.76 62.50 -41.41
CA LEU A 380 34.71 61.69 -40.65
C LEU A 380 35.40 60.65 -41.50
N LEU A 381 34.82 60.34 -42.65
CA LEU A 381 35.41 59.35 -43.53
C LEU A 381 35.93 60.00 -44.80
N TYR A 382 36.01 61.32 -44.79
CA TYR A 382 36.48 62.06 -45.96
C TYR A 382 37.84 61.66 -46.48
N THR A 383 38.83 61.65 -45.60
CA THR A 383 40.18 61.29 -45.99
C THR A 383 40.33 59.83 -46.42
N LEU A 384 39.44 58.96 -45.93
CA LEU A 384 39.50 57.56 -46.32
C LEU A 384 38.97 57.45 -47.74
N ILE A 385 37.85 58.09 -48.00
CA ILE A 385 37.27 58.06 -49.32
C ILE A 385 38.35 58.57 -50.27
N GLU A 386 38.95 59.71 -49.92
CA GLU A 386 39.99 60.29 -50.74
C GLU A 386 41.14 59.33 -51.00
N LYS A 387 41.98 59.12 -50.00
CA LYS A 387 43.13 58.23 -50.15
C LYS A 387 42.81 56.89 -50.82
N THR A 388 41.56 56.44 -50.71
CA THR A 388 41.18 55.17 -51.32
C THR A 388 40.96 55.36 -52.81
N MET A 389 40.28 56.45 -53.18
CA MET A 389 40.03 56.74 -54.59
C MET A 389 41.37 56.99 -55.28
N GLN A 390 42.43 57.00 -54.48
CA GLN A 390 43.76 57.22 -54.98
C GLN A 390 44.46 55.88 -55.11
N ASN A 391 43.78 54.82 -54.67
CA ASN A 391 44.33 53.47 -54.72
C ASN A 391 43.56 52.54 -55.66
N VAL A 392 42.29 52.88 -55.89
CA VAL A 392 41.44 52.06 -56.76
C VAL A 392 41.32 52.65 -58.17
N LYS A 393 41.59 51.81 -59.17
CA LYS A 393 41.53 52.23 -60.56
C LYS A 393 40.19 51.88 -61.18
N HIS A 394 39.62 52.84 -61.91
CA HIS A 394 38.33 52.66 -62.57
C HIS A 394 38.33 51.33 -63.32
N PRO A 395 37.18 50.63 -63.33
CA PRO A 395 37.12 49.35 -64.04
C PRO A 395 37.30 49.48 -65.56
N VAL A 396 36.71 50.51 -66.14
CA VAL A 396 36.78 50.76 -67.58
C VAL A 396 38.07 51.51 -67.94
N THR A 397 38.23 52.72 -67.41
CA THR A 397 39.41 53.55 -67.63
C THR A 397 40.57 52.96 -66.84
N GLY A 398 41.76 52.88 -67.43
CA GLY A 398 42.87 52.32 -66.69
C GLY A 398 43.36 53.24 -65.57
N GLN A 399 42.82 54.45 -65.54
CA GLN A 399 43.21 55.46 -64.54
C GLN A 399 42.55 55.34 -63.18
N PHE A 400 43.14 55.98 -62.18
CA PHE A 400 42.62 55.96 -60.81
C PHE A 400 41.33 56.77 -60.68
N LEU A 401 40.53 56.42 -59.69
CA LEU A 401 39.25 57.08 -59.43
C LEU A 401 39.37 58.56 -59.06
N TYR A 402 40.43 58.89 -58.32
CA TYR A 402 40.68 60.26 -57.86
C TYR A 402 41.12 61.26 -58.91
N GLN A 403 40.36 62.35 -59.04
CA GLN A 403 40.69 63.39 -60.01
C GLN A 403 41.87 64.22 -59.51
N ASP A 404 43.06 63.87 -59.99
CA ASP A 404 44.31 64.52 -59.61
C ASP A 404 44.37 66.04 -59.74
N SER A 405 43.43 66.62 -60.47
CA SER A 405 43.41 68.07 -60.67
C SER A 405 42.84 68.89 -59.52
N ASN A 406 42.39 68.22 -58.46
CA ASN A 406 41.83 68.94 -57.33
C ASN A 406 42.55 68.62 -56.03
N TRP A 407 42.23 69.37 -54.98
CA TRP A 407 42.80 69.14 -53.65
C TRP A 407 41.60 69.00 -52.75
N ALA A 408 40.45 69.37 -53.29
CA ALA A 408 39.18 69.30 -52.58
C ALA A 408 38.20 68.51 -53.42
N SER A 409 38.00 67.25 -53.05
CA SER A 409 37.09 66.34 -53.75
C SER A 409 35.62 66.61 -53.39
N LYS A 410 34.70 66.05 -54.16
CA LYS A 410 33.28 66.26 -53.90
C LYS A 410 32.67 65.11 -53.13
N VAL A 411 32.05 65.42 -52.01
CA VAL A 411 31.38 64.40 -51.22
C VAL A 411 29.96 64.86 -51.04
N GLU A 412 29.02 63.95 -51.28
CA GLU A 412 27.60 64.25 -51.22
C GLU A 412 26.97 63.91 -49.88
N LYS A 413 25.87 64.59 -49.55
CA LYS A 413 25.17 64.37 -48.29
C LYS A 413 24.30 63.11 -48.40
N LEU A 414 24.11 62.40 -47.29
CA LEU A 414 23.28 61.19 -47.31
C LEU A 414 21.80 61.57 -47.35
N THR A 415 21.04 60.90 -48.21
CA THR A 415 19.61 61.17 -48.35
C THR A 415 18.69 60.22 -47.60
N LEU A 416 17.52 60.74 -47.26
CA LEU A 416 16.48 60.02 -46.55
C LEU A 416 16.28 58.61 -47.10
N ASP A 417 16.68 58.39 -48.34
CA ASP A 417 16.47 57.09 -48.93
C ASP A 417 17.72 56.23 -49.00
N ASN A 418 18.59 56.32 -47.99
CA ASN A 418 19.78 55.49 -47.99
C ASN A 418 20.05 54.87 -46.62
N ALA A 419 20.01 53.55 -46.58
CA ALA A 419 20.23 52.78 -45.35
C ALA A 419 21.33 53.41 -44.51
N ALA A 420 22.29 54.03 -45.16
CA ALA A 420 23.37 54.67 -44.44
C ALA A 420 22.87 55.91 -43.68
N PHE A 421 21.91 56.62 -44.25
CA PHE A 421 21.37 57.81 -43.60
C PHE A 421 20.96 57.56 -42.16
N PRO A 422 20.13 56.53 -41.91
CA PRO A 422 19.72 56.28 -40.53
C PRO A 422 20.91 56.06 -39.60
N PHE A 423 21.87 55.25 -40.03
CA PHE A 423 23.05 54.97 -39.21
C PHE A 423 23.74 56.25 -38.75
N LEU A 424 23.76 57.26 -39.63
CA LEU A 424 24.41 58.53 -39.33
C LEU A 424 23.51 59.60 -38.73
N ALA A 425 22.30 59.75 -39.26
CA ALA A 425 21.38 60.76 -38.77
C ALA A 425 20.58 60.37 -37.54
N TYR A 426 20.52 59.07 -37.26
CA TYR A 426 19.77 58.56 -36.10
C TYR A 426 20.58 57.87 -35.03
N SER A 427 21.51 57.01 -35.45
CA SER A 427 22.35 56.28 -34.51
C SER A 427 23.70 56.94 -34.24
N GLY A 428 24.01 58.00 -34.98
CA GLY A 428 25.26 58.68 -34.77
C GLY A 428 26.49 57.89 -35.16
N ILE A 429 26.36 57.08 -36.21
CA ILE A 429 27.48 56.29 -36.69
C ILE A 429 27.95 56.88 -38.01
N PRO A 430 29.24 57.18 -38.14
CA PRO A 430 29.69 57.75 -39.41
C PRO A 430 29.51 56.69 -40.50
N ALA A 431 29.00 57.10 -41.66
CA ALA A 431 28.75 56.15 -42.73
C ALA A 431 29.07 56.63 -44.13
N VAL A 432 29.70 55.75 -44.91
CA VAL A 432 30.05 56.06 -46.30
C VAL A 432 29.06 55.34 -47.20
N SER A 433 29.01 55.73 -48.47
CA SER A 433 28.09 55.10 -49.42
C SER A 433 28.45 55.45 -50.86
N PHE A 434 29.31 54.65 -51.48
CA PHE A 434 29.72 54.93 -52.85
C PHE A 434 28.81 54.37 -53.94
N CYS A 435 29.02 54.86 -55.15
CA CYS A 435 28.21 54.47 -56.31
C CYS A 435 28.92 54.71 -57.64
N PHE A 436 29.01 53.68 -58.47
CA PHE A 436 29.61 53.87 -59.79
C PHE A 436 28.48 54.39 -60.67
N CYS A 437 27.82 55.42 -60.15
CA CYS A 437 26.70 56.12 -60.75
C CYS A 437 26.89 56.63 -62.19
N GLU A 438 25.81 57.20 -62.73
CA GLU A 438 25.78 57.77 -64.09
C GLU A 438 25.05 59.11 -64.01
N ASP A 439 25.27 59.98 -64.98
CA ASP A 439 24.61 61.29 -64.98
C ASP A 439 23.10 61.14 -64.87
N THR A 440 22.59 60.04 -65.40
CA THR A 440 21.17 59.73 -65.36
C THR A 440 20.99 58.49 -64.50
N ASP A 441 20.01 58.53 -63.60
CA ASP A 441 19.73 57.40 -62.72
C ASP A 441 19.15 56.22 -63.50
N TYR A 442 19.56 55.02 -63.10
CA TYR A 442 19.10 53.78 -63.72
C TYR A 442 17.57 53.87 -63.84
N PRO A 443 17.03 53.57 -65.02
CA PRO A 443 15.58 53.63 -65.25
C PRO A 443 14.78 52.48 -64.68
N TYR A 444 15.22 51.26 -64.99
CA TYR A 444 14.55 50.03 -64.55
C TYR A 444 14.52 49.86 -63.03
N LEU A 445 15.24 50.73 -62.33
CA LEU A 445 15.36 50.69 -60.88
C LEU A 445 14.13 50.22 -60.10
N GLY A 446 13.11 51.06 -59.99
CA GLY A 446 11.92 50.67 -59.24
C GLY A 446 10.88 49.86 -59.99
N THR A 447 11.27 49.19 -61.07
CA THR A 447 10.31 48.41 -61.84
C THR A 447 10.74 46.98 -62.12
N THR A 448 9.77 46.19 -62.59
CA THR A 448 9.97 44.77 -62.91
C THR A 448 11.04 44.53 -63.96
N MET A 449 11.68 45.60 -64.40
CA MET A 449 12.70 45.49 -65.43
C MET A 449 14.14 45.40 -64.89
N ASP A 450 14.27 45.48 -63.56
CA ASP A 450 15.58 45.42 -62.92
C ASP A 450 16.17 44.01 -63.03
N THR A 451 16.17 43.44 -64.23
CA THR A 451 16.69 42.10 -64.44
C THR A 451 18.19 42.07 -64.65
N TYR A 452 18.81 40.93 -64.33
CA TYR A 452 20.24 40.75 -64.50
C TYR A 452 20.61 40.88 -65.96
N LYS A 453 19.62 40.63 -66.81
CA LYS A 453 19.84 40.73 -68.25
C LYS A 453 19.91 42.19 -68.68
N GLU A 454 18.78 42.87 -68.66
CA GLU A 454 18.76 44.27 -69.07
C GLU A 454 19.85 45.08 -68.39
N LEU A 455 20.38 44.56 -67.28
CA LEU A 455 21.47 45.26 -66.58
C LEU A 455 22.74 45.06 -67.40
N ILE A 456 23.20 43.81 -67.43
CA ILE A 456 24.41 43.48 -68.16
C ILE A 456 24.32 43.86 -69.65
N GLU A 457 23.10 44.08 -70.14
CA GLU A 457 22.92 44.49 -71.54
C GLU A 457 23.25 45.97 -71.56
N ARG A 458 23.17 46.60 -70.39
CA ARG A 458 23.45 48.02 -70.25
C ARG A 458 24.75 48.34 -69.53
N ILE A 459 25.54 47.32 -69.25
CA ILE A 459 26.81 47.54 -68.54
C ILE A 459 27.74 46.33 -68.72
N PRO A 460 27.96 45.93 -69.98
CA PRO A 460 28.80 44.81 -70.45
C PRO A 460 29.84 44.23 -69.50
N GLU A 461 30.69 45.07 -68.93
CA GLU A 461 31.72 44.58 -68.03
C GLU A 461 31.31 44.65 -66.54
N LEU A 462 30.02 44.47 -66.29
CA LEU A 462 29.48 44.52 -64.93
C LEU A 462 30.39 43.82 -63.92
N ASN A 463 31.11 42.80 -64.35
CA ASN A 463 31.99 42.09 -63.43
C ASN A 463 33.12 43.01 -62.93
N LYS A 464 33.90 43.56 -63.86
CA LYS A 464 34.99 44.45 -63.48
C LYS A 464 34.51 45.63 -62.63
N VAL A 465 33.38 46.21 -63.00
CA VAL A 465 32.82 47.33 -62.26
C VAL A 465 32.54 46.89 -60.82
N ALA A 466 31.70 45.88 -60.67
CA ALA A 466 31.36 45.37 -59.35
C ALA A 466 32.64 45.09 -58.57
N ARG A 467 33.65 44.58 -59.26
CA ARG A 467 34.93 44.28 -58.62
C ARG A 467 35.49 45.54 -57.97
N ALA A 468 35.56 46.62 -58.74
CA ALA A 468 36.08 47.88 -58.24
C ALA A 468 35.30 48.26 -56.97
N ALA A 469 33.98 48.33 -57.10
CA ALA A 469 33.12 48.67 -55.97
C ALA A 469 33.49 47.78 -54.78
N ALA A 470 33.68 46.50 -55.05
CA ALA A 470 34.03 45.58 -53.99
C ALA A 470 35.43 45.86 -53.49
N GLU A 471 36.22 46.61 -54.25
CA GLU A 471 37.56 46.93 -53.82
C GLU A 471 37.58 48.16 -52.92
N VAL A 472 36.90 49.23 -53.32
CA VAL A 472 36.86 50.43 -52.48
C VAL A 472 36.21 50.04 -51.15
N ALA A 473 35.18 49.21 -51.22
CA ALA A 473 34.49 48.75 -50.03
C ALA A 473 35.46 47.96 -49.17
N GLY A 474 36.27 47.14 -49.83
CA GLY A 474 37.24 46.32 -49.11
C GLY A 474 38.30 47.13 -48.40
N GLN A 475 38.93 48.05 -49.11
CA GLN A 475 39.97 48.88 -48.50
C GLN A 475 39.43 49.63 -47.30
N PHE A 476 38.22 50.17 -47.43
CA PHE A 476 37.59 50.89 -46.33
C PHE A 476 37.70 50.01 -45.10
N VAL A 477 37.25 48.76 -45.25
CA VAL A 477 37.29 47.80 -44.15
C VAL A 477 38.70 47.52 -43.69
N ILE A 478 39.61 47.20 -44.62
CA ILE A 478 40.99 46.91 -44.21
C ILE A 478 41.53 48.12 -43.46
N LYS A 479 41.37 49.29 -44.04
CA LYS A 479 41.83 50.54 -43.45
C LYS A 479 41.25 50.81 -42.08
N LEU A 480 39.93 50.69 -41.93
CA LEU A 480 39.28 50.95 -40.66
C LEU A 480 39.61 49.92 -39.60
N THR A 481 40.44 48.94 -39.95
CA THR A 481 40.82 47.88 -39.02
C THR A 481 42.33 47.59 -38.92
N HIS A 482 43.01 47.52 -40.07
CA HIS A 482 44.45 47.26 -40.16
C HIS A 482 45.28 47.81 -39.01
N ASP A 483 45.19 49.12 -38.78
CA ASP A 483 45.98 49.79 -37.73
C ASP A 483 45.31 49.88 -36.38
N VAL A 484 46.11 50.16 -35.36
CA VAL A 484 45.64 50.27 -33.99
C VAL A 484 44.94 51.59 -33.66
N GLU A 485 45.24 52.64 -34.42
CA GLU A 485 44.62 53.94 -34.21
C GLU A 485 43.33 53.99 -35.01
N LEU A 486 42.22 54.33 -34.37
CA LEU A 486 40.94 54.43 -35.07
C LEU A 486 41.04 55.66 -35.98
N ASN A 487 41.14 55.44 -37.29
CA ASN A 487 41.30 56.54 -38.23
C ASN A 487 40.05 57.25 -38.73
N LEU A 488 39.53 58.20 -37.96
CA LEU A 488 38.38 58.98 -38.35
C LEU A 488 38.76 60.45 -38.29
N ASP A 489 38.34 61.21 -39.30
CA ASP A 489 38.64 62.63 -39.39
C ASP A 489 37.82 63.51 -38.46
N TYR A 490 38.03 63.42 -37.15
CA TYR A 490 37.25 64.24 -36.25
C TYR A 490 37.59 65.71 -36.42
N GLU A 491 38.60 66.01 -37.23
CA GLU A 491 39.03 67.38 -37.47
C GLU A 491 38.05 68.04 -38.38
N GLU A 492 37.75 67.36 -39.48
CA GLU A 492 36.83 67.88 -40.49
C GLU A 492 35.59 68.55 -39.88
N TYR A 493 35.29 68.26 -38.62
CA TYR A 493 34.13 68.88 -37.98
C TYR A 493 34.42 70.28 -37.51
N ASN A 494 35.69 70.61 -37.33
CA ASN A 494 36.08 71.94 -36.92
C ASN A 494 35.65 72.82 -38.09
N SER A 495 36.04 72.38 -39.27
CA SER A 495 35.73 73.08 -40.51
C SER A 495 34.23 73.15 -40.61
N GLN A 496 33.59 71.98 -40.58
CA GLN A 496 32.14 71.91 -40.67
C GLN A 496 31.44 72.85 -39.70
N LEU A 497 32.05 73.05 -38.54
CA LEU A 497 31.48 73.92 -37.52
C LEU A 497 31.78 75.38 -37.83
N LEU A 498 32.97 75.66 -38.33
CA LEU A 498 33.34 77.03 -38.67
C LEU A 498 32.48 77.54 -39.81
N SER A 499 32.28 76.68 -40.81
CA SER A 499 31.46 77.06 -41.94
C SER A 499 30.12 77.57 -41.42
N PHE A 500 29.56 76.87 -40.43
CA PHE A 500 28.30 77.28 -39.82
C PHE A 500 28.43 78.68 -39.27
N VAL A 501 29.38 78.85 -38.35
CA VAL A 501 29.62 80.15 -37.72
C VAL A 501 29.68 81.23 -38.79
N ARG A 502 30.42 80.96 -39.86
CA ARG A 502 30.54 81.90 -40.96
C ARG A 502 29.17 82.28 -41.52
N ASP A 503 28.52 81.33 -42.17
CA ASP A 503 27.21 81.55 -42.73
C ASP A 503 26.31 82.26 -41.73
N LEU A 504 26.50 81.99 -40.45
CA LEU A 504 25.68 82.64 -39.43
C LEU A 504 26.03 84.11 -39.26
N ASN A 505 27.29 84.45 -39.44
CA ASN A 505 27.70 85.85 -39.31
C ASN A 505 27.17 86.77 -40.40
N GLN A 506 26.58 86.17 -41.43
CA GLN A 506 26.02 86.96 -42.51
C GLN A 506 24.70 87.60 -42.06
N TYR A 507 24.28 87.24 -40.84
CA TYR A 507 23.04 87.77 -40.29
C TYR A 507 23.33 88.49 -38.99
N ARG A 508 24.59 88.79 -38.76
CA ARG A 508 25.02 89.48 -37.54
C ARG A 508 24.15 90.71 -37.33
N ALA A 509 23.62 91.24 -38.43
CA ALA A 509 22.76 92.40 -38.38
C ALA A 509 21.47 92.02 -37.67
N ASP A 510 20.82 90.96 -38.15
CA ASP A 510 19.59 90.50 -37.53
C ASP A 510 19.88 90.09 -36.11
N ILE A 511 20.98 89.37 -35.94
CA ILE A 511 21.38 88.91 -34.62
C ILE A 511 21.48 90.09 -33.67
N LYS A 512 21.81 91.27 -34.23
CA LYS A 512 21.94 92.48 -33.42
C LYS A 512 20.61 93.15 -33.08
N GLU A 513 19.70 93.20 -34.05
CA GLU A 513 18.40 93.82 -33.78
C GLU A 513 17.84 93.11 -32.57
N MET A 514 18.04 91.79 -32.52
CA MET A 514 17.59 90.98 -31.38
C MET A 514 18.74 91.09 -30.37
N GLY A 515 18.42 91.08 -29.09
CA GLY A 515 19.45 91.22 -28.07
C GLY A 515 20.56 90.19 -28.08
N LEU A 516 20.42 89.18 -28.92
CA LEU A 516 21.38 88.09 -29.03
C LEU A 516 22.85 88.50 -29.09
N SER A 517 23.67 87.84 -28.28
CA SER A 517 25.10 88.10 -28.22
C SER A 517 25.88 87.19 -29.13
N LEU A 518 25.31 86.01 -29.41
CA LEU A 518 25.96 85.05 -30.29
C LEU A 518 27.41 84.79 -29.88
N GLN A 519 27.77 85.16 -28.66
CA GLN A 519 29.12 84.97 -28.15
C GLN A 519 29.34 83.54 -27.63
N TRP A 520 28.32 82.98 -26.98
CA TRP A 520 28.39 81.64 -26.44
C TRP A 520 28.65 80.59 -27.51
N LEU A 521 28.20 80.86 -28.73
CA LEU A 521 28.41 79.92 -29.81
C LEU A 521 29.88 79.84 -30.16
N TYR A 522 30.53 80.98 -30.31
CA TYR A 522 31.94 80.98 -30.65
C TYR A 522 32.70 80.21 -29.59
N SER A 523 32.35 80.45 -28.34
CA SER A 523 33.03 79.79 -27.24
C SER A 523 32.92 78.27 -27.43
N ALA A 524 31.73 77.79 -27.70
CA ALA A 524 31.55 76.36 -27.90
C ALA A 524 32.43 75.90 -29.05
N ARG A 525 32.22 76.51 -30.21
CA ARG A 525 33.01 76.17 -31.39
C ARG A 525 34.49 76.08 -31.04
N GLY A 526 34.91 76.95 -30.13
CA GLY A 526 36.31 76.97 -29.74
C GLY A 526 36.58 75.94 -28.70
N ASP A 527 35.73 75.90 -27.68
CA ASP A 527 35.87 74.93 -26.60
C ASP A 527 35.94 73.54 -27.25
N PHE A 528 35.39 73.42 -28.45
CA PHE A 528 35.42 72.14 -29.15
C PHE A 528 36.71 71.97 -29.93
N PHE A 529 37.18 73.05 -30.53
CA PHE A 529 38.41 73.04 -31.32
C PHE A 529 39.54 72.54 -30.43
N ARG A 530 39.70 73.14 -29.25
CA ARG A 530 40.74 72.70 -28.33
C ARG A 530 40.60 71.21 -28.11
N ALA A 531 39.39 70.79 -27.74
CA ALA A 531 39.11 69.36 -27.51
C ALA A 531 39.77 68.48 -28.57
N THR A 532 39.55 68.82 -29.82
CA THR A 532 40.11 68.05 -30.91
C THR A 532 41.62 68.20 -30.98
N SER A 533 42.12 69.38 -30.61
CA SER A 533 43.56 69.63 -30.64
C SER A 533 44.29 68.80 -29.61
N ARG A 534 43.62 68.53 -28.49
CA ARG A 534 44.25 67.73 -27.44
C ARG A 534 44.24 66.31 -27.96
N LEU A 535 43.07 65.82 -28.30
CA LEU A 535 42.96 64.47 -28.81
C LEU A 535 44.01 64.30 -29.90
N THR A 536 44.03 65.23 -30.86
CA THR A 536 44.96 65.13 -31.97
C THR A 536 46.39 65.12 -31.45
N THR A 537 46.58 65.59 -30.23
CA THR A 537 47.92 65.63 -29.63
C THR A 537 48.16 64.34 -28.85
N ASP A 538 47.30 64.09 -27.86
CA ASP A 538 47.41 62.89 -27.02
C ASP A 538 47.77 61.67 -27.86
N PHE A 539 47.17 61.56 -29.04
CA PHE A 539 47.44 60.44 -29.94
C PHE A 539 48.92 60.39 -30.26
N GLY A 540 49.44 61.48 -30.81
CA GLY A 540 50.84 61.54 -31.16
C GLY A 540 51.77 61.14 -30.05
N ASN A 541 51.46 61.57 -28.83
CA ASN A 541 52.29 61.26 -27.67
C ASN A 541 52.08 59.85 -27.09
N ALA A 542 51.01 59.19 -27.50
CA ALA A 542 50.73 57.85 -27.04
C ALA A 542 51.41 56.85 -27.97
N GLU A 543 51.76 55.68 -27.43
CA GLU A 543 52.43 54.63 -28.21
C GLU A 543 51.46 53.56 -28.66
N LYS A 544 51.57 53.18 -29.93
CA LYS A 544 50.69 52.16 -30.50
C LYS A 544 50.93 50.81 -29.84
N THR A 545 51.49 50.83 -28.63
CA THR A 545 51.76 49.61 -27.89
C THR A 545 50.98 49.56 -26.58
N ASP A 546 50.59 50.72 -26.06
CA ASP A 546 49.83 50.75 -24.82
C ASP A 546 48.34 50.57 -25.14
N ARG A 547 47.95 49.32 -25.35
CA ARG A 547 46.58 48.97 -25.68
C ARG A 547 45.61 49.79 -24.85
N PHE A 548 46.03 50.16 -23.64
CA PHE A 548 45.19 50.94 -22.74
C PHE A 548 45.01 52.41 -23.12
N VAL A 549 46.11 53.14 -23.22
CA VAL A 549 46.03 54.57 -23.55
C VAL A 549 45.45 54.78 -24.93
N MET A 550 45.64 53.81 -25.81
CA MET A 550 45.12 53.93 -27.16
C MET A 550 43.61 53.71 -27.12
N LYS A 551 43.21 52.70 -26.37
CA LYS A 551 41.79 52.39 -26.26
C LYS A 551 41.07 53.61 -25.72
N LYS A 552 41.67 54.26 -24.72
CA LYS A 552 41.06 55.44 -24.12
C LYS A 552 40.89 56.56 -25.11
N LEU A 553 41.77 56.62 -26.11
CA LEU A 553 41.71 57.66 -27.13
C LEU A 553 40.71 57.32 -28.22
N ASN A 554 40.87 56.15 -28.83
CA ASN A 554 39.95 55.71 -29.87
C ASN A 554 38.50 55.85 -29.43
N ASP A 555 38.26 55.62 -28.14
CA ASP A 555 36.92 55.73 -27.63
C ASP A 555 36.44 57.16 -27.76
N ARG A 556 37.32 58.10 -27.50
CA ARG A 556 36.96 59.51 -27.60
C ARG A 556 36.59 59.81 -29.05
N VAL A 557 37.41 59.32 -29.98
CA VAL A 557 37.17 59.53 -31.40
C VAL A 557 35.80 58.97 -31.76
N MET A 558 35.52 57.78 -31.20
CA MET A 558 34.28 57.07 -31.43
C MET A 558 33.04 57.81 -30.90
N ARG A 559 33.26 58.82 -30.06
CA ARG A 559 32.17 59.60 -29.49
C ARG A 559 31.81 60.77 -30.38
N VAL A 560 32.81 61.34 -31.02
CA VAL A 560 32.68 62.51 -31.90
C VAL A 560 31.40 62.60 -32.74
N GLU A 561 31.17 61.62 -33.60
CA GLU A 561 29.98 61.64 -34.45
C GLU A 561 28.67 61.62 -33.68
N TYR A 562 28.51 60.67 -32.77
CA TYR A 562 27.28 60.55 -32.00
C TYR A 562 26.90 61.83 -31.24
N HIS A 563 27.88 62.44 -30.59
CA HIS A 563 27.62 63.63 -29.80
C HIS A 563 27.15 64.87 -30.54
N PHE A 564 26.97 64.77 -31.86
CA PHE A 564 26.45 65.91 -32.59
C PHE A 564 24.98 65.71 -32.86
N LEU A 565 24.39 64.79 -32.10
CA LEU A 565 22.97 64.50 -32.18
C LEU A 565 22.32 65.31 -31.06
N SER A 566 21.44 66.25 -31.39
CA SER A 566 20.80 67.08 -30.39
C SER A 566 20.25 66.30 -29.21
N PRO A 567 20.89 66.44 -28.04
CA PRO A 567 20.40 65.72 -26.87
C PRO A 567 19.21 66.44 -26.24
N TYR A 568 18.49 67.21 -27.05
CA TYR A 568 17.34 67.93 -26.52
C TYR A 568 16.06 67.60 -27.28
N VAL A 569 16.12 66.62 -28.18
CA VAL A 569 14.97 66.21 -28.97
C VAL A 569 14.77 64.70 -28.85
N SER A 570 13.53 64.28 -28.64
CA SER A 570 13.24 62.86 -28.48
C SER A 570 13.20 62.05 -29.77
N PRO A 571 13.91 60.92 -29.79
CA PRO A 571 13.95 60.06 -30.97
C PRO A 571 12.54 59.68 -31.41
N LYS A 572 11.65 59.54 -30.44
CA LYS A 572 10.27 59.17 -30.72
C LYS A 572 9.58 60.26 -31.53
N GLU A 573 10.00 61.50 -31.35
CA GLU A 573 9.39 62.64 -32.06
C GLU A 573 10.15 62.99 -33.33
N SER A 574 11.46 63.22 -33.19
CA SER A 574 12.32 63.57 -34.33
C SER A 574 13.53 62.66 -34.31
N PRO A 575 13.42 61.48 -34.93
CA PRO A 575 14.47 60.48 -35.03
C PRO A 575 15.83 60.89 -35.59
N PHE A 576 15.86 61.83 -36.52
CA PHE A 576 17.14 62.27 -37.09
C PHE A 576 17.67 63.49 -36.34
N ARG A 577 18.22 63.21 -35.15
CA ARG A 577 18.75 64.23 -34.25
C ARG A 577 20.05 64.89 -34.64
N HIS A 578 20.81 64.30 -35.55
CA HIS A 578 22.08 64.89 -35.92
C HIS A 578 21.96 66.36 -36.31
N VAL A 579 22.49 67.25 -35.48
CA VAL A 579 22.40 68.68 -35.78
C VAL A 579 22.88 69.04 -37.20
N PHE A 580 23.84 68.28 -37.73
CA PHE A 580 24.37 68.55 -39.07
C PHE A 580 23.65 67.89 -40.24
N TRP A 581 23.34 66.60 -40.14
CA TRP A 581 22.71 65.92 -41.24
C TRP A 581 21.27 65.47 -40.98
N GLY A 582 20.78 65.70 -39.77
CA GLY A 582 19.44 65.28 -39.42
C GLY A 582 18.35 66.00 -40.19
N SER A 583 17.17 66.08 -39.58
CA SER A 583 16.02 66.74 -40.17
C SER A 583 15.14 67.15 -39.02
N GLY A 584 14.82 68.44 -38.94
CA GLY A 584 13.99 68.93 -37.86
C GLY A 584 14.41 70.34 -37.50
N SER A 585 13.75 70.95 -36.54
CA SER A 585 14.11 72.31 -36.16
C SER A 585 15.42 72.33 -35.36
N HIS A 586 15.83 71.15 -34.87
CA HIS A 586 17.07 71.04 -34.10
C HIS A 586 18.27 71.11 -35.03
N THR A 587 18.02 70.83 -36.32
CA THR A 587 19.03 70.86 -37.37
C THR A 587 19.75 72.20 -37.39
N LEU A 588 21.07 72.15 -37.57
CA LEU A 588 21.85 73.38 -37.62
C LEU A 588 21.39 74.14 -38.86
N PRO A 589 21.38 73.48 -40.03
CA PRO A 589 20.93 74.16 -41.25
C PRO A 589 19.56 74.79 -41.08
N ALA A 590 18.70 74.09 -40.37
CA ALA A 590 17.35 74.56 -40.12
C ALA A 590 17.35 75.91 -39.40
N LEU A 591 18.37 76.15 -38.58
CA LEU A 591 18.47 77.41 -37.85
C LEU A 591 18.60 78.57 -38.83
N LEU A 592 19.63 78.52 -39.67
CA LEU A 592 19.84 79.56 -40.65
C LEU A 592 18.57 79.69 -41.49
N GLU A 593 18.10 78.55 -41.97
CA GLU A 593 16.91 78.52 -42.81
C GLU A 593 15.72 79.29 -42.24
N ASN A 594 15.66 79.45 -40.92
CA ASN A 594 14.58 80.18 -40.30
C ASN A 594 14.98 81.64 -40.23
N LEU A 595 16.25 81.87 -39.88
CA LEU A 595 16.78 83.21 -39.75
C LEU A 595 16.71 83.95 -41.08
N LYS A 596 16.94 83.24 -42.18
CA LYS A 596 16.88 83.86 -43.49
C LYS A 596 15.57 84.63 -43.64
N LEU A 597 14.49 84.05 -43.12
CA LEU A 597 13.15 84.63 -43.20
C LEU A 597 12.99 85.96 -42.45
N ARG A 598 13.93 86.24 -41.56
CA ARG A 598 13.90 87.47 -40.76
C ARG A 598 13.81 88.70 -41.68
N LYS A 599 14.68 88.75 -42.68
CA LYS A 599 14.72 89.84 -43.64
C LYS A 599 13.41 90.08 -44.39
N GLN A 600 12.67 89.00 -44.68
CA GLN A 600 11.40 89.09 -45.40
C GLN A 600 10.37 89.96 -44.69
N ASN A 601 10.76 90.55 -43.56
CA ASN A 601 9.92 91.43 -42.75
C ASN A 601 8.51 90.92 -42.42
N ASN A 602 8.14 89.74 -42.95
CA ASN A 602 6.83 89.16 -42.68
C ASN A 602 6.88 88.32 -41.39
N GLY A 603 5.80 87.58 -41.13
CA GLY A 603 5.75 86.77 -39.92
C GLY A 603 6.39 85.41 -40.06
N ALA A 604 6.77 85.05 -41.29
CA ALA A 604 7.40 83.76 -41.60
C ALA A 604 8.49 83.36 -40.60
N PHE A 605 9.14 84.36 -40.01
CA PHE A 605 10.19 84.11 -39.03
C PHE A 605 9.62 83.94 -37.62
N ASN A 606 9.83 82.77 -37.02
CA ASN A 606 9.35 82.53 -35.67
C ASN A 606 10.54 82.90 -34.78
N GLU A 607 10.45 84.03 -34.09
CA GLU A 607 11.54 84.48 -33.23
C GLU A 607 11.78 83.59 -32.03
N THR A 608 10.71 83.22 -31.33
CA THR A 608 10.88 82.37 -30.17
C THR A 608 11.56 81.08 -30.57
N LEU A 609 11.19 80.55 -31.74
CA LEU A 609 11.80 79.33 -32.24
C LEU A 609 13.30 79.54 -32.43
N PHE A 610 13.67 80.61 -33.11
CA PHE A 610 15.09 80.90 -33.33
C PHE A 610 15.80 80.94 -31.99
N ARG A 611 15.40 81.88 -31.14
CA ARG A 611 15.99 82.02 -29.82
C ARG A 611 16.43 80.68 -29.26
N ASN A 612 15.52 79.71 -29.25
CA ASN A 612 15.85 78.39 -28.73
C ASN A 612 16.83 77.71 -29.66
N GLN A 613 16.45 77.58 -30.93
CA GLN A 613 17.31 76.95 -31.92
C GLN A 613 18.76 77.31 -31.65
N LEU A 614 19.05 78.60 -31.60
CA LEU A 614 20.40 79.06 -31.35
C LEU A 614 20.83 78.56 -29.99
N ALA A 615 20.08 78.95 -28.96
CA ALA A 615 20.38 78.55 -27.58
C ALA A 615 20.81 77.08 -27.44
N LEU A 616 19.94 76.17 -27.87
CA LEU A 616 20.26 74.76 -27.77
C LEU A 616 21.39 74.37 -28.72
N ALA A 617 21.24 74.68 -30.01
CA ALA A 617 22.26 74.35 -30.98
C ALA A 617 23.64 74.75 -30.45
N THR A 618 23.65 75.71 -29.52
CA THR A 618 24.90 76.14 -28.94
C THR A 618 25.34 75.07 -27.95
N TRP A 619 24.51 74.83 -26.95
CA TRP A 619 24.82 73.83 -25.95
C TRP A 619 25.06 72.45 -26.55
N THR A 620 24.50 72.19 -27.73
CA THR A 620 24.71 70.90 -28.36
C THR A 620 26.19 70.83 -28.70
N ILE A 621 26.64 71.86 -29.41
CA ILE A 621 28.04 71.95 -29.81
C ILE A 621 28.90 71.99 -28.57
N GLN A 622 28.52 72.83 -27.62
CA GLN A 622 29.27 72.95 -26.37
C GLN A 622 29.48 71.55 -25.79
N GLY A 623 28.37 70.87 -25.57
CA GLY A 623 28.42 69.53 -25.01
C GLY A 623 29.34 68.63 -25.79
N ALA A 624 29.22 68.67 -27.12
CA ALA A 624 30.06 67.84 -27.98
C ALA A 624 31.50 68.05 -27.58
N ALA A 625 31.80 69.27 -27.14
CA ALA A 625 33.14 69.61 -26.73
C ALA A 625 33.47 68.95 -25.40
N ASN A 626 32.68 69.26 -24.39
CA ASN A 626 32.90 68.71 -23.06
C ASN A 626 32.94 67.18 -23.06
N ALA A 627 32.35 66.57 -24.07
CA ALA A 627 32.34 65.12 -24.15
C ALA A 627 33.58 64.60 -24.87
N LEU A 628 34.08 65.39 -25.82
CA LEU A 628 35.25 64.99 -26.61
C LEU A 628 36.59 65.23 -25.90
N SER A 629 36.51 65.46 -24.59
CA SER A 629 37.66 65.67 -23.71
C SER A 629 37.82 67.04 -23.06
N GLY A 630 38.95 67.68 -23.33
CA GLY A 630 39.23 68.95 -22.72
C GLY A 630 39.83 68.49 -21.40
N ASP A 631 40.25 67.22 -21.43
CA ASP A 631 40.85 66.53 -20.28
C ASP A 631 39.79 66.41 -19.19
N VAL A 632 38.53 66.47 -19.59
CA VAL A 632 37.42 66.38 -18.64
C VAL A 632 37.41 67.68 -17.84
N TRP A 633 36.24 68.05 -17.32
CA TRP A 633 36.11 69.27 -16.51
C TRP A 633 36.70 70.49 -17.21
N ASP A 634 36.43 70.67 -18.50
CA ASP A 634 36.97 71.81 -19.24
C ASP A 634 37.05 73.05 -18.35
N ILE A 635 38.27 73.54 -18.14
CA ILE A 635 38.52 74.67 -17.26
C ILE A 635 38.53 76.08 -17.87
N ASP A 636 37.54 76.39 -18.71
CA ASP A 636 37.44 77.76 -19.24
C ASP A 636 36.38 78.39 -18.35
N ASN A 637 36.69 78.36 -17.05
CA ASN A 637 35.87 78.86 -15.96
C ASN A 637 35.66 80.38 -15.97
N GLU A 638 36.54 81.10 -16.67
CA GLU A 638 36.44 82.54 -16.76
C GLU A 638 35.13 82.91 -17.46
N PHE A 639 35.23 83.32 -18.73
CA PHE A 639 34.06 83.70 -19.52
C PHE A 639 32.81 84.01 -18.68
N LEU B 1 49.16 50.78 -0.45
CA LEU B 1 48.68 50.42 0.89
C LEU B 1 47.35 49.65 0.82
N TYR B 2 47.00 48.97 1.91
CA TYR B 2 45.76 48.21 1.94
C TYR B 2 44.68 48.94 2.73
N TRP B 3 43.43 48.50 2.55
CA TRP B 3 42.29 49.11 3.21
C TRP B 3 42.53 49.42 4.68
N ASP B 4 42.93 48.41 5.44
CA ASP B 4 43.18 48.63 6.85
C ASP B 4 44.04 49.87 7.02
N ASP B 5 45.11 49.94 6.24
CA ASP B 5 46.01 51.09 6.32
C ASP B 5 45.25 52.38 6.11
N LEU B 6 44.58 52.49 4.97
CA LEU B 6 43.81 53.69 4.67
C LEU B 6 42.74 53.94 5.72
N LYS B 7 42.08 52.89 6.18
CA LYS B 7 41.04 53.05 7.18
C LYS B 7 41.65 53.62 8.45
N ARG B 8 42.73 52.98 8.91
CA ARG B 8 43.42 53.40 10.12
C ARG B 8 43.95 54.83 10.00
N LYS B 9 44.61 55.12 8.89
CA LYS B 9 45.14 56.47 8.68
C LYS B 9 44.00 57.48 8.74
N LEU B 10 43.08 57.36 7.80
CA LEU B 10 41.92 58.26 7.74
C LEU B 10 41.30 58.49 9.11
N SER B 11 41.39 57.49 9.98
CA SER B 11 40.81 57.62 11.31
C SER B 11 41.60 58.57 12.18
N GLU B 12 42.88 58.30 12.36
CA GLU B 12 43.70 59.18 13.20
C GLU B 12 43.67 60.60 12.65
N LYS B 13 43.62 60.74 11.33
CA LYS B 13 43.56 62.07 10.72
C LYS B 13 42.26 62.69 11.19
N LEU B 14 41.21 61.88 11.22
CA LEU B 14 39.89 62.35 11.67
C LEU B 14 39.94 62.57 13.17
N ASP B 15 40.86 61.87 13.85
CA ASP B 15 41.00 61.99 15.29
C ASP B 15 41.62 63.33 15.68
N SER B 16 42.30 63.95 14.71
CA SER B 16 42.97 65.23 14.95
C SER B 16 42.53 66.34 14.00
N THR B 17 41.24 66.60 13.94
CA THR B 17 40.71 67.65 13.08
C THR B 17 39.56 68.35 13.78
N ASP B 18 39.69 69.65 13.98
CA ASP B 18 38.65 70.42 14.65
C ASP B 18 37.59 70.86 13.67
N PHE B 19 36.47 70.14 13.63
CA PHE B 19 35.38 70.47 12.71
C PHE B 19 34.56 71.60 13.30
N THR B 20 34.40 71.58 14.61
CA THR B 20 33.63 72.59 15.30
C THR B 20 34.15 74.01 15.04
N SER B 21 35.47 74.16 14.99
CA SER B 21 36.08 75.47 14.74
C SER B 21 35.65 76.03 13.39
N THR B 22 35.84 75.24 12.34
CA THR B 22 35.49 75.65 10.99
C THR B 22 33.99 75.87 10.84
N ILE B 23 33.18 75.14 11.60
CA ILE B 23 31.74 75.31 11.51
C ILE B 23 31.40 76.66 12.11
N LYS B 24 32.27 77.11 13.03
CA LYS B 24 32.12 78.40 13.67
C LYS B 24 32.67 79.48 12.75
N LEU B 25 33.92 79.28 12.30
CA LEU B 25 34.55 80.23 11.39
C LEU B 25 33.58 80.59 10.29
N LEU B 26 32.86 79.60 9.79
CA LEU B 26 31.88 79.84 8.73
C LEU B 26 30.62 80.43 9.33
N ASN B 27 30.80 81.29 10.33
CA ASN B 27 29.70 81.96 11.00
C ASN B 27 30.05 83.40 11.36
N GLU B 28 31.35 83.72 11.32
CA GLU B 28 31.82 85.07 11.60
C GLU B 28 31.07 86.00 10.65
N ASN B 29 30.85 87.25 11.07
CA ASN B 29 30.13 88.19 10.21
C ASN B 29 30.77 88.32 8.83
N SER B 30 31.97 87.79 8.67
CA SER B 30 32.67 87.86 7.40
C SER B 30 31.82 87.19 6.32
N TYR B 31 31.07 86.17 6.72
CA TYR B 31 30.19 85.46 5.79
C TYR B 31 29.00 84.87 6.51
N VAL B 32 28.14 85.71 7.07
CA VAL B 32 26.98 85.19 7.79
C VAL B 32 25.70 85.22 6.96
N PRO B 33 25.16 86.40 6.62
CA PRO B 33 23.94 86.21 5.83
C PRO B 33 24.38 85.94 4.41
N ARG B 34 25.05 84.80 4.22
CA ARG B 34 25.56 84.39 2.92
C ARG B 34 24.45 83.95 1.96
N GLU B 35 23.52 84.84 1.67
CA GLU B 35 22.44 84.53 0.76
C GLU B 35 23.05 84.14 -0.56
N ALA B 36 22.22 83.58 -1.43
CA ALA B 36 22.69 83.15 -2.75
C ALA B 36 23.11 84.35 -3.58
N GLY B 37 24.31 84.29 -4.11
CA GLY B 37 24.80 85.38 -4.93
C GLY B 37 24.99 86.70 -4.20
N SER B 38 25.23 86.63 -2.90
CA SER B 38 25.44 87.83 -2.10
C SER B 38 26.94 88.07 -2.01
N GLN B 39 27.35 89.10 -1.30
CA GLN B 39 28.77 89.40 -1.15
C GLN B 39 29.38 88.36 -0.21
N LYS B 40 28.73 88.13 0.92
CA LYS B 40 29.20 87.16 1.90
C LYS B 40 29.41 85.84 1.15
N ASP B 41 28.40 85.46 0.38
CA ASP B 41 28.41 84.24 -0.42
C ASP B 41 29.76 84.21 -1.12
N GLU B 42 29.98 85.22 -1.97
CA GLU B 42 31.20 85.37 -2.76
C GLU B 42 32.43 85.37 -1.88
N ASN B 43 32.28 85.80 -0.63
CA ASN B 43 33.40 85.83 0.29
C ASN B 43 33.84 84.42 0.62
N LEU B 44 32.92 83.64 1.18
CA LEU B 44 33.21 82.26 1.55
C LEU B 44 33.68 81.49 0.33
N ALA B 45 33.06 81.77 -0.81
CA ALA B 45 33.42 81.11 -2.05
C ALA B 45 34.93 81.22 -2.27
N LEU B 46 35.44 82.44 -2.22
CA LEU B 46 36.86 82.66 -2.42
C LEU B 46 37.65 82.06 -1.29
N TYR B 47 37.02 81.93 -0.13
CA TYR B 47 37.71 81.34 1.02
C TYR B 47 37.97 79.89 0.70
N VAL B 48 36.92 79.18 0.32
CA VAL B 48 37.04 77.79 -0.02
C VAL B 48 38.06 77.65 -1.13
N GLU B 49 37.89 78.45 -2.18
CA GLU B 49 38.78 78.40 -3.33
C GLU B 49 40.24 78.47 -2.93
N ASN B 50 40.55 79.44 -2.07
CA ASN B 50 41.92 79.61 -1.62
C ASN B 50 42.32 78.43 -0.74
N GLU B 51 41.48 78.09 0.23
CA GLU B 51 41.77 76.99 1.11
C GLU B 51 42.19 75.78 0.27
N PHE B 52 41.43 75.49 -0.78
CA PHE B 52 41.75 74.38 -1.66
C PHE B 52 43.17 74.57 -2.19
N ARG B 53 43.46 75.77 -2.66
CA ARG B 53 44.78 76.09 -3.17
C ARG B 53 45.79 75.85 -2.07
N GLU B 54 45.47 76.32 -0.87
CA GLU B 54 46.37 76.17 0.26
C GLU B 54 46.56 74.70 0.57
N PHE B 55 45.50 73.91 0.38
CA PHE B 55 45.58 72.49 0.62
C PHE B 55 46.56 71.84 -0.33
N LYS B 56 47.07 72.64 -1.26
CA LYS B 56 48.07 72.17 -2.21
C LYS B 56 47.53 71.07 -3.12
N LEU B 57 46.22 70.98 -3.24
CA LEU B 57 45.64 69.95 -4.11
C LEU B 57 45.83 70.37 -5.56
N SER B 58 45.72 69.43 -6.49
CA SER B 58 45.91 69.73 -7.91
C SER B 58 44.94 70.78 -8.40
N LYS B 59 44.75 70.86 -9.71
CA LYS B 59 43.85 71.84 -10.31
C LYS B 59 42.64 72.19 -9.45
N VAL B 60 42.29 73.46 -9.43
CA VAL B 60 41.16 73.99 -8.67
C VAL B 60 40.68 75.20 -9.44
N TRP B 61 39.39 75.24 -9.78
CA TRP B 61 38.86 76.35 -10.57
C TRP B 61 37.55 76.90 -10.06
N ARG B 62 36.96 77.80 -10.86
CA ARG B 62 35.68 78.43 -10.53
C ARG B 62 34.63 78.10 -11.57
N ASP B 63 33.36 78.16 -11.19
CA ASP B 63 32.29 77.88 -12.13
C ASP B 63 31.27 79.01 -12.04
N GLN B 64 31.28 79.88 -13.04
CA GLN B 64 30.39 81.03 -13.07
C GLN B 64 29.02 80.69 -13.67
N HIS B 65 27.99 81.39 -13.22
CA HIS B 65 26.63 81.16 -13.71
C HIS B 65 25.73 82.35 -13.41
N PHE B 66 24.80 82.63 -14.31
CA PHE B 66 23.86 83.72 -14.09
C PHE B 66 22.46 83.15 -14.12
N VAL B 67 21.88 82.93 -12.95
CA VAL B 67 20.52 82.39 -12.89
C VAL B 67 19.56 83.40 -12.27
N LYS B 68 18.28 83.29 -12.61
CA LYS B 68 17.27 84.19 -12.06
C LYS B 68 16.71 83.68 -10.74
N ILE B 69 16.98 84.42 -9.66
CA ILE B 69 16.51 84.08 -8.33
C ILE B 69 15.38 85.03 -8.01
N GLN B 70 14.52 84.68 -7.06
CA GLN B 70 13.43 85.56 -6.68
C GLN B 70 13.65 86.12 -5.28
N VAL B 71 13.43 87.41 -5.12
CA VAL B 71 13.62 88.05 -3.82
C VAL B 71 12.42 88.88 -3.39
N LYS B 72 12.40 89.26 -2.13
CA LYS B 72 11.33 90.05 -1.56
C LYS B 72 11.38 91.49 -2.10
N ASP B 73 10.30 91.91 -2.74
CA ASP B 73 10.22 93.26 -3.30
C ASP B 73 10.11 94.29 -2.18
N SER B 74 10.53 95.52 -2.47
CA SER B 74 10.47 96.61 -1.48
C SER B 74 9.07 96.69 -0.84
N ALA B 75 8.04 96.37 -1.63
CA ALA B 75 6.66 96.37 -1.16
C ALA B 75 6.50 95.18 -0.21
N GLN B 76 5.86 95.41 0.93
CA GLN B 76 5.69 94.35 1.92
C GLN B 76 4.63 93.31 1.61
N ASN B 77 5.00 92.05 1.82
CA ASN B 77 4.12 90.90 1.62
C ASN B 77 3.32 90.78 2.90
N SER B 78 2.04 90.43 2.78
CA SER B 78 1.24 90.30 3.98
C SER B 78 -0.04 89.49 3.87
N VAL B 79 -0.50 89.04 5.02
CA VAL B 79 -1.70 88.25 5.15
C VAL B 79 -2.62 89.07 6.05
N ILE B 80 -3.86 89.24 5.62
CA ILE B 80 -4.82 90.02 6.40
C ILE B 80 -6.23 89.44 6.32
N ILE B 81 -6.85 89.28 7.49
CA ILE B 81 -8.20 88.76 7.55
C ILE B 81 -9.14 89.90 7.17
N VAL B 82 -10.07 89.61 6.27
CA VAL B 82 -11.02 90.62 5.82
C VAL B 82 -12.27 89.94 5.27
N ASP B 83 -13.42 90.53 5.58
CA ASP B 83 -14.69 90.00 5.12
C ASP B 83 -14.82 90.22 3.62
N LYS B 84 -16.05 90.22 3.13
CA LYS B 84 -16.31 90.44 1.72
C LYS B 84 -15.99 91.89 1.42
N ASN B 85 -15.19 92.49 2.32
CA ASN B 85 -14.79 93.87 2.23
C ASN B 85 -13.92 94.25 3.43
N GLY B 86 -12.92 95.11 3.18
CA GLY B 86 -12.01 95.60 4.22
C GLY B 86 -11.54 94.68 5.36
N ARG B 87 -10.41 95.03 5.98
CA ARG B 87 -9.87 94.23 7.09
C ARG B 87 -10.49 94.67 8.42
N LEU B 88 -11.27 93.78 9.05
CA LEU B 88 -11.92 94.13 10.32
C LEU B 88 -10.96 94.05 11.50
N VAL B 89 -10.39 92.86 11.67
CA VAL B 89 -9.44 92.62 12.75
C VAL B 89 -8.15 93.41 12.46
N TYR B 90 -7.08 92.70 12.08
CA TYR B 90 -5.80 93.33 11.78
C TYR B 90 -4.98 92.52 10.77
N LEU B 91 -4.01 93.19 10.17
CA LEU B 91 -3.12 92.59 9.20
C LEU B 91 -2.38 91.44 9.90
N VAL B 92 -2.94 90.23 9.81
CA VAL B 92 -2.35 89.05 10.44
C VAL B 92 -0.85 89.24 10.64
N GLU B 93 -0.15 89.49 9.54
CA GLU B 93 1.27 89.72 9.63
C GLU B 93 1.90 90.10 8.31
N ASN B 94 3.05 90.74 8.40
CA ASN B 94 3.85 91.14 7.26
C ASN B 94 5.03 90.17 7.33
N PRO B 95 4.82 88.93 6.87
CA PRO B 95 5.84 87.88 6.89
C PRO B 95 7.28 88.39 6.75
N GLY B 96 8.17 87.87 7.61
CA GLY B 96 9.57 88.26 7.57
C GLY B 96 10.36 87.52 6.50
N GLY B 97 9.87 86.34 6.12
CA GLY B 97 10.54 85.54 5.09
C GLY B 97 9.65 85.40 3.88
N TYR B 98 10.01 84.53 2.94
CA TYR B 98 9.20 84.33 1.75
C TYR B 98 9.47 83.01 1.04
N VAL B 99 8.58 82.68 0.12
CA VAL B 99 8.69 81.46 -0.67
C VAL B 99 9.15 81.88 -2.06
N ALA B 100 10.40 81.56 -2.41
CA ALA B 100 10.96 81.92 -3.71
C ALA B 100 10.08 81.43 -4.85
N TYR B 101 10.36 81.92 -6.05
CA TYR B 101 9.61 81.54 -7.23
C TYR B 101 8.10 81.50 -7.04
N SER B 102 7.60 82.14 -5.97
CA SER B 102 6.17 82.16 -5.73
C SER B 102 5.49 83.09 -6.73
N LYS B 103 4.27 82.76 -7.13
CA LYS B 103 3.52 83.59 -8.07
C LYS B 103 3.42 84.99 -7.49
N ALA B 104 3.84 85.98 -8.27
CA ALA B 104 3.79 87.35 -7.81
C ALA B 104 2.37 87.88 -8.05
N ALA B 105 1.55 87.82 -7.00
CA ALA B 105 0.17 88.28 -7.11
C ALA B 105 -0.43 88.47 -5.73
N THR B 106 -1.73 88.76 -5.71
CA THR B 106 -2.44 88.98 -4.46
C THR B 106 -3.92 88.62 -4.63
N VAL B 107 -4.40 87.73 -3.78
CA VAL B 107 -5.79 87.31 -3.82
C VAL B 107 -6.33 87.03 -2.43
N THR B 108 -7.66 87.00 -2.33
CA THR B 108 -8.34 86.75 -1.07
C THR B 108 -9.53 85.78 -1.24
N GLY B 109 -9.85 85.08 -0.16
CA GLY B 109 -10.95 84.13 -0.20
C GLY B 109 -10.95 83.28 1.06
N LYS B 110 -11.69 82.17 1.00
CA LYS B 110 -11.78 81.26 2.13
C LYS B 110 -10.40 80.69 2.46
N LEU B 111 -10.25 80.16 3.66
CA LEU B 111 -8.95 79.60 4.06
C LEU B 111 -9.01 78.22 4.69
N VAL B 112 -8.83 77.18 3.87
CA VAL B 112 -8.86 75.80 4.34
C VAL B 112 -7.49 75.41 4.93
N HIS B 113 -7.48 74.41 5.79
CA HIS B 113 -6.25 73.96 6.42
C HIS B 113 -5.95 72.49 6.15
N ALA B 114 -5.29 72.21 5.04
CA ALA B 114 -4.95 70.84 4.67
C ALA B 114 -3.62 70.40 5.29
N ASN B 115 -3.70 69.76 6.44
CA ASN B 115 -2.53 69.27 7.16
C ASN B 115 -1.39 68.87 6.22
N PHE B 116 -0.17 69.14 6.65
CA PHE B 116 1.04 68.80 5.89
C PHE B 116 0.90 68.95 4.39
N GLY B 117 1.12 70.18 3.92
CA GLY B 117 1.04 70.48 2.50
C GLY B 117 0.24 69.55 1.64
N THR B 118 -0.98 69.26 2.07
CA THR B 118 -1.88 68.37 1.34
C THR B 118 -1.28 66.99 1.11
N LYS B 119 0.05 66.93 1.06
CA LYS B 119 0.74 65.67 0.85
C LYS B 119 0.23 65.00 -0.42
N LYS B 120 -0.69 65.69 -1.11
CA LYS B 120 -1.30 65.18 -2.34
C LYS B 120 -2.33 64.14 -1.90
N ASP B 121 -1.99 63.45 -0.83
CA ASP B 121 -2.81 62.43 -0.22
C ASP B 121 -3.89 63.12 0.62
N PHE B 122 -3.44 63.88 1.61
CA PHE B 122 -4.33 64.61 2.52
C PHE B 122 -5.43 65.40 1.83
N GLU B 123 -5.25 65.74 0.56
CA GLU B 123 -6.26 66.51 -0.15
C GLU B 123 -7.57 65.75 -0.17
N ASP B 124 -7.53 64.45 0.03
CA ASP B 124 -8.74 63.65 0.07
C ASP B 124 -9.40 63.80 1.44
N LEU B 125 -9.81 65.03 1.74
CA LEU B 125 -10.46 65.38 3.00
C LEU B 125 -11.84 65.96 2.68
N TYR B 126 -12.66 66.14 3.71
CA TYR B 126 -14.01 66.66 3.58
C TYR B 126 -14.15 68.02 2.86
N THR B 127 -13.76 69.10 3.55
CA THR B 127 -13.85 70.45 2.99
C THR B 127 -13.08 70.60 1.68
N PRO B 128 -13.75 71.09 0.63
CA PRO B 128 -13.12 71.30 -0.68
C PRO B 128 -12.32 72.61 -0.73
N VAL B 129 -11.24 72.60 -1.52
CA VAL B 129 -10.38 73.77 -1.66
C VAL B 129 -10.64 74.43 -3.03
N ASN B 130 -11.70 73.96 -3.68
CA ASN B 130 -12.12 74.45 -4.99
C ASN B 130 -12.31 75.98 -4.97
N GLY B 131 -11.22 76.70 -5.17
CA GLY B 131 -11.26 78.15 -5.20
C GLY B 131 -11.18 78.78 -3.82
N SER B 132 -10.06 78.59 -3.13
CA SER B 132 -9.88 79.16 -1.80
C SER B 132 -8.45 79.00 -1.31
N ILE B 133 -7.98 79.97 -0.52
CA ILE B 133 -6.64 79.93 0.02
C ILE B 133 -6.50 78.75 0.96
N VAL B 134 -5.28 78.20 1.05
CA VAL B 134 -5.03 77.04 1.90
C VAL B 134 -3.84 77.17 2.84
N ILE B 135 -3.96 76.55 4.02
CA ILE B 135 -2.89 76.55 5.01
C ILE B 135 -2.34 75.14 5.08
N VAL B 136 -1.04 75.03 5.32
CA VAL B 136 -0.39 73.72 5.43
C VAL B 136 0.81 73.79 6.38
N ARG B 137 1.14 72.64 6.96
CA ARG B 137 2.26 72.56 7.89
C ARG B 137 3.53 72.23 7.10
N ALA B 138 4.67 72.69 7.56
CA ALA B 138 5.93 72.41 6.88
C ALA B 138 6.31 71.00 7.33
N GLY B 139 6.34 70.04 6.40
CA GLY B 139 6.69 68.70 6.84
C GLY B 139 6.99 67.60 5.84
N LYS B 140 6.15 66.57 5.87
CA LYS B 140 6.30 65.40 5.01
C LYS B 140 6.78 65.64 3.58
N ILE B 141 6.34 66.74 2.95
CA ILE B 141 6.77 67.00 1.58
C ILE B 141 7.45 68.36 1.45
N THR B 142 7.74 68.75 0.22
CA THR B 142 8.40 70.02 -0.05
C THR B 142 7.39 71.08 -0.46
N PHE B 143 7.63 72.33 -0.07
CA PHE B 143 6.74 73.43 -0.39
C PHE B 143 6.28 73.26 -1.84
N ALA B 144 7.25 73.09 -2.73
CA ALA B 144 6.99 72.91 -4.14
C ALA B 144 5.82 71.97 -4.33
N GLU B 145 5.92 70.79 -3.74
CA GLU B 145 4.86 69.81 -3.85
C GLU B 145 3.58 70.28 -3.16
N LYS B 146 3.72 70.80 -1.95
CA LYS B 146 2.56 71.29 -1.19
C LYS B 146 1.76 72.21 -2.09
N VAL B 147 2.42 73.22 -2.64
CA VAL B 147 1.78 74.19 -3.52
C VAL B 147 1.21 73.52 -4.76
N ALA B 148 2.05 72.75 -5.45
CA ALA B 148 1.66 72.06 -6.67
C ALA B 148 0.30 71.38 -6.51
N ASN B 149 0.16 70.59 -5.44
CA ASN B 149 -1.09 69.88 -5.18
C ASN B 149 -2.23 70.87 -4.96
N ALA B 150 -1.98 71.85 -4.09
CA ALA B 150 -2.98 72.86 -3.80
C ALA B 150 -3.58 73.38 -5.10
N GLU B 151 -2.71 73.76 -6.02
CA GLU B 151 -3.15 74.29 -7.29
C GLU B 151 -3.78 73.24 -8.20
N SER B 152 -3.35 71.99 -8.05
CA SER B 152 -3.91 70.93 -8.88
C SER B 152 -5.39 70.75 -8.51
N LEU B 153 -5.75 71.21 -7.32
CA LEU B 153 -7.13 71.11 -6.85
C LEU B 153 -7.84 72.46 -7.01
N ASN B 154 -7.23 73.32 -7.82
CA ASN B 154 -7.77 74.63 -8.13
C ASN B 154 -7.82 75.63 -6.98
N ALA B 155 -6.91 75.51 -6.04
CA ALA B 155 -6.87 76.45 -4.92
C ALA B 155 -6.09 77.67 -5.39
N ILE B 156 -5.93 78.64 -4.50
CA ILE B 156 -5.17 79.86 -4.78
C ILE B 156 -4.53 80.28 -3.47
N GLY B 157 -3.28 80.70 -3.55
CA GLY B 157 -2.57 81.11 -2.35
C GLY B 157 -2.41 79.95 -1.39
N VAL B 158 -1.22 79.87 -0.79
CA VAL B 158 -0.92 78.81 0.16
C VAL B 158 -0.02 79.39 1.24
N LEU B 159 -0.36 79.10 2.49
CA LEU B 159 0.42 79.57 3.63
C LEU B 159 1.09 78.37 4.28
N ILE B 160 2.37 78.50 4.59
CA ILE B 160 3.13 77.43 5.24
C ILE B 160 3.62 77.90 6.61
N TYR B 161 3.27 77.16 7.65
CA TYR B 161 3.70 77.52 9.01
C TYR B 161 4.30 76.35 9.75
N MET B 162 5.11 76.64 10.77
CA MET B 162 5.75 75.60 11.57
C MET B 162 5.01 75.38 12.89
N ASP B 163 4.08 74.43 12.91
CA ASP B 163 3.32 74.16 14.13
C ASP B 163 4.23 73.84 15.31
N GLN B 164 3.65 73.81 16.51
CA GLN B 164 4.40 73.57 17.74
C GLN B 164 4.88 72.13 17.94
N THR B 165 4.00 71.16 17.70
CA THR B 165 4.33 69.74 17.86
C THR B 165 5.50 69.33 16.96
N LYS B 166 5.37 69.60 15.67
CA LYS B 166 6.39 69.28 14.68
C LYS B 166 7.62 70.15 14.86
N PHE B 167 7.40 71.43 15.18
CA PHE B 167 8.50 72.36 15.38
C PHE B 167 8.48 73.01 16.75
N PRO B 168 9.05 72.32 17.74
CA PRO B 168 9.15 72.73 19.15
C PRO B 168 10.06 73.95 19.36
N ILE B 169 9.77 75.03 18.64
CA ILE B 169 10.56 76.24 18.78
C ILE B 169 9.89 77.12 19.83
N VAL B 170 10.65 77.52 20.84
CA VAL B 170 10.12 78.38 21.91
C VAL B 170 9.49 79.65 21.31
N ASN B 171 10.23 80.32 20.43
CA ASN B 171 9.76 81.54 19.79
C ASN B 171 8.72 81.25 18.69
N ALA B 172 7.57 81.88 18.79
CA ALA B 172 6.50 81.67 17.81
C ALA B 172 6.40 82.86 16.84
N GLU B 173 7.29 83.83 17.02
CA GLU B 173 7.33 85.02 16.19
C GLU B 173 8.42 84.82 15.13
N LEU B 174 8.84 83.57 14.97
CA LEU B 174 9.88 83.21 14.01
C LEU B 174 9.38 82.90 12.62
N SER B 175 10.08 83.45 11.63
CA SER B 175 9.72 83.25 10.21
C SER B 175 10.83 82.53 9.44
N PHE B 176 10.42 81.73 8.45
CA PHE B 176 11.36 80.95 7.65
C PHE B 176 11.30 81.20 6.15
N PHE B 177 12.35 80.76 5.46
CA PHE B 177 12.51 80.90 4.00
C PHE B 177 12.05 79.69 3.17
N GLY B 178 11.40 79.97 2.05
CA GLY B 178 10.89 78.89 1.21
C GLY B 178 11.47 78.77 -0.19
N HIS B 179 11.04 77.74 -0.91
CA HIS B 179 11.50 77.45 -2.25
C HIS B 179 10.39 77.59 -3.29
N ALA B 180 9.53 76.57 -3.40
CA ALA B 180 8.38 76.57 -4.31
C ALA B 180 8.55 76.07 -5.76
N HIS B 181 9.78 75.79 -6.19
CA HIS B 181 9.99 75.31 -7.56
C HIS B 181 9.93 73.79 -7.64
N LEU B 182 8.95 73.29 -8.40
CA LEU B 182 8.79 71.85 -8.56
C LEU B 182 9.86 71.31 -9.50
N GLY B 183 11.12 71.54 -9.13
CA GLY B 183 12.22 71.08 -9.96
C GLY B 183 13.56 71.33 -9.32
N THR B 184 14.60 71.44 -10.13
CA THR B 184 15.93 71.67 -9.60
C THR B 184 16.68 72.68 -10.44
N GLY B 185 17.19 73.73 -9.79
CA GLY B 185 17.95 74.74 -10.50
C GLY B 185 17.10 75.84 -11.09
N ASP B 186 17.76 76.78 -11.77
CA ASP B 186 17.07 77.90 -12.41
C ASP B 186 15.90 77.33 -13.17
N PRO B 187 14.68 77.83 -12.91
CA PRO B 187 13.45 77.38 -13.55
C PRO B 187 13.18 77.89 -14.97
N TYR B 188 14.23 78.29 -15.68
CA TYR B 188 14.10 78.80 -17.04
C TYR B 188 15.17 78.22 -17.97
N THR B 189 16.02 77.35 -17.42
CA THR B 189 17.09 76.70 -18.17
C THR B 189 17.05 75.17 -17.93
N PRO B 190 15.89 74.51 -18.19
CA PRO B 190 15.67 73.05 -18.01
C PRO B 190 16.40 72.12 -18.96
N GLY B 191 17.51 71.55 -18.48
CA GLY B 191 18.31 70.64 -19.29
C GLY B 191 19.52 71.31 -19.93
N PHE B 192 19.37 72.58 -20.27
CA PHE B 192 20.44 73.34 -20.88
C PHE B 192 20.81 74.51 -19.97
N PRO B 193 22.11 74.88 -19.93
CA PRO B 193 22.58 75.98 -19.09
C PRO B 193 22.00 77.36 -19.45
N SER B 194 22.10 78.26 -18.49
CA SER B 194 21.59 79.62 -18.62
C SER B 194 22.62 80.59 -19.20
N PHE B 195 22.17 81.80 -19.51
CA PHE B 195 23.04 82.83 -20.04
C PHE B 195 22.89 84.14 -19.25
N ASN B 196 22.72 85.24 -19.99
CA ASN B 196 22.53 86.56 -19.41
C ASN B 196 21.03 86.70 -19.27
N HIS B 197 20.57 87.88 -18.85
CA HIS B 197 19.13 88.13 -18.76
C HIS B 197 18.86 88.81 -20.08
N THR B 198 19.85 89.59 -20.50
CA THR B 198 19.80 90.35 -21.74
C THR B 198 19.49 89.36 -22.85
N GLN B 199 20.04 88.15 -22.70
CA GLN B 199 19.82 87.09 -23.68
C GLN B 199 18.99 85.98 -23.04
N PHE B 200 18.01 85.47 -23.77
CA PHE B 200 17.16 84.38 -23.26
C PHE B 200 16.56 84.80 -21.91
N PRO B 201 15.58 85.71 -21.91
CA PRO B 201 14.97 86.16 -20.64
C PRO B 201 13.52 85.80 -20.35
N PRO B 202 13.06 84.59 -20.71
CA PRO B 202 11.65 84.29 -20.40
C PRO B 202 11.30 84.62 -18.95
N SER B 203 10.02 84.89 -18.69
CA SER B 203 9.54 85.24 -17.36
C SER B 203 9.47 84.08 -16.36
N ARG B 204 8.53 83.16 -16.56
CA ARG B 204 8.41 82.01 -15.66
C ARG B 204 7.32 81.00 -16.05
N SER B 205 6.69 80.42 -15.04
CA SER B 205 5.62 79.44 -15.20
C SER B 205 6.10 78.15 -15.85
N SER B 206 7.41 78.09 -16.09
CA SER B 206 8.04 76.93 -16.72
C SER B 206 8.29 75.88 -15.63
N GLY B 207 7.21 75.49 -14.96
CA GLY B 207 7.29 74.53 -13.88
C GLY B 207 7.23 75.25 -12.55
N LEU B 208 6.70 76.47 -12.58
CA LEU B 208 6.59 77.29 -11.37
C LEU B 208 5.14 77.53 -10.96
N PRO B 209 4.88 77.60 -9.65
CA PRO B 209 3.59 77.80 -8.97
C PRO B 209 2.41 78.39 -9.74
N ASN B 210 2.43 79.69 -9.96
CA ASN B 210 1.32 80.37 -10.65
C ASN B 210 0.23 80.62 -9.61
N ILE B 211 0.61 80.43 -8.35
CA ILE B 211 -0.26 80.61 -7.21
C ILE B 211 0.60 81.17 -6.08
N PRO B 212 0.21 82.32 -5.51
CA PRO B 212 1.00 82.91 -4.43
C PRO B 212 1.22 81.96 -3.26
N VAL B 213 2.46 81.88 -2.81
CA VAL B 213 2.81 81.02 -1.69
C VAL B 213 3.54 81.87 -0.67
N GLN B 214 3.07 81.88 0.57
CA GLN B 214 3.72 82.67 1.61
C GLN B 214 3.95 81.93 2.92
N THR B 215 5.16 82.05 3.45
CA THR B 215 5.52 81.41 4.71
C THR B 215 4.94 82.28 5.82
N ILE B 216 4.36 81.66 6.85
CA ILE B 216 3.76 82.39 7.95
C ILE B 216 4.28 81.95 9.32
N SER B 217 4.43 82.91 10.23
CA SER B 217 4.92 82.63 11.58
C SER B 217 3.85 81.91 12.42
N ARG B 218 4.27 80.99 13.29
CA ARG B 218 3.31 80.25 14.12
C ARG B 218 2.33 81.21 14.76
N ALA B 219 2.86 82.31 15.28
CA ALA B 219 2.04 83.33 15.92
C ALA B 219 0.90 83.72 14.97
N ALA B 220 1.27 84.06 13.73
CA ALA B 220 0.30 84.44 12.72
C ALA B 220 -0.69 83.30 12.48
N ALA B 221 -0.19 82.08 12.46
CA ALA B 221 -1.03 80.92 12.26
C ALA B 221 -2.07 80.88 13.38
N GLU B 222 -1.60 81.12 14.60
CA GLU B 222 -2.47 81.13 15.78
C GLU B 222 -3.69 82.00 15.48
N LYS B 223 -3.42 83.27 15.16
CA LYS B 223 -4.46 84.24 14.85
C LYS B 223 -5.42 83.79 13.74
N LEU B 224 -4.89 83.23 12.65
CA LEU B 224 -5.73 82.75 11.56
C LEU B 224 -6.76 81.78 12.09
N PHE B 225 -6.27 80.75 12.79
CA PHE B 225 -7.12 79.73 13.39
C PHE B 225 -8.13 80.40 14.31
N GLY B 226 -7.69 81.49 14.93
CA GLY B 226 -8.56 82.25 15.82
C GLY B 226 -9.83 82.68 15.12
N ASN B 227 -9.72 82.93 13.81
CA ASN B 227 -10.87 83.34 13.02
C ASN B 227 -11.37 82.21 12.13
N MET B 228 -11.42 81.01 12.68
CA MET B 228 -11.88 79.85 11.92
C MET B 228 -12.85 79.01 12.75
N GLU B 229 -13.95 78.59 12.12
CA GLU B 229 -14.99 77.80 12.79
C GLU B 229 -14.62 76.33 12.92
N GLY B 230 -14.24 75.69 11.80
CA GLY B 230 -13.87 74.28 11.83
C GLY B 230 -12.96 73.86 12.98
N ASP B 231 -12.85 72.56 13.19
CA ASP B 231 -12.00 72.03 14.26
C ASP B 231 -11.02 70.95 13.79
N CYS B 232 -9.74 71.19 14.08
CA CYS B 232 -8.65 70.28 13.71
C CYS B 232 -8.77 68.85 14.26
N PRO B 233 -8.70 67.85 13.37
CA PRO B 233 -8.79 66.41 13.67
C PRO B 233 -7.62 65.81 14.46
N SER B 234 -7.86 64.62 15.00
CA SER B 234 -6.84 63.90 15.78
C SER B 234 -6.05 63.02 14.81
N ASP B 235 -6.64 62.76 13.66
CA ASP B 235 -6.01 61.98 12.61
C ASP B 235 -4.64 62.67 12.42
N TRP B 236 -4.69 64.01 12.30
CA TRP B 236 -3.49 64.82 12.16
C TRP B 236 -2.67 64.63 13.44
N LYS B 237 -1.52 63.98 13.32
CA LYS B 237 -0.67 63.76 14.49
C LYS B 237 -0.11 65.11 14.91
N THR B 238 -1.02 65.98 15.36
CA THR B 238 -0.67 67.34 15.80
C THR B 238 -1.20 67.52 17.21
N ASP B 239 -1.49 68.77 17.56
CA ASP B 239 -2.04 69.10 18.88
C ASP B 239 -2.96 70.32 18.72
N SER B 240 -3.94 70.39 19.61
CA SER B 240 -4.96 71.45 19.67
C SER B 240 -4.54 72.85 19.18
N THR B 241 -5.56 73.70 18.98
CA THR B 241 -5.40 75.09 18.55
C THR B 241 -5.85 75.40 17.12
N CYS B 242 -5.54 74.52 16.17
CA CYS B 242 -5.96 74.80 14.80
C CYS B 242 -7.37 74.40 14.43
N ARG B 243 -7.89 75.07 13.41
CA ARG B 243 -9.23 74.81 12.93
C ARG B 243 -9.05 74.13 11.58
N MET B 244 -10.12 74.13 10.79
CA MET B 244 -10.10 73.53 9.45
C MET B 244 -10.50 74.58 8.41
N VAL B 245 -11.46 75.43 8.78
CA VAL B 245 -11.93 76.47 7.88
C VAL B 245 -12.19 77.76 8.66
N THR B 246 -11.95 78.89 8.01
CA THR B 246 -12.18 80.19 8.63
C THR B 246 -13.66 80.34 8.89
N SER B 247 -14.00 81.13 9.91
CA SER B 247 -15.40 81.35 10.25
C SER B 247 -16.05 82.10 9.09
N GLU B 248 -17.09 81.47 8.51
CA GLU B 248 -17.83 82.01 7.38
C GLU B 248 -17.94 83.53 7.42
N SER B 249 -18.27 84.07 8.59
CA SER B 249 -18.43 85.51 8.78
C SER B 249 -17.42 86.33 7.99
N LYS B 250 -16.22 85.80 7.79
CA LYS B 250 -15.19 86.51 7.05
C LYS B 250 -14.07 85.62 6.48
N ASN B 251 -13.31 86.17 5.53
CA ASN B 251 -12.20 85.46 4.89
C ASN B 251 -10.85 86.16 5.04
N VAL B 252 -9.84 85.63 4.33
CA VAL B 252 -8.48 86.17 4.39
C VAL B 252 -7.90 86.52 3.01
N LYS B 253 -7.02 87.52 2.99
CA LYS B 253 -6.40 87.97 1.75
C LYS B 253 -4.87 87.88 1.81
N LEU B 254 -4.30 87.17 0.82
CA LEU B 254 -2.86 86.99 0.73
C LEU B 254 -2.28 87.89 -0.36
N THR B 255 -1.24 88.64 -0.01
CA THR B 255 -0.60 89.54 -0.95
C THR B 255 0.92 89.40 -0.95
N VAL B 256 1.44 88.80 -2.02
CA VAL B 256 2.88 88.60 -2.15
C VAL B 256 3.45 89.33 -3.35
N SER B 257 4.38 90.24 -3.06
CA SER B 257 5.04 91.02 -4.09
C SER B 257 6.52 90.72 -4.07
N ASN B 258 6.93 89.75 -4.88
CA ASN B 258 8.33 89.37 -4.97
C ASN B 258 8.82 89.66 -6.39
N VAL B 259 10.12 89.87 -6.52
CA VAL B 259 10.69 90.17 -7.82
C VAL B 259 11.90 89.32 -8.15
N LEU B 260 12.06 89.03 -9.44
CA LEU B 260 13.18 88.23 -9.89
C LEU B 260 14.42 89.10 -9.82
N LYS B 261 15.58 88.48 -9.62
CA LYS B 261 16.83 89.22 -9.52
C LYS B 261 18.01 88.40 -10.03
N GLU B 262 18.50 88.72 -11.23
CA GLU B 262 19.63 87.98 -11.77
C GLU B 262 20.86 88.14 -10.89
N ILE B 263 21.41 87.02 -10.44
CA ILE B 263 22.61 87.02 -9.60
C ILE B 263 23.69 86.19 -10.26
N LYS B 264 24.90 86.23 -9.72
CA LYS B 264 25.99 85.45 -10.31
C LYS B 264 26.45 84.35 -9.34
N ILE B 265 26.02 83.13 -9.60
CA ILE B 265 26.37 81.97 -8.77
C ILE B 265 27.82 81.58 -9.02
N LEU B 266 28.50 81.14 -7.98
CA LEU B 266 29.91 80.77 -8.13
C LEU B 266 30.28 79.42 -7.53
N ASN B 267 30.33 78.38 -8.37
CA ASN B 267 30.69 77.06 -7.91
C ASN B 267 32.20 76.96 -7.85
N ILE B 268 32.73 76.36 -6.79
CA ILE B 268 34.16 76.23 -6.63
C ILE B 268 34.60 74.77 -6.59
N PHE B 269 35.46 74.39 -7.53
CA PHE B 269 35.93 73.02 -7.60
C PHE B 269 37.33 72.80 -7.04
N GLY B 270 37.93 71.66 -7.37
CA GLY B 270 39.25 71.31 -6.88
C GLY B 270 39.36 69.80 -6.85
N VAL B 271 40.24 69.24 -7.67
CA VAL B 271 40.38 67.80 -7.76
C VAL B 271 41.69 67.26 -7.21
N ILE B 272 41.80 65.93 -7.20
CA ILE B 272 43.00 65.22 -6.74
C ILE B 272 43.20 64.12 -7.77
N LYS B 273 43.90 64.45 -8.85
CA LYS B 273 44.16 63.52 -9.95
C LYS B 273 44.47 62.11 -9.47
N GLY B 274 43.89 61.12 -10.14
CA GLY B 274 44.13 59.74 -9.78
C GLY B 274 45.43 59.24 -10.38
N PHE B 275 45.75 57.95 -10.19
CA PHE B 275 46.98 57.39 -10.73
C PHE B 275 46.82 56.37 -11.86
N VAL B 276 45.62 55.84 -12.04
CA VAL B 276 45.40 54.85 -13.10
C VAL B 276 44.24 55.20 -14.03
N GLU B 277 43.17 55.74 -13.45
CA GLU B 277 42.01 56.16 -14.22
C GLU B 277 41.81 57.64 -13.89
N PRO B 278 42.87 58.46 -13.98
CA PRO B 278 42.81 59.88 -13.66
C PRO B 278 41.59 60.61 -14.18
N ASP B 279 40.93 60.06 -15.18
CA ASP B 279 39.78 60.75 -15.74
C ASP B 279 38.41 60.23 -15.32
N HIS B 280 38.37 59.46 -14.24
CA HIS B 280 37.12 58.95 -13.69
C HIS B 280 37.05 59.54 -12.29
N TYR B 281 36.10 60.45 -12.07
CA TYR B 281 35.99 61.14 -10.80
C TYR B 281 34.90 60.68 -9.83
N VAL B 282 35.00 61.16 -8.59
CA VAL B 282 34.07 60.87 -7.51
C VAL B 282 33.65 62.23 -6.98
N VAL B 283 32.62 62.83 -7.57
CA VAL B 283 32.18 64.15 -7.13
C VAL B 283 31.69 64.20 -5.69
N VAL B 284 32.35 65.01 -4.86
CA VAL B 284 31.98 65.19 -3.44
C VAL B 284 31.52 66.65 -3.29
N GLY B 285 30.20 66.85 -3.17
CA GLY B 285 29.69 68.21 -3.08
C GLY B 285 29.19 68.68 -1.73
N ALA B 286 28.85 69.97 -1.67
CA ALA B 286 28.36 70.60 -0.44
C ALA B 286 27.83 72.02 -0.65
N GLN B 287 26.52 72.20 -0.42
CA GLN B 287 25.90 73.51 -0.56
C GLN B 287 26.66 74.54 0.26
N ARG B 288 26.89 75.71 -0.33
CA ARG B 288 27.63 76.77 0.33
C ARG B 288 26.83 78.01 0.67
N ASP B 289 25.70 78.20 0.01
CA ASP B 289 24.90 79.38 0.30
C ASP B 289 23.82 79.03 1.30
N ALA B 290 23.12 80.05 1.76
CA ALA B 290 22.04 79.87 2.75
C ALA B 290 21.32 81.19 3.00
N TRP B 291 20.06 81.11 3.43
CA TRP B 291 19.29 82.31 3.70
C TRP B 291 19.77 82.92 4.99
N GLY B 292 19.60 82.21 6.09
CA GLY B 292 20.05 82.70 7.38
C GLY B 292 21.53 82.42 7.46
N PRO B 293 22.08 82.22 8.66
CA PRO B 293 23.51 81.94 8.79
C PRO B 293 23.74 80.48 8.40
N GLY B 294 22.62 79.75 8.28
CA GLY B 294 22.63 78.34 7.93
C GLY B 294 23.83 77.54 8.40
N ALA B 295 24.08 77.52 9.70
CA ALA B 295 25.20 76.75 10.21
C ALA B 295 24.98 75.29 9.91
N ALA B 296 23.72 74.87 9.94
CA ALA B 296 23.35 73.49 9.66
C ALA B 296 23.13 73.32 8.17
N LYS B 297 22.18 74.10 7.64
CA LYS B 297 21.86 74.05 6.22
C LYS B 297 23.09 74.14 5.34
N SER B 298 24.08 74.92 5.74
CA SER B 298 25.28 75.08 4.91
C SER B 298 26.64 75.01 5.63
N GLY B 299 26.65 75.28 6.93
CA GLY B 299 27.89 75.26 7.68
C GLY B 299 28.57 73.90 7.70
N VAL B 300 28.00 72.98 8.47
CA VAL B 300 28.52 71.61 8.62
C VAL B 300 28.98 71.04 7.28
N GLY B 301 28.15 71.20 6.26
CA GLY B 301 28.53 70.70 4.94
C GLY B 301 29.88 71.25 4.49
N THR B 302 29.91 72.54 4.15
CA THR B 302 31.14 73.17 3.69
C THR B 302 32.29 72.92 4.65
N ALA B 303 31.94 72.80 5.92
CA ALA B 303 32.93 72.54 6.95
C ALA B 303 33.59 71.21 6.61
N LEU B 304 32.76 70.21 6.38
CA LEU B 304 33.24 68.86 6.07
C LEU B 304 33.97 68.88 4.73
N LEU B 305 33.36 69.48 3.72
CA LEU B 305 33.94 69.54 2.38
C LEU B 305 35.40 69.96 2.45
N LEU B 306 35.65 71.07 3.16
CA LEU B 306 37.00 71.58 3.32
C LEU B 306 37.90 70.60 4.08
N LYS B 307 37.52 70.31 5.32
CA LYS B 307 38.29 69.39 6.15
C LYS B 307 38.53 68.07 5.47
N LEU B 308 37.52 67.63 4.71
CA LEU B 308 37.59 66.36 4.00
C LEU B 308 38.53 66.44 2.80
N ALA B 309 38.63 67.61 2.19
CA ALA B 309 39.52 67.79 1.04
C ALA B 309 40.93 67.96 1.58
N GLN B 310 41.02 68.57 2.76
CA GLN B 310 42.30 68.80 3.39
C GLN B 310 42.99 67.47 3.70
N MET B 311 42.21 66.48 4.10
CA MET B 311 42.77 65.18 4.44
C MET B 311 43.29 64.37 3.28
N PHE B 312 42.45 64.10 2.29
CA PHE B 312 42.87 63.30 1.16
C PHE B 312 44.10 63.84 0.45
N SER B 313 44.14 65.14 0.24
CA SER B 313 45.30 65.74 -0.40
C SER B 313 46.52 65.39 0.44
N ASP B 314 46.40 65.61 1.74
CA ASP B 314 47.48 65.33 2.67
C ASP B 314 47.89 63.87 2.53
N MET B 315 46.90 62.97 2.65
CA MET B 315 47.16 61.54 2.55
C MET B 315 47.90 61.17 1.28
N VAL B 316 47.57 61.84 0.18
CA VAL B 316 48.21 61.56 -1.10
C VAL B 316 49.68 61.99 -1.12
N LEU B 317 49.98 63.17 -0.57
CA LEU B 317 51.34 63.68 -0.55
C LEU B 317 52.22 63.08 0.54
N LYS B 318 51.75 63.14 1.78
CA LYS B 318 52.51 62.62 2.91
C LYS B 318 52.38 61.12 3.24
N ASP B 319 51.16 60.61 3.27
CA ASP B 319 50.91 59.21 3.64
C ASP B 319 51.03 58.14 2.56
N GLY B 320 51.23 58.54 1.31
CA GLY B 320 51.39 57.55 0.25
C GLY B 320 50.13 56.96 -0.35
N PHE B 321 48.99 57.57 -0.07
CA PHE B 321 47.71 57.11 -0.60
C PHE B 321 47.65 57.38 -2.09
N GLN B 322 47.46 56.33 -2.90
CA GLN B 322 47.43 56.47 -4.36
C GLN B 322 46.09 56.16 -5.02
N PRO B 323 45.07 57.02 -4.80
CA PRO B 323 43.73 56.84 -5.37
C PRO B 323 43.80 56.48 -6.84
N SER B 324 43.27 55.32 -7.21
CA SER B 324 43.32 54.90 -8.60
C SER B 324 42.47 55.80 -9.50
N ARG B 325 41.51 56.48 -8.89
CA ARG B 325 40.64 57.40 -9.63
C ARG B 325 40.59 58.73 -8.91
N SER B 326 40.58 59.80 -9.67
CA SER B 326 40.58 61.14 -9.10
C SER B 326 39.33 61.48 -8.31
N ILE B 327 39.52 62.35 -7.32
CA ILE B 327 38.46 62.85 -6.46
C ILE B 327 38.24 64.32 -6.81
N ILE B 328 37.00 64.78 -6.82
CA ILE B 328 36.74 66.18 -7.15
C ILE B 328 35.72 66.82 -6.20
N PHE B 329 36.20 67.65 -5.28
CA PHE B 329 35.34 68.30 -4.31
C PHE B 329 34.68 69.51 -4.94
N ALA B 330 33.43 69.80 -4.58
CA ALA B 330 32.73 70.93 -5.16
C ALA B 330 31.75 71.59 -4.20
N SER B 331 31.92 72.90 -4.01
CA SER B 331 31.06 73.68 -3.13
C SER B 331 30.07 74.48 -3.99
N TRP B 332 28.86 73.97 -4.13
CA TRP B 332 27.85 74.63 -4.95
C TRP B 332 27.30 75.88 -4.29
N SER B 333 26.53 76.65 -5.04
CA SER B 333 25.93 77.88 -4.54
C SER B 333 24.51 77.99 -5.08
N ALA B 334 23.75 78.94 -4.55
CA ALA B 334 22.37 79.12 -5.00
C ALA B 334 21.60 77.83 -4.78
N GLY B 335 22.02 77.08 -3.78
CA GLY B 335 21.38 75.82 -3.48
C GLY B 335 20.01 75.95 -2.85
N ASP B 336 19.76 77.03 -2.13
CA ASP B 336 18.46 77.21 -1.49
C ASP B 336 17.35 77.36 -2.51
N PHE B 337 17.71 77.47 -3.78
CA PHE B 337 16.71 77.62 -4.81
C PHE B 337 16.57 76.39 -5.70
N GLY B 338 16.95 75.24 -5.16
CA GLY B 338 16.84 74.00 -5.91
C GLY B 338 18.15 73.46 -6.45
N SER B 339 19.24 73.68 -5.72
CA SER B 339 20.56 73.21 -6.15
C SER B 339 20.95 73.91 -7.45
N VAL B 340 20.32 75.06 -7.69
CA VAL B 340 20.57 75.84 -8.90
C VAL B 340 22.02 75.82 -9.32
N GLY B 341 22.91 75.84 -8.33
CA GLY B 341 24.33 75.82 -8.61
C GLY B 341 24.78 74.48 -9.17
N ALA B 342 24.59 73.43 -8.40
CA ALA B 342 25.00 72.10 -8.82
C ALA B 342 24.21 71.64 -10.04
N THR B 343 22.92 71.94 -10.09
CA THR B 343 22.13 71.51 -11.22
C THR B 343 22.60 72.10 -12.54
N GLU B 344 22.74 73.42 -12.61
CA GLU B 344 23.17 74.04 -13.87
C GLU B 344 24.57 73.58 -14.28
N TRP B 345 25.30 73.00 -13.35
CA TRP B 345 26.62 72.47 -13.68
C TRP B 345 26.34 71.21 -14.49
N LEU B 346 25.53 70.33 -13.90
CA LEU B 346 25.16 69.09 -14.54
C LEU B 346 24.54 69.43 -15.89
N GLU B 347 23.60 70.37 -15.89
CA GLU B 347 22.95 70.81 -17.13
C GLU B 347 24.04 70.95 -18.22
N GLY B 348 25.25 71.27 -17.78
CA GLY B 348 26.37 71.46 -18.69
C GLY B 348 26.95 70.25 -19.37
N TYR B 349 26.87 69.08 -18.76
CA TYR B 349 27.39 67.86 -19.38
C TYR B 349 26.21 66.90 -19.58
N LEU B 350 25.17 67.41 -20.22
CA LEU B 350 23.93 66.67 -20.46
C LEU B 350 24.08 65.26 -20.98
N SER B 351 25.20 64.95 -21.62
CA SER B 351 25.33 63.60 -22.13
C SER B 351 26.73 63.03 -22.03
N SER B 352 27.50 63.51 -21.07
CA SER B 352 28.86 63.01 -20.92
C SER B 352 29.33 62.89 -19.48
N LEU B 353 28.66 63.56 -18.56
CA LEU B 353 29.06 63.50 -17.16
C LEU B 353 29.26 62.08 -16.66
N HIS B 354 28.34 61.19 -17.03
CA HIS B 354 28.44 59.81 -16.58
C HIS B 354 29.70 59.15 -17.11
N LEU B 355 30.25 59.69 -18.19
CA LEU B 355 31.47 59.16 -18.75
C LEU B 355 32.64 59.63 -17.89
N LYS B 356 32.36 60.60 -17.03
CA LYS B 356 33.38 61.20 -16.18
C LYS B 356 33.21 60.93 -14.70
N ALA B 357 32.08 61.34 -14.13
CA ALA B 357 31.81 61.14 -12.72
C ALA B 357 31.09 59.81 -12.53
N PHE B 358 31.62 58.94 -11.68
CA PHE B 358 30.99 57.64 -11.47
C PHE B 358 30.20 57.50 -10.18
N THR B 359 30.23 58.53 -9.34
CA THR B 359 29.49 58.55 -8.08
C THR B 359 29.51 59.93 -7.45
N TYR B 360 28.38 60.32 -6.88
CA TYR B 360 28.29 61.61 -6.24
C TYR B 360 27.90 61.48 -4.79
N ILE B 361 28.77 61.94 -3.91
CA ILE B 361 28.51 61.92 -2.46
C ILE B 361 28.01 63.32 -2.14
N ASN B 362 27.31 63.48 -1.03
CA ASN B 362 26.78 64.79 -0.70
C ASN B 362 26.83 65.03 0.80
N LEU B 363 27.49 66.10 1.20
CA LEU B 363 27.65 66.37 2.62
C LEU B 363 26.62 67.30 3.25
N ASP B 364 25.70 67.83 2.44
CA ASP B 364 24.66 68.73 2.96
C ASP B 364 23.94 68.14 4.16
N LYS B 365 23.57 69.00 5.10
CA LYS B 365 22.87 68.59 6.31
C LYS B 365 23.36 67.25 6.87
N ALA B 366 24.68 67.08 6.94
CA ALA B 366 25.24 65.82 7.44
C ALA B 366 25.02 65.61 8.93
N VAL B 367 25.09 66.68 9.70
CA VAL B 367 24.91 66.57 11.13
C VAL B 367 23.72 67.38 11.61
N LEU B 368 22.70 66.68 12.09
CA LEU B 368 21.50 67.35 12.58
C LEU B 368 21.04 66.79 13.91
N GLY B 369 21.70 65.74 14.38
CA GLY B 369 21.34 65.13 15.65
C GLY B 369 22.30 64.04 16.06
N THR B 370 21.86 63.10 16.88
CA THR B 370 22.72 62.02 17.32
C THR B 370 21.95 60.76 17.66
N SER B 371 20.73 60.65 17.15
CA SER B 371 19.90 59.48 17.41
C SER B 371 19.94 58.49 16.25
N ASN B 372 19.38 58.89 15.12
CA ASN B 372 19.34 58.02 13.95
C ASN B 372 20.47 58.27 12.96
N PHE B 373 20.44 57.51 11.86
CA PHE B 373 21.44 57.64 10.82
C PHE B 373 20.78 57.31 9.50
N LYS B 374 19.91 58.20 9.04
CA LYS B 374 19.21 58.02 7.76
C LYS B 374 20.26 57.97 6.64
N VAL B 375 19.96 57.25 5.56
CA VAL B 375 20.85 57.14 4.42
C VAL B 375 20.04 56.94 3.16
N SER B 376 20.26 57.80 2.17
CA SER B 376 19.53 57.71 0.91
C SER B 376 20.55 57.60 -0.22
N ALA B 377 20.32 56.67 -1.14
CA ALA B 377 21.25 56.49 -2.25
C ALA B 377 20.69 55.60 -3.33
N SER B 378 21.47 55.43 -4.39
CA SER B 378 21.09 54.56 -5.50
C SER B 378 21.49 53.15 -5.13
N PRO B 379 20.62 52.19 -5.41
CA PRO B 379 20.98 50.82 -5.07
C PRO B 379 22.43 50.45 -5.44
N LEU B 380 23.02 51.18 -6.38
CA LEU B 380 24.36 50.84 -6.77
C LEU B 380 25.36 51.04 -5.65
N LEU B 381 25.00 51.85 -4.67
CA LEU B 381 25.92 52.10 -3.55
C LEU B 381 25.46 51.44 -2.29
N TYR B 382 24.50 50.53 -2.43
CA TYR B 382 23.93 49.85 -1.28
C TYR B 382 24.93 49.11 -0.42
N THR B 383 25.74 48.25 -1.02
CA THR B 383 26.72 47.48 -0.28
C THR B 383 27.81 48.33 0.34
N LEU B 384 28.08 49.49 -0.25
CA LEU B 384 29.11 50.37 0.29
C LEU B 384 28.57 51.01 1.57
N ILE B 385 27.35 51.50 1.49
CA ILE B 385 26.71 52.11 2.63
C ILE B 385 26.73 51.09 3.75
N GLU B 386 26.30 49.86 3.43
CA GLU B 386 26.28 48.78 4.40
C GLU B 386 27.64 48.50 5.02
N LYS B 387 28.54 47.91 4.25
CA LYS B 387 29.86 47.60 4.76
C LYS B 387 30.54 48.76 5.47
N THR B 388 30.19 50.00 5.14
CA THR B 388 30.80 51.15 5.80
C THR B 388 30.16 51.39 7.17
N MET B 389 28.83 51.24 7.24
CA MET B 389 28.13 51.43 8.51
C MET B 389 28.58 50.32 9.46
N GLN B 390 29.36 49.40 8.93
CA GLN B 390 29.88 48.30 9.71
C GLN B 390 31.31 48.62 10.14
N ASN B 391 31.82 49.76 9.68
CA ASN B 391 33.18 50.18 10.01
C ASN B 391 33.20 51.47 10.82
N VAL B 392 32.14 52.26 10.73
CA VAL B 392 32.06 53.51 11.45
C VAL B 392 31.22 53.40 12.73
N LYS B 393 31.80 53.84 13.83
CA LYS B 393 31.13 53.79 15.12
C LYS B 393 30.44 55.11 15.42
N HIS B 394 29.20 55.02 15.90
CA HIS B 394 28.40 56.19 16.27
C HIS B 394 29.23 57.11 17.15
N PRO B 395 29.11 58.43 16.95
CA PRO B 395 29.88 59.36 17.78
C PRO B 395 29.54 59.33 19.27
N VAL B 396 28.25 59.20 19.57
CA VAL B 396 27.77 59.14 20.95
C VAL B 396 27.88 57.72 21.53
N THR B 397 27.17 56.78 20.93
CA THR B 397 27.18 55.38 21.34
C THR B 397 28.51 54.78 20.90
N GLY B 398 29.14 53.97 21.76
CA GLY B 398 30.40 53.37 21.36
C GLY B 398 30.25 52.29 20.30
N GLN B 399 29.00 51.95 19.99
CA GLN B 399 28.69 50.90 19.01
C GLN B 399 28.70 51.35 17.56
N PHE B 400 28.80 50.38 16.65
CA PHE B 400 28.83 50.62 15.20
C PHE B 400 27.48 51.06 14.64
N LEU B 401 27.52 51.81 13.54
CA LEU B 401 26.31 52.33 12.93
C LEU B 401 25.33 51.27 12.47
N TYR B 402 25.87 50.17 11.95
CA TYR B 402 25.06 49.07 11.42
C TYR B 402 24.28 48.23 12.44
N GLN B 403 22.98 48.13 12.26
CA GLN B 403 22.13 47.34 13.15
C GLN B 403 22.31 45.86 12.86
N ASP B 404 23.19 45.22 13.62
CA ASP B 404 23.52 43.81 13.46
C ASP B 404 22.36 42.83 13.45
N SER B 405 21.18 43.29 13.85
CA SER B 405 20.03 42.40 13.88
C SER B 405 19.34 42.18 12.54
N ASN B 406 19.79 42.85 11.48
CA ASN B 406 19.17 42.69 10.18
C ASN B 406 20.14 42.21 9.11
N TRP B 407 19.61 41.81 7.96
CA TRP B 407 20.45 41.38 6.85
C TRP B 407 20.08 42.29 5.71
N ALA B 408 18.99 43.04 5.92
CA ALA B 408 18.48 43.98 4.93
C ALA B 408 18.31 45.32 5.61
N SER B 409 19.22 46.23 5.34
CA SER B 409 19.21 47.56 5.92
C SER B 409 18.23 48.48 5.19
N LYS B 410 17.90 49.62 5.79
CA LYS B 410 16.98 50.56 5.19
C LYS B 410 17.68 51.67 4.44
N VAL B 411 17.32 51.83 3.17
CA VAL B 411 17.89 52.90 2.37
C VAL B 411 16.72 53.70 1.79
N GLU B 412 16.80 55.01 1.94
CA GLU B 412 15.76 55.92 1.52
C GLU B 412 15.96 56.43 0.10
N LYS B 413 14.87 56.84 -0.54
CA LYS B 413 14.92 57.38 -1.90
C LYS B 413 15.33 58.85 -1.87
N LEU B 414 16.04 59.31 -2.90
CA LEU B 414 16.46 60.71 -2.93
C LEU B 414 15.28 61.60 -3.27
N THR B 415 15.16 62.72 -2.56
CA THR B 415 14.07 63.66 -2.77
C THR B 415 14.42 64.87 -3.63
N LEU B 416 13.39 65.41 -4.27
CA LEU B 416 13.51 66.57 -5.14
C LEU B 416 14.34 67.67 -4.50
N ASP B 417 14.47 67.66 -3.18
CA ASP B 417 15.21 68.71 -2.50
C ASP B 417 16.60 68.32 -2.04
N ASN B 418 17.29 67.48 -2.81
CA ASN B 418 18.64 67.07 -2.44
C ASN B 418 19.56 67.11 -3.63
N ALA B 419 20.56 67.98 -3.58
CA ALA B 419 21.53 68.14 -4.65
C ALA B 419 21.93 66.80 -5.27
N ALA B 420 21.86 65.73 -4.47
CA ALA B 420 22.19 64.41 -4.95
C ALA B 420 21.14 63.91 -5.94
N PHE B 421 19.89 64.30 -5.70
CA PHE B 421 18.79 63.88 -6.56
C PHE B 421 19.05 64.17 -8.04
N PRO B 422 19.42 65.42 -8.36
CA PRO B 422 19.69 65.75 -9.77
C PRO B 422 20.79 64.86 -10.35
N PHE B 423 21.90 64.70 -9.61
CA PHE B 423 22.99 63.88 -10.09
C PHE B 423 22.52 62.49 -10.55
N LEU B 424 21.59 61.93 -9.80
CA LEU B 424 21.05 60.61 -10.09
C LEU B 424 19.85 60.57 -11.02
N ALA B 425 18.88 61.44 -10.77
CA ALA B 425 17.67 61.45 -11.59
C ALA B 425 17.79 62.20 -12.93
N TYR B 426 18.82 63.03 -13.07
CA TYR B 426 19.01 63.82 -14.30
C TYR B 426 20.30 63.50 -15.06
N SER B 427 21.39 63.35 -14.33
CA SER B 427 22.67 63.07 -14.97
C SER B 427 23.03 61.59 -14.97
N GLY B 428 22.22 60.80 -14.29
CA GLY B 428 22.47 59.36 -14.27
C GLY B 428 23.73 58.94 -13.54
N ILE B 429 24.06 59.68 -12.49
CA ILE B 429 25.22 59.37 -11.68
C ILE B 429 24.73 58.77 -10.36
N PRO B 430 25.27 57.62 -9.97
CA PRO B 430 24.79 57.06 -8.71
C PRO B 430 25.20 57.99 -7.58
N ALA B 431 24.31 58.22 -6.62
CA ALA B 431 24.64 59.12 -5.52
C ALA B 431 24.12 58.73 -4.12
N VAL B 432 24.98 58.93 -3.14
CA VAL B 432 24.65 58.61 -1.76
C VAL B 432 24.40 59.92 -1.04
N SER B 433 23.80 59.85 0.15
CA SER B 433 23.52 61.04 0.92
C SER B 433 23.14 60.70 2.35
N PHE B 434 24.12 60.64 3.26
CA PHE B 434 23.82 60.30 4.64
C PHE B 434 23.45 61.48 5.52
N CYS B 435 22.91 61.16 6.70
CA CYS B 435 22.45 62.16 7.65
C CYS B 435 22.37 61.63 9.07
N PHE B 436 23.05 62.29 10.02
CA PHE B 436 22.96 61.85 11.41
C PHE B 436 21.67 62.48 11.94
N CYS B 437 20.61 62.26 11.17
CA CYS B 437 19.25 62.75 11.41
C CYS B 437 18.63 62.44 12.77
N GLU B 438 17.44 62.99 13.00
CA GLU B 438 16.67 62.80 14.24
C GLU B 438 15.24 62.50 13.83
N ASP B 439 14.46 61.90 14.74
CA ASP B 439 13.07 61.59 14.42
C ASP B 439 12.34 62.85 13.96
N THR B 440 12.73 63.98 14.52
CA THR B 440 12.14 65.28 14.18
C THR B 440 13.17 66.11 13.44
N ASP B 441 12.77 66.71 12.33
CA ASP B 441 13.69 67.54 11.55
C ASP B 441 14.09 68.80 12.32
N TYR B 442 15.33 69.21 12.13
CA TYR B 442 15.88 70.41 12.77
C TYR B 442 14.88 71.53 12.53
N PRO B 443 14.52 72.27 13.59
CA PRO B 443 13.55 73.37 13.45
C PRO B 443 14.10 74.64 12.81
N TYR B 444 15.17 75.16 13.39
CA TYR B 444 15.82 76.39 12.94
C TYR B 444 16.29 76.34 11.49
N LEU B 445 16.20 75.16 10.88
CA LEU B 445 16.65 74.94 9.51
C LEU B 445 16.51 76.09 8.53
N GLY B 446 15.29 76.35 8.06
CA GLY B 446 15.08 77.43 7.11
C GLY B 446 14.88 78.82 7.69
N THR B 447 15.39 79.05 8.90
CA THR B 447 15.23 80.36 9.51
C THR B 447 16.51 80.97 10.04
N THR B 448 16.43 82.25 10.38
CA THR B 448 17.56 83.02 10.89
C THR B 448 18.14 82.46 12.18
N MET B 449 17.59 81.35 12.64
CA MET B 449 18.05 80.75 13.89
C MET B 449 19.08 79.63 13.70
N ASP B 450 19.42 79.34 12.45
CA ASP B 450 20.39 78.29 12.13
C ASP B 450 21.80 78.73 12.53
N THR B 451 21.95 79.23 13.75
CA THR B 451 23.25 79.69 14.22
C THR B 451 24.13 78.58 14.78
N TYR B 452 25.45 78.81 14.74
CA TYR B 452 26.39 77.84 15.24
C TYR B 452 26.16 77.63 16.73
N LYS B 453 25.57 78.64 17.37
CA LYS B 453 25.28 78.56 18.79
C LYS B 453 24.11 77.65 19.06
N GLU B 454 22.90 78.08 18.69
CA GLU B 454 21.72 77.27 18.93
C GLU B 454 21.90 75.83 18.44
N LEU B 455 22.88 75.62 17.55
CA LEU B 455 23.16 74.27 17.04
C LEU B 455 23.88 73.51 18.13
N ILE B 456 25.11 73.93 18.41
CA ILE B 456 25.92 73.29 19.44
C ILE B 456 25.23 73.28 20.82
N GLU B 457 24.21 74.14 21.00
CA GLU B 457 23.46 74.19 22.28
C GLU B 457 22.52 73.00 22.24
N ARG B 458 22.23 72.53 21.02
CA ARG B 458 21.33 71.41 20.79
C ARG B 458 22.03 70.12 20.37
N ILE B 459 23.36 70.14 20.34
CA ILE B 459 24.11 68.95 19.93
C ILE B 459 25.56 69.01 20.44
N PRO B 460 25.72 69.20 21.76
CA PRO B 460 26.95 69.30 22.55
C PRO B 460 28.26 68.78 21.97
N GLU B 461 28.25 67.54 21.48
CA GLU B 461 29.46 66.95 20.91
C GLU B 461 29.50 67.06 19.39
N LEU B 462 28.95 68.14 18.85
CA LEU B 462 28.90 68.38 17.41
C LEU B 462 30.18 67.99 16.72
N ASN B 463 31.31 68.14 17.40
CA ASN B 463 32.59 67.79 16.80
C ASN B 463 32.65 66.31 16.49
N LYS B 464 32.49 65.48 17.51
CA LYS B 464 32.52 64.03 17.31
C LYS B 464 31.55 63.59 16.23
N VAL B 465 30.33 64.13 16.28
CA VAL B 465 29.32 63.77 15.29
C VAL B 465 29.82 64.10 13.90
N ALA B 466 30.16 65.37 13.68
CA ALA B 466 30.64 65.79 12.36
C ALA B 466 31.79 64.89 11.94
N ARG B 467 32.62 64.50 12.90
CA ARG B 467 33.75 63.63 12.60
C ARG B 467 33.26 62.33 11.98
N ALA B 468 32.30 61.69 12.63
CA ALA B 468 31.73 60.45 12.10
C ALA B 468 31.29 60.67 10.68
N ALA B 469 30.41 61.66 10.47
CA ALA B 469 29.91 61.99 9.13
C ALA B 469 31.08 62.14 8.17
N ALA B 470 32.14 62.79 8.62
CA ALA B 470 33.31 62.97 7.79
C ALA B 470 34.02 61.65 7.57
N GLU B 471 33.77 60.69 8.44
CA GLU B 471 34.41 59.39 8.30
C GLU B 471 33.67 58.52 7.28
N VAL B 472 32.36 58.41 7.41
CA VAL B 472 31.62 57.61 6.45
C VAL B 472 31.84 58.21 5.07
N ALA B 473 31.87 59.53 4.99
CA ALA B 473 32.10 60.21 3.71
C ALA B 473 33.49 59.86 3.21
N GLY B 474 34.46 59.83 4.13
CA GLY B 474 35.83 59.50 3.79
C GLY B 474 35.96 58.10 3.23
N GLN B 475 35.49 57.11 3.99
CA GLN B 475 35.58 55.74 3.52
C GLN B 475 34.94 55.55 2.16
N PHE B 476 33.78 56.15 1.94
CA PHE B 476 33.12 56.04 0.64
C PHE B 476 34.17 56.39 -0.42
N VAL B 477 34.83 57.54 -0.23
CA VAL B 477 35.85 57.99 -1.17
C VAL B 477 37.02 57.00 -1.27
N ILE B 478 37.59 56.63 -0.13
CA ILE B 478 38.70 55.69 -0.17
C ILE B 478 38.26 54.45 -0.93
N LYS B 479 37.13 53.89 -0.52
CA LYS B 479 36.57 52.69 -1.13
C LYS B 479 36.33 52.82 -2.62
N LEU B 480 35.70 53.92 -3.05
CA LEU B 480 35.42 54.11 -4.46
C LEU B 480 36.68 54.38 -5.28
N THR B 481 37.83 54.39 -4.62
CA THR B 481 39.10 54.65 -5.30
C THR B 481 40.22 53.63 -5.03
N HIS B 482 40.42 53.28 -3.76
CA HIS B 482 41.44 52.35 -3.32
C HIS B 482 41.77 51.24 -4.31
N ASP B 483 40.75 50.46 -4.69
CA ASP B 483 40.93 49.32 -5.61
C ASP B 483 40.77 49.62 -7.09
N VAL B 484 41.30 48.72 -7.91
CA VAL B 484 41.24 48.86 -9.35
C VAL B 484 39.88 48.53 -9.94
N GLU B 485 39.11 47.69 -9.26
CA GLU B 485 37.78 47.32 -9.75
C GLU B 485 36.79 48.37 -9.27
N LEU B 486 35.98 48.90 -10.17
CA LEU B 486 35.00 49.92 -9.82
C LEU B 486 33.91 49.18 -9.08
N ASN B 487 33.82 49.39 -7.77
CA ASN B 487 32.84 48.69 -6.94
C ASN B 487 31.43 49.27 -6.84
N LEU B 488 30.59 49.01 -7.83
CA LEU B 488 29.20 49.47 -7.77
C LEU B 488 28.31 48.25 -7.90
N ASP B 489 27.25 48.21 -7.12
CA ASP B 489 26.33 47.08 -7.11
C ASP B 489 25.38 47.04 -8.31
N TYR B 490 25.89 46.78 -9.51
CA TYR B 490 25.01 46.74 -10.67
C TYR B 490 24.04 45.56 -10.63
N GLU B 491 24.20 44.69 -9.64
CA GLU B 491 23.33 43.53 -9.48
C GLU B 491 22.04 43.98 -8.86
N GLU B 492 22.15 44.81 -7.82
CA GLU B 492 20.98 45.29 -7.10
C GLU B 492 19.87 45.76 -8.04
N TYR B 493 20.21 46.05 -9.30
CA TYR B 493 19.19 46.48 -10.25
C TYR B 493 18.37 45.33 -10.78
N ASN B 494 18.90 44.12 -10.68
CA ASN B 494 18.19 42.93 -11.14
C ASN B 494 17.00 42.83 -10.21
N SER B 495 17.29 42.96 -8.93
CA SER B 495 16.26 42.88 -7.91
C SER B 495 15.29 44.02 -8.18
N GLN B 496 15.84 45.24 -8.24
CA GLN B 496 15.01 46.42 -8.48
C GLN B 496 14.10 46.24 -9.68
N LEU B 497 14.58 45.48 -10.66
CA LEU B 497 13.82 45.26 -11.88
C LEU B 497 12.80 44.15 -11.67
N LEU B 498 13.19 43.11 -10.94
CA LEU B 498 12.28 42.01 -10.68
C LEU B 498 11.11 42.49 -9.85
N SER B 499 11.41 43.31 -8.83
CA SER B 499 10.37 43.84 -7.98
C SER B 499 9.30 44.48 -8.86
N PHE B 500 9.72 45.21 -9.89
CA PHE B 500 8.79 45.87 -10.82
C PHE B 500 7.92 44.82 -11.48
N VAL B 501 8.57 43.90 -12.18
CA VAL B 501 7.87 42.83 -12.86
C VAL B 501 6.85 42.20 -11.92
N ARG B 502 7.23 42.00 -10.67
CA ARG B 502 6.33 41.41 -9.69
C ARG B 502 5.10 42.29 -9.52
N ASP B 503 5.29 43.48 -8.96
CA ASP B 503 4.21 44.41 -8.74
C ASP B 503 3.33 44.54 -10.00
N LEU B 504 3.95 44.45 -11.16
CA LEU B 504 3.20 44.56 -12.39
C LEU B 504 2.32 43.34 -12.61
N ASN B 505 2.76 42.16 -12.18
CA ASN B 505 1.99 40.95 -12.37
C ASN B 505 0.72 40.91 -11.55
N GLN B 506 0.59 41.85 -10.62
CA GLN B 506 -0.62 41.90 -9.81
C GLN B 506 -1.77 42.45 -10.63
N TYR B 507 -1.48 42.87 -11.86
CA TYR B 507 -2.48 43.42 -12.75
C TYR B 507 -2.56 42.60 -14.03
N ARG B 508 -2.02 41.40 -13.97
CA ARG B 508 -2.00 40.49 -15.13
C ARG B 508 -3.41 40.37 -15.68
N ALA B 509 -4.40 40.59 -14.81
CA ALA B 509 -5.79 40.52 -15.20
C ALA B 509 -6.07 41.68 -16.15
N ASP B 510 -5.79 42.90 -15.70
CA ASP B 510 -6.00 44.07 -16.54
C ASP B 510 -5.18 43.92 -17.80
N ILE B 511 -3.93 43.51 -17.62
CA ILE B 511 -3.03 43.33 -18.75
C ILE B 511 -3.65 42.40 -19.78
N LYS B 512 -4.51 41.49 -19.30
CA LYS B 512 -5.16 40.53 -20.18
C LYS B 512 -6.38 41.09 -20.89
N GLU B 513 -7.21 41.87 -20.19
CA GLU B 513 -8.38 42.46 -20.83
C GLU B 513 -7.89 43.23 -22.04
N MET B 514 -6.73 43.87 -21.90
CA MET B 514 -6.10 44.60 -23.00
C MET B 514 -5.28 43.52 -23.72
N GLY B 515 -5.16 43.62 -25.04
CA GLY B 515 -4.43 42.62 -25.78
C GLY B 515 -2.97 42.41 -25.39
N LEU B 516 -2.46 43.27 -24.51
CA LEU B 516 -1.07 43.22 -24.07
C LEU B 516 -0.51 41.84 -23.71
N SER B 517 0.67 41.55 -24.22
CA SER B 517 1.31 40.26 -23.97
C SER B 517 2.27 40.36 -22.81
N LEU B 518 2.77 41.56 -22.56
CA LEU B 518 3.69 41.78 -21.44
C LEU B 518 4.86 40.78 -21.47
N GLN B 519 5.07 40.12 -22.61
CA GLN B 519 6.13 39.12 -22.76
C GLN B 519 7.47 39.78 -23.06
N TRP B 520 7.44 40.86 -23.82
CA TRP B 520 8.65 41.56 -24.18
C TRP B 520 9.38 42.13 -22.97
N LEU B 521 8.62 42.44 -21.93
CA LEU B 521 9.20 43.00 -20.72
C LEU B 521 10.07 41.98 -20.00
N TYR B 522 9.55 40.76 -19.86
CA TYR B 522 10.30 39.69 -19.20
C TYR B 522 11.59 39.46 -19.98
N SER B 523 11.47 39.47 -21.30
CA SER B 523 12.63 39.26 -22.14
C SER B 523 13.70 40.31 -21.82
N ALA B 524 13.29 41.56 -21.76
CA ALA B 524 14.21 42.64 -21.44
C ALA B 524 14.82 42.35 -20.08
N ARG B 525 13.98 42.25 -19.07
CA ARG B 525 14.43 41.97 -17.71
C ARG B 525 15.44 40.83 -17.69
N GLY B 526 15.23 39.86 -18.55
CA GLY B 526 16.12 38.72 -18.62
C GLY B 526 17.34 39.05 -19.44
N ASP B 527 17.11 39.65 -20.61
CA ASP B 527 18.19 40.04 -21.51
C ASP B 527 19.17 40.92 -20.71
N PHE B 528 18.67 41.56 -19.66
CA PHE B 528 19.51 42.42 -18.84
C PHE B 528 20.22 41.60 -17.78
N PHE B 529 19.49 40.65 -17.18
CA PHE B 529 20.05 39.80 -16.15
C PHE B 529 21.32 39.16 -16.69
N ARG B 530 21.24 38.54 -17.87
CA ARG B 530 22.41 37.91 -18.47
C ARG B 530 23.53 38.91 -18.56
N ALA B 531 23.21 40.07 -19.11
CA ALA B 531 24.20 41.12 -19.27
C ALA B 531 25.02 41.29 -18.00
N THR B 532 24.34 41.36 -16.87
CA THR B 532 25.01 41.55 -15.59
C THR B 532 25.81 40.30 -15.21
N SER B 533 25.25 39.14 -15.53
CA SER B 533 25.90 37.87 -15.23
C SER B 533 27.21 37.72 -15.97
N ARG B 534 27.28 38.30 -17.17
CA ARG B 534 28.52 38.20 -17.93
C ARG B 534 29.49 39.15 -17.28
N LEU B 535 29.07 40.40 -17.13
CA LEU B 535 29.91 41.40 -16.51
C LEU B 535 30.43 40.84 -15.20
N THR B 536 29.52 40.31 -14.39
CA THR B 536 29.90 39.77 -13.09
C THR B 536 30.88 38.61 -13.23
N THR B 537 30.90 38.00 -14.41
CA THR B 537 31.81 36.90 -14.69
C THR B 537 33.11 37.46 -15.24
N ASP B 538 33.04 38.11 -16.40
CA ASP B 538 34.21 38.70 -17.04
C ASP B 538 35.19 39.31 -16.02
N PHE B 539 34.63 39.95 -14.98
CA PHE B 539 35.43 40.56 -13.94
C PHE B 539 36.28 39.51 -13.27
N GLY B 540 35.63 38.50 -12.71
CA GLY B 540 36.34 37.43 -12.05
C GLY B 540 37.45 36.82 -12.88
N ASN B 541 37.22 36.65 -14.18
CA ASN B 541 38.22 36.07 -15.07
C ASN B 541 39.32 37.05 -15.50
N ALA B 542 39.08 38.34 -15.28
CA ALA B 542 40.07 39.34 -15.65
C ALA B 542 41.02 39.55 -14.48
N GLU B 543 42.26 39.94 -14.78
CA GLU B 543 43.29 40.17 -13.77
C GLU B 543 43.45 41.64 -13.45
N LYS B 544 43.50 41.95 -12.17
CA LYS B 544 43.65 43.32 -11.69
C LYS B 544 44.99 43.91 -12.12
N THR B 545 45.56 43.35 -13.18
CA THR B 545 46.84 43.82 -13.68
C THR B 545 46.72 44.32 -15.11
N ASP B 546 45.73 43.83 -15.85
CA ASP B 546 45.55 44.26 -17.23
C ASP B 546 44.74 45.54 -17.28
N ARG B 547 45.42 46.65 -17.00
CA ARG B 547 44.79 47.96 -16.99
C ARG B 547 43.78 48.11 -18.12
N PHE B 548 44.02 47.39 -19.21
CA PHE B 548 43.12 47.46 -20.36
C PHE B 548 41.80 46.72 -20.19
N VAL B 549 41.88 45.42 -19.91
CA VAL B 549 40.67 44.61 -19.76
C VAL B 549 39.82 45.09 -18.60
N MET B 550 40.47 45.63 -17.57
CA MET B 550 39.75 46.13 -16.41
C MET B 550 39.03 47.42 -16.78
N LYS B 551 39.73 48.30 -17.50
CA LYS B 551 39.15 49.57 -17.90
C LYS B 551 37.92 49.29 -18.76
N LYS B 552 38.02 48.30 -19.65
CA LYS B 552 36.88 47.98 -20.51
C LYS B 552 35.67 47.52 -19.70
N LEU B 553 35.91 46.90 -18.55
CA LEU B 553 34.83 46.42 -17.71
C LEU B 553 34.25 47.55 -16.86
N ASN B 554 35.13 48.22 -16.11
CA ASN B 554 34.70 49.31 -15.26
C ASN B 554 33.84 50.29 -16.03
N ASP B 555 34.15 50.50 -17.30
CA ASP B 555 33.38 51.42 -18.12
C ASP B 555 31.97 50.88 -18.29
N ARG B 556 31.84 49.58 -18.42
CA ARG B 556 30.52 48.97 -18.57
C ARG B 556 29.73 49.23 -17.29
N VAL B 557 30.38 49.05 -16.15
CA VAL B 557 29.75 49.26 -14.87
C VAL B 557 29.25 50.71 -14.80
N MET B 558 30.12 51.60 -15.24
CA MET B 558 29.87 53.04 -15.24
C MET B 558 28.72 53.45 -16.14
N ARG B 559 28.25 52.54 -16.98
CA ARG B 559 27.15 52.82 -17.90
C ARG B 559 25.82 52.45 -17.25
N VAL B 560 25.83 51.39 -16.45
CA VAL B 560 24.64 50.89 -15.78
C VAL B 560 23.63 51.90 -15.29
N GLU B 561 24.05 52.80 -14.41
CA GLU B 561 23.14 53.81 -13.85
C GLU B 561 22.54 54.75 -14.88
N TYR B 562 23.40 55.36 -15.69
CA TYR B 562 22.97 56.29 -16.72
C TYR B 562 21.94 55.69 -17.68
N HIS B 563 22.20 54.47 -18.15
CA HIS B 563 21.32 53.82 -19.10
C HIS B 563 19.91 53.49 -18.62
N PHE B 564 19.56 53.86 -17.39
CA PHE B 564 18.20 53.64 -16.92
C PHE B 564 17.39 54.92 -17.00
N LEU B 565 17.92 55.88 -17.75
CA LEU B 565 17.26 57.17 -17.98
C LEU B 565 16.55 57.02 -19.32
N SER B 566 15.23 57.14 -19.31
CA SER B 566 14.45 56.99 -20.54
C SER B 566 15.03 57.75 -21.71
N PRO B 567 15.49 57.04 -22.73
CA PRO B 567 16.05 57.73 -23.88
C PRO B 567 14.95 58.15 -24.85
N TYR B 568 13.74 58.28 -24.33
CA TYR B 568 12.63 58.68 -25.17
C TYR B 568 11.95 59.95 -24.67
N VAL B 569 12.55 60.63 -23.70
CA VAL B 569 12.00 61.88 -23.18
C VAL B 569 13.08 62.94 -23.19
N SER B 570 12.72 64.15 -23.59
CA SER B 570 13.68 65.23 -23.67
C SER B 570 13.98 65.92 -22.35
N PRO B 571 15.27 66.11 -22.05
CA PRO B 571 15.68 66.76 -20.81
C PRO B 571 15.02 68.11 -20.66
N LYS B 572 14.83 68.78 -21.79
CA LYS B 572 14.21 70.11 -21.81
C LYS B 572 12.77 70.04 -21.31
N GLU B 573 12.09 68.93 -21.55
CA GLU B 573 10.70 68.77 -21.13
C GLU B 573 10.58 68.09 -19.75
N SER B 574 11.23 66.94 -19.60
CA SER B 574 11.22 66.18 -18.36
C SER B 574 12.65 65.82 -17.98
N PRO B 575 13.33 66.71 -17.26
CA PRO B 575 14.71 66.52 -16.81
C PRO B 575 15.04 65.27 -16.01
N PHE B 576 14.13 64.79 -15.17
CA PHE B 576 14.43 63.61 -14.39
C PHE B 576 14.00 62.35 -15.13
N ARG B 577 14.80 61.95 -16.10
CA ARG B 577 14.52 60.80 -16.96
C ARG B 577 14.67 59.42 -16.36
N HIS B 578 15.39 59.30 -15.26
CA HIS B 578 15.60 57.99 -14.64
C HIS B 578 14.31 57.22 -14.43
N VAL B 579 14.08 56.18 -15.23
CA VAL B 579 12.86 55.39 -15.12
C VAL B 579 12.56 54.94 -13.70
N PHE B 580 13.58 54.76 -12.86
CA PHE B 580 13.37 54.32 -11.48
C PHE B 580 13.18 55.42 -10.44
N TRP B 581 14.01 56.45 -10.49
CA TRP B 581 13.93 57.51 -9.50
C TRP B 581 13.51 58.87 -10.05
N GLY B 582 13.29 58.95 -11.35
CA GLY B 582 12.92 60.23 -11.91
C GLY B 582 11.54 60.69 -11.52
N SER B 583 10.93 61.50 -12.38
CA SER B 583 9.60 62.04 -12.18
C SER B 583 9.01 62.31 -13.54
N GLY B 584 7.84 61.76 -13.82
CA GLY B 584 7.22 61.96 -15.12
C GLY B 584 6.44 60.73 -15.50
N SER B 585 5.87 60.71 -16.70
CA SER B 585 5.11 59.54 -17.13
C SER B 585 6.04 58.43 -17.60
N HIS B 586 7.31 58.79 -17.81
CA HIS B 586 8.30 57.82 -18.26
C HIS B 586 8.76 56.95 -17.08
N THR B 587 8.54 57.46 -15.88
CA THR B 587 8.87 56.81 -14.63
C THR B 587 8.24 55.42 -14.58
N LEU B 588 9.01 54.45 -14.12
CA LEU B 588 8.51 53.07 -14.02
C LEU B 588 7.36 53.10 -13.01
N PRO B 589 7.59 53.65 -11.80
CA PRO B 589 6.52 53.70 -10.81
C PRO B 589 5.28 54.34 -11.37
N ALA B 590 5.47 55.36 -12.19
CA ALA B 590 4.35 56.07 -12.80
C ALA B 590 3.48 55.15 -13.66
N LEU B 591 4.08 54.09 -14.19
CA LEU B 591 3.35 53.15 -15.02
C LEU B 591 2.30 52.45 -14.17
N LEU B 592 2.75 51.78 -13.13
CA LEU B 592 1.83 51.08 -12.24
C LEU B 592 0.79 52.07 -11.75
N GLU B 593 1.27 53.22 -11.28
CA GLU B 593 0.40 54.25 -10.74
C GLU B 593 -0.75 54.63 -11.65
N ASN B 594 -0.61 54.41 -12.95
CA ASN B 594 -1.67 54.71 -13.90
C ASN B 594 -2.54 53.48 -14.02
N LEU B 595 -1.87 52.32 -14.11
CA LEU B 595 -2.56 51.04 -14.23
C LEU B 595 -3.46 50.76 -13.05
N LYS B 596 -3.06 51.20 -11.85
CA LYS B 596 -3.88 50.98 -10.67
C LYS B 596 -5.28 51.55 -10.90
N LEU B 597 -5.34 52.66 -11.63
CA LEU B 597 -6.60 53.34 -11.94
C LEU B 597 -7.54 52.54 -12.83
N ARG B 598 -7.01 51.56 -13.54
CA ARG B 598 -7.79 50.71 -14.44
C ARG B 598 -9.00 50.13 -13.72
N LYS B 599 -8.75 49.54 -12.55
CA LYS B 599 -9.81 48.92 -11.73
C LYS B 599 -10.94 49.87 -11.33
N GLN B 600 -10.61 51.15 -11.11
CA GLN B 600 -11.59 52.16 -10.72
C GLN B 600 -12.73 52.33 -11.74
N ASN B 601 -12.68 51.54 -12.82
CA ASN B 601 -13.67 51.54 -13.90
C ASN B 601 -14.02 52.91 -14.48
N ASN B 602 -13.47 53.98 -13.93
CA ASN B 602 -13.73 55.32 -14.43
C ASN B 602 -12.76 55.66 -15.56
N GLY B 603 -12.77 56.92 -15.99
CA GLY B 603 -11.89 57.32 -17.08
C GLY B 603 -10.50 57.72 -16.62
N ALA B 604 -10.29 57.76 -15.31
CA ALA B 604 -9.00 58.14 -14.72
C ALA B 604 -7.81 57.44 -15.39
N PHE B 605 -8.06 56.25 -15.93
CA PHE B 605 -7.02 55.48 -16.62
C PHE B 605 -6.90 55.85 -18.09
N ASN B 606 -5.73 56.36 -18.49
CA ASN B 606 -5.50 56.72 -19.88
C ASN B 606 -4.88 55.47 -20.49
N GLU B 607 -5.65 54.76 -21.31
CA GLU B 607 -5.14 53.53 -21.92
C GLU B 607 -4.02 53.77 -22.92
N THR B 608 -4.20 54.74 -23.82
CA THR B 608 -3.17 55.02 -24.81
C THR B 608 -1.87 55.37 -24.12
N LEU B 609 -1.95 56.09 -23.01
CA LEU B 609 -0.76 56.44 -22.25
C LEU B 609 -0.08 55.18 -21.74
N PHE B 610 -0.84 54.31 -21.09
CA PHE B 610 -0.28 53.06 -20.57
C PHE B 610 0.43 52.35 -21.71
N ARG B 611 -0.34 51.92 -22.71
CA ARG B 611 0.20 51.23 -23.86
C ARG B 611 1.63 51.66 -24.19
N ASN B 612 1.85 52.98 -24.26
CA ASN B 612 3.18 53.50 -24.56
C ASN B 612 4.08 53.28 -23.35
N GLN B 613 3.65 53.80 -22.20
CA GLN B 613 4.42 53.65 -20.97
C GLN B 613 5.07 52.29 -20.94
N LEU B 614 4.25 51.25 -21.04
CA LEU B 614 4.76 49.90 -21.01
C LEU B 614 5.72 49.73 -22.19
N ALA B 615 5.20 49.92 -23.39
CA ALA B 615 5.99 49.78 -24.61
C ALA B 615 7.39 50.35 -24.49
N LEU B 616 7.49 51.63 -24.16
CA LEU B 616 8.80 52.27 -24.04
C LEU B 616 9.55 51.75 -22.81
N ALA B 617 8.92 51.82 -21.65
CA ALA B 617 9.56 51.35 -20.42
C ALA B 617 10.21 49.99 -20.65
N THR B 618 9.70 49.27 -21.65
CA THR B 618 10.23 47.96 -21.99
C THR B 618 11.53 48.18 -22.72
N TRP B 619 11.47 48.87 -23.84
CA TRP B 619 12.66 49.12 -24.62
C TRP B 619 13.72 49.90 -23.82
N THR B 620 13.31 50.63 -22.79
CA THR B 620 14.28 51.36 -21.99
C THR B 620 15.15 50.31 -21.33
N ILE B 621 14.48 49.40 -20.63
CA ILE B 621 15.14 48.31 -19.92
C ILE B 621 15.92 47.47 -20.92
N GLN B 622 15.25 47.14 -22.04
CA GLN B 622 15.86 46.34 -23.08
C GLN B 622 17.19 46.97 -23.43
N GLY B 623 17.13 48.24 -23.81
CA GLY B 623 18.35 48.94 -24.19
C GLY B 623 19.39 48.89 -23.10
N ALA B 624 18.96 49.13 -21.87
CA ALA B 624 19.88 49.10 -20.75
C ALA B 624 20.69 47.82 -20.82
N ALA B 625 20.03 46.77 -21.29
CA ALA B 625 20.68 45.48 -21.43
C ALA B 625 21.69 45.48 -22.57
N ASN B 626 21.21 45.78 -23.77
CA ASN B 626 22.08 45.81 -24.94
C ASN B 626 23.26 46.74 -24.78
N ALA B 627 23.16 47.67 -23.85
CA ALA B 627 24.23 48.62 -23.62
C ALA B 627 25.21 48.08 -22.58
N LEU B 628 24.69 47.31 -21.62
CA LEU B 628 25.51 46.74 -20.55
C LEU B 628 26.28 45.48 -20.96
N SER B 629 26.39 45.25 -22.27
CA SER B 629 27.11 44.14 -22.88
C SER B 629 26.28 43.09 -23.58
N GLY B 630 26.42 41.85 -23.14
CA GLY B 630 25.75 40.74 -23.78
C GLY B 630 26.76 40.41 -24.87
N ASP B 631 27.99 40.88 -24.61
CA ASP B 631 29.13 40.71 -25.50
C ASP B 631 28.87 41.48 -26.79
N VAL B 632 27.96 42.45 -26.72
CA VAL B 632 27.59 43.24 -27.88
C VAL B 632 26.75 42.37 -28.80
N TRP B 633 25.90 42.98 -29.62
CA TRP B 633 25.09 42.23 -30.55
C TRP B 633 24.33 41.09 -29.88
N ASP B 634 23.74 41.35 -28.72
CA ASP B 634 22.99 40.30 -28.02
C ASP B 634 22.30 39.35 -29.02
N ILE B 635 22.70 38.08 -28.98
CA ILE B 635 22.17 37.07 -29.90
C ILE B 635 20.96 36.25 -29.48
N ASP B 636 19.94 36.92 -28.93
CA ASP B 636 18.70 36.22 -28.59
C ASP B 636 17.79 36.54 -29.77
N ASN B 637 18.31 36.16 -30.94
CA ASN B 637 17.67 36.33 -32.25
C ASN B 637 16.38 35.54 -32.45
N GLU B 638 16.18 34.50 -31.65
CA GLU B 638 14.98 33.67 -31.74
C GLU B 638 13.76 34.52 -31.40
N PHE B 639 13.21 34.32 -30.20
CA PHE B 639 12.03 35.06 -29.74
C PHE B 639 11.23 35.70 -30.88
N LEU C 1 -9.53 32.43 -10.62
CA LEU C 1 -9.66 33.82 -10.17
C LEU C 1 -8.30 34.54 -10.18
N TYR C 2 -8.34 35.87 -10.21
CA TYR C 2 -7.10 36.64 -10.21
C TYR C 2 -6.78 37.21 -8.83
N TRP C 3 -5.54 37.68 -8.67
CA TRP C 3 -5.09 38.22 -7.39
C TRP C 3 -6.10 39.17 -6.74
N ASP C 4 -6.51 40.20 -7.46
CA ASP C 4 -7.48 41.14 -6.91
C ASP C 4 -8.64 40.38 -6.29
N ASP C 5 -9.15 39.37 -7.01
CA ASP C 5 -10.25 38.57 -6.51
C ASP C 5 -9.89 37.93 -5.18
N LEU C 6 -8.80 37.19 -5.16
CA LEU C 6 -8.36 36.56 -3.93
C LEU C 6 -8.07 37.58 -2.85
N LYS C 7 -7.44 38.69 -3.23
CA LYS C 7 -7.13 39.71 -2.25
C LYS C 7 -8.40 40.25 -1.62
N ARG C 8 -9.33 40.66 -2.49
CA ARG C 8 -10.62 41.19 -2.07
C ARG C 8 -11.39 40.20 -1.22
N LYS C 9 -11.49 38.96 -1.69
CA LYS C 9 -12.21 37.94 -0.93
C LYS C 9 -11.59 37.79 0.46
N LEU C 10 -10.32 37.39 0.48
CA LEU C 10 -9.59 37.20 1.73
C LEU C 10 -9.78 38.36 2.69
N SER C 11 -10.04 39.55 2.16
CA SER C 11 -10.24 40.71 3.02
C SER C 11 -11.59 40.67 3.71
N GLU C 12 -12.66 40.60 2.93
CA GLU C 12 -13.99 40.57 3.51
C GLU C 12 -14.11 39.40 4.49
N LYS C 13 -13.49 38.28 4.15
CA LYS C 13 -13.52 37.12 5.04
C LYS C 13 -12.84 37.54 6.32
N LEU C 14 -11.76 38.31 6.20
CA LEU C 14 -11.03 38.81 7.36
C LEU C 14 -11.86 39.88 8.04
N ASP C 15 -12.74 40.51 7.27
CA ASP C 15 -13.61 41.56 7.80
C ASP C 15 -14.69 40.99 8.69
N SER C 16 -14.94 39.69 8.56
CA SER C 16 -15.97 39.02 9.34
C SER C 16 -15.47 37.80 10.13
N THR C 17 -14.43 38.00 10.93
CA THR C 17 -13.88 36.91 11.74
C THR C 17 -13.46 37.47 13.09
N ASP C 18 -14.04 36.91 14.15
CA ASP C 18 -13.74 37.35 15.50
C ASP C 18 -12.50 36.64 16.03
N PHE C 19 -11.36 37.29 15.94
CA PHE C 19 -10.11 36.71 16.42
C PHE C 19 -10.04 36.83 17.93
N THR C 20 -10.53 37.95 18.44
CA THR C 20 -10.51 38.20 19.87
C THR C 20 -11.23 37.11 20.68
N SER C 21 -12.31 36.58 20.13
CA SER C 21 -13.08 35.53 20.79
C SER C 21 -12.24 34.29 21.00
N THR C 22 -11.63 33.82 19.92
CA THR C 22 -10.81 32.63 19.96
C THR C 22 -9.56 32.81 20.82
N ILE C 23 -9.05 34.04 20.87
CA ILE C 23 -7.86 34.29 21.68
C ILE C 23 -8.28 34.17 23.13
N LYS C 24 -9.56 34.44 23.39
CA LYS C 24 -10.12 34.33 24.73
C LYS C 24 -10.44 32.86 25.00
N LEU C 25 -11.18 32.25 24.08
CA LEU C 25 -11.55 30.84 24.23
C LEU C 25 -10.32 30.04 24.62
N LEU C 26 -9.19 30.38 24.02
CA LEU C 26 -7.95 29.69 24.31
C LEU C 26 -7.37 30.23 25.60
N ASN C 27 -8.25 30.50 26.56
CA ASN C 27 -7.83 31.02 27.85
C ASN C 27 -8.71 30.48 28.96
N GLU C 28 -9.84 29.89 28.57
CA GLU C 28 -10.77 29.29 29.53
C GLU C 28 -9.97 28.25 30.33
N ASN C 29 -10.34 28.01 31.57
CA ASN C 29 -9.60 27.04 32.36
C ASN C 29 -9.47 25.67 31.70
N SER C 30 -10.25 25.45 30.65
CA SER C 30 -10.21 24.18 29.92
C SER C 30 -8.79 23.92 29.42
N TYR C 31 -8.09 25.00 29.08
CA TYR C 31 -6.71 24.91 28.60
C TYR C 31 -5.90 26.16 28.95
N VAL C 32 -5.71 26.41 30.23
CA VAL C 32 -4.96 27.60 30.62
C VAL C 32 -3.51 27.29 30.99
N PRO C 33 -3.24 26.56 32.09
CA PRO C 33 -1.80 26.38 32.24
C PRO C 33 -1.40 25.24 31.33
N ARG C 34 -1.53 25.48 30.02
CA ARG C 34 -1.20 24.50 29.01
C ARG C 34 0.31 24.30 28.85
N GLU C 35 0.96 23.83 29.90
CA GLU C 35 2.39 23.60 29.85
C GLU C 35 2.63 22.55 28.80
N ALA C 36 3.89 22.41 28.40
CA ALA C 36 4.25 21.45 27.38
C ALA C 36 3.97 20.04 27.88
N GLY C 37 3.28 19.27 27.06
CA GLY C 37 2.99 17.91 27.44
C GLY C 37 2.10 17.77 28.64
N SER C 38 1.29 18.79 28.91
CA SER C 38 0.38 18.74 30.05
C SER C 38 -0.98 18.25 29.55
N GLN C 39 -1.96 18.15 30.45
CA GLN C 39 -3.28 17.70 30.05
C GLN C 39 -3.94 18.80 29.24
N LYS C 40 -3.87 20.03 29.76
CA LYS C 40 -4.47 21.19 29.08
C LYS C 40 -3.89 21.22 27.68
N ASP C 41 -2.57 21.08 27.60
CA ASP C 41 -1.86 21.06 26.33
C ASP C 41 -2.64 20.13 25.41
N GLU C 42 -2.68 18.86 25.81
CA GLU C 42 -3.35 17.79 25.08
C GLU C 42 -4.80 18.13 24.78
N ASN C 43 -5.42 18.93 25.65
CA ASN C 43 -6.81 19.33 25.46
C ASN C 43 -6.92 20.21 24.23
N LEU C 44 -6.20 21.34 24.24
CA LEU C 44 -6.23 22.27 23.11
C LEU C 44 -5.79 21.57 21.84
N ALA C 45 -4.84 20.65 21.98
CA ALA C 45 -4.34 19.90 20.83
C ALA C 45 -5.50 19.23 20.13
N LEU C 46 -6.31 18.51 20.89
CA LEU C 46 -7.44 17.81 20.33
C LEU C 46 -8.47 18.80 19.84
N TYR C 47 -8.50 19.98 20.45
CA TYR C 47 -9.46 21.00 20.03
C TYR C 47 -9.12 21.46 18.62
N VAL C 48 -7.85 21.80 18.42
CA VAL C 48 -7.41 22.23 17.11
C VAL C 48 -7.65 21.09 16.16
N GLU C 49 -7.20 19.89 16.52
CA GLU C 49 -7.36 18.74 15.66
C GLU C 49 -8.77 18.62 15.14
N ASN C 50 -9.74 18.70 16.04
CA ASN C 50 -11.14 18.59 15.66
C ASN C 50 -11.61 19.79 14.83
N GLU C 51 -11.25 20.98 15.29
CA GLU C 51 -11.62 22.18 14.55
C GLU C 51 -11.20 22.00 13.11
N PHE C 52 -9.99 21.49 12.89
CA PHE C 52 -9.50 21.28 11.53
C PHE C 52 -10.45 20.35 10.81
N ARG C 53 -10.82 19.26 11.48
CA ARG C 53 -11.75 18.31 10.89
C ARG C 53 -13.06 19.02 10.61
N GLU C 54 -13.54 19.81 11.58
CA GLU C 54 -14.78 20.53 11.42
C GLU C 54 -14.64 21.49 10.24
N PHE C 55 -13.46 22.07 10.07
CA PHE C 55 -13.23 22.99 8.97
C PHE C 55 -13.39 22.29 7.64
N LYS C 56 -13.61 20.97 7.70
CA LYS C 56 -13.83 20.16 6.53
C LYS C 56 -12.63 20.18 5.57
N LEU C 57 -11.46 20.50 6.09
CA LEU C 57 -10.26 20.50 5.25
C LEU C 57 -9.84 19.06 5.00
N SER C 58 -9.02 18.85 3.97
CA SER C 58 -8.57 17.50 3.61
C SER C 58 -7.83 16.83 4.76
N LYS C 59 -7.03 15.81 4.46
CA LYS C 59 -6.29 15.08 5.48
C LYS C 59 -5.82 15.94 6.64
N VAL C 60 -5.89 15.38 7.84
CA VAL C 60 -5.46 16.05 9.07
C VAL C 60 -5.02 14.93 10.01
N TRP C 61 -3.81 15.03 10.53
CA TRP C 61 -3.30 13.98 11.41
C TRP C 61 -2.62 14.49 12.68
N ARG C 62 -2.02 13.57 13.44
CA ARG C 62 -1.33 13.91 14.66
C ARG C 62 0.14 13.54 14.51
N ASP C 63 1.00 14.16 15.31
CA ASP C 63 2.41 13.84 15.28
C ASP C 63 2.89 13.63 16.70
N GLN C 64 3.14 12.38 17.04
CA GLN C 64 3.55 12.01 18.38
C GLN C 64 5.05 12.13 18.55
N HIS C 65 5.49 12.38 19.79
CA HIS C 65 6.91 12.51 20.10
C HIS C 65 7.19 12.39 21.59
N PHE C 66 8.31 11.76 21.93
CA PHE C 66 8.68 11.65 23.34
C PHE C 66 10.01 12.35 23.59
N VAL C 67 9.96 13.57 24.10
CA VAL C 67 11.19 14.29 24.34
C VAL C 67 11.43 14.55 25.81
N LYS C 68 12.69 14.69 26.22
CA LYS C 68 13.01 14.96 27.61
C LYS C 68 12.98 16.46 27.92
N ILE C 69 12.04 16.86 28.76
CA ILE C 69 11.88 18.25 29.18
C ILE C 69 12.44 18.33 30.61
N GLN C 70 12.74 19.52 31.09
CA GLN C 70 13.22 19.67 32.45
C GLN C 70 12.20 20.43 33.30
N VAL C 71 11.96 19.95 34.51
CA VAL C 71 10.99 20.57 35.40
C VAL C 71 11.55 20.81 36.78
N LYS C 72 10.85 21.64 37.55
CA LYS C 72 11.26 22.00 38.90
C LYS C 72 11.07 20.80 39.84
N ASP C 73 12.17 20.37 40.46
CA ASP C 73 12.14 19.24 41.39
C ASP C 73 11.42 19.62 42.66
N SER C 74 10.88 18.62 43.36
CA SER C 74 10.17 18.84 44.61
C SER C 74 10.98 19.73 45.57
N ALA C 75 12.30 19.60 45.49
CA ALA C 75 13.21 20.39 46.32
C ALA C 75 13.21 21.81 45.79
N GLN C 76 13.14 22.78 46.69
CA GLN C 76 13.10 24.17 46.27
C GLN C 76 14.42 24.78 45.82
N ASN C 77 14.35 25.49 44.69
CA ASN C 77 15.51 26.18 44.12
C ASN C 77 15.58 27.50 44.85
N SER C 78 16.78 27.99 45.10
CA SER C 78 16.90 29.24 45.82
C SER C 78 18.25 29.95 45.72
N VAL C 79 18.21 31.24 45.99
CA VAL C 79 19.39 32.11 45.97
C VAL C 79 19.48 32.67 47.38
N ILE C 80 20.66 32.57 48.00
CA ILE C 80 20.83 33.07 49.35
C ILE C 80 22.20 33.72 49.57
N ILE C 81 22.19 34.95 50.08
CA ILE C 81 23.43 35.68 50.34
C ILE C 81 24.12 35.06 51.54
N VAL C 82 25.40 34.80 51.43
CA VAL C 82 26.14 34.19 52.52
C VAL C 82 27.64 34.34 52.36
N ASP C 83 28.34 34.30 53.47
CA ASP C 83 29.80 34.36 53.47
C ASP C 83 30.16 33.15 54.33
N LYS C 84 31.16 32.37 53.92
CA LYS C 84 31.55 31.14 54.63
C LYS C 84 30.35 30.59 55.42
N ASN C 85 30.14 31.13 56.61
CA ASN C 85 29.02 30.74 57.48
C ASN C 85 27.68 31.07 56.81
N GLY C 86 26.98 30.04 56.37
CA GLY C 86 25.70 30.18 55.68
C GLY C 86 24.64 31.18 56.13
N ARG C 87 23.47 31.00 55.51
CA ARG C 87 22.25 31.80 55.70
C ARG C 87 22.42 33.19 56.29
N LEU C 88 21.96 34.19 55.55
CA LEU C 88 22.05 35.60 55.97
C LEU C 88 20.95 36.45 55.36
N VAL C 89 21.14 37.78 55.44
CA VAL C 89 20.21 38.79 54.92
C VAL C 89 19.21 38.24 53.92
N TYR C 90 18.17 37.60 54.44
CA TYR C 90 17.14 37.01 53.60
C TYR C 90 17.67 35.76 52.95
N LEU C 91 16.75 34.87 52.64
CA LEU C 91 17.08 33.67 51.91
C LEU C 91 16.97 34.23 50.50
N VAL C 92 16.83 35.55 50.44
CA VAL C 92 16.64 36.33 49.21
C VAL C 92 15.45 35.84 48.44
N GLU C 93 15.52 34.62 47.91
CA GLU C 93 14.39 34.11 47.17
C GLU C 93 14.40 32.65 46.77
N ASN C 94 13.23 32.02 46.88
CA ASN C 94 12.98 30.64 46.45
C ASN C 94 12.21 30.86 45.14
N PRO C 95 12.91 31.26 44.07
CA PRO C 95 12.34 31.54 42.75
C PRO C 95 11.09 30.74 42.43
N GLY C 96 10.09 31.41 41.89
CA GLY C 96 8.84 30.76 41.52
C GLY C 96 8.89 30.06 40.18
N GLY C 97 9.78 30.54 39.30
CA GLY C 97 9.94 29.95 37.99
C GLY C 97 11.31 29.31 37.85
N TYR C 98 11.69 28.91 36.65
CA TYR C 98 13.00 28.28 36.47
C TYR C 98 13.47 28.32 35.02
N VAL C 99 14.75 28.02 34.83
CA VAL C 99 15.32 28.02 33.51
C VAL C 99 15.50 26.55 33.14
N ALA C 100 14.73 26.08 32.18
CA ALA C 100 14.81 24.67 31.76
C ALA C 100 16.22 24.26 31.39
N TYR C 101 16.43 22.96 31.23
CA TYR C 101 17.74 22.43 30.87
C TYR C 101 18.93 23.05 31.62
N SER C 102 18.66 23.73 32.73
CA SER C 102 19.75 24.33 33.48
C SER C 102 20.53 23.26 34.19
N LYS C 103 21.82 23.48 34.37
CA LYS C 103 22.65 22.49 35.07
C LYS C 103 22.06 22.27 36.45
N ALA C 104 21.81 21.00 36.78
CA ALA C 104 21.27 20.66 38.08
C ALA C 104 22.41 20.61 39.07
N ALA C 105 22.61 21.70 39.80
CA ALA C 105 23.69 21.76 40.78
C ALA C 105 23.49 22.93 41.72
N THR C 106 24.49 23.16 42.57
CA THR C 106 24.43 24.24 43.52
C THR C 106 25.83 24.74 43.88
N VAL C 107 26.06 26.03 43.67
CA VAL C 107 27.35 26.63 43.96
C VAL C 107 27.23 28.05 44.47
N THR C 108 28.29 28.52 45.12
CA THR C 108 28.31 29.86 45.67
C THR C 108 29.62 30.58 45.41
N GLY C 109 29.56 31.90 45.37
CA GLY C 109 30.75 32.69 45.14
C GLY C 109 30.39 34.13 44.86
N LYS C 110 31.34 34.91 44.36
CA LYS C 110 31.09 36.33 44.07
C LYS C 110 29.93 36.48 43.09
N LEU C 111 29.39 37.70 42.98
CA LEU C 111 28.28 37.92 42.07
C LEU C 111 28.40 39.17 41.21
N VAL C 112 28.92 39.01 39.99
CA VAL C 112 29.09 40.12 39.05
C VAL C 112 27.79 40.38 38.28
N HIS C 113 27.64 41.60 37.78
CA HIS C 113 26.42 41.94 37.06
C HIS C 113 26.69 42.42 35.65
N ALA C 114 26.77 41.49 34.70
CA ALA C 114 27.03 41.80 33.29
C ALA C 114 25.77 42.14 32.50
N ASN C 115 25.41 43.42 32.49
CA ASN C 115 24.23 43.91 31.80
C ASN C 115 23.86 43.03 30.62
N PHE C 116 22.55 42.92 30.38
CA PHE C 116 22.01 42.12 29.29
C PHE C 116 22.81 40.87 28.95
N GLY C 117 22.54 39.81 29.68
CA GLY C 117 23.21 38.54 29.47
C GLY C 117 24.52 38.62 28.73
N THR C 118 25.44 39.41 29.28
CA THR C 118 26.76 39.56 28.69
C THR C 118 26.75 39.91 27.20
N LYS C 119 25.68 39.53 26.51
CA LYS C 119 25.55 39.84 25.09
C LYS C 119 26.78 39.31 24.34
N LYS C 120 27.68 38.66 25.08
CA LYS C 120 28.93 38.13 24.52
C LYS C 120 29.85 39.33 24.34
N ASP C 121 29.23 40.44 24.01
CA ASP C 121 29.91 41.72 23.80
C ASP C 121 30.21 42.35 25.16
N PHE C 122 29.15 42.58 25.93
CA PHE C 122 29.24 43.19 27.25
C PHE C 122 30.24 42.54 28.20
N GLU C 123 30.65 41.31 27.92
CA GLU C 123 31.62 40.64 28.78
C GLU C 123 32.94 41.41 28.76
N ASP C 124 33.13 42.25 27.75
CA ASP C 124 34.34 43.05 27.68
C ASP C 124 34.15 44.26 28.60
N LEU C 125 34.05 43.98 29.90
CA LEU C 125 33.86 44.99 30.94
C LEU C 125 34.99 44.83 31.95
N TYR C 126 35.10 45.80 32.87
CA TYR C 126 36.17 45.80 33.87
C TYR C 126 36.28 44.56 34.78
N THR C 127 35.34 44.43 35.70
CA THR C 127 35.34 43.30 36.64
C THR C 127 35.28 41.95 35.94
N PRO C 128 36.21 41.04 36.27
CA PRO C 128 36.26 39.71 35.67
C PRO C 128 35.27 38.74 36.32
N VAL C 129 34.73 37.83 35.53
CA VAL C 129 33.78 36.84 36.02
C VAL C 129 34.48 35.48 36.18
N ASN C 130 35.80 35.53 36.09
CA ASN C 130 36.65 34.34 36.20
C ASN C 130 36.39 33.58 37.51
N GLY C 131 35.35 32.73 37.50
CA GLY C 131 35.01 31.94 38.67
C GLY C 131 34.11 32.65 39.67
N SER C 132 32.91 33.01 39.22
CA SER C 132 31.97 33.71 40.08
C SER C 132 30.59 33.79 39.43
N ILE C 133 29.55 33.75 40.25
CA ILE C 133 28.19 33.82 39.74
C ILE C 133 27.94 35.16 39.05
N VAL C 134 27.01 35.18 38.11
CA VAL C 134 26.72 36.39 37.36
C VAL C 134 25.24 36.72 37.23
N ILE C 135 24.92 38.02 37.20
CA ILE C 135 23.55 38.48 37.07
C ILE C 135 23.45 39.12 35.71
N VAL C 136 22.29 39.00 35.08
CA VAL C 136 22.08 39.60 33.76
C VAL C 136 20.61 39.99 33.58
N ARG C 137 20.36 40.95 32.72
CA ARG C 137 18.99 41.39 32.48
C ARG C 137 18.41 40.56 31.35
N ALA C 138 17.10 40.39 31.33
CA ALA C 138 16.48 39.63 30.25
C ALA C 138 16.37 40.61 29.11
N GLY C 139 17.04 40.34 27.99
CA GLY C 139 16.94 41.30 26.90
C GLY C 139 17.46 40.97 25.52
N LYS C 140 18.43 41.78 25.07
CA LYS C 140 19.01 41.66 23.75
C LYS C 140 19.26 40.25 23.21
N ILE C 141 19.59 39.30 24.07
CA ILE C 141 19.82 37.95 23.58
C ILE C 141 18.96 36.93 24.29
N THR C 142 19.21 35.65 24.02
CA THR C 142 18.45 34.56 24.65
C THR C 142 19.20 33.97 25.83
N PHE C 143 18.45 33.55 26.86
CA PHE C 143 19.05 32.97 28.06
C PHE C 143 20.17 32.03 27.65
N ALA C 144 19.85 31.15 26.71
CA ALA C 144 20.81 30.18 26.19
C ALA C 144 22.12 30.86 25.93
N GLU C 145 22.07 31.94 25.15
CA GLU C 145 23.25 32.69 24.81
C GLU C 145 23.86 33.37 26.04
N LYS C 146 23.02 34.02 26.85
CA LYS C 146 23.50 34.71 28.05
C LYS C 146 24.33 33.76 28.89
N VAL C 147 23.78 32.57 29.16
CA VAL C 147 24.48 31.57 29.95
C VAL C 147 25.73 31.11 29.23
N ALA C 148 25.57 30.71 27.97
CA ALA C 148 26.67 30.23 27.16
C ALA C 148 27.91 31.11 27.31
N ASN C 149 27.74 32.41 27.10
CA ASN C 149 28.85 33.35 27.21
C ASN C 149 29.40 33.34 28.62
N ALA C 150 28.51 33.42 29.60
CA ALA C 150 28.91 33.41 30.99
C ALA C 150 29.88 32.25 31.25
N GLU C 151 29.51 31.08 30.77
CA GLU C 151 30.35 29.91 30.95
C GLU C 151 31.61 29.93 30.09
N SER C 152 31.54 30.60 28.95
CA SER C 152 32.70 30.66 28.08
C SER C 152 33.78 31.50 28.75
N LEU C 153 33.37 32.32 29.73
CA LEU C 153 34.32 33.14 30.46
C LEU C 153 34.64 32.52 31.81
N ASN C 154 34.27 31.24 31.95
CA ASN C 154 34.52 30.47 33.15
C ASN C 154 33.74 30.87 34.39
N ALA C 155 32.53 31.39 34.20
CA ALA C 155 31.70 31.77 35.34
C ALA C 155 30.99 30.53 35.80
N ILE C 156 30.13 30.68 36.81
CA ILE C 156 29.32 29.59 37.34
C ILE C 156 28.05 30.21 37.83
N GLY C 157 26.93 29.59 37.51
CA GLY C 157 25.66 30.14 37.93
C GLY C 157 25.35 31.48 37.28
N VAL C 158 24.12 31.63 36.84
CA VAL C 158 23.68 32.87 36.21
C VAL C 158 22.26 33.16 36.66
N LEU C 159 22.00 34.41 37.02
CA LEU C 159 20.68 34.79 37.45
C LEU C 159 20.15 35.75 36.41
N ILE C 160 18.90 35.58 36.00
CA ILE C 160 18.28 36.47 35.00
C ILE C 160 17.08 37.17 35.63
N TYR C 161 17.03 38.50 35.57
CA TYR C 161 15.92 39.26 36.16
C TYR C 161 15.36 40.28 35.19
N MET C 162 14.11 40.70 35.41
CA MET C 162 13.50 41.71 34.54
C MET C 162 13.54 43.09 35.18
N ASP C 163 14.57 43.88 34.89
CA ASP C 163 14.67 45.22 35.46
C ASP C 163 13.43 46.07 35.20
N GLN C 164 13.34 47.21 35.87
CA GLN C 164 12.19 48.10 35.76
C GLN C 164 12.08 48.88 34.45
N THR C 165 13.20 49.46 34.00
CA THR C 165 13.20 50.24 32.76
C THR C 165 12.78 49.39 31.57
N LYS C 166 13.44 48.25 31.39
CA LYS C 166 13.17 47.34 30.28
C LYS C 166 11.82 46.66 30.47
N PHE C 167 11.51 46.32 31.71
CA PHE C 167 10.25 45.65 32.00
C PHE C 167 9.43 46.42 33.03
N PRO C 168 8.65 47.41 32.56
CA PRO C 168 7.78 48.28 33.35
C PRO C 168 6.60 47.53 33.97
N ILE C 169 6.88 46.48 34.73
CA ILE C 169 5.83 45.72 35.39
C ILE C 169 5.63 46.28 36.79
N VAL C 170 4.40 46.67 37.11
CA VAL C 170 4.09 47.22 38.42
C VAL C 170 4.55 46.26 39.52
N ASN C 171 4.20 44.99 39.38
CA ASN C 171 4.56 43.95 40.36
C ASN C 171 6.01 43.54 40.23
N ALA C 172 6.75 43.62 41.33
CA ALA C 172 8.16 43.26 41.33
C ALA C 172 8.39 41.93 42.01
N GLU C 173 7.30 41.28 42.40
CA GLU C 173 7.37 39.99 43.05
C GLU C 173 7.04 38.93 42.00
N LEU C 174 7.10 39.34 40.74
CA LEU C 174 6.79 38.45 39.61
C LEU C 174 7.96 37.65 39.10
N SER C 175 7.72 36.35 38.85
CA SER C 175 8.75 35.44 38.35
C SER C 175 8.42 34.89 36.97
N PHE C 176 9.45 34.64 36.16
CA PHE C 176 9.28 34.15 34.81
C PHE C 176 9.98 32.84 34.48
N PHE C 177 9.58 32.24 33.35
CA PHE C 177 10.10 30.95 32.88
C PHE C 177 11.22 31.03 31.83
N GLY C 178 12.22 30.18 31.99
CA GLY C 178 13.35 30.20 31.06
C GLY C 178 13.56 28.97 30.21
N HIS C 179 14.55 29.07 29.32
CA HIS C 179 14.89 28.01 28.37
C HIS C 179 16.27 27.43 28.66
N ALA C 180 17.32 28.12 28.21
CA ALA C 180 18.73 27.74 28.42
C ALA C 180 19.41 26.78 27.45
N HIS C 181 18.69 26.23 26.48
CA HIS C 181 19.32 25.33 25.52
C HIS C 181 19.82 26.08 24.30
N LEU C 182 21.12 26.01 24.05
CA LEU C 182 21.71 26.70 22.92
C LEU C 182 21.44 25.91 21.64
N GLY C 183 20.17 25.68 21.37
CA GLY C 183 19.80 24.93 20.18
C GLY C 183 18.30 24.97 19.96
N THR C 184 17.79 23.96 19.27
CA THR C 184 16.36 23.91 19.00
C THR C 184 15.85 22.47 19.16
N GLY C 185 14.87 22.28 20.02
CA GLY C 185 14.31 20.94 20.20
C GLY C 185 14.97 20.16 21.30
N ASP C 186 14.50 18.92 21.50
CA ASP C 186 15.05 18.03 22.52
C ASP C 186 16.55 18.07 22.34
N PRO C 187 17.31 18.35 23.41
CA PRO C 187 18.76 18.43 23.38
C PRO C 187 19.52 17.13 23.42
N TYR C 188 18.87 16.03 23.02
CA TYR C 188 19.53 14.73 23.02
C TYR C 188 19.28 13.97 21.70
N THR C 189 18.52 14.60 20.81
CA THR C 189 18.17 14.04 19.51
C THR C 189 18.46 15.06 18.43
N PRO C 190 19.75 15.50 18.30
CA PRO C 190 20.24 16.49 17.31
C PRO C 190 20.35 16.01 15.85
N GLY C 191 19.38 16.41 15.02
CA GLY C 191 19.38 16.01 13.62
C GLY C 191 18.49 14.80 13.38
N PHE C 192 18.44 13.89 14.35
CA PHE C 192 17.62 12.69 14.25
C PHE C 192 16.55 12.67 15.33
N PRO C 193 15.36 12.15 15.02
CA PRO C 193 14.26 12.10 15.98
C PRO C 193 14.55 11.26 17.24
N SER C 194 13.75 11.49 18.28
CA SER C 194 13.89 10.82 19.57
C SER C 194 13.07 9.56 19.65
N PHE C 195 13.23 8.82 20.74
CA PHE C 195 12.49 7.59 20.96
C PHE C 195 11.85 7.57 22.35
N ASN C 196 12.05 6.47 23.08
CA ASN C 196 11.54 6.31 24.44
C ASN C 196 12.69 6.77 25.32
N HIS C 197 12.55 6.62 26.62
CA HIS C 197 13.64 6.97 27.53
C HIS C 197 14.31 5.64 27.73
N THR C 198 13.48 4.60 27.75
CA THR C 198 13.92 3.24 27.94
C THR C 198 14.98 2.96 26.89
N GLN C 199 14.78 3.55 25.71
CA GLN C 199 15.71 3.39 24.61
C GLN C 199 16.40 4.72 24.35
N PHE C 200 17.71 4.70 24.11
CA PHE C 200 18.48 5.92 23.85
C PHE C 200 18.18 6.96 24.94
N PRO C 201 18.77 6.78 26.14
CA PRO C 201 18.53 7.73 27.22
C PRO C 201 19.69 8.59 27.73
N PRO C 202 20.59 9.06 26.84
CA PRO C 202 21.68 9.88 27.38
C PRO C 202 21.18 10.98 28.33
N SER C 203 22.05 11.40 29.24
CA SER C 203 21.70 12.42 30.25
C SER C 203 21.61 13.84 29.69
N ARG C 204 22.73 14.43 29.31
CA ARG C 204 22.72 15.79 28.76
C ARG C 204 24.10 16.32 28.32
N SER C 205 24.30 17.63 28.53
CA SER C 205 25.53 18.34 28.18
C SER C 205 25.79 18.35 26.68
N SER C 206 24.84 17.81 25.93
CA SER C 206 24.92 17.74 24.48
C SER C 206 24.49 19.09 23.90
N GLY C 207 25.15 20.14 24.35
CA GLY C 207 24.82 21.49 23.92
C GLY C 207 24.02 22.18 25.01
N LEU C 208 24.13 21.67 26.24
CA LEU C 208 23.41 22.22 27.38
C LEU C 208 24.37 22.84 28.39
N PRO C 209 23.96 23.95 29.02
CA PRO C 209 24.65 24.76 30.02
C PRO C 209 25.83 24.19 30.77
N ASN C 210 25.56 23.34 31.75
CA ASN C 210 26.62 22.77 32.58
C ASN C 210 26.96 23.79 33.67
N ILE C 211 26.09 24.78 33.79
CA ILE C 211 26.21 25.86 34.75
C ILE C 211 24.79 26.19 35.20
N PRO C 212 24.53 26.16 36.51
CA PRO C 212 23.19 26.47 36.99
C PRO C 212 22.67 27.85 36.54
N VAL C 213 21.46 27.89 36.01
CA VAL C 213 20.86 29.14 35.57
C VAL C 213 19.52 29.28 36.26
N GLN C 214 19.30 30.40 36.96
CA GLN C 214 18.04 30.61 37.65
C GLN C 214 17.42 31.97 37.41
N THR C 215 16.13 31.98 37.13
CA THR C 215 15.43 33.23 36.89
C THR C 215 15.15 33.82 38.28
N ILE C 216 15.27 35.14 38.42
CA ILE C 216 15.04 35.82 39.69
C ILE C 216 14.04 36.99 39.57
N SER C 217 13.25 37.20 40.61
CA SER C 217 12.26 38.29 40.63
C SER C 217 12.91 39.64 40.85
N ARG C 218 12.42 40.69 40.19
CA ARG C 218 13.01 42.01 40.36
C ARG C 218 13.25 42.32 41.83
N ALA C 219 12.25 42.01 42.64
CA ALA C 219 12.34 42.24 44.06
C ALA C 219 13.62 41.60 44.59
N ALA C 220 13.86 40.34 44.23
CA ALA C 220 15.05 39.61 44.68
C ALA C 220 16.29 40.32 44.17
N ALA C 221 16.23 40.78 42.93
CA ALA C 221 17.36 41.46 42.34
C ALA C 221 17.67 42.67 43.23
N GLU C 222 16.64 43.41 43.56
CA GLU C 222 16.78 44.59 44.41
C GLU C 222 17.68 44.24 45.57
N LYS C 223 17.28 43.22 46.33
CA LYS C 223 18.02 42.77 47.49
C LYS C 223 19.47 42.41 47.20
N LEU C 224 19.72 41.67 46.12
CA LEU C 224 21.08 41.30 45.76
C LEU C 224 21.92 42.56 45.66
N PHE C 225 21.46 43.48 44.82
CA PHE C 225 22.15 44.75 44.62
C PHE C 225 22.37 45.43 45.97
N GLY C 226 21.40 45.24 46.87
CA GLY C 226 21.51 45.82 48.19
C GLY C 226 22.78 45.37 48.87
N ASN C 227 23.24 44.17 48.54
CA ASN C 227 24.46 43.64 49.13
C ASN C 227 25.60 43.69 48.15
N MET C 228 25.71 44.78 47.40
CA MET C 228 26.79 44.92 46.43
C MET C 228 27.42 46.30 46.48
N GLU C 229 28.76 46.34 46.48
CA GLU C 229 29.53 47.58 46.57
C GLU C 229 29.55 48.35 45.25
N GLY C 230 29.91 47.68 44.16
CA GLY C 230 29.98 48.33 42.85
C GLY C 230 28.80 49.21 42.50
N ASP C 231 28.94 50.05 41.47
CA ASP C 231 27.86 50.94 41.05
C ASP C 231 27.58 50.84 39.55
N CYS C 232 26.31 50.60 39.22
CA CYS C 232 25.84 50.44 37.84
C CYS C 232 26.08 51.65 36.95
N PRO C 233 26.71 51.45 35.78
CA PRO C 233 27.06 52.47 34.76
C PRO C 233 25.87 53.08 34.03
N SER C 234 26.13 54.20 33.37
CA SER C 234 25.11 54.90 32.59
C SER C 234 25.15 54.37 31.17
N ASP C 235 26.28 53.75 30.83
CA ASP C 235 26.47 53.14 29.52
C ASP C 235 25.23 52.23 29.37
N TRP C 236 24.97 51.44 30.42
CA TRP C 236 23.81 50.54 30.46
C TRP C 236 22.57 51.41 30.39
N LYS C 237 21.85 51.34 29.28
CA LYS C 237 20.64 52.14 29.13
C LYS C 237 19.60 51.61 30.11
N THR C 238 19.89 51.78 31.40
CA THR C 238 19.03 51.31 32.47
C THR C 238 18.74 52.51 33.37
N ASP C 239 18.46 52.22 34.64
CA ASP C 239 18.20 53.25 35.62
C ASP C 239 18.67 52.75 36.98
N SER C 240 19.07 53.70 37.83
CA SER C 240 19.57 53.48 39.18
C SER C 240 19.08 52.25 39.93
N THR C 241 19.79 51.93 41.02
CA THR C 241 19.49 50.82 41.92
C THR C 241 20.49 49.66 41.87
N CYS C 242 20.92 49.26 40.68
CA CYS C 242 21.86 48.14 40.61
C CYS C 242 23.31 48.46 40.84
N ARG C 243 24.06 47.43 41.25
CA ARG C 243 25.48 47.57 41.51
C ARG C 243 26.17 46.76 40.43
N MET C 244 27.46 46.53 40.62
CA MET C 244 28.25 45.77 39.67
C MET C 244 28.80 44.51 40.31
N VAL C 245 29.17 44.60 41.58
CA VAL C 245 29.72 43.46 42.31
C VAL C 245 29.21 43.47 43.74
N THR C 246 29.04 42.29 44.32
CA THR C 246 28.57 42.18 45.70
C THR C 246 29.64 42.74 46.60
N SER C 247 29.22 43.24 47.75
CA SER C 247 30.14 43.80 48.72
C SER C 247 31.05 42.68 49.22
N GLU C 248 32.35 42.87 49.00
CA GLU C 248 33.37 41.90 49.38
C GLU C 248 33.00 41.16 50.67
N SER C 249 32.58 41.92 51.67
CA SER C 249 32.23 41.34 52.97
C SER C 249 31.55 39.98 52.86
N LYS C 250 30.79 39.76 51.79
CA LYS C 250 30.10 38.49 51.62
C LYS C 250 29.67 38.16 50.18
N ASN C 251 29.36 36.89 49.93
CA ASN C 251 28.95 36.44 48.60
C ASN C 251 27.56 35.79 48.56
N VAL C 252 27.22 35.21 47.41
CA VAL C 252 25.92 34.58 47.21
C VAL C 252 25.96 33.12 46.71
N LYS C 253 24.99 32.33 47.13
CA LYS C 253 24.93 30.93 46.76
C LYS C 253 23.68 30.58 45.98
N LEU C 254 23.87 29.98 44.79
CA LEU C 254 22.76 29.59 43.93
C LEU C 254 22.57 28.08 43.97
N THR C 255 21.34 27.66 44.20
CA THR C 255 21.04 26.24 44.30
C THR C 255 19.82 25.88 43.48
N VAL C 256 20.04 25.19 42.36
CA VAL C 256 18.96 24.77 41.49
C VAL C 256 18.86 23.26 41.40
N SER C 257 17.71 22.73 41.76
CA SER C 257 17.46 21.30 41.72
C SER C 257 16.29 21.06 40.80
N ASN C 258 16.59 20.79 39.53
CA ASN C 258 15.56 20.52 38.55
C ASN C 258 15.75 19.11 38.05
N VAL C 259 14.69 18.52 37.54
CA VAL C 259 14.77 17.15 37.05
C VAL C 259 14.17 16.99 35.67
N LEU C 260 14.72 16.03 34.91
CA LEU C 260 14.24 15.77 33.57
C LEU C 260 12.94 14.99 33.69
N LYS C 261 12.05 15.17 32.72
CA LYS C 261 10.76 14.50 32.76
C LYS C 261 10.25 14.17 31.37
N GLU C 262 10.34 12.91 30.97
CA GLU C 262 9.86 12.50 29.65
C GLU C 262 8.38 12.77 29.50
N ILE C 263 8.02 13.57 28.50
CA ILE C 263 6.62 13.89 28.23
C ILE C 263 6.28 13.49 26.79
N LYS C 264 5.00 13.58 26.40
CA LYS C 264 4.59 13.20 25.05
C LYS C 264 4.05 14.41 24.27
N ILE C 265 4.89 14.97 23.40
CA ILE C 265 4.50 16.13 22.60
C ILE C 265 3.53 15.69 21.51
N LEU C 266 2.61 16.58 21.15
CA LEU C 266 1.63 16.23 20.13
C LEU C 266 1.43 17.32 19.06
N ASN C 267 2.10 17.17 17.92
CA ASN C 267 1.95 18.15 16.83
C ASN C 267 0.71 17.81 16.01
N ILE C 268 -0.12 18.80 15.74
CA ILE C 268 -1.35 18.57 14.97
C ILE C 268 -1.32 19.24 13.61
N PHE C 269 -1.44 18.44 12.55
CA PHE C 269 -1.42 18.98 11.19
C PHE C 269 -2.79 19.14 10.53
N GLY C 270 -2.80 19.24 9.20
CA GLY C 270 -4.04 19.39 8.46
C GLY C 270 -3.71 20.17 7.21
N VAL C 271 -3.87 19.53 6.05
CA VAL C 271 -3.54 20.19 4.79
C VAL C 271 -4.71 20.54 3.90
N ILE C 272 -4.43 21.22 2.80
CA ILE C 272 -5.41 21.63 1.81
C ILE C 272 -4.81 21.32 0.46
N LYS C 273 -4.91 20.06 0.04
CA LYS C 273 -4.36 19.59 -1.23
C LYS C 273 -4.45 20.62 -2.35
N GLY C 274 -3.37 20.74 -3.11
CA GLY C 274 -3.32 21.68 -4.22
C GLY C 274 -3.97 21.09 -5.45
N PHE C 275 -3.94 21.83 -6.57
CA PHE C 275 -4.56 21.35 -7.80
C PHE C 275 -3.59 21.00 -8.92
N VAL C 276 -2.35 21.50 -8.85
CA VAL C 276 -1.39 21.22 -9.90
C VAL C 276 -0.08 20.64 -9.38
N GLU C 277 0.37 21.13 -8.24
CA GLU C 277 1.60 20.63 -7.61
C GLU C 277 1.17 20.21 -6.20
N PRO C 278 0.11 19.39 -6.10
CA PRO C 278 -0.40 18.93 -4.81
C PRO C 278 0.65 18.50 -3.80
N ASP C 279 1.83 18.14 -4.26
CA ASP C 279 2.87 17.69 -3.35
C ASP C 279 3.95 18.70 -2.96
N HIS C 280 3.68 19.98 -3.19
CA HIS C 280 4.60 21.06 -2.81
C HIS C 280 3.79 21.89 -1.84
N TYR C 281 4.19 21.86 -0.57
CA TYR C 281 3.45 22.57 0.48
C TYR C 281 4.02 23.91 0.96
N VAL C 282 3.20 24.61 1.75
CA VAL C 282 3.55 25.89 2.36
C VAL C 282 3.27 25.73 3.82
N VAL C 283 4.22 25.23 4.59
CA VAL C 283 3.97 25.02 6.00
C VAL C 283 3.65 26.30 6.78
N VAL C 284 2.48 26.35 7.42
CA VAL C 284 2.08 27.50 8.24
C VAL C 284 1.97 27.01 9.69
N GLY C 285 2.93 27.38 10.52
CA GLY C 285 2.92 26.91 11.90
C GLY C 285 2.54 27.90 12.98
N ALA C 286 2.44 27.39 14.21
CA ALA C 286 2.07 28.19 15.36
C ALA C 286 2.21 27.41 16.68
N GLN C 287 3.10 27.90 17.56
CA GLN C 287 3.31 27.27 18.86
C GLN C 287 1.97 27.14 19.59
N ARG C 288 1.75 26.01 20.23
CA ARG C 288 0.50 25.80 20.94
C ARG C 288 0.64 25.67 22.44
N ASP C 289 1.85 25.38 22.92
CA ASP C 289 2.04 25.23 24.36
C ASP C 289 2.56 26.52 24.96
N ALA C 290 2.63 26.56 26.28
CA ALA C 290 3.10 27.75 26.97
C ALA C 290 3.21 27.46 28.47
N TRP C 291 4.04 28.23 29.17
CA TRP C 291 4.21 28.05 30.60
C TRP C 291 3.00 28.60 31.34
N GLY C 292 2.78 29.91 31.22
CA GLY C 292 1.63 30.50 31.87
C GLY C 292 0.45 30.30 30.96
N PRO C 293 -0.50 31.25 30.91
CA PRO C 293 -1.65 31.10 30.04
C PRO C 293 -1.26 31.46 28.62
N GLY C 294 -0.08 32.08 28.52
CA GLY C 294 0.49 32.52 27.26
C GLY C 294 -0.48 32.95 26.18
N ALA C 295 -1.31 33.93 26.49
CA ALA C 295 -2.27 34.41 25.50
C ALA C 295 -1.51 35.01 24.32
N ALA C 296 -0.39 35.66 24.62
CA ALA C 296 0.43 36.25 23.58
C ALA C 296 1.40 35.20 23.05
N LYS C 297 2.23 34.65 23.92
CA LYS C 297 3.20 33.64 23.56
C LYS C 297 2.59 32.52 22.73
N SER C 298 1.36 32.11 23.06
CA SER C 298 0.72 31.01 22.34
C SER C 298 -0.70 31.25 21.87
N GLY C 299 -1.40 32.16 22.52
CA GLY C 299 -2.79 32.42 22.15
C GLY C 299 -2.99 32.93 20.75
N VAL C 300 -2.63 34.20 20.55
CA VAL C 300 -2.76 34.86 19.25
C VAL C 300 -2.35 33.95 18.10
N GLY C 301 -1.22 33.26 18.26
CA GLY C 301 -0.75 32.37 17.23
C GLY C 301 -1.79 31.32 16.88
N THR C 302 -1.99 30.35 17.77
CA THR C 302 -2.96 29.29 17.55
C THR C 302 -4.30 29.87 17.11
N ALA C 303 -4.61 31.05 17.64
CA ALA C 303 -5.86 31.72 17.29
C ALA C 303 -5.86 31.95 15.79
N LEU C 304 -4.80 32.56 15.30
CA LEU C 304 -4.66 32.86 13.89
C LEU C 304 -4.64 31.57 13.10
N LEU C 305 -3.79 30.63 13.51
CA LEU C 305 -3.64 29.34 12.83
C LEU C 305 -5.01 28.78 12.50
N LEU C 306 -5.86 28.68 13.51
CA LEU C 306 -7.20 28.14 13.33
C LEU C 306 -8.03 28.99 12.38
N LYS C 307 -8.22 30.26 12.73
CA LYS C 307 -9.01 31.16 11.91
C LYS C 307 -8.49 31.23 10.49
N LEU C 308 -7.18 31.13 10.35
CA LEU C 308 -6.55 31.23 9.05
C LEU C 308 -6.77 29.96 8.23
N ALA C 309 -6.86 28.83 8.91
CA ALA C 309 -7.09 27.56 8.23
C ALA C 309 -8.57 27.50 7.86
N GLN C 310 -9.40 28.04 8.73
CA GLN C 310 -10.83 28.07 8.50
C GLN C 310 -11.15 28.80 7.22
N MET C 311 -10.44 29.89 6.97
CA MET C 311 -10.68 30.68 5.77
C MET C 311 -10.32 30.00 4.46
N PHE C 312 -9.06 29.63 4.30
CA PHE C 312 -8.64 29.02 3.06
C PHE C 312 -9.45 27.80 2.67
N SER C 313 -9.76 26.95 3.63
CA SER C 313 -10.56 25.78 3.32
C SER C 313 -11.87 26.30 2.74
N ASP C 314 -12.47 27.25 3.44
CA ASP C 314 -13.73 27.83 2.99
C ASP C 314 -13.58 28.36 1.57
N MET C 315 -12.59 29.21 1.36
CA MET C 315 -12.34 29.78 0.05
C MET C 315 -12.25 28.72 -1.04
N VAL C 316 -11.63 27.60 -0.72
CA VAL C 316 -11.47 26.52 -1.69
C VAL C 316 -12.79 25.87 -2.06
N LEU C 317 -13.62 25.60 -1.05
CA LEU C 317 -14.92 24.97 -1.27
C LEU C 317 -16.00 25.90 -1.80
N LYS C 318 -16.21 27.01 -1.11
CA LYS C 318 -17.24 27.96 -1.50
C LYS C 318 -16.89 29.02 -2.54
N ASP C 319 -15.74 29.68 -2.36
CA ASP C 319 -15.33 30.76 -3.25
C ASP C 319 -14.59 30.43 -4.55
N GLY C 320 -14.25 29.16 -4.75
CA GLY C 320 -13.57 28.77 -5.98
C GLY C 320 -12.06 28.97 -6.05
N PHE C 321 -11.43 29.23 -4.92
CA PHE C 321 -9.99 29.41 -4.85
C PHE C 321 -9.30 28.09 -5.13
N GLN C 322 -8.47 28.05 -6.17
CA GLN C 322 -7.78 26.81 -6.55
C GLN C 322 -6.26 26.82 -6.37
N PRO C 323 -5.78 26.87 -5.12
CA PRO C 323 -4.35 26.88 -4.82
C PRO C 323 -3.60 25.87 -5.67
N SER C 324 -2.63 26.33 -6.46
CA SER C 324 -1.87 25.42 -7.31
C SER C 324 -1.00 24.48 -6.49
N ARG C 325 -0.69 24.88 -5.26
CA ARG C 325 0.12 24.06 -4.38
C ARG C 325 -0.56 23.96 -3.03
N SER C 326 -0.50 22.78 -2.43
CA SER C 326 -1.14 22.56 -1.14
C SER C 326 -0.62 23.39 0.02
N ILE C 327 -1.50 23.64 0.98
CA ILE C 327 -1.19 24.40 2.18
C ILE C 327 -1.26 23.40 3.32
N ILE C 328 -0.40 23.55 4.34
CA ILE C 328 -0.41 22.63 5.47
C ILE C 328 -0.19 23.38 6.76
N PHE C 329 -1.26 23.53 7.55
CA PHE C 329 -1.19 24.23 8.83
C PHE C 329 -0.69 23.28 9.91
N ALA C 330 0.10 23.79 10.85
CA ALA C 330 0.63 22.94 11.90
C ALA C 330 0.79 23.66 13.21
N SER C 331 0.22 23.08 14.27
CA SER C 331 0.28 23.65 15.61
C SER C 331 1.25 22.82 16.45
N TRP C 332 2.47 23.32 16.59
CA TRP C 332 3.53 22.62 17.33
C TRP C 332 3.30 22.66 18.83
N SER C 333 4.10 21.89 19.55
CA SER C 333 4.00 21.85 20.99
C SER C 333 5.39 21.76 21.56
N ALA C 334 5.51 21.85 22.87
CA ALA C 334 6.81 21.80 23.51
C ALA C 334 7.70 22.87 22.90
N GLY C 335 7.06 23.96 22.48
CA GLY C 335 7.79 25.06 21.88
C GLY C 335 8.57 25.92 22.87
N ASP C 336 8.13 25.96 24.12
CA ASP C 336 8.84 26.77 25.10
C ASP C 336 10.22 26.20 25.39
N PHE C 337 10.50 25.01 24.87
CA PHE C 337 11.81 24.42 25.13
C PHE C 337 12.70 24.39 23.91
N GLY C 338 12.44 25.28 22.96
CA GLY C 338 13.25 25.33 21.76
C GLY C 338 12.58 24.79 20.52
N SER C 339 11.28 25.00 20.41
CA SER C 339 10.52 24.52 19.26
C SER C 339 10.64 23.00 19.19
N VAL C 340 10.95 22.38 20.32
CA VAL C 340 11.12 20.93 20.41
C VAL C 340 10.11 20.19 19.56
N GLY C 341 8.91 20.71 19.46
CA GLY C 341 7.91 20.05 18.64
C GLY C 341 8.18 20.18 17.16
N ALA C 342 8.27 21.42 16.69
CA ALA C 342 8.51 21.66 15.28
C ALA C 342 9.86 21.11 14.88
N THR C 343 10.87 21.36 15.67
CA THR C 343 12.20 20.90 15.33
C THR C 343 12.27 19.39 15.12
N GLU C 344 11.84 18.59 16.09
CA GLU C 344 11.89 17.13 15.96
C GLU C 344 11.06 16.63 14.80
N TRP C 345 10.18 17.47 14.27
CA TRP C 345 9.39 17.10 13.10
C TRP C 345 10.36 17.20 11.92
N LEU C 346 11.04 18.35 11.82
CA LEU C 346 12.01 18.58 10.78
C LEU C 346 13.06 17.49 10.91
N GLU C 347 13.55 17.27 12.13
CA GLU C 347 14.56 16.24 12.39
C GLU C 347 14.14 14.98 11.59
N GLY C 348 12.84 14.85 11.40
CA GLY C 348 12.27 13.71 10.70
C GLY C 348 12.49 13.58 9.22
N TYR C 349 12.61 14.70 8.52
CA TYR C 349 12.85 14.68 7.08
C TYR C 349 14.19 15.38 6.81
N LEU C 350 15.22 14.90 7.50
CA LEU C 350 16.57 15.47 7.41
C LEU C 350 17.08 15.75 6.01
N SER C 351 16.58 15.05 5.01
CA SER C 351 17.09 15.30 3.67
C SER C 351 16.05 15.28 2.57
N SER C 352 14.81 15.57 2.91
CA SER C 352 13.78 15.54 1.91
C SER C 352 12.72 16.61 2.08
N LEU C 353 12.66 17.23 3.26
CA LEU C 353 11.65 18.24 3.51
C LEU C 353 11.65 19.32 2.45
N HIS C 354 12.83 19.76 2.05
CA HIS C 354 12.91 20.80 1.04
C HIS C 354 12.34 20.35 -0.30
N LEU C 355 12.23 19.05 -0.48
CA LEU C 355 11.66 18.51 -1.69
C LEU C 355 10.14 18.62 -1.56
N LYS C 356 9.68 18.89 -0.34
CA LYS C 356 8.27 18.96 -0.06
C LYS C 356 7.77 20.35 0.31
N ALA C 357 8.29 20.91 1.39
CA ALA C 357 7.86 22.22 1.83
C ALA C 357 8.73 23.27 1.17
N PHE C 358 8.13 24.27 0.52
CA PHE C 358 8.92 25.30 -0.14
C PHE C 358 8.98 26.63 0.56
N THR C 359 8.26 26.77 1.67
CA THR C 359 8.24 28.00 2.46
C THR C 359 7.54 27.77 3.79
N TYR C 360 8.07 28.35 4.84
CA TYR C 360 7.46 28.18 6.15
C TYR C 360 7.14 29.55 6.74
N ILE C 361 5.84 29.77 6.97
CA ILE C 361 5.37 31.01 7.58
C ILE C 361 5.22 30.69 9.06
N ASN C 362 5.25 31.70 9.91
CA ASN C 362 5.15 31.45 11.35
C ASN C 362 4.30 32.52 12.03
N LEU C 363 3.25 32.09 12.72
CA LEU C 363 2.35 33.02 13.38
C LEU C 363 2.63 33.34 14.84
N ASP C 364 3.64 32.70 15.42
CA ASP C 364 3.98 32.94 16.82
C ASP C 364 4.14 34.42 17.10
N LYS C 365 3.77 34.84 18.31
CA LYS C 365 3.88 36.23 18.72
C LYS C 365 3.59 37.22 17.59
N ALA C 366 2.53 36.97 16.82
CA ALA C 366 2.18 37.86 15.71
C ALA C 366 1.69 39.23 16.17
N VAL C 367 0.95 39.27 17.27
CA VAL C 367 0.42 40.53 17.80
C VAL C 367 0.95 40.84 19.19
N LEU C 368 1.75 41.90 19.30
CA LEU C 368 2.32 42.30 20.59
C LEU C 368 2.20 43.80 20.83
N GLY C 369 1.78 44.53 19.80
CA GLY C 369 1.65 45.97 19.91
C GLY C 369 0.94 46.57 18.71
N THR C 370 1.14 47.86 18.48
CA THR C 370 0.49 48.53 17.36
C THR C 370 1.34 49.67 16.80
N SER C 371 2.62 49.68 17.14
CA SER C 371 3.52 50.74 16.66
C SER C 371 4.34 50.33 15.44
N ASN C 372 5.23 49.38 15.62
CA ASN C 372 6.09 48.91 14.54
C ASN C 372 5.55 47.66 13.85
N PHE C 373 6.32 47.17 12.89
CA PHE C 373 5.98 45.97 12.15
C PHE C 373 7.28 45.26 11.75
N LYS C 374 7.98 44.71 12.73
CA LYS C 374 9.22 44.00 12.49
C LYS C 374 8.92 42.81 11.56
N VAL C 375 9.88 42.41 10.75
CA VAL C 375 9.71 41.27 9.84
C VAL C 375 11.05 40.59 9.64
N SER C 376 11.10 39.29 9.89
CA SER C 376 12.33 38.52 9.72
C SER C 376 12.09 37.39 8.74
N ALA C 377 12.99 37.23 7.78
CA ALA C 377 12.82 36.18 6.80
C ALA C 377 14.06 35.93 5.94
N SER C 378 13.97 34.93 5.09
CA SER C 378 15.05 34.59 4.19
C SER C 378 14.96 35.50 3.00
N PRO C 379 16.09 36.04 2.54
CA PRO C 379 16.01 36.93 1.39
C PRO C 379 15.09 36.41 0.29
N LEU C 380 14.88 35.09 0.24
CA LEU C 380 14.04 34.54 -0.80
C LEU C 380 12.61 35.04 -0.74
N LEU C 381 12.18 35.51 0.42
CA LEU C 381 10.81 36.01 0.56
C LEU C 381 10.78 37.52 0.70
N TYR C 382 11.91 38.14 0.41
CA TYR C 382 12.01 39.60 0.53
C TYR C 382 10.98 40.37 -0.26
N THR C 383 10.87 40.10 -1.55
CA THR C 383 9.91 40.81 -2.39
C THR C 383 8.46 40.55 -2.00
N LEU C 384 8.18 39.38 -1.44
CA LEU C 384 6.82 39.06 -1.01
C LEU C 384 6.51 39.94 0.18
N ILE C 385 7.38 39.93 1.17
CA ILE C 385 7.17 40.73 2.35
C ILE C 385 6.92 42.15 1.89
N GLU C 386 7.75 42.63 0.98
CA GLU C 386 7.63 44.00 0.48
C GLU C 386 6.28 44.24 -0.18
N LYS C 387 6.08 43.68 -1.36
CA LYS C 387 4.83 43.87 -2.07
C LYS C 387 3.58 43.65 -1.22
N THR C 388 3.68 42.84 -0.16
CA THR C 388 2.54 42.59 0.70
C THR C 388 2.37 43.74 1.69
N MET C 389 3.47 44.24 2.23
CA MET C 389 3.37 45.37 3.16
C MET C 389 2.84 46.57 2.39
N GLN C 390 2.70 46.39 1.09
CA GLN C 390 2.20 47.43 0.19
C GLN C 390 0.72 47.20 -0.07
N ASN C 391 0.19 46.08 0.42
CA ASN C 391 -1.22 45.75 0.22
C ASN C 391 -2.01 45.75 1.53
N VAL C 392 -1.32 45.56 2.65
CA VAL C 392 -1.97 45.52 3.95
C VAL C 392 -1.87 46.83 4.71
N LYS C 393 -3.00 47.35 5.16
CA LYS C 393 -3.01 48.61 5.89
C LYS C 393 -2.97 48.36 7.38
N HIS C 394 -2.18 49.16 8.09
CA HIS C 394 -2.01 49.06 9.54
C HIS C 394 -3.38 49.06 10.21
N PRO C 395 -3.57 48.23 11.24
CA PRO C 395 -4.87 48.18 11.92
C PRO C 395 -5.29 49.51 12.55
N VAL C 396 -4.34 50.18 13.20
CA VAL C 396 -4.62 51.46 13.85
C VAL C 396 -4.59 52.63 12.86
N THR C 397 -3.44 52.82 12.21
CA THR C 397 -3.26 53.89 11.22
C THR C 397 -3.98 53.46 9.96
N GLY C 398 -4.67 54.39 9.30
CA GLY C 398 -5.36 54.02 8.07
C GLY C 398 -4.39 53.75 6.93
N GLN C 399 -3.11 54.07 7.14
CA GLN C 399 -2.07 53.92 6.12
C GLN C 399 -1.49 52.51 5.95
N PHE C 400 -0.86 52.28 4.80
CA PHE C 400 -0.25 50.98 4.48
C PHE C 400 1.00 50.71 5.31
N LEU C 401 1.29 49.43 5.51
CA LEU C 401 2.43 49.00 6.30
C LEU C 401 3.75 49.47 5.75
N TYR C 402 3.87 49.47 4.42
CA TYR C 402 5.11 49.86 3.73
C TYR C 402 5.49 51.34 3.79
N GLN C 403 6.72 51.61 4.26
CA GLN C 403 7.21 52.99 4.34
C GLN C 403 7.63 53.46 2.94
N ASP C 404 6.72 54.16 2.28
CA ASP C 404 6.91 54.67 0.94
C ASP C 404 8.16 55.53 0.72
N SER C 405 8.82 55.94 1.79
CA SER C 405 10.00 56.78 1.63
C SER C 405 11.29 56.01 1.31
N ASN C 406 11.23 54.70 1.28
CA ASN C 406 12.42 53.91 1.00
C ASN C 406 12.26 53.02 -0.22
N TRP C 407 13.36 52.43 -0.68
CA TRP C 407 13.34 51.53 -1.82
C TRP C 407 13.95 50.27 -1.28
N ALA C 408 14.55 50.41 -0.10
CA ALA C 408 15.19 49.30 0.57
C ALA C 408 14.61 49.17 1.96
N SER C 409 13.73 48.20 2.16
CA SER C 409 13.08 47.95 3.45
C SER C 409 13.99 47.18 4.40
N LYS C 410 13.62 47.16 5.67
CA LYS C 410 14.40 46.45 6.68
C LYS C 410 13.86 45.06 6.98
N VAL C 411 14.72 44.05 6.84
CA VAL C 411 14.33 42.69 7.14
C VAL C 411 15.34 42.16 8.13
N GLU C 412 14.84 41.55 9.20
CA GLU C 412 15.67 41.06 10.27
C GLU C 412 16.05 39.60 10.10
N LYS C 413 17.14 39.19 10.75
CA LYS C 413 17.63 37.81 10.69
C LYS C 413 16.84 36.96 11.68
N LEU C 414 16.62 35.69 11.36
CA LEU C 414 15.89 34.80 12.28
C LEU C 414 16.77 34.43 13.46
N THR C 415 16.18 34.41 14.64
CA THR C 415 16.91 34.07 15.85
C THR C 415 16.70 32.66 16.38
N LEU C 416 17.72 32.15 17.04
CA LEU C 416 17.73 30.82 17.63
C LEU C 416 16.44 30.51 18.33
N ASP C 417 15.71 31.54 18.72
CA ASP C 417 14.46 31.33 19.45
C ASP C 417 13.19 31.51 18.62
N ASN C 418 13.23 31.11 17.36
CA ASN C 418 12.04 31.24 16.52
C ASN C 418 11.85 29.99 15.68
N ALA C 419 10.74 29.30 15.93
CA ALA C 419 10.43 28.08 15.21
C ALA C 419 10.78 28.17 13.74
N ALA C 420 10.79 29.39 13.20
CA ALA C 420 11.13 29.58 11.80
C ALA C 420 12.61 29.33 11.56
N PHE C 421 13.44 29.68 12.54
CA PHE C 421 14.88 29.50 12.45
C PHE C 421 15.25 28.09 12.06
N PRO C 422 14.74 27.08 12.78
CA PRO C 422 15.11 25.72 12.40
C PRO C 422 14.72 25.38 10.98
N PHE C 423 13.51 25.74 10.57
CA PHE C 423 13.08 25.47 9.21
C PHE C 423 14.08 25.98 8.18
N LEU C 424 14.66 27.15 8.42
CA LEU C 424 15.61 27.77 7.51
C LEU C 424 17.07 27.40 7.73
N ALA C 425 17.51 27.43 8.98
CA ALA C 425 18.88 27.12 9.30
C ALA C 425 19.21 25.64 9.35
N TYR C 426 18.20 24.78 9.49
CA TYR C 426 18.44 23.34 9.59
C TYR C 426 17.85 22.51 8.47
N SER C 427 16.63 22.84 8.07
CA SER C 427 15.96 22.11 7.00
C SER C 427 16.08 22.76 5.62
N GLY C 428 16.68 23.93 5.58
CA GLY C 428 16.84 24.60 4.30
C GLY C 428 15.55 25.04 3.65
N ILE C 429 14.58 25.45 4.46
CA ILE C 429 13.29 25.93 3.95
C ILE C 429 13.22 27.43 4.19
N PRO C 430 12.96 28.21 3.13
CA PRO C 430 12.90 29.66 3.34
C PRO C 430 11.72 29.95 4.25
N ALA C 431 11.90 30.83 5.23
CA ALA C 431 10.82 31.13 6.16
C ALA C 431 10.69 32.58 6.56
N VAL C 432 9.45 33.04 6.64
CA VAL C 432 9.16 34.41 7.04
C VAL C 432 8.63 34.40 8.47
N SER C 433 8.60 35.57 9.10
CA SER C 433 8.11 35.65 10.47
C SER C 433 7.84 37.10 10.87
N PHE C 434 6.61 37.56 10.68
CA PHE C 434 6.27 38.94 11.02
C PHE C 434 5.79 39.15 12.44
N CYS C 435 5.76 40.41 12.86
CA CYS C 435 5.38 40.80 14.20
C CYS C 435 4.89 42.24 14.28
N PHE C 436 3.70 42.47 14.83
CA PHE C 436 3.23 43.83 15.00
C PHE C 436 3.88 44.30 16.32
N CYS C 437 5.18 44.09 16.39
CA CYS C 437 6.01 44.42 17.55
C CYS C 437 5.94 45.87 18.07
N GLU C 438 6.67 46.11 19.16
CA GLU C 438 6.78 47.42 19.81
C GLU C 438 8.26 47.68 20.12
N ASP C 439 8.63 48.94 20.34
CA ASP C 439 10.03 49.26 20.64
C ASP C 439 10.49 48.45 21.84
N THR C 440 9.57 48.21 22.76
CA THR C 440 9.87 47.43 23.97
C THR C 440 9.14 46.09 23.87
N ASP C 441 9.84 45.01 24.19
CA ASP C 441 9.23 43.69 24.15
C ASP C 441 8.17 43.52 25.23
N TYR C 442 7.09 42.81 24.90
CA TYR C 442 5.99 42.53 25.83
C TYR C 442 6.62 42.04 27.12
N PRO C 443 6.21 42.61 28.25
CA PRO C 443 6.76 42.21 29.56
C PRO C 443 6.25 40.90 30.10
N TYR C 444 4.92 40.77 30.16
CA TYR C 444 4.28 39.57 30.69
C TYR C 444 4.65 38.29 29.95
N LEU C 445 5.28 38.44 28.80
CA LEU C 445 5.64 37.32 27.94
C LEU C 445 5.95 35.98 28.60
N GLY C 446 7.09 35.87 29.27
CA GLY C 446 7.43 34.60 29.89
C GLY C 446 6.92 34.38 31.31
N THR C 447 5.85 35.08 31.67
CA THR C 447 5.30 34.95 33.00
C THR C 447 3.80 34.66 33.08
N THR C 448 3.35 34.28 34.26
CA THR C 448 1.95 33.95 34.50
C THR C 448 1.02 35.12 34.21
N MET C 449 1.56 36.22 33.73
CA MET C 449 0.74 37.39 33.46
C MET C 449 0.26 37.52 32.02
N ASP C 450 0.68 36.58 31.18
CA ASP C 450 0.33 36.59 29.77
C ASP C 450 -1.16 36.25 29.59
N THR C 451 -2.02 36.94 30.33
CA THR C 451 -3.46 36.70 30.26
C THR C 451 -4.14 37.46 29.13
N TYR C 452 -5.27 36.93 28.67
CA TYR C 452 -6.01 37.57 27.60
C TYR C 452 -6.46 38.94 28.07
N LYS C 453 -6.60 39.08 29.38
CA LYS C 453 -7.03 40.34 29.94
C LYS C 453 -5.92 41.38 29.85
N GLU C 454 -4.88 41.20 30.65
CA GLU C 454 -3.77 42.16 30.64
C GLU C 454 -3.27 42.45 29.23
N LEU C 455 -3.60 41.58 28.27
CA LEU C 455 -3.19 41.79 26.88
C LEU C 455 -4.09 42.86 26.30
N ILE C 456 -5.37 42.52 26.16
CA ILE C 456 -6.35 43.42 25.62
C ILE C 456 -6.45 44.73 26.42
N GLU C 457 -5.93 44.73 27.65
CA GLU C 457 -5.96 45.94 28.49
C GLU C 457 -4.80 46.79 27.98
N ARG C 458 -3.87 46.14 27.30
CA ARG C 458 -2.69 46.81 26.75
C ARG C 458 -2.71 46.92 25.24
N ILE C 459 -3.80 46.53 24.61
CA ILE C 459 -3.88 46.60 23.16
C ILE C 459 -5.35 46.56 22.68
N PRO C 460 -6.17 47.46 23.25
CA PRO C 460 -7.60 47.67 23.00
C PRO C 460 -8.21 47.08 21.73
N GLU C 461 -7.64 47.36 20.58
CA GLU C 461 -8.21 46.86 19.33
C GLU C 461 -7.53 45.57 18.87
N LEU C 462 -7.10 44.76 19.83
CA LEU C 462 -6.44 43.49 19.53
C LEU C 462 -7.06 42.78 18.36
N ASN C 463 -8.36 42.91 18.18
CA ASN C 463 -9.02 42.23 17.08
C ASN C 463 -8.50 42.74 15.74
N LYS C 464 -8.62 44.04 15.51
CA LYS C 464 -8.15 44.60 14.25
C LYS C 464 -6.70 44.26 13.99
N VAL C 465 -5.86 44.38 15.02
CA VAL C 465 -4.45 44.07 14.88
C VAL C 465 -4.26 42.63 14.42
N ALA C 466 -4.81 41.68 15.18
CA ALA C 466 -4.69 40.27 14.82
C ALA C 466 -5.18 40.07 13.41
N ARG C 467 -6.23 40.79 13.02
CA ARG C 467 -6.77 40.68 11.67
C ARG C 467 -5.69 40.99 10.64
N ALA C 468 -5.03 42.12 10.80
CA ALA C 468 -3.96 42.52 9.88
C ALA C 468 -2.93 41.38 9.79
N ALA C 469 -2.41 40.98 10.93
CA ALA C 469 -1.44 39.89 11.00
C ALA C 469 -1.98 38.70 10.21
N ALA C 470 -3.26 38.41 10.40
CA ALA C 470 -3.87 37.29 9.69
C ALA C 470 -3.97 37.59 8.22
N GLU C 471 -3.88 38.88 7.86
CA GLU C 471 -3.97 39.26 6.46
C GLU C 471 -2.63 39.12 5.76
N VAL C 472 -1.58 39.64 6.36
CA VAL C 472 -0.28 39.50 5.71
C VAL C 472 0.04 38.02 5.62
N ALA C 473 -0.35 37.26 6.63
CA ALA C 473 -0.11 35.82 6.65
C ALA C 473 -0.89 35.18 5.53
N GLY C 474 -2.12 35.66 5.35
CA GLY C 474 -2.96 35.13 4.30
C GLY C 474 -2.42 35.38 2.91
N GLN C 475 -2.11 36.64 2.61
CA GLN C 475 -1.60 36.97 1.30
C GLN C 475 -0.36 36.16 0.96
N PHE C 476 0.53 35.98 1.95
CA PHE C 476 1.74 35.19 1.75
C PHE C 476 1.31 33.87 1.15
N VAL C 477 0.32 33.25 1.80
CA VAL C 477 -0.18 31.96 1.35
C VAL C 477 -0.81 32.03 -0.03
N ILE C 478 -1.74 32.96 -0.23
CA ILE C 478 -2.38 33.09 -1.53
C ILE C 478 -1.29 33.27 -2.59
N LYS C 479 -0.42 34.25 -2.36
CA LYS C 479 0.66 34.55 -3.28
C LYS C 479 1.55 33.35 -3.59
N LEU C 480 1.98 32.62 -2.55
CA LEU C 480 2.86 31.48 -2.74
C LEU C 480 2.15 30.30 -3.40
N THR C 481 0.86 30.48 -3.68
CA THR C 481 0.06 29.42 -4.29
C THR C 481 -0.72 29.82 -5.57
N HIS C 482 -1.36 30.98 -5.52
CA HIS C 482 -2.15 31.51 -6.63
C HIS C 482 -1.63 31.22 -8.03
N ASP C 483 -0.37 31.60 -8.29
CA ASP C 483 0.25 31.42 -9.61
C ASP C 483 1.00 30.12 -9.81
N VAL C 484 1.25 29.78 -11.07
CA VAL C 484 1.94 28.56 -11.44
C VAL C 484 3.45 28.63 -11.27
N GLU C 485 4.02 29.83 -11.33
CA GLU C 485 5.46 29.96 -11.15
C GLU C 485 5.75 30.11 -9.67
N LEU C 486 6.65 29.28 -9.14
CA LEU C 486 7.00 29.35 -7.73
C LEU C 486 7.76 30.67 -7.56
N ASN C 487 7.13 31.62 -6.90
CA ASN C 487 7.75 32.93 -6.72
C ASN C 487 8.67 33.12 -5.53
N LEU C 488 9.93 32.76 -5.69
CA LEU C 488 10.90 32.96 -4.62
C LEU C 488 12.07 33.75 -5.20
N ASP C 489 12.56 34.72 -4.45
CA ASP C 489 13.65 35.57 -4.89
C ASP C 489 15.03 34.90 -4.87
N TYR C 490 15.27 33.96 -5.76
CA TYR C 490 16.56 33.30 -5.75
C TYR C 490 17.67 34.24 -6.20
N GLU C 491 17.31 35.45 -6.65
CA GLU C 491 18.29 36.44 -7.09
C GLU C 491 18.94 37.07 -5.88
N GLU C 492 18.10 37.49 -4.95
CA GLU C 492 18.57 38.15 -3.73
C GLU C 492 19.82 37.49 -3.14
N TYR C 493 20.09 36.22 -3.50
CA TYR C 493 21.27 35.53 -2.98
C TYR C 493 22.51 35.94 -3.72
N ASN C 494 22.33 36.50 -4.91
CA ASN C 494 23.47 36.97 -5.68
C ASN C 494 24.04 38.12 -4.88
N SER C 495 23.13 38.99 -4.44
CA SER C 495 23.48 40.15 -3.66
C SER C 495 24.09 39.64 -2.37
N GLN C 496 23.35 38.78 -1.67
CA GLN C 496 23.82 38.21 -0.41
C GLN C 496 25.22 37.64 -0.51
N LEU C 497 25.50 37.01 -1.65
CA LEU C 497 26.79 36.41 -1.89
C LEU C 497 27.85 37.47 -2.21
N LEU C 498 27.47 38.48 -3.00
CA LEU C 498 28.41 39.53 -3.33
C LEU C 498 28.82 40.29 -2.10
N SER C 499 27.86 40.55 -1.23
CA SER C 499 28.12 41.28 0.00
C SER C 499 29.24 40.58 0.73
N PHE C 500 29.21 39.26 0.73
CA PHE C 500 30.24 38.45 1.39
C PHE C 500 31.58 38.76 0.74
N VAL C 501 31.65 38.50 -0.56
CA VAL C 501 32.87 38.73 -1.32
C VAL C 501 33.43 40.09 -0.98
N ARG C 502 32.57 41.10 -0.95
CA ARG C 502 33.00 42.45 -0.62
C ARG C 502 33.67 42.49 0.73
N ASP C 503 32.90 42.26 1.78
CA ASP C 503 33.41 42.28 3.15
C ASP C 503 34.70 41.45 3.24
N LEU C 504 34.80 40.41 2.44
CA LEU C 504 35.99 39.56 2.48
C LEU C 504 37.18 40.27 1.86
N ASN C 505 36.93 41.10 0.86
CA ASN C 505 38.01 41.81 0.20
C ASN C 505 38.68 42.87 1.06
N GLN C 506 38.07 43.20 2.20
CA GLN C 506 38.65 44.18 3.10
C GLN C 506 39.84 43.56 3.83
N TYR C 507 40.08 42.28 3.59
CA TYR C 507 41.18 41.57 4.22
C TYR C 507 42.11 41.02 3.16
N ARG C 508 41.96 41.54 1.94
CA ARG C 508 42.77 41.08 0.82
C ARG C 508 44.24 41.12 1.21
N ALA C 509 44.55 41.97 2.17
CA ALA C 509 45.91 42.08 2.65
C ALA C 509 46.29 40.82 3.39
N ASP C 510 45.47 40.44 4.37
CA ASP C 510 45.75 39.24 5.13
C ASP C 510 45.72 38.08 4.18
N ILE C 511 44.72 38.05 3.31
CA ILE C 511 44.59 36.96 2.36
C ILE C 511 45.88 36.84 1.57
N LYS C 512 46.59 37.94 1.41
CA LYS C 512 47.83 37.93 0.65
C LYS C 512 49.01 37.44 1.46
N GLU C 513 49.11 37.84 2.72
CA GLU C 513 50.24 37.37 3.52
C GLU C 513 50.22 35.85 3.47
N MET C 514 49.01 35.29 3.48
CA MET C 514 48.85 33.84 3.38
C MET C 514 48.85 33.58 1.88
N GLY C 515 49.37 32.44 1.46
CA GLY C 515 49.42 32.16 0.03
C GLY C 515 48.09 32.16 -0.71
N LEU C 516 47.00 32.27 0.04
CA LEU C 516 45.65 32.24 -0.54
C LEU C 516 45.42 33.08 -1.79
N SER C 517 44.78 32.46 -2.78
CA SER C 517 44.48 33.13 -4.04
C SER C 517 43.09 33.71 -4.02
N LEU C 518 42.21 33.13 -3.21
CA LEU C 518 40.86 33.65 -3.12
C LEU C 518 40.20 33.81 -4.49
N GLN C 519 40.77 33.18 -5.51
CA GLN C 519 40.24 33.26 -6.87
C GLN C 519 39.10 32.29 -7.10
N TRP C 520 39.20 31.11 -6.51
CA TRP C 520 38.19 30.08 -6.64
C TRP C 520 36.84 30.52 -6.12
N LEU C 521 36.84 31.45 -5.15
CA LEU C 521 35.61 31.93 -4.55
C LEU C 521 34.85 32.75 -5.57
N TYR C 522 35.55 33.68 -6.23
CA TYR C 522 34.91 34.54 -7.22
C TYR C 522 34.28 33.66 -8.28
N SER C 523 35.03 32.65 -8.70
CA SER C 523 34.55 31.76 -9.72
C SER C 523 33.22 31.15 -9.28
N ALA C 524 33.16 30.68 -8.04
CA ALA C 524 31.94 30.09 -7.53
C ALA C 524 30.84 31.14 -7.57
N ARG C 525 31.08 32.24 -6.88
CA ARG C 525 30.11 33.32 -6.83
C ARG C 525 29.58 33.64 -8.23
N GLY C 526 30.44 33.48 -9.22
CA GLY C 526 30.04 33.78 -10.57
C GLY C 526 29.38 32.58 -11.20
N ASP C 527 29.98 31.41 -11.01
CA ASP C 527 29.44 30.17 -11.55
C ASP C 527 28.00 30.06 -11.05
N PHE C 528 27.72 30.72 -9.92
CA PHE C 528 26.38 30.71 -9.36
C PHE C 528 25.50 31.78 -9.99
N PHE C 529 26.06 32.96 -10.21
CA PHE C 529 25.33 34.06 -10.81
C PHE C 529 24.73 33.57 -12.12
N ARG C 530 25.57 33.01 -12.99
CA ARG C 530 25.09 32.50 -14.28
C ARG C 530 23.92 31.57 -14.03
N ALA C 531 24.15 30.58 -13.18
CA ALA C 531 23.13 29.61 -12.84
C ALA C 531 21.77 30.26 -12.65
N THR C 532 21.74 31.35 -11.88
CA THR C 532 20.52 32.09 -11.61
C THR C 532 20.03 32.86 -12.83
N SER C 533 20.98 33.30 -13.64
CA SER C 533 20.65 34.03 -14.86
C SER C 533 19.96 33.13 -15.87
N ARG C 534 20.32 31.86 -15.86
CA ARG C 534 19.71 30.93 -16.79
C ARG C 534 18.31 30.68 -16.28
N LEU C 535 18.23 30.24 -15.03
CA LEU C 535 16.94 29.96 -14.45
C LEU C 535 16.04 31.16 -14.67
N THR C 536 16.55 32.35 -14.37
CA THR C 536 15.76 33.57 -14.54
C THR C 536 15.35 33.77 -16.01
N THR C 537 16.09 33.13 -16.91
CA THR C 537 15.79 33.22 -18.33
C THR C 537 14.82 32.10 -18.70
N ASP C 538 15.25 30.85 -18.50
CA ASP C 538 14.43 29.69 -18.83
C ASP C 538 12.96 29.90 -18.47
N PHE C 539 12.73 30.56 -17.35
CA PHE C 539 11.37 30.83 -16.89
C PHE C 539 10.64 31.66 -17.91
N GLY C 540 11.18 32.83 -18.22
CA GLY C 540 10.57 33.71 -19.19
C GLY C 540 10.26 33.03 -20.52
N ASN C 541 11.15 32.15 -20.97
CA ASN C 541 10.94 31.45 -22.23
C ASN C 541 9.97 30.26 -22.14
N ALA C 542 9.69 29.82 -20.92
CA ALA C 542 8.78 28.71 -20.72
C ALA C 542 7.35 29.26 -20.61
N GLU C 543 6.37 28.44 -20.99
CA GLU C 543 4.96 28.83 -20.96
C GLU C 543 4.24 28.27 -19.73
N LYS C 544 3.48 29.13 -19.08
CA LYS C 544 2.72 28.74 -17.89
C LYS C 544 1.67 27.69 -18.21
N THR C 545 1.87 26.97 -19.30
CA THR C 545 0.94 25.94 -19.72
C THR C 545 1.62 24.57 -19.76
N ASP C 546 2.94 24.55 -19.89
CA ASP C 546 3.65 23.28 -19.95
C ASP C 546 3.96 22.83 -18.53
N ARG C 547 2.95 22.26 -17.88
CA ARG C 547 3.06 21.77 -16.51
C ARG C 547 4.41 21.09 -16.30
N PHE C 548 4.97 20.51 -17.36
CA PHE C 548 6.25 19.82 -17.28
C PHE C 548 7.47 20.73 -17.21
N VAL C 549 7.63 21.61 -18.19
CA VAL C 549 8.78 22.50 -18.19
C VAL C 549 8.77 23.42 -17.00
N MET C 550 7.58 23.76 -16.51
CA MET C 550 7.47 24.63 -15.36
C MET C 550 7.86 23.88 -14.10
N LYS C 551 7.38 22.65 -13.98
CA LYS C 551 7.70 21.85 -12.81
C LYS C 551 9.21 21.68 -12.75
N LYS C 552 9.86 21.45 -13.89
CA LYS C 552 11.30 21.28 -13.87
C LYS C 552 12.02 22.52 -13.39
N LEU C 553 11.44 23.70 -13.62
CA LEU C 553 12.05 24.95 -13.19
C LEU C 553 11.79 25.21 -11.73
N ASN C 554 10.52 25.17 -11.34
CA ASN C 554 10.15 25.41 -9.96
C ASN C 554 10.98 24.54 -9.03
N ASP C 555 11.26 23.32 -9.44
CA ASP C 555 12.05 22.41 -8.62
C ASP C 555 13.42 22.99 -8.39
N ARG C 556 13.99 23.60 -9.43
CA ARG C 556 15.32 24.19 -9.32
C ARG C 556 15.27 25.32 -8.30
N VAL C 557 14.22 26.13 -8.37
CA VAL C 557 14.05 27.24 -7.45
C VAL C 557 13.96 26.70 -6.04
N MET C 558 13.25 25.58 -5.91
CA MET C 558 13.03 24.93 -4.63
C MET C 558 14.31 24.34 -4.05
N ARG C 559 15.37 24.24 -4.86
CA ARG C 559 16.65 23.71 -4.39
C ARG C 559 17.52 24.82 -3.82
N VAL C 560 17.43 26.01 -4.40
CA VAL C 560 18.23 27.17 -4.01
C VAL C 560 18.53 27.33 -2.52
N GLU C 561 17.49 27.45 -1.70
CA GLU C 561 17.69 27.63 -0.27
C GLU C 561 18.40 26.49 0.40
N TYR C 562 17.92 25.27 0.21
CA TYR C 562 18.53 24.09 0.82
C TYR C 562 20.02 23.91 0.52
N HIS C 563 20.40 24.13 -0.73
CA HIS C 563 21.78 23.96 -1.15
C HIS C 563 22.82 24.93 -0.57
N PHE C 564 22.40 25.82 0.32
CA PHE C 564 23.34 26.73 0.95
C PHE C 564 23.65 26.24 2.34
N LEU C 565 23.30 24.98 2.60
CA LEU C 565 23.57 24.34 3.87
C LEU C 565 24.87 23.56 3.66
N SER C 566 25.93 23.92 4.37
CA SER C 566 27.20 23.24 4.21
C SER C 566 27.09 21.75 4.16
N PRO C 567 27.40 21.14 3.01
CA PRO C 567 27.33 19.68 2.89
C PRO C 567 28.61 19.03 3.39
N TYR C 568 29.28 19.70 4.31
CA TYR C 568 30.50 19.15 4.84
C TYR C 568 30.46 19.10 6.36
N VAL C 569 29.28 19.34 6.95
CA VAL C 569 29.14 19.28 8.41
C VAL C 569 27.97 18.38 8.76
N SER C 570 28.13 17.58 9.81
CA SER C 570 27.06 16.66 10.18
C SER C 570 25.95 17.26 11.00
N PRO C 571 24.69 17.03 10.61
CA PRO C 571 23.56 17.57 11.36
C PRO C 571 23.60 17.14 12.83
N LYS C 572 24.18 15.97 13.08
CA LYS C 572 24.28 15.43 14.43
C LYS C 572 25.21 16.29 15.27
N GLU C 573 26.21 16.88 14.62
CA GLU C 573 27.19 17.73 15.31
C GLU C 573 26.79 19.20 15.30
N SER C 574 26.54 19.75 14.12
CA SER C 574 26.16 21.15 13.98
C SER C 574 24.93 21.22 13.11
N PRO C 575 23.74 21.13 13.72
CA PRO C 575 22.44 21.16 13.05
C PRO C 575 22.11 22.37 12.17
N PHE C 576 22.62 23.54 12.51
CA PHE C 576 22.33 24.70 11.68
C PHE C 576 23.39 24.89 10.63
N ARG C 577 23.32 24.05 9.60
CA ARG C 577 24.29 24.06 8.51
C ARG C 577 24.25 25.22 7.54
N HIS C 578 23.17 25.98 7.50
CA HIS C 578 23.09 27.07 6.54
C HIS C 578 24.27 28.02 6.59
N VAL C 579 25.11 27.99 5.57
CA VAL C 579 26.29 28.85 5.57
C VAL C 579 25.97 30.31 5.85
N PHE C 580 24.78 30.76 5.47
CA PHE C 580 24.39 32.15 5.71
C PHE C 580 23.72 32.47 7.05
N TRP C 581 22.77 31.65 7.47
CA TRP C 581 22.04 31.91 8.70
C TRP C 581 22.24 30.88 9.81
N GLY C 582 23.06 29.88 9.55
CA GLY C 582 23.29 28.85 10.53
C GLY C 582 24.10 29.31 11.72
N SER C 583 24.79 28.38 12.35
CA SER C 583 25.63 28.66 13.51
C SER C 583 26.69 27.60 13.55
N GLY C 584 27.95 28.01 13.54
CA GLY C 584 29.05 27.07 13.55
C GLY C 584 30.23 27.63 12.79
N SER C 585 31.31 26.86 12.66
CA SER C 585 32.47 27.37 11.95
C SER C 585 32.24 27.29 10.44
N HIS C 586 31.22 26.55 10.05
CA HIS C 586 30.90 26.42 8.63
C HIS C 586 30.19 27.68 8.14
N THR C 587 29.69 28.46 9.09
CA THR C 587 28.98 29.70 8.84
C THR C 587 29.85 30.64 8.02
N LEU C 588 29.25 31.32 7.03
CA LEU C 588 29.99 32.25 6.20
C LEU C 588 30.43 33.37 7.12
N PRO C 589 29.49 33.99 7.84
CA PRO C 589 29.86 35.08 8.76
C PRO C 589 30.98 34.66 9.69
N ALA C 590 30.94 33.40 10.10
CA ALA C 590 31.94 32.88 11.01
C ALA C 590 33.34 32.94 10.42
N LEU C 591 33.42 32.88 9.10
CA LEU C 591 34.71 32.93 8.42
C LEU C 591 35.35 34.29 8.65
N LEU C 592 34.66 35.34 8.24
CA LEU C 592 35.18 36.69 8.43
C LEU C 592 35.50 36.86 9.91
N GLU C 593 34.55 36.51 10.75
CA GLU C 593 34.71 36.65 12.19
C GLU C 593 36.01 36.05 12.73
N ASN C 594 36.58 35.10 12.02
CA ASN C 594 37.84 34.49 12.45
C ASN C 594 38.98 35.27 11.84
N LEU C 595 38.81 35.63 10.58
CA LEU C 595 39.82 36.39 9.87
C LEU C 595 40.05 37.73 10.53
N LYS C 596 38.99 38.34 11.05
CA LYS C 596 39.13 39.64 11.70
C LYS C 596 40.24 39.57 12.74
N LEU C 597 40.32 38.45 13.43
CA LEU C 597 41.31 38.25 14.47
C LEU C 597 42.76 38.21 13.97
N ARG C 598 42.92 38.04 12.67
CA ARG C 598 44.25 37.97 12.07
C ARG C 598 45.08 39.20 12.45
N LYS C 599 44.48 40.38 12.26
CA LYS C 599 45.12 41.68 12.54
C LYS C 599 45.59 41.84 13.98
N GLN C 600 44.84 41.27 14.93
CA GLN C 600 45.18 41.36 16.36
C GLN C 600 46.56 40.78 16.70
N ASN C 601 47.28 40.32 15.67
CA ASN C 601 48.62 39.75 15.78
C ASN C 601 48.81 38.66 16.84
N ASN C 602 47.77 38.38 17.63
CA ASN C 602 47.84 37.36 18.67
C ASN C 602 47.51 35.98 18.09
N GLY C 603 47.35 34.99 18.96
CA GLY C 603 47.05 33.64 18.50
C GLY C 603 45.58 33.38 18.28
N ALA C 604 44.73 34.33 18.67
CA ALA C 604 43.28 34.21 18.53
C ALA C 604 42.85 33.69 17.16
N PHE C 605 43.64 33.97 16.13
CA PHE C 605 43.34 33.52 14.77
C PHE C 605 43.87 32.12 14.50
N ASN C 606 42.96 31.18 14.23
CA ASN C 606 43.36 29.81 13.91
C ASN C 606 43.49 29.80 12.39
N GLU C 607 44.72 29.74 11.89
CA GLU C 607 44.95 29.75 10.46
C GLU C 607 44.47 28.48 9.77
N THR C 608 44.78 27.31 10.34
CA THR C 608 44.35 26.07 9.73
C THR C 608 42.84 26.06 9.60
N LEU C 609 42.14 26.57 10.60
CA LEU C 609 40.69 26.64 10.57
C LEU C 609 40.24 27.51 9.40
N PHE C 610 40.80 28.72 9.29
CA PHE C 610 40.43 29.60 8.19
C PHE C 610 40.64 28.87 6.87
N ARG C 611 41.88 28.48 6.60
CA ARG C 611 42.19 27.78 5.37
C ARG C 611 41.05 26.89 4.91
N ASN C 612 40.55 26.05 5.82
CA ASN C 612 39.45 25.16 5.48
C ASN C 612 38.18 25.98 5.30
N GLN C 613 37.82 26.75 6.32
CA GLN C 613 36.62 27.57 6.25
C GLN C 613 36.47 28.14 4.85
N LEU C 614 37.49 28.83 4.37
CA LEU C 614 37.44 29.39 3.04
C LEU C 614 37.27 28.27 2.02
N ALA C 615 38.21 27.33 2.02
CA ALA C 615 38.19 26.21 1.10
C ALA C 615 36.80 25.60 0.94
N LEU C 616 36.22 25.14 2.04
CA LEU C 616 34.92 24.53 1.94
C LEU C 616 33.85 25.57 1.59
N ALA C 617 33.76 26.64 2.36
CA ALA C 617 32.77 27.68 2.11
C ALA C 617 32.77 28.03 0.62
N THR C 618 33.87 27.74 -0.07
CA THR C 618 33.94 28.04 -1.49
C THR C 618 33.16 26.97 -2.23
N TRP C 619 33.59 25.73 -2.06
CA TRP C 619 32.91 24.61 -2.69
C TRP C 619 31.43 24.52 -2.32
N THR C 620 31.05 25.05 -1.15
CA THR C 620 29.66 25.02 -0.76
C THR C 620 28.94 25.87 -1.79
N ILE C 621 29.41 27.10 -1.94
CA ILE C 621 28.84 28.04 -2.89
C ILE C 621 28.94 27.46 -4.28
N GLN C 622 30.11 26.94 -4.62
CA GLN C 622 30.34 26.33 -5.92
C GLN C 622 29.24 25.31 -6.19
N GLY C 623 29.14 24.33 -5.29
CA GLY C 623 28.13 23.30 -5.44
C GLY C 623 26.74 23.88 -5.58
N ALA C 624 26.42 24.88 -4.77
CA ALA C 624 25.11 25.52 -4.83
C ALA C 624 24.83 25.92 -6.27
N ALA C 625 25.89 26.29 -6.98
CA ALA C 625 25.77 26.68 -8.36
C ALA C 625 25.51 25.47 -9.25
N ASN C 626 26.40 24.49 -9.17
CA ASN C 626 26.28 23.27 -9.97
C ASN C 626 24.96 22.57 -9.75
N ALA C 627 24.32 22.83 -8.62
CA ALA C 627 23.06 22.20 -8.31
C ALA C 627 21.90 23.00 -8.86
N LEU C 628 22.07 24.33 -8.92
CA LEU C 628 21.03 25.24 -9.40
C LEU C 628 20.97 25.36 -10.92
N SER C 629 21.60 24.41 -11.60
CA SER C 629 21.61 24.31 -13.06
C SER C 629 22.94 24.50 -13.74
N GLY C 630 22.99 25.49 -14.64
CA GLY C 630 24.18 25.73 -15.43
C GLY C 630 23.97 24.75 -16.57
N ASP C 631 22.70 24.34 -16.69
CA ASP C 631 22.23 23.38 -17.68
C ASP C 631 22.86 22.03 -17.38
N VAL C 632 23.27 21.85 -16.13
CA VAL C 632 23.93 20.62 -15.72
C VAL C 632 25.32 20.60 -16.34
N TRP C 633 26.23 19.85 -15.74
CA TRP C 633 27.59 19.75 -16.28
C TRP C 633 28.21 21.12 -16.60
N ASP C 634 28.07 22.09 -15.70
CA ASP C 634 28.63 23.43 -15.94
C ASP C 634 29.96 23.32 -16.70
N ILE C 635 29.97 23.89 -17.90
CA ILE C 635 31.14 23.85 -18.78
C ILE C 635 32.18 24.99 -18.69
N ASP C 636 32.55 25.40 -17.48
CA ASP C 636 33.60 26.39 -17.34
C ASP C 636 34.83 25.55 -17.06
N ASN C 637 35.10 24.65 -18.02
CA ASN C 637 36.20 23.70 -18.00
C ASN C 637 37.59 24.33 -18.06
N GLU C 638 37.65 25.57 -18.54
CA GLU C 638 38.92 26.28 -18.63
C GLU C 638 39.53 26.48 -17.25
N PHE C 639 39.44 27.71 -16.73
CA PHE C 639 39.97 28.06 -15.42
C PHE C 639 41.00 27.05 -14.91
N LEU D 1 11.75 3.39 -32.41
CA LEU D 1 12.09 1.99 -32.66
C LEU D 1 11.91 1.13 -31.40
N TYR D 2 11.84 -0.19 -31.57
CA TYR D 2 11.68 -1.06 -30.41
C TYR D 2 13.00 -1.75 -30.04
N TRP D 3 13.04 -2.34 -28.85
CA TRP D 3 14.24 -3.01 -28.35
C TRP D 3 14.90 -3.92 -29.38
N ASP D 4 14.13 -4.83 -29.95
CA ASP D 4 14.69 -5.74 -30.95
C ASP D 4 15.46 -4.92 -31.97
N ASP D 5 14.84 -3.85 -32.46
CA ASP D 5 15.47 -2.98 -33.44
C ASP D 5 16.82 -2.50 -32.94
N LEU D 6 16.81 -1.86 -31.78
CA LEU D 6 18.03 -1.34 -31.19
C LEU D 6 19.02 -2.46 -30.90
N LYS D 7 18.51 -3.60 -30.44
CA LYS D 7 19.39 -4.71 -30.13
C LYS D 7 20.06 -5.15 -31.42
N ARG D 8 19.24 -5.44 -32.43
CA ARG D 8 19.73 -5.88 -33.73
C ARG D 8 20.72 -4.90 -34.32
N LYS D 9 20.35 -3.62 -34.35
CA LYS D 9 21.23 -2.61 -34.91
C LYS D 9 22.56 -2.62 -34.18
N LEU D 10 22.51 -2.32 -32.89
CA LEU D 10 23.71 -2.29 -32.06
C LEU D 10 24.60 -3.51 -32.30
N SER D 11 24.00 -4.62 -32.69
CA SER D 11 24.79 -5.83 -32.93
C SER D 11 25.60 -5.72 -34.21
N GLU D 12 24.90 -5.48 -35.33
CA GLU D 12 25.60 -5.39 -36.61
C GLU D 12 26.65 -4.30 -36.55
N LYS D 13 26.35 -3.21 -35.84
CA LYS D 13 27.31 -2.14 -35.71
C LYS D 13 28.52 -2.71 -34.96
N LEU D 14 28.24 -3.56 -33.98
CA LEU D 14 29.31 -4.18 -33.22
C LEU D 14 29.98 -5.25 -34.09
N ASP D 15 29.23 -5.74 -35.07
CA ASP D 15 29.74 -6.75 -35.97
C ASP D 15 30.76 -6.14 -36.94
N SER D 16 30.74 -4.82 -37.07
CA SER D 16 31.65 -4.13 -37.96
C SER D 16 32.45 -3.02 -37.29
N THR D 17 33.21 -3.38 -36.27
CA THR D 17 34.04 -2.39 -35.56
C THR D 17 35.32 -3.07 -35.11
N ASP D 18 36.45 -2.55 -35.54
CA ASP D 18 37.73 -3.12 -35.20
C ASP D 18 38.20 -2.56 -33.86
N PHE D 19 38.00 -3.32 -32.79
CA PHE D 19 38.40 -2.87 -31.47
C PHE D 19 39.89 -3.12 -31.29
N THR D 20 40.37 -4.20 -31.89
CA THR D 20 41.77 -4.57 -31.77
C THR D 20 42.69 -3.49 -32.31
N SER D 21 42.27 -2.84 -33.39
CA SER D 21 43.07 -1.77 -34.00
C SER D 21 43.29 -0.63 -33.02
N THR D 22 42.19 -0.14 -32.46
CA THR D 22 42.24 0.97 -31.51
C THR D 22 43.00 0.60 -30.25
N ILE D 23 42.90 -0.67 -29.84
CA ILE D 23 43.61 -1.12 -28.64
C ILE D 23 45.10 -1.07 -28.94
N LYS D 24 45.43 -1.23 -30.21
CA LYS D 24 46.82 -1.17 -30.65
C LYS D 24 47.20 0.30 -30.80
N LEU D 25 46.40 1.05 -31.56
CA LEU D 25 46.66 2.47 -31.78
C LEU D 25 47.00 3.11 -30.46
N LEU D 26 46.28 2.73 -29.40
CA LEU D 26 46.53 3.28 -28.08
C LEU D 26 47.75 2.60 -27.47
N ASN D 27 48.72 2.29 -28.31
CA ASN D 27 49.96 1.67 -27.86
C ASN D 27 51.17 2.21 -28.61
N GLU D 28 50.92 2.94 -29.69
CA GLU D 28 51.99 3.56 -30.46
C GLU D 28 52.78 4.46 -29.53
N ASN D 29 54.07 4.64 -29.80
CA ASN D 29 54.87 5.47 -28.93
C ASN D 29 54.30 6.87 -28.74
N SER D 30 53.29 7.22 -29.53
CA SER D 30 52.65 8.52 -29.42
C SER D 30 52.05 8.68 -28.02
N TYR D 31 51.61 7.57 -27.46
CA TYR D 31 51.04 7.57 -26.12
C TYR D 31 51.24 6.25 -25.40
N VAL D 32 52.48 5.88 -25.15
CA VAL D 32 52.74 4.63 -24.47
C VAL D 32 53.01 4.79 -22.99
N PRO D 33 54.14 5.41 -22.56
CA PRO D 33 54.18 5.46 -21.10
C PRO D 33 53.30 6.61 -20.65
N ARG D 34 52.01 6.48 -20.91
CA ARG D 34 51.03 7.50 -20.56
C ARG D 34 50.79 7.55 -19.05
N GLU D 35 51.81 7.90 -18.28
CA GLU D 35 51.66 8.01 -16.84
C GLU D 35 50.66 9.10 -16.56
N ALA D 36 50.17 9.15 -15.34
CA ALA D 36 49.20 10.17 -14.97
C ALA D 36 49.82 11.54 -15.06
N GLY D 37 49.12 12.44 -15.74
CA GLY D 37 49.61 13.81 -15.88
C GLY D 37 50.89 13.97 -16.66
N SER D 38 51.16 13.01 -17.55
CA SER D 38 52.36 13.05 -18.38
C SER D 38 52.01 13.69 -19.71
N GLN D 39 52.98 13.76 -20.61
CA GLN D 39 52.72 14.35 -21.90
C GLN D 39 51.90 13.38 -22.71
N LYS D 40 52.35 12.13 -22.74
CA LYS D 40 51.64 11.09 -23.49
C LYS D 40 50.19 11.09 -23.03
N ASP D 41 50.00 11.13 -21.71
CA ASP D 41 48.67 11.18 -21.11
C ASP D 41 47.90 12.26 -21.84
N GLU D 42 48.40 13.48 -21.75
CA GLU D 42 47.77 14.64 -22.36
C GLU D 42 47.57 14.46 -23.86
N ASN D 43 48.41 13.64 -24.48
CA ASN D 43 48.28 13.39 -25.91
C ASN D 43 47.03 12.60 -26.20
N LEU D 44 46.90 11.44 -25.58
CA LEU D 44 45.73 10.60 -25.77
C LEU D 44 44.49 11.37 -25.37
N ALA D 45 44.61 12.15 -24.31
CA ALA D 45 43.48 12.95 -23.85
C ALA D 45 42.92 13.80 -24.98
N LEU D 46 43.80 14.52 -25.66
CA LEU D 46 43.38 15.35 -26.77
C LEU D 46 42.91 14.50 -27.94
N TYR D 47 43.39 13.27 -27.99
CA TYR D 47 42.99 12.37 -29.08
C TYR D 47 41.52 12.00 -28.87
N VAL D 48 41.21 11.57 -27.65
CA VAL D 48 39.85 11.19 -27.33
C VAL D 48 38.97 12.41 -27.53
N GLU D 49 39.40 13.54 -26.98
CA GLU D 49 38.63 14.78 -27.09
C GLU D 49 38.25 15.06 -28.54
N ASN D 50 39.23 14.98 -29.43
CA ASN D 50 38.98 15.25 -30.84
C ASN D 50 38.11 14.17 -31.45
N GLU D 51 38.46 12.92 -31.21
CA GLU D 51 37.66 11.81 -31.72
C GLU D 51 36.20 12.05 -31.39
N PHE D 52 35.91 12.50 -30.17
CA PHE D 52 34.54 12.78 -29.76
C PHE D 52 33.96 13.84 -30.67
N ARG D 53 34.73 14.89 -30.90
CA ARG D 53 34.28 15.97 -31.77
C ARG D 53 34.04 15.40 -33.16
N GLU D 54 34.99 14.61 -33.65
CA GLU D 54 34.88 14.01 -34.96
C GLU D 54 33.65 13.13 -35.00
N PHE D 55 33.35 12.46 -33.88
CA PHE D 55 32.19 11.58 -33.82
C PHE D 55 30.93 12.39 -34.02
N LYS D 56 31.11 13.70 -34.09
CA LYS D 56 30.00 14.61 -34.32
C LYS D 56 28.96 14.61 -33.20
N LEU D 57 29.35 14.10 -32.03
CA LEU D 57 28.40 14.07 -30.91
C LEU D 57 28.20 15.48 -30.40
N SER D 58 27.16 15.70 -29.60
CA SER D 58 26.85 17.02 -29.06
C SER D 58 27.99 17.54 -28.18
N LYS D 59 27.70 18.53 -27.35
CA LYS D 59 28.73 19.09 -26.46
C LYS D 59 29.76 18.09 -25.98
N VAL D 60 31.00 18.54 -25.92
CA VAL D 60 32.14 17.73 -25.47
C VAL D 60 33.09 18.74 -24.85
N TRP D 61 33.54 18.50 -23.62
CA TRP D 61 34.42 19.43 -22.94
C TRP D 61 35.59 18.79 -22.23
N ARG D 62 36.33 19.60 -21.48
CA ARG D 62 37.48 19.12 -20.73
C ARG D 62 37.24 19.35 -19.24
N ASP D 63 37.93 18.61 -18.39
CA ASP D 63 37.80 18.80 -16.96
C ASP D 63 39.22 18.87 -16.38
N GLN D 64 39.61 20.07 -15.97
CA GLN D 64 40.95 20.31 -15.44
C GLN D 64 41.01 20.04 -13.94
N HIS D 65 42.17 19.66 -13.44
CA HIS D 65 42.36 19.36 -12.03
C HIS D 65 43.82 19.34 -11.64
N PHE D 66 44.13 19.80 -10.44
CA PHE D 66 45.50 19.79 -9.97
C PHE D 66 45.59 18.94 -8.71
N VAL D 67 45.90 17.66 -8.84
CA VAL D 67 46.00 16.81 -7.67
C VAL D 67 47.45 16.45 -7.39
N LYS D 68 47.77 16.13 -6.13
CA LYS D 68 49.13 15.73 -5.78
C LYS D 68 49.33 14.23 -5.94
N ILE D 69 50.21 13.85 -6.86
CA ILE D 69 50.55 12.45 -7.12
C ILE D 69 51.93 12.24 -6.52
N GLN D 70 52.32 10.99 -6.30
CA GLN D 70 53.65 10.71 -5.77
C GLN D 70 54.48 9.99 -6.84
N VAL D 71 55.74 10.37 -6.97
CA VAL D 71 56.63 9.78 -7.95
C VAL D 71 57.96 9.39 -7.33
N LYS D 72 58.72 8.58 -8.08
CA LYS D 72 60.03 8.10 -7.64
C LYS D 72 61.04 9.24 -7.68
N ASP D 73 61.65 9.52 -6.53
CA ASP D 73 62.65 10.58 -6.40
C ASP D 73 63.94 10.19 -7.10
N SER D 74 64.72 11.18 -7.51
CA SER D 74 65.99 10.93 -8.19
C SER D 74 66.84 9.92 -7.41
N ALA D 75 66.73 9.95 -6.08
CA ALA D 75 67.47 9.03 -5.21
C ALA D 75 66.84 7.66 -5.36
N GLN D 76 67.67 6.64 -5.48
CA GLN D 76 67.16 5.30 -5.67
C GLN D 76 66.60 4.61 -4.43
N ASN D 77 65.45 3.96 -4.61
CA ASN D 77 64.77 3.20 -3.56
C ASN D 77 65.42 1.83 -3.57
N SER D 78 65.60 1.24 -2.40
CA SER D 78 66.24 -0.06 -2.36
C SER D 78 66.05 -0.87 -1.10
N VAL D 79 66.19 -2.18 -1.26
CA VAL D 79 66.06 -3.14 -0.18
C VAL D 79 67.42 -3.81 -0.07
N ILE D 80 67.95 -3.86 1.15
CA ILE D 80 69.26 -4.45 1.38
C ILE D 80 69.34 -5.23 2.69
N ILE D 81 69.81 -6.48 2.61
CA ILE D 81 69.94 -7.32 3.78
C ILE D 81 71.16 -6.85 4.55
N VAL D 82 71.01 -6.68 5.86
CA VAL D 82 72.11 -6.21 6.69
C VAL D 82 71.87 -6.52 8.16
N ASP D 83 72.97 -6.65 8.92
CA ASP D 83 72.91 -6.94 10.34
C ASP D 83 73.19 -5.65 11.12
N LYS D 84 73.23 -5.77 12.45
CA LYS D 84 73.48 -4.61 13.31
C LYS D 84 74.80 -3.97 12.90
N ASN D 85 75.43 -4.56 11.90
CA ASN D 85 76.72 -4.08 11.39
C ASN D 85 76.89 -4.22 9.87
N GLY D 86 77.22 -3.09 9.23
CA GLY D 86 77.46 -3.04 7.80
C GLY D 86 76.35 -3.52 6.88
N ARG D 87 76.57 -3.30 5.58
CA ARG D 87 75.60 -3.69 4.55
C ARG D 87 75.97 -5.06 3.99
N LEU D 88 76.28 -5.99 4.87
CA LEU D 88 76.67 -7.33 4.44
C LEU D 88 75.69 -7.88 3.40
N VAL D 89 76.09 -9.01 2.81
CA VAL D 89 75.34 -9.72 1.79
C VAL D 89 74.60 -8.83 0.76
N TYR D 90 74.12 -9.50 -0.29
CA TYR D 90 73.44 -8.88 -1.41
C TYR D 90 72.63 -7.61 -1.17
N LEU D 91 72.92 -6.59 -1.96
CA LEU D 91 72.14 -5.35 -1.93
C LEU D 91 71.01 -5.90 -2.79
N VAL D 92 70.00 -6.43 -2.13
CA VAL D 92 68.88 -7.09 -2.79
C VAL D 92 68.43 -6.54 -4.12
N GLU D 93 67.96 -5.30 -4.13
CA GLU D 93 67.48 -4.72 -5.36
C GLU D 93 67.14 -3.25 -5.23
N ASN D 94 67.27 -2.55 -6.34
CA ASN D 94 66.92 -1.14 -6.43
C ASN D 94 65.63 -1.22 -7.25
N PRO D 95 64.53 -1.59 -6.60
CA PRO D 95 63.23 -1.71 -7.26
C PRO D 95 63.02 -0.78 -8.44
N GLY D 96 62.46 -1.33 -9.53
CA GLY D 96 62.19 -0.55 -10.72
C GLY D 96 60.88 0.22 -10.65
N GLY D 97 59.92 -0.29 -9.88
CA GLY D 97 58.64 0.38 -9.72
C GLY D 97 58.51 0.91 -8.30
N TYR D 98 57.31 1.35 -7.92
CA TYR D 98 57.10 1.87 -6.58
C TYR D 98 55.65 1.87 -6.19
N VAL D 99 55.40 2.08 -4.90
CA VAL D 99 54.05 2.12 -4.35
C VAL D 99 53.77 3.59 -4.04
N ALA D 100 52.86 4.19 -4.81
CA ALA D 100 52.54 5.60 -4.62
C ALA D 100 52.11 5.93 -3.20
N TYR D 101 52.04 7.21 -2.90
CA TYR D 101 51.64 7.66 -1.57
C TYR D 101 52.28 6.88 -0.42
N SER D 102 53.37 6.17 -0.68
CA SER D 102 54.04 5.43 0.37
C SER D 102 54.77 6.40 1.28
N LYS D 103 54.85 6.07 2.56
CA LYS D 103 55.56 6.93 3.49
C LYS D 103 56.98 7.11 2.98
N ALA D 104 57.43 8.36 2.92
CA ALA D 104 58.78 8.64 2.45
C ALA D 104 59.74 8.52 3.63
N ALA D 105 60.35 7.36 3.77
CA ALA D 105 61.27 7.12 4.85
C ALA D 105 62.12 5.90 4.59
N THR D 106 62.94 5.54 5.57
CA THR D 106 63.82 4.39 5.46
C THR D 106 64.08 3.77 6.82
N VAL D 107 63.78 2.48 6.93
CA VAL D 107 63.97 1.78 8.19
C VAL D 107 64.41 0.35 7.95
N THR D 108 64.95 -0.27 9.00
CA THR D 108 65.42 -1.64 8.92
C THR D 108 65.04 -2.45 10.14
N GLY D 109 64.93 -3.76 9.94
CA GLY D 109 64.56 -4.64 11.04
C GLY D 109 64.25 -6.04 10.54
N LYS D 110 63.60 -6.83 11.39
CA LYS D 110 63.25 -8.20 11.04
C LYS D 110 62.32 -8.20 9.84
N LEU D 111 62.17 -9.34 9.18
CA LEU D 111 61.30 -9.41 8.01
C LEU D 111 60.37 -10.61 8.01
N VAL D 112 59.14 -10.40 8.47
CA VAL D 112 58.13 -11.46 8.49
C VAL D 112 57.43 -11.55 7.14
N HIS D 113 56.86 -12.71 6.84
CA HIS D 113 56.18 -12.91 5.57
C HIS D 113 54.72 -13.32 5.73
N ALA D 114 53.84 -12.32 5.86
CA ALA D 114 52.41 -12.58 6.03
C ALA D 114 51.67 -12.76 4.69
N ASN D 115 51.56 -14.01 4.25
CA ASN D 115 50.88 -14.35 3.00
C ASN D 115 49.77 -13.37 2.66
N PHE D 116 49.63 -13.08 1.36
CA PHE D 116 48.62 -12.18 0.85
C PHE D 116 48.32 -10.99 1.73
N GLY D 117 49.15 -9.96 1.60
CA GLY D 117 49.01 -8.74 2.35
C GLY D 117 48.23 -8.85 3.64
N THR D 118 48.61 -9.80 4.48
CA THR D 118 47.97 -10.01 5.77
C THR D 118 46.46 -10.27 5.65
N LYS D 119 45.85 -9.75 4.59
CA LYS D 119 44.42 -9.93 4.38
C LYS D 119 43.66 -9.47 5.62
N LYS D 120 44.38 -8.94 6.60
CA LYS D 120 43.80 -8.47 7.86
C LYS D 120 43.51 -9.73 8.65
N ASP D 121 43.11 -10.77 7.92
CA ASP D 121 42.78 -12.07 8.47
C ASP D 121 44.08 -12.81 8.77
N PHE D 122 44.88 -13.00 7.73
CA PHE D 122 46.15 -13.71 7.82
C PHE D 122 47.07 -13.23 8.94
N GLU D 123 46.86 -12.01 9.42
CA GLU D 123 47.70 -11.48 10.50
C GLU D 123 47.58 -12.37 11.74
N ASP D 124 46.52 -13.14 11.82
CA ASP D 124 46.34 -14.04 12.94
C ASP D 124 47.20 -15.28 12.72
N LEU D 125 48.51 -15.07 12.67
CA LEU D 125 49.47 -16.13 12.47
C LEU D 125 50.42 -16.16 13.67
N TYR D 126 51.28 -17.18 13.73
CA TYR D 126 52.23 -17.36 14.83
C TYR D 126 53.21 -16.21 15.08
N THR D 127 54.18 -16.04 14.18
CA THR D 127 55.18 -14.98 14.31
C THR D 127 54.58 -13.59 14.36
N PRO D 128 54.94 -12.79 15.37
CA PRO D 128 54.42 -11.42 15.53
C PRO D 128 55.20 -10.41 14.67
N VAL D 129 54.48 -9.41 14.16
CA VAL D 129 55.07 -8.38 13.32
C VAL D 129 55.30 -7.11 14.15
N ASN D 130 55.11 -7.24 15.46
CA ASN D 130 55.26 -6.14 16.40
C ASN D 130 56.63 -5.49 16.27
N GLY D 131 56.74 -4.55 15.33
CA GLY D 131 57.99 -3.86 15.11
C GLY D 131 58.96 -4.56 14.18
N SER D 132 58.54 -4.77 12.94
CA SER D 132 59.40 -5.45 11.97
C SER D 132 58.82 -5.35 10.56
N ILE D 133 59.71 -5.27 9.58
CA ILE D 133 59.28 -5.17 8.19
C ILE D 133 58.53 -6.43 7.79
N VAL D 134 57.59 -6.29 6.85
CA VAL D 134 56.77 -7.42 6.40
C VAL D 134 56.70 -7.62 4.90
N ILE D 135 56.63 -8.88 4.48
CA ILE D 135 56.54 -9.24 3.07
C ILE D 135 55.14 -9.75 2.85
N VAL D 136 54.57 -9.51 1.67
CA VAL D 136 53.23 -9.99 1.35
C VAL D 136 53.12 -10.21 -0.15
N ARG D 137 52.20 -11.08 -0.55
CA ARG D 137 52.00 -11.38 -1.96
C ARG D 137 50.95 -10.43 -2.50
N ALA D 138 51.00 -10.15 -3.80
CA ALA D 138 50.02 -9.26 -4.39
C ALA D 138 48.81 -10.13 -4.67
N GLY D 139 47.69 -9.86 -4.01
CA GLY D 139 46.55 -10.72 -4.26
C GLY D 139 45.17 -10.35 -3.75
N LYS D 140 44.62 -11.23 -2.92
CA LYS D 140 43.27 -11.08 -2.37
C LYS D 140 42.81 -9.67 -2.03
N ILE D 141 43.71 -8.81 -1.57
CA ILE D 141 43.31 -7.44 -1.23
C ILE D 141 44.13 -6.41 -1.99
N THR D 142 43.97 -5.14 -1.62
CA THR D 142 44.69 -4.06 -2.25
C THR D 142 45.89 -3.64 -1.42
N PHE D 143 46.97 -3.20 -2.07
CA PHE D 143 48.16 -2.76 -1.34
C PHE D 143 47.71 -1.90 -0.17
N ALA D 144 46.87 -0.93 -0.47
CA ALA D 144 46.34 -0.01 0.53
C ALA D 144 45.99 -0.76 1.79
N GLU D 145 45.14 -1.77 1.63
CA GLU D 145 44.71 -2.60 2.73
C GLU D 145 45.87 -3.40 3.31
N LYS D 146 46.65 -4.06 2.44
CA LYS D 146 47.78 -4.85 2.93
C LYS D 146 48.61 -4.00 3.87
N VAL D 147 49.00 -2.82 3.42
CA VAL D 147 49.81 -1.93 4.25
C VAL D 147 49.06 -1.54 5.51
N ALA D 148 47.83 -1.06 5.33
CA ALA D 148 46.99 -0.63 6.45
C ALA D 148 47.03 -1.62 7.60
N ASN D 149 46.75 -2.87 7.31
CA ASN D 149 46.76 -3.91 8.34
C ASN D 149 48.14 -4.03 8.95
N ALA D 150 49.15 -4.12 8.09
CA ALA D 150 50.51 -4.25 8.57
C ALA D 150 50.80 -3.20 9.64
N GLU D 151 50.43 -1.96 9.37
CA GLU D 151 50.66 -0.88 10.31
C GLU D 151 49.72 -0.93 11.52
N SER D 152 48.54 -1.51 11.35
CA SER D 152 47.61 -1.60 12.46
C SER D 152 48.16 -2.58 13.49
N LEU D 153 49.10 -3.42 13.06
CA LEU D 153 49.73 -4.38 13.96
C LEU D 153 51.11 -3.87 14.36
N ASN D 154 51.33 -2.58 14.14
CA ASN D 154 52.57 -1.91 14.51
C ASN D 154 53.82 -2.33 13.75
N ALA D 155 53.66 -2.78 12.51
CA ALA D 155 54.81 -3.14 11.70
C ALA D 155 55.40 -1.86 11.09
N ILE D 156 56.44 -2.02 10.28
CA ILE D 156 57.07 -0.89 9.60
C ILE D 156 57.59 -1.45 8.30
N GLY D 157 57.37 -0.72 7.21
CA GLY D 157 57.82 -1.20 5.92
C GLY D 157 57.09 -2.45 5.48
N VAL D 158 56.72 -2.46 4.20
CA VAL D 158 56.00 -3.59 3.63
C VAL D 158 56.48 -3.78 2.20
N LEU D 159 56.84 -5.01 1.85
CA LEU D 159 57.30 -5.32 0.50
C LEU D 159 56.23 -6.17 -0.15
N ILE D 160 55.91 -5.87 -1.40
CA ILE D 160 54.89 -6.62 -2.14
C ILE D 160 55.54 -7.26 -3.38
N TYR D 161 55.42 -8.58 -3.52
CA TYR D 161 56.00 -9.28 -4.66
C TYR D 161 54.98 -10.20 -5.34
N MET D 162 55.25 -10.52 -6.60
CA MET D 162 54.34 -11.40 -7.35
C MET D 162 54.89 -12.82 -7.42
N ASP D 163 54.45 -13.68 -6.50
CA ASP D 163 54.93 -15.06 -6.49
C ASP D 163 54.68 -15.76 -7.82
N GLN D 164 55.29 -16.93 -7.98
CA GLN D 164 55.19 -17.71 -9.21
C GLN D 164 53.84 -18.39 -9.41
N THR D 165 53.31 -19.01 -8.36
CA THR D 165 52.03 -19.70 -8.47
C THR D 165 50.90 -18.76 -8.87
N LYS D 166 50.77 -17.66 -8.12
CA LYS D 166 49.74 -16.67 -8.37
C LYS D 166 50.03 -15.88 -9.65
N PHE D 167 51.32 -15.58 -9.87
CA PHE D 167 51.72 -14.84 -11.06
C PHE D 167 52.73 -15.61 -11.91
N PRO D 168 52.24 -16.48 -12.79
CA PRO D 168 53.01 -17.32 -13.71
C PRO D 168 53.74 -16.53 -14.79
N ILE D 169 54.53 -15.55 -14.38
CA ILE D 169 55.28 -14.75 -15.34
C ILE D 169 56.64 -15.39 -15.52
N VAL D 170 57.00 -15.69 -16.76
CA VAL D 170 58.30 -16.31 -17.04
C VAL D 170 59.45 -15.48 -16.46
N ASN D 171 59.41 -14.17 -16.71
CA ASN D 171 60.44 -13.26 -16.21
C ASN D 171 60.25 -12.97 -14.72
N ALA D 172 61.29 -13.18 -13.93
CA ALA D 172 61.22 -12.94 -12.50
C ALA D 172 61.96 -11.67 -12.12
N GLU D 173 62.49 -10.99 -13.13
CA GLU D 173 63.22 -9.74 -12.93
C GLU D 173 62.27 -8.59 -13.20
N LEU D 174 60.98 -8.90 -13.24
CA LEU D 174 59.94 -7.90 -13.52
C LEU D 174 59.43 -7.17 -12.29
N SER D 175 59.25 -5.86 -12.44
CA SER D 175 58.77 -5.01 -11.35
C SER D 175 57.44 -4.34 -11.70
N PHE D 176 56.60 -4.12 -10.68
CA PHE D 176 55.29 -3.52 -10.89
C PHE D 176 55.00 -2.26 -10.06
N PHE D 177 53.97 -1.52 -10.48
CA PHE D 177 53.54 -0.27 -9.86
C PHE D 177 52.43 -0.39 -8.82
N GLY D 178 52.56 0.39 -7.75
CA GLY D 178 51.58 0.32 -6.68
C GLY D 178 50.80 1.58 -6.37
N HIS D 179 49.85 1.44 -5.44
CA HIS D 179 48.97 2.52 -5.02
C HIS D 179 49.22 2.94 -3.58
N ALA D 180 48.65 2.20 -2.63
CA ALA D 180 48.82 2.46 -1.19
C ALA D 180 47.88 3.41 -0.46
N HIS D 181 47.00 4.09 -1.18
CA HIS D 181 46.06 5.01 -0.53
C HIS D 181 44.77 4.30 -0.13
N LEU D 182 44.48 4.28 1.16
CA LEU D 182 43.27 3.64 1.65
C LEU D 182 42.04 4.50 1.37
N GLY D 183 41.87 4.86 0.12
CA GLY D 183 40.73 5.69 -0.24
C GLY D 183 40.61 5.84 -1.74
N THR D 184 40.01 6.92 -2.19
CA THR D 184 39.83 7.13 -3.61
C THR D 184 40.12 8.58 -3.97
N GLY D 185 41.02 8.78 -4.94
CA GLY D 185 41.33 10.14 -5.38
C GLY D 185 42.43 10.81 -4.58
N ASP D 186 42.73 12.06 -4.92
CA ASP D 186 43.77 12.83 -4.24
C ASP D 186 43.51 12.71 -2.75
N PRO D 187 44.51 12.24 -1.97
CA PRO D 187 44.41 12.06 -0.52
C PRO D 187 44.50 13.29 0.34
N TYR D 188 44.18 14.45 -0.21
CA TYR D 188 44.21 15.70 0.54
C TYR D 188 42.98 16.55 0.27
N THR D 189 42.09 16.05 -0.59
CA THR D 189 40.84 16.73 -0.95
C THR D 189 39.68 15.78 -0.80
N PRO D 190 39.45 15.22 0.44
CA PRO D 190 38.38 14.27 0.81
C PRO D 190 36.96 14.84 0.90
N GLY D 191 36.17 14.61 -0.14
CA GLY D 191 34.81 15.11 -0.17
C GLY D 191 34.67 16.40 -0.96
N PHE D 192 35.70 17.23 -0.88
CA PHE D 192 35.73 18.51 -1.58
C PHE D 192 36.87 18.55 -2.60
N PRO D 193 36.64 19.17 -3.76
CA PRO D 193 37.67 19.26 -4.82
C PRO D 193 38.94 20.00 -4.41
N SER D 194 40.01 19.76 -5.17
CA SER D 194 41.32 20.32 -4.93
C SER D 194 41.51 21.64 -5.65
N PHE D 195 42.64 22.29 -5.37
CA PHE D 195 42.98 23.57 -5.98
C PHE D 195 44.42 23.53 -6.53
N ASN D 196 45.22 24.55 -6.18
CA ASN D 196 46.62 24.65 -6.59
C ASN D 196 47.39 24.03 -5.45
N HIS D 197 48.71 24.07 -5.51
CA HIS D 197 49.52 23.57 -4.41
C HIS D 197 49.77 24.86 -3.63
N THR D 198 49.92 25.94 -4.37
CA THR D 198 50.18 27.25 -3.79
C THR D 198 49.10 27.52 -2.77
N GLN D 199 47.90 27.03 -3.05
CA GLN D 199 46.76 27.20 -2.17
C GLN D 199 46.37 25.83 -1.61
N PHE D 200 46.09 25.77 -0.31
CA PHE D 200 45.69 24.50 0.30
C PHE D 200 46.72 23.40 -0.01
N PRO D 201 47.91 23.45 0.63
CA PRO D 201 48.94 22.45 0.37
C PRO D 201 49.32 21.47 1.47
N PRO D 202 48.36 20.96 2.26
CA PRO D 202 48.79 20.03 3.30
C PRO D 202 49.70 18.91 2.75
N SER D 203 50.54 18.35 3.62
CA SER D 203 51.48 17.31 3.23
C SER D 203 50.86 15.93 2.97
N ARG D 204 50.35 15.28 4.00
CA ARG D 204 49.72 13.97 3.84
C ARG D 204 49.18 13.37 5.14
N SER D 205 49.30 12.04 5.25
CA SER D 205 48.85 11.23 6.40
C SER D 205 47.33 11.29 6.59
N SER D 206 46.66 11.98 5.67
CA SER D 206 45.21 12.14 5.71
C SER D 206 44.56 10.86 5.15
N GLY D 207 44.93 9.72 5.72
CA GLY D 207 44.43 8.44 5.25
C GLY D 207 45.52 7.75 4.43
N LEU D 208 46.77 8.17 4.66
CA LEU D 208 47.91 7.62 3.94
C LEU D 208 48.84 6.86 4.87
N PRO D 209 49.42 5.74 4.39
CA PRO D 209 50.34 4.81 5.04
C PRO D 209 51.07 5.22 6.31
N ASN D 210 52.11 6.03 6.17
CA ASN D 210 52.91 6.44 7.32
C ASN D 210 53.90 5.32 7.61
N ILE D 211 54.00 4.40 6.66
CA ILE D 211 54.89 3.26 6.71
C ILE D 211 55.39 3.00 5.29
N PRO D 212 56.70 2.97 5.09
CA PRO D 212 57.24 2.75 3.75
C PRO D 212 56.71 1.47 3.10
N VAL D 213 56.30 1.56 1.85
CA VAL D 213 55.79 0.41 1.13
C VAL D 213 56.54 0.33 -0.18
N GLN D 214 57.14 -0.83 -0.47
CA GLN D 214 57.89 -0.96 -1.71
C GLN D 214 57.61 -2.26 -2.44
N THR D 215 57.37 -2.14 -3.74
CA THR D 215 57.11 -3.30 -4.56
C THR D 215 58.47 -3.95 -4.84
N ILE D 216 58.52 -5.28 -4.83
CA ILE D 216 59.76 -6.01 -5.06
C ILE D 216 59.60 -7.09 -6.14
N SER D 217 60.63 -7.26 -6.96
CA SER D 217 60.61 -8.25 -8.04
C SER D 217 60.73 -9.67 -7.49
N ARG D 218 60.08 -10.64 -8.13
CA ARG D 218 60.14 -12.03 -7.66
C ARG D 218 61.58 -12.43 -7.36
N ALA D 219 62.46 -12.08 -8.28
CA ALA D 219 63.88 -12.40 -8.12
C ALA D 219 64.36 -11.91 -6.77
N ALA D 220 64.07 -10.65 -6.45
CA ALA D 220 64.49 -10.08 -5.17
C ALA D 220 63.85 -10.84 -4.02
N ALA D 221 62.59 -11.22 -4.19
CA ALA D 221 61.89 -11.99 -3.17
C ALA D 221 62.68 -13.26 -2.91
N GLU D 222 63.02 -13.96 -3.99
CA GLU D 222 63.79 -15.19 -3.89
C GLU D 222 64.94 -14.99 -2.91
N LYS D 223 65.79 -14.01 -3.20
CA LYS D 223 66.95 -13.70 -2.36
C LYS D 223 66.60 -13.45 -0.91
N LEU D 224 65.54 -12.68 -0.66
CA LEU D 224 65.12 -12.40 0.71
C LEU D 224 64.91 -13.72 1.44
N PHE D 225 64.05 -14.55 0.86
CA PHE D 225 63.74 -15.85 1.42
C PHE D 225 65.03 -16.62 1.63
N GLY D 226 65.99 -16.39 0.73
CA GLY D 226 67.27 -17.05 0.83
C GLY D 226 67.92 -16.78 2.16
N ASN D 227 67.62 -15.62 2.74
CA ASN D 227 68.20 -15.26 4.03
C ASN D 227 67.15 -15.32 5.14
N MET D 228 66.33 -16.36 5.12
CA MET D 228 65.30 -16.52 6.13
C MET D 228 65.24 -17.96 6.63
N GLU D 229 65.15 -18.11 7.95
CA GLU D 229 65.11 -19.41 8.60
C GLU D 229 63.75 -20.10 8.50
N GLY D 230 62.68 -19.39 8.88
CA GLY D 230 61.34 -19.96 8.85
C GLY D 230 60.99 -20.70 7.58
N ASP D 231 59.90 -21.47 7.60
CA ASP D 231 59.47 -22.23 6.43
C ASP D 231 58.00 -22.00 6.09
N CYS D 232 57.77 -21.63 4.83
CA CYS D 232 56.43 -21.34 4.31
C CYS D 232 55.45 -22.53 4.41
N PRO D 233 54.25 -22.29 4.97
CA PRO D 233 53.17 -23.27 5.17
C PRO D 233 52.46 -23.72 3.91
N SER D 234 51.72 -24.82 4.04
CA SER D 234 50.95 -25.37 2.93
C SER D 234 49.56 -24.74 2.95
N ASP D 235 49.20 -24.20 4.11
CA ASP D 235 47.91 -23.52 4.30
C ASP D 235 47.89 -22.50 3.15
N TRP D 236 49.01 -21.77 2.99
CA TRP D 236 49.17 -20.77 1.93
C TRP D 236 49.09 -21.53 0.61
N LYS D 237 48.02 -21.31 -0.15
CA LYS D 237 47.87 -22.00 -1.43
C LYS D 237 48.94 -21.43 -2.37
N THR D 238 50.20 -21.72 -2.04
CA THR D 238 51.34 -21.26 -2.81
C THR D 238 52.18 -22.48 -3.17
N ASP D 239 53.48 -22.25 -3.36
CA ASP D 239 54.41 -23.33 -3.67
C ASP D 239 55.77 -22.98 -3.07
N SER D 240 56.54 -24.02 -2.76
CA SER D 240 57.88 -23.93 -2.17
C SER D 240 58.73 -22.71 -2.51
N THR D 241 59.81 -22.54 -1.73
CA THR D 241 60.80 -21.47 -1.87
C THR D 241 60.77 -20.40 -0.80
N CYS D 242 59.58 -19.99 -0.34
CA CYS D 242 59.52 -18.94 0.67
C CYS D 242 59.65 -19.39 2.10
N ARG D 243 60.11 -18.46 2.93
CA ARG D 243 60.29 -18.71 4.36
C ARG D 243 59.22 -17.92 5.08
N MET D 244 59.37 -17.77 6.38
CA MET D 244 58.41 -17.02 7.19
C MET D 244 59.11 -15.88 7.88
N VAL D 245 60.35 -16.12 8.30
CA VAL D 245 61.13 -15.08 8.98
C VAL D 245 62.57 -15.15 8.53
N THR D 246 63.23 -13.99 8.47
CA THR D 246 64.63 -13.94 8.08
C THR D 246 65.46 -14.66 9.12
N SER D 247 66.60 -15.18 8.71
CA SER D 247 67.48 -15.88 9.64
C SER D 247 67.99 -14.87 10.67
N GLU D 248 67.69 -15.15 11.94
CA GLU D 248 68.09 -14.29 13.05
C GLU D 248 69.44 -13.61 12.83
N SER D 249 70.41 -14.38 12.37
CA SER D 249 71.76 -13.88 12.13
C SER D 249 71.79 -12.46 11.58
N LYS D 250 70.77 -12.10 10.80
CA LYS D 250 70.72 -10.76 10.21
C LYS D 250 69.32 -10.32 9.75
N ASN D 251 69.16 -9.00 9.55
CA ASN D 251 67.89 -8.44 9.12
C ASN D 251 67.96 -7.67 7.79
N VAL D 252 66.88 -6.98 7.44
CA VAL D 252 66.81 -6.24 6.18
C VAL D 252 66.43 -4.77 6.37
N LYS D 253 66.90 -3.93 5.47
CA LYS D 253 66.63 -2.49 5.52
C LYS D 253 65.94 -1.96 4.27
N LEU D 254 64.78 -1.33 4.46
CA LEU D 254 63.99 -0.76 3.36
C LEU D 254 64.15 0.75 3.32
N THR D 255 64.47 1.26 2.14
CA THR D 255 64.67 2.68 1.97
C THR D 255 63.93 3.20 0.75
N VAL D 256 62.86 3.95 0.99
CA VAL D 256 62.08 4.51 -0.10
C VAL D 256 62.09 6.03 -0.06
N SER D 257 62.56 6.63 -1.14
CA SER D 257 62.60 8.06 -1.23
C SER D 257 61.74 8.48 -2.43
N ASN D 258 60.48 8.79 -2.16
CA ASN D 258 59.57 9.21 -3.21
C ASN D 258 59.17 10.63 -2.92
N VAL D 259 58.72 11.35 -3.95
CA VAL D 259 58.33 12.72 -3.77
C VAL D 259 56.97 13.03 -4.39
N LEU D 260 56.27 13.98 -3.80
CA LEU D 260 54.98 14.39 -4.33
C LEU D 260 55.22 15.24 -5.56
N LYS D 261 54.28 15.26 -6.49
CA LYS D 261 54.43 16.04 -7.71
C LYS D 261 53.09 16.51 -8.26
N GLU D 262 52.78 17.78 -8.07
CA GLU D 262 51.52 18.30 -8.57
C GLU D 262 51.43 18.17 -10.07
N ILE D 263 50.40 17.49 -10.56
CA ILE D 263 50.22 17.31 -11.98
C ILE D 263 48.88 17.87 -12.36
N LYS D 264 48.65 18.00 -13.65
CA LYS D 264 47.38 18.53 -14.09
C LYS D 264 46.61 17.42 -14.77
N ILE D 265 45.63 16.85 -14.07
CA ILE D 265 44.80 15.78 -14.59
C ILE D 265 43.82 16.36 -15.60
N LEU D 266 43.49 15.60 -16.63
CA LEU D 266 42.58 16.11 -17.63
C LEU D 266 41.46 15.14 -18.01
N ASN D 267 40.27 15.31 -17.42
CA ASN D 267 39.15 14.43 -17.73
C ASN D 267 38.48 14.95 -19.00
N ILE D 268 38.14 14.05 -19.90
CA ILE D 268 37.51 14.46 -21.16
C ILE D 268 36.09 13.91 -21.28
N PHE D 269 35.12 14.79 -21.43
CA PHE D 269 33.73 14.36 -21.55
C PHE D 269 33.18 14.41 -22.97
N GLY D 270 31.86 14.33 -23.09
CA GLY D 270 31.20 14.34 -24.38
C GLY D 270 29.86 13.64 -24.22
N VAL D 271 28.76 14.37 -24.42
CA VAL D 271 27.44 13.80 -24.23
C VAL D 271 26.62 13.62 -25.51
N ILE D 272 25.46 12.98 -25.35
CA ILE D 272 24.54 12.76 -26.45
C ILE D 272 23.16 13.12 -25.90
N LYS D 273 22.82 14.40 -25.98
CA LYS D 273 21.57 14.94 -25.47
C LYS D 273 20.38 14.03 -25.73
N GLY D 274 19.55 13.82 -24.70
CA GLY D 274 18.38 12.97 -24.83
C GLY D 274 17.23 13.71 -25.52
N PHE D 275 16.08 13.07 -25.62
CA PHE D 275 14.94 13.71 -26.27
C PHE D 275 13.76 14.03 -25.35
N VAL D 276 13.72 13.46 -24.15
CA VAL D 276 12.61 13.72 -23.26
C VAL D 276 13.05 14.13 -21.87
N GLU D 277 14.12 13.53 -21.40
CA GLU D 277 14.69 13.86 -20.09
C GLU D 277 16.14 14.22 -20.36
N PRO D 278 16.38 15.13 -21.31
CA PRO D 278 17.73 15.56 -21.68
C PRO D 278 18.68 15.81 -20.54
N ASP D 279 18.15 16.05 -19.35
CA ASP D 279 19.01 16.36 -18.22
C ASP D 279 19.24 15.25 -17.21
N HIS D 280 19.00 14.01 -17.61
CA HIS D 280 19.21 12.84 -16.76
C HIS D 280 20.17 12.01 -17.58
N TYR D 281 21.40 11.88 -17.07
CA TYR D 281 22.45 11.18 -17.78
C TYR D 281 22.76 9.74 -17.35
N VAL D 282 23.58 9.07 -18.15
CA VAL D 282 24.06 7.71 -17.89
C VAL D 282 25.57 7.78 -18.09
N VAL D 283 26.30 8.17 -17.05
CA VAL D 283 27.73 8.28 -17.17
C VAL D 283 28.42 6.95 -17.55
N VAL D 284 29.16 6.96 -18.66
CA VAL D 284 29.92 5.78 -19.11
C VAL D 284 31.40 6.16 -19.05
N GLY D 285 32.11 5.66 -18.05
CA GLY D 285 33.51 6.03 -17.89
C GLY D 285 34.58 5.03 -18.30
N ALA D 286 35.83 5.47 -18.26
CA ALA D 286 36.97 4.64 -18.62
C ALA D 286 38.33 5.28 -18.31
N GLN D 287 39.10 4.63 -17.44
CA GLN D 287 40.43 5.11 -17.06
C GLN D 287 41.26 5.29 -18.30
N ARG D 288 41.97 6.40 -18.40
CA ARG D 288 42.79 6.67 -19.58
C ARG D 288 44.29 6.70 -19.30
N ASP D 289 44.69 6.85 -18.05
CA ASP D 289 46.11 6.88 -17.74
C ASP D 289 46.59 5.51 -17.31
N ALA D 290 47.89 5.35 -17.15
CA ALA D 290 48.47 4.07 -16.77
C ALA D 290 49.95 4.21 -16.54
N TRP D 291 50.53 3.31 -15.73
CA TRP D 291 51.97 3.36 -15.43
C TRP D 291 52.74 2.85 -16.63
N GLY D 292 52.57 1.57 -16.94
CA GLY D 292 53.26 1.02 -18.10
C GLY D 292 52.46 1.43 -19.32
N PRO D 293 52.41 0.59 -20.36
CA PRO D 293 51.65 0.92 -21.55
C PRO D 293 50.18 0.63 -21.27
N GLY D 294 49.96 -0.11 -20.20
CA GLY D 294 48.62 -0.49 -19.76
C GLY D 294 47.60 -0.74 -20.85
N ALA D 295 47.88 -1.71 -21.71
CA ALA D 295 46.97 -2.04 -22.79
C ALA D 295 45.70 -2.57 -22.18
N ALA D 296 45.85 -3.31 -21.10
CA ALA D 296 44.69 -3.89 -20.42
C ALA D 296 44.16 -2.90 -19.39
N LYS D 297 45.01 -2.50 -18.45
CA LYS D 297 44.62 -1.56 -17.40
C LYS D 297 43.94 -0.33 -17.97
N SER D 298 44.37 0.14 -19.15
CA SER D 298 43.78 1.35 -19.74
C SER D 298 43.42 1.30 -21.23
N GLY D 299 44.08 0.42 -21.98
CA GLY D 299 43.80 0.33 -23.41
C GLY D 299 42.38 -0.06 -23.74
N VAL D 300 42.07 -1.33 -23.53
CA VAL D 300 40.74 -1.88 -23.79
C VAL D 300 39.62 -0.93 -23.36
N GLY D 301 39.74 -0.37 -22.17
CA GLY D 301 38.73 0.55 -21.67
C GLY D 301 38.52 1.73 -22.62
N THR D 302 39.52 2.61 -22.69
CA THR D 302 39.45 3.77 -23.57
C THR D 302 39.08 3.32 -24.98
N ALA D 303 39.57 2.15 -25.36
CA ALA D 303 39.26 1.61 -26.67
C ALA D 303 37.76 1.49 -26.81
N LEU D 304 37.13 0.86 -25.82
CA LEU D 304 35.68 0.66 -25.84
C LEU D 304 34.95 1.98 -25.72
N LEU D 305 35.43 2.85 -24.84
CA LEU D 305 34.80 4.15 -24.61
C LEU D 305 34.61 4.86 -25.93
N LEU D 306 35.70 4.94 -26.68
CA LEU D 306 35.68 5.58 -27.99
C LEU D 306 34.71 4.88 -28.95
N LYS D 307 35.01 3.62 -29.28
CA LYS D 307 34.18 2.85 -30.20
C LYS D 307 32.73 2.80 -29.78
N LEU D 308 32.50 2.87 -28.47
CA LEU D 308 31.15 2.81 -27.90
C LEU D 308 30.44 4.14 -28.07
N ALA D 309 31.20 5.23 -28.04
CA ALA D 309 30.62 6.56 -28.20
C ALA D 309 30.37 6.78 -29.70
N GLN D 310 31.29 6.27 -30.51
CA GLN D 310 31.18 6.37 -31.95
C GLN D 310 29.88 5.77 -32.44
N MET D 311 29.49 4.64 -31.84
CA MET D 311 28.26 3.97 -32.24
C MET D 311 26.97 4.69 -31.90
N PHE D 312 26.78 5.02 -30.63
CA PHE D 312 25.55 5.66 -30.22
C PHE D 312 25.29 6.96 -30.96
N SER D 313 26.32 7.76 -31.13
CA SER D 313 26.15 9.02 -31.85
C SER D 313 25.64 8.67 -33.24
N ASP D 314 26.31 7.72 -33.88
CA ASP D 314 25.93 7.28 -35.21
C ASP D 314 24.47 6.83 -35.22
N MET D 315 24.12 5.92 -34.32
CA MET D 315 22.76 5.42 -34.24
C MET D 315 21.74 6.53 -34.10
N VAL D 316 22.11 7.58 -33.37
CA VAL D 316 21.20 8.70 -33.17
C VAL D 316 20.99 9.50 -34.43
N LEU D 317 22.06 9.77 -35.17
CA LEU D 317 21.98 10.55 -36.40
C LEU D 317 21.46 9.76 -37.60
N LYS D 318 22.11 8.63 -37.88
CA LYS D 318 21.74 7.81 -39.03
C LYS D 318 20.59 6.81 -38.83
N ASP D 319 20.66 6.01 -37.77
CA ASP D 319 19.66 4.96 -37.53
C ASP D 319 18.33 5.32 -36.88
N GLY D 320 18.18 6.54 -36.39
CA GLY D 320 16.92 6.94 -35.79
C GLY D 320 16.72 6.64 -34.32
N PHE D 321 17.79 6.27 -33.63
CA PHE D 321 17.73 5.97 -32.21
C PHE D 321 17.48 7.26 -31.43
N GLN D 322 16.40 7.31 -30.65
CA GLN D 322 16.05 8.51 -29.88
C GLN D 322 16.11 8.36 -28.36
N PRO D 323 17.30 8.14 -27.80
CA PRO D 323 17.46 7.98 -26.36
C PRO D 323 16.62 8.99 -25.60
N SER D 324 15.75 8.51 -24.72
CA SER D 324 14.91 9.41 -23.94
C SER D 324 15.71 10.17 -22.90
N ARG D 325 16.89 9.65 -22.55
CA ARG D 325 17.76 10.33 -21.60
C ARG D 325 19.17 10.39 -22.17
N SER D 326 19.84 11.52 -21.97
CA SER D 326 21.17 11.69 -22.50
C SER D 326 22.23 10.72 -21.96
N ILE D 327 23.25 10.50 -22.77
CA ILE D 327 24.36 9.63 -22.43
C ILE D 327 25.58 10.56 -22.32
N ILE D 328 26.49 10.27 -21.43
CA ILE D 328 27.68 11.11 -21.28
C ILE D 328 28.94 10.26 -21.05
N PHE D 329 29.76 10.13 -22.09
CA PHE D 329 30.99 9.33 -21.99
C PHE D 329 32.08 10.14 -21.31
N ALA D 330 32.92 9.48 -20.53
CA ALA D 330 33.99 10.18 -19.82
C ALA D 330 35.26 9.39 -19.64
N SER D 331 36.37 9.92 -20.12
CA SER D 331 37.67 9.26 -20.00
C SER D 331 38.46 9.93 -18.89
N TRP D 332 38.48 9.30 -17.71
CA TRP D 332 39.17 9.86 -16.54
C TRP D 332 40.67 9.75 -16.64
N SER D 333 41.37 10.41 -15.74
CA SER D 333 42.82 10.36 -15.73
C SER D 333 43.32 10.23 -14.28
N ALA D 334 44.62 10.02 -14.12
CA ALA D 334 45.18 9.89 -12.78
C ALA D 334 44.47 8.79 -12.03
N GLY D 335 43.96 7.81 -12.77
CA GLY D 335 43.24 6.72 -12.18
C GLY D 335 44.09 5.72 -11.42
N ASP D 336 45.36 5.60 -11.77
CA ASP D 336 46.20 4.65 -11.08
C ASP D 336 46.43 5.07 -9.63
N PHE D 337 45.97 6.27 -9.27
CA PHE D 337 46.17 6.71 -7.89
C PHE D 337 44.88 6.78 -7.09
N GLY D 338 43.90 5.97 -7.51
CA GLY D 338 42.63 5.92 -6.80
C GLY D 338 41.47 6.61 -7.49
N SER D 339 41.44 6.54 -8.82
CA SER D 339 40.37 7.19 -9.56
C SER D 339 40.38 8.69 -9.31
N VAL D 340 41.53 9.20 -8.86
CA VAL D 340 41.73 10.62 -8.58
C VAL D 340 41.04 11.51 -9.60
N GLY D 341 41.04 11.09 -10.87
CA GLY D 341 40.38 11.88 -11.87
C GLY D 341 38.87 11.87 -11.72
N ALA D 342 38.29 10.68 -11.77
CA ALA D 342 36.85 10.54 -11.65
C ALA D 342 36.36 10.98 -10.29
N THR D 343 37.07 10.59 -9.24
CA THR D 343 36.65 10.95 -7.89
C THR D 343 36.51 12.46 -7.72
N GLU D 344 37.58 13.22 -8.00
CA GLU D 344 37.53 14.68 -7.81
C GLU D 344 36.46 15.33 -8.68
N TRP D 345 35.96 14.60 -9.67
CA TRP D 345 34.90 15.15 -10.50
C TRP D 345 33.68 15.05 -9.60
N LEU D 346 33.42 13.84 -9.10
CA LEU D 346 32.28 13.61 -8.21
C LEU D 346 32.40 14.59 -7.06
N GLU D 347 33.59 14.68 -6.46
CA GLU D 347 33.84 15.58 -5.33
C GLU D 347 33.20 16.92 -5.68
N GLY D 348 33.09 17.19 -6.98
CA GLY D 348 32.53 18.43 -7.46
C GLY D 348 31.04 18.63 -7.37
N TYR D 349 30.26 17.55 -7.39
CA TYR D 349 28.81 17.66 -7.28
C TYR D 349 28.36 16.87 -6.03
N LEU D 350 29.00 17.19 -4.91
CA LEU D 350 28.76 16.54 -3.63
C LEU D 350 27.32 16.31 -3.22
N SER D 351 26.39 17.09 -3.75
CA SER D 351 25.01 16.90 -3.34
C SER D 351 24.00 17.13 -4.45
N SER D 352 24.41 16.91 -5.69
CA SER D 352 23.52 17.12 -6.82
C SER D 352 23.72 16.15 -7.96
N LEU D 353 24.87 15.49 -8.02
CA LEU D 353 25.12 14.55 -9.10
C LEU D 353 23.97 13.58 -9.25
N HIS D 354 23.47 13.06 -8.15
CA HIS D 354 22.39 12.08 -8.24
C HIS D 354 21.18 12.65 -8.92
N LEU D 355 21.04 13.97 -8.85
CA LEU D 355 19.92 14.65 -9.48
C LEU D 355 20.17 14.71 -10.97
N LYS D 356 21.37 14.31 -11.38
CA LYS D 356 21.77 14.36 -12.79
C LYS D 356 22.10 13.01 -13.40
N ALA D 357 23.07 12.31 -12.83
CA ALA D 357 23.45 10.99 -13.34
C ALA D 357 22.65 9.95 -12.60
N PHE D 358 22.00 9.06 -13.33
CA PHE D 358 21.20 8.03 -12.69
C PHE D 358 21.81 6.64 -12.72
N THR D 359 22.95 6.50 -13.38
CA THR D 359 23.64 5.22 -13.45
C THR D 359 25.02 5.41 -14.00
N TYR D 360 26.00 4.68 -13.47
CA TYR D 360 27.36 4.78 -13.94
C TYR D 360 27.90 3.44 -14.35
N ILE D 361 28.21 3.30 -15.63
CA ILE D 361 28.78 2.07 -16.17
C ILE D 361 30.30 2.30 -16.17
N ASN D 362 31.08 1.24 -16.21
CA ASN D 362 32.52 1.40 -16.17
C ASN D 362 33.19 0.34 -17.05
N LEU D 363 33.97 0.80 -18.02
CA LEU D 363 34.63 -0.10 -18.95
C LEU D 363 36.05 -0.54 -18.59
N ASP D 364 36.60 -0.01 -17.51
CA ASP D 364 37.94 -0.40 -17.08
C ASP D 364 38.09 -1.92 -17.04
N LYS D 365 39.29 -2.40 -17.35
CA LYS D 365 39.58 -3.83 -17.35
C LYS D 365 38.40 -4.69 -17.80
N ALA D 366 37.78 -4.32 -18.91
CA ALA D 366 36.64 -5.09 -19.41
C ALA D 366 37.05 -6.42 -20.01
N VAL D 367 38.22 -6.47 -20.65
CA VAL D 367 38.65 -7.73 -21.26
C VAL D 367 39.98 -8.18 -20.67
N LEU D 368 39.96 -9.30 -19.95
CA LEU D 368 41.16 -9.83 -19.33
C LEU D 368 41.29 -11.34 -19.57
N GLY D 369 40.26 -11.94 -20.15
CA GLY D 369 40.28 -13.36 -20.42
C GLY D 369 39.11 -13.83 -21.26
N THR D 370 38.78 -15.11 -21.17
CA THR D 370 37.66 -15.64 -21.94
C THR D 370 36.95 -16.78 -21.25
N SER D 371 37.21 -16.96 -19.96
CA SER D 371 36.58 -18.03 -19.21
C SER D 371 35.34 -17.60 -18.46
N ASN D 372 35.53 -16.77 -17.44
CA ASN D 372 34.41 -16.30 -16.63
C ASN D 372 33.86 -14.96 -17.09
N PHE D 373 32.85 -14.48 -16.37
CA PHE D 373 32.23 -13.20 -16.64
C PHE D 373 31.77 -12.57 -15.33
N LYS D 374 32.71 -12.14 -14.51
CA LYS D 374 32.43 -11.52 -13.23
C LYS D 374 31.64 -10.24 -13.48
N VAL D 375 30.77 -9.87 -12.55
CA VAL D 375 29.95 -8.65 -12.66
C VAL D 375 29.68 -8.07 -11.28
N SER D 376 30.03 -6.80 -11.09
CA SER D 376 29.82 -6.15 -9.80
C SER D 376 28.96 -4.91 -10.01
N ALA D 377 27.93 -4.76 -9.19
CA ALA D 377 27.05 -3.61 -9.33
C ALA D 377 26.14 -3.42 -8.14
N SER D 378 25.34 -2.35 -8.20
CA SER D 378 24.39 -2.06 -7.14
C SER D 378 23.16 -2.88 -7.42
N PRO D 379 22.56 -3.44 -6.37
CA PRO D 379 21.36 -4.24 -6.60
C PRO D 379 20.34 -3.57 -7.52
N LEU D 380 20.42 -2.25 -7.67
CA LEU D 380 19.48 -1.55 -8.53
C LEU D 380 19.62 -1.91 -9.99
N LEU D 381 20.76 -2.47 -10.38
CA LEU D 381 21.00 -2.83 -11.77
C LEU D 381 21.04 -4.33 -11.93
N TYR D 382 20.61 -5.04 -10.90
CA TYR D 382 20.63 -6.49 -10.91
C TYR D 382 19.89 -7.12 -12.06
N THR D 383 18.63 -6.73 -12.24
CA THR D 383 17.83 -7.29 -13.30
C THR D 383 18.34 -6.95 -14.70
N LEU D 384 19.00 -5.81 -14.83
CA LEU D 384 19.55 -5.40 -16.12
C LEU D 384 20.74 -6.28 -16.45
N ILE D 385 21.59 -6.48 -15.47
CA ILE D 385 22.75 -7.32 -15.68
C ILE D 385 22.22 -8.68 -16.10
N GLU D 386 21.21 -9.17 -15.37
CA GLU D 386 20.62 -10.47 -15.67
C GLU D 386 20.08 -10.57 -17.08
N LYS D 387 18.97 -9.89 -17.33
CA LYS D 387 18.33 -9.92 -18.65
C LYS D 387 19.28 -9.65 -19.78
N THR D 388 20.38 -8.95 -19.52
CA THR D 388 21.37 -8.66 -20.57
C THR D 388 22.30 -9.84 -20.80
N MET D 389 22.69 -10.51 -19.71
CA MET D 389 23.55 -11.68 -19.84
C MET D 389 22.75 -12.77 -20.52
N GLN D 390 21.47 -12.50 -20.73
CA GLN D 390 20.56 -13.44 -21.39
C GLN D 390 20.43 -13.06 -22.86
N ASN D 391 21.02 -11.93 -23.25
CA ASN D 391 20.96 -11.45 -24.63
C ASN D 391 22.34 -11.48 -25.31
N VAL D 392 23.39 -11.41 -24.51
CA VAL D 392 24.74 -11.40 -25.06
C VAL D 392 25.38 -12.78 -25.03
N LYS D 393 25.90 -13.21 -26.16
CA LYS D 393 26.54 -14.52 -26.24
C LYS D 393 28.04 -14.40 -26.07
N HIS D 394 28.62 -15.33 -25.34
CA HIS D 394 30.05 -15.36 -25.09
C HIS D 394 30.82 -15.26 -26.40
N PRO D 395 31.93 -14.52 -26.42
CA PRO D 395 32.69 -14.40 -27.66
C PRO D 395 33.30 -15.71 -28.15
N VAL D 396 33.78 -16.54 -27.23
CA VAL D 396 34.39 -17.83 -27.56
C VAL D 396 33.34 -18.94 -27.71
N THR D 397 32.57 -19.16 -26.64
CA THR D 397 31.50 -20.17 -26.61
C THR D 397 30.31 -19.58 -27.37
N GLY D 398 29.66 -20.39 -28.19
CA GLY D 398 28.53 -19.86 -28.92
C GLY D 398 27.32 -19.59 -28.04
N GLN D 399 27.39 -20.07 -26.79
CA GLN D 399 26.30 -19.93 -25.83
C GLN D 399 26.18 -18.56 -25.14
N PHE D 400 25.03 -18.32 -24.53
CA PHE D 400 24.75 -17.06 -23.84
C PHE D 400 25.51 -16.96 -22.52
N LEU D 401 25.79 -15.72 -22.12
CA LEU D 401 26.52 -15.47 -20.88
C LEU D 401 25.82 -16.01 -19.64
N TYR D 402 24.49 -15.90 -19.60
CA TYR D 402 23.70 -16.33 -18.46
C TYR D 402 23.63 -17.83 -18.22
N GLN D 403 23.96 -18.26 -16.99
CA GLN D 403 23.91 -19.67 -16.64
C GLN D 403 22.47 -20.10 -16.37
N ASP D 404 21.85 -20.67 -17.40
CA ASP D 404 20.45 -21.09 -17.33
C ASP D 404 20.06 -22.01 -16.19
N SER D 405 21.05 -22.57 -15.49
CA SER D 405 20.74 -23.48 -14.40
C SER D 405 20.40 -22.82 -13.07
N ASN D 406 20.40 -21.49 -13.03
CA ASN D 406 20.09 -20.79 -11.78
C ASN D 406 18.93 -19.84 -11.94
N TRP D 407 18.49 -19.28 -10.82
CA TRP D 407 17.39 -18.30 -10.84
C TRP D 407 17.96 -17.11 -10.09
N ALA D 408 19.08 -17.38 -9.40
CA ALA D 408 19.77 -16.39 -8.62
C ALA D 408 21.23 -16.30 -9.06
N SER D 409 21.54 -15.31 -9.88
CA SER D 409 22.89 -15.09 -10.41
C SER D 409 23.83 -14.51 -9.36
N LYS D 410 25.13 -14.53 -9.63
CA LYS D 410 26.09 -13.97 -8.68
C LYS D 410 26.54 -12.58 -9.04
N VAL D 411 26.36 -11.64 -8.12
CA VAL D 411 26.79 -10.27 -8.36
C VAL D 411 27.75 -9.90 -7.25
N GLU D 412 28.89 -9.34 -7.63
CA GLU D 412 29.93 -9.02 -6.68
C GLU D 412 29.82 -7.60 -6.16
N LYS D 413 30.43 -7.33 -5.01
CA LYS D 413 30.42 -5.99 -4.41
C LYS D 413 31.52 -5.13 -5.03
N LEU D 414 31.31 -3.82 -5.13
CA LEU D 414 32.32 -2.95 -5.71
C LEU D 414 33.46 -2.74 -4.72
N THR D 415 34.69 -2.79 -5.22
CA THR D 415 35.86 -2.63 -4.37
C THR D 415 36.49 -1.24 -4.41
N LEU D 416 37.18 -0.90 -3.32
CA LEU D 416 37.84 0.39 -3.16
C LEU D 416 38.66 0.75 -4.39
N ASP D 417 39.03 -0.24 -5.19
CA ASP D 417 39.84 0.04 -6.36
C ASP D 417 39.11 0.04 -7.68
N ASN D 418 37.87 0.55 -7.69
CA ASN D 418 37.11 0.60 -8.92
C ASN D 418 36.38 1.91 -9.06
N ALA D 419 36.73 2.67 -10.08
CA ALA D 419 36.13 3.96 -10.34
C ALA D 419 34.63 3.96 -10.08
N ALA D 420 34.01 2.80 -10.25
CA ALA D 420 32.57 2.66 -10.03
C ALA D 420 32.23 2.76 -8.55
N PHE D 421 33.13 2.30 -7.70
CA PHE D 421 32.93 2.35 -6.26
C PHE D 421 32.62 3.76 -5.78
N PRO D 422 33.44 4.76 -6.15
CA PRO D 422 33.15 6.11 -5.70
C PRO D 422 31.78 6.59 -6.14
N PHE D 423 31.46 6.38 -7.40
CA PHE D 423 30.16 6.80 -7.90
C PHE D 423 29.00 6.27 -7.03
N LEU D 424 29.14 5.03 -6.55
CA LEU D 424 28.10 4.40 -5.73
C LEU D 424 28.23 4.62 -4.23
N ALA D 425 29.42 4.46 -3.70
CA ALA D 425 29.62 4.62 -2.28
C ALA D 425 29.76 6.06 -1.82
N TYR D 426 30.06 6.98 -2.73
CA TYR D 426 30.25 8.39 -2.38
C TYR D 426 29.23 9.34 -2.94
N SER D 427 28.92 9.18 -4.22
CA SER D 427 27.95 10.06 -4.87
C SER D 427 26.54 9.50 -4.89
N GLY D 428 26.38 8.26 -4.47
CA GLY D 428 25.07 7.64 -4.43
C GLY D 428 24.49 7.39 -5.80
N ILE D 429 25.34 7.01 -6.74
CA ILE D 429 24.89 6.71 -8.10
C ILE D 429 25.00 5.21 -8.32
N PRO D 430 23.92 4.56 -8.74
CA PRO D 430 24.04 3.12 -8.95
C PRO D 430 25.05 2.85 -10.06
N ALA D 431 25.94 1.88 -9.85
CA ALA D 431 26.95 1.59 -10.85
C ALA D 431 27.24 0.11 -11.08
N VAL D 432 27.41 -0.26 -12.35
CA VAL D 432 27.71 -1.62 -12.74
C VAL D 432 29.17 -1.65 -13.16
N SER D 433 29.75 -2.84 -13.24
CA SER D 433 31.14 -2.97 -13.64
C SER D 433 31.49 -4.40 -14.04
N PHE D 434 31.30 -4.75 -15.31
CA PHE D 434 31.57 -6.12 -15.77
C PHE D 434 33.01 -6.41 -16.14
N CYS D 435 33.31 -7.70 -16.28
CA CYS D 435 34.66 -8.16 -16.58
C CYS D 435 34.70 -9.54 -17.19
N PHE D 436 35.30 -9.68 -18.36
CA PHE D 436 35.44 -11.02 -18.95
C PHE D 436 36.69 -11.61 -18.29
N CYS D 437 36.68 -11.54 -16.96
CA CYS D 437 37.72 -12.02 -16.07
C CYS D 437 38.15 -13.49 -16.24
N GLU D 438 39.14 -13.88 -15.45
CA GLU D 438 39.68 -15.25 -15.43
C GLU D 438 39.85 -15.66 -13.96
N ASP D 439 39.94 -16.96 -13.69
CA ASP D 439 40.12 -17.42 -12.31
C ASP D 439 41.35 -16.76 -11.69
N THR D 440 42.35 -16.50 -12.52
CA THR D 440 43.58 -15.86 -12.06
C THR D 440 43.65 -14.47 -12.67
N ASP D 441 43.97 -13.47 -11.85
CA ASP D 441 44.06 -12.09 -12.35
C ASP D 441 45.23 -11.91 -13.31
N TYR D 442 45.03 -11.09 -14.33
CA TYR D 442 46.05 -10.78 -15.32
C TYR D 442 47.34 -10.46 -14.56
N PRO D 443 48.47 -11.09 -14.94
CA PRO D 443 49.74 -10.85 -14.27
C PRO D 443 50.43 -9.54 -14.62
N TYR D 444 50.61 -9.28 -15.91
CA TYR D 444 51.26 -8.08 -16.41
C TYR D 444 50.57 -6.77 -15.99
N LEU D 445 49.37 -6.89 -15.45
CA LEU D 445 48.55 -5.75 -15.06
C LEU D 445 49.30 -4.51 -14.59
N GLY D 446 49.84 -4.53 -13.37
CA GLY D 446 50.53 -3.35 -12.88
C GLY D 446 51.99 -3.21 -13.29
N THR D 447 52.39 -3.83 -14.38
CA THR D 447 53.77 -3.75 -14.79
C THR D 447 53.97 -3.38 -16.26
N THR D 448 55.21 -2.99 -16.58
CA THR D 448 55.58 -2.57 -17.93
C THR D 448 55.30 -3.62 -18.98
N MET D 449 54.69 -4.73 -18.59
CA MET D 449 54.44 -5.80 -19.54
C MET D 449 53.03 -5.79 -20.08
N ASP D 450 52.25 -4.80 -19.67
CA ASP D 450 50.85 -4.67 -20.11
C ASP D 450 50.80 -4.21 -21.57
N THR D 451 51.57 -4.86 -22.43
CA THR D 451 51.62 -4.49 -23.85
C THR D 451 50.51 -5.10 -24.67
N TYR D 452 50.16 -4.45 -25.77
CA TYR D 452 49.11 -4.94 -26.65
C TYR D 452 49.51 -6.29 -27.22
N LYS D 453 50.82 -6.54 -27.23
CA LYS D 453 51.34 -7.79 -27.74
C LYS D 453 51.10 -8.91 -26.75
N GLU D 454 51.82 -8.89 -25.64
CA GLU D 454 51.66 -9.94 -24.64
C GLU D 454 50.19 -10.15 -24.29
N LEU D 455 49.35 -9.18 -24.59
CA LEU D 455 47.92 -9.32 -24.31
C LEU D 455 47.34 -10.26 -25.35
N ILE D 456 47.33 -9.80 -26.59
CA ILE D 456 46.79 -10.59 -27.69
C ILE D 456 47.51 -11.95 -27.82
N GLU D 457 48.71 -12.07 -27.27
CA GLU D 457 49.44 -13.34 -27.33
C GLU D 457 48.78 -14.25 -26.31
N ARG D 458 48.07 -13.64 -25.36
CA ARG D 458 47.39 -14.37 -24.29
C ARG D 458 45.88 -14.37 -24.44
N ILE D 459 45.37 -13.80 -25.52
CA ILE D 459 43.92 -13.76 -25.71
C ILE D 459 43.56 -13.57 -27.19
N PRO D 460 44.13 -14.44 -28.04
CA PRO D 460 43.97 -14.51 -29.50
C PRO D 460 42.80 -13.78 -30.13
N GLU D 461 41.59 -14.03 -29.66
CA GLU D 461 40.42 -13.38 -30.26
C GLU D 461 40.00 -12.10 -29.52
N LEU D 462 40.98 -11.39 -28.98
CA LEU D 462 40.74 -10.14 -28.24
C LEU D 462 39.67 -9.28 -28.86
N ASN D 463 39.56 -9.32 -30.18
CA ASN D 463 38.57 -8.50 -30.87
C ASN D 463 37.15 -8.94 -30.49
N LYS D 464 36.83 -10.20 -30.74
CA LYS D 464 35.50 -10.72 -30.40
C LYS D 464 35.15 -10.50 -28.93
N VAL D 465 36.11 -10.75 -28.04
CA VAL D 465 35.87 -10.57 -26.61
C VAL D 465 35.51 -9.12 -26.33
N ALA D 466 36.38 -8.19 -26.72
CA ALA D 466 36.12 -6.78 -26.51
C ALA D 466 34.75 -6.45 -27.08
N ARG D 467 34.43 -6.99 -28.24
CA ARG D 467 33.14 -6.73 -28.84
C ARG D 467 32.02 -7.06 -27.87
N ALA D 468 32.06 -8.27 -27.31
CA ALA D 468 31.03 -8.67 -26.36
C ALA D 468 30.93 -7.65 -25.24
N ALA D 469 32.06 -7.34 -24.62
CA ALA D 469 32.09 -6.36 -23.54
C ALA D 469 31.41 -5.10 -24.02
N ALA D 470 31.76 -4.68 -25.22
CA ALA D 470 31.16 -3.47 -25.78
C ALA D 470 29.69 -3.68 -26.04
N GLU D 471 29.24 -4.93 -26.12
CA GLU D 471 27.82 -5.17 -26.35
C GLU D 471 27.03 -5.10 -25.05
N VAL D 472 27.52 -5.76 -24.00
CA VAL D 472 26.79 -5.70 -22.74
C VAL D 472 26.76 -4.25 -22.30
N ALA D 473 27.86 -3.55 -22.53
CA ALA D 473 27.94 -2.14 -22.14
C ALA D 473 26.94 -1.36 -22.94
N GLY D 474 26.81 -1.70 -24.21
CA GLY D 474 25.87 -1.02 -25.09
C GLY D 474 24.43 -1.21 -24.68
N GLN D 475 24.00 -2.46 -24.54
CA GLN D 475 22.64 -2.73 -24.14
C GLN D 475 22.28 -2.01 -22.83
N PHE D 476 23.20 -2.01 -21.88
CA PHE D 476 22.95 -1.32 -20.61
C PHE D 476 22.49 0.08 -20.99
N VAL D 477 23.26 0.74 -21.85
CA VAL D 477 22.95 2.09 -22.26
C VAL D 477 21.62 2.18 -23.00
N ILE D 478 21.44 1.34 -24.02
CA ILE D 478 20.18 1.38 -24.75
C ILE D 478 19.05 1.18 -23.77
N LYS D 479 19.15 0.14 -22.95
CA LYS D 479 18.14 -0.19 -21.96
C LYS D 479 17.84 0.95 -20.99
N LEU D 480 18.88 1.53 -20.42
CA LEU D 480 18.68 2.61 -19.45
C LEU D 480 18.15 3.88 -20.10
N THR D 481 17.97 3.87 -21.42
CA THR D 481 17.46 5.04 -22.14
C THR D 481 16.26 4.81 -23.05
N HIS D 482 16.27 3.71 -23.80
CA HIS D 482 15.20 3.32 -24.73
C HIS D 482 13.80 3.69 -24.28
N ASP D 483 13.41 3.21 -23.09
CA ASP D 483 12.06 3.44 -22.57
C ASP D 483 11.89 4.69 -21.72
N VAL D 484 10.64 5.12 -21.58
CA VAL D 484 10.31 6.32 -20.81
C VAL D 484 10.39 6.11 -19.31
N GLU D 485 10.22 4.88 -18.88
CA GLU D 485 10.29 4.58 -17.47
C GLU D 485 11.74 4.32 -17.09
N LEU D 486 12.21 4.99 -16.05
CA LEU D 486 13.59 4.79 -15.61
C LEU D 486 13.59 3.40 -14.95
N ASN D 487 14.22 2.44 -15.61
CA ASN D 487 14.25 1.07 -15.10
C ASN D 487 15.36 0.71 -14.10
N LEU D 488 15.13 0.98 -12.83
CA LEU D 488 16.08 0.61 -11.78
C LEU D 488 15.33 -0.21 -10.75
N ASP D 489 15.96 -1.28 -10.29
CA ASP D 489 15.33 -2.18 -9.32
C ASP D 489 15.27 -1.64 -7.91
N TYR D 490 14.47 -0.62 -7.65
CA TYR D 490 14.40 -0.08 -6.30
C TYR D 490 13.77 -1.08 -5.33
N GLU D 491 13.32 -2.21 -5.85
CA GLU D 491 12.69 -3.24 -5.01
C GLU D 491 13.75 -4.04 -4.31
N GLU D 492 14.75 -4.45 -5.08
CA GLU D 492 15.85 -5.23 -4.56
C GLU D 492 16.37 -4.70 -3.23
N TYR D 493 16.07 -3.44 -2.90
CA TYR D 493 16.51 -2.89 -1.62
C TYR D 493 15.64 -3.33 -0.48
N ASN D 494 14.42 -3.76 -0.80
CA ASN D 494 13.51 -4.25 0.24
C ASN D 494 14.17 -5.49 0.77
N SER D 495 14.61 -6.34 -0.15
CA SER D 495 15.27 -7.57 0.18
C SER D 495 16.55 -7.22 0.93
N GLN D 496 17.39 -6.41 0.29
CA GLN D 496 18.64 -5.97 0.90
C GLN D 496 18.44 -5.48 2.33
N LEU D 497 17.31 -4.84 2.56
CA LEU D 497 17.00 -4.29 3.86
C LEU D 497 16.52 -5.38 4.80
N LEU D 498 15.71 -6.30 4.28
CA LEU D 498 15.20 -7.39 5.10
C LEU D 498 16.32 -8.31 5.55
N SER D 499 17.26 -8.56 4.65
CA SER D 499 18.39 -9.42 4.97
C SER D 499 19.08 -8.86 6.19
N PHE D 500 19.20 -7.53 6.26
CA PHE D 500 19.82 -6.88 7.41
C PHE D 500 19.02 -7.21 8.66
N VAL D 501 17.75 -6.82 8.68
CA VAL D 501 16.87 -7.09 9.79
C VAL D 501 17.03 -8.51 10.25
N ARG D 502 17.04 -9.45 9.31
CA ARG D 502 17.21 -10.86 9.65
C ARG D 502 18.51 -11.07 10.44
N ASP D 503 19.63 -10.89 9.78
CA ASP D 503 20.93 -11.05 10.40
C ASP D 503 20.95 -10.37 11.77
N LEU D 504 20.26 -9.24 11.88
CA LEU D 504 20.27 -8.51 13.15
C LEU D 504 19.47 -9.23 14.20
N ASN D 505 18.41 -9.94 13.80
CA ASN D 505 17.60 -10.67 14.76
C ASN D 505 18.33 -11.86 15.39
N GLN D 506 19.50 -12.19 14.85
CA GLN D 506 20.26 -13.29 15.39
C GLN D 506 20.90 -12.86 16.72
N TYR D 507 20.79 -11.57 17.02
CA TYR D 507 21.36 -11.02 18.24
C TYR D 507 20.27 -10.47 19.14
N ARG D 508 19.02 -10.84 18.84
CA ARG D 508 17.87 -10.35 19.60
C ARG D 508 18.08 -10.55 21.08
N ALA D 509 18.95 -11.50 21.42
CA ALA D 509 19.28 -11.80 22.80
C ALA D 509 20.10 -10.65 23.34
N ASP D 510 21.16 -10.27 22.63
CA ASP D 510 22.01 -9.17 23.06
C ASP D 510 21.16 -7.91 23.05
N ILE D 511 20.37 -7.74 22.00
CA ILE D 511 19.53 -6.58 21.89
C ILE D 511 18.63 -6.47 23.10
N LYS D 512 18.33 -7.61 23.72
CA LYS D 512 17.45 -7.63 24.89
C LYS D 512 18.19 -7.30 26.19
N GLU D 513 19.40 -7.84 26.38
CA GLU D 513 20.15 -7.53 27.58
C GLU D 513 20.24 -6.00 27.69
N MET D 514 20.40 -5.35 26.54
CA MET D 514 20.43 -3.88 26.50
C MET D 514 18.95 -3.51 26.40
N GLY D 515 18.57 -2.36 26.93
CA GLY D 515 17.17 -1.97 26.88
C GLY D 515 16.56 -1.78 25.50
N LEU D 516 17.37 -1.87 24.46
CA LEU D 516 16.94 -1.67 23.08
C LEU D 516 15.68 -2.39 22.66
N SER D 517 14.77 -1.65 22.02
CA SER D 517 13.51 -2.20 21.55
C SER D 517 13.58 -2.69 20.13
N LEU D 518 14.53 -2.14 19.37
CA LEU D 518 14.71 -2.57 17.99
C LEU D 518 13.39 -2.55 17.19
N GLN D 519 12.38 -1.89 17.73
CA GLN D 519 11.08 -1.80 17.08
C GLN D 519 11.05 -0.71 16.02
N TRP D 520 11.74 0.39 16.28
CA TRP D 520 11.76 1.51 15.35
C TRP D 520 12.37 1.14 14.01
N LEU D 521 13.24 0.13 14.03
CA LEU D 521 13.91 -0.31 12.81
C LEU D 521 12.91 -0.99 11.90
N TYR D 522 12.12 -1.89 12.47
CA TYR D 522 11.13 -2.60 11.67
C TYR D 522 10.20 -1.60 11.05
N SER D 523 9.82 -0.60 11.83
CA SER D 523 8.91 0.41 11.33
C SER D 523 9.53 1.09 10.11
N ALA D 524 10.80 1.44 10.19
CA ALA D 524 11.47 2.07 9.06
C ALA D 524 11.43 1.14 7.86
N ARG D 525 12.04 -0.03 8.02
CA ARG D 525 12.08 -1.05 6.98
C ARG D 525 10.72 -1.22 6.34
N GLY D 526 9.67 -1.07 7.14
CA GLY D 526 8.33 -1.21 6.61
C GLY D 526 7.89 0.10 5.99
N ASP D 527 8.04 1.18 6.74
CA ASP D 527 7.66 2.50 6.26
C ASP D 527 8.31 2.68 4.88
N PHE D 528 9.40 1.96 4.64
CA PHE D 528 10.09 2.05 3.35
C PHE D 528 9.45 1.11 2.35
N PHE D 529 9.08 -0.08 2.80
CA PHE D 529 8.46 -1.05 1.92
C PHE D 529 7.23 -0.46 1.25
N ARG D 530 6.36 0.16 2.03
CA ARG D 530 5.16 0.78 1.48
C ARG D 530 5.58 1.78 0.42
N ALA D 531 6.51 2.65 0.78
CA ALA D 531 7.02 3.66 -0.14
C ALA D 531 7.29 3.08 -1.52
N THR D 532 7.97 1.95 -1.56
CA THR D 532 8.30 1.30 -2.82
C THR D 532 7.05 0.70 -3.46
N SER D 533 6.14 0.22 -2.62
CA SER D 533 4.90 -0.36 -3.13
C SER D 533 4.02 0.69 -3.80
N ARG D 534 4.11 1.93 -3.34
CA ARG D 534 3.30 3.00 -3.93
C ARG D 534 3.96 3.31 -5.26
N LEU D 535 5.25 3.64 -5.20
CA LEU D 535 5.96 3.96 -6.41
C LEU D 535 5.70 2.86 -7.42
N THR D 536 5.93 1.61 -7.01
CA THR D 536 5.73 0.49 -7.92
C THR D 536 4.31 0.47 -8.43
N THR D 537 3.41 1.12 -7.71
CA THR D 537 2.01 1.18 -8.14
C THR D 537 1.81 2.39 -9.03
N ASP D 538 2.05 3.58 -8.48
CA ASP D 538 1.88 4.83 -9.23
C ASP D 538 2.35 4.70 -10.68
N PHE D 539 3.45 3.98 -10.88
CA PHE D 539 4.00 3.77 -12.21
C PHE D 539 2.96 3.10 -13.07
N GLY D 540 2.53 1.93 -12.64
CA GLY D 540 1.54 1.18 -13.39
C GLY D 540 0.33 1.99 -13.78
N ASN D 541 -0.15 2.84 -12.88
CA ASN D 541 -1.33 3.66 -13.13
C ASN D 541 -1.06 4.90 -13.98
N ALA D 542 0.21 5.27 -14.14
CA ALA D 542 0.58 6.42 -14.93
C ALA D 542 0.78 5.99 -16.39
N GLU D 543 0.55 6.90 -17.32
CA GLU D 543 0.70 6.61 -18.74
C GLU D 543 2.03 7.12 -19.30
N LYS D 544 2.69 6.27 -20.06
CA LYS D 544 3.98 6.60 -20.67
C LYS D 544 3.84 7.77 -21.64
N THR D 545 2.77 8.54 -21.49
CA THR D 545 2.51 9.68 -22.37
C THR D 545 2.52 10.98 -21.59
N ASP D 546 2.24 10.92 -20.29
CA ASP D 546 2.23 12.12 -19.47
C ASP D 546 3.64 12.44 -19.01
N ARG D 547 4.43 13.03 -19.90
CA ARG D 547 5.82 13.39 -19.63
C ARG D 547 5.98 13.95 -18.22
N PHE D 548 4.90 14.55 -17.70
CA PHE D 548 4.93 15.14 -16.37
C PHE D 548 4.84 14.15 -15.23
N VAL D 549 3.79 13.32 -15.22
CA VAL D 549 3.62 12.35 -14.14
C VAL D 549 4.73 11.32 -14.14
N MET D 550 5.28 11.05 -15.32
CA MET D 550 6.36 10.08 -15.43
C MET D 550 7.63 10.70 -14.88
N LYS D 551 7.88 11.95 -15.22
CA LYS D 551 9.05 12.64 -14.75
C LYS D 551 9.01 12.68 -13.23
N LYS D 552 7.84 12.93 -12.66
CA LYS D 552 7.72 12.99 -11.20
C LYS D 552 8.05 11.65 -10.55
N LEU D 553 7.77 10.56 -11.24
CA LEU D 553 8.06 9.23 -10.70
C LEU D 553 9.52 8.88 -10.88
N ASN D 554 10.02 8.98 -12.11
CA ASN D 554 11.42 8.66 -12.39
C ASN D 554 12.35 9.38 -11.43
N ASP D 555 11.98 10.60 -11.05
CA ASP D 555 12.79 11.37 -10.12
C ASP D 555 12.82 10.65 -8.78
N ARG D 556 11.69 10.11 -8.36
CA ARG D 556 11.63 9.39 -7.10
C ARG D 556 12.56 8.17 -7.17
N VAL D 557 12.53 7.47 -8.28
CA VAL D 557 13.38 6.31 -8.48
C VAL D 557 14.83 6.74 -8.35
N MET D 558 15.13 7.88 -8.96
CA MET D 558 16.46 8.46 -8.99
C MET D 558 16.97 8.90 -7.63
N ARG D 559 16.08 8.94 -6.64
CA ARG D 559 16.46 9.33 -5.28
C ARG D 559 16.86 8.12 -4.44
N VAL D 560 16.21 6.99 -4.72
CA VAL D 560 16.44 5.75 -4.00
C VAL D 560 17.86 5.45 -3.58
N GLU D 561 18.76 5.30 -4.55
CA GLU D 561 20.15 4.98 -4.24
C GLU D 561 20.86 6.00 -3.35
N TYR D 562 20.80 7.26 -3.74
CA TYR D 562 21.45 8.34 -2.99
C TYR D 562 21.01 8.44 -1.53
N HIS D 563 19.71 8.31 -1.28
CA HIS D 563 19.18 8.42 0.07
C HIS D 563 19.57 7.35 1.08
N PHE D 564 20.43 6.41 0.68
CA PHE D 564 20.88 5.37 1.59
C PHE D 564 22.28 5.71 2.08
N LEU D 565 22.68 6.96 1.83
CA LEU D 565 23.97 7.48 2.25
C LEU D 565 23.72 8.18 3.58
N SER D 566 24.33 7.69 4.65
CA SER D 566 24.11 8.28 5.96
C SER D 566 24.15 9.79 5.97
N PRO D 567 23.00 10.42 6.20
CA PRO D 567 23.01 11.87 6.22
C PRO D 567 23.46 12.38 7.58
N TYR D 568 24.23 11.57 8.30
CA TYR D 568 24.71 11.97 9.61
C TYR D 568 26.23 11.91 9.71
N VAL D 569 26.90 11.72 8.58
CA VAL D 569 28.36 11.66 8.56
C VAL D 569 28.88 12.62 7.51
N SER D 570 29.94 13.34 7.82
CA SER D 570 30.51 14.31 6.87
C SER D 570 31.41 13.73 5.79
N PRO D 571 31.13 14.07 4.54
CA PRO D 571 31.93 13.59 3.43
C PRO D 571 33.43 13.85 3.66
N LYS D 572 33.72 14.97 4.31
CA LYS D 572 35.09 15.36 4.61
C LYS D 572 35.75 14.36 5.55
N GLU D 573 34.96 13.73 6.43
CA GLU D 573 35.49 12.77 7.38
C GLU D 573 35.40 11.35 6.87
N SER D 574 34.20 10.94 6.47
CA SER D 574 33.96 9.59 5.95
C SER D 574 33.23 9.70 4.63
N PRO D 575 33.98 9.82 3.52
CA PRO D 575 33.44 9.95 2.16
C PRO D 575 32.49 8.88 1.65
N PHE D 576 32.69 7.63 2.07
CA PHE D 576 31.81 6.57 1.61
C PHE D 576 30.64 6.38 2.56
N ARG D 577 29.69 7.29 2.46
CA ARG D 577 28.51 7.31 3.32
C ARG D 577 27.45 6.26 3.10
N HIS D 578 27.47 5.59 1.97
CA HIS D 578 26.44 4.58 1.73
C HIS D 578 26.33 3.54 2.84
N VAL D 579 25.24 3.57 3.60
CA VAL D 579 25.08 2.63 4.70
C VAL D 579 25.30 1.19 4.28
N PHE D 580 24.97 0.84 3.03
CA PHE D 580 25.13 -0.53 2.55
C PHE D 580 26.50 -0.89 1.95
N TRP D 581 27.05 -0.03 1.11
CA TRP D 581 28.32 -0.34 0.47
C TRP D 581 29.47 0.57 0.85
N GLY D 582 29.21 1.51 1.75
CA GLY D 582 30.25 2.43 2.16
C GLY D 582 31.31 1.79 3.02
N SER D 583 31.96 2.63 3.83
CA SER D 583 33.01 2.18 4.74
C SER D 583 33.04 3.15 5.89
N GLY D 584 32.92 2.64 7.11
CA GLY D 584 32.90 3.51 8.27
C GLY D 584 31.97 2.92 9.30
N SER D 585 31.83 3.57 10.46
CA SER D 585 30.96 3.03 11.49
C SER D 585 29.51 3.23 11.12
N HIS D 586 29.25 4.12 10.15
CA HIS D 586 27.88 4.39 9.71
C HIS D 586 27.36 3.26 8.84
N THR D 587 28.29 2.45 8.37
CA THR D 587 28.01 1.29 7.54
C THR D 587 27.03 0.37 8.26
N LEU D 588 26.05 -0.17 7.52
CA LEU D 588 25.08 -1.08 8.11
C LEU D 588 25.84 -2.35 8.53
N PRO D 589 26.65 -2.91 7.63
CA PRO D 589 27.42 -4.10 7.97
C PRO D 589 28.25 -3.87 9.19
N ALA D 590 28.79 -2.66 9.30
CA ALA D 590 29.63 -2.29 10.43
C ALA D 590 28.92 -2.43 11.76
N LEU D 591 27.61 -2.20 11.75
CA LEU D 591 26.80 -2.30 12.96
C LEU D 591 26.85 -3.72 13.48
N LEU D 592 26.43 -4.67 12.65
CA LEU D 592 26.46 -6.07 13.07
C LEU D 592 27.88 -6.40 13.51
N GLU D 593 28.84 -6.04 12.67
CA GLU D 593 30.25 -6.32 12.94
C GLU D 593 30.71 -5.89 14.34
N ASN D 594 30.05 -4.91 14.92
CA ASN D 594 30.42 -4.46 16.26
C ASN D 594 29.65 -5.29 17.25
N LEU D 595 28.38 -5.52 16.96
CA LEU D 595 27.51 -6.29 17.83
C LEU D 595 28.02 -7.72 18.01
N LYS D 596 28.56 -8.32 16.94
CA LYS D 596 29.07 -9.69 17.06
C LYS D 596 30.04 -9.79 18.25
N LEU D 597 30.80 -8.71 18.48
CA LEU D 597 31.78 -8.67 19.56
C LEU D 597 31.17 -8.69 20.95
N ARG D 598 29.87 -8.40 21.04
CA ARG D 598 29.16 -8.40 22.32
C ARG D 598 29.35 -9.74 23.07
N LYS D 599 29.12 -10.83 22.35
CA LYS D 599 29.25 -12.19 22.89
C LYS D 599 30.64 -12.52 23.44
N GLN D 600 31.67 -11.93 22.86
CA GLN D 600 33.06 -12.17 23.29
C GLN D 600 33.31 -11.72 24.73
N ASN D 601 32.25 -11.24 25.39
CA ASN D 601 32.29 -10.78 26.79
C ASN D 601 33.43 -9.83 27.17
N ASN D 602 34.32 -9.53 26.22
CA ASN D 602 35.44 -8.62 26.49
C ASN D 602 34.97 -7.18 26.23
N GLY D 603 35.91 -6.24 26.23
CA GLY D 603 35.57 -4.85 26.00
C GLY D 603 35.50 -4.46 24.53
N ALA D 604 35.92 -5.38 23.66
CA ALA D 604 35.92 -5.14 22.23
C ALA D 604 34.65 -4.47 21.72
N PHE D 605 33.53 -4.72 22.39
CA PHE D 605 32.25 -4.14 22.01
C PHE D 605 32.07 -2.75 22.62
N ASN D 606 31.90 -1.74 21.78
CA ASN D 606 31.69 -0.38 22.26
C ASN D 606 30.18 -0.27 22.29
N GLU D 607 29.60 -0.19 23.48
CA GLU D 607 28.15 -0.10 23.58
C GLU D 607 27.60 1.25 23.14
N THR D 608 28.22 2.33 23.59
CA THR D 608 27.75 3.64 23.20
C THR D 608 27.73 3.75 21.68
N LEU D 609 28.77 3.22 21.04
CA LEU D 609 28.85 3.26 19.59
C LEU D 609 27.65 2.55 18.98
N PHE D 610 27.41 1.31 19.40
CA PHE D 610 26.29 0.56 18.88
C PHE D 610 25.04 1.38 19.02
N ARG D 611 24.67 1.69 20.26
CA ARG D 611 23.49 2.47 20.55
C ARG D 611 23.22 3.51 19.46
N ASN D 612 24.24 4.28 19.10
CA ASN D 612 24.06 5.28 18.05
C ASN D 612 23.92 4.59 16.71
N GLN D 613 24.89 3.76 16.38
CA GLN D 613 24.87 3.03 15.11
C GLN D 613 23.45 2.60 14.77
N LEU D 614 22.82 1.90 15.70
CA LEU D 614 21.47 1.43 15.49
C LEU D 614 20.57 2.63 15.34
N ALA D 615 20.57 3.50 16.34
CA ALA D 615 19.73 4.70 16.35
C ALA D 615 19.75 5.45 15.03
N LEU D 616 20.93 5.81 14.57
CA LEU D 616 21.01 6.53 13.31
C LEU D 616 20.70 5.63 12.11
N ALA D 617 21.35 4.47 12.05
CA ALA D 617 21.11 3.54 10.96
C ALA D 617 19.61 3.34 10.77
N THR D 618 18.85 3.57 11.83
CA THR D 618 17.40 3.43 11.75
C THR D 618 16.83 4.62 11.01
N TRP D 619 17.06 5.81 11.56
CA TRP D 619 16.58 7.04 10.93
C TRP D 619 17.09 7.22 9.51
N THR D 620 18.23 6.59 9.16
CA THR D 620 18.75 6.68 7.81
C THR D 620 17.75 5.97 6.91
N ILE D 621 17.44 4.74 7.28
CA ILE D 621 16.48 3.94 6.53
C ILE D 621 15.12 4.62 6.55
N GLN D 622 14.73 5.10 7.73
CA GLN D 622 13.45 5.79 7.90
C GLN D 622 13.38 6.93 6.90
N GLY D 623 14.39 7.79 6.95
CA GLY D 623 14.42 8.91 6.04
C GLY D 623 14.33 8.45 4.60
N ALA D 624 15.10 7.44 4.26
CA ALA D 624 15.08 6.93 2.90
C ALA D 624 13.65 6.70 2.47
N ALA D 625 12.82 6.25 3.42
CA ALA D 625 11.43 6.00 3.12
C ALA D 625 10.68 7.30 2.90
N ASN D 626 10.70 8.17 3.91
CA ASN D 626 10.01 9.45 3.81
C ASN D 626 10.43 10.24 2.58
N ALA D 627 11.59 9.92 2.03
CA ALA D 627 12.05 10.64 0.86
C ALA D 627 11.51 9.99 -0.39
N LEU D 628 11.42 8.66 -0.36
CA LEU D 628 10.95 7.88 -1.50
C LEU D 628 9.46 7.91 -1.70
N SER D 629 8.80 8.89 -1.07
CA SER D 629 7.35 9.12 -1.16
C SER D 629 6.51 8.85 0.08
N GLY D 630 5.55 7.96 -0.05
CA GLY D 630 4.65 7.68 1.05
C GLY D 630 3.61 8.78 0.83
N ASP D 631 3.65 9.31 -0.41
CA ASP D 631 2.76 10.38 -0.86
C ASP D 631 3.11 11.63 -0.09
N VAL D 632 4.33 11.67 0.45
CA VAL D 632 4.79 12.82 1.24
C VAL D 632 4.03 12.77 2.56
N TRP D 633 4.61 13.39 3.60
CA TRP D 633 3.96 13.43 4.90
C TRP D 633 3.48 12.05 5.36
N ASP D 634 4.32 11.02 5.23
CA ASP D 634 3.92 9.68 5.64
C ASP D 634 3.06 9.74 6.90
N ILE D 635 1.82 9.27 6.77
CA ILE D 635 0.85 9.31 7.86
C ILE D 635 0.75 8.08 8.78
N ASP D 636 1.89 7.56 9.23
CA ASP D 636 1.86 6.46 10.20
C ASP D 636 2.11 7.18 11.52
N ASN D 637 1.20 8.12 11.79
CA ASN D 637 1.18 8.99 12.96
C ASN D 637 0.93 8.27 14.28
N GLU D 638 0.37 7.07 14.20
CA GLU D 638 0.08 6.27 15.39
C GLU D 638 1.38 5.90 16.10
N PHE D 639 1.81 4.65 15.96
CA PHE D 639 3.05 4.17 16.56
C PHE D 639 3.55 5.06 17.71
N LEU E 1 14.59 -20.10 24.90
CA LEU E 1 15.99 -19.81 24.58
C LEU E 1 16.12 -18.95 23.33
N TYR E 2 17.29 -18.31 23.16
CA TYR E 2 17.53 -17.47 21.99
C TYR E 2 18.39 -18.16 20.96
N TRP E 3 18.39 -17.63 19.74
CA TRP E 3 19.14 -18.21 18.65
C TRP E 3 20.56 -18.62 19.03
N ASP E 4 21.31 -17.72 19.63
CA ASP E 4 22.68 -18.04 20.01
C ASP E 4 22.67 -19.33 20.79
N ASP E 5 21.76 -19.43 21.74
CA ASP E 5 21.66 -20.64 22.56
C ASP E 5 21.49 -21.85 21.66
N LEU E 6 20.42 -21.85 20.87
CA LEU E 6 20.17 -22.97 19.98
C LEU E 6 21.32 -23.21 19.03
N LYS E 7 21.91 -22.13 18.51
CA LYS E 7 23.01 -22.29 17.58
C LYS E 7 24.15 -22.99 18.30
N ARG E 8 24.52 -22.45 19.46
CA ARG E 8 25.61 -23.00 20.26
C ARG E 8 25.35 -24.44 20.65
N LYS E 9 24.15 -24.71 21.17
CA LYS E 9 23.81 -26.07 21.57
C LYS E 9 23.95 -27.00 20.37
N LEU E 10 23.15 -26.75 19.33
CA LEU E 10 23.18 -27.54 18.11
C LEU E 10 24.61 -27.81 17.64
N SER E 11 25.52 -26.90 17.95
CA SER E 11 26.90 -27.08 17.52
C SER E 11 27.61 -28.15 18.33
N GLU E 12 27.65 -27.98 19.65
CA GLU E 12 28.31 -28.97 20.50
C GLU E 12 27.72 -30.36 20.29
N LYS E 13 26.40 -30.42 20.08
CA LYS E 13 25.74 -31.70 19.85
C LYS E 13 26.31 -32.26 18.55
N LEU E 14 26.56 -31.38 17.59
CA LEU E 14 27.13 -31.78 16.31
C LEU E 14 28.60 -32.09 16.51
N ASP E 15 29.18 -31.50 17.56
CA ASP E 15 30.58 -31.72 17.88
C ASP E 15 30.81 -33.11 18.44
N SER E 16 29.74 -33.73 18.94
CA SER E 16 29.82 -35.07 19.52
C SER E 16 28.86 -36.06 18.90
N THR E 17 28.96 -36.26 17.59
CA THR E 17 28.12 -37.22 16.88
C THR E 17 28.91 -37.87 15.76
N ASP E 18 29.04 -39.19 15.83
CA ASP E 18 29.79 -39.93 14.84
C ASP E 18 28.91 -40.24 13.63
N PHE E 19 29.06 -39.42 12.58
CA PHE E 19 28.27 -39.63 11.36
C PHE E 19 28.89 -40.74 10.54
N THR E 20 30.21 -40.79 10.54
CA THR E 20 30.94 -41.78 9.78
C THR E 20 30.56 -43.22 10.16
N SER E 21 30.30 -43.45 11.45
CA SER E 21 29.91 -44.77 11.93
C SER E 21 28.60 -45.21 11.30
N THR E 22 27.59 -44.35 11.40
CA THR E 22 26.28 -44.64 10.84
C THR E 22 26.30 -44.77 9.33
N ILE E 23 27.18 -44.04 8.68
CA ILE E 23 27.28 -44.12 7.22
C ILE E 23 27.84 -45.48 6.89
N LYS E 24 28.64 -46.02 7.80
CA LYS E 24 29.23 -47.34 7.63
C LYS E 24 28.18 -48.40 7.99
N LEU E 25 27.58 -48.25 9.17
CA LEU E 25 26.57 -49.18 9.64
C LEU E 25 25.57 -49.43 8.52
N LEU E 26 25.22 -48.37 7.79
CA LEU E 26 24.27 -48.50 6.70
C LEU E 26 24.98 -49.04 5.47
N ASN E 27 25.91 -49.96 5.72
CA ASN E 27 26.67 -50.58 4.63
C ASN E 27 26.91 -52.05 4.94
N GLU E 28 26.66 -52.45 6.18
CA GLU E 28 26.80 -53.84 6.60
C GLU E 28 25.92 -54.66 5.69
N ASN E 29 26.30 -55.91 5.42
CA ASN E 29 25.50 -56.76 4.54
C ASN E 29 24.05 -56.86 4.99
N SER E 30 23.76 -56.39 6.20
CA SER E 30 22.41 -56.43 6.74
C SER E 30 21.49 -55.64 5.79
N TYR E 31 22.04 -54.58 5.21
CA TYR E 31 21.30 -53.75 4.26
C TYR E 31 22.23 -53.13 3.24
N VAL E 32 22.79 -53.95 2.34
CA VAL E 32 23.68 -53.41 1.34
C VAL E 32 23.02 -53.30 -0.03
N PRO E 33 22.66 -54.43 -0.68
CA PRO E 33 22.04 -54.10 -1.97
C PRO E 33 20.59 -53.78 -1.69
N ARG E 34 20.37 -52.68 -0.95
CA ARG E 34 19.04 -52.23 -0.58
C ARG E 34 18.29 -51.64 -1.77
N GLU E 35 18.03 -52.47 -2.78
CA GLU E 35 17.30 -52.01 -3.95
C GLU E 35 15.93 -51.58 -3.48
N ALA E 36 15.23 -50.86 -4.34
CA ALA E 36 13.89 -50.39 -4.02
C ALA E 36 12.96 -51.56 -3.81
N GLY E 37 12.28 -51.57 -2.67
CA GLY E 37 11.34 -52.64 -2.38
C GLY E 37 11.96 -54.02 -2.19
N SER E 38 13.23 -54.05 -1.82
CA SER E 38 13.92 -55.32 -1.59
C SER E 38 13.80 -55.66 -0.12
N GLN E 39 14.41 -56.75 0.29
CA GLN E 39 14.35 -57.14 1.69
C GLN E 39 15.26 -56.22 2.50
N LYS E 40 16.48 -56.02 2.01
CA LYS E 40 17.43 -55.14 2.68
C LYS E 40 16.73 -53.80 2.89
N ASP E 41 16.14 -53.29 1.82
CA ASP E 41 15.40 -52.03 1.84
C ASP E 41 14.53 -52.05 3.08
N GLU E 42 13.59 -53.00 3.10
CA GLU E 42 12.66 -53.17 4.20
C GLU E 42 13.41 -53.31 5.53
N ASN E 43 14.63 -53.83 5.48
CA ASN E 43 15.39 -54.00 6.71
C ASN E 43 15.74 -52.64 7.31
N LEU E 44 16.46 -51.84 6.53
CA LEU E 44 16.87 -50.52 6.97
C LEU E 44 15.64 -49.70 7.33
N ALA E 45 14.57 -49.88 6.57
CA ALA E 45 13.33 -49.15 6.82
C ALA E 45 12.94 -49.35 8.27
N LEU E 46 12.83 -50.61 8.68
CA LEU E 46 12.45 -50.93 10.05
C LEU E 46 13.51 -50.46 11.02
N TYR E 47 14.75 -50.36 10.55
CA TYR E 47 15.82 -49.89 11.42
C TYR E 47 15.54 -48.43 11.76
N VAL E 48 15.32 -47.64 10.72
CA VAL E 48 15.06 -46.23 10.91
C VAL E 48 13.82 -46.09 11.79
N GLU E 49 12.77 -46.81 11.42
CA GLU E 49 11.52 -46.76 12.17
C GLU E 49 11.76 -46.94 13.65
N ASN E 50 12.52 -47.96 13.99
CA ASN E 50 12.79 -48.26 15.38
C ASN E 50 13.67 -47.17 15.98
N GLU E 51 14.75 -46.84 15.29
CA GLU E 51 15.64 -45.80 15.78
C GLU E 51 14.83 -44.58 16.19
N PHE E 52 13.88 -44.18 15.34
CA PHE E 52 13.02 -43.03 15.64
C PHE E 52 12.31 -43.26 16.96
N ARG E 53 11.75 -44.46 17.12
CA ARG E 53 11.04 -44.81 18.34
C ARG E 53 12.03 -44.72 19.49
N GLU E 54 13.21 -45.28 19.29
CA GLU E 54 14.23 -45.27 20.31
C GLU E 54 14.58 -43.83 20.65
N PHE E 55 14.60 -42.98 19.63
CA PHE E 55 14.92 -41.58 19.82
C PHE E 55 13.88 -40.93 20.73
N LYS E 56 12.85 -41.70 21.05
CA LYS E 56 11.81 -41.24 21.95
C LYS E 56 11.04 -40.03 21.41
N LEU E 57 11.07 -39.85 20.10
CA LEU E 57 10.35 -38.74 19.50
C LEU E 57 8.86 -39.09 19.50
N SER E 58 8.01 -38.08 19.33
CA SER E 58 6.55 -38.30 19.33
C SER E 58 6.13 -39.27 18.24
N LYS E 59 4.86 -39.25 17.86
CA LYS E 59 4.34 -40.14 16.83
C LYS E 59 5.34 -40.45 15.73
N VAL E 60 5.32 -41.70 15.28
CA VAL E 60 6.18 -42.19 14.20
C VAL E 60 5.41 -43.33 13.53
N TRP E 61 5.23 -43.24 12.22
CA TRP E 61 4.46 -44.25 11.51
C TRP E 61 5.13 -44.76 10.22
N ARG E 62 4.38 -45.55 9.46
CA ARG E 62 4.86 -46.12 8.20
C ARG E 62 3.95 -45.65 7.07
N ASP E 63 4.49 -45.63 5.85
CA ASP E 63 3.68 -45.24 4.72
C ASP E 63 3.86 -46.31 3.66
N GLN E 64 2.80 -47.07 3.44
CA GLN E 64 2.81 -48.18 2.48
C GLN E 64 2.40 -47.70 1.09
N HIS E 65 2.95 -48.36 0.07
CA HIS E 65 2.65 -48.02 -1.32
C HIS E 65 2.97 -49.16 -2.27
N PHE E 66 2.17 -49.31 -3.31
CA PHE E 66 2.45 -50.34 -4.30
C PHE E 66 2.66 -49.70 -5.67
N VAL E 67 3.91 -49.49 -6.05
CA VAL E 67 4.20 -48.86 -7.34
C VAL E 67 4.88 -49.85 -8.26
N LYS E 68 4.75 -49.64 -9.57
CA LYS E 68 5.39 -50.51 -10.54
C LYS E 68 6.79 -50.04 -10.88
N ILE E 69 7.77 -50.85 -10.52
CA ILE E 69 9.18 -50.57 -10.80
C ILE E 69 9.59 -51.48 -11.95
N GLN E 70 10.68 -51.16 -12.64
CA GLN E 70 11.15 -52.01 -13.72
C GLN E 70 12.47 -52.67 -13.32
N VAL E 71 12.60 -53.95 -13.63
CA VAL E 71 13.80 -54.70 -13.30
C VAL E 71 14.32 -55.51 -14.48
N LYS E 72 15.58 -55.94 -14.35
CA LYS E 72 16.24 -56.72 -15.39
C LYS E 72 15.64 -58.11 -15.49
N ASP E 73 15.11 -58.45 -16.66
CA ASP E 73 14.49 -59.75 -16.91
C ASP E 73 15.56 -60.84 -16.92
N SER E 74 15.14 -62.07 -16.63
CA SER E 74 16.06 -63.22 -16.62
C SER E 74 16.88 -63.27 -17.93
N ALA E 75 16.26 -62.84 -19.02
CA ALA E 75 16.93 -62.80 -20.32
C ALA E 75 17.96 -61.66 -20.28
N GLN E 76 19.15 -61.94 -20.79
CA GLN E 76 20.20 -60.94 -20.78
C GLN E 76 20.10 -59.83 -21.81
N ASN E 77 20.33 -58.60 -21.34
CA ASN E 77 20.31 -57.41 -22.17
C ASN E 77 21.69 -57.32 -22.78
N SER E 78 21.77 -56.89 -24.03
CA SER E 78 23.08 -56.80 -24.66
C SER E 78 23.17 -55.91 -25.89
N VAL E 79 24.41 -55.52 -26.17
CA VAL E 79 24.74 -54.70 -27.32
C VAL E 79 25.71 -55.52 -28.15
N ILE E 80 25.45 -55.62 -29.45
CA ILE E 80 26.30 -56.41 -30.33
C ILE E 80 26.44 -55.77 -31.71
N ILE E 81 27.69 -55.61 -32.15
CA ILE E 81 27.96 -55.03 -33.45
C ILE E 81 27.64 -56.08 -34.51
N VAL E 82 26.88 -55.67 -35.51
CA VAL E 82 26.50 -56.59 -36.58
C VAL E 82 26.14 -55.83 -37.83
N ASP E 83 26.48 -56.42 -38.98
CA ASP E 83 26.23 -55.82 -40.28
C ASP E 83 24.77 -55.99 -40.70
N LYS E 84 24.60 -56.43 -41.96
CA LYS E 84 23.29 -56.65 -42.53
C LYS E 84 22.80 -58.05 -42.18
N ASN E 85 23.41 -58.65 -41.16
CA ASN E 85 23.06 -60.01 -40.74
C ASN E 85 23.62 -60.44 -39.37
N GLY E 86 23.05 -61.52 -38.84
CA GLY E 86 23.43 -62.10 -37.56
C GLY E 86 24.71 -61.74 -36.83
N ARG E 87 24.68 -61.90 -35.51
CA ARG E 87 25.79 -61.60 -34.60
C ARG E 87 27.17 -61.42 -35.23
N LEU E 88 27.34 -60.31 -35.92
CA LEU E 88 28.60 -60.02 -36.59
C LEU E 88 29.70 -59.84 -35.54
N VAL E 89 30.94 -59.94 -36.00
CA VAL E 89 32.14 -59.78 -35.18
C VAL E 89 31.94 -59.84 -33.66
N TYR E 90 32.65 -58.98 -32.95
CA TYR E 90 32.61 -58.91 -31.49
C TYR E 90 31.27 -58.59 -30.86
N LEU E 91 30.97 -59.32 -29.79
CA LEU E 91 29.75 -59.15 -29.01
C LEU E 91 30.06 -58.04 -28.01
N VAL E 92 29.58 -56.83 -28.31
CA VAL E 92 29.85 -55.68 -27.46
C VAL E 92 29.82 -55.97 -25.96
N GLU E 93 28.67 -56.37 -25.43
CA GLU E 93 28.59 -56.67 -24.01
C GLU E 93 27.19 -56.95 -23.50
N ASN E 94 27.16 -57.65 -22.37
CA ASN E 94 25.92 -58.00 -21.68
C ASN E 94 25.90 -57.08 -20.47
N PRO E 95 25.53 -55.80 -20.67
CA PRO E 95 25.47 -54.80 -19.60
C PRO E 95 25.09 -55.34 -18.23
N GLY E 96 25.85 -54.95 -17.21
CA GLY E 96 25.60 -55.40 -15.85
C GLY E 96 24.48 -54.63 -15.17
N GLY E 97 24.25 -53.40 -15.62
CA GLY E 97 23.20 -52.57 -15.05
C GLY E 97 22.11 -52.33 -16.08
N TYR E 98 21.21 -51.41 -15.81
CA TYR E 98 20.14 -51.12 -16.76
C TYR E 98 19.49 -49.77 -16.51
N VAL E 99 18.70 -49.33 -17.48
CA VAL E 99 17.98 -48.07 -17.38
C VAL E 99 16.52 -48.42 -17.14
N ALA E 100 16.03 -48.13 -15.94
CA ALA E 100 14.64 -48.44 -15.59
C ALA E 100 13.65 -47.85 -16.58
N TYR E 101 12.40 -48.26 -16.47
CA TYR E 101 11.34 -47.79 -17.35
C TYR E 101 11.73 -47.70 -18.82
N SER E 102 12.81 -48.35 -19.21
CA SER E 102 13.23 -48.31 -20.60
C SER E 102 12.26 -49.12 -21.45
N LYS E 103 12.09 -48.74 -22.71
CA LYS E 103 11.21 -49.46 -23.61
C LYS E 103 11.72 -50.89 -23.70
N ALA E 104 10.85 -51.86 -23.46
CA ALA E 104 11.23 -53.26 -23.53
C ALA E 104 11.15 -53.70 -24.99
N ALA E 105 12.29 -53.67 -25.66
CA ALA E 105 12.36 -54.06 -27.05
C ALA E 105 13.79 -54.31 -27.48
N THR E 106 13.98 -54.52 -28.78
CA THR E 106 15.29 -54.78 -29.32
C THR E 106 15.32 -54.34 -30.78
N VAL E 107 16.29 -53.49 -31.11
CA VAL E 107 16.44 -53.00 -32.47
C VAL E 107 17.90 -52.78 -32.81
N THR E 108 18.18 -52.67 -34.11
CA THR E 108 19.53 -52.46 -34.60
C THR E 108 19.58 -51.43 -35.73
N GLY E 109 20.74 -50.80 -35.88
CA GLY E 109 20.92 -49.81 -36.92
C GLY E 109 22.20 -49.03 -36.72
N LYS E 110 22.30 -47.89 -37.38
CA LYS E 110 23.48 -47.03 -37.27
C LYS E 110 23.65 -46.56 -35.83
N LEU E 111 24.86 -46.10 -35.48
CA LEU E 111 25.11 -45.64 -34.12
C LEU E 111 25.83 -44.29 -34.01
N VAL E 112 25.04 -43.22 -33.89
CA VAL E 112 25.58 -41.87 -33.78
C VAL E 112 26.00 -41.60 -32.33
N HIS E 113 26.90 -40.64 -32.13
CA HIS E 113 27.37 -40.31 -30.80
C HIS E 113 27.16 -38.84 -30.45
N ALA E 114 25.98 -38.53 -29.94
CA ALA E 114 25.65 -37.16 -29.56
C ALA E 114 26.10 -36.82 -28.13
N ASN E 115 27.29 -36.24 -28.04
CA ASN E 115 27.87 -35.84 -26.76
C ASN E 115 26.81 -35.46 -25.74
N PHE E 116 27.07 -35.79 -24.48
CA PHE E 116 26.17 -35.48 -23.38
C PHE E 116 24.70 -35.54 -23.73
N GLY E 117 24.14 -36.74 -23.64
CA GLY E 117 22.74 -36.96 -23.92
C GLY E 117 22.05 -35.93 -24.78
N THR E 118 22.68 -35.59 -25.91
CA THR E 118 22.11 -34.63 -26.83
C THR E 118 21.89 -33.27 -26.18
N LYS E 119 21.63 -33.27 -24.87
CA LYS E 119 21.40 -32.03 -24.15
C LYS E 119 20.24 -31.27 -24.78
N LYS E 120 19.63 -31.86 -25.81
CA LYS E 120 18.53 -31.24 -26.54
C LYS E 120 19.17 -30.19 -27.43
N ASP E 121 20.23 -29.59 -26.91
CA ASP E 121 20.99 -28.56 -27.60
C ASP E 121 21.91 -29.25 -28.60
N PHE E 122 22.79 -30.10 -28.06
CA PHE E 122 23.77 -30.83 -28.86
C PHE E 122 23.21 -31.55 -30.08
N GLU E 123 21.90 -31.80 -30.11
CA GLU E 123 21.30 -32.47 -31.24
C GLU E 123 21.52 -31.66 -32.53
N ASP E 124 21.77 -30.36 -32.37
CA ASP E 124 22.02 -29.50 -33.51
C ASP E 124 23.46 -29.72 -33.98
N LEU E 125 23.74 -30.94 -34.43
CA LEU E 125 25.06 -31.31 -34.91
C LEU E 125 24.90 -31.80 -36.36
N TYR E 126 26.02 -32.01 -37.05
CA TYR E 126 26.04 -32.46 -38.44
C TYR E 126 25.27 -33.76 -38.73
N THR E 127 25.83 -34.89 -38.32
CA THR E 127 25.22 -36.21 -38.55
C THR E 127 23.81 -36.33 -37.97
N PRO E 128 22.83 -36.70 -38.81
CA PRO E 128 21.45 -36.86 -38.38
C PRO E 128 21.21 -38.19 -37.65
N VAL E 129 20.28 -38.19 -36.71
CA VAL E 129 19.95 -39.39 -35.95
C VAL E 129 18.62 -39.95 -36.43
N ASN E 130 18.13 -39.39 -37.53
CA ASN E 130 16.86 -39.78 -38.13
C ASN E 130 16.82 -41.29 -38.40
N GLY E 131 16.43 -42.05 -37.39
CA GLY E 131 16.34 -43.50 -37.52
C GLY E 131 17.66 -44.23 -37.32
N SER E 132 18.22 -44.11 -36.12
CA SER E 132 19.48 -44.78 -35.80
C SER E 132 19.78 -44.73 -34.31
N ILE E 133 20.45 -45.77 -33.79
CA ILE E 133 20.80 -45.84 -32.39
C ILE E 133 21.79 -44.74 -32.04
N VAL E 134 21.72 -44.24 -30.79
CA VAL E 134 22.59 -43.15 -30.37
C VAL E 134 23.36 -43.41 -29.06
N ILE E 135 24.56 -42.85 -28.99
CA ILE E 135 25.41 -42.96 -27.81
C ILE E 135 25.48 -41.59 -27.18
N VAL E 136 25.56 -41.54 -25.86
CA VAL E 136 25.65 -40.27 -25.14
C VAL E 136 26.43 -40.45 -23.84
N ARG E 137 27.02 -39.36 -23.35
CA ARG E 137 27.78 -39.41 -22.12
C ARG E 137 26.83 -39.11 -20.96
N ALA E 138 27.13 -39.64 -19.79
CA ALA E 138 26.31 -39.38 -18.62
C ALA E 138 26.79 -38.03 -18.13
N GLY E 139 25.93 -37.02 -18.16
CA GLY E 139 26.38 -35.72 -17.71
C GLY E 139 25.41 -34.58 -17.48
N LYS E 140 25.60 -33.51 -18.23
CA LYS E 140 24.79 -32.31 -18.11
C LYS E 140 23.29 -32.48 -17.86
N ILE E 141 22.67 -33.51 -18.41
CA ILE E 141 21.25 -33.70 -18.16
C ILE E 141 20.95 -35.08 -17.58
N THR E 142 19.67 -35.42 -17.48
CA THR E 142 19.25 -36.71 -16.94
C THR E 142 18.94 -37.69 -18.06
N PHE E 143 19.19 -38.97 -17.82
CA PHE E 143 18.92 -40.00 -18.81
C PHE E 143 17.56 -39.70 -19.44
N ALA E 144 16.57 -39.52 -18.57
CA ALA E 144 15.21 -39.23 -19.00
C ALA E 144 15.23 -38.25 -20.15
N GLU E 145 15.87 -37.10 -19.92
CA GLU E 145 15.98 -36.06 -20.92
C GLU E 145 16.82 -36.52 -22.12
N LYS E 146 17.98 -37.13 -21.85
CA LYS E 146 18.83 -37.60 -22.94
C LYS E 146 17.98 -38.42 -23.90
N VAL E 147 17.31 -39.44 -23.37
CA VAL E 147 16.47 -40.31 -24.18
C VAL E 147 15.36 -39.51 -24.88
N ALA E 148 14.60 -38.76 -24.09
CA ALA E 148 13.50 -37.96 -24.61
C ALA E 148 13.88 -37.21 -25.88
N ASN E 149 14.98 -36.50 -25.84
CA ASN E 149 15.44 -35.74 -26.99
C ASN E 149 15.79 -36.68 -28.13
N ALA E 150 16.52 -37.74 -27.81
CA ALA E 150 16.90 -38.72 -28.84
C ALA E 150 15.68 -39.16 -29.62
N GLU E 151 14.61 -39.49 -28.91
CA GLU E 151 13.39 -39.93 -29.56
C GLU E 151 12.62 -38.80 -30.24
N SER E 152 12.78 -37.58 -29.75
CA SER E 152 12.09 -36.44 -30.36
C SER E 152 12.68 -36.20 -31.74
N LEU E 153 13.89 -36.71 -31.96
CA LEU E 153 14.56 -36.57 -33.26
C LEU E 153 14.42 -37.86 -34.06
N ASN E 154 13.49 -38.71 -33.62
CA ASN E 154 13.18 -39.98 -34.30
C ASN E 154 14.26 -41.04 -34.26
N ALA E 155 15.06 -41.04 -33.21
CA ALA E 155 16.10 -42.06 -33.08
C ALA E 155 15.46 -43.29 -32.44
N ILE E 156 16.28 -44.31 -32.21
CA ILE E 156 15.82 -45.54 -31.57
C ILE E 156 17.00 -46.06 -30.78
N GLY E 157 16.74 -46.53 -29.56
CA GLY E 157 17.81 -47.02 -28.74
C GLY E 157 18.81 -45.93 -28.38
N VAL E 158 19.25 -45.95 -27.14
CA VAL E 158 20.22 -44.98 -26.64
C VAL E 158 21.12 -45.68 -25.65
N LEU E 159 22.43 -45.47 -25.80
CA LEU E 159 23.40 -46.06 -24.90
C LEU E 159 24.04 -44.93 -24.07
N ILE E 160 24.18 -45.15 -22.77
CA ILE E 160 24.78 -44.14 -21.91
C ILE E 160 26.04 -44.73 -21.27
N TYR E 161 27.17 -44.05 -21.43
CA TYR E 161 28.44 -44.51 -20.86
C TYR E 161 29.17 -43.42 -20.10
N MET E 162 30.03 -43.81 -19.17
CA MET E 162 30.79 -42.86 -18.38
C MET E 162 32.21 -42.69 -18.91
N ASP E 163 32.41 -41.67 -19.76
CA ASP E 163 33.73 -41.44 -20.33
C ASP E 163 34.79 -41.26 -19.25
N GLN E 164 36.06 -41.28 -19.67
CA GLN E 164 37.19 -41.16 -18.77
C GLN E 164 37.41 -39.74 -18.21
N THR E 165 37.31 -38.74 -19.07
CA THR E 165 37.51 -37.36 -18.62
C THR E 165 36.50 -36.95 -17.56
N LYS E 166 35.22 -37.15 -17.87
CA LYS E 166 34.13 -36.82 -16.96
C LYS E 166 34.08 -37.75 -15.75
N PHE E 167 34.35 -39.04 -15.99
CA PHE E 167 34.34 -40.02 -14.92
C PHE E 167 35.68 -40.75 -14.79
N PRO E 168 36.64 -40.14 -14.07
CA PRO E 168 37.99 -40.66 -13.83
C PRO E 168 38.01 -41.93 -13.00
N ILE E 169 37.28 -42.95 -13.43
CA ILE E 169 37.25 -44.20 -12.70
C ILE E 169 38.33 -45.11 -13.26
N VAL E 170 39.20 -45.60 -12.39
CA VAL E 170 40.28 -46.48 -12.84
C VAL E 170 39.70 -47.68 -13.59
N ASN E 171 38.68 -48.31 -13.03
CA ASN E 171 38.03 -49.47 -13.63
C ASN E 171 37.11 -49.04 -14.78
N ALA E 172 37.31 -49.64 -15.96
CA ALA E 172 36.49 -49.33 -17.14
C ALA E 172 35.52 -50.45 -17.42
N GLU E 173 35.54 -51.47 -16.57
CA GLU E 173 34.65 -52.62 -16.70
C GLU E 173 33.48 -52.42 -15.74
N LEU E 174 33.28 -51.18 -15.31
CA LEU E 174 32.22 -50.83 -14.37
C LEU E 174 30.93 -50.41 -15.04
N SER E 175 29.81 -50.90 -14.51
CA SER E 175 28.48 -50.59 -15.05
C SER E 175 27.60 -49.86 -14.03
N PHE E 176 26.73 -48.97 -14.52
CA PHE E 176 25.86 -48.19 -13.65
C PHE E 176 24.37 -48.29 -13.93
N PHE E 177 23.57 -47.91 -12.92
CA PHE E 177 22.10 -47.95 -12.97
C PHE E 177 21.43 -46.67 -13.46
N GLY E 178 20.37 -46.84 -14.25
CA GLY E 178 19.64 -45.69 -14.79
C GLY E 178 18.19 -45.53 -14.39
N HIS E 179 17.59 -44.45 -14.87
CA HIS E 179 16.22 -44.10 -14.56
C HIS E 179 15.33 -44.14 -15.81
N ALA E 180 15.40 -43.07 -16.60
CA ALA E 180 14.66 -42.94 -17.88
C ALA E 180 13.24 -42.38 -17.87
N HIS E 181 12.68 -42.10 -16.70
CA HIS E 181 11.32 -41.55 -16.64
C HIS E 181 11.33 -40.03 -16.63
N LEU E 182 10.73 -39.43 -17.65
CA LEU E 182 10.67 -37.98 -17.76
C LEU E 182 9.62 -37.44 -16.80
N GLY E 183 9.78 -37.76 -15.53
CA GLY E 183 8.84 -37.30 -14.52
C GLY E 183 9.31 -37.67 -13.13
N THR E 184 8.37 -37.77 -12.19
CA THR E 184 8.71 -38.10 -10.83
C THR E 184 7.74 -39.09 -10.25
N GLY E 185 8.25 -40.21 -9.73
CA GLY E 185 7.40 -41.22 -9.13
C GLY E 185 6.85 -42.25 -10.10
N ASP E 186 6.02 -43.15 -9.59
CA ASP E 186 5.40 -44.19 -10.42
C ASP E 186 4.82 -43.52 -11.66
N PRO E 187 5.25 -43.96 -12.86
CA PRO E 187 4.79 -43.42 -14.14
C PRO E 187 3.39 -43.82 -14.60
N TYR E 188 2.54 -44.24 -13.68
CA TYR E 188 1.19 -44.66 -14.02
C TYR E 188 0.15 -44.05 -13.07
N THR E 189 0.62 -43.30 -12.08
CA THR E 189 -0.23 -42.64 -11.07
C THR E 189 0.11 -41.15 -10.97
N PRO E 190 0.05 -40.41 -12.12
CA PRO E 190 0.34 -38.97 -12.26
C PRO E 190 -0.64 -38.00 -11.58
N GLY E 191 -0.26 -37.51 -10.40
CA GLY E 191 -1.11 -36.59 -9.67
C GLY E 191 -1.95 -37.28 -8.60
N PHE E 192 -2.35 -38.51 -8.89
CA PHE E 192 -3.15 -39.30 -7.97
C PHE E 192 -2.37 -40.56 -7.51
N PRO E 193 -2.54 -40.97 -6.25
CA PRO E 193 -1.85 -42.15 -5.75
C PRO E 193 -2.18 -43.46 -6.46
N SER E 194 -1.31 -44.46 -6.27
CA SER E 194 -1.43 -45.77 -6.87
C SER E 194 -2.19 -46.74 -6.00
N PHE E 195 -2.50 -47.91 -6.54
CA PHE E 195 -3.22 -48.93 -5.81
C PHE E 195 -2.49 -50.28 -5.91
N ASN E 196 -3.24 -51.32 -6.26
CA ASN E 196 -2.69 -52.66 -6.45
C ASN E 196 -2.36 -52.73 -7.94
N HIS E 197 -1.96 -53.90 -8.42
CA HIS E 197 -1.70 -54.07 -9.84
C HIS E 197 -3.02 -54.67 -10.30
N THR E 198 -3.60 -55.48 -9.42
CA THR E 198 -4.87 -56.14 -9.69
C THR E 198 -5.88 -55.09 -10.08
N GLN E 199 -5.73 -53.92 -9.46
CA GLN E 199 -6.63 -52.80 -9.75
C GLN E 199 -5.82 -51.70 -10.42
N PHE E 200 -6.38 -51.07 -11.44
CA PHE E 200 -5.69 -49.99 -12.15
C PHE E 200 -4.29 -50.46 -12.57
N PRO E 201 -4.22 -51.32 -13.63
CA PRO E 201 -2.92 -51.82 -14.07
C PRO E 201 -2.41 -51.40 -15.46
N PRO E 202 -2.61 -50.14 -15.88
CA PRO E 202 -2.10 -49.78 -17.20
C PRO E 202 -0.63 -50.18 -17.38
N SER E 203 -0.23 -50.43 -18.62
CA SER E 203 1.14 -50.86 -18.93
C SER E 203 2.20 -49.75 -18.81
N ARG E 204 2.17 -48.76 -19.70
CA ARG E 204 3.15 -47.67 -19.64
C ARG E 204 2.97 -46.59 -20.71
N SER E 205 4.10 -46.04 -21.18
CA SER E 205 4.14 -44.99 -22.20
C SER E 205 3.48 -43.68 -21.74
N SER E 206 3.06 -43.67 -20.48
CA SER E 206 2.42 -42.51 -19.88
C SER E 206 3.51 -41.54 -19.43
N GLY E 207 4.36 -41.15 -20.38
CA GLY E 207 5.47 -40.25 -20.08
C GLY E 207 6.74 -41.07 -20.01
N LEU E 208 6.72 -42.25 -20.63
CA LEU E 208 7.87 -43.14 -20.63
C LEU E 208 8.46 -43.33 -22.04
N PRO E 209 9.79 -43.44 -22.12
CA PRO E 209 10.61 -43.62 -23.32
C PRO E 209 9.96 -44.09 -24.61
N ASN E 210 9.70 -45.39 -24.72
CA ASN E 210 9.13 -45.97 -25.94
C ASN E 210 10.30 -46.21 -26.91
N ILE E 211 11.50 -46.15 -26.35
CA ILE E 211 12.74 -46.36 -27.08
C ILE E 211 13.70 -47.03 -26.09
N PRO E 212 14.23 -48.21 -26.46
CA PRO E 212 15.16 -48.92 -25.56
C PRO E 212 16.35 -48.05 -25.15
N VAL E 213 16.66 -48.06 -23.85
CA VAL E 213 17.77 -47.30 -23.32
C VAL E 213 18.64 -48.23 -22.51
N GLN E 214 19.93 -48.28 -22.81
CA GLN E 214 20.82 -49.17 -22.07
C GLN E 214 22.11 -48.51 -21.65
N THR E 215 22.49 -48.73 -20.39
CA THR E 215 23.71 -48.19 -19.84
C THR E 215 24.83 -49.12 -20.32
N ILE E 216 25.97 -48.54 -20.69
CA ILE E 216 27.09 -49.30 -21.20
C ILE E 216 28.40 -48.97 -20.47
N SER E 217 29.23 -49.98 -20.25
CA SER E 217 30.52 -49.80 -19.57
C SER E 217 31.51 -49.10 -20.48
N ARG E 218 32.39 -48.27 -19.90
CA ARG E 218 33.38 -47.54 -20.70
C ARG E 218 34.09 -48.49 -21.65
N ALA E 219 34.48 -49.65 -21.11
CA ALA E 219 35.15 -50.67 -21.90
C ALA E 219 34.35 -50.95 -23.17
N ALA E 220 33.06 -51.20 -23.00
CA ALA E 220 32.16 -51.47 -24.12
C ALA E 220 32.12 -50.28 -25.07
N ALA E 221 32.10 -49.09 -24.50
CA ALA E 221 32.08 -47.87 -25.30
C ALA E 221 33.33 -47.86 -26.18
N GLU E 222 34.47 -48.17 -25.57
CA GLU E 222 35.74 -48.23 -26.28
C GLU E 222 35.57 -49.01 -27.57
N LYS E 223 35.14 -50.26 -27.41
CA LYS E 223 34.93 -51.16 -28.54
C LYS E 223 34.00 -50.59 -29.59
N LEU E 224 32.88 -50.00 -29.17
CA LEU E 224 31.93 -49.41 -30.13
C LEU E 224 32.66 -48.42 -31.01
N PHE E 225 33.34 -47.48 -30.37
CA PHE E 225 34.10 -46.45 -31.09
C PHE E 225 35.11 -47.14 -32.00
N GLY E 226 35.62 -48.29 -31.55
CA GLY E 226 36.57 -49.04 -32.33
C GLY E 226 36.01 -49.35 -33.71
N ASN E 227 34.69 -49.53 -33.78
CA ASN E 227 34.04 -49.84 -35.04
C ASN E 227 33.29 -48.64 -35.60
N MET E 228 33.90 -47.46 -35.52
CA MET E 228 33.27 -46.24 -36.01
C MET E 228 34.26 -45.41 -36.81
N GLU E 229 33.82 -44.92 -37.96
CA GLU E 229 34.66 -44.13 -38.85
C GLU E 229 34.83 -42.67 -38.37
N GLY E 230 33.71 -41.98 -38.12
CA GLY E 230 33.77 -40.59 -37.66
C GLY E 230 34.79 -40.28 -36.58
N ASP E 231 35.06 -38.99 -36.36
CA ASP E 231 36.04 -38.60 -35.35
C ASP E 231 35.49 -37.54 -34.38
N CYS E 232 35.62 -37.84 -33.08
CA CYS E 232 35.14 -36.97 -32.00
C CYS E 232 35.77 -35.57 -31.98
N PRO E 233 34.93 -34.51 -31.94
CA PRO E 233 35.31 -33.09 -31.92
C PRO E 233 35.98 -32.60 -30.63
N SER E 234 36.63 -31.45 -30.73
CA SER E 234 37.30 -30.85 -29.58
C SER E 234 36.29 -29.95 -28.88
N ASP E 235 35.24 -29.60 -29.61
CA ASP E 235 34.15 -28.77 -29.07
C ASP E 235 33.75 -29.52 -27.80
N TRP E 236 33.58 -30.85 -27.94
CA TRP E 236 33.24 -31.71 -26.81
C TRP E 236 34.40 -31.62 -25.83
N LYS E 237 34.17 -31.04 -24.67
CA LYS E 237 35.21 -30.92 -23.65
C LYS E 237 35.48 -32.33 -23.10
N THR E 238 35.99 -33.18 -23.99
CA THR E 238 36.30 -34.56 -23.67
C THR E 238 37.76 -34.81 -24.02
N ASP E 239 38.08 -36.06 -24.33
CA ASP E 239 39.43 -36.45 -24.74
C ASP E 239 39.33 -37.61 -25.74
N SER E 240 40.34 -37.69 -26.61
CA SER E 240 40.46 -38.69 -27.67
C SER E 240 39.85 -40.08 -27.39
N THR E 241 39.76 -40.87 -28.46
CA THR E 241 39.24 -42.24 -28.45
C THR E 241 37.87 -42.43 -29.11
N CYS E 242 36.93 -41.50 -28.88
CA CYS E 242 35.60 -41.66 -29.48
C CYS E 242 35.46 -41.18 -30.91
N ARG E 243 34.47 -41.77 -31.58
CA ARG E 243 34.17 -41.44 -32.96
C ARG E 243 32.87 -40.69 -32.93
N MET E 244 32.24 -40.57 -34.10
CA MET E 244 30.97 -39.88 -34.22
C MET E 244 29.93 -40.85 -34.81
N VAL E 245 30.37 -41.67 -35.76
CA VAL E 245 29.48 -42.63 -36.40
C VAL E 245 30.21 -43.95 -36.63
N THR E 246 29.47 -45.05 -36.52
CA THR E 246 30.05 -46.36 -36.73
C THR E 246 30.50 -46.44 -38.18
N SER E 247 31.49 -47.29 -38.43
CA SER E 247 31.99 -47.47 -39.79
C SER E 247 30.88 -48.10 -40.64
N GLU E 248 30.47 -47.38 -41.68
CA GLU E 248 29.41 -47.81 -42.60
C GLU E 248 29.38 -49.33 -42.80
N SER E 249 30.56 -49.92 -43.00
CA SER E 249 30.70 -51.36 -43.21
C SER E 249 29.74 -52.18 -42.35
N LYS E 250 29.39 -51.69 -41.18
CA LYS E 250 28.48 -52.42 -40.30
C LYS E 250 27.84 -51.57 -39.21
N ASN E 251 26.76 -52.08 -38.62
CA ASN E 251 26.04 -51.38 -37.56
C ASN E 251 25.97 -52.14 -36.23
N VAL E 252 25.16 -51.63 -35.30
CA VAL E 252 25.01 -52.25 -33.97
C VAL E 252 23.55 -52.54 -33.61
N LYS E 253 23.35 -53.59 -32.82
CA LYS E 253 22.01 -53.98 -32.38
C LYS E 253 21.86 -53.97 -30.85
N LEU E 254 20.86 -53.22 -30.38
CA LEU E 254 20.58 -53.12 -28.95
C LEU E 254 19.39 -53.97 -28.58
N THR E 255 19.56 -54.79 -27.54
CA THR E 255 18.49 -55.66 -27.08
C THR E 255 18.30 -55.60 -25.56
N VAL E 256 17.21 -54.97 -25.15
CA VAL E 256 16.88 -54.84 -23.74
C VAL E 256 15.58 -55.53 -23.39
N SER E 257 15.66 -56.48 -22.48
CA SER E 257 14.50 -57.23 -22.02
C SER E 257 14.34 -56.99 -20.53
N ASN E 258 13.55 -55.98 -20.18
CA ASN E 258 13.31 -55.66 -18.79
C ASN E 258 11.85 -55.90 -18.50
N VAL E 259 11.52 -56.16 -17.24
CA VAL E 259 10.14 -56.41 -16.86
C VAL E 259 9.70 -55.58 -15.67
N LEU E 260 8.41 -55.24 -15.65
CA LEU E 260 7.86 -54.46 -14.55
C LEU E 260 7.71 -55.41 -13.35
N LYS E 261 7.80 -54.86 -12.14
CA LYS E 261 7.69 -55.67 -10.95
C LYS E 261 7.06 -54.90 -9.80
N GLU E 262 5.79 -55.16 -9.50
CA GLU E 262 5.13 -54.44 -8.42
C GLU E 262 5.83 -54.69 -7.09
N ILE E 263 6.28 -53.62 -6.46
CA ILE E 263 6.96 -53.75 -5.17
C ILE E 263 6.19 -52.96 -4.12
N LYS E 264 6.53 -53.18 -2.86
CA LYS E 264 5.83 -52.46 -1.81
C LYS E 264 6.80 -51.47 -1.20
N ILE E 265 6.65 -50.19 -1.57
CA ILE E 265 7.51 -49.14 -1.05
C ILE E 265 7.09 -48.84 0.39
N LEU E 266 8.07 -48.49 1.22
CA LEU E 266 7.76 -48.21 2.62
C LEU E 266 8.38 -46.91 3.15
N ASN E 267 7.60 -45.84 3.16
CA ASN E 267 8.11 -44.57 3.69
C ASN E 267 7.97 -44.57 5.21
N ILE E 268 9.00 -44.10 5.90
CA ILE E 268 8.97 -44.07 7.36
C ILE E 268 9.02 -42.64 7.88
N PHE E 269 8.02 -42.27 8.68
CA PHE E 269 7.97 -40.92 9.24
C PHE E 269 8.36 -40.84 10.71
N GLY E 270 7.97 -39.74 11.36
CA GLY E 270 8.31 -39.50 12.77
C GLY E 270 8.42 -38.01 12.98
N VAL E 271 7.53 -37.46 13.82
CA VAL E 271 7.52 -36.02 14.05
C VAL E 271 7.92 -35.61 15.44
N ILE E 272 8.02 -34.29 15.64
CA ILE E 272 8.35 -33.69 16.92
C ILE E 272 7.36 -32.53 17.08
N LYS E 273 6.17 -32.85 17.61
CA LYS E 273 5.10 -31.87 17.80
C LYS E 273 5.60 -30.52 18.26
N GLY E 274 5.02 -29.46 17.69
CA GLY E 274 5.40 -28.11 18.07
C GLY E 274 4.68 -27.66 19.32
N PHE E 275 4.95 -26.44 19.76
CA PHE E 275 4.33 -25.90 20.96
C PHE E 275 3.28 -24.81 20.73
N VAL E 276 3.27 -24.19 19.56
CA VAL E 276 2.30 -23.15 19.31
C VAL E 276 1.52 -23.35 18.02
N GLU E 277 2.19 -23.85 16.99
CA GLU E 277 1.54 -24.13 15.71
C GLU E 277 1.82 -25.61 15.44
N PRO E 278 1.53 -26.48 16.42
CA PRO E 278 1.77 -27.91 16.28
C PRO E 278 1.39 -28.53 14.95
N ASP E 279 0.49 -27.89 14.20
CA ASP E 279 0.05 -28.45 12.93
C ASP E 279 0.67 -27.85 11.66
N HIS E 280 1.80 -27.17 11.80
CA HIS E 280 2.52 -26.60 10.68
C HIS E 280 3.88 -27.27 10.77
N TYR E 281 4.18 -28.13 9.80
CA TYR E 281 5.43 -28.90 9.82
C TYR E 281 6.52 -28.42 8.88
N VAL E 282 7.72 -28.98 9.09
CA VAL E 282 8.92 -28.70 8.29
C VAL E 282 9.42 -30.05 7.84
N VAL E 283 8.94 -30.54 6.71
CA VAL E 283 9.37 -31.85 6.24
C VAL E 283 10.87 -31.98 5.92
N VAL E 284 11.57 -32.88 6.61
CA VAL E 284 13.00 -33.11 6.38
C VAL E 284 13.13 -34.53 5.82
N GLY E 285 13.41 -34.63 4.53
CA GLY E 285 13.51 -35.95 3.91
C GLY E 285 14.87 -36.48 3.56
N ALA E 286 14.91 -37.75 3.14
CA ALA E 286 16.14 -38.45 2.76
C ALA E 286 15.90 -39.80 2.11
N GLN E 287 16.32 -39.93 0.86
CA GLN E 287 16.17 -41.18 0.11
C GLN E 287 16.81 -42.30 0.89
N ARG E 288 16.13 -43.44 0.97
CA ARG E 288 16.64 -44.58 1.73
C ARG E 288 17.01 -45.80 0.90
N ASP E 289 16.50 -45.88 -0.33
CA ASP E 289 16.82 -47.01 -1.19
C ASP E 289 17.98 -46.66 -2.10
N ALA E 290 18.49 -47.65 -2.82
CA ALA E 290 19.61 -47.46 -3.74
C ALA E 290 19.88 -48.74 -4.52
N TRP E 291 20.45 -48.60 -5.72
CA TRP E 291 20.75 -49.77 -6.55
C TRP E 291 21.95 -50.51 -5.97
N GLY E 292 23.10 -49.86 -5.96
CA GLY E 292 24.27 -50.50 -5.37
C GLY E 292 24.18 -50.33 -3.87
N PRO E 293 25.31 -50.17 -3.18
CA PRO E 293 25.27 -49.99 -1.72
C PRO E 293 24.94 -48.54 -1.43
N GLY E 294 25.01 -47.74 -2.48
CA GLY E 294 24.70 -46.32 -2.40
C GLY E 294 25.06 -45.63 -1.10
N ALA E 295 26.32 -45.70 -0.69
CA ALA E 295 26.75 -45.05 0.53
C ALA E 295 26.57 -43.54 0.36
N ALA E 296 26.78 -43.06 -0.85
CA ALA E 296 26.61 -41.63 -1.15
C ALA E 296 25.17 -41.37 -1.54
N LYS E 297 24.73 -42.02 -2.61
CA LYS E 297 23.37 -41.85 -3.08
C LYS E 297 22.33 -41.98 -1.98
N SER E 298 22.56 -42.86 -1.01
CA SER E 298 21.59 -43.07 0.06
C SER E 298 22.10 -43.13 1.49
N GLY E 299 23.37 -43.46 1.65
CA GLY E 299 23.95 -43.57 2.98
C GLY E 299 23.97 -42.27 3.76
N VAL E 300 24.85 -41.36 3.35
CA VAL E 300 25.02 -40.05 3.99
C VAL E 300 23.67 -39.41 4.32
N GLY E 301 22.74 -39.50 3.38
CA GLY E 301 21.43 -38.92 3.62
C GLY E 301 20.74 -39.53 4.85
N THR E 302 20.37 -40.80 4.74
CA THR E 302 19.71 -41.50 5.83
C THR E 302 20.54 -41.36 7.10
N ALA E 303 21.85 -41.31 6.93
CA ALA E 303 22.76 -41.16 8.06
C ALA E 303 22.44 -39.85 8.79
N LEU E 304 22.36 -38.77 8.02
CA LEU E 304 22.05 -37.45 8.55
C LEU E 304 20.64 -37.41 9.12
N LEU E 305 19.68 -37.91 8.34
CA LEU E 305 18.28 -37.93 8.75
C LEU E 305 18.16 -38.47 10.18
N LEU E 306 18.76 -39.63 10.42
CA LEU E 306 18.73 -40.25 11.73
C LEU E 306 19.42 -39.40 12.78
N LYS E 307 20.71 -39.15 12.59
CA LYS E 307 21.47 -38.35 13.53
C LYS E 307 20.83 -37.00 13.78
N LEU E 308 20.23 -36.44 12.73
CA LEU E 308 19.60 -35.13 12.80
C LEU E 308 18.30 -35.19 13.59
N ALA E 309 17.60 -36.33 13.51
CA ALA E 309 16.35 -36.50 14.24
C ALA E 309 16.69 -36.79 15.68
N GLN E 310 17.80 -37.50 15.87
CA GLN E 310 18.26 -37.85 17.20
C GLN E 310 18.53 -36.59 18.01
N MET E 311 19.11 -35.58 17.37
CA MET E 311 19.44 -34.34 18.06
C MET E 311 18.25 -33.49 18.48
N PHE E 312 17.40 -33.13 17.53
CA PHE E 312 16.27 -32.29 17.88
C PHE E 312 15.38 -32.85 18.96
N SER E 313 15.10 -34.14 18.89
CA SER E 313 14.29 -34.75 19.92
C SER E 313 15.00 -34.52 21.24
N ASP E 314 16.29 -34.84 21.27
CA ASP E 314 17.08 -34.68 22.48
C ASP E 314 16.98 -33.24 22.97
N MET E 315 17.29 -32.29 22.09
CA MET E 315 17.23 -30.88 22.45
C MET E 315 15.89 -30.50 23.05
N VAL E 316 14.82 -31.08 22.54
CA VAL E 316 13.49 -30.77 23.03
C VAL E 316 13.26 -31.30 24.44
N LEU E 317 13.69 -32.53 24.70
CA LEU E 317 13.50 -33.13 26.02
C LEU E 317 14.50 -32.64 27.07
N LYS E 318 15.79 -32.73 26.75
CA LYS E 318 16.85 -32.34 27.69
C LYS E 318 17.27 -30.88 27.71
N ASP E 319 17.47 -30.28 26.54
CA ASP E 319 17.94 -28.90 26.47
C ASP E 319 16.93 -27.76 26.53
N GLY E 320 15.64 -28.08 26.52
CA GLY E 320 14.63 -27.04 26.63
C GLY E 320 14.22 -26.33 25.36
N PHE E 321 14.61 -26.87 24.21
CA PHE E 321 14.28 -26.30 22.91
C PHE E 321 12.78 -26.46 22.67
N GLN E 322 12.08 -25.35 22.45
CA GLN E 322 10.64 -25.42 22.24
C GLN E 322 10.17 -24.98 20.85
N PRO E 323 10.49 -25.76 19.82
CA PRO E 323 10.09 -25.46 18.45
C PRO E 323 8.63 -25.00 18.39
N SER E 324 8.39 -23.81 17.86
CA SER E 324 7.01 -23.30 17.76
C SER E 324 6.19 -24.08 16.75
N ARG E 325 6.87 -24.75 15.83
CA ARG E 325 6.19 -25.55 14.81
C ARG E 325 6.84 -26.93 14.74
N SER E 326 6.02 -27.96 14.60
CA SER E 326 6.51 -29.32 14.56
C SER E 326 7.46 -29.63 13.40
N ILE E 327 8.33 -30.58 13.64
CA ILE E 327 9.32 -31.05 12.65
C ILE E 327 8.90 -32.46 12.29
N ILE E 328 9.06 -32.86 11.03
CA ILE E 328 8.68 -34.21 10.63
C ILE E 328 9.70 -34.83 9.70
N PHE E 329 10.51 -35.75 10.21
CA PHE E 329 11.54 -36.41 9.41
C PHE E 329 10.93 -37.53 8.59
N ALA E 330 11.45 -37.77 7.38
CA ALA E 330 10.89 -38.81 6.56
C ALA E 330 11.93 -39.46 5.67
N SER E 331 12.00 -40.79 5.70
CA SER E 331 12.96 -41.53 4.88
C SER E 331 12.19 -42.21 3.76
N TRP E 332 12.22 -41.61 2.58
CA TRP E 332 11.49 -42.17 1.44
C TRP E 332 12.14 -43.43 0.89
N SER E 333 11.46 -44.08 -0.05
CA SER E 333 11.98 -45.28 -0.67
C SER E 333 11.60 -45.27 -2.14
N ALA E 334 12.18 -46.18 -2.91
CA ALA E 334 11.89 -46.24 -4.34
C ALA E 334 12.29 -44.93 -4.98
N GLY E 335 13.30 -44.29 -4.39
CA GLY E 335 13.78 -43.02 -4.85
C GLY E 335 14.60 -43.06 -6.13
N ASP E 336 15.20 -44.20 -6.43
CA ASP E 336 15.99 -44.32 -7.64
C ASP E 336 15.12 -44.34 -8.89
N PHE E 337 13.81 -44.38 -8.70
CA PHE E 337 12.89 -44.39 -9.84
C PHE E 337 12.10 -43.09 -10.00
N GLY E 338 12.63 -42.01 -9.44
CA GLY E 338 11.97 -40.72 -9.54
C GLY E 338 11.28 -40.26 -8.27
N SER E 339 11.89 -40.56 -7.13
CA SER E 339 11.31 -40.17 -5.85
C SER E 339 9.94 -40.82 -5.65
N VAL E 340 9.71 -41.90 -6.41
CA VAL E 340 8.44 -42.62 -6.36
C VAL E 340 7.87 -42.66 -4.96
N GLY E 341 8.75 -42.78 -3.96
CA GLY E 341 8.28 -42.85 -2.59
C GLY E 341 7.71 -41.53 -2.11
N ALA E 342 8.56 -40.51 -2.11
CA ALA E 342 8.16 -39.19 -1.67
C ALA E 342 7.06 -38.61 -2.55
N THR E 343 7.19 -38.79 -3.86
CA THR E 343 6.18 -38.24 -4.75
C THR E 343 4.78 -38.77 -4.48
N GLU E 344 4.61 -40.09 -4.46
CA GLU E 344 3.28 -40.65 -4.24
C GLU E 344 2.73 -40.29 -2.87
N TRP E 345 3.57 -39.79 -1.99
CA TRP E 345 3.11 -39.35 -0.68
C TRP E 345 2.43 -38.03 -0.96
N LEU E 346 3.15 -37.13 -1.63
CA LEU E 346 2.63 -35.83 -2.00
C LEU E 346 1.35 -36.06 -2.79
N GLU E 347 1.43 -36.93 -3.79
CA GLU E 347 0.26 -37.25 -4.62
C GLU E 347 -0.95 -37.40 -3.68
N GLY E 348 -0.68 -37.80 -2.44
CA GLY E 348 -1.72 -38.03 -1.45
C GLY E 348 -2.43 -36.82 -0.90
N TYR E 349 -1.74 -35.70 -0.79
CA TYR E 349 -2.34 -34.47 -0.29
C TYR E 349 -2.31 -33.43 -1.40
N LEU E 350 -2.87 -33.80 -2.55
CA LEU E 350 -2.90 -32.96 -3.75
C LEU E 350 -3.37 -31.52 -3.57
N SER E 351 -4.13 -31.24 -2.52
CA SER E 351 -4.59 -29.87 -2.35
C SER E 351 -4.66 -29.41 -0.91
N SER E 352 -3.82 -29.99 -0.05
CA SER E 352 -3.82 -29.63 1.37
C SER E 352 -2.44 -29.66 2.01
N LEU E 353 -1.48 -30.32 1.38
CA LEU E 353 -0.15 -30.39 1.96
C LEU E 353 0.38 -29.02 2.33
N HIS E 354 0.19 -28.04 1.44
CA HIS E 354 0.70 -26.71 1.72
C HIS E 354 0.06 -26.09 2.94
N LEU E 355 -1.11 -26.62 3.31
CA LEU E 355 -1.81 -26.16 4.50
C LEU E 355 -1.14 -26.77 5.72
N LYS E 356 -0.27 -27.75 5.47
CA LYS E 356 0.43 -28.48 6.53
C LYS E 356 1.94 -28.29 6.58
N ALA E 357 2.64 -28.64 5.50
CA ALA E 357 4.08 -28.49 5.47
C ALA E 357 4.40 -27.14 4.85
N PHE E 358 5.23 -26.35 5.52
CA PHE E 358 5.58 -25.03 5.00
C PHE E 358 6.96 -24.94 4.41
N THR E 359 7.72 -26.02 4.45
CA THR E 359 9.07 -26.04 3.87
C THR E 359 9.61 -27.45 3.87
N TYR E 360 10.29 -27.82 2.78
CA TYR E 360 10.86 -29.15 2.68
C TYR E 360 12.37 -29.10 2.48
N ILE E 361 13.11 -29.63 3.44
CA ILE E 361 14.57 -29.67 3.35
C ILE E 361 14.85 -31.05 2.77
N ASN E 362 16.04 -31.25 2.23
CA ASN E 362 16.38 -32.55 1.64
C ASN E 362 17.85 -32.86 1.86
N LEU E 363 18.12 -34.01 2.48
CA LEU E 363 19.48 -34.41 2.78
C LEU E 363 20.18 -35.29 1.75
N ASP E 364 19.46 -35.71 0.71
CA ASP E 364 20.04 -36.56 -0.32
C ASP E 364 21.36 -35.98 -0.83
N LYS E 365 22.29 -36.88 -1.16
CA LYS E 365 23.60 -36.49 -1.66
C LYS E 365 24.15 -35.22 -1.01
N ALA E 366 24.05 -35.13 0.31
CA ALA E 366 24.54 -33.96 1.02
C ALA E 366 26.06 -33.83 1.02
N VAL E 367 26.76 -34.96 1.08
CA VAL E 367 28.22 -34.95 1.10
C VAL E 367 28.80 -35.70 -0.10
N LEU E 368 29.47 -34.98 -0.99
CA LEU E 368 30.06 -35.60 -2.17
C LEU E 368 31.47 -35.07 -2.42
N GLY E 369 31.88 -34.07 -1.66
CA GLY E 369 33.20 -33.50 -1.82
C GLY E 369 33.57 -32.52 -0.72
N THR E 370 34.50 -31.62 -0.99
CA THR E 370 34.91 -30.65 0.02
C THR E 370 35.38 -29.34 -0.59
N SER E 371 35.08 -29.14 -1.86
CA SER E 371 35.48 -27.92 -2.55
C SER E 371 34.39 -26.86 -2.59
N ASN E 372 33.31 -27.16 -3.31
CA ASN E 372 32.20 -26.23 -3.44
C ASN E 372 31.07 -26.47 -2.46
N PHE E 373 30.03 -25.65 -2.55
CA PHE E 373 28.85 -25.78 -1.71
C PHE E 373 27.63 -25.33 -2.51
N LYS E 374 27.25 -26.12 -3.50
CA LYS E 374 26.09 -25.84 -4.32
C LYS E 374 24.85 -25.79 -3.44
N VAL E 375 23.86 -24.97 -3.82
CA VAL E 375 22.62 -24.85 -3.05
C VAL E 375 21.48 -24.54 -4.00
N SER E 376 20.43 -25.32 -3.94
CA SER E 376 19.28 -25.10 -4.80
C SER E 376 18.04 -24.97 -3.92
N ALA E 377 17.23 -23.95 -4.19
CA ALA E 377 16.02 -23.76 -3.39
C ALA E 377 15.04 -22.75 -4.00
N SER E 378 13.89 -22.63 -3.35
CA SER E 378 12.90 -21.68 -3.81
C SER E 378 13.32 -20.33 -3.27
N PRO E 379 13.14 -19.27 -4.06
CA PRO E 379 13.52 -17.95 -3.58
C PRO E 379 13.02 -17.64 -2.17
N LEU E 380 11.97 -18.34 -1.74
CA LEU E 380 11.43 -18.09 -0.41
C LEU E 380 12.41 -18.41 0.70
N LEU E 381 13.37 -19.30 0.43
CA LEU E 381 14.37 -19.69 1.44
C LEU E 381 15.73 -19.07 1.16
N TYR E 382 15.77 -18.11 0.24
CA TYR E 382 17.01 -17.45 -0.14
C TYR E 382 17.79 -16.86 1.01
N THR E 383 17.13 -16.01 1.79
CA THR E 383 17.76 -15.36 2.91
C THR E 383 18.19 -16.33 4.00
N LEU E 384 17.48 -17.45 4.15
CA LEU E 384 17.85 -18.42 5.17
C LEU E 384 19.13 -19.11 4.72
N ILE E 385 19.18 -19.50 3.46
CA ILE E 385 20.36 -20.13 2.94
C ILE E 385 21.50 -19.16 3.17
N GLU E 386 21.30 -17.90 2.80
CA GLU E 386 22.33 -16.88 2.97
C GLU E 386 22.79 -16.78 4.40
N LYS E 387 21.98 -16.17 5.25
CA LYS E 387 22.35 -15.99 6.64
C LYS E 387 22.91 -17.24 7.30
N THR E 388 22.56 -18.42 6.81
CA THR E 388 23.06 -19.66 7.39
C THR E 388 24.48 -19.97 6.90
N MET E 389 24.74 -19.74 5.62
CA MET E 389 26.07 -19.97 5.10
C MET E 389 27.00 -18.94 5.76
N GLN E 390 26.41 -18.03 6.51
CA GLN E 390 27.16 -17.01 7.22
C GLN E 390 27.42 -17.46 8.65
N ASN E 391 26.81 -18.58 9.03
CA ASN E 391 26.98 -19.10 10.38
C ASN E 391 27.74 -20.41 10.40
N VAL E 392 27.70 -21.14 9.28
CA VAL E 392 28.37 -22.43 9.20
C VAL E 392 29.73 -22.34 8.54
N LYS E 393 30.75 -22.87 9.21
CA LYS E 393 32.10 -22.85 8.67
C LYS E 393 32.43 -24.15 7.93
N HIS E 394 33.05 -24.01 6.76
CA HIS E 394 33.44 -25.15 5.94
C HIS E 394 34.16 -26.18 6.81
N PRO E 395 33.92 -27.48 6.56
CA PRO E 395 34.59 -28.50 7.37
C PRO E 395 36.11 -28.50 7.22
N VAL E 396 36.59 -28.37 5.98
CA VAL E 396 38.02 -28.35 5.68
C VAL E 396 38.66 -26.99 5.97
N THR E 397 38.19 -25.97 5.27
CA THR E 397 38.68 -24.59 5.43
C THR E 397 38.10 -24.04 6.74
N GLY E 398 38.91 -23.35 7.53
CA GLY E 398 38.38 -22.82 8.77
C GLY E 398 37.40 -21.67 8.57
N GLN E 399 37.28 -21.20 7.32
CA GLN E 399 36.41 -20.07 6.97
C GLN E 399 34.95 -20.42 6.76
N PHE E 400 34.10 -19.39 6.82
CA PHE E 400 32.65 -19.55 6.65
C PHE E 400 32.27 -19.88 5.21
N LEU E 401 31.12 -20.55 5.06
CA LEU E 401 30.64 -20.97 3.76
C LEU E 401 30.34 -19.82 2.82
N TYR E 402 29.85 -18.71 3.38
CA TYR E 402 29.47 -17.55 2.58
C TYR E 402 30.61 -16.73 2.00
N GLN E 403 30.57 -16.51 0.69
CA GLN E 403 31.59 -15.73 0.02
C GLN E 403 31.37 -14.25 0.27
N ASP E 404 32.07 -13.72 1.28
CA ASP E 404 31.96 -12.33 1.69
C ASP E 404 32.14 -11.28 0.60
N SER E 405 32.66 -11.67 -0.54
CA SER E 405 32.90 -10.71 -1.61
C SER E 405 31.67 -10.37 -2.45
N ASN E 406 30.53 -10.99 -2.14
CA ASN E 406 29.32 -10.72 -2.90
C ASN E 406 28.18 -10.20 -2.05
N TRP E 407 27.11 -9.77 -2.70
CA TRP E 407 25.94 -9.30 -1.98
C TRP E 407 24.80 -10.10 -2.58
N ALA E 408 25.12 -10.77 -3.68
CA ALA E 408 24.15 -11.61 -4.38
C ALA E 408 24.76 -12.98 -4.57
N SER E 409 24.35 -13.93 -3.74
CA SER E 409 24.85 -15.30 -3.79
C SER E 409 24.19 -16.09 -4.93
N LYS E 410 24.75 -17.25 -5.24
CA LYS E 410 24.22 -18.09 -6.30
C LYS E 410 23.34 -19.21 -5.77
N VAL E 411 22.11 -19.28 -6.28
CA VAL E 411 21.17 -20.32 -5.89
C VAL E 411 20.69 -20.98 -7.16
N GLU E 412 20.80 -22.30 -7.19
CA GLU E 412 20.45 -23.08 -8.36
C GLU E 412 19.01 -23.54 -8.37
N LYS E 413 18.49 -23.83 -9.57
CA LYS E 413 17.10 -24.29 -9.72
C LYS E 413 16.98 -25.78 -9.41
N LEU E 414 15.84 -26.21 -8.88
CA LEU E 414 15.66 -27.63 -8.57
C LEU E 414 15.41 -28.42 -9.85
N THR E 415 16.10 -29.56 -9.97
CA THR E 415 15.97 -30.41 -11.15
C THR E 415 15.01 -31.58 -11.00
N LEU E 416 14.51 -32.05 -12.13
CA LEU E 416 13.57 -33.16 -12.18
C LEU E 416 14.04 -34.35 -11.36
N ASP E 417 15.34 -34.43 -11.10
CA ASP E 417 15.87 -35.55 -10.34
C ASP E 417 16.18 -35.26 -8.87
N ASN E 418 15.35 -34.46 -8.22
CA ASN E 418 15.58 -34.17 -6.81
C ASN E 418 14.26 -34.19 -6.03
N ALA E 419 14.16 -35.11 -5.08
CA ALA E 419 12.97 -35.27 -4.26
C ALA E 419 12.37 -33.91 -3.87
N ALA E 420 13.21 -32.90 -3.75
CA ALA E 420 12.76 -31.57 -3.40
C ALA E 420 11.95 -30.93 -4.53
N PHE E 421 12.30 -31.25 -5.78
CA PHE E 421 11.60 -30.71 -6.93
C PHE E 421 10.09 -30.95 -6.86
N PRO E 422 9.66 -32.21 -6.64
CA PRO E 422 8.23 -32.44 -6.57
C PRO E 422 7.57 -31.59 -5.48
N PHE E 423 8.15 -31.57 -4.29
CA PHE E 423 7.57 -30.79 -3.18
C PHE E 423 7.27 -29.36 -3.61
N LEU E 424 8.19 -28.78 -4.40
CA LEU E 424 8.06 -27.40 -4.87
C LEU E 424 7.26 -27.22 -6.16
N ALA E 425 7.59 -28.00 -7.17
CA ALA E 425 6.92 -27.90 -8.46
C ALA E 425 5.55 -28.58 -8.55
N TYR E 426 5.23 -29.47 -7.61
CA TYR E 426 3.96 -30.18 -7.63
C TYR E 426 3.05 -29.88 -6.46
N SER E 427 3.61 -29.88 -5.26
CA SER E 427 2.86 -29.64 -4.04
C SER E 427 2.88 -28.18 -3.58
N GLY E 428 3.72 -27.37 -4.22
CA GLY E 428 3.78 -25.98 -3.86
C GLY E 428 4.36 -25.73 -2.48
N ILE E 429 5.34 -26.53 -2.12
CA ILE E 429 6.01 -26.37 -0.85
C ILE E 429 7.41 -25.84 -1.12
N PRO E 430 7.78 -24.71 -0.49
CA PRO E 430 9.13 -24.20 -0.76
C PRO E 430 10.14 -25.22 -0.25
N ALA E 431 11.20 -25.46 -1.01
CA ALA E 431 12.20 -26.44 -0.62
C ALA E 431 13.64 -26.12 -0.96
N VAL E 432 14.51 -26.39 0.00
CA VAL E 432 15.94 -26.17 -0.16
C VAL E 432 16.60 -27.52 -0.42
N SER E 433 17.86 -27.48 -0.83
CA SER E 433 18.59 -28.71 -1.12
C SER E 433 20.06 -28.42 -1.31
N PHE E 434 20.84 -28.49 -0.23
CA PHE E 434 22.28 -28.22 -0.31
C PHE E 434 23.15 -29.41 -0.64
N CYS E 435 24.39 -29.12 -1.03
CA CYS E 435 25.35 -30.13 -1.44
C CYS E 435 26.80 -29.70 -1.29
N PHE E 436 27.61 -30.46 -0.55
CA PHE E 436 29.02 -30.09 -0.45
C PHE E 436 29.67 -30.67 -1.72
N CYS E 437 29.02 -30.38 -2.84
CA CYS E 437 29.43 -30.83 -4.16
C CYS E 437 30.89 -30.55 -4.57
N GLU E 438 31.24 -31.01 -5.78
CA GLU E 438 32.56 -30.85 -6.40
C GLU E 438 32.37 -30.42 -7.85
N ASP E 439 33.41 -29.84 -8.47
CA ASP E 439 33.29 -29.41 -9.86
C ASP E 439 32.85 -30.57 -10.74
N THR E 440 33.30 -31.77 -10.36
CA THR E 440 32.96 -32.99 -11.08
C THR E 440 32.05 -33.84 -10.21
N ASP E 441 30.96 -34.33 -10.78
CA ASP E 441 30.02 -35.16 -10.03
C ASP E 441 30.64 -36.50 -9.65
N TYR E 442 30.28 -36.99 -8.46
CA TYR E 442 30.78 -38.26 -7.95
C TYR E 442 30.62 -39.29 -9.06
N PRO E 443 31.67 -40.08 -9.34
CA PRO E 443 31.61 -41.09 -10.40
C PRO E 443 30.84 -42.35 -10.01
N TYR E 444 31.25 -42.96 -8.90
CA TYR E 444 30.65 -44.18 -8.41
C TYR E 444 29.16 -44.07 -8.12
N LEU E 445 28.64 -42.86 -8.18
CA LEU E 445 27.24 -42.60 -7.87
C LEU E 445 26.22 -43.67 -8.26
N GLY E 446 25.93 -43.83 -9.54
CA GLY E 446 24.95 -44.82 -9.95
C GLY E 446 25.46 -46.24 -10.17
N THR E 447 26.58 -46.58 -9.53
CA THR E 447 27.14 -47.90 -9.72
C THR E 447 27.46 -48.63 -8.43
N THR E 448 27.71 -49.93 -8.56
CA THR E 448 28.03 -50.80 -7.44
C THR E 448 29.28 -50.36 -6.69
N MET E 449 29.86 -49.24 -7.09
CA MET E 449 31.07 -48.77 -6.43
C MET E 449 30.82 -47.72 -5.35
N ASP E 450 29.55 -47.38 -5.14
CA ASP E 450 29.16 -46.39 -4.13
C ASP E 450 29.34 -46.94 -2.72
N THR E 451 30.51 -47.51 -2.46
CA THR E 451 30.79 -48.10 -1.16
C THR E 451 31.30 -47.08 -0.14
N TYR E 452 31.06 -47.37 1.13
CA TYR E 452 31.51 -46.48 2.20
C TYR E 452 33.02 -46.37 2.16
N LYS E 453 33.67 -47.38 1.59
CA LYS E 453 35.12 -47.38 1.50
C LYS E 453 35.59 -46.40 0.44
N GLU E 454 35.35 -46.73 -0.82
CA GLU E 454 35.78 -45.85 -1.90
C GLU E 454 35.34 -44.41 -1.67
N LEU E 455 34.34 -44.21 -0.81
CA LEU E 455 33.88 -42.86 -0.50
C LEU E 455 34.92 -42.21 0.39
N ILE E 456 35.05 -42.75 1.60
CA ILE E 456 36.00 -42.23 2.58
C ILE E 456 37.45 -42.26 2.06
N GLU E 457 37.72 -43.06 1.02
CA GLU E 457 39.05 -43.12 0.44
C GLU E 457 39.20 -41.88 -0.42
N ARG E 458 38.05 -41.32 -0.80
CA ARG E 458 37.99 -40.13 -1.64
C ARG E 458 37.56 -38.87 -0.89
N ILE E 459 37.37 -38.97 0.42
CA ILE E 459 36.94 -37.82 1.20
C ILE E 459 37.26 -38.00 2.69
N PRO E 460 38.53 -38.30 2.98
CA PRO E 460 39.15 -38.54 4.30
C PRO E 460 38.42 -38.04 5.54
N GLU E 461 38.03 -36.77 5.56
CA GLU E 461 37.35 -36.25 6.74
C GLU E 461 35.83 -36.25 6.60
N LEU E 462 35.31 -37.27 5.90
CA LEU E 462 33.87 -37.41 5.67
C LEU E 462 33.03 -37.08 6.89
N ASN E 463 33.58 -37.32 8.07
CA ASN E 463 32.82 -37.05 9.28
C ASN E 463 32.59 -35.55 9.42
N LYS E 464 33.66 -34.77 9.43
CA LYS E 464 33.55 -33.31 9.57
C LYS E 464 32.62 -32.74 8.50
N VAL E 465 32.79 -33.18 7.26
CA VAL E 465 31.96 -32.71 6.16
C VAL E 465 30.51 -32.98 6.46
N ALA E 466 30.16 -34.25 6.67
CA ALA E 466 28.79 -34.62 6.98
C ALA E 466 28.27 -33.77 8.13
N ARG E 467 29.13 -33.50 9.09
CA ARG E 467 28.75 -32.69 10.24
C ARG E 467 28.26 -31.34 9.79
N ALA E 468 29.05 -30.66 8.95
CA ALA E 468 28.66 -29.36 8.44
C ALA E 468 27.28 -29.45 7.79
N ALA E 469 27.14 -30.36 6.83
CA ALA E 469 25.86 -30.57 6.14
C ALA E 469 24.76 -30.71 7.17
N ALA E 470 25.02 -31.51 8.20
CA ALA E 470 24.05 -31.73 9.27
C ALA E 470 23.83 -30.45 10.06
N GLU E 471 24.78 -29.51 9.97
CA GLU E 471 24.65 -28.25 10.68
C GLU E 471 23.79 -27.28 9.89
N VAL E 472 24.06 -27.12 8.60
CA VAL E 472 23.25 -26.20 7.81
C VAL E 472 21.80 -26.71 7.80
N ALA E 473 21.65 -28.03 7.76
CA ALA E 473 20.33 -28.63 7.77
C ALA E 473 19.66 -28.32 9.11
N GLY E 474 20.44 -28.44 10.18
CA GLY E 474 19.92 -28.18 11.51
C GLY E 474 19.44 -26.75 11.71
N GLN E 475 20.30 -25.78 11.42
CA GLN E 475 19.93 -24.38 11.57
C GLN E 475 18.67 -24.06 10.77
N PHE E 476 18.57 -24.59 9.55
CA PHE E 476 17.39 -24.36 8.73
C PHE E 476 16.18 -24.69 9.60
N VAL E 477 16.22 -25.88 10.18
CA VAL E 477 15.13 -26.33 11.05
C VAL E 477 14.95 -25.45 12.27
N ILE E 478 16.02 -25.17 13.00
CA ILE E 478 15.90 -24.32 14.17
C ILE E 478 15.27 -23.02 13.73
N LYS E 479 15.87 -22.39 12.72
CA LYS E 479 15.37 -21.12 12.20
C LYS E 479 13.90 -21.11 11.77
N LEU E 480 13.50 -22.11 11.00
CA LEU E 480 12.12 -22.19 10.52
C LEU E 480 11.13 -22.49 11.65
N THR E 481 11.64 -22.66 12.87
CA THR E 481 10.79 -22.98 14.01
C THR E 481 10.96 -22.08 15.24
N HIS E 482 12.21 -21.80 15.59
CA HIS E 482 12.57 -20.96 16.74
C HIS E 482 11.61 -19.83 17.05
N ASP E 483 11.41 -18.94 16.08
CA ASP E 483 10.54 -17.78 16.25
C ASP E 483 9.08 -18.02 15.92
N VAL E 484 8.25 -17.10 16.38
CA VAL E 484 6.80 -17.16 16.16
C VAL E 484 6.38 -16.71 14.77
N GLU E 485 7.22 -15.92 14.13
CA GLU E 485 6.90 -15.46 12.80
C GLU E 485 7.46 -16.48 11.82
N LEU E 486 6.64 -16.92 10.87
CA LEU E 486 7.07 -17.88 9.86
C LEU E 486 7.98 -17.08 8.94
N ASN E 487 9.28 -17.35 9.00
CA ASN E 487 10.24 -16.60 8.19
C ASN E 487 10.49 -17.09 6.76
N LEU E 488 9.66 -16.67 5.83
CA LEU E 488 9.83 -17.05 4.44
C LEU E 488 9.86 -15.78 3.62
N ASP E 489 10.79 -15.70 2.68
CA ASP E 489 10.96 -14.50 1.85
C ASP E 489 9.89 -14.30 0.79
N TYR E 490 8.66 -14.00 1.17
CA TYR E 490 7.63 -13.84 0.17
C TYR E 490 7.86 -12.62 -0.70
N GLU E 491 8.87 -11.83 -0.35
CA GLU E 491 9.20 -10.62 -1.10
C GLU E 491 9.92 -10.99 -2.36
N GLU E 492 10.94 -11.83 -2.22
CA GLU E 492 11.74 -12.27 -3.33
C GLU E 492 10.89 -12.61 -4.55
N TYR E 493 9.59 -12.82 -4.38
CA TYR E 493 8.76 -13.14 -5.55
C TYR E 493 8.36 -11.88 -6.31
N ASN E 494 8.50 -10.73 -5.65
CA ASN E 494 8.18 -9.47 -6.29
C ASN E 494 9.25 -9.31 -7.34
N SER E 495 10.49 -9.59 -6.93
CA SER E 495 11.62 -9.49 -7.83
C SER E 495 11.43 -10.53 -8.92
N GLN E 496 11.24 -11.78 -8.52
CA GLN E 496 11.02 -12.88 -9.45
C GLN E 496 9.96 -12.56 -10.49
N LEU E 497 8.93 -11.85 -10.06
CA LEU E 497 7.84 -11.49 -10.94
C LEU E 497 8.25 -10.31 -11.84
N LEU E 498 8.96 -9.34 -11.28
CA LEU E 498 9.42 -8.19 -12.05
C LEU E 498 10.37 -8.61 -13.17
N SER E 499 11.29 -9.50 -12.83
CA SER E 499 12.25 -10.01 -13.80
C SER E 499 11.48 -10.50 -15.00
N PHE E 500 10.39 -11.23 -14.76
CA PHE E 500 9.54 -11.74 -15.84
C PHE E 500 9.05 -10.57 -16.69
N VAL E 501 8.30 -9.67 -16.06
CA VAL E 501 7.76 -8.51 -16.75
C VAL E 501 8.84 -7.87 -17.60
N ARG E 502 10.02 -7.71 -17.02
CA ARG E 502 11.13 -7.13 -17.75
C ARG E 502 11.42 -7.92 -19.03
N ASP E 503 11.88 -9.14 -18.86
CA ASP E 503 12.20 -10.00 -19.99
C ASP E 503 11.07 -9.98 -21.02
N LEU E 504 9.83 -9.88 -20.55
CA LEU E 504 8.70 -9.85 -21.46
C LEU E 504 8.64 -8.55 -22.26
N ASN E 505 9.03 -7.44 -21.65
CA ASN E 505 9.00 -6.18 -22.36
C ASN E 505 9.98 -6.11 -23.53
N GLN E 506 10.89 -7.07 -23.61
CA GLN E 506 11.84 -7.06 -24.69
C GLN E 506 11.12 -7.44 -25.96
N TYR E 507 9.87 -7.86 -25.82
CA TYR E 507 9.09 -8.28 -26.98
C TYR E 507 7.89 -7.37 -27.16
N ARG E 508 7.95 -6.21 -26.50
CA ARG E 508 6.86 -5.27 -26.57
C ARG E 508 6.49 -5.01 -28.03
N ALA E 509 7.47 -5.17 -28.91
CA ALA E 509 7.24 -4.97 -30.34
C ALA E 509 6.29 -6.03 -30.85
N ASP E 510 6.63 -7.29 -30.61
CA ASP E 510 5.77 -8.40 -31.03
C ASP E 510 4.43 -8.28 -30.33
N ILE E 511 4.45 -7.93 -29.05
CA ILE E 511 3.22 -7.80 -28.29
C ILE E 511 2.35 -6.74 -28.94
N LYS E 512 2.98 -5.81 -29.65
CA LYS E 512 2.23 -4.75 -30.31
C LYS E 512 1.66 -5.18 -31.65
N GLU E 513 2.42 -5.92 -32.45
CA GLU E 513 1.91 -6.38 -33.74
C GLU E 513 0.60 -7.10 -33.48
N MET E 514 0.56 -7.85 -32.38
CA MET E 514 -0.66 -8.56 -31.98
C MET E 514 -1.40 -7.51 -31.16
N GLY E 515 -2.73 -7.53 -31.20
CA GLY E 515 -3.49 -6.52 -30.47
C GLY E 515 -3.28 -6.45 -28.95
N LEU E 516 -2.51 -7.39 -28.41
CA LEU E 516 -2.25 -7.49 -26.96
C LEU E 516 -1.86 -6.19 -26.26
N SER E 517 -2.54 -5.93 -25.15
CA SER E 517 -2.30 -4.73 -24.36
C SER E 517 -1.28 -4.98 -23.27
N LEU E 518 -1.14 -6.23 -22.85
CA LEU E 518 -0.16 -6.57 -21.84
C LEU E 518 -0.26 -5.68 -20.61
N GLN E 519 -1.38 -4.97 -20.47
CA GLN E 519 -1.59 -4.07 -19.33
C GLN E 519 -2.10 -4.82 -18.09
N TRP E 520 -2.94 -5.82 -18.31
CA TRP E 520 -3.49 -6.59 -17.22
C TRP E 520 -2.42 -7.30 -16.41
N LEU E 521 -1.30 -7.60 -17.05
CA LEU E 521 -0.20 -8.28 -16.38
C LEU E 521 0.45 -7.38 -15.36
N TYR E 522 0.70 -6.14 -15.75
CA TYR E 522 1.31 -5.18 -14.83
C TYR E 522 0.41 -5.00 -13.64
N SER E 523 -0.88 -4.90 -13.90
CA SER E 523 -1.85 -4.72 -12.83
C SER E 523 -1.72 -5.87 -11.85
N ALA E 524 -1.64 -7.10 -12.36
CA ALA E 524 -1.51 -8.26 -11.48
C ALA E 524 -0.21 -8.14 -10.69
N ARG E 525 0.91 -8.05 -11.40
CA ARG E 525 2.21 -7.90 -10.77
C ARG E 525 2.16 -6.86 -9.66
N GLY E 526 1.39 -5.80 -9.88
CA GLY E 526 1.30 -4.78 -8.89
C GLY E 526 0.30 -5.16 -7.82
N ASP E 527 -0.88 -5.61 -8.24
CA ASP E 527 -1.94 -5.99 -7.31
C ASP E 527 -1.29 -6.98 -6.34
N PHE E 528 -0.25 -7.66 -6.80
CA PHE E 528 0.44 -8.62 -5.96
C PHE E 528 1.41 -7.90 -5.04
N PHE E 529 2.16 -6.96 -5.59
CA PHE E 529 3.14 -6.20 -4.81
C PHE E 529 2.47 -5.65 -3.56
N ARG E 530 1.38 -4.90 -3.74
CA ARG E 530 0.67 -4.34 -2.60
C ARG E 530 0.39 -5.45 -1.60
N ALA E 531 -0.20 -6.53 -2.08
CA ALA E 531 -0.53 -7.67 -1.23
C ALA E 531 0.59 -8.00 -0.26
N THR E 532 1.81 -8.07 -0.80
CA THR E 532 2.99 -8.39 -0.01
C THR E 532 3.37 -7.24 0.89
N SER E 533 3.13 -6.01 0.43
CA SER E 533 3.41 -4.83 1.22
C SER E 533 2.51 -4.74 2.45
N ARG E 534 1.27 -5.22 2.33
CA ARG E 534 0.37 -5.20 3.45
C ARG E 534 0.87 -6.26 4.41
N LEU E 535 0.97 -7.48 3.92
CA LEU E 535 1.45 -8.56 4.75
C LEU E 535 2.73 -8.12 5.45
N THR E 536 3.68 -7.61 4.69
CA THR E 536 4.93 -7.17 5.26
C THR E 536 4.70 -6.10 6.31
N THR E 537 3.55 -5.46 6.25
CA THR E 537 3.21 -4.41 7.20
C THR E 537 2.46 -5.02 8.39
N ASP E 538 1.32 -5.63 8.11
CA ASP E 538 0.52 -6.25 9.16
C ASP E 538 1.39 -6.98 10.17
N PHE E 539 2.43 -7.65 9.70
CA PHE E 539 3.33 -8.37 10.60
C PHE E 539 3.92 -7.40 11.61
N GLY E 540 4.62 -6.39 11.11
CA GLY E 540 5.25 -5.43 11.98
C GLY E 540 4.31 -4.86 13.04
N ASN E 541 3.06 -4.59 12.65
CA ASN E 541 2.08 -4.04 13.58
C ASN E 541 1.46 -5.06 14.53
N ALA E 542 1.65 -6.35 14.23
CA ALA E 542 1.11 -7.39 15.08
C ALA E 542 2.15 -7.75 16.14
N GLU E 543 1.68 -8.23 17.29
CA GLU E 543 2.56 -8.61 18.40
C GLU E 543 2.78 -10.11 18.48
N LYS E 544 4.04 -10.49 18.64
CA LYS E 544 4.42 -11.88 18.73
C LYS E 544 3.79 -12.56 19.94
N THR E 545 2.72 -11.96 20.45
CA THR E 545 2.02 -12.48 21.61
C THR E 545 0.60 -12.88 21.28
N ASP E 546 0.03 -12.27 20.25
CA ASP E 546 -1.34 -12.60 19.86
C ASP E 546 -1.34 -13.83 18.95
N ARG E 547 -1.20 -15.00 19.55
CA ARG E 547 -1.17 -16.27 18.83
C ARG E 547 -2.18 -16.30 17.69
N PHE E 548 -3.25 -15.54 17.82
CA PHE E 548 -4.30 -15.49 16.80
C PHE E 548 -3.90 -14.64 15.60
N VAL E 549 -3.62 -13.36 15.81
CA VAL E 549 -3.29 -12.48 14.69
C VAL E 549 -2.06 -12.96 13.97
N MET E 550 -1.17 -13.62 14.70
CA MET E 550 0.05 -14.11 14.09
C MET E 550 -0.30 -15.29 13.22
N LYS E 551 -1.09 -16.20 13.76
CA LYS E 551 -1.47 -17.38 13.01
C LYS E 551 -2.16 -16.96 11.72
N LYS E 552 -3.00 -15.93 11.78
CA LYS E 552 -3.69 -15.48 10.59
C LYS E 552 -2.71 -14.98 9.53
N LEU E 553 -1.58 -14.43 9.98
CA LEU E 553 -0.57 -13.91 9.04
C LEU E 553 0.29 -15.04 8.50
N ASN E 554 0.88 -15.83 9.39
CA ASN E 554 1.73 -16.93 8.96
C ASN E 554 1.02 -17.78 7.93
N ASP E 555 -0.30 -17.91 8.07
CA ASP E 555 -1.06 -18.71 7.12
C ASP E 555 -1.00 -18.08 5.74
N ARG E 556 -1.07 -16.75 5.70
CA ARG E 556 -1.02 -16.05 4.43
C ARG E 556 0.32 -16.31 3.78
N VAL E 557 1.38 -16.24 4.58
CA VAL E 557 2.72 -16.49 4.09
C VAL E 557 2.77 -17.89 3.50
N MET E 558 2.18 -18.82 4.25
CA MET E 558 2.15 -20.24 3.88
C MET E 558 1.40 -20.50 2.58
N ARG E 559 0.66 -19.52 2.11
CA ARG E 559 -0.11 -19.66 0.87
C ARG E 559 0.72 -19.23 -0.35
N VAL E 560 1.58 -18.23 -0.14
CA VAL E 560 2.41 -17.66 -1.20
C VAL E 560 3.01 -18.62 -2.22
N GLU E 561 3.76 -19.61 -1.76
CA GLU E 561 4.38 -20.56 -2.67
C GLU E 561 3.38 -21.37 -3.48
N TYR E 562 2.43 -22.00 -2.80
CA TYR E 562 1.40 -22.83 -3.42
C TYR E 562 0.58 -22.11 -4.50
N HIS E 563 0.17 -20.89 -4.21
CA HIS E 563 -0.64 -20.12 -5.16
C HIS E 563 0.02 -19.70 -6.47
N PHE E 564 1.27 -20.11 -6.71
CA PHE E 564 1.93 -19.80 -7.96
C PHE E 564 1.89 -21.03 -8.87
N LEU E 565 1.02 -21.97 -8.52
CA LEU E 565 0.82 -23.19 -9.30
C LEU E 565 -0.43 -22.92 -10.14
N SER E 566 -0.27 -22.93 -11.46
CA SER E 566 -1.38 -22.66 -12.37
C SER E 566 -2.64 -23.40 -12.02
N PRO E 567 -3.66 -22.68 -11.59
CA PRO E 567 -4.92 -23.32 -11.23
C PRO E 567 -5.75 -23.57 -12.48
N TYR E 568 -5.09 -23.66 -13.63
CA TYR E 568 -5.80 -23.89 -14.88
C TYR E 568 -5.29 -25.13 -15.59
N VAL E 569 -4.41 -25.91 -14.95
CA VAL E 569 -3.88 -27.15 -15.52
C VAL E 569 -4.08 -28.30 -14.57
N SER E 570 -4.52 -29.44 -15.07
CA SER E 570 -4.77 -30.61 -14.23
C SER E 570 -3.53 -31.40 -13.81
N PRO E 571 -3.40 -31.70 -12.52
CA PRO E 571 -2.26 -32.45 -12.01
C PRO E 571 -2.08 -33.79 -12.74
N LYS E 572 -3.20 -34.37 -13.15
CA LYS E 572 -3.20 -35.63 -13.87
C LYS E 572 -2.53 -35.49 -15.23
N GLU E 573 -2.61 -34.30 -15.82
CA GLU E 573 -2.01 -34.05 -17.15
C GLU E 573 -0.61 -33.46 -17.05
N SER E 574 -0.48 -32.36 -16.31
CA SER E 574 0.80 -31.68 -16.11
C SER E 574 1.01 -31.43 -14.62
N PRO E 575 1.61 -32.42 -13.92
CA PRO E 575 1.89 -32.38 -12.49
C PRO E 575 2.69 -31.19 -11.94
N PHE E 576 3.67 -30.71 -12.68
CA PHE E 576 4.46 -29.58 -12.20
C PHE E 576 3.81 -28.26 -12.63
N ARG E 577 2.76 -27.88 -11.92
CA ARG E 577 2.00 -26.67 -12.21
C ARG E 577 2.66 -25.34 -11.87
N HIS E 578 3.70 -25.35 -11.04
CA HIS E 578 4.33 -24.09 -10.65
C HIS E 578 4.71 -23.23 -11.83
N VAL E 579 3.99 -22.14 -12.02
CA VAL E 579 4.27 -21.27 -13.15
C VAL E 579 5.73 -20.90 -13.25
N PHE E 580 6.45 -20.82 -12.12
CA PHE E 580 7.88 -20.44 -12.13
C PHE E 580 8.88 -21.57 -12.30
N TRP E 581 8.70 -22.67 -11.57
CA TRP E 581 9.64 -23.78 -11.61
C TRP E 581 9.07 -25.07 -12.19
N GLY E 582 7.80 -25.04 -12.57
CA GLY E 582 7.20 -26.24 -13.12
C GLY E 582 7.74 -26.62 -14.48
N SER E 583 6.93 -27.35 -15.25
CA SER E 583 7.28 -27.78 -16.59
C SER E 583 5.98 -27.92 -17.34
N GLY E 584 5.89 -27.26 -18.49
CA GLY E 584 4.67 -27.32 -19.28
C GLY E 584 4.42 -25.99 -19.96
N SER E 585 3.36 -25.89 -20.75
CA SER E 585 3.09 -24.64 -21.44
C SER E 585 2.58 -23.59 -20.45
N HIS E 586 2.18 -24.02 -19.25
CA HIS E 586 1.66 -23.12 -18.23
C HIS E 586 2.80 -22.37 -17.55
N THR E 587 4.00 -22.93 -17.70
CA THR E 587 5.23 -22.37 -17.17
C THR E 587 5.42 -20.95 -17.64
N LEU E 588 5.86 -20.07 -16.75
CA LEU E 588 6.07 -18.66 -17.10
C LEU E 588 7.20 -18.61 -18.11
N PRO E 589 8.33 -19.26 -17.81
CA PRO E 589 9.45 -19.26 -18.76
C PRO E 589 9.02 -19.79 -20.11
N ALA E 590 8.12 -20.78 -20.10
CA ALA E 590 7.64 -21.37 -21.32
C ALA E 590 6.97 -20.35 -22.22
N LEU E 591 6.36 -19.33 -21.63
CA LEU E 591 5.68 -18.28 -22.38
C LEU E 591 6.69 -17.50 -23.22
N LEU E 592 7.70 -16.96 -22.57
CA LEU E 592 8.71 -16.24 -23.31
C LEU E 592 9.29 -17.17 -24.37
N GLU E 593 9.62 -18.39 -23.95
CA GLU E 593 10.21 -19.39 -24.82
C GLU E 593 9.45 -19.63 -26.12
N ASN E 594 8.15 -19.35 -26.12
CA ASN E 594 7.34 -19.51 -27.32
C ASN E 594 7.36 -18.19 -28.08
N LEU E 595 7.23 -17.09 -27.34
CA LEU E 595 7.25 -15.77 -27.94
C LEU E 595 8.57 -15.51 -28.68
N LYS E 596 9.68 -16.01 -28.14
CA LYS E 596 10.97 -15.80 -28.79
C LYS E 596 10.88 -16.24 -30.25
N LEU E 597 10.10 -17.30 -30.49
CA LEU E 597 9.94 -17.86 -31.82
C LEU E 597 9.22 -16.96 -32.81
N ARG E 598 8.48 -15.98 -32.28
CA ARG E 598 7.74 -15.05 -33.11
C ARG E 598 8.64 -14.41 -34.17
N LYS E 599 9.79 -13.90 -33.75
CA LYS E 599 10.76 -13.24 -34.62
C LYS E 599 11.28 -14.12 -35.76
N GLN E 600 11.38 -15.42 -35.52
CA GLN E 600 11.85 -16.35 -36.54
C GLN E 600 10.99 -16.37 -37.80
N ASN E 601 9.95 -15.53 -37.81
CA ASN E 601 9.00 -15.39 -38.93
C ASN E 601 8.39 -16.70 -39.47
N ASN E 602 8.82 -17.83 -38.93
CA ASN E 602 8.29 -19.13 -39.37
C ASN E 602 7.01 -19.47 -38.57
N GLY E 603 6.53 -20.70 -38.72
CA GLY E 603 5.33 -21.09 -38.02
C GLY E 603 5.58 -21.62 -36.62
N ALA E 604 6.85 -21.77 -36.27
CA ALA E 604 7.25 -22.27 -34.96
C ALA E 604 6.45 -21.66 -33.81
N PHE E 605 6.04 -20.40 -33.99
CA PHE E 605 5.27 -19.69 -32.97
C PHE E 605 3.78 -19.99 -33.08
N ASN E 606 3.21 -20.56 -32.02
CA ASN E 606 1.77 -20.85 -31.98
C ASN E 606 1.14 -19.63 -31.33
N GLU E 607 0.48 -18.80 -32.12
CA GLU E 607 -0.13 -17.59 -31.59
C GLU E 607 -1.28 -17.86 -30.65
N THR E 608 -2.16 -18.78 -31.00
CA THR E 608 -3.29 -19.08 -30.12
C THR E 608 -2.77 -19.57 -28.78
N LEU E 609 -1.70 -20.35 -28.80
CA LEU E 609 -1.10 -20.83 -27.57
C LEU E 609 -0.65 -19.64 -26.72
N PHE E 610 0.16 -18.77 -27.32
CA PHE E 610 0.63 -17.59 -26.60
C PHE E 610 -0.55 -16.85 -25.98
N ARG E 611 -1.43 -16.36 -26.84
CA ARG E 611 -2.60 -15.63 -26.37
C ARG E 611 -3.11 -16.16 -25.04
N ASN E 612 -3.31 -17.47 -24.93
CA ASN E 612 -3.78 -18.05 -23.69
C ASN E 612 -2.68 -17.98 -22.65
N GLN E 613 -1.51 -18.54 -22.97
CA GLN E 613 -0.39 -18.53 -22.04
C GLN E 613 -0.36 -17.21 -21.28
N LEU E 614 -0.33 -16.11 -22.02
CA LEU E 614 -0.30 -14.79 -21.40
C LEU E 614 -1.58 -14.61 -20.59
N ALA E 615 -2.73 -14.74 -21.24
CA ALA E 615 -4.01 -14.57 -20.58
C ALA E 615 -4.09 -15.26 -19.23
N LEU E 616 -3.83 -16.56 -19.19
CA LEU E 616 -3.88 -17.30 -17.95
C LEU E 616 -2.74 -16.92 -17.02
N ALA E 617 -1.51 -17.02 -17.51
CA ALA E 617 -0.35 -16.66 -16.70
C ALA E 617 -0.61 -15.34 -15.98
N THR E 618 -1.49 -14.52 -16.55
CA THR E 618 -1.82 -13.25 -15.94
C THR E 618 -2.70 -13.55 -14.73
N TRP E 619 -3.87 -14.12 -15.01
CA TRP E 619 -4.80 -14.44 -13.93
C TRP E 619 -4.18 -15.34 -12.86
N THR E 620 -3.13 -16.09 -13.21
CA THR E 620 -2.48 -16.94 -12.23
C THR E 620 -1.85 -16.03 -11.20
N ILE E 621 -1.05 -15.09 -11.69
CA ILE E 621 -0.37 -14.10 -10.87
C ILE E 621 -1.41 -13.23 -10.17
N GLN E 622 -2.43 -12.81 -10.92
CA GLN E 622 -3.47 -12.00 -10.38
C GLN E 622 -4.03 -12.73 -9.17
N GLY E 623 -4.47 -13.97 -9.40
CA GLY E 623 -5.02 -14.76 -8.32
C GLY E 623 -4.11 -14.82 -7.14
N ALA E 624 -2.85 -15.13 -7.39
CA ALA E 624 -1.86 -15.21 -6.32
C ALA E 624 -1.97 -14.00 -5.42
N ALA E 625 -2.30 -12.86 -6.03
CA ALA E 625 -2.45 -11.61 -5.29
C ALA E 625 -3.71 -11.62 -4.46
N ASN E 626 -4.84 -11.86 -5.11
CA ASN E 626 -6.10 -11.87 -4.42
C ASN E 626 -6.13 -12.90 -3.30
N ALA E 627 -5.25 -13.88 -3.35
CA ALA E 627 -5.22 -14.90 -2.33
C ALA E 627 -4.31 -14.50 -1.18
N LEU E 628 -3.24 -13.76 -1.51
CA LEU E 628 -2.25 -13.31 -0.53
C LEU E 628 -2.67 -12.08 0.25
N SER E 629 -3.96 -11.79 0.23
CA SER E 629 -4.59 -10.68 0.96
C SER E 629 -5.17 -9.54 0.16
N GLY E 630 -4.67 -8.34 0.43
CA GLY E 630 -5.19 -7.15 -0.21
C GLY E 630 -6.36 -6.85 0.70
N ASP E 631 -6.30 -7.45 1.89
CA ASP E 631 -7.31 -7.34 2.93
C ASP E 631 -8.60 -7.99 2.43
N VAL E 632 -8.46 -8.92 1.49
CA VAL E 632 -9.61 -9.59 0.91
C VAL E 632 -10.37 -8.59 0.06
N TRP E 633 -11.11 -9.08 -0.92
CA TRP E 633 -11.90 -8.20 -1.78
C TRP E 633 -11.09 -7.05 -2.35
N ASP E 634 -9.87 -7.32 -2.83
CA ASP E 634 -9.02 -6.25 -3.39
C ASP E 634 -9.88 -5.22 -4.11
N ILE E 635 -9.83 -3.98 -3.61
CA ILE E 635 -10.65 -2.89 -4.17
C ILE E 635 -10.03 -1.99 -5.26
N ASP E 636 -9.35 -2.59 -6.25
CA ASP E 636 -8.83 -1.81 -7.37
C ASP E 636 -9.91 -1.98 -8.43
N ASN E 637 -11.12 -1.60 -8.03
CA ASN E 637 -12.35 -1.66 -8.82
C ASN E 637 -12.36 -0.77 -10.07
N GLU E 638 -11.50 0.25 -10.07
CA GLU E 638 -11.41 1.17 -11.20
C GLU E 638 -10.96 0.39 -12.44
N PHE E 639 -9.70 0.57 -12.83
CA PHE E 639 -9.12 -0.10 -14.00
C PHE E 639 -10.18 -0.62 -14.98
N LEU F 1 -26.60 -9.36 21.95
CA LEU F 1 -28.01 -9.77 21.95
C LEU F 1 -28.16 -11.24 21.60
N TYR F 2 -29.32 -11.82 21.96
CA TYR F 2 -29.57 -13.22 21.66
C TYR F 2 -30.49 -13.38 20.47
N TRP F 3 -30.54 -14.60 19.93
CA TRP F 3 -31.37 -14.87 18.76
C TRP F 3 -32.77 -14.28 18.82
N ASP F 4 -33.50 -14.56 19.90
CA ASP F 4 -34.85 -14.03 20.02
C ASP F 4 -34.84 -12.54 19.76
N ASP F 5 -33.87 -11.85 20.35
CA ASP F 5 -33.74 -10.41 20.17
C ASP F 5 -33.61 -10.07 18.69
N LEU F 6 -32.60 -10.66 18.05
CA LEU F 6 -32.39 -10.41 16.63
C LEU F 6 -33.59 -10.84 15.81
N LYS F 7 -34.18 -11.98 16.16
CA LYS F 7 -35.33 -12.45 15.42
C LYS F 7 -36.46 -11.44 15.56
N ARG F 8 -36.78 -11.07 16.80
CA ARG F 8 -37.83 -10.11 17.08
C ARG F 8 -37.59 -8.77 16.38
N LYS F 9 -36.38 -8.24 16.55
CA LYS F 9 -36.06 -6.97 15.93
C LYS F 9 -36.26 -7.06 14.42
N LEU F 10 -35.49 -7.93 13.78
CA LEU F 10 -35.58 -8.13 12.34
C LEU F 10 -37.02 -8.22 11.87
N SER F 11 -37.91 -8.70 12.73
CA SER F 11 -39.30 -8.83 12.35
C SER F 11 -39.99 -7.48 12.28
N GLU F 12 -39.98 -6.74 13.38
CA GLU F 12 -40.62 -5.44 13.39
C GLU F 12 -40.07 -4.55 12.29
N LYS F 13 -38.76 -4.67 12.03
CA LYS F 13 -38.13 -3.88 10.98
C LYS F 13 -38.75 -4.30 9.65
N LEU F 14 -39.01 -5.59 9.52
CA LEU F 14 -39.65 -6.12 8.33
C LEU F 14 -41.12 -5.72 8.35
N ASP F 15 -41.65 -5.48 9.54
CA ASP F 15 -43.05 -5.09 9.69
C ASP F 15 -43.27 -3.67 9.20
N SER F 16 -42.19 -2.89 9.13
CA SER F 16 -42.28 -1.51 8.69
C SER F 16 -41.36 -1.18 7.51
N THR F 17 -41.53 -1.91 6.41
CA THR F 17 -40.73 -1.68 5.21
C THR F 17 -41.57 -1.90 3.97
N ASP F 18 -41.73 -0.87 3.18
CA ASP F 18 -42.52 -0.96 1.96
C ASP F 18 -41.70 -1.54 0.80
N PHE F 19 -41.86 -2.84 0.58
CA PHE F 19 -41.15 -3.51 -0.49
C PHE F 19 -41.82 -3.21 -1.82
N THR F 20 -43.15 -3.16 -1.80
CA THR F 20 -43.91 -2.92 -3.00
C THR F 20 -43.55 -1.61 -3.67
N SER F 21 -43.23 -0.60 -2.88
CA SER F 21 -42.84 0.72 -3.41
C SER F 21 -41.58 0.61 -4.24
N THR F 22 -40.55 0.00 -3.66
CA THR F 22 -39.26 -0.15 -4.33
C THR F 22 -39.35 -1.06 -5.54
N ILE F 23 -40.22 -2.05 -5.48
CA ILE F 23 -40.38 -2.95 -6.62
C ILE F 23 -40.96 -2.13 -7.75
N LYS F 24 -41.75 -1.11 -7.39
CA LYS F 24 -42.38 -0.22 -8.36
C LYS F 24 -41.33 0.80 -8.82
N LEU F 25 -40.68 1.46 -7.87
CA LEU F 25 -39.67 2.45 -8.20
C LEU F 25 -38.74 1.86 -9.26
N LEU F 26 -38.39 0.59 -9.09
CA LEU F 26 -37.52 -0.07 -10.04
C LEU F 26 -38.29 -0.45 -11.29
N ASN F 27 -39.22 0.42 -11.67
CA ASN F 27 -40.03 0.19 -12.85
C ASN F 27 -40.29 1.49 -13.60
N GLU F 28 -39.99 2.61 -12.95
CA GLU F 28 -40.15 3.93 -13.55
C GLU F 28 -39.32 3.95 -14.82
N ASN F 29 -39.73 4.72 -15.82
CA ASN F 29 -38.97 4.76 -17.06
C ASN F 29 -37.50 5.10 -16.88
N SER F 30 -37.14 5.52 -15.67
CA SER F 30 -35.76 5.86 -15.36
C SER F 30 -34.87 4.64 -15.57
N TYR F 31 -35.43 3.46 -15.31
CA TYR F 31 -34.71 2.21 -15.48
C TYR F 31 -35.65 1.06 -15.82
N VAL F 32 -36.31 1.14 -16.97
CA VAL F 32 -37.23 0.07 -17.33
C VAL F 32 -36.61 -0.93 -18.32
N PRO F 33 -36.33 -0.54 -19.57
CA PRO F 33 -35.75 -1.64 -20.33
C PRO F 33 -34.27 -1.73 -19.97
N ARG F 34 -34.01 -2.06 -18.71
CA ARG F 34 -32.66 -2.19 -18.19
C ARG F 34 -31.94 -3.42 -18.72
N GLU F 35 -31.76 -3.48 -20.03
CA GLU F 35 -31.07 -4.61 -20.63
C GLU F 35 -29.67 -4.66 -20.07
N ALA F 36 -28.98 -5.76 -20.29
CA ALA F 36 -27.62 -5.87 -19.78
C ALA F 36 -26.72 -4.87 -20.45
N GLY F 37 -25.96 -4.14 -19.63
CA GLY F 37 -25.03 -3.15 -20.15
C GLY F 37 -25.67 -2.00 -20.89
N SER F 38 -26.92 -1.71 -20.55
CA SER F 38 -27.63 -0.60 -21.19
C SER F 38 -27.45 0.63 -20.32
N GLN F 39 -28.05 1.73 -20.74
CA GLN F 39 -27.94 2.95 -19.96
C GLN F 39 -28.78 2.78 -18.71
N LYS F 40 -30.02 2.34 -18.89
CA LYS F 40 -30.94 2.13 -17.78
C LYS F 40 -30.23 1.25 -16.75
N ASP F 41 -29.64 0.17 -17.25
CA ASP F 41 -28.90 -0.77 -16.41
C ASP F 41 -27.98 0.06 -15.52
N GLU F 42 -27.07 0.79 -16.18
CA GLU F 42 -26.10 1.63 -15.50
C GLU F 42 -26.77 2.61 -14.56
N ASN F 43 -28.00 3.00 -14.89
CA ASN F 43 -28.73 3.94 -14.05
C ASN F 43 -29.03 3.31 -12.70
N LEU F 44 -29.76 2.20 -12.73
CA LEU F 44 -30.12 1.50 -11.50
C LEU F 44 -28.87 1.12 -10.75
N ALA F 45 -27.82 0.75 -11.48
CA ALA F 45 -26.56 0.35 -10.87
C ALA F 45 -26.10 1.45 -9.92
N LEU F 46 -26.02 2.67 -10.45
CA LEU F 46 -25.58 3.82 -9.65
C LEU F 46 -26.59 4.11 -8.56
N TYR F 47 -27.86 3.76 -8.80
CA TYR F 47 -28.88 3.99 -7.79
C TYR F 47 -28.59 3.12 -6.59
N VAL F 48 -28.40 1.83 -6.84
CA VAL F 48 -28.11 0.90 -5.77
C VAL F 48 -26.82 1.35 -5.09
N GLU F 49 -25.80 1.64 -5.89
CA GLU F 49 -24.51 2.09 -5.35
C GLU F 49 -24.68 3.22 -4.36
N ASN F 50 -25.44 4.23 -4.75
CA ASN F 50 -25.65 5.36 -3.88
C ASN F 50 -26.47 4.95 -2.67
N GLU F 51 -27.59 4.29 -2.91
CA GLU F 51 -28.43 3.84 -1.83
C GLU F 51 -27.58 3.16 -0.77
N PHE F 52 -26.66 2.31 -1.19
CA PHE F 52 -25.78 1.63 -0.25
C PHE F 52 -25.01 2.68 0.54
N ARG F 53 -24.47 3.66 -0.16
CA ARG F 53 -23.72 4.71 0.51
C ARG F 53 -24.65 5.41 1.47
N GLU F 54 -25.86 5.73 1.00
CA GLU F 54 -26.85 6.41 1.83
C GLU F 54 -27.16 5.56 3.05
N PHE F 55 -27.20 4.25 2.86
CA PHE F 55 -27.49 3.33 3.96
C PHE F 55 -26.40 3.44 5.02
N LYS F 56 -25.38 4.22 4.70
CA LYS F 56 -24.28 4.45 5.62
C LYS F 56 -23.51 3.19 5.97
N LEU F 57 -23.62 2.16 5.14
CA LEU F 57 -22.89 0.93 5.40
C LEU F 57 -21.41 1.19 5.11
N SER F 58 -20.53 0.30 5.59
CA SER F 58 -19.09 0.47 5.39
C SER F 58 -18.73 0.44 3.90
N LYS F 59 -17.47 0.16 3.60
CA LYS F 59 -17.00 0.12 2.22
C LYS F 59 -18.05 -0.37 1.21
N VAL F 60 -18.07 0.28 0.05
CA VAL F 60 -19.01 -0.07 -1.02
C VAL F 60 -18.29 0.31 -2.30
N TRP F 61 -18.16 -0.63 -3.23
CA TRP F 61 -17.45 -0.37 -4.47
C TRP F 61 -18.14 -0.85 -5.74
N ARG F 62 -17.44 -0.74 -6.86
CA ARG F 62 -17.98 -1.13 -8.15
C ARG F 62 -17.12 -2.25 -8.72
N ASP F 63 -17.71 -3.05 -9.60
CA ASP F 63 -16.98 -4.13 -10.25
C ASP F 63 -17.21 -4.03 -11.74
N GLN F 64 -16.17 -3.61 -12.45
CA GLN F 64 -16.23 -3.42 -13.89
C GLN F 64 -15.90 -4.71 -14.64
N HIS F 65 -16.46 -4.88 -15.82
CA HIS F 65 -16.23 -6.07 -16.64
C HIS F 65 -16.64 -5.84 -18.08
N PHE F 66 -15.87 -6.43 -19.00
CA PHE F 66 -16.20 -6.32 -20.42
C PHE F 66 -16.44 -7.70 -21.00
N VAL F 67 -17.70 -8.12 -21.04
CA VAL F 67 -18.01 -9.43 -21.58
C VAL F 67 -18.72 -9.32 -22.92
N LYS F 68 -18.61 -10.35 -23.75
CA LYS F 68 -19.28 -10.35 -25.05
C LYS F 68 -20.71 -10.93 -24.94
N ILE F 69 -21.68 -10.07 -25.19
CA ILE F 69 -23.09 -10.45 -25.16
C ILE F 69 -23.55 -10.54 -26.62
N GLN F 70 -24.66 -11.23 -26.86
CA GLN F 70 -25.16 -11.31 -28.23
C GLN F 70 -26.48 -10.54 -28.34
N VAL F 71 -26.63 -9.79 -29.42
CA VAL F 71 -27.83 -9.00 -29.64
C VAL F 71 -28.40 -9.19 -31.03
N LYS F 72 -29.64 -8.75 -31.20
CA LYS F 72 -30.35 -8.88 -32.47
C LYS F 72 -29.76 -7.93 -33.51
N ASP F 73 -29.27 -8.49 -34.61
CA ASP F 73 -28.67 -7.69 -35.68
C ASP F 73 -29.74 -6.87 -36.40
N SER F 74 -29.32 -5.78 -37.02
CA SER F 74 -30.26 -4.93 -37.75
C SER F 74 -31.11 -5.75 -38.72
N ALA F 75 -30.54 -6.83 -39.25
CA ALA F 75 -31.25 -7.72 -40.16
C ALA F 75 -32.27 -8.53 -39.35
N GLN F 76 -33.48 -8.64 -39.86
CA GLN F 76 -34.52 -9.38 -39.16
C GLN F 76 -34.43 -10.89 -39.17
N ASN F 77 -34.63 -11.47 -37.99
CA ASN F 77 -34.61 -12.92 -37.80
C ASN F 77 -36.02 -13.38 -38.16
N SER F 78 -36.14 -14.53 -38.81
CA SER F 78 -37.46 -15.00 -39.17
C SER F 78 -37.60 -16.47 -39.45
N VAL F 79 -38.84 -16.95 -39.34
CA VAL F 79 -39.20 -18.33 -39.60
C VAL F 79 -40.20 -18.27 -40.74
N ILE F 80 -39.97 -19.05 -41.79
CA ILE F 80 -40.85 -19.06 -42.95
C ILE F 80 -41.05 -20.45 -43.55
N ILE F 81 -42.31 -20.86 -43.70
CA ILE F 81 -42.62 -22.17 -44.27
C ILE F 81 -42.35 -22.11 -45.77
N VAL F 82 -41.65 -23.11 -46.29
CA VAL F 82 -41.33 -23.12 -47.70
C VAL F 82 -40.96 -24.49 -48.17
N ASP F 83 -41.21 -24.73 -49.45
CA ASP F 83 -40.86 -25.98 -50.09
C ASP F 83 -39.53 -25.73 -50.85
N LYS F 84 -39.60 -24.91 -51.90
CA LYS F 84 -38.44 -24.56 -52.73
C LYS F 84 -38.86 -23.95 -54.08
N ASN F 85 -40.14 -24.12 -54.42
CA ASN F 85 -40.73 -23.63 -55.69
C ASN F 85 -41.78 -22.53 -55.58
N GLY F 86 -41.76 -21.79 -54.47
CA GLY F 86 -42.73 -20.72 -54.27
C GLY F 86 -43.54 -21.00 -53.02
N ARG F 87 -43.05 -20.53 -51.87
CA ARG F 87 -43.73 -20.75 -50.61
C ARG F 87 -45.20 -20.37 -50.60
N LEU F 88 -46.02 -21.25 -50.04
CA LEU F 88 -47.45 -21.03 -49.90
C LEU F 88 -47.69 -20.48 -48.49
N VAL F 89 -48.84 -20.81 -47.91
CA VAL F 89 -49.23 -20.39 -46.58
C VAL F 89 -48.77 -18.99 -46.11
N TYR F 90 -47.63 -18.91 -45.41
CA TYR F 90 -47.18 -17.63 -44.87
C TYR F 90 -45.67 -17.31 -44.99
N LEU F 91 -45.23 -16.60 -43.96
CA LEU F 91 -43.88 -16.14 -43.68
C LEU F 91 -43.84 -16.28 -42.16
N VAL F 92 -44.75 -17.08 -41.64
CA VAL F 92 -44.86 -17.33 -40.22
C VAL F 92 -44.61 -16.11 -39.36
N GLU F 93 -43.35 -15.85 -39.01
CA GLU F 93 -43.06 -14.71 -38.14
C GLU F 93 -41.64 -14.14 -38.10
N ASN F 94 -41.54 -12.83 -37.84
CA ASN F 94 -40.27 -12.11 -37.69
C ASN F 94 -40.20 -11.95 -36.17
N PRO F 95 -39.82 -13.02 -35.44
CA PRO F 95 -39.71 -13.03 -33.99
C PRO F 95 -39.28 -11.70 -33.35
N GLY F 96 -40.01 -11.31 -32.31
CA GLY F 96 -39.70 -10.07 -31.60
C GLY F 96 -38.54 -10.18 -30.61
N GLY F 97 -38.30 -11.39 -30.12
CA GLY F 97 -37.21 -11.61 -29.18
C GLY F 97 -36.17 -12.51 -29.82
N TYR F 98 -35.23 -13.01 -29.03
CA TYR F 98 -34.20 -13.87 -29.58
C TYR F 98 -33.52 -14.70 -28.49
N VAL F 99 -32.79 -15.73 -28.91
CA VAL F 99 -32.07 -16.61 -28.01
C VAL F 99 -30.61 -16.21 -28.11
N ALA F 100 -30.07 -15.64 -27.04
CA ALA F 100 -28.69 -15.19 -27.04
C ALA F 100 -27.71 -16.30 -27.43
N TYR F 101 -26.47 -15.92 -27.67
CA TYR F 101 -25.44 -16.87 -28.05
C TYR F 101 -25.88 -17.93 -29.05
N SER F 102 -26.98 -17.69 -29.76
CA SER F 102 -27.44 -18.65 -30.75
C SER F 102 -26.50 -18.63 -31.94
N LYS F 103 -26.34 -19.77 -32.61
CA LYS F 103 -25.49 -19.84 -33.79
C LYS F 103 -26.01 -18.86 -34.81
N ALA F 104 -25.14 -18.00 -35.31
CA ALA F 104 -25.55 -17.02 -36.30
C ALA F 104 -25.54 -17.67 -37.68
N ALA F 105 -26.70 -18.12 -38.11
CA ALA F 105 -26.81 -18.78 -39.41
C ALA F 105 -28.26 -18.88 -39.85
N THR F 106 -28.48 -19.59 -40.94
CA THR F 106 -29.82 -19.76 -41.48
C THR F 106 -29.91 -21.06 -42.27
N VAL F 107 -30.86 -21.90 -41.88
CA VAL F 107 -31.07 -23.19 -42.54
C VAL F 107 -32.53 -23.55 -42.60
N THR F 108 -32.85 -24.49 -43.49
CA THR F 108 -34.21 -24.96 -43.67
C THR F 108 -34.29 -26.47 -43.83
N GLY F 109 -35.44 -27.02 -43.45
CA GLY F 109 -35.63 -28.46 -43.54
C GLY F 109 -36.89 -28.88 -42.81
N LYS F 110 -37.02 -30.18 -42.54
CA LYS F 110 -38.18 -30.72 -41.84
C LYS F 110 -38.30 -30.10 -40.46
N LEU F 111 -39.47 -30.19 -39.84
CA LEU F 111 -39.66 -29.61 -38.52
C LEU F 111 -40.35 -30.52 -37.53
N VAL F 112 -39.57 -31.22 -36.74
CA VAL F 112 -40.10 -32.14 -35.72
C VAL F 112 -40.46 -31.37 -34.46
N HIS F 113 -41.36 -31.92 -33.65
CA HIS F 113 -41.79 -31.25 -32.42
C HIS F 113 -41.54 -32.11 -31.18
N ALA F 114 -40.35 -32.01 -30.63
CA ALA F 114 -39.99 -32.77 -29.43
C ALA F 114 -40.39 -32.06 -28.14
N ASN F 115 -41.59 -32.37 -27.65
CA ASN F 115 -42.11 -31.79 -26.42
C ASN F 115 -41.02 -31.42 -25.42
N PHE F 116 -41.24 -30.33 -24.70
CA PHE F 116 -40.29 -29.84 -23.71
C PHE F 116 -38.83 -30.06 -24.05
N GLY F 117 -38.29 -29.11 -24.81
CA GLY F 117 -36.90 -29.15 -25.22
C GLY F 117 -36.25 -30.51 -25.17
N THR F 118 -36.89 -31.49 -25.78
CA THR F 118 -36.35 -32.84 -25.82
C THR F 118 -36.09 -33.40 -24.43
N LYS F 119 -35.81 -32.53 -23.47
CA LYS F 119 -35.54 -32.96 -22.12
C LYS F 119 -34.38 -33.96 -22.10
N LYS F 120 -33.82 -34.23 -23.27
CA LYS F 120 -32.73 -35.20 -23.45
C LYS F 120 -33.40 -36.56 -23.39
N ASP F 121 -34.42 -36.64 -22.55
CA ASP F 121 -35.20 -37.84 -22.34
C ASP F 121 -36.17 -38.00 -23.51
N PHE F 122 -37.04 -37.00 -23.66
CA PHE F 122 -38.04 -36.98 -24.71
C PHE F 122 -37.52 -37.28 -26.11
N GLU F 123 -36.21 -37.12 -26.33
CA GLU F 123 -35.66 -37.40 -27.65
C GLU F 123 -35.90 -38.86 -28.02
N ASP F 124 -36.16 -39.70 -27.02
CA ASP F 124 -36.42 -41.11 -27.29
C ASP F 124 -37.88 -41.24 -27.73
N LEU F 125 -38.18 -40.66 -28.88
CA LEU F 125 -39.52 -40.69 -29.46
C LEU F 125 -39.41 -41.30 -30.85
N TYR F 126 -40.57 -41.54 -31.47
CA TYR F 126 -40.62 -42.17 -32.80
C TYR F 126 -39.88 -41.45 -33.93
N THR F 127 -40.43 -40.30 -34.36
CA THR F 127 -39.83 -39.54 -35.44
C THR F 127 -38.41 -39.07 -35.14
N PRO F 128 -37.47 -39.36 -36.06
CA PRO F 128 -36.07 -38.98 -35.88
C PRO F 128 -35.82 -37.51 -36.26
N VAL F 129 -34.88 -36.88 -35.57
CA VAL F 129 -34.53 -35.48 -35.84
C VAL F 129 -33.22 -35.42 -36.60
N ASN F 130 -32.78 -36.58 -37.07
CA ASN F 130 -31.54 -36.72 -37.81
C ASN F 130 -31.51 -35.79 -39.02
N GLY F 131 -31.10 -34.54 -38.79
CA GLY F 131 -31.04 -33.57 -39.87
C GLY F 131 -32.34 -32.85 -40.17
N SER F 132 -32.86 -32.12 -39.19
CA SER F 132 -34.11 -31.40 -39.36
C SER F 132 -34.37 -30.45 -38.20
N ILE F 133 -34.98 -29.31 -38.49
CA ILE F 133 -35.28 -28.32 -37.48
C ILE F 133 -36.22 -28.92 -36.44
N VAL F 134 -36.17 -28.40 -35.22
CA VAL F 134 -37.02 -28.92 -34.16
C VAL F 134 -37.75 -27.85 -33.34
N ILE F 135 -38.96 -28.19 -32.89
CA ILE F 135 -39.77 -27.29 -32.07
C ILE F 135 -39.81 -27.86 -30.67
N VAL F 136 -39.85 -27.00 -29.66
CA VAL F 136 -39.89 -27.48 -28.27
C VAL F 136 -40.62 -26.45 -27.42
N ARG F 137 -41.20 -26.91 -26.32
CA ARG F 137 -41.92 -26.03 -25.42
C ARG F 137 -40.94 -25.46 -24.41
N ALA F 138 -41.22 -24.29 -23.87
CA ALA F 138 -40.35 -23.72 -22.87
C ALA F 138 -40.79 -24.40 -21.57
N GLY F 139 -39.90 -25.17 -20.94
CA GLY F 139 -40.32 -25.83 -19.72
C GLY F 139 -39.30 -26.51 -18.81
N LYS F 140 -39.54 -27.80 -18.58
CA LYS F 140 -38.71 -28.62 -17.70
C LYS F 140 -37.21 -28.33 -17.67
N ILE F 141 -36.62 -27.96 -18.79
CA ILE F 141 -35.20 -27.66 -18.81
C ILE F 141 -34.89 -26.26 -19.33
N THR F 142 -33.61 -25.96 -19.52
CA THR F 142 -33.18 -24.67 -20.01
C THR F 142 -32.89 -24.71 -21.51
N PHE F 143 -33.18 -23.61 -22.20
CA PHE F 143 -32.95 -23.52 -23.64
C PHE F 143 -31.61 -24.16 -23.96
N ALA F 144 -30.59 -23.75 -23.21
CA ALA F 144 -29.24 -24.27 -23.40
C ALA F 144 -29.29 -25.77 -23.55
N GLU F 145 -29.92 -26.42 -22.59
CA GLU F 145 -30.05 -27.86 -22.61
C GLU F 145 -30.91 -28.32 -23.79
N LYS F 146 -32.08 -27.70 -23.96
CA LYS F 146 -32.97 -28.07 -25.06
C LYS F 146 -32.19 -28.11 -26.37
N VAL F 147 -31.48 -27.02 -26.66
CA VAL F 147 -30.68 -26.93 -27.87
C VAL F 147 -29.60 -28.01 -27.90
N ALA F 148 -28.81 -28.04 -26.83
CA ALA F 148 -27.71 -28.99 -26.70
C ALA F 148 -28.10 -30.39 -27.14
N ASN F 149 -29.20 -30.89 -26.57
CA ASN F 149 -29.69 -32.22 -26.90
C ASN F 149 -30.09 -32.29 -28.36
N ALA F 150 -30.83 -31.29 -28.81
CA ALA F 150 -31.25 -31.25 -30.18
C ALA F 150 -30.06 -31.47 -31.11
N GLU F 151 -28.98 -30.74 -30.86
CA GLU F 151 -27.79 -30.87 -31.69
C GLU F 151 -27.05 -32.19 -31.45
N SER F 152 -27.15 -32.74 -30.24
CA SER F 152 -26.48 -34.00 -29.95
C SER F 152 -27.10 -35.11 -30.78
N LEU F 153 -28.32 -34.86 -31.26
CA LEU F 153 -29.01 -35.83 -32.11
C LEU F 153 -28.90 -35.43 -33.57
N ASN F 154 -27.99 -34.50 -33.85
CA ASN F 154 -27.72 -34.03 -35.21
C ASN F 154 -28.81 -33.19 -35.88
N ALA F 155 -29.60 -32.50 -35.07
CA ALA F 155 -30.65 -31.63 -35.60
C ALA F 155 -30.01 -30.31 -36.00
N ILE F 156 -30.82 -29.39 -36.52
CA ILE F 156 -30.35 -28.04 -36.89
C ILE F 156 -31.50 -27.13 -36.62
N GLY F 157 -31.21 -25.97 -36.04
CA GLY F 157 -32.26 -25.03 -35.72
C GLY F 157 -33.23 -25.56 -34.68
N VAL F 158 -33.62 -24.69 -33.77
CA VAL F 158 -34.55 -25.07 -32.73
C VAL F 158 -35.44 -23.89 -32.44
N LEU F 159 -36.74 -24.12 -32.36
CA LEU F 159 -37.69 -23.06 -32.07
C LEU F 159 -38.29 -23.35 -30.69
N ILE F 160 -38.39 -22.31 -29.86
CA ILE F 160 -38.95 -22.46 -28.52
C ILE F 160 -40.19 -21.57 -28.37
N TYR F 161 -41.33 -22.17 -28.03
CA TYR F 161 -42.58 -21.43 -27.88
C TYR F 161 -43.28 -21.72 -26.57
N MET F 162 -44.10 -20.78 -26.12
CA MET F 162 -44.83 -20.94 -24.86
C MET F 162 -46.26 -21.41 -25.08
N ASP F 163 -46.48 -22.73 -25.06
CA ASP F 163 -47.83 -23.27 -25.27
C ASP F 163 -48.86 -22.65 -24.32
N GLN F 164 -50.14 -22.91 -24.61
CA GLN F 164 -51.23 -22.38 -23.81
C GLN F 164 -51.42 -23.01 -22.44
N THR F 165 -51.36 -24.34 -22.39
CA THR F 165 -51.51 -25.05 -21.12
C THR F 165 -50.46 -24.65 -20.10
N LYS F 166 -49.19 -24.75 -20.49
CA LYS F 166 -48.06 -24.40 -19.63
C LYS F 166 -47.99 -22.89 -19.37
N PHE F 167 -48.29 -22.12 -20.42
CA PHE F 167 -48.25 -20.68 -20.29
C PHE F 167 -49.59 -20.06 -20.67
N PRO F 168 -50.51 -19.97 -19.69
CA PRO F 168 -51.86 -19.41 -19.82
C PRO F 168 -51.87 -17.91 -20.06
N ILE F 169 -51.16 -17.46 -21.08
CA ILE F 169 -51.12 -16.03 -21.39
C ILE F 169 -52.22 -15.74 -22.39
N VAL F 170 -53.06 -14.77 -22.06
CA VAL F 170 -54.17 -14.39 -22.95
C VAL F 170 -53.64 -14.02 -24.33
N ASN F 171 -52.60 -13.18 -24.37
CA ASN F 171 -52.01 -12.75 -25.63
C ASN F 171 -51.11 -13.82 -26.23
N ALA F 172 -51.38 -14.19 -27.48
CA ALA F 172 -50.60 -15.22 -28.14
C ALA F 172 -49.64 -14.62 -29.14
N GLU F 173 -49.62 -13.30 -29.20
CA GLU F 173 -48.74 -12.56 -30.10
C GLU F 173 -47.51 -12.11 -29.30
N LEU F 174 -47.34 -12.71 -28.14
CA LEU F 174 -46.24 -12.36 -27.24
C LEU F 174 -44.95 -13.14 -27.50
N SER F 175 -43.82 -12.42 -27.46
CA SER F 175 -42.51 -13.03 -27.69
C SER F 175 -41.60 -12.87 -26.47
N PHE F 176 -40.73 -13.85 -26.25
CA PHE F 176 -39.83 -13.86 -25.10
C PHE F 176 -38.35 -13.97 -25.43
N PHE F 177 -37.51 -13.64 -24.44
CA PHE F 177 -36.04 -13.65 -24.56
C PHE F 177 -35.34 -14.91 -24.08
N GLY F 178 -34.33 -15.33 -24.82
CA GLY F 178 -33.61 -16.55 -24.46
C GLY F 178 -32.15 -16.44 -24.09
N HIS F 179 -31.57 -17.58 -23.75
CA HIS F 179 -30.18 -17.68 -23.33
C HIS F 179 -29.34 -18.49 -24.31
N ALA F 180 -29.40 -19.81 -24.17
CA ALA F 180 -28.70 -20.77 -25.05
C ALA F 180 -27.27 -21.21 -24.72
N HIS F 181 -26.63 -20.61 -23.72
CA HIS F 181 -25.27 -20.99 -23.36
C HIS F 181 -25.25 -22.10 -22.31
N LEU F 182 -24.70 -23.24 -22.68
CA LEU F 182 -24.64 -24.37 -21.76
C LEU F 182 -23.56 -24.14 -20.72
N GLY F 183 -23.69 -23.03 -20.01
CA GLY F 183 -22.72 -22.70 -18.99
C GLY F 183 -23.12 -21.50 -18.17
N THR F 184 -22.14 -20.82 -17.59
CA THR F 184 -22.46 -19.67 -16.77
C THR F 184 -21.47 -18.55 -17.06
N GLY F 185 -21.98 -17.38 -17.41
CA GLY F 185 -21.13 -16.24 -17.69
C GLY F 185 -20.64 -16.13 -19.12
N ASP F 186 -19.80 -15.13 -19.39
CA ASP F 186 -19.24 -14.92 -20.71
C ASP F 186 -18.68 -16.25 -21.19
N PRO F 187 -19.14 -16.74 -22.36
CA PRO F 187 -18.70 -18.01 -22.96
C PRO F 187 -17.35 -18.05 -23.63
N TYR F 188 -16.44 -17.15 -23.24
CA TYR F 188 -15.10 -17.11 -23.84
C TYR F 188 -14.04 -16.90 -22.74
N THR F 189 -14.50 -16.80 -21.50
CA THR F 189 -13.62 -16.60 -20.35
C THR F 189 -13.94 -17.61 -19.27
N PRO F 190 -13.87 -18.95 -19.59
CA PRO F 190 -14.14 -20.10 -18.70
C PRO F 190 -13.13 -20.37 -17.58
N GLY F 191 -13.47 -19.96 -16.36
CA GLY F 191 -12.58 -20.14 -15.23
C GLY F 191 -11.72 -18.92 -14.95
N PHE F 192 -11.34 -18.21 -16.01
CA PHE F 192 -10.53 -17.00 -15.86
C PHE F 192 -11.30 -15.77 -16.34
N PRO F 193 -11.12 -14.62 -15.69
CA PRO F 193 -11.82 -13.40 -16.09
C PRO F 193 -11.52 -12.90 -17.50
N SER F 194 -12.40 -12.06 -18.01
CA SER F 194 -12.28 -11.51 -19.36
C SER F 194 -11.47 -10.21 -19.40
N PHE F 195 -11.22 -9.73 -20.62
CA PHE F 195 -10.49 -8.49 -20.81
C PHE F 195 -11.24 -7.55 -21.76
N ASN F 196 -10.54 -7.02 -22.74
CA ASN F 196 -11.10 -6.13 -23.74
C ASN F 196 -11.50 -7.07 -24.85
N HIS F 197 -11.88 -6.50 -26.00
CA HIS F 197 -12.20 -7.32 -27.15
C HIS F 197 -10.90 -7.22 -27.94
N THR F 198 -10.31 -6.04 -27.87
CA THR F 198 -9.06 -5.74 -28.55
C THR F 198 -8.06 -6.81 -28.15
N GLN F 199 -8.16 -7.25 -26.92
CA GLN F 199 -7.28 -8.28 -26.39
C GLN F 199 -8.10 -9.53 -26.12
N PHE F 200 -7.56 -10.70 -26.46
CA PHE F 200 -8.27 -11.96 -26.24
C PHE F 200 -9.68 -11.88 -26.82
N PRO F 201 -9.81 -11.95 -28.16
CA PRO F 201 -11.13 -11.87 -28.79
C PRO F 201 -11.67 -13.10 -29.52
N PRO F 202 -11.45 -14.32 -28.99
CA PRO F 202 -12.00 -15.48 -29.72
C PRO F 202 -13.48 -15.29 -30.07
N SER F 203 -13.92 -15.96 -31.12
CA SER F 203 -15.30 -15.85 -31.61
C SER F 203 -16.34 -16.55 -30.75
N ARG F 204 -16.32 -17.88 -30.73
CA ARG F 204 -17.28 -18.64 -29.91
C ARG F 204 -17.12 -20.16 -29.98
N SER F 205 -18.26 -20.86 -29.93
CA SER F 205 -18.33 -22.33 -29.97
C SER F 205 -17.64 -22.99 -28.77
N SER F 206 -17.17 -22.14 -27.84
CA SER F 206 -16.51 -22.59 -26.64
C SER F 206 -17.58 -22.99 -25.63
N GLY F 207 -18.45 -23.92 -26.04
CA GLY F 207 -19.55 -24.36 -25.19
C GLY F 207 -20.83 -23.68 -25.62
N LEU F 208 -20.85 -23.21 -26.88
CA LEU F 208 -22.01 -22.53 -27.45
C LEU F 208 -22.63 -23.32 -28.60
N PRO F 209 -23.97 -23.30 -28.69
CA PRO F 209 -24.84 -23.95 -29.68
C PRO F 209 -24.26 -24.49 -30.97
N ASN F 210 -23.98 -23.60 -31.91
CA ASN F 210 -23.47 -24.02 -33.22
C ASN F 210 -24.67 -24.48 -34.05
N ILE F 211 -25.85 -24.16 -33.55
CA ILE F 211 -27.12 -24.47 -34.19
C ILE F 211 -28.05 -23.29 -33.92
N PRO F 212 -28.63 -22.69 -34.95
CA PRO F 212 -29.52 -21.55 -34.75
C PRO F 212 -30.68 -21.87 -33.81
N VAL F 213 -30.93 -20.99 -32.86
CA VAL F 213 -32.03 -21.17 -31.90
C VAL F 213 -32.86 -19.91 -31.89
N GLN F 214 -34.17 -20.05 -32.14
CA GLN F 214 -35.03 -18.89 -32.17
C GLN F 214 -36.32 -19.05 -31.38
N THR F 215 -36.62 -18.05 -30.56
CA THR F 215 -37.84 -18.09 -29.77
C THR F 215 -38.99 -17.71 -30.71
N ILE F 216 -40.12 -18.37 -30.57
CA ILE F 216 -41.30 -18.13 -31.43
C ILE F 216 -42.58 -17.87 -30.62
N SER F 217 -43.42 -16.97 -31.11
CA SER F 217 -44.67 -16.63 -30.44
C SER F 217 -45.70 -17.74 -30.60
N ARG F 218 -46.52 -17.98 -29.57
CA ARG F 218 -47.54 -19.03 -29.65
C ARG F 218 -48.28 -18.95 -30.98
N ALA F 219 -48.68 -17.74 -31.34
CA ALA F 219 -49.39 -17.51 -32.58
C ALA F 219 -48.63 -18.17 -33.73
N ALA F 220 -47.33 -17.89 -33.80
CA ALA F 220 -46.50 -18.44 -34.86
C ALA F 220 -46.49 -19.96 -34.75
N ALA F 221 -46.43 -20.46 -33.53
CA ALA F 221 -46.43 -21.90 -33.31
C ALA F 221 -47.69 -22.47 -33.95
N GLU F 222 -48.83 -21.84 -33.63
CA GLU F 222 -50.11 -22.27 -34.16
C GLU F 222 -49.96 -22.53 -35.65
N LYS F 223 -49.52 -21.51 -36.37
CA LYS F 223 -49.34 -21.60 -37.82
C LYS F 223 -48.45 -22.76 -38.26
N LEU F 224 -47.33 -22.94 -37.57
CA LEU F 224 -46.42 -24.02 -37.92
C LEU F 224 -47.17 -25.34 -37.89
N PHE F 225 -47.80 -25.61 -36.76
CA PHE F 225 -48.57 -26.83 -36.58
C PHE F 225 -49.62 -26.90 -37.69
N GLY F 226 -50.11 -25.75 -38.09
CA GLY F 226 -51.11 -25.70 -39.15
C GLY F 226 -50.60 -26.40 -40.39
N ASN F 227 -49.28 -26.36 -40.59
CA ASN F 227 -48.67 -26.99 -41.75
C ASN F 227 -47.92 -28.25 -41.37
N MET F 228 -48.52 -29.06 -40.51
CA MET F 228 -47.91 -30.30 -40.08
C MET F 228 -48.93 -31.42 -40.07
N GLU F 229 -48.51 -32.59 -40.57
CA GLU F 229 -49.36 -33.78 -40.67
C GLU F 229 -49.49 -34.51 -39.34
N GLY F 230 -48.36 -34.84 -38.72
CA GLY F 230 -48.38 -35.56 -37.46
C GLY F 230 -49.38 -35.06 -36.43
N ASP F 231 -49.64 -35.86 -35.40
CA ASP F 231 -50.58 -35.47 -34.35
C ASP F 231 -50.00 -35.60 -32.93
N CYS F 232 -50.08 -34.50 -32.19
CA CYS F 232 -49.57 -34.41 -30.82
C CYS F 232 -50.18 -35.41 -29.83
N PRO F 233 -49.33 -36.19 -29.12
CA PRO F 233 -49.69 -37.21 -28.13
C PRO F 233 -50.30 -36.69 -26.83
N SER F 234 -50.94 -37.59 -26.10
CA SER F 234 -51.56 -37.26 -24.82
C SER F 234 -50.52 -37.45 -23.74
N ASP F 235 -49.49 -38.23 -24.07
CA ASP F 235 -48.38 -38.50 -23.15
C ASP F 235 -47.95 -37.10 -22.72
N TRP F 236 -47.79 -36.22 -23.72
CA TRP F 236 -47.41 -34.83 -23.49
C TRP F 236 -48.54 -34.20 -22.68
N LYS F 237 -48.27 -33.85 -21.42
CA LYS F 237 -49.29 -33.24 -20.57
C LYS F 237 -49.55 -31.83 -21.12
N THR F 238 -50.12 -31.79 -22.31
CA THR F 238 -50.44 -30.55 -22.99
C THR F 238 -51.91 -30.58 -23.37
N ASP F 239 -52.24 -29.88 -24.45
CA ASP F 239 -53.61 -29.84 -24.97
C ASP F 239 -53.56 -29.65 -26.49
N SER F 240 -54.60 -30.15 -27.14
CA SER F 240 -54.78 -30.11 -28.60
C SER F 240 -54.17 -28.93 -29.34
N THR F 241 -54.10 -29.07 -30.66
CA THR F 241 -53.59 -28.07 -31.61
C THR F 241 -52.26 -28.40 -32.25
N CYS F 242 -51.30 -28.93 -31.50
CA CYS F 242 -50.00 -29.22 -32.11
C CYS F 242 -49.90 -30.53 -32.86
N ARG F 243 -48.93 -30.58 -33.76
CA ARG F 243 -48.67 -31.77 -34.55
C ARG F 243 -47.34 -32.32 -34.08
N MET F 244 -46.74 -33.21 -34.87
CA MET F 244 -45.46 -33.80 -34.53
C MET F 244 -44.46 -33.52 -35.64
N VAL F 245 -44.93 -33.52 -36.88
CA VAL F 245 -44.08 -33.27 -38.03
C VAL F 245 -44.83 -32.46 -39.06
N THR F 246 -44.10 -31.60 -39.77
CA THR F 246 -44.68 -30.76 -40.81
C THR F 246 -45.21 -31.66 -41.92
N SER F 247 -46.22 -31.18 -42.64
CA SER F 247 -46.76 -31.96 -43.74
C SER F 247 -45.69 -32.09 -44.82
N GLU F 248 -45.33 -33.34 -45.12
CA GLU F 248 -44.31 -33.65 -46.12
C GLU F 248 -44.31 -32.66 -47.27
N SER F 249 -45.49 -32.36 -47.80
CA SER F 249 -45.64 -31.43 -48.91
C SER F 249 -44.65 -30.26 -48.88
N LYS F 250 -44.26 -29.84 -47.68
CA LYS F 250 -43.34 -28.72 -47.54
C LYS F 250 -42.66 -28.63 -46.17
N ASN F 251 -41.56 -27.85 -46.11
CA ASN F 251 -40.79 -27.67 -44.88
C ASN F 251 -40.68 -26.22 -44.41
N VAL F 252 -39.85 -25.99 -43.40
CA VAL F 252 -39.65 -24.65 -42.83
C VAL F 252 -38.19 -24.19 -42.80
N LYS F 253 -37.98 -22.88 -42.93
CA LYS F 253 -36.65 -22.31 -42.93
C LYS F 253 -36.46 -21.30 -41.80
N LEU F 254 -35.42 -21.51 -40.99
CA LEU F 254 -35.11 -20.62 -39.87
C LEU F 254 -33.90 -19.78 -40.22
N THR F 255 -34.02 -18.48 -39.99
CA THR F 255 -32.93 -17.55 -40.30
C THR F 255 -32.68 -16.58 -39.15
N VAL F 256 -31.58 -16.77 -38.43
CA VAL F 256 -31.23 -15.91 -37.31
C VAL F 256 -29.92 -15.19 -37.54
N SER F 257 -30.00 -13.87 -37.54
CA SER F 257 -28.84 -13.02 -37.73
C SER F 257 -28.63 -12.19 -36.48
N ASN F 258 -27.82 -12.71 -35.57
CA ASN F 258 -27.52 -12.00 -34.33
C ASN F 258 -26.05 -11.66 -34.32
N VAL F 259 -25.69 -10.62 -33.57
CA VAL F 259 -24.30 -10.20 -33.52
C VAL F 259 -23.82 -10.02 -32.10
N LEU F 260 -22.53 -10.26 -31.89
CA LEU F 260 -21.94 -10.10 -30.58
C LEU F 260 -21.77 -8.61 -30.32
N LYS F 261 -21.78 -8.20 -29.06
CA LYS F 261 -21.64 -6.80 -28.73
C LYS F 261 -20.99 -6.61 -27.36
N GLU F 262 -19.70 -6.26 -27.36
CA GLU F 262 -18.99 -6.06 -26.10
C GLU F 262 -19.65 -4.95 -25.29
N ILE F 263 -20.07 -5.27 -24.07
CA ILE F 263 -20.70 -4.31 -23.20
C ILE F 263 -19.90 -4.19 -21.91
N LYS F 264 -20.20 -3.20 -21.09
CA LYS F 264 -19.47 -3.05 -19.84
C LYS F 264 -20.39 -3.34 -18.67
N ILE F 265 -20.27 -4.54 -18.11
CA ILE F 265 -21.09 -4.97 -16.98
C ILE F 265 -20.64 -4.24 -15.73
N LEU F 266 -21.57 -3.94 -14.83
CA LEU F 266 -21.20 -3.24 -13.63
C LEU F 266 -21.78 -3.85 -12.33
N ASN F 267 -20.98 -4.65 -11.62
CA ASN F 267 -21.44 -5.24 -10.37
C ASN F 267 -21.23 -4.24 -9.24
N ILE F 268 -22.22 -4.09 -8.37
CA ILE F 268 -22.14 -3.15 -7.27
C ILE F 268 -22.13 -3.85 -5.92
N PHE F 269 -21.07 -3.64 -5.15
CA PHE F 269 -20.98 -4.28 -3.83
C PHE F 269 -21.33 -3.37 -2.65
N GLY F 270 -20.91 -3.75 -1.45
CA GLY F 270 -21.20 -2.98 -0.26
C GLY F 270 -21.22 -3.96 0.91
N VAL F 271 -20.29 -3.81 1.84
CA VAL F 271 -20.22 -4.74 2.97
C VAL F 271 -20.58 -4.14 4.32
N ILE F 272 -20.63 -5.00 5.32
CA ILE F 272 -20.91 -4.61 6.71
C ILE F 272 -19.90 -5.36 7.55
N LYS F 273 -18.70 -4.79 7.68
CA LYS F 273 -17.61 -5.39 8.45
C LYS F 273 -18.06 -6.10 9.72
N GLY F 274 -17.49 -7.28 9.97
CA GLY F 274 -17.86 -8.04 11.15
C GLY F 274 -17.09 -7.57 12.36
N PHE F 275 -17.28 -8.21 13.51
CA PHE F 275 -16.60 -7.82 14.73
C PHE F 275 -15.53 -8.77 15.24
N VAL F 276 -15.57 -10.03 14.80
CA VAL F 276 -14.58 -11.00 15.26
C VAL F 276 -13.85 -11.70 14.12
N GLU F 277 -14.58 -12.01 13.05
CA GLU F 277 -14.00 -12.65 11.87
C GLU F 277 -14.34 -11.73 10.71
N PRO F 278 -14.02 -10.43 10.84
CA PRO F 278 -14.29 -9.43 9.80
C PRO F 278 -13.96 -9.85 8.38
N ASP F 279 -13.09 -10.84 8.21
CA ASP F 279 -12.71 -11.26 6.87
C ASP F 279 -13.36 -12.53 6.34
N HIS F 280 -14.46 -12.94 6.96
CA HIS F 280 -15.22 -14.11 6.52
C HIS F 280 -16.58 -13.52 6.20
N TYR F 281 -16.95 -13.54 4.92
CA TYR F 281 -18.21 -12.95 4.48
C TYR F 281 -19.37 -13.89 4.16
N VAL F 282 -20.55 -13.29 3.98
CA VAL F 282 -21.78 -14.01 3.63
C VAL F 282 -22.34 -13.32 2.40
N VAL F 283 -21.88 -13.70 1.21
CA VAL F 283 -22.34 -13.04 0.01
C VAL F 283 -23.85 -13.12 -0.23
N VAL F 284 -24.51 -11.96 -0.32
CA VAL F 284 -25.95 -11.89 -0.58
C VAL F 284 -26.12 -11.20 -1.93
N GLY F 285 -26.44 -11.99 -2.96
CA GLY F 285 -26.61 -11.43 -4.30
C GLY F 285 -28.03 -11.23 -4.82
N ALA F 286 -28.12 -10.59 -5.98
CA ALA F 286 -29.39 -10.30 -6.64
C ALA F 286 -29.22 -9.72 -8.04
N GLN F 287 -29.67 -10.46 -9.05
CA GLN F 287 -29.58 -10.02 -10.43
C GLN F 287 -30.21 -8.65 -10.56
N ARG F 288 -29.56 -7.76 -11.30
CA ARG F 288 -30.06 -6.41 -11.48
C ARG F 288 -30.47 -6.07 -12.90
N ASP F 289 -29.99 -6.82 -13.89
CA ASP F 289 -30.36 -6.53 -15.26
C ASP F 289 -31.54 -7.39 -15.67
N ALA F 290 -32.11 -7.10 -16.83
CA ALA F 290 -33.27 -7.84 -17.35
C ALA F 290 -33.56 -7.42 -18.78
N TRP F 291 -34.22 -8.28 -19.54
CA TRP F 291 -34.57 -7.95 -20.93
C TRP F 291 -35.74 -6.99 -20.94
N GLY F 292 -36.86 -7.43 -20.42
CA GLY F 292 -38.03 -6.57 -20.36
C GLY F 292 -37.89 -5.72 -19.12
N PRO F 293 -38.99 -5.33 -18.48
CA PRO F 293 -38.91 -4.51 -17.27
C PRO F 293 -38.53 -5.42 -16.12
N GLY F 294 -38.68 -6.71 -16.38
CA GLY F 294 -38.36 -7.74 -15.40
C GLY F 294 -38.61 -7.39 -13.95
N ALA F 295 -39.84 -7.03 -13.62
CA ALA F 295 -40.18 -6.68 -12.26
C ALA F 295 -39.97 -7.92 -11.40
N ALA F 296 -40.23 -9.09 -11.97
CA ALA F 296 -40.05 -10.36 -11.26
C ALA F 296 -38.62 -10.84 -11.43
N LYS F 297 -38.24 -11.08 -12.68
CA LYS F 297 -36.90 -11.54 -12.99
C LYS F 297 -35.81 -10.72 -12.30
N SER F 298 -36.03 -9.41 -12.14
CA SER F 298 -35.01 -8.57 -11.53
C SER F 298 -35.47 -7.56 -10.47
N GLY F 299 -36.74 -7.19 -10.53
CA GLY F 299 -37.25 -6.22 -9.57
C GLY F 299 -37.19 -6.69 -8.13
N VAL F 300 -38.12 -7.59 -7.78
CA VAL F 300 -38.22 -8.16 -6.44
C VAL F 300 -36.84 -8.44 -5.83
N GLY F 301 -35.94 -9.02 -6.62
CA GLY F 301 -34.61 -9.32 -6.12
C GLY F 301 -33.92 -8.07 -5.62
N THR F 302 -33.53 -7.20 -6.55
CA THR F 302 -32.86 -5.95 -6.23
C THR F 302 -33.63 -5.20 -5.15
N ALA F 303 -34.95 -5.29 -5.21
CA ALA F 303 -35.81 -4.63 -4.24
C ALA F 303 -35.42 -5.14 -2.86
N LEU F 304 -35.38 -6.47 -2.72
CA LEU F 304 -35.02 -7.10 -1.46
C LEU F 304 -33.58 -6.76 -1.08
N LEU F 305 -32.67 -6.92 -2.03
CA LEU F 305 -31.26 -6.66 -1.79
C LEU F 305 -31.09 -5.33 -1.08
N LEU F 306 -31.70 -4.29 -1.63
CA LEU F 306 -31.61 -2.95 -1.06
C LEU F 306 -32.23 -2.89 0.34
N LYS F 307 -33.52 -3.20 0.42
CA LYS F 307 -34.23 -3.16 1.69
C LYS F 307 -33.57 -4.04 2.75
N LEU F 308 -32.99 -5.14 2.30
CA LEU F 308 -32.34 -6.07 3.19
C LEU F 308 -31.00 -5.53 3.69
N ALA F 309 -30.33 -4.76 2.84
CA ALA F 309 -29.06 -4.18 3.22
C ALA F 309 -29.34 -3.00 4.13
N GLN F 310 -30.44 -2.30 3.83
CA GLN F 310 -30.86 -1.14 4.61
C GLN F 310 -31.09 -1.52 6.08
N MET F 311 -31.68 -2.70 6.29
CA MET F 311 -31.97 -3.17 7.63
C MET F 311 -30.75 -3.53 8.47
N PHE F 312 -29.94 -4.46 7.97
CA PHE F 312 -28.76 -4.88 8.73
C PHE F 312 -27.84 -3.75 9.12
N SER F 313 -27.59 -2.83 8.19
CA SER F 313 -26.74 -1.70 8.51
C SER F 313 -27.40 -0.98 9.68
N ASP F 314 -28.68 -0.71 9.55
CA ASP F 314 -29.42 -0.02 10.60
C ASP F 314 -29.27 -0.77 11.91
N MET F 315 -29.58 -2.07 11.89
CA MET F 315 -29.48 -2.90 13.09
C MET F 315 -28.11 -2.81 13.74
N VAL F 316 -27.07 -2.73 12.92
CA VAL F 316 -25.72 -2.65 13.46
C VAL F 316 -25.45 -1.32 14.15
N LEU F 317 -25.88 -0.22 13.56
CA LEU F 317 -25.66 1.09 14.14
C LEU F 317 -26.60 1.44 15.29
N LYS F 318 -27.90 1.33 15.04
CA LYS F 318 -28.91 1.69 16.03
C LYS F 318 -29.30 0.61 17.06
N ASP F 319 -29.57 -0.60 16.59
CA ASP F 319 -30.00 -1.68 17.47
C ASP F 319 -28.96 -2.52 18.22
N GLY F 320 -27.68 -2.28 17.98
CA GLY F 320 -26.65 -3.01 18.68
C GLY F 320 -26.28 -4.39 18.16
N PHE F 321 -26.74 -4.74 16.97
CA PHE F 321 -26.45 -6.03 16.36
C PHE F 321 -24.96 -6.09 16.01
N GLN F 322 -24.25 -7.07 16.55
CA GLN F 322 -22.82 -7.21 16.30
C GLN F 322 -22.42 -8.48 15.54
N PRO F 323 -22.78 -8.57 14.25
CA PRO F 323 -22.44 -9.73 13.41
C PRO F 323 -20.99 -10.13 13.60
N SER F 324 -20.74 -11.37 14.00
CA SER F 324 -19.36 -11.83 14.20
C SER F 324 -18.59 -11.97 12.91
N ARG F 325 -19.32 -12.03 11.80
CA ARG F 325 -18.71 -12.12 10.47
C ARG F 325 -19.38 -11.14 9.52
N SER F 326 -18.58 -10.50 8.68
CA SER F 326 -19.11 -9.51 7.75
C SER F 326 -20.12 -10.01 6.73
N ILE F 327 -20.98 -9.09 6.32
CA ILE F 327 -22.01 -9.37 5.33
C ILE F 327 -21.64 -8.54 4.11
N ILE F 328 -21.85 -9.08 2.91
CA ILE F 328 -21.52 -8.34 1.68
C ILE F 328 -22.59 -8.51 0.61
N PHE F 329 -23.40 -7.49 0.45
CA PHE F 329 -24.48 -7.52 -0.54
C PHE F 329 -23.91 -7.25 -1.92
N ALA F 330 -24.49 -7.85 -2.95
CA ALA F 330 -23.99 -7.62 -4.31
C ALA F 330 -25.10 -7.70 -5.34
N SER F 331 -25.20 -6.67 -6.17
CA SER F 331 -26.20 -6.63 -7.23
C SER F 331 -25.50 -6.88 -8.57
N TRP F 332 -25.54 -8.12 -9.06
CA TRP F 332 -24.86 -8.48 -10.31
C TRP F 332 -25.55 -7.88 -11.53
N SER F 333 -24.91 -8.03 -12.69
CA SER F 333 -25.46 -7.54 -13.94
C SER F 333 -25.16 -8.54 -15.05
N ALA F 334 -25.77 -8.33 -16.20
CA ALA F 334 -25.56 -9.24 -17.32
C ALA F 334 -25.95 -10.64 -16.89
N GLY F 335 -26.91 -10.72 -15.98
CA GLY F 335 -27.37 -11.99 -15.48
C GLY F 335 -28.23 -12.79 -16.44
N ASP F 336 -28.92 -12.12 -17.36
CA ASP F 336 -29.76 -12.83 -18.31
C ASP F 336 -28.93 -13.67 -19.27
N PHE F 337 -27.61 -13.51 -19.25
CA PHE F 337 -26.78 -14.27 -20.15
C PHE F 337 -25.96 -15.34 -19.45
N GLY F 338 -26.43 -15.79 -18.29
CA GLY F 338 -25.73 -16.82 -17.54
C GLY F 338 -25.00 -16.32 -16.32
N SER F 339 -25.60 -15.36 -15.62
CA SER F 339 -24.96 -14.82 -14.43
C SER F 339 -23.59 -14.24 -14.77
N VAL F 340 -23.39 -13.94 -16.06
CA VAL F 340 -22.13 -13.38 -16.56
C VAL F 340 -21.51 -12.39 -15.57
N GLY F 341 -22.34 -11.64 -14.88
CA GLY F 341 -21.84 -10.68 -13.92
C GLY F 341 -21.24 -11.38 -12.72
N ALA F 342 -22.08 -12.11 -12.00
CA ALA F 342 -21.62 -12.82 -10.81
C ALA F 342 -20.55 -13.87 -11.13
N THR F 343 -20.71 -14.59 -12.22
CA THR F 343 -19.75 -15.61 -12.56
C THR F 343 -18.33 -15.06 -12.76
N GLU F 344 -18.17 -14.07 -13.64
CA GLU F 344 -16.84 -13.51 -13.89
C GLU F 344 -16.25 -12.88 -12.65
N TRP F 345 -17.07 -12.62 -11.65
CA TRP F 345 -16.53 -12.09 -10.40
C TRP F 345 -15.82 -13.29 -9.77
N LEU F 346 -16.57 -14.38 -9.60
CA LEU F 346 -16.05 -15.62 -9.04
C LEU F 346 -14.82 -16.01 -9.84
N GLU F 347 -14.94 -15.98 -11.17
CA GLU F 347 -13.83 -16.32 -12.06
C GLU F 347 -12.59 -15.61 -11.50
N GLY F 348 -12.84 -14.48 -10.84
CA GLY F 348 -11.78 -13.65 -10.27
C GLY F 348 -11.01 -14.19 -9.10
N TYR F 349 -11.66 -14.98 -8.24
CA TYR F 349 -10.97 -15.57 -7.10
C TYR F 349 -11.00 -17.12 -7.23
N LEU F 350 -10.52 -17.60 -8.38
CA LEU F 350 -10.50 -19.02 -8.72
C LEU F 350 -10.04 -19.99 -7.64
N SER F 351 -9.24 -19.53 -6.70
CA SER F 351 -8.77 -20.45 -5.69
C SER F 351 -8.64 -19.84 -4.30
N SER F 352 -9.43 -18.81 -4.03
CA SER F 352 -9.36 -18.15 -2.74
C SER F 352 -10.70 -17.70 -2.18
N LEU F 353 -11.69 -17.55 -3.04
CA LEU F 353 -13.00 -17.10 -2.60
C LEU F 353 -13.52 -17.90 -1.40
N HIS F 354 -13.33 -19.21 -1.42
CA HIS F 354 -13.81 -20.03 -0.32
C HIS F 354 -13.10 -19.69 0.97
N LEU F 355 -11.92 -19.07 0.85
CA LEU F 355 -11.16 -18.64 2.02
C LEU F 355 -11.79 -17.37 2.57
N LYS F 356 -12.68 -16.77 1.77
CA LYS F 356 -13.34 -15.52 2.12
C LYS F 356 -14.86 -15.61 2.32
N ALA F 357 -15.57 -16.05 1.31
CA ALA F 357 -17.03 -16.16 1.41
C ALA F 357 -17.37 -17.57 1.88
N PHE F 358 -18.14 -17.69 2.97
CA PHE F 358 -18.50 -19.00 3.47
C PHE F 358 -19.91 -19.46 3.15
N THR F 359 -20.69 -18.60 2.51
CA THR F 359 -22.06 -18.94 2.13
C THR F 359 -22.60 -17.89 1.17
N TYR F 360 -23.35 -18.34 0.18
CA TYR F 360 -23.94 -17.40 -0.77
C TYR F 360 -25.46 -17.55 -0.81
N ILE F 361 -26.16 -16.50 -0.42
CA ILE F 361 -27.62 -16.48 -0.47
C ILE F 361 -27.96 -15.82 -1.80
N ASN F 362 -29.18 -16.02 -2.28
CA ASN F 362 -29.55 -15.44 -3.56
C ASN F 362 -31.03 -15.03 -3.55
N LEU F 363 -31.28 -13.77 -3.86
CA LEU F 363 -32.64 -13.26 -3.84
C LEU F 363 -33.40 -13.28 -5.16
N ASP F 364 -32.73 -13.65 -6.25
CA ASP F 364 -33.38 -13.70 -7.56
C ASP F 364 -34.70 -14.44 -7.47
N LYS F 365 -35.67 -14.00 -8.29
CA LYS F 365 -36.99 -14.59 -8.36
C LYS F 365 -37.51 -15.07 -7.03
N ALA F 366 -37.33 -14.27 -5.98
CA ALA F 366 -37.76 -14.65 -4.64
C ALA F 366 -39.27 -14.73 -4.51
N VAL F 367 -39.99 -13.83 -5.16
CA VAL F 367 -41.45 -13.85 -5.07
C VAL F 367 -42.10 -14.06 -6.43
N LEU F 368 -42.78 -15.18 -6.60
CA LEU F 368 -43.45 -15.48 -7.87
C LEU F 368 -44.86 -16.02 -7.66
N GLY F 369 -45.21 -16.28 -6.40
CA GLY F 369 -46.52 -16.81 -6.07
C GLY F 369 -46.82 -16.78 -4.58
N THR F 370 -47.77 -17.61 -4.14
CA THR F 370 -48.13 -17.67 -2.74
C THR F 370 -48.62 -19.04 -2.32
N SER F 371 -48.33 -20.04 -3.13
CA SER F 371 -48.73 -21.40 -2.83
C SER F 371 -47.62 -22.21 -2.18
N ASN F 372 -46.59 -22.51 -2.98
CA ASN F 372 -45.48 -23.31 -2.49
C ASN F 372 -44.30 -22.49 -1.99
N PHE F 373 -43.26 -23.19 -1.55
CA PHE F 373 -42.04 -22.56 -1.06
C PHE F 373 -40.86 -23.45 -1.39
N LYS F 374 -40.52 -23.51 -2.68
CA LYS F 374 -39.40 -24.32 -3.15
C LYS F 374 -38.11 -23.78 -2.51
N VAL F 375 -37.14 -24.65 -2.29
CA VAL F 375 -35.86 -24.25 -1.69
C VAL F 375 -34.74 -25.12 -2.23
N SER F 376 -33.71 -24.50 -2.77
CA SER F 376 -32.59 -25.25 -3.32
C SER F 376 -31.32 -24.76 -2.65
N ALA F 377 -30.49 -25.71 -2.21
CA ALA F 377 -29.25 -25.36 -1.54
C ALA F 377 -28.30 -26.54 -1.40
N SER F 378 -27.13 -26.25 -0.84
CA SER F 378 -26.13 -27.27 -0.60
C SER F 378 -26.47 -27.90 0.72
N PRO F 379 -26.35 -29.22 0.82
CA PRO F 379 -26.67 -29.89 2.08
C PRO F 379 -26.10 -29.18 3.32
N LEU F 380 -25.05 -28.40 3.14
CA LEU F 380 -24.44 -27.71 4.27
C LEU F 380 -25.37 -26.72 4.92
N LEU F 381 -26.36 -26.23 4.17
CA LEU F 381 -27.32 -25.25 4.70
C LEU F 381 -28.69 -25.89 4.97
N TYR F 382 -28.72 -27.22 4.93
CA TYR F 382 -29.98 -27.92 5.13
C TYR F 382 -30.69 -27.59 6.43
N THR F 383 -29.98 -27.72 7.54
CA THR F 383 -30.58 -27.46 8.85
C THR F 383 -30.96 -26.01 9.06
N LEU F 384 -30.29 -25.09 8.36
CA LEU F 384 -30.63 -23.67 8.49
C LEU F 384 -31.94 -23.41 7.76
N ILE F 385 -32.07 -23.97 6.57
CA ILE F 385 -33.29 -23.83 5.79
C ILE F 385 -34.41 -24.38 6.66
N GLU F 386 -34.20 -25.57 7.20
CA GLU F 386 -35.20 -26.21 8.05
C GLU F 386 -35.60 -25.32 9.23
N LYS F 387 -34.73 -25.23 10.22
CA LYS F 387 -35.02 -24.43 11.41
C LYS F 387 -35.57 -23.05 11.12
N THR F 388 -35.28 -22.52 9.94
CA THR F 388 -35.78 -21.19 9.60
C THR F 388 -37.21 -21.30 9.11
N MET F 389 -37.50 -22.30 8.29
CA MET F 389 -38.85 -22.46 7.79
C MET F 389 -39.76 -22.75 8.98
N GLN F 390 -39.14 -22.93 10.13
CA GLN F 390 -39.86 -23.21 11.35
C GLN F 390 -40.07 -21.93 12.14
N ASN F 391 -39.43 -20.86 11.68
CA ASN F 391 -39.53 -19.55 12.34
C ASN F 391 -40.31 -18.52 11.53
N VAL F 392 -40.37 -18.72 10.21
CA VAL F 392 -41.05 -17.80 9.31
C VAL F 392 -42.43 -18.30 8.93
N LYS F 393 -43.42 -17.43 9.10
CA LYS F 393 -44.81 -17.78 8.77
C LYS F 393 -45.19 -17.30 7.38
N HIS F 394 -45.88 -18.16 6.63
CA HIS F 394 -46.32 -17.86 5.28
C HIS F 394 -47.04 -16.52 5.26
N PRO F 395 -46.80 -15.71 4.22
CA PRO F 395 -47.46 -14.40 4.15
C PRO F 395 -48.97 -14.47 4.10
N VAL F 396 -49.49 -15.40 3.31
CA VAL F 396 -50.93 -15.57 3.16
C VAL F 396 -51.54 -16.40 4.30
N THR F 397 -51.06 -17.63 4.45
CA THR F 397 -51.52 -18.54 5.50
C THR F 397 -50.87 -18.09 6.81
N GLY F 398 -51.63 -18.07 7.89
CA GLY F 398 -51.05 -17.66 9.15
C GLY F 398 -50.07 -18.68 9.72
N GLN F 399 -50.00 -19.84 9.09
CA GLN F 399 -49.14 -20.94 9.53
C GLN F 399 -47.69 -20.82 9.09
N PHE F 400 -46.82 -21.58 9.77
CA PHE F 400 -45.38 -21.59 9.48
C PHE F 400 -45.08 -22.29 8.17
N LEU F 401 -43.96 -21.92 7.56
CA LEU F 401 -43.53 -22.49 6.28
C LEU F 401 -43.27 -23.99 6.32
N TYR F 402 -42.70 -24.45 7.44
CA TYR F 402 -42.34 -25.86 7.64
C TYR F 402 -43.49 -26.84 7.83
N GLN F 403 -43.56 -27.84 6.95
CA GLN F 403 -44.61 -28.86 7.03
C GLN F 403 -44.34 -29.81 8.19
N ASP F 404 -44.95 -29.51 9.33
CA ASP F 404 -44.77 -30.29 10.54
C ASP F 404 -44.99 -31.80 10.43
N SER F 405 -45.58 -32.25 9.33
CA SER F 405 -45.83 -33.67 9.18
C SER F 405 -44.65 -34.49 8.72
N ASN F 406 -43.50 -33.84 8.50
CA ASN F 406 -42.32 -34.57 8.05
C ASN F 406 -41.13 -34.39 8.99
N TRP F 407 -40.09 -35.19 8.78
CA TRP F 407 -38.86 -35.08 9.56
C TRP F 407 -37.77 -34.87 8.53
N ALA F 408 -38.13 -35.13 7.28
CA ALA F 408 -37.21 -34.97 6.17
C ALA F 408 -37.86 -34.06 5.15
N SER F 409 -37.42 -32.81 5.11
CA SER F 409 -37.96 -31.82 4.18
C SER F 409 -37.36 -31.98 2.79
N LYS F 410 -37.94 -31.32 1.80
CA LYS F 410 -37.47 -31.41 0.43
C LYS F 410 -36.58 -30.25 0.05
N VAL F 411 -35.38 -30.56 -0.44
CA VAL F 411 -34.45 -29.54 -0.88
C VAL F 411 -34.06 -29.89 -2.30
N GLU F 412 -34.16 -28.91 -3.19
CA GLU F 412 -33.89 -29.10 -4.60
C GLU F 412 -32.46 -28.80 -4.97
N LYS F 413 -32.01 -29.37 -6.08
CA LYS F 413 -30.64 -29.16 -6.56
C LYS F 413 -30.53 -27.84 -7.30
N LEU F 414 -29.36 -27.20 -7.26
CA LEU F 414 -29.19 -25.92 -7.96
C LEU F 414 -29.03 -26.18 -9.46
N THR F 415 -29.73 -25.37 -10.26
CA THR F 415 -29.69 -25.50 -11.72
C THR F 415 -28.75 -24.53 -12.44
N LEU F 416 -28.27 -24.97 -13.58
CA LEU F 416 -27.35 -24.21 -14.40
C LEU F 416 -27.80 -22.77 -14.57
N ASP F 417 -29.09 -22.51 -14.38
CA ASP F 417 -29.59 -21.15 -14.55
C ASP F 417 -29.85 -20.39 -13.25
N ASN F 418 -28.97 -20.57 -12.26
CA ASN F 418 -29.14 -19.86 -11.00
C ASN F 418 -27.80 -19.36 -10.48
N ALA F 419 -27.68 -18.04 -10.41
CA ALA F 419 -26.47 -17.39 -9.93
C ALA F 419 -25.83 -18.14 -8.77
N ALA F 420 -26.66 -18.83 -8.00
CA ALA F 420 -26.16 -19.59 -6.87
C ALA F 420 -25.37 -20.80 -7.34
N PHE F 421 -25.78 -21.38 -8.46
CA PHE F 421 -25.11 -22.56 -9.01
C PHE F 421 -23.62 -22.37 -9.16
N PRO F 422 -23.20 -21.28 -9.82
CA PRO F 422 -21.76 -21.07 -9.99
C PRO F 422 -21.02 -20.98 -8.66
N PHE F 423 -21.59 -20.26 -7.70
CA PHE F 423 -20.95 -20.12 -6.39
C PHE F 423 -20.65 -21.46 -5.75
N LEU F 424 -21.55 -22.42 -5.94
CA LEU F 424 -21.41 -23.77 -5.38
C LEU F 424 -20.69 -24.77 -6.27
N ALA F 425 -21.09 -24.83 -7.53
CA ALA F 425 -20.48 -25.77 -8.45
C ALA F 425 -19.13 -25.38 -9.03
N TYR F 426 -18.78 -24.09 -8.93
CA TYR F 426 -17.50 -23.60 -9.47
C TYR F 426 -16.54 -23.05 -8.42
N SER F 427 -17.07 -22.23 -7.52
CA SER F 427 -16.28 -21.60 -6.47
C SER F 427 -16.25 -22.37 -5.17
N GLY F 428 -17.02 -23.46 -5.09
CA GLY F 428 -17.04 -24.26 -3.88
C GLY F 428 -17.60 -23.53 -2.67
N ILE F 429 -18.58 -22.66 -2.89
CA ILE F 429 -19.19 -21.93 -1.79
C ILE F 429 -20.58 -22.49 -1.58
N PRO F 430 -20.92 -22.87 -0.34
CA PRO F 430 -22.27 -23.40 -0.15
C PRO F 430 -23.27 -22.27 -0.40
N ALA F 431 -24.39 -22.58 -1.06
CA ALA F 431 -25.37 -21.56 -1.37
C ALA F 431 -26.80 -22.01 -1.32
N VAL F 432 -27.67 -21.13 -0.80
CA VAL F 432 -29.09 -21.40 -0.72
C VAL F 432 -29.80 -20.56 -1.77
N SER F 433 -31.07 -20.86 -2.00
CA SER F 433 -31.83 -20.12 -2.99
C SER F 433 -33.31 -20.44 -2.90
N PHE F 434 -34.04 -19.68 -2.08
CA PHE F 434 -35.48 -19.92 -1.90
C PHE F 434 -36.39 -19.24 -2.92
N CYS F 435 -37.64 -19.68 -2.95
CA CYS F 435 -38.62 -19.17 -3.89
C CYS F 435 -40.05 -19.38 -3.43
N PHE F 436 -40.84 -18.31 -3.34
CA PHE F 436 -42.23 -18.50 -2.97
C PHE F 436 -42.93 -18.86 -4.28
N CYS F 437 -42.38 -19.89 -4.92
CA CYS F 437 -42.83 -20.43 -6.19
C CYS F 437 -44.29 -20.90 -6.27
N GLU F 438 -44.69 -21.32 -7.46
CA GLU F 438 -46.03 -21.84 -7.74
C GLU F 438 -45.89 -23.12 -8.55
N ASP F 439 -46.93 -23.94 -8.60
CA ASP F 439 -46.87 -25.20 -9.35
C ASP F 439 -46.49 -24.92 -10.81
N THR F 440 -46.92 -23.76 -11.30
CA THR F 440 -46.64 -23.36 -12.67
C THR F 440 -45.73 -22.15 -12.63
N ASP F 441 -44.67 -22.17 -13.43
CA ASP F 441 -43.73 -21.05 -13.46
C ASP F 441 -44.36 -19.78 -14.03
N TYR F 442 -43.97 -18.64 -13.49
CA TYR F 442 -44.47 -17.33 -13.90
C TYR F 442 -44.36 -17.29 -15.43
N PRO F 443 -45.43 -16.88 -16.11
CA PRO F 443 -45.43 -16.82 -17.58
C PRO F 443 -44.68 -15.63 -18.18
N TYR F 444 -45.02 -14.44 -17.72
CA TYR F 444 -44.44 -13.20 -18.21
C TYR F 444 -42.93 -13.14 -18.01
N LEU F 445 -42.40 -14.07 -17.24
CA LEU F 445 -40.98 -14.11 -16.90
C LEU F 445 -39.99 -13.58 -17.94
N GLY F 446 -39.77 -14.32 -19.02
CA GLY F 446 -38.81 -13.88 -20.02
C GLY F 446 -39.36 -12.95 -21.11
N THR F 447 -40.43 -12.23 -20.80
CA THR F 447 -41.02 -11.35 -21.79
C THR F 447 -41.29 -9.94 -21.30
N THR F 448 -41.60 -9.06 -22.26
CA THR F 448 -41.89 -7.66 -21.98
C THR F 448 -43.08 -7.47 -21.06
N MET F 449 -43.67 -8.55 -20.60
CA MET F 449 -44.84 -8.46 -19.74
C MET F 449 -44.52 -8.54 -18.25
N ASP F 450 -43.25 -8.68 -17.91
CA ASP F 450 -42.82 -8.76 -16.51
C ASP F 450 -42.96 -7.40 -15.83
N THR F 451 -44.13 -6.78 -15.96
CA THR F 451 -44.36 -5.46 -15.37
C THR F 451 -44.80 -5.53 -13.92
N TYR F 452 -44.53 -4.45 -13.18
CA TYR F 452 -44.91 -4.39 -11.77
C TYR F 452 -46.41 -4.50 -11.66
N LYS F 453 -47.11 -4.11 -12.72
CA LYS F 453 -48.56 -4.17 -12.73
C LYS F 453 -49.05 -5.60 -12.86
N GLU F 454 -48.89 -6.18 -14.03
CA GLU F 454 -49.34 -7.55 -14.23
C GLU F 454 -48.86 -8.47 -13.12
N LEU F 455 -47.83 -8.06 -12.39
CA LEU F 455 -47.33 -8.88 -11.29
C LEU F 455 -48.32 -8.74 -10.14
N ILE F 456 -48.39 -7.55 -9.57
CA ILE F 456 -49.28 -7.28 -8.47
C ILE F 456 -50.75 -7.59 -8.81
N GLU F 457 -51.07 -7.68 -10.11
CA GLU F 457 -52.44 -7.99 -10.51
C GLU F 457 -52.59 -9.49 -10.33
N ARG F 458 -51.46 -10.18 -10.29
CA ARG F 458 -51.43 -11.62 -10.12
C ARG F 458 -50.95 -12.09 -8.75
N ILE F 459 -50.70 -11.15 -7.85
CA ILE F 459 -50.21 -11.49 -6.52
C ILE F 459 -50.48 -10.36 -5.52
N PRO F 460 -51.74 -9.92 -5.42
CA PRO F 460 -52.31 -8.86 -4.59
C PRO F 460 -51.54 -8.41 -3.36
N GLU F 461 -51.12 -9.35 -2.52
CA GLU F 461 -50.37 -8.98 -1.32
C GLU F 461 -48.85 -9.10 -1.50
N LEU F 462 -48.38 -8.81 -2.71
CA LEU F 462 -46.95 -8.87 -3.05
C LEU F 462 -46.07 -8.34 -1.94
N ASN F 463 -46.55 -7.33 -1.22
CA ASN F 463 -45.74 -6.76 -0.15
C ASN F 463 -45.48 -7.80 0.94
N LYS F 464 -46.54 -8.34 1.52
CA LYS F 464 -46.39 -9.34 2.57
C LYS F 464 -45.50 -10.49 2.11
N VAL F 465 -45.72 -10.98 0.89
CA VAL F 465 -44.94 -12.09 0.37
C VAL F 465 -43.46 -11.74 0.33
N ALA F 466 -43.14 -10.65 -0.36
CA ALA F 466 -41.76 -10.20 -0.44
C ALA F 466 -41.18 -10.09 0.96
N ARG F 467 -41.98 -9.59 1.90
CA ARG F 467 -41.54 -9.45 3.28
C ARG F 467 -41.05 -10.78 3.84
N ALA F 468 -41.86 -11.82 3.67
CA ALA F 468 -41.49 -13.15 4.16
C ALA F 468 -40.13 -13.53 3.57
N ALA F 469 -40.04 -13.48 2.24
CA ALA F 469 -38.81 -13.81 1.53
C ALA F 469 -37.66 -13.04 2.16
N ALA F 470 -37.88 -11.76 2.40
CA ALA F 470 -36.87 -10.92 3.00
C ALA F 470 -36.61 -11.36 4.41
N GLU F 471 -37.55 -12.08 5.01
CA GLU F 471 -37.36 -12.54 6.37
C GLU F 471 -36.51 -13.80 6.42
N VAL F 472 -36.84 -14.78 5.58
CA VAL F 472 -36.04 -16.01 5.56
C VAL F 472 -34.63 -15.63 5.16
N ALA F 473 -34.51 -14.69 4.22
CA ALA F 473 -33.19 -14.25 3.77
C ALA F 473 -32.46 -13.61 4.94
N GLY F 474 -33.19 -12.82 5.71
CA GLY F 474 -32.60 -12.14 6.86
C GLY F 474 -32.08 -13.10 7.91
N GLN F 475 -32.95 -13.98 8.39
CA GLN F 475 -32.54 -14.94 9.40
C GLN F 475 -31.31 -15.71 8.96
N PHE F 476 -31.28 -16.16 7.70
CA PHE F 476 -30.11 -16.88 7.18
C PHE F 476 -28.88 -16.05 7.55
N VAL F 477 -28.91 -14.76 7.22
CA VAL F 477 -27.80 -13.88 7.50
C VAL F 477 -27.54 -13.76 8.99
N ILE F 478 -28.57 -13.43 9.76
CA ILE F 478 -28.40 -13.30 11.20
C ILE F 478 -27.78 -14.58 11.72
N LYS F 479 -28.40 -15.71 11.39
CA LYS F 479 -27.93 -17.02 11.82
C LYS F 479 -26.50 -17.33 11.43
N LEU F 480 -26.14 -17.04 10.18
CA LEU F 480 -24.79 -17.34 9.71
C LEU F 480 -23.75 -16.38 10.30
N THR F 481 -24.21 -15.47 11.16
CA THR F 481 -23.29 -14.50 11.77
C THR F 481 -23.40 -14.36 13.30
N HIS F 482 -24.64 -14.28 13.79
CA HIS F 482 -24.95 -14.14 15.22
C HIS F 482 -23.94 -14.82 16.17
N ASP F 483 -23.75 -16.13 16.01
CA ASP F 483 -22.87 -16.92 16.87
C ASP F 483 -21.43 -17.01 16.39
N VAL F 484 -20.56 -17.42 17.31
CA VAL F 484 -19.14 -17.56 17.05
C VAL F 484 -18.75 -18.82 16.28
N GLU F 485 -19.54 -19.88 16.42
CA GLU F 485 -19.25 -21.11 15.71
C GLU F 485 -19.84 -21.00 14.31
N LEU F 486 -19.07 -21.32 13.28
CA LEU F 486 -19.55 -21.26 11.90
C LEU F 486 -20.51 -22.44 11.77
N ASN F 487 -21.80 -22.17 11.69
CA ASN F 487 -22.80 -23.25 11.61
C ASN F 487 -23.14 -23.79 10.23
N LEU F 488 -22.34 -24.75 9.75
CA LEU F 488 -22.60 -25.39 8.47
C LEU F 488 -22.66 -26.89 8.71
N ASP F 489 -23.63 -27.54 8.09
CA ASP F 489 -23.82 -28.98 8.25
C ASP F 489 -22.80 -29.84 7.52
N TYR F 490 -21.55 -29.84 7.95
CA TYR F 490 -20.57 -30.65 7.26
C TYR F 490 -20.83 -32.14 7.43
N GLU F 491 -21.82 -32.48 8.26
CA GLU F 491 -22.19 -33.88 8.50
C GLU F 491 -23.00 -34.41 7.34
N GLU F 492 -24.01 -33.64 6.94
CA GLU F 492 -24.89 -34.02 5.85
C GLU F 492 -24.11 -34.59 4.66
N TYR F 493 -22.81 -34.35 4.59
CA TYR F 493 -22.04 -34.89 3.49
C TYR F 493 -21.67 -36.35 3.73
N ASN F 494 -21.73 -36.78 4.99
CA ASN F 494 -21.44 -38.17 5.30
C ASN F 494 -22.55 -38.94 4.65
N SER F 495 -23.76 -38.45 4.86
CA SER F 495 -24.94 -39.07 4.29
C SER F 495 -24.81 -39.00 2.79
N GLN F 496 -24.59 -37.80 2.27
CA GLN F 496 -24.44 -37.61 0.84
C GLN F 496 -23.42 -38.55 0.23
N LEU F 497 -22.38 -38.86 0.98
CA LEU F 497 -21.33 -39.73 0.49
C LEU F 497 -21.77 -41.19 0.62
N LEU F 498 -22.44 -41.54 1.71
CA LEU F 498 -22.92 -42.91 1.91
C LEU F 498 -23.93 -43.30 0.83
N SER F 499 -24.85 -42.39 0.53
CA SER F 499 -25.87 -42.63 -0.48
C SER F 499 -25.19 -43.05 -1.78
N PHE F 500 -24.09 -42.39 -2.11
CA PHE F 500 -23.31 -42.72 -3.30
C PHE F 500 -22.86 -44.16 -3.18
N VAL F 501 -22.06 -44.44 -2.16
CA VAL F 501 -21.56 -45.79 -1.93
C VAL F 501 -22.67 -46.79 -2.11
N ARG F 502 -23.82 -46.51 -1.53
CA ARG F 502 -24.96 -47.41 -1.65
C ARG F 502 -25.30 -47.62 -3.11
N ASP F 503 -25.79 -46.58 -3.76
CA ASP F 503 -26.17 -46.67 -5.16
C ASP F 503 -25.08 -47.37 -5.97
N LEU F 504 -23.83 -47.19 -5.58
CA LEU F 504 -22.74 -47.83 -6.31
C LEU F 504 -22.70 -49.34 -6.08
N ASN F 505 -23.08 -49.77 -4.88
CA ASN F 505 -23.08 -51.20 -4.57
C ASN F 505 -24.11 -52.00 -5.35
N GLN F 506 -25.04 -51.31 -5.99
CA GLN F 506 -26.05 -51.99 -6.78
C GLN F 506 -25.43 -52.53 -8.06
N TYR F 507 -24.15 -52.21 -8.26
CA TYR F 507 -23.42 -52.67 -9.45
C TYR F 507 -22.21 -53.48 -9.03
N ARG F 508 -22.22 -53.93 -7.78
CA ARG F 508 -21.11 -54.70 -7.24
C ARG F 508 -20.82 -55.89 -8.15
N ALA F 509 -21.82 -56.27 -8.93
CA ALA F 509 -21.69 -57.38 -9.87
C ALA F 509 -20.75 -56.95 -10.99
N ASP F 510 -21.07 -55.82 -11.63
CA ASP F 510 -20.24 -55.28 -12.71
C ASP F 510 -18.86 -54.98 -12.16
N ILE F 511 -18.83 -54.34 -11.01
CA ILE F 511 -17.57 -54.00 -10.37
C ILE F 511 -16.73 -55.26 -10.23
N LYS F 512 -17.38 -56.41 -10.10
CA LYS F 512 -16.66 -57.66 -9.94
C LYS F 512 -16.15 -58.23 -11.25
N GLU F 513 -16.97 -58.18 -12.29
CA GLU F 513 -16.53 -58.71 -13.58
C GLU F 513 -15.21 -58.02 -13.91
N MET F 514 -15.13 -56.74 -13.57
CA MET F 514 -13.92 -55.96 -13.78
C MET F 514 -13.10 -56.24 -12.51
N GLY F 515 -11.79 -56.25 -12.62
CA GLY F 515 -10.96 -56.54 -11.46
C GLY F 515 -11.08 -55.59 -10.28
N LEU F 516 -11.83 -54.50 -10.45
CA LEU F 516 -12.03 -53.50 -9.42
C LEU F 516 -12.35 -54.02 -8.02
N SER F 517 -11.65 -53.49 -7.03
CA SER F 517 -11.83 -53.88 -5.64
C SER F 517 -12.80 -52.97 -4.95
N LEU F 518 -12.94 -51.75 -5.46
CA LEU F 518 -13.86 -50.79 -4.86
C LEU F 518 -13.68 -50.68 -3.34
N GLN F 519 -12.54 -51.12 -2.84
CA GLN F 519 -12.27 -51.07 -1.41
C GLN F 519 -11.72 -49.70 -1.00
N TRP F 520 -10.91 -49.11 -1.88
CA TRP F 520 -10.30 -47.82 -1.61
C TRP F 520 -11.33 -46.74 -1.39
N LEU F 521 -12.49 -46.88 -2.02
CA LEU F 521 -13.57 -45.90 -1.89
C LEU F 521 -14.15 -45.90 -0.49
N TYR F 522 -14.40 -47.08 0.04
CA TYR F 522 -14.95 -47.19 1.39
C TYR F 522 -13.98 -46.56 2.37
N SER F 523 -12.71 -46.84 2.17
CA SER F 523 -11.68 -46.30 3.04
C SER F 523 -11.78 -44.77 3.04
N ALA F 524 -11.90 -44.18 1.86
CA ALA F 524 -12.02 -42.74 1.74
C ALA F 524 -13.26 -42.29 2.48
N ARG F 525 -14.40 -42.84 2.09
CA ARG F 525 -15.67 -42.51 2.72
C ARG F 525 -15.56 -42.56 4.24
N GLY F 526 -14.77 -43.51 4.72
CA GLY F 526 -14.59 -43.65 6.15
C GLY F 526 -13.57 -42.67 6.65
N ASP F 527 -12.42 -42.63 5.98
CA ASP F 527 -11.33 -41.74 6.35
C ASP F 527 -11.91 -40.33 6.46
N PHE F 528 -12.99 -40.06 5.74
CA PHE F 528 -13.64 -38.76 5.78
C PHE F 528 -14.60 -38.67 6.96
N PHE F 529 -15.32 -39.76 7.23
CA PHE F 529 -16.28 -39.79 8.33
C PHE F 529 -15.57 -39.42 9.63
N ARG F 530 -14.44 -40.08 9.89
CA ARG F 530 -13.69 -39.79 11.11
C ARG F 530 -13.38 -38.32 11.12
N ALA F 531 -12.81 -37.83 10.02
CA ALA F 531 -12.46 -36.42 9.91
C ALA F 531 -13.55 -35.54 10.48
N THR F 532 -14.79 -35.77 10.04
CA THR F 532 -15.93 -34.98 10.51
C THR F 532 -16.25 -35.25 11.97
N SER F 533 -15.99 -36.47 12.42
CA SER F 533 -16.22 -36.85 13.80
C SER F 533 -15.27 -36.13 14.73
N ARG F 534 -14.06 -35.88 14.26
CA ARG F 534 -13.09 -35.18 15.08
C ARG F 534 -13.53 -33.75 15.14
N LEU F 535 -13.70 -33.14 13.98
CA LEU F 535 -14.13 -31.76 13.91
C LEU F 535 -15.36 -31.61 14.78
N THR F 536 -16.34 -32.49 14.59
CA THR F 536 -17.57 -32.40 15.37
C THR F 536 -17.28 -32.54 16.86
N THR F 537 -16.14 -33.12 17.19
CA THR F 537 -15.73 -33.28 18.58
C THR F 537 -14.95 -32.06 19.03
N ASP F 538 -13.81 -31.82 18.38
CA ASP F 538 -12.97 -30.68 18.71
C ASP F 538 -13.79 -29.45 19.05
N PHE F 539 -14.86 -29.21 18.30
CA PHE F 539 -15.73 -28.06 18.54
C PHE F 539 -16.26 -28.07 19.95
N GLY F 540 -16.96 -29.15 20.28
CA GLY F 540 -17.53 -29.28 21.60
C GLY F 540 -16.55 -29.07 22.74
N ASN F 541 -15.31 -29.53 22.54
CA ASN F 541 -14.29 -29.39 23.57
C ASN F 541 -13.61 -28.01 23.58
N ALA F 542 -13.84 -27.22 22.53
CA ALA F 542 -13.26 -25.89 22.45
C ALA F 542 -14.25 -24.91 23.05
N GLU F 543 -13.72 -23.81 23.59
CA GLU F 543 -14.55 -22.77 24.22
C GLU F 543 -14.78 -21.59 23.31
N LYS F 544 -16.03 -21.16 23.25
CA LYS F 544 -16.43 -20.04 22.41
C LYS F 544 -15.75 -18.75 22.83
N THR F 545 -14.64 -18.89 23.56
CA THR F 545 -13.89 -17.73 24.04
C THR F 545 -12.50 -17.69 23.45
N ASP F 546 -11.97 -18.85 23.07
CA ASP F 546 -10.63 -18.89 22.50
C ASP F 546 -10.69 -18.56 21.01
N ARG F 547 -10.79 -17.28 20.71
CA ARG F 547 -10.87 -16.80 19.34
C ARG F 547 -9.92 -17.57 18.42
N PHE F 548 -8.84 -18.08 18.99
CA PHE F 548 -7.85 -18.82 18.21
C PHE F 548 -8.27 -20.24 17.85
N VAL F 549 -8.57 -21.06 18.86
CA VAL F 549 -8.95 -22.45 18.62
C VAL F 549 -10.23 -22.53 17.84
N MET F 550 -11.08 -21.52 17.98
CA MET F 550 -12.32 -21.52 17.24
C MET F 550 -12.04 -21.21 15.79
N LYS F 551 -11.24 -20.18 15.56
CA LYS F 551 -10.89 -19.80 14.21
C LYS F 551 -10.28 -20.99 13.49
N LYS F 552 -9.42 -21.73 14.16
CA LYS F 552 -8.79 -22.88 13.53
C LYS F 552 -9.81 -23.96 13.12
N LEU F 553 -10.92 -24.04 13.85
CA LEU F 553 -11.96 -25.02 13.54
C LEU F 553 -12.85 -24.51 12.43
N ASN F 554 -13.40 -23.31 12.61
CA ASN F 554 -14.27 -22.72 11.61
C ASN F 554 -13.62 -22.74 10.25
N ASP F 555 -12.30 -22.63 10.20
CA ASP F 555 -11.60 -22.66 8.93
C ASP F 555 -11.72 -24.03 8.30
N ARG F 556 -11.66 -25.06 9.15
CA ARG F 556 -11.78 -26.43 8.67
C ARG F 556 -13.16 -26.62 8.07
N VAL F 557 -14.18 -26.14 8.77
CA VAL F 557 -15.55 -26.22 8.29
C VAL F 557 -15.65 -25.54 6.93
N MET F 558 -15.00 -24.38 6.83
CA MET F 558 -15.02 -23.56 5.63
C MET F 558 -14.33 -24.21 4.43
N ARG F 559 -13.59 -25.29 4.68
CA ARG F 559 -12.88 -26.01 3.61
C ARG F 559 -13.76 -27.13 3.04
N VAL F 560 -14.59 -27.73 3.90
CA VAL F 560 -15.47 -28.82 3.52
C VAL F 560 -16.10 -28.75 2.14
N GLU F 561 -16.88 -27.69 1.88
CA GLU F 561 -17.54 -27.55 0.59
C GLU F 561 -16.62 -27.43 -0.59
N TYR F 562 -15.62 -26.56 -0.51
CA TYR F 562 -14.66 -26.39 -1.60
C TYR F 562 -13.91 -27.68 -1.96
N HIS F 563 -13.46 -28.41 -0.95
CA HIS F 563 -12.71 -29.64 -1.19
C HIS F 563 -13.43 -30.80 -1.88
N PHE F 564 -14.67 -30.59 -2.31
CA PHE F 564 -15.40 -31.63 -3.02
C PHE F 564 -15.41 -31.29 -4.50
N LEU F 565 -14.53 -30.37 -4.89
CA LEU F 565 -14.38 -29.97 -6.28
C LEU F 565 -13.19 -30.77 -6.83
N SER F 566 -13.43 -31.63 -7.81
CA SER F 566 -12.36 -32.45 -8.36
C SER F 566 -11.08 -31.70 -8.64
N PRO F 567 -10.04 -31.99 -7.86
CA PRO F 567 -8.78 -31.30 -8.09
C PRO F 567 -8.01 -31.94 -9.23
N TYR F 568 -8.73 -32.62 -10.12
CA TYR F 568 -8.07 -33.28 -11.24
C TYR F 568 -8.60 -32.82 -12.57
N VAL F 569 -9.44 -31.79 -12.56
CA VAL F 569 -10.00 -31.22 -13.79
C VAL F 569 -9.74 -29.74 -13.82
N SER F 570 -9.39 -29.20 -14.99
CA SER F 570 -9.10 -27.76 -15.11
C SER F 570 -10.33 -26.89 -15.28
N PRO F 571 -10.44 -25.83 -14.47
CA PRO F 571 -11.59 -24.93 -14.55
C PRO F 571 -11.78 -24.39 -15.97
N LYS F 572 -10.68 -24.29 -16.70
CA LYS F 572 -10.70 -23.77 -18.07
C LYS F 572 -11.46 -24.74 -18.96
N GLU F 573 -11.37 -26.03 -18.66
CA GLU F 573 -12.04 -27.06 -19.45
C GLU F 573 -13.43 -27.42 -18.93
N SER F 574 -13.51 -27.71 -17.64
CA SER F 574 -14.78 -28.07 -17.00
C SER F 574 -14.92 -27.27 -15.71
N PRO F 575 -15.47 -26.04 -15.80
CA PRO F 575 -15.69 -25.12 -14.69
C PRO F 575 -16.47 -25.63 -13.47
N PHE F 576 -17.44 -26.49 -13.66
CA PHE F 576 -18.22 -26.99 -12.53
C PHE F 576 -17.60 -28.27 -11.98
N ARG F 577 -16.49 -28.10 -11.25
CA ARG F 577 -15.75 -29.22 -10.70
C ARG F 577 -16.38 -30.00 -9.55
N HIS F 578 -17.38 -29.43 -8.89
CA HIS F 578 -17.98 -30.11 -7.74
C HIS F 578 -18.43 -31.52 -8.02
N VAL F 579 -17.69 -32.51 -7.52
CA VAL F 579 -18.03 -33.90 -7.75
C VAL F 579 -19.48 -34.23 -7.51
N PHE F 580 -20.11 -33.51 -6.58
CA PHE F 580 -21.53 -33.75 -6.26
C PHE F 580 -22.56 -32.96 -7.08
N TRP F 581 -22.31 -31.68 -7.30
CA TRP F 581 -23.28 -30.83 -8.02
C TRP F 581 -22.77 -30.27 -9.32
N GLY F 582 -21.53 -30.59 -9.66
CA GLY F 582 -20.97 -30.07 -10.88
C GLY F 582 -21.60 -30.65 -12.14
N SER F 583 -20.82 -30.64 -13.21
CA SER F 583 -21.24 -31.16 -14.51
C SER F 583 -19.98 -31.60 -15.23
N GLY F 584 -19.95 -32.83 -15.69
CA GLY F 584 -18.78 -33.34 -16.38
C GLY F 584 -18.54 -34.78 -16.00
N SER F 585 -17.51 -35.40 -16.58
CA SER F 585 -17.23 -36.80 -16.27
C SER F 585 -16.66 -36.97 -14.86
N HIS F 586 -16.21 -35.87 -14.27
CA HIS F 586 -15.65 -35.90 -12.91
C HIS F 586 -16.76 -35.98 -11.88
N THR F 587 -17.97 -35.64 -12.31
CA THR F 587 -19.18 -35.67 -11.49
C THR F 587 -19.35 -37.05 -10.88
N LEU F 588 -19.78 -37.09 -9.62
CA LEU F 588 -19.97 -38.38 -8.97
C LEU F 588 -21.14 -39.06 -9.67
N PRO F 589 -22.28 -38.37 -9.79
CA PRO F 589 -23.45 -38.93 -10.47
C PRO F 589 -23.08 -39.44 -11.85
N ALA F 590 -22.21 -38.71 -12.52
CA ALA F 590 -21.78 -39.10 -13.86
C ALA F 590 -21.11 -40.46 -13.88
N LEU F 591 -20.50 -40.84 -12.76
CA LEU F 591 -19.84 -42.14 -12.69
C LEU F 591 -20.88 -43.25 -12.83
N LEU F 592 -21.84 -43.26 -11.90
CA LEU F 592 -22.89 -44.26 -11.95
C LEU F 592 -23.52 -44.23 -13.32
N GLU F 593 -23.91 -43.04 -13.75
CA GLU F 593 -24.55 -42.84 -15.04
C GLU F 593 -23.82 -43.54 -16.19
N ASN F 594 -22.51 -43.78 -16.04
CA ASN F 594 -21.76 -44.45 -17.11
C ASN F 594 -21.81 -45.92 -16.84
N LEU F 595 -21.69 -46.29 -15.57
CA LEU F 595 -21.71 -47.68 -15.16
C LEU F 595 -23.05 -48.34 -15.47
N LYS F 596 -24.13 -47.58 -15.36
CA LYS F 596 -25.46 -48.12 -15.65
C LYS F 596 -25.46 -48.75 -17.05
N LEU F 597 -24.72 -48.12 -17.97
CA LEU F 597 -24.63 -48.58 -19.34
C LEU F 597 -23.93 -49.92 -19.51
N ARG F 598 -23.17 -50.33 -18.50
CA ARG F 598 -22.45 -51.60 -18.52
C ARG F 598 -23.39 -52.77 -18.87
N LYS F 599 -24.51 -52.83 -18.16
CA LYS F 599 -25.52 -53.88 -18.35
C LYS F 599 -26.07 -53.95 -19.78
N GLN F 600 -26.18 -52.80 -20.44
CA GLN F 600 -26.70 -52.75 -21.81
C GLN F 600 -25.89 -53.58 -22.80
N ASN F 601 -24.86 -54.25 -22.30
CA ASN F 601 -23.97 -55.11 -23.08
C ASN F 601 -23.40 -54.50 -24.37
N ASN F 602 -23.83 -53.28 -24.71
CA ASN F 602 -23.34 -52.59 -25.91
C ASN F 602 -22.05 -51.84 -25.59
N GLY F 603 -21.57 -51.05 -26.55
CA GLY F 603 -20.34 -50.31 -26.35
C GLY F 603 -20.53 -49.00 -25.63
N ALA F 604 -21.78 -48.62 -25.41
CA ALA F 604 -22.10 -47.37 -24.74
C ALA F 604 -21.26 -47.10 -23.48
N PHE F 605 -20.81 -48.17 -22.83
CA PHE F 605 -20.00 -48.07 -21.61
C PHE F 605 -18.51 -47.94 -21.94
N ASN F 606 -17.90 -46.83 -21.55
CA ASN F 606 -16.46 -46.63 -21.79
C ASN F 606 -15.81 -47.14 -20.52
N GLU F 607 -15.18 -48.31 -20.61
CA GLU F 607 -14.52 -48.90 -19.45
C GLU F 607 -13.34 -48.09 -18.96
N THR F 608 -12.45 -47.69 -19.86
CA THR F 608 -11.29 -46.92 -19.44
C THR F 608 -11.74 -45.64 -18.73
N LEU F 609 -12.83 -45.04 -19.19
CA LEU F 609 -13.36 -43.83 -18.56
C LEU F 609 -13.78 -44.15 -17.14
N PHE F 610 -14.56 -45.21 -16.96
CA PHE F 610 -15.00 -45.60 -15.63
C PHE F 610 -13.79 -45.78 -14.74
N ARG F 611 -12.94 -46.74 -15.09
CA ARG F 611 -11.73 -46.99 -14.32
C ARG F 611 -11.16 -45.73 -13.70
N ASN F 612 -10.99 -44.68 -14.49
CA ASN F 612 -10.46 -43.43 -13.95
C ASN F 612 -11.51 -42.77 -13.07
N GLN F 613 -12.70 -42.57 -13.63
CA GLN F 613 -13.77 -41.96 -12.87
C GLN F 613 -13.72 -42.44 -11.43
N LEU F 614 -13.82 -43.74 -11.25
CA LEU F 614 -13.78 -44.32 -9.93
C LEU F 614 -12.49 -43.94 -9.25
N ALA F 615 -11.36 -44.31 -9.88
CA ALA F 615 -10.04 -44.03 -9.34
C ALA F 615 -9.88 -42.62 -8.77
N LEU F 616 -10.16 -41.62 -9.59
CA LEU F 616 -10.04 -40.24 -9.15
C LEU F 616 -11.15 -39.89 -8.16
N ALA F 617 -12.40 -40.12 -8.53
CA ALA F 617 -13.52 -39.82 -7.64
C ALA F 617 -13.25 -40.36 -6.23
N THR F 618 -12.34 -41.32 -6.16
CA THR F 618 -11.97 -41.90 -4.87
C THR F 618 -11.02 -40.93 -4.20
N TRP F 619 -9.88 -40.70 -4.84
CA TRP F 619 -8.90 -39.77 -4.28
C TRP F 619 -9.46 -38.38 -4.04
N THR F 620 -10.53 -38.01 -4.74
CA THR F 620 -11.13 -36.70 -4.51
C THR F 620 -11.70 -36.73 -3.11
N ILE F 621 -12.51 -37.76 -2.85
CA ILE F 621 -13.14 -37.93 -1.56
C ILE F 621 -12.08 -38.11 -0.51
N GLN F 622 -11.10 -38.97 -0.80
CA GLN F 622 -9.99 -39.24 0.10
C GLN F 622 -9.37 -37.91 0.52
N GLY F 623 -8.94 -37.16 -0.49
CA GLY F 623 -8.33 -35.87 -0.24
C GLY F 623 -9.21 -34.99 0.61
N ALA F 624 -10.50 -34.94 0.28
CA ALA F 624 -11.43 -34.13 1.05
C ALA F 624 -11.28 -34.46 2.53
N ALA F 625 -10.96 -35.72 2.81
CA ALA F 625 -10.79 -36.17 4.17
C ALA F 625 -9.49 -35.65 4.73
N ASN F 626 -8.39 -35.97 4.08
CA ASN F 626 -7.08 -35.51 4.53
C ASN F 626 -7.01 -34.00 4.72
N ALA F 627 -7.88 -33.27 4.02
CA ALA F 627 -7.87 -31.84 4.15
C ALA F 627 -8.72 -31.40 5.32
N LEU F 628 -9.80 -32.14 5.57
CA LEU F 628 -10.74 -31.81 6.65
C LEU F 628 -10.27 -32.21 8.03
N SER F 629 -8.97 -32.48 8.13
CA SER F 629 -8.30 -32.83 9.39
C SER F 629 -7.74 -34.23 9.52
N GLY F 630 -8.24 -34.95 10.53
CA GLY F 630 -7.74 -36.27 10.81
C GLY F 630 -6.51 -35.94 11.63
N ASP F 631 -6.53 -34.70 12.15
CA ASP F 631 -5.45 -34.14 12.98
C ASP F 631 -4.20 -34.00 12.12
N VAL F 632 -4.40 -33.94 10.80
CA VAL F 632 -3.28 -33.82 9.87
C VAL F 632 -2.54 -35.15 9.85
N TRP F 633 -1.87 -35.45 8.75
CA TRP F 633 -1.11 -36.69 8.64
C TRP F 633 -1.95 -37.90 9.01
N ASP F 634 -3.19 -37.99 8.51
CA ASP F 634 -4.06 -39.13 8.82
C ASP F 634 -3.22 -40.42 8.92
N ILE F 635 -3.23 -41.02 10.11
CA ILE F 635 -2.44 -42.21 10.38
C ILE F 635 -3.11 -43.59 10.18
N ASP F 636 -3.83 -43.76 9.07
CA ASP F 636 -4.41 -45.08 8.78
C ASP F 636 -3.40 -45.67 7.81
N ASN F 637 -2.16 -45.75 8.32
CA ASN F 637 -0.97 -46.27 7.61
C ASN F 637 -1.02 -47.76 7.29
N GLU F 638 -1.90 -48.48 7.97
CA GLU F 638 -2.03 -49.92 7.73
C GLU F 638 -2.53 -50.15 6.31
N PHE F 639 -3.81 -50.48 6.18
CA PHE F 639 -4.45 -50.73 4.90
C PHE F 639 -3.44 -51.02 3.78
N LEU G 1 -26.67 -64.98 -6.00
CA LEU G 1 -27.07 -64.05 -7.06
C LEU G 1 -26.82 -62.59 -6.65
N TYR G 2 -26.74 -61.70 -7.64
CA TYR G 2 -26.52 -60.27 -7.37
C TYR G 2 -27.81 -59.46 -7.47
N TRP G 3 -27.75 -58.22 -6.95
CA TRP G 3 -28.91 -57.37 -6.95
C TRP G 3 -29.66 -57.34 -8.27
N ASP G 4 -28.96 -57.03 -9.35
CA ASP G 4 -29.58 -56.99 -10.66
C ASP G 4 -30.42 -58.22 -10.86
N ASP G 5 -29.85 -59.38 -10.55
CA ASP G 5 -30.56 -60.64 -10.69
C ASP G 5 -31.86 -60.62 -9.91
N LEU G 6 -31.74 -60.37 -8.61
CA LEU G 6 -32.92 -60.33 -7.75
C LEU G 6 -33.90 -59.27 -8.19
N LYS G 7 -33.39 -58.11 -8.62
CA LYS G 7 -34.26 -57.04 -9.06
C LYS G 7 -35.01 -57.50 -10.30
N ARG G 8 -34.27 -57.99 -11.29
CA ARG G 8 -34.85 -58.48 -12.54
C ARG G 8 -35.86 -59.59 -12.29
N LYS G 9 -35.46 -60.58 -11.50
CA LYS G 9 -36.37 -61.68 -11.21
C LYS G 9 -37.64 -61.15 -10.58
N LEU G 10 -37.51 -60.54 -9.41
CA LEU G 10 -38.64 -59.97 -8.71
C LEU G 10 -39.55 -59.16 -9.62
N SER G 11 -38.99 -58.61 -10.69
CA SER G 11 -39.82 -57.82 -11.60
C SER G 11 -40.70 -58.69 -12.47
N GLU G 12 -40.10 -59.64 -13.19
CA GLU G 12 -40.88 -60.52 -14.05
C GLU G 12 -41.93 -61.26 -13.24
N LYS G 13 -41.59 -61.64 -12.01
CA LYS G 13 -42.53 -62.33 -11.13
C LYS G 13 -43.68 -61.35 -10.86
N LEU G 14 -43.34 -60.08 -10.69
CA LEU G 14 -44.34 -59.06 -10.46
C LEU G 14 -45.08 -58.82 -11.78
N ASP G 15 -44.41 -59.11 -12.88
CA ASP G 15 -45.00 -58.91 -14.21
C ASP G 15 -46.08 -59.95 -14.48
N SER G 16 -46.05 -61.05 -13.73
CA SER G 16 -47.02 -62.12 -13.91
C SER G 16 -47.75 -62.49 -12.64
N THR G 17 -48.40 -61.51 -12.02
CA THR G 17 -49.18 -61.75 -10.81
C THR G 17 -50.44 -60.89 -10.81
N ASP G 18 -51.58 -61.56 -10.79
CA ASP G 18 -52.86 -60.85 -10.80
C ASP G 18 -53.23 -60.39 -9.38
N PHE G 19 -52.93 -59.13 -9.08
CA PHE G 19 -53.26 -58.58 -7.76
C PHE G 19 -54.74 -58.23 -7.68
N THR G 20 -55.27 -57.75 -8.80
CA THR G 20 -56.66 -57.34 -8.88
C THR G 20 -57.61 -58.49 -8.56
N SER G 21 -57.25 -59.71 -8.95
CA SER G 21 -58.08 -60.89 -8.68
C SER G 21 -58.23 -61.12 -7.18
N THR G 22 -57.09 -61.15 -6.49
CA THR G 22 -57.07 -61.38 -5.06
C THR G 22 -57.71 -60.24 -4.27
N ILE G 23 -57.64 -59.03 -4.81
CA ILE G 23 -58.24 -57.88 -4.14
C ILE G 23 -59.74 -58.06 -4.22
N LYS G 24 -60.17 -58.74 -5.28
CA LYS G 24 -61.59 -59.03 -5.50
C LYS G 24 -61.99 -60.23 -4.64
N LEU G 25 -61.24 -61.33 -4.79
CA LEU G 25 -61.51 -62.53 -4.02
C LEU G 25 -61.74 -62.15 -2.56
N LEU G 26 -60.95 -61.20 -2.06
CA LEU G 26 -61.09 -60.74 -0.69
C LEU G 26 -62.26 -59.79 -0.57
N ASN G 27 -63.30 -60.06 -1.36
CA ASN G 27 -64.51 -59.23 -1.35
C ASN G 27 -65.76 -60.09 -1.48
N GLU G 28 -65.58 -61.35 -1.85
CA GLU G 28 -66.69 -62.29 -1.98
C GLU G 28 -67.40 -62.31 -0.64
N ASN G 29 -68.70 -62.59 -0.63
CA ASN G 29 -69.45 -62.62 0.63
C ASN G 29 -68.84 -63.59 1.66
N SER G 30 -67.88 -64.39 1.21
CA SER G 30 -67.22 -65.36 2.09
C SER G 30 -66.54 -64.60 3.23
N TYR G 31 -66.08 -63.40 2.93
CA TYR G 31 -65.42 -62.55 3.91
C TYR G 31 -65.57 -61.08 3.57
N VAL G 32 -66.79 -60.58 3.61
CA VAL G 32 -67.01 -59.17 3.30
C VAL G 32 -67.16 -58.29 4.54
N PRO G 33 -68.24 -58.44 5.33
CA PRO G 33 -68.20 -57.52 6.48
C PRO G 33 -67.28 -58.13 7.52
N ARG G 34 -66.01 -58.28 7.16
CA ARG G 34 -65.00 -58.86 8.02
C ARG G 34 -64.63 -57.95 9.19
N GLU G 35 -65.61 -57.65 10.03
CA GLU G 35 -65.35 -56.79 11.18
C GLU G 35 -64.32 -57.48 12.06
N ALA G 36 -63.78 -56.74 13.02
CA ALA G 36 -62.77 -57.30 13.91
C ALA G 36 -63.36 -58.41 14.75
N GLY G 37 -62.69 -59.54 14.76
CA GLY G 37 -63.15 -60.67 15.54
C GLY G 37 -64.50 -61.23 15.12
N SER G 38 -64.85 -61.08 13.86
CA SER G 38 -66.11 -61.59 13.36
C SER G 38 -65.83 -62.96 12.74
N GLN G 39 -66.86 -63.58 12.19
CA GLN G 39 -66.69 -64.89 11.58
C GLN G 39 -65.93 -64.69 10.27
N LYS G 40 -66.40 -63.75 9.46
CA LYS G 40 -65.76 -63.48 8.17
C LYS G 40 -64.27 -63.26 8.45
N ASP G 41 -63.99 -62.42 9.45
CA ASP G 41 -62.64 -62.11 9.87
C ASP G 41 -61.88 -63.43 9.97
N GLU G 42 -62.36 -64.28 10.87
CA GLU G 42 -61.77 -65.58 11.13
C GLU G 42 -61.69 -66.42 9.85
N ASN G 43 -62.60 -66.16 8.92
CA ASN G 43 -62.59 -66.92 7.66
C ASN G 43 -61.33 -66.56 6.88
N LEU G 44 -61.19 -65.29 6.53
CA LEU G 44 -60.04 -64.82 5.77
C LEU G 44 -58.76 -65.19 6.49
N ALA G 45 -58.78 -65.09 7.82
CA ALA G 45 -57.64 -65.42 8.64
C ALA G 45 -57.14 -66.82 8.29
N LEU G 46 -58.06 -67.78 8.30
CA LEU G 46 -57.70 -69.15 8.00
C LEU G 46 -57.31 -69.27 6.53
N TYR G 47 -57.85 -68.37 5.70
CA TYR G 47 -57.54 -68.40 4.28
C TYR G 47 -56.06 -68.07 4.11
N VAL G 48 -55.66 -66.96 4.70
CA VAL G 48 -54.28 -66.52 4.62
C VAL G 48 -53.40 -67.60 5.22
N GLU G 49 -53.77 -68.09 6.40
CA GLU G 49 -53.00 -69.13 7.08
C GLU G 49 -52.72 -70.29 6.16
N ASN G 50 -53.76 -70.79 5.51
CA ASN G 50 -53.61 -71.92 4.61
C ASN G 50 -52.78 -71.53 3.40
N GLU G 51 -53.14 -70.40 2.78
CA GLU G 51 -52.41 -69.92 1.62
C GLU G 51 -50.93 -69.96 1.91
N PHE G 52 -50.54 -69.48 3.10
CA PHE G 52 -49.13 -69.47 3.51
C PHE G 52 -48.61 -70.89 3.48
N ARG G 53 -49.38 -71.82 4.04
CA ARG G 53 -49.00 -73.21 4.06
C ARG G 53 -48.86 -73.70 2.62
N GLU G 54 -49.85 -73.36 1.80
CA GLU G 54 -49.84 -73.76 0.40
C GLU G 54 -48.59 -73.18 -0.26
N PHE G 55 -48.25 -71.95 0.10
CA PHE G 55 -47.07 -71.30 -0.46
C PHE G 55 -45.81 -72.09 -0.14
N LYS G 56 -45.99 -73.14 0.65
CA LYS G 56 -44.88 -74.02 1.01
C LYS G 56 -43.76 -73.31 1.77
N LEU G 57 -44.08 -72.17 2.37
CA LEU G 57 -43.08 -71.43 3.15
C LEU G 57 -42.85 -72.16 4.46
N SER G 58 -41.72 -71.90 5.11
CA SER G 58 -41.38 -72.57 6.36
C SER G 58 -42.45 -72.32 7.43
N LYS G 59 -42.10 -72.54 8.69
CA LYS G 59 -43.03 -72.34 9.80
C LYS G 59 -44.06 -71.24 9.57
N VAL G 60 -45.29 -71.50 10.01
CA VAL G 60 -46.40 -70.57 9.89
C VAL G 60 -47.31 -70.89 11.06
N TRP G 61 -47.65 -69.90 11.86
CA TRP G 61 -48.49 -70.12 13.02
C TRP G 61 -49.61 -69.13 13.20
N ARG G 62 -50.29 -69.22 14.35
CA ARG G 62 -51.39 -68.33 14.68
C ARG G 62 -51.06 -67.53 15.94
N ASP G 63 -51.71 -66.40 16.11
CA ASP G 63 -51.49 -65.59 17.30
C ASP G 63 -52.85 -65.19 17.85
N GLN G 64 -53.22 -65.82 18.96
CA GLN G 64 -54.49 -65.60 19.62
C GLN G 64 -54.44 -64.45 20.60
N HIS G 65 -55.55 -63.74 20.74
CA HIS G 65 -55.63 -62.60 21.66
C HIS G 65 -57.08 -62.28 22.03
N PHE G 66 -57.29 -61.85 23.26
CA PHE G 66 -58.63 -61.47 23.72
C PHE G 66 -58.64 -60.01 24.15
N VAL G 67 -59.12 -59.12 23.27
CA VAL G 67 -59.17 -57.68 23.58
C VAL G 67 -60.61 -57.14 23.61
N LYS G 68 -60.82 -56.08 24.39
CA LYS G 68 -62.15 -55.48 24.47
C LYS G 68 -62.39 -54.44 23.38
N ILE G 69 -63.31 -54.75 22.48
CA ILE G 69 -63.68 -53.84 21.38
C ILE G 69 -65.02 -53.21 21.76
N GLN G 70 -65.36 -52.09 21.14
CA GLN G 70 -66.64 -51.46 21.43
C GLN G 70 -67.55 -51.58 20.21
N VAL G 71 -68.82 -51.90 20.47
CA VAL G 71 -69.79 -52.04 19.39
C VAL G 71 -71.08 -51.28 19.66
N LYS G 72 -71.86 -51.10 18.60
CA LYS G 72 -73.13 -50.40 18.69
C LYS G 72 -74.15 -51.23 19.46
N ASP G 73 -74.67 -50.66 20.56
CA ASP G 73 -75.66 -51.35 21.38
C ASP G 73 -76.99 -51.44 20.66
N SER G 74 -77.79 -52.45 21.04
CA SER G 74 -79.11 -52.64 20.44
C SER G 74 -79.90 -51.31 20.40
N ALA G 75 -79.68 -50.47 21.42
CA ALA G 75 -80.35 -49.17 21.51
C ALA G 75 -79.73 -48.26 20.46
N GLN G 76 -80.58 -47.55 19.73
CA GLN G 76 -80.09 -46.66 18.68
C GLN G 76 -79.43 -45.36 19.15
N ASN G 77 -78.31 -45.05 18.50
CA ASN G 77 -77.55 -43.83 18.76
C ASN G 77 -78.19 -42.77 17.87
N SER G 78 -78.30 -41.55 18.38
CA SER G 78 -78.91 -40.52 17.58
C SER G 78 -78.61 -39.09 18.00
N VAL G 79 -78.80 -38.20 17.03
CA VAL G 79 -78.59 -36.77 17.20
C VAL G 79 -79.96 -36.15 16.94
N ILE G 80 -80.38 -35.24 17.82
CA ILE G 80 -81.67 -34.59 17.66
C ILE G 80 -81.64 -33.14 18.14
N ILE G 81 -82.13 -32.24 17.30
CA ILE G 81 -82.18 -30.83 17.63
C ILE G 81 -83.35 -30.62 18.59
N VAL G 82 -83.08 -29.91 19.68
CA VAL G 82 -84.10 -29.66 20.69
C VAL G 82 -83.69 -28.47 21.57
N ASP G 83 -84.69 -27.75 22.09
CA ASP G 83 -84.42 -26.61 22.96
C ASP G 83 -84.13 -27.18 24.36
N LYS G 84 -84.36 -26.40 25.40
CA LYS G 84 -84.16 -26.91 26.77
C LYS G 84 -85.27 -27.93 26.97
N ASN G 85 -85.98 -28.19 25.88
CA ASN G 85 -87.11 -29.09 25.86
C ASN G 85 -87.47 -29.38 24.41
N GLY G 86 -88.42 -30.30 24.23
CA GLY G 86 -88.91 -30.68 22.90
C GLY G 86 -88.11 -30.36 21.65
N ARG G 87 -87.91 -31.39 20.83
CA ARG G 87 -87.16 -31.27 19.59
C ARG G 87 -87.81 -30.39 18.52
N LEU G 88 -88.78 -30.98 17.81
CA LEU G 88 -89.54 -30.35 16.72
C LEU G 88 -88.88 -30.80 15.40
N VAL G 89 -89.13 -30.05 14.33
CA VAL G 89 -88.57 -30.27 12.99
C VAL G 89 -88.31 -31.74 12.58
N TYR G 90 -87.04 -32.11 12.46
CA TYR G 90 -86.61 -33.44 12.05
C TYR G 90 -86.18 -34.23 13.31
N LEU G 91 -85.75 -35.46 13.09
CA LEU G 91 -85.26 -36.34 14.16
C LEU G 91 -83.75 -36.08 14.22
N VAL G 92 -83.25 -35.54 13.11
CA VAL G 92 -81.85 -35.18 12.87
C VAL G 92 -81.13 -36.39 12.28
N GLU G 93 -81.11 -37.52 13.01
CA GLU G 93 -80.52 -38.77 12.52
C GLU G 93 -80.12 -39.84 13.55
N ASN G 94 -80.28 -41.09 13.11
CA ASN G 94 -79.93 -42.29 13.86
C ASN G 94 -78.72 -42.84 13.13
N PRO G 95 -77.55 -42.21 13.31
CA PRO G 95 -76.30 -42.61 12.67
C PRO G 95 -76.14 -44.11 12.38
N GLY G 96 -75.74 -44.42 11.15
CA GLY G 96 -75.56 -45.81 10.74
C GLY G 96 -74.26 -46.42 11.25
N GLY G 97 -73.27 -45.58 11.48
CA GLY G 97 -71.98 -46.03 11.96
C GLY G 97 -71.73 -45.51 13.37
N TYR G 98 -70.50 -45.64 13.85
CA TYR G 98 -70.18 -45.17 15.20
C TYR G 98 -68.69 -44.97 15.42
N VAL G 99 -68.38 -44.29 16.52
CA VAL G 99 -66.99 -44.03 16.89
C VAL G 99 -66.67 -44.97 18.07
N ALA G 100 -65.84 -45.97 17.81
CA ALA G 100 -65.47 -46.94 18.84
C ALA G 100 -64.96 -46.26 20.11
N TYR G 101 -64.83 -47.04 21.17
CA TYR G 101 -64.35 -46.52 22.45
C TYR G 101 -64.91 -45.15 22.84
N SER G 102 -66.00 -44.74 22.21
CA SER G 102 -66.59 -43.45 22.55
C SER G 102 -67.24 -43.55 23.93
N LYS G 103 -67.25 -42.45 24.66
CA LYS G 103 -67.88 -42.43 25.99
C LYS G 103 -69.36 -42.84 25.81
N ALA G 104 -69.78 -43.84 26.57
CA ALA G 104 -71.16 -44.28 26.49
C ALA G 104 -72.00 -43.36 27.37
N ALA G 105 -72.66 -42.40 26.73
CA ALA G 105 -73.49 -41.46 27.46
C ALA G 105 -74.37 -40.68 26.50
N THR G 106 -75.08 -39.69 27.04
CA THR G 106 -75.97 -38.85 26.24
C THR G 106 -76.11 -37.47 26.88
N VAL G 107 -75.80 -36.45 26.09
CA VAL G 107 -75.90 -35.07 26.57
C VAL G 107 -76.34 -34.12 25.47
N THR G 108 -76.84 -32.96 25.88
CA THR G 108 -77.31 -31.94 24.96
C THR G 108 -76.86 -30.53 25.36
N GLY G 109 -76.77 -29.66 24.34
CA GLY G 109 -76.35 -28.30 24.57
C GLY G 109 -76.05 -27.60 23.25
N LYS G 110 -75.33 -26.48 23.33
CA LYS G 110 -74.96 -25.71 22.15
C LYS G 110 -74.11 -26.56 21.20
N LEU G 111 -74.05 -26.16 19.93
CA LEU G 111 -73.27 -26.91 18.95
C LEU G 111 -72.34 -26.07 18.09
N VAL G 112 -71.08 -25.97 18.51
CA VAL G 112 -70.07 -25.22 17.79
C VAL G 112 -69.48 -26.08 16.66
N HIS G 113 -68.91 -25.42 15.66
CA HIS G 113 -68.33 -26.14 14.52
C HIS G 113 -66.87 -25.78 14.32
N ALA G 114 -65.98 -26.50 14.99
CA ALA G 114 -64.54 -26.26 14.88
C ALA G 114 -63.91 -27.04 13.72
N ASN G 115 -63.83 -26.39 12.56
CA ASN G 115 -63.24 -26.98 11.36
C ASN G 115 -62.16 -28.00 11.68
N PHE G 116 -62.12 -29.07 10.87
CA PHE G 116 -61.14 -30.14 11.03
C PHE G 116 -60.78 -30.45 12.47
N GLY G 117 -61.60 -31.31 13.08
CA GLY G 117 -61.40 -31.73 14.45
C GLY G 117 -60.54 -30.82 15.31
N THR G 118 -60.87 -29.54 15.32
CA THR G 118 -60.14 -28.56 16.11
C THR G 118 -58.65 -28.51 15.77
N LYS G 119 -58.11 -29.63 15.30
CA LYS G 119 -56.70 -29.70 14.94
C LYS G 119 -55.84 -29.29 16.13
N LYS G 120 -56.48 -29.00 17.25
CA LYS G 120 -55.81 -28.55 18.48
C LYS G 120 -55.45 -27.09 18.23
N ASP G 121 -55.13 -26.81 16.97
CA ASP G 121 -54.76 -25.49 16.50
C ASP G 121 -56.03 -24.67 16.32
N PHE G 122 -56.90 -25.18 15.44
CA PHE G 122 -58.16 -24.53 15.13
C PHE G 122 -59.00 -24.12 16.35
N GLU G 123 -58.73 -24.73 17.50
CA GLU G 123 -59.48 -24.38 18.71
C GLU G 123 -59.29 -22.90 19.05
N ASP G 124 -58.22 -22.31 18.53
CA ASP G 124 -57.98 -20.89 18.77
C ASP G 124 -58.85 -20.07 17.83
N LEU G 125 -60.16 -20.20 18.02
CA LEU G 125 -61.14 -19.48 17.20
C LEU G 125 -61.99 -18.63 18.15
N TYR G 126 -62.84 -17.77 17.58
CA TYR G 126 -63.70 -16.87 18.33
C TYR G 126 -64.65 -17.54 19.34
N THR G 127 -65.69 -18.21 18.81
CA THR G 127 -66.67 -18.87 19.65
C THR G 127 -66.08 -19.93 20.57
N PRO G 128 -66.34 -19.81 21.88
CA PRO G 128 -65.83 -20.77 22.87
C PRO G 128 -66.66 -22.06 22.90
N VAL G 129 -65.99 -23.17 23.18
CA VAL G 129 -66.63 -24.48 23.26
C VAL G 129 -66.81 -24.89 24.73
N ASN G 130 -66.51 -23.94 25.62
CA ASN G 130 -66.59 -24.13 27.06
C ASN G 130 -67.98 -24.64 27.47
N GLY G 131 -68.16 -25.96 27.40
CA GLY G 131 -69.42 -26.57 27.77
C GLY G 131 -70.45 -26.58 26.65
N SER G 132 -70.15 -27.29 25.57
CA SER G 132 -71.07 -27.36 24.43
C SER G 132 -70.60 -28.39 23.40
N ILE G 133 -71.56 -29.05 22.77
CA ILE G 133 -71.25 -30.06 21.76
C ILE G 133 -70.54 -29.41 20.59
N VAL G 134 -69.68 -30.18 19.90
CA VAL G 134 -68.91 -29.65 18.78
C VAL G 134 -68.97 -30.50 17.51
N ILE G 135 -68.86 -29.83 16.38
CA ILE G 135 -68.87 -30.51 15.08
C ILE G 135 -67.48 -30.32 14.51
N VAL G 136 -67.01 -31.30 13.74
CA VAL G 136 -65.70 -31.23 13.11
C VAL G 136 -65.68 -32.04 11.84
N ARG G 137 -64.79 -31.69 10.92
CA ARG G 137 -64.69 -32.41 9.66
C ARG G 137 -63.69 -33.54 9.82
N ALA G 138 -63.85 -34.59 9.04
CA ALA G 138 -62.92 -35.72 9.10
C ALA G 138 -61.75 -35.28 8.25
N GLY G 139 -60.59 -35.09 8.85
CA GLY G 139 -59.46 -34.66 8.02
C GLY G 139 -58.04 -34.69 8.54
N LYS G 140 -57.44 -33.50 8.59
CA LYS G 140 -56.06 -33.33 9.02
C LYS G 140 -55.58 -34.20 10.17
N ILE G 141 -56.43 -34.46 11.16
CA ILE G 141 -56.01 -35.30 12.29
C ILE G 141 -56.90 -36.53 12.46
N THR G 142 -56.69 -37.24 13.56
CA THR G 142 -57.45 -38.45 13.84
C THR G 142 -58.58 -38.16 14.84
N PHE G 143 -59.72 -38.86 14.67
CA PHE G 143 -60.86 -38.68 15.57
C PHE G 143 -60.36 -38.57 17.00
N ALA G 144 -59.51 -39.53 17.37
CA ALA G 144 -58.91 -39.59 18.70
C ALA G 144 -58.44 -38.21 19.12
N GLU G 145 -57.62 -37.61 18.27
CA GLU G 145 -57.11 -36.29 18.54
C GLU G 145 -58.22 -35.24 18.51
N LYS G 146 -59.07 -35.28 17.48
CA LYS G 146 -60.16 -34.32 17.37
C LYS G 146 -60.93 -34.27 18.68
N VAL G 147 -61.34 -35.43 19.17
CA VAL G 147 -62.09 -35.53 20.42
C VAL G 147 -61.25 -35.06 21.60
N ALA G 148 -60.03 -35.60 21.70
CA ALA G 148 -59.11 -35.24 22.78
C ALA G 148 -59.04 -33.75 23.01
N ASN G 149 -58.81 -32.99 21.93
CA ASN G 149 -58.72 -31.54 22.03
C ASN G 149 -60.06 -30.97 22.48
N ALA G 150 -61.14 -31.40 21.83
CA ALA G 150 -62.47 -30.92 22.17
C ALA G 150 -62.68 -30.98 23.69
N GLU G 151 -62.35 -32.13 24.28
CA GLU G 151 -62.50 -32.30 25.70
C GLU G 151 -61.47 -31.51 26.52
N SER G 152 -60.30 -31.28 25.95
CA SER G 152 -59.27 -30.52 26.66
C SER G 152 -59.76 -29.08 26.85
N LEU G 153 -60.72 -28.68 26.00
CA LEU G 153 -61.29 -27.35 26.07
C LEU G 153 -62.63 -27.38 26.80
N ASN G 154 -62.87 -28.50 27.49
CA ASN G 154 -64.07 -28.70 28.29
C ASN G 154 -65.39 -28.85 27.53
N ALA G 155 -65.31 -29.32 26.29
CA ALA G 155 -66.53 -29.52 25.51
C ALA G 155 -67.16 -30.85 25.92
N ILE G 156 -68.25 -31.21 25.25
CA ILE G 156 -68.94 -32.47 25.49
C ILE G 156 -69.58 -32.88 24.19
N GLY G 157 -69.43 -34.15 23.85
CA GLY G 157 -70.00 -34.62 22.60
C GLY G 157 -69.30 -34.01 21.38
N VAL G 158 -69.01 -34.85 20.41
CA VAL G 158 -68.34 -34.41 19.19
C VAL G 158 -68.93 -35.18 18.02
N LEU G 159 -69.27 -34.46 16.96
CA LEU G 159 -69.82 -35.07 15.77
C LEU G 159 -68.79 -34.93 14.65
N ILE G 160 -68.60 -36.00 13.89
CA ILE G 160 -67.65 -36.00 12.80
C ILE G 160 -68.36 -36.30 11.48
N TYR G 161 -68.25 -35.39 10.51
CA TYR G 161 -68.90 -35.58 9.22
C TYR G 161 -67.94 -35.37 8.06
N MET G 162 -68.28 -35.96 6.91
CA MET G 162 -67.45 -35.84 5.71
C MET G 162 -68.00 -34.79 4.75
N ASP G 163 -67.53 -33.55 4.87
CA ASP G 163 -68.01 -32.48 4.00
C ASP G 163 -67.87 -32.84 2.52
N GLN G 164 -68.47 -32.02 1.66
CA GLN G 164 -68.45 -32.24 0.21
C GLN G 164 -67.13 -31.93 -0.48
N THR G 165 -66.51 -30.81 -0.13
CA THR G 165 -65.24 -30.42 -0.73
C THR G 165 -64.15 -31.46 -0.45
N LYS G 166 -63.97 -31.79 0.82
CA LYS G 166 -62.96 -32.77 1.24
C LYS G 166 -63.35 -34.17 0.79
N PHE G 167 -64.64 -34.47 0.88
CA PHE G 167 -65.12 -35.78 0.50
C PHE G 167 -66.20 -35.70 -0.58
N PRO G 168 -65.78 -35.66 -1.85
CA PRO G 168 -66.62 -35.57 -3.05
C PRO G 168 -67.43 -36.84 -3.31
N ILE G 169 -68.17 -37.28 -2.30
CA ILE G 169 -69.00 -38.47 -2.45
C ILE G 169 -70.37 -38.03 -2.92
N VAL G 170 -70.83 -38.61 -4.02
CA VAL G 170 -72.13 -38.28 -4.57
C VAL G 170 -73.24 -38.46 -3.51
N ASN G 171 -73.22 -39.62 -2.85
CA ASN G 171 -74.21 -39.93 -1.81
C ASN G 171 -73.90 -39.18 -0.52
N ALA G 172 -74.90 -38.47 -0.01
CA ALA G 172 -74.73 -37.71 1.23
C ALA G 172 -75.43 -38.39 2.39
N GLU G 173 -76.03 -39.55 2.10
CA GLU G 173 -76.74 -40.34 3.10
C GLU G 173 -75.81 -41.43 3.61
N LEU G 174 -74.52 -41.28 3.31
CA LEU G 174 -73.51 -42.24 3.70
C LEU G 174 -72.92 -42.01 5.07
N SER G 175 -72.73 -43.10 5.81
CA SER G 175 -72.16 -43.04 7.16
C SER G 175 -70.86 -43.86 7.27
N PHE G 176 -69.95 -43.38 8.12
CA PHE G 176 -68.66 -44.03 8.30
C PHE G 176 -68.32 -44.47 9.74
N PHE G 177 -67.32 -45.34 9.85
CA PHE G 177 -66.85 -45.90 11.11
C PHE G 177 -65.69 -45.15 11.75
N GLY G 178 -65.72 -45.04 13.08
CA GLY G 178 -64.67 -44.33 13.80
C GLY G 178 -63.86 -45.11 14.81
N HIS G 179 -62.85 -44.45 15.35
CA HIS G 179 -61.93 -45.04 16.32
C HIS G 179 -62.09 -44.41 17.72
N ALA G 180 -61.45 -43.25 17.91
CA ALA G 180 -61.52 -42.48 19.17
C ALA G 180 -60.52 -42.75 20.29
N HIS G 181 -59.70 -43.79 20.15
CA HIS G 181 -58.70 -44.10 21.18
C HIS G 181 -57.38 -43.38 20.93
N LEU G 182 -56.99 -42.53 21.88
CA LEU G 182 -55.75 -41.78 21.75
C LEU G 182 -54.56 -42.68 22.06
N GLY G 183 -54.46 -43.78 21.33
CA GLY G 183 -53.37 -44.71 21.56
C GLY G 183 -53.36 -45.80 20.51
N THR G 184 -52.77 -46.93 20.85
CA THR G 184 -52.70 -48.04 19.91
C THR G 184 -53.02 -49.37 20.58
N GLY G 185 -54.00 -50.08 20.04
CA GLY G 185 -54.37 -51.38 20.61
C GLY G 185 -55.40 -51.32 21.73
N ASP G 186 -55.70 -52.47 22.31
CA ASP G 186 -56.66 -52.55 23.41
C ASP G 186 -56.30 -51.49 24.44
N PRO G 187 -57.24 -50.57 24.73
CA PRO G 187 -57.05 -49.47 25.69
C PRO G 187 -57.06 -49.84 27.17
N TYR G 188 -56.77 -51.08 27.49
CA TYR G 188 -56.76 -51.53 28.89
C TYR G 188 -55.52 -52.39 29.20
N THR G 189 -54.70 -52.65 28.16
CA THR G 189 -53.48 -53.46 28.29
C THR G 189 -52.27 -52.68 27.74
N PRO G 190 -52.02 -51.47 28.29
CA PRO G 190 -50.92 -50.57 27.88
C PRO G 190 -49.49 -51.01 28.22
N GLY G 191 -48.80 -51.57 27.22
CA GLY G 191 -47.44 -52.02 27.42
C GLY G 191 -47.37 -53.51 27.68
N PHE G 192 -48.38 -54.04 28.36
CA PHE G 192 -48.45 -55.47 28.70
C PHE G 192 -49.66 -56.09 28.02
N PRO G 193 -49.54 -57.35 27.55
CA PRO G 193 -50.63 -58.05 26.88
C PRO G 193 -51.89 -58.28 27.72
N SER G 194 -53.00 -58.52 27.03
CA SER G 194 -54.30 -58.74 27.66
C SER G 194 -54.53 -60.20 28.02
N PHE G 195 -55.65 -60.45 28.71
CA PHE G 195 -56.03 -61.79 29.13
C PHE G 195 -57.50 -62.06 28.78
N ASN G 196 -58.25 -62.56 29.74
CA ASN G 196 -59.67 -62.84 29.59
C ASN G 196 -60.36 -61.57 30.07
N HIS G 197 -61.69 -61.60 30.13
CA HIS G 197 -62.43 -60.47 30.66
C HIS G 197 -62.62 -60.88 32.11
N THR G 198 -62.83 -62.19 32.29
CA THR G 198 -63.02 -62.79 33.61
C THR G 198 -61.87 -62.37 34.49
N GLN G 199 -60.70 -62.25 33.88
CA GLN G 199 -59.50 -61.84 34.59
C GLN G 199 -59.08 -60.47 34.07
N PHE G 200 -58.69 -59.57 34.98
CA PHE G 200 -58.25 -58.22 34.60
C PHE G 200 -59.30 -57.58 33.69
N PRO G 201 -60.44 -57.13 34.28
CA PRO G 201 -61.49 -56.50 33.47
C PRO G 201 -61.80 -55.01 33.69
N PRO G 202 -60.78 -54.17 33.90
CA PRO G 202 -61.14 -52.75 34.10
C PRO G 202 -62.08 -52.24 32.99
N SER G 203 -62.85 -51.21 33.32
CA SER G 203 -63.82 -50.63 32.38
C SER G 203 -63.21 -49.81 31.24
N ARG G 204 -62.64 -48.64 31.56
CA ARG G 204 -62.03 -47.79 30.55
C ARG G 204 -61.41 -46.49 31.10
N SER G 205 -61.49 -45.43 30.29
CA SER G 205 -60.95 -44.11 30.63
C SER G 205 -59.42 -44.11 30.75
N SER G 206 -58.82 -45.25 30.45
CA SER G 206 -57.38 -45.42 30.50
C SER G 206 -56.77 -44.88 29.19
N GLY G 207 -57.11 -43.63 28.89
CA GLY G 207 -56.64 -43.00 27.67
C GLY G 207 -57.77 -42.96 26.67
N LEU G 208 -58.99 -43.05 27.19
CA LEU G 208 -60.19 -43.03 26.36
C LEU G 208 -61.04 -41.78 26.60
N PRO G 209 -61.68 -41.28 25.53
CA PRO G 209 -62.56 -40.10 25.46
C PRO G 209 -63.18 -39.54 26.73
N ASN G 210 -64.23 -40.19 27.21
CA ASN G 210 -64.95 -39.71 28.41
C ASN G 210 -65.90 -38.62 27.92
N ILE G 211 -66.08 -38.58 26.61
CA ILE G 211 -66.96 -37.62 25.95
C ILE G 211 -67.55 -38.33 24.74
N PRO G 212 -68.88 -38.39 24.66
CA PRO G 212 -69.52 -39.06 23.52
C PRO G 212 -69.05 -38.53 22.18
N VAL G 213 -68.75 -39.45 21.28
CA VAL G 213 -68.29 -39.08 19.94
C VAL G 213 -69.14 -39.84 18.93
N GLN G 214 -69.77 -39.13 18.02
CA GLN G 214 -70.60 -39.79 17.02
C GLN G 214 -70.37 -39.31 15.60
N THR G 215 -70.23 -40.27 14.69
CA THR G 215 -70.03 -39.97 13.28
C THR G 215 -71.40 -39.60 12.70
N ILE G 216 -71.44 -38.57 11.86
CA ILE G 216 -72.69 -38.11 11.27
C ILE G 216 -72.61 -38.02 9.74
N SER G 217 -73.70 -38.36 9.06
CA SER G 217 -73.77 -38.32 7.60
C SER G 217 -73.86 -36.88 7.11
N ARG G 218 -73.25 -36.59 5.95
CA ARG G 218 -73.27 -35.24 5.41
C ARG G 218 -74.68 -34.68 5.43
N ALA G 219 -75.64 -35.50 5.02
CA ALA G 219 -77.04 -35.11 4.98
C ALA G 219 -77.42 -34.54 6.36
N ALA G 220 -77.13 -35.30 7.41
CA ALA G 220 -77.43 -34.89 8.78
C ALA G 220 -76.72 -33.57 9.11
N ALA G 221 -75.47 -33.45 8.66
CA ALA G 221 -74.69 -32.25 8.89
C ALA G 221 -75.44 -31.07 8.28
N GLU G 222 -75.91 -31.27 7.05
CA GLU G 222 -76.67 -30.26 6.33
C GLU G 222 -77.72 -29.69 7.26
N LYS G 223 -78.59 -30.57 7.74
CA LYS G 223 -79.67 -30.20 8.64
C LYS G 223 -79.21 -29.45 9.89
N LEU G 224 -78.14 -29.91 10.53
CA LEU G 224 -77.62 -29.26 11.73
C LEU G 224 -77.33 -27.79 11.41
N PHE G 225 -76.53 -27.58 10.37
CA PHE G 225 -76.18 -26.23 9.92
C PHE G 225 -77.46 -25.45 9.62
N GLY G 226 -78.48 -26.16 9.15
CA GLY G 226 -79.75 -25.54 8.84
C GLY G 226 -80.32 -24.84 10.06
N ASN G 227 -79.98 -25.35 11.24
CA ASN G 227 -80.46 -24.76 12.48
C ASN G 227 -79.34 -24.04 13.23
N MET G 228 -78.52 -23.31 12.50
CA MET G 228 -77.41 -22.58 13.09
C MET G 228 -77.31 -21.17 12.51
N GLU G 229 -77.12 -20.20 13.39
CA GLU G 229 -77.03 -18.79 13.02
C GLU G 229 -75.68 -18.40 12.41
N GLY G 230 -74.59 -18.71 13.11
CA GLY G 230 -73.25 -18.38 12.64
C GLY G 230 -72.99 -18.69 11.17
N ASP G 231 -71.92 -18.15 10.63
CA ASP G 231 -71.57 -18.38 9.23
C ASP G 231 -70.13 -18.86 9.02
N CYS G 232 -69.99 -19.98 8.33
CA CYS G 232 -68.69 -20.59 8.05
C CYS G 232 -67.71 -19.68 7.28
N PRO G 233 -66.47 -19.54 7.81
CA PRO G 233 -65.38 -18.73 7.25
C PRO G 233 -64.74 -19.26 5.96
N SER G 234 -64.02 -18.38 5.28
CA SER G 234 -63.33 -18.73 4.04
C SER G 234 -61.95 -19.25 4.41
N ASP G 235 -61.51 -18.92 5.63
CA ASP G 235 -60.23 -19.36 6.15
C ASP G 235 -60.27 -20.89 5.97
N TRP G 236 -61.39 -21.49 6.37
CA TRP G 236 -61.63 -22.92 6.24
C TRP G 236 -61.65 -23.22 4.73
N LYS G 237 -60.64 -23.94 4.25
CA LYS G 237 -60.57 -24.27 2.83
C LYS G 237 -61.70 -25.27 2.51
N THR G 238 -62.93 -24.79 2.66
CA THR G 238 -64.14 -25.59 2.45
C THR G 238 -64.99 -24.86 1.42
N ASP G 239 -66.30 -25.06 1.51
CA ASP G 239 -67.26 -24.40 0.63
C ASP G 239 -68.56 -24.21 1.40
N SER G 240 -69.32 -23.18 1.00
CA SER G 240 -70.60 -22.79 1.59
C SER G 240 -71.48 -23.90 2.19
N THR G 241 -72.51 -23.47 2.91
CA THR G 241 -73.50 -24.32 3.57
C THR G 241 -73.40 -24.43 5.09
N CYS G 242 -72.18 -24.53 5.62
CA CYS G 242 -72.04 -24.64 7.07
C CYS G 242 -72.07 -23.34 7.84
N ARG G 243 -72.43 -23.46 9.10
CA ARG G 243 -72.50 -22.32 10.00
C ARG G 243 -71.37 -22.48 11.00
N MET G 244 -71.44 -21.76 12.11
CA MET G 244 -70.43 -21.83 13.16
C MET G 244 -71.08 -22.21 14.48
N VAL G 245 -72.30 -21.72 14.69
CA VAL G 245 -73.02 -22.02 15.92
C VAL G 245 -74.50 -22.20 15.62
N THR G 246 -75.16 -23.07 16.37
CA THR G 246 -76.59 -23.30 16.19
C THR G 246 -77.33 -22.03 16.56
N SER G 247 -78.50 -21.84 15.97
CA SER G 247 -79.32 -20.68 16.26
C SER G 247 -79.74 -20.73 17.73
N GLU G 248 -79.34 -19.72 18.48
CA GLU G 248 -79.64 -19.61 19.91
C GLU G 248 -81.00 -20.19 20.27
N SER G 249 -82.02 -19.85 19.47
CA SER G 249 -83.39 -20.32 19.68
C SER G 249 -83.46 -21.75 20.21
N LYS G 250 -82.49 -22.58 19.82
CA LYS G 250 -82.48 -23.98 20.26
C LYS G 250 -81.12 -24.66 20.13
N ASN G 251 -80.98 -25.81 20.80
CA ASN G 251 -79.75 -26.58 20.79
C ASN G 251 -79.92 -28.03 20.29
N VAL G 252 -78.87 -28.83 20.43
CA VAL G 252 -78.89 -30.22 19.99
C VAL G 252 -78.49 -31.22 21.07
N LYS G 253 -79.03 -32.43 20.99
CA LYS G 253 -78.75 -33.49 21.95
C LYS G 253 -78.15 -34.73 21.30
N LEU G 254 -76.98 -35.14 21.82
CA LEU G 254 -76.29 -36.32 21.31
C LEU G 254 -76.47 -37.48 22.28
N THR G 255 -76.89 -38.62 21.74
CA THR G 255 -77.11 -39.81 22.55
C THR G 255 -76.45 -41.05 21.94
N VAL G 256 -75.35 -41.49 22.55
CA VAL G 256 -74.62 -42.67 22.08
C VAL G 256 -74.61 -43.79 23.11
N SER G 257 -75.17 -44.91 22.71
CA SER G 257 -75.25 -46.10 23.56
C SER G 257 -74.47 -47.22 22.89
N ASN G 258 -73.19 -47.32 23.25
CA ASN G 258 -72.35 -48.38 22.71
C ASN G 258 -71.89 -49.26 23.85
N VAL G 259 -71.56 -50.50 23.52
CA VAL G 259 -71.15 -51.45 24.54
C VAL G 259 -69.86 -52.16 24.18
N LEU G 260 -69.10 -52.53 25.20
CA LEU G 260 -67.85 -53.25 25.01
C LEU G 260 -68.19 -54.70 24.67
N LYS G 261 -67.33 -55.35 23.91
CA LYS G 261 -67.57 -56.74 23.51
C LYS G 261 -66.26 -57.50 23.33
N GLU G 262 -65.91 -58.33 24.30
CA GLU G 262 -64.68 -59.11 24.18
C GLU G 262 -64.73 -60.01 22.96
N ILE G 263 -63.72 -59.88 22.09
CA ILE G 263 -63.63 -60.71 20.89
C ILE G 263 -62.28 -61.41 20.88
N LYS G 264 -62.09 -62.38 19.99
CA LYS G 264 -60.83 -63.11 19.93
C LYS G 264 -60.10 -62.76 18.64
N ILE G 265 -59.07 -61.93 18.75
CA ILE G 265 -58.27 -61.50 17.60
C ILE G 265 -57.37 -62.64 17.15
N LEU G 266 -57.12 -62.74 15.85
CA LEU G 266 -56.29 -63.81 15.34
C LEU G 266 -55.20 -63.35 14.35
N ASN G 267 -53.97 -63.15 14.84
CA ASN G 267 -52.87 -62.75 13.97
C ASN G 267 -52.26 -63.99 13.32
N ILE G 268 -52.03 -63.93 12.02
CA ILE G 268 -51.48 -65.06 11.29
C ILE G 268 -50.09 -64.78 10.76
N PHE G 269 -49.11 -65.58 11.17
CA PHE G 269 -47.74 -65.39 10.72
C PHE G 269 -47.29 -66.33 9.62
N GLY G 270 -45.97 -66.42 9.43
CA GLY G 270 -45.40 -67.27 8.40
C GLY G 270 -44.06 -66.68 8.01
N VAL G 271 -42.98 -67.42 8.26
CA VAL G 271 -41.64 -66.93 7.95
C VAL G 271 -40.90 -67.66 6.84
N ILE G 272 -39.77 -67.12 6.46
CA ILE G 272 -38.92 -67.70 5.43
C ILE G 272 -37.51 -67.65 6.01
N LYS G 273 -37.15 -68.69 6.75
CA LYS G 273 -35.85 -68.80 7.40
C LYS G 273 -34.69 -68.31 6.54
N GLY G 274 -33.79 -67.55 7.16
CA GLY G 274 -32.63 -67.04 6.44
C GLY G 274 -31.55 -68.09 6.33
N PHE G 275 -30.40 -67.74 5.74
CA PHE G 275 -29.32 -68.70 5.59
C PHE G 275 -28.07 -68.40 6.42
N VAL G 276 -27.94 -67.18 6.93
CA VAL G 276 -26.77 -66.82 7.73
C VAL G 276 -27.12 -66.23 9.08
N GLU G 277 -28.16 -65.40 9.11
CA GLU G 277 -28.64 -64.78 10.35
C GLU G 277 -30.12 -65.16 10.47
N PRO G 278 -30.43 -66.46 10.35
CA PRO G 278 -31.79 -66.97 10.42
C PRO G 278 -32.65 -66.39 11.53
N ASP G 279 -32.02 -65.83 12.55
CA ASP G 279 -32.77 -65.28 13.67
C ASP G 279 -32.94 -63.76 13.71
N HIS G 280 -32.71 -63.11 12.58
CA HIS G 280 -32.89 -61.66 12.46
C HIS G 280 -33.94 -61.52 11.37
N TYR G 281 -35.12 -61.07 11.75
CA TYR G 281 -36.23 -60.97 10.80
C TYR G 281 -36.55 -59.59 10.24
N VAL G 282 -37.40 -59.58 9.21
CA VAL G 282 -37.88 -58.38 8.55
C VAL G 282 -39.41 -58.48 8.57
N VAL G 283 -40.05 -58.00 9.62
CA VAL G 283 -41.50 -58.09 9.72
C VAL G 283 -42.25 -57.33 8.61
N VAL G 284 -43.08 -58.04 7.84
CA VAL G 284 -43.86 -57.42 6.78
C VAL G 284 -45.34 -57.60 7.13
N GLY G 285 -45.97 -56.55 7.64
CA GLY G 285 -47.37 -56.67 8.05
C GLY G 285 -48.44 -56.13 7.13
N ALA G 286 -49.70 -56.39 7.50
CA ALA G 286 -50.87 -55.94 6.74
C ALA G 286 -52.18 -56.19 7.47
N GLN G 287 -52.90 -55.11 7.78
CA GLN G 287 -54.18 -55.19 8.46
C GLN G 287 -55.12 -56.09 7.68
N ARG G 288 -55.81 -56.97 8.39
CA ARG G 288 -56.72 -57.91 7.74
C ARG G 288 -58.19 -57.70 8.05
N ASP G 289 -58.50 -56.99 9.13
CA ASP G 289 -59.89 -56.75 9.46
C ASP G 289 -60.34 -55.42 8.89
N ALA G 290 -61.62 -55.14 9.01
CA ALA G 290 -62.20 -53.89 8.50
C ALA G 290 -63.68 -53.78 8.87
N TRP G 291 -64.19 -52.56 8.95
CA TRP G 291 -65.59 -52.34 9.28
C TRP G 291 -66.45 -52.72 8.09
N GLY G 292 -66.31 -51.96 7.00
CA GLY G 292 -67.07 -52.26 5.80
C GLY G 292 -66.35 -53.38 5.08
N PRO G 293 -66.41 -53.43 3.75
CA PRO G 293 -65.73 -54.48 3.01
C PRO G 293 -64.25 -54.12 2.92
N GLY G 294 -63.96 -52.89 3.30
CA GLY G 294 -62.60 -52.36 3.31
C GLY G 294 -61.67 -52.91 2.24
N ALA G 295 -62.05 -52.79 0.97
CA ALA G 295 -61.21 -53.28 -0.11
C ALA G 295 -59.88 -52.52 -0.09
N ALA G 296 -59.96 -51.24 0.26
CA ALA G 296 -58.78 -50.40 0.33
C ALA G 296 -58.18 -50.52 1.72
N LYS G 297 -58.96 -50.17 2.72
CA LYS G 297 -58.51 -50.23 4.10
C LYS G 297 -57.85 -51.55 4.45
N SER G 298 -58.33 -52.65 3.87
CA SER G 298 -57.76 -53.95 4.19
C SER G 298 -57.51 -54.90 3.02
N GLY G 299 -58.22 -54.68 1.92
CA GLY G 299 -58.06 -55.53 0.76
C GLY G 299 -56.68 -55.52 0.16
N VAL G 300 -56.34 -54.42 -0.51
CA VAL G 300 -55.05 -54.24 -1.16
C VAL G 300 -53.88 -54.73 -0.31
N GLY G 301 -53.90 -54.37 0.98
CA GLY G 301 -52.84 -54.80 1.88
C GLY G 301 -52.72 -56.32 1.90
N THR G 302 -53.68 -57.00 2.52
CA THR G 302 -53.67 -58.45 2.60
C THR G 302 -53.42 -59.05 1.22
N ALA G 303 -53.93 -58.37 0.21
CA ALA G 303 -53.74 -58.82 -1.16
C ALA G 303 -52.26 -58.91 -1.45
N LEU G 304 -51.56 -57.81 -1.14
CA LEU G 304 -50.12 -57.72 -1.35
C LEU G 304 -49.39 -58.70 -0.45
N LEU G 305 -49.77 -58.72 0.82
CA LEU G 305 -49.13 -59.59 1.80
C LEU G 305 -49.03 -61.00 1.26
N LEU G 306 -50.14 -61.52 0.78
CA LEU G 306 -50.19 -62.87 0.23
C LEU G 306 -49.31 -63.00 -1.01
N LYS G 307 -49.65 -62.24 -2.05
CA LYS G 307 -48.91 -62.28 -3.30
C LYS G 307 -47.43 -62.03 -3.11
N LEU G 308 -47.11 -61.20 -2.11
CA LEU G 308 -45.73 -60.85 -1.80
C LEU G 308 -45.02 -62.01 -1.10
N ALA G 309 -45.78 -62.75 -0.29
CA ALA G 309 -45.21 -63.89 0.42
C ALA G 309 -45.05 -65.02 -0.59
N GLN G 310 -46.02 -65.12 -1.49
CA GLN G 310 -46.00 -66.16 -2.51
C GLN G 310 -44.73 -66.09 -3.36
N MET G 311 -44.31 -64.88 -3.66
CA MET G 311 -43.11 -64.67 -4.48
C MET G 311 -41.80 -65.05 -3.83
N PHE G 312 -41.50 -64.45 -2.70
CA PHE G 312 -40.24 -64.73 -2.03
C PHE G 312 -40.03 -66.20 -1.77
N SER G 313 -41.07 -66.88 -1.27
CA SER G 313 -40.96 -68.29 -1.01
C SER G 313 -40.54 -68.95 -2.33
N ASP G 314 -41.27 -68.62 -3.39
CA ASP G 314 -40.99 -69.18 -4.70
C ASP G 314 -39.54 -68.91 -5.10
N MET G 315 -39.13 -67.65 -4.99
CA MET G 315 -37.77 -67.26 -5.35
C MET G 315 -36.73 -68.06 -4.58
N VAL G 316 -37.04 -68.37 -3.33
CA VAL G 316 -36.11 -69.13 -2.50
C VAL G 316 -35.97 -70.56 -2.97
N LEU G 317 -37.09 -71.21 -3.27
CA LEU G 317 -37.09 -72.60 -3.71
C LEU G 317 -36.66 -72.82 -5.17
N LYS G 318 -37.32 -72.11 -6.08
CA LYS G 318 -37.06 -72.24 -7.51
C LYS G 318 -35.93 -71.39 -8.11
N ASP G 319 -35.91 -70.11 -7.78
CA ASP G 319 -34.91 -69.19 -8.34
C ASP G 319 -33.52 -69.08 -7.70
N GLY G 320 -33.33 -69.72 -6.55
CA GLY G 320 -32.03 -69.70 -5.89
C GLY G 320 -31.73 -68.51 -4.98
N PHE G 321 -32.74 -67.72 -4.65
CA PHE G 321 -32.60 -66.56 -3.78
C PHE G 321 -32.26 -67.02 -2.37
N GLN G 322 -31.13 -66.58 -1.83
CA GLN G 322 -30.72 -66.99 -0.49
C GLN G 322 -30.67 -65.89 0.56
N PRO G 323 -31.83 -65.32 0.91
CA PRO G 323 -31.91 -64.27 1.92
C PRO G 323 -31.02 -64.55 3.12
N SER G 324 -30.05 -63.68 3.40
CA SER G 324 -29.17 -63.90 4.53
C SER G 324 -29.91 -63.78 5.85
N ARG G 325 -31.06 -63.10 5.85
CA ARG G 325 -31.86 -62.97 7.08
C ARG G 325 -33.30 -63.32 6.77
N SER G 326 -33.94 -64.00 7.70
CA SER G 326 -35.32 -64.43 7.50
C SER G 326 -36.35 -63.33 7.34
N ILE G 327 -37.42 -63.66 6.62
CA ILE G 327 -38.52 -62.74 6.36
C ILE G 327 -39.70 -63.31 7.12
N ILE G 328 -40.54 -62.46 7.69
CA ILE G 328 -41.72 -62.94 8.42
C ILE G 328 -42.95 -62.08 8.10
N PHE G 329 -43.86 -62.63 7.29
CA PHE G 329 -45.07 -61.92 6.91
C PHE G 329 -46.09 -62.05 8.03
N ALA G 330 -46.90 -61.02 8.24
CA ALA G 330 -47.90 -61.06 9.30
C ALA G 330 -49.15 -60.28 8.96
N SER G 331 -50.31 -60.95 9.06
CA SER G 331 -51.59 -60.32 8.79
C SER G 331 -52.30 -60.08 10.11
N TRP G 332 -52.23 -58.84 10.59
CA TRP G 332 -52.85 -58.48 11.87
C TRP G 332 -54.37 -58.40 11.79
N SER G 333 -54.99 -58.27 12.95
CA SER G 333 -56.44 -58.17 13.01
C SER G 333 -56.80 -57.13 14.08
N ALA G 334 -58.09 -56.80 14.17
CA ALA G 334 -58.57 -55.83 15.14
C ALA G 334 -57.81 -54.53 14.94
N GLY G 335 -57.39 -54.29 13.70
CA GLY G 335 -56.63 -53.10 13.37
C GLY G 335 -57.43 -51.81 13.34
N ASP G 336 -58.72 -51.90 13.10
CA ASP G 336 -59.55 -50.70 13.05
C ASP G 336 -59.67 -50.07 14.42
N PHE G 337 -59.17 -50.76 15.44
CA PHE G 337 -59.26 -50.23 16.79
C PHE G 337 -57.90 -49.80 17.35
N GLY G 338 -56.97 -49.48 16.47
CA GLY G 338 -55.66 -49.03 16.92
C GLY G 338 -54.56 -50.07 16.77
N SER G 339 -54.61 -50.85 15.71
CA SER G 339 -53.61 -51.87 15.49
C SER G 339 -53.59 -52.84 16.67
N VAL G 340 -54.72 -52.93 17.38
CA VAL G 340 -54.87 -53.80 18.53
C VAL G 340 -54.20 -55.15 18.29
N GLY G 341 -54.31 -55.67 17.08
CA GLY G 341 -53.71 -56.95 16.77
C GLY G 341 -52.20 -56.88 16.82
N ALA G 342 -51.63 -56.07 15.94
CA ALA G 342 -50.18 -55.90 15.86
C ALA G 342 -49.58 -55.36 17.15
N THR G 343 -50.24 -54.38 17.75
CA THR G 343 -49.72 -53.79 18.98
C THR G 343 -49.55 -54.80 20.11
N GLU G 344 -50.62 -55.54 20.42
CA GLU G 344 -50.57 -56.51 21.50
C GLU G 344 -49.55 -57.61 21.22
N TRP G 345 -49.16 -57.74 19.95
CA TRP G 345 -48.14 -58.72 19.62
C TRP G 345 -46.85 -58.11 20.16
N LEU G 346 -46.58 -56.87 19.76
CA LEU G 346 -45.40 -56.14 20.20
C LEU G 346 -45.42 -56.14 21.73
N GLU G 347 -46.56 -55.75 22.31
CA GLU G 347 -46.68 -55.72 23.77
C GLU G 347 -46.03 -56.99 24.33
N GLY G 348 -46.07 -58.05 23.53
CA GLY G 348 -45.52 -59.34 23.92
C GLY G 348 -44.00 -59.46 24.06
N TYR G 349 -43.24 -58.71 23.26
CA TYR G 349 -41.78 -58.76 23.34
C TYR G 349 -41.26 -57.37 23.75
N LEU G 350 -41.83 -56.86 24.84
CA LEU G 350 -41.50 -55.54 25.38
C LEU G 350 -40.04 -55.16 25.44
N SER G 351 -39.15 -56.13 25.51
CA SER G 351 -37.74 -55.77 25.60
C SER G 351 -36.80 -56.69 24.84
N SER G 352 -37.31 -57.33 23.79
CA SER G 352 -36.48 -58.25 23.02
C SER G 352 -36.75 -58.23 21.53
N LEU G 353 -37.93 -57.76 21.14
CA LEU G 353 -38.27 -57.72 19.73
C LEU G 353 -37.16 -57.14 18.88
N HIS G 354 -36.56 -56.06 19.35
CA HIS G 354 -35.50 -55.40 18.59
C HIS G 354 -34.30 -56.31 18.41
N LEU G 355 -34.20 -57.30 19.29
CA LEU G 355 -33.11 -58.26 19.20
C LEU G 355 -33.44 -59.26 18.11
N LYS G 356 -34.69 -59.23 17.66
CA LYS G 356 -35.17 -60.14 16.63
C LYS G 356 -35.57 -59.49 15.30
N ALA G 357 -36.50 -58.56 15.34
CA ALA G 357 -36.95 -57.88 14.13
C ALA G 357 -36.11 -56.62 13.93
N PHE G 358 -35.48 -56.47 12.77
CA PHE G 358 -34.66 -55.29 12.52
C PHE G 358 -35.30 -54.23 11.62
N THR G 359 -36.48 -54.52 11.09
CA THR G 359 -37.19 -53.56 10.25
C THR G 359 -38.63 -54.01 10.03
N TYR G 360 -39.55 -53.07 10.05
CA TYR G 360 -40.94 -53.39 9.84
C TYR G 360 -41.53 -52.63 8.67
N ILE G 361 -41.91 -53.34 7.62
CA ILE G 361 -42.52 -52.73 6.45
C ILE G 361 -44.03 -52.83 6.71
N ASN G 362 -44.82 -52.06 6.00
CA ASN G 362 -46.26 -52.10 6.23
C ASN G 362 -47.00 -51.87 4.91
N LEU G 363 -47.87 -52.79 4.56
CA LEU G 363 -48.60 -52.70 3.30
C LEU G 363 -49.98 -52.05 3.36
N ASP G 364 -50.45 -51.72 4.55
CA ASP G 364 -51.77 -51.08 4.70
C ASP G 364 -51.93 -49.91 3.76
N LYS G 365 -53.14 -49.70 3.28
CA LYS G 365 -53.47 -48.61 2.38
C LYS G 365 -52.36 -48.30 1.38
N ALA G 366 -51.78 -49.34 0.79
CA ALA G 366 -50.71 -49.16 -0.17
C ALA G 366 -51.15 -48.51 -1.46
N VAL G 367 -52.35 -48.85 -1.93
CA VAL G 367 -52.87 -48.27 -3.16
C VAL G 367 -54.16 -47.48 -2.95
N LEU G 368 -54.09 -46.16 -3.15
CA LEU G 368 -55.23 -45.30 -2.95
C LEU G 368 -55.39 -44.30 -4.10
N GLY G 369 -54.39 -44.26 -4.98
CA GLY G 369 -54.43 -43.34 -6.10
C GLY G 369 -53.32 -43.61 -7.11
N THR G 370 -53.00 -42.61 -7.91
CA THR G 370 -51.96 -42.75 -8.93
C THR G 370 -51.24 -41.44 -9.22
N SER G 371 -51.39 -40.47 -8.33
CA SER G 371 -50.74 -39.17 -8.50
C SER G 371 -49.43 -39.07 -7.72
N ASN G 372 -49.55 -39.04 -6.40
CA ASN G 372 -48.40 -38.93 -5.53
C ASN G 372 -47.86 -40.26 -5.05
N PHE G 373 -46.81 -40.20 -4.21
CA PHE G 373 -46.21 -41.38 -3.63
C PHE G 373 -45.65 -41.01 -2.27
N LYS G 374 -46.54 -40.74 -1.32
CA LYS G 374 -46.15 -40.40 0.04
C LYS G 374 -45.35 -41.55 0.62
N VAL G 375 -44.43 -41.26 1.54
CA VAL G 375 -43.60 -42.28 2.18
C VAL G 375 -43.27 -41.81 3.59
N SER G 376 -43.53 -42.66 4.58
CA SER G 376 -43.24 -42.32 5.96
C SER G 376 -42.36 -43.42 6.55
N ALA G 377 -41.28 -43.03 7.23
CA ALA G 377 -40.39 -44.04 7.80
C ALA G 377 -39.40 -43.45 8.78
N SER G 378 -38.62 -44.33 9.39
CA SER G 378 -37.59 -43.92 10.33
C SER G 378 -36.38 -43.53 9.51
N PRO G 379 -35.70 -42.45 9.91
CA PRO G 379 -34.52 -42.04 9.14
C PRO G 379 -33.57 -43.20 8.80
N LEU G 380 -33.62 -44.28 9.58
CA LEU G 380 -32.73 -45.39 9.30
C LEU G 380 -32.98 -46.05 7.96
N LEU G 381 -34.17 -45.86 7.41
CA LEU G 381 -34.52 -46.47 6.12
C LEU G 381 -34.57 -45.44 5.01
N TYR G 382 -34.11 -44.23 5.33
CA TYR G 382 -34.15 -43.14 4.37
C TYR G 382 -33.49 -43.46 3.04
N THR G 383 -32.24 -43.93 3.09
CA THR G 383 -31.52 -44.23 1.88
C THR G 383 -32.10 -45.40 1.09
N LEU G 384 -32.80 -46.29 1.78
CA LEU G 384 -33.42 -47.43 1.10
C LEU G 384 -34.63 -46.92 0.32
N ILE G 385 -35.44 -46.11 0.99
CA ILE G 385 -36.61 -45.55 0.34
C ILE G 385 -36.11 -44.81 -0.91
N GLU G 386 -35.10 -43.96 -0.74
CA GLU G 386 -34.53 -43.20 -1.84
C GLU G 386 -34.07 -44.09 -2.98
N LYS G 387 -32.96 -44.79 -2.77
CA LYS G 387 -32.43 -45.66 -3.82
C LYS G 387 -33.46 -46.58 -4.47
N THR G 388 -34.53 -46.89 -3.74
CA THR G 388 -35.57 -47.75 -4.29
C THR G 388 -36.52 -46.96 -5.18
N MET G 389 -36.85 -45.74 -4.79
CA MET G 389 -37.72 -44.91 -5.61
C MET G 389 -36.97 -44.58 -6.89
N GLN G 390 -35.70 -44.95 -6.92
CA GLN G 390 -34.84 -44.73 -8.08
C GLN G 390 -34.81 -45.98 -8.96
N ASN G 391 -35.44 -47.05 -8.50
CA ASN G 391 -35.47 -48.30 -9.23
C ASN G 391 -36.88 -48.67 -9.68
N VAL G 392 -37.88 -48.18 -8.96
CA VAL G 392 -39.26 -48.48 -9.30
C VAL G 392 -39.93 -47.39 -10.12
N LYS G 393 -40.51 -47.78 -11.25
CA LYS G 393 -41.19 -46.83 -12.13
C LYS G 393 -42.67 -46.76 -11.83
N HIS G 394 -43.20 -45.53 -11.77
CA HIS G 394 -44.61 -45.29 -11.50
C HIS G 394 -45.46 -46.17 -12.42
N PRO G 395 -46.57 -46.72 -11.90
CA PRO G 395 -47.42 -47.58 -12.73
C PRO G 395 -48.04 -46.89 -13.95
N VAL G 396 -48.50 -45.66 -13.74
CA VAL G 396 -49.14 -44.86 -14.80
C VAL G 396 -48.08 -44.17 -15.70
N THR G 397 -47.27 -43.31 -15.09
CA THR G 397 -46.21 -42.59 -15.78
C THR G 397 -45.07 -43.56 -16.04
N GLY G 398 -44.50 -43.52 -17.24
CA GLY G 398 -43.41 -44.44 -17.49
C GLY G 398 -42.14 -44.10 -16.72
N GLN G 399 -42.13 -42.95 -16.06
CA GLN G 399 -40.98 -42.46 -15.32
C GLN G 399 -40.81 -43.06 -13.93
N PHE G 400 -39.59 -42.91 -13.38
CA PHE G 400 -39.26 -43.42 -12.05
C PHE G 400 -39.91 -42.61 -10.92
N LEU G 401 -40.14 -43.26 -9.79
CA LEU G 401 -40.76 -42.62 -8.65
C LEU G 401 -40.00 -41.43 -8.10
N TYR G 402 -38.67 -41.54 -8.09
CA TYR G 402 -37.79 -40.48 -7.56
C TYR G 402 -37.70 -39.20 -8.36
N GLN G 403 -38.00 -38.07 -7.71
CA GLN G 403 -37.93 -36.78 -8.37
C GLN G 403 -36.48 -36.35 -8.51
N ASP G 404 -35.93 -36.58 -9.71
CA ASP G 404 -34.54 -36.29 -10.02
C ASP G 404 -34.07 -34.85 -9.77
N SER G 405 -35.01 -33.94 -9.59
CA SER G 405 -34.65 -32.55 -9.37
C SER G 405 -34.21 -32.21 -7.94
N ASN G 406 -34.22 -33.18 -7.04
CA ASN G 406 -33.81 -32.91 -5.66
C ASN G 406 -32.65 -33.79 -5.22
N TRP G 407 -32.11 -33.51 -4.05
CA TRP G 407 -31.02 -34.30 -3.49
C TRP G 407 -31.53 -34.67 -2.11
N ALA G 408 -32.58 -33.98 -1.70
CA ALA G 408 -33.21 -34.21 -0.41
C ALA G 408 -34.68 -34.49 -0.63
N SER G 409 -35.05 -35.77 -0.53
CA SER G 409 -36.44 -36.21 -0.72
C SER G 409 -37.27 -35.96 0.53
N LYS G 410 -38.58 -36.04 0.38
CA LYS G 410 -39.50 -35.83 1.50
C LYS G 410 -39.96 -37.11 2.15
N VAL G 411 -39.71 -37.24 3.45
CA VAL G 411 -40.14 -38.41 4.19
C VAL G 411 -40.99 -37.93 5.35
N GLU G 412 -42.19 -38.50 5.45
CA GLU G 412 -43.16 -38.13 6.47
C GLU G 412 -43.02 -38.89 7.77
N LYS G 413 -43.50 -38.29 8.85
CA LYS G 413 -43.43 -38.92 10.18
C LYS G 413 -44.58 -39.92 10.33
N LEU G 414 -44.35 -40.99 11.08
CA LEU G 414 -45.40 -42.00 11.29
C LEU G 414 -46.45 -41.46 12.25
N THR G 415 -47.72 -41.70 11.91
CA THR G 415 -48.82 -41.22 12.75
C THR G 415 -49.42 -42.29 13.65
N LEU G 416 -49.98 -41.82 14.76
CA LEU G 416 -50.63 -42.66 15.75
C LEU G 416 -51.54 -43.69 15.11
N ASP G 417 -52.01 -43.43 13.89
CA ASP G 417 -52.91 -44.36 13.23
C ASP G 417 -52.26 -45.24 12.17
N ASN G 418 -51.02 -45.68 12.42
CA ASN G 418 -50.36 -46.56 11.47
C ASN G 418 -49.63 -47.69 12.18
N ALA G 419 -50.07 -48.91 11.92
CA ALA G 419 -49.48 -50.10 12.52
C ALA G 419 -47.97 -49.98 12.64
N ALA G 420 -47.36 -49.26 11.70
CA ALA G 420 -45.92 -49.07 11.72
C ALA G 420 -45.50 -48.21 12.90
N PHE G 421 -46.32 -47.24 13.26
CA PHE G 421 -46.01 -46.35 14.38
C PHE G 421 -45.63 -47.09 15.64
N PRO G 422 -46.44 -48.06 16.08
CA PRO G 422 -46.10 -48.79 17.29
C PRO G 422 -44.75 -49.49 17.17
N PHE G 423 -44.52 -50.18 16.06
CA PHE G 423 -43.25 -50.87 15.87
C PHE G 423 -42.05 -49.96 16.14
N LEU G 424 -42.16 -48.71 15.71
CA LEU G 424 -41.09 -47.72 15.86
C LEU G 424 -41.12 -46.90 17.13
N ALA G 425 -42.29 -46.39 17.49
CA ALA G 425 -42.41 -45.57 18.69
C ALA G 425 -42.47 -46.35 20.00
N TYR G 426 -42.82 -47.64 19.93
CA TYR G 426 -42.95 -48.48 21.13
C TYR G 426 -41.95 -49.62 21.23
N SER G 427 -41.75 -50.32 20.13
CA SER G 427 -40.86 -51.46 20.13
C SER G 427 -39.45 -51.12 19.69
N GLY G 428 -39.27 -49.91 19.18
CA GLY G 428 -37.96 -49.49 18.76
C GLY G 428 -37.48 -50.21 17.51
N ILE G 429 -38.41 -50.50 16.61
CA ILE G 429 -38.07 -51.16 15.37
C ILE G 429 -38.20 -50.15 14.25
N PRO G 430 -37.16 -49.98 13.43
CA PRO G 430 -37.28 -48.99 12.35
C PRO G 430 -38.35 -49.47 11.36
N ALA G 431 -39.25 -48.57 10.96
CA ALA G 431 -40.32 -48.98 10.07
C ALA G 431 -40.68 -47.99 8.95
N VAL G 432 -40.87 -48.53 7.75
CA VAL G 432 -41.24 -47.73 6.59
C VAL G 432 -42.74 -47.91 6.35
N SER G 433 -43.32 -47.09 5.49
CA SER G 433 -44.74 -47.19 5.19
C SER G 433 -45.12 -46.35 3.97
N PHE G 434 -45.04 -46.93 2.78
CA PHE G 434 -45.37 -46.17 1.58
C PHE G 434 -46.84 -46.13 1.21
N CYS G 435 -47.18 -45.24 0.29
CA CYS G 435 -48.56 -45.03 -0.17
C CYS G 435 -48.66 -44.36 -1.52
N PHE G 436 -49.34 -44.99 -2.48
CA PHE G 436 -49.53 -44.35 -3.78
C PHE G 436 -50.72 -43.42 -3.60
N CYS G 437 -50.62 -42.63 -2.54
CA CYS G 437 -51.61 -41.65 -2.12
C CYS G 437 -52.06 -40.64 -3.18
N GLU G 438 -52.99 -39.76 -2.78
CA GLU G 438 -53.53 -38.69 -3.63
C GLU G 438 -53.61 -37.42 -2.77
N ASP G 439 -53.71 -36.26 -3.41
CA ASP G 439 -53.78 -35.01 -2.65
C ASP G 439 -54.95 -35.07 -1.66
N THR G 440 -56.00 -35.76 -2.06
CA THR G 440 -57.20 -35.92 -1.23
C THR G 440 -57.30 -37.37 -0.79
N ASP G 441 -57.53 -37.58 0.51
CA ASP G 441 -57.65 -38.94 1.04
C ASP G 441 -58.89 -39.65 0.51
N TYR G 442 -58.74 -40.95 0.25
CA TYR G 442 -59.83 -41.79 -0.23
C TYR G 442 -61.06 -41.48 0.62
N PRO G 443 -62.21 -41.25 0.00
CA PRO G 443 -63.44 -40.93 0.74
C PRO G 443 -64.13 -42.14 1.38
N TYR G 444 -64.38 -43.16 0.57
CA TYR G 444 -65.07 -44.37 1.01
C TYR G 444 -64.33 -45.13 2.11
N LEU G 445 -63.11 -44.70 2.40
CA LEU G 445 -62.25 -45.34 3.40
C LEU G 445 -62.96 -45.96 4.60
N GLY G 446 -63.40 -45.14 5.55
CA GLY G 446 -64.06 -45.68 6.74
C GLY G 446 -65.54 -46.01 6.62
N THR G 447 -66.03 -46.22 5.41
CA THR G 447 -67.44 -46.51 5.22
C THR G 447 -67.72 -47.74 4.38
N THR G 448 -68.98 -48.18 4.44
CA THR G 448 -69.46 -49.35 3.72
C THR G 448 -69.27 -49.26 2.20
N MET G 449 -68.66 -48.18 1.76
CA MET G 449 -68.46 -47.98 0.33
C MET G 449 -67.09 -48.41 -0.17
N ASP G 450 -66.25 -48.88 0.74
CA ASP G 450 -64.90 -49.33 0.41
C ASP G 450 -64.94 -50.64 -0.40
N THR G 451 -65.78 -50.68 -1.43
CA THR G 451 -65.91 -51.88 -2.26
C THR G 451 -64.88 -51.98 -3.36
N TYR G 452 -64.58 -53.20 -3.77
CA TYR G 452 -63.61 -53.46 -4.83
C TYR G 452 -64.08 -52.79 -6.10
N LYS G 453 -65.38 -52.58 -6.20
CA LYS G 453 -65.94 -51.93 -7.38
C LYS G 453 -65.65 -50.45 -7.37
N GLU G 454 -66.32 -49.71 -6.48
CA GLU G 454 -66.09 -48.28 -6.43
C GLU G 454 -64.61 -47.94 -6.39
N LEU G 455 -63.77 -48.90 -6.00
CA LEU G 455 -62.33 -48.67 -5.98
C LEU G 455 -61.83 -48.66 -7.41
N ILE G 456 -61.89 -49.82 -8.05
CA ILE G 456 -61.44 -49.96 -9.42
C ILE G 456 -62.19 -49.01 -10.38
N GLU G 457 -63.33 -48.47 -9.94
CA GLU G 457 -64.09 -47.53 -10.76
C GLU G 457 -63.37 -46.19 -10.63
N ARG G 458 -62.60 -46.07 -9.55
CA ARG G 458 -61.85 -44.86 -9.26
C ARG G 458 -60.35 -45.00 -9.44
N ILE G 459 -59.90 -46.14 -9.97
CA ILE G 459 -58.48 -46.36 -10.17
C ILE G 459 -58.23 -47.49 -11.18
N PRO G 460 -58.84 -47.38 -12.37
CA PRO G 460 -58.81 -48.28 -13.52
C PRO G 460 -57.68 -49.30 -13.63
N GLU G 461 -56.44 -48.85 -13.47
CA GLU G 461 -55.30 -49.76 -13.57
C GLU G 461 -54.82 -50.24 -12.20
N LEU G 462 -55.76 -50.41 -11.27
CA LEU G 462 -55.44 -50.87 -9.92
C LEU G 462 -54.41 -51.99 -9.89
N ASN G 463 -54.41 -52.82 -10.93
CA ASN G 463 -53.46 -53.91 -10.96
C ASN G 463 -52.03 -53.39 -11.05
N LYS G 464 -51.74 -52.60 -12.08
CA LYS G 464 -50.41 -52.05 -12.25
C LYS G 464 -49.96 -51.29 -11.01
N VAL G 465 -50.84 -50.46 -10.47
CA VAL G 465 -50.52 -49.70 -9.27
C VAL G 465 -50.10 -50.62 -8.14
N ALA G 466 -50.99 -51.53 -7.77
CA ALA G 466 -50.69 -52.47 -6.70
C ALA G 466 -49.36 -53.15 -6.99
N ARG G 467 -49.11 -53.46 -8.25
CA ARG G 467 -47.87 -54.12 -8.62
C ARG G 467 -46.68 -53.30 -8.19
N ALA G 468 -46.69 -52.01 -8.51
CA ALA G 468 -45.59 -51.13 -8.14
C ALA G 468 -45.40 -51.19 -6.61
N ALA G 469 -46.48 -50.98 -5.87
CA ALA G 469 -46.43 -51.01 -4.42
C ALA G 469 -45.79 -52.31 -3.99
N ALA G 470 -46.19 -53.40 -4.63
CA ALA G 470 -45.65 -54.70 -4.30
C ALA G 470 -44.19 -54.79 -4.69
N GLU G 471 -43.75 -53.91 -5.60
CA GLU G 471 -42.36 -53.93 -6.03
C GLU G 471 -41.46 -53.16 -5.05
N VAL G 472 -41.88 -51.96 -4.65
CA VAL G 472 -41.09 -51.20 -3.71
C VAL G 472 -41.01 -52.00 -2.41
N ALA G 473 -42.13 -52.63 -2.04
CA ALA G 473 -42.18 -53.45 -0.84
C ALA G 473 -41.23 -54.62 -1.00
N GLY G 474 -41.19 -55.18 -2.21
CA GLY G 474 -40.33 -56.30 -2.50
C GLY G 474 -38.85 -55.96 -2.41
N GLN G 475 -38.44 -54.90 -3.09
CA GLN G 475 -37.06 -54.49 -3.06
C GLN G 475 -36.60 -54.21 -1.63
N PHE G 476 -37.43 -53.54 -0.84
CA PHE G 476 -37.08 -53.27 0.56
C PHE G 476 -36.61 -54.60 1.19
N VAL G 477 -37.43 -55.64 1.02
CA VAL G 477 -37.13 -56.95 1.56
C VAL G 477 -35.87 -57.54 0.97
N ILE G 478 -35.77 -57.57 -0.36
CA ILE G 478 -34.57 -58.12 -0.98
C ILE G 478 -33.38 -57.37 -0.42
N LYS G 479 -33.43 -56.05 -0.51
CA LYS G 479 -32.34 -55.20 -0.02
C LYS G 479 -31.96 -55.42 1.45
N LEU G 480 -32.94 -55.45 2.33
CA LEU G 480 -32.68 -55.66 3.74
C LEU G 480 -32.17 -57.08 4.04
N THR G 481 -32.07 -57.92 3.01
CA THR G 481 -31.62 -59.30 3.19
C THR G 481 -30.49 -59.76 2.28
N HIS G 482 -30.58 -59.42 1.00
CA HIS G 482 -29.58 -59.77 -0.02
C HIS G 482 -28.15 -59.80 0.48
N ASP G 483 -27.67 -58.70 1.05
CA ASP G 483 -26.28 -58.60 1.52
C ASP G 483 -26.05 -58.97 2.96
N VAL G 484 -24.79 -59.22 3.28
CA VAL G 484 -24.37 -59.62 4.62
C VAL G 484 -24.34 -58.46 5.61
N GLU G 485 -24.16 -57.24 5.10
CA GLU G 485 -24.12 -56.07 5.96
C GLU G 485 -25.55 -55.57 6.15
N LEU G 486 -25.94 -55.38 7.40
CA LEU G 486 -27.28 -54.91 7.70
C LEU G 486 -27.28 -53.43 7.30
N ASN G 487 -27.97 -53.13 6.20
CA ASN G 487 -28.00 -51.76 5.70
C ASN G 487 -29.03 -50.80 6.30
N LEU G 488 -28.68 -50.17 7.41
CA LEU G 488 -29.54 -49.19 8.05
C LEU G 488 -28.74 -47.91 8.24
N ASP G 489 -29.35 -46.77 7.93
CA ASP G 489 -28.71 -45.46 8.03
C ASP G 489 -28.56 -44.95 9.45
N TYR G 490 -27.71 -45.58 10.25
CA TYR G 490 -27.56 -45.12 11.62
C TYR G 490 -26.89 -43.75 11.69
N GLU G 491 -26.45 -43.25 10.53
CA GLU G 491 -25.81 -41.94 10.44
C GLU G 491 -26.85 -40.84 10.50
N GLU G 492 -27.90 -41.00 9.71
CA GLU G 492 -28.98 -40.02 9.67
C GLU G 492 -29.42 -39.55 11.05
N TYR G 493 -29.05 -40.28 12.10
CA TYR G 493 -29.41 -39.88 13.45
C TYR G 493 -28.47 -38.81 13.97
N ASN G 494 -27.29 -38.73 13.37
CA ASN G 494 -26.33 -37.72 13.77
C ASN G 494 -26.99 -36.42 13.41
N SER G 495 -27.48 -36.38 12.17
CA SER G 495 -28.15 -35.22 11.66
C SER G 495 -29.35 -34.94 12.55
N GLN G 496 -30.21 -35.95 12.66
CA GLN G 496 -31.41 -35.83 13.49
C GLN G 496 -31.12 -35.29 14.87
N LEU G 497 -29.96 -35.64 15.40
CA LEU G 497 -29.55 -35.21 16.72
C LEU G 497 -29.01 -33.78 16.68
N LEU G 498 -28.30 -33.45 15.62
CA LEU G 498 -27.74 -32.10 15.48
C LEU G 498 -28.86 -31.09 15.32
N SER G 499 -29.85 -31.45 14.51
CA SER G 499 -30.97 -30.57 14.28
C SER G 499 -31.55 -30.16 15.62
N PHE G 500 -31.67 -31.12 16.52
CA PHE G 500 -32.19 -30.85 17.86
C PHE G 500 -31.31 -29.80 18.52
N VAL G 501 -30.04 -30.14 18.71
CA VAL G 501 -29.08 -29.25 19.34
C VAL G 501 -29.22 -27.86 18.77
N ARG G 502 -29.35 -27.76 17.46
CA ARG G 502 -29.51 -26.47 16.81
C ARG G 502 -30.76 -25.75 17.32
N ASP G 503 -31.92 -26.30 17.02
CA ASP G 503 -33.17 -25.71 17.45
C ASP G 503 -33.11 -25.35 18.94
N LEU G 504 -32.38 -26.15 19.72
CA LEU G 504 -32.28 -25.88 21.15
C LEU G 504 -31.46 -24.62 21.42
N ASN G 505 -30.43 -24.39 20.62
CA ASN G 505 -29.58 -23.22 20.82
C ASN G 505 -30.27 -21.91 20.56
N GLN G 506 -31.48 -21.98 20.00
CA GLN G 506 -32.24 -20.76 19.74
C GLN G 506 -32.79 -20.22 21.05
N TYR G 507 -32.59 -20.99 22.12
CA TYR G 507 -33.07 -20.60 23.44
C TYR G 507 -31.91 -20.49 24.40
N ARG G 508 -30.69 -20.43 23.86
CA ARG G 508 -29.50 -20.34 24.68
C ARG G 508 -29.64 -19.22 25.70
N ALA G 509 -30.51 -18.26 25.37
CA ALA G 509 -30.78 -17.13 26.24
C ALA G 509 -31.49 -17.66 27.47
N ASP G 510 -32.63 -18.30 27.25
CA ASP G 510 -33.41 -18.86 28.35
C ASP G 510 -32.55 -19.85 29.11
N ILE G 511 -31.83 -20.68 28.38
CA ILE G 511 -30.95 -21.67 29.00
C ILE G 511 -29.97 -20.98 29.93
N LYS G 512 -29.64 -19.73 29.62
CA LYS G 512 -28.71 -18.97 30.43
C LYS G 512 -29.34 -18.36 31.69
N GLU G 513 -30.53 -17.79 31.56
CA GLU G 513 -31.21 -17.22 32.72
C GLU G 513 -31.26 -18.29 33.79
N MET G 514 -31.47 -19.54 33.35
CA MET G 514 -31.49 -20.69 34.26
C MET G 514 -30.01 -21.09 34.34
N GLY G 515 -29.57 -21.59 35.48
CA GLY G 515 -28.17 -21.97 35.61
C GLY G 515 -27.64 -23.04 34.66
N LEU G 516 -28.54 -23.62 33.87
CA LEU G 516 -28.19 -24.68 32.92
C LEU G 516 -26.96 -24.45 32.06
N SER G 517 -26.09 -25.45 32.01
CA SER G 517 -24.87 -25.39 31.23
C SER G 517 -25.05 -25.93 29.82
N LEU G 518 -26.03 -26.82 29.66
CA LEU G 518 -26.32 -27.39 28.36
C LEU G 518 -25.07 -27.96 27.69
N GLN G 519 -24.01 -28.14 28.47
CA GLN G 519 -22.75 -28.66 27.95
C GLN G 519 -22.76 -30.19 27.86
N TRP G 520 -23.40 -30.84 28.81
CA TRP G 520 -23.48 -32.29 28.83
C TRP G 520 -24.18 -32.87 27.61
N LEU G 521 -25.10 -32.10 27.04
CA LEU G 521 -25.85 -32.55 25.87
C LEU G 521 -24.92 -32.66 24.68
N TYR G 522 -24.11 -31.63 24.46
CA TYR G 522 -23.18 -31.62 23.33
C TYR G 522 -22.25 -32.80 23.47
N SER G 523 -21.82 -33.06 24.69
CA SER G 523 -20.92 -34.17 24.94
C SER G 523 -21.58 -35.46 24.47
N ALA G 524 -22.84 -35.67 24.86
CA ALA G 524 -23.55 -36.87 24.46
C ALA G 524 -23.64 -36.90 22.94
N ARG G 525 -24.21 -35.86 22.36
CA ARG G 525 -24.34 -35.76 20.90
C ARG G 525 -23.04 -36.14 20.22
N GLY G 526 -21.93 -35.76 20.82
CA GLY G 526 -20.63 -36.05 20.25
C GLY G 526 -20.20 -37.46 20.60
N ASP G 527 -20.32 -37.80 21.88
CA ASP G 527 -19.95 -39.13 22.36
C ASP G 527 -20.69 -40.14 21.48
N PHE G 528 -21.80 -39.73 20.90
CA PHE G 528 -22.60 -40.59 20.04
C PHE G 528 -22.03 -40.57 18.62
N PHE G 529 -21.68 -39.39 18.15
CA PHE G 529 -21.14 -39.23 16.82
C PHE G 529 -19.95 -40.17 16.63
N ARG G 530 -18.99 -40.12 17.56
CA ARG G 530 -17.82 -41.00 17.48
C ARG G 530 -18.31 -42.44 17.36
N ALA G 531 -19.19 -42.82 18.27
CA ALA G 531 -19.74 -44.17 18.28
C ALA G 531 -20.09 -44.62 16.88
N THR G 532 -20.80 -43.76 16.15
CA THR G 532 -21.21 -44.07 14.79
C THR G 532 -20.03 -44.07 13.84
N SER G 533 -19.04 -43.22 14.12
CA SER G 533 -17.88 -43.16 13.27
C SER G 533 -17.04 -44.41 13.38
N ARG G 534 -17.05 -45.04 14.55
CA ARG G 534 -16.28 -46.25 14.74
C ARG G 534 -17.01 -47.32 13.98
N LEU G 535 -18.28 -47.49 14.32
CA LEU G 535 -19.09 -48.50 13.66
C LEU G 535 -18.92 -48.32 12.15
N THR G 536 -19.14 -47.12 11.66
CA THR G 536 -19.00 -46.86 10.24
C THR G 536 -17.61 -47.22 9.74
N THR G 537 -16.66 -47.30 10.66
CA THR G 537 -15.30 -47.65 10.29
C THR G 537 -15.12 -49.16 10.39
N ASP G 538 -15.29 -49.70 11.59
CA ASP G 538 -15.15 -51.15 11.82
C ASP G 538 -15.72 -51.97 10.67
N PHE G 539 -16.87 -51.54 10.16
CA PHE G 539 -17.51 -52.22 9.04
C PHE G 539 -16.54 -52.30 7.88
N GLY G 540 -16.10 -51.14 7.40
CA GLY G 540 -15.18 -51.10 6.28
C GLY G 540 -13.98 -52.00 6.46
N ASN G 541 -13.45 -52.07 7.67
CA ASN G 541 -12.27 -52.89 7.94
C ASN G 541 -12.57 -54.37 8.13
N ALA G 542 -13.84 -54.70 8.32
CA ALA G 542 -14.25 -56.08 8.49
C ALA G 542 -14.56 -56.71 7.12
N GLU G 543 -14.37 -58.01 7.00
CA GLU G 543 -14.61 -58.72 5.75
C GLU G 543 -15.96 -59.42 5.73
N LYS G 544 -16.67 -59.27 4.62
CA LYS G 544 -17.99 -59.86 4.45
C LYS G 544 -17.89 -61.38 4.46
N THR G 545 -16.81 -61.90 5.04
CA THR G 545 -16.58 -63.33 5.11
C THR G 545 -16.53 -63.82 6.55
N ASP G 546 -16.16 -62.94 7.47
CA ASP G 546 -16.09 -63.33 8.88
C ASP G 546 -17.47 -63.21 9.52
N ARG G 547 -18.31 -64.22 9.25
CA ARG G 547 -19.66 -64.26 9.78
C ARG G 547 -19.72 -63.75 11.21
N PHE G 548 -18.61 -63.92 11.94
CA PHE G 548 -18.54 -63.49 13.33
C PHE G 548 -18.39 -61.99 13.53
N VAL G 549 -17.35 -61.42 12.93
CA VAL G 549 -17.11 -59.99 13.10
C VAL G 549 -18.24 -59.18 12.52
N MET G 550 -18.87 -59.70 11.48
CA MET G 550 -19.98 -59.02 10.85
C MET G 550 -21.20 -59.07 11.72
N LYS G 551 -21.45 -60.23 12.32
CA LYS G 551 -22.60 -60.39 13.18
C LYS G 551 -22.45 -59.45 14.38
N LYS G 552 -21.22 -59.30 14.87
CA LYS G 552 -21.00 -58.43 16.01
C LYS G 552 -21.33 -56.97 15.66
N LEU G 553 -21.09 -56.57 14.41
CA LEU G 553 -21.37 -55.22 13.97
C LEU G 553 -22.86 -55.02 13.71
N ASN G 554 -23.42 -55.85 12.84
CA ASN G 554 -24.84 -55.76 12.51
C ASN G 554 -25.69 -55.65 13.77
N ASP G 555 -25.28 -56.36 14.82
CA ASP G 555 -26.01 -56.32 16.06
C ASP G 555 -25.98 -54.91 16.65
N ARG G 556 -24.84 -54.23 16.50
CA ARG G 556 -24.70 -52.88 17.01
C ARG G 556 -25.66 -51.97 16.25
N VAL G 557 -25.72 -52.17 14.93
CA VAL G 557 -26.60 -51.39 14.08
C VAL G 557 -28.04 -51.60 14.53
N MET G 558 -28.38 -52.85 14.78
CA MET G 558 -29.70 -53.26 15.19
C MET G 558 -30.11 -52.68 16.54
N ARG G 559 -29.16 -52.10 17.27
CA ARG G 559 -29.42 -51.52 18.60
C ARG G 559 -29.79 -50.04 18.47
N VAL G 560 -29.16 -49.38 17.50
CA VAL G 560 -29.35 -47.95 17.26
C VAL G 560 -30.78 -47.41 17.45
N GLU G 561 -31.74 -47.94 16.70
CA GLU G 561 -33.11 -47.46 16.80
C GLU G 561 -33.76 -47.64 18.16
N TYR G 562 -33.65 -48.85 18.72
CA TYR G 562 -34.23 -49.15 20.03
C TYR G 562 -33.70 -48.28 21.17
N HIS G 563 -32.39 -48.04 21.17
CA HIS G 563 -31.79 -47.25 22.22
C HIS G 563 -32.13 -45.76 22.28
N PHE G 564 -33.07 -45.32 21.44
CA PHE G 564 -33.50 -43.92 21.46
C PHE G 564 -34.87 -43.84 22.12
N LEU G 565 -35.22 -44.91 22.81
CA LEU G 565 -36.47 -44.99 23.55
C LEU G 565 -36.08 -44.65 24.99
N SER G 566 -36.66 -43.58 25.55
CA SER G 566 -36.33 -43.17 26.91
C SER G 566 -36.35 -44.29 27.92
N PRO G 567 -35.17 -44.66 28.42
CA PRO G 567 -35.13 -45.74 29.41
C PRO G 567 -35.49 -45.20 30.80
N TYR G 568 -36.24 -44.11 30.83
CA TYR G 568 -36.63 -43.53 32.10
C TYR G 568 -38.15 -43.38 32.23
N VAL G 569 -38.89 -43.98 31.30
CA VAL G 569 -40.35 -43.92 31.34
C VAL G 569 -40.91 -45.31 31.17
N SER G 570 -41.92 -45.65 31.97
CA SER G 570 -42.53 -46.96 31.91
C SER G 570 -43.52 -47.18 30.77
N PRO G 571 -43.35 -48.28 30.02
CA PRO G 571 -44.24 -48.60 28.90
C PRO G 571 -45.69 -48.63 29.35
N LYS G 572 -45.91 -49.02 30.59
CA LYS G 572 -47.25 -49.10 31.15
C LYS G 572 -47.89 -47.72 31.23
N GLU G 573 -47.06 -46.69 31.46
CA GLU G 573 -47.53 -45.31 31.59
C GLU G 573 -47.51 -44.55 30.25
N SER G 574 -46.35 -44.55 29.60
CA SER G 574 -46.17 -43.87 28.32
C SER G 574 -45.50 -44.83 27.34
N PRO G 575 -46.31 -45.63 26.63
CA PRO G 575 -45.87 -46.63 25.65
C PRO G 575 -44.95 -46.18 24.51
N PHE G 576 -45.12 -44.97 24.02
CA PHE G 576 -44.29 -44.47 22.92
C PHE G 576 -43.06 -43.74 23.45
N ARG G 577 -42.12 -44.51 23.97
CA ARG G 577 -40.91 -43.98 24.57
C ARG G 577 -39.87 -43.36 23.66
N HIS G 578 -39.97 -43.58 22.35
CA HIS G 578 -38.99 -43.03 21.43
C HIS G 578 -38.81 -41.54 21.57
N VAL G 579 -37.68 -41.11 22.12
CA VAL G 579 -37.42 -39.69 22.32
C VAL G 579 -37.70 -38.85 21.08
N PHE G 580 -37.47 -39.40 19.88
CA PHE G 580 -37.68 -38.68 18.63
C PHE G 580 -39.09 -38.74 18.03
N TRP G 581 -39.69 -39.91 17.97
CA TRP G 581 -41.02 -40.06 17.37
C TRP G 581 -42.12 -40.43 18.34
N GLY G 582 -41.76 -40.62 19.61
CA GLY G 582 -42.73 -41.00 20.61
C GLY G 582 -43.77 -39.93 20.90
N SER G 583 -44.35 -40.02 22.10
CA SER G 583 -45.36 -39.07 22.56
C SER G 583 -45.28 -39.08 24.07
N GLY G 584 -45.09 -37.89 24.65
CA GLY G 584 -44.99 -37.77 26.09
C GLY G 584 -43.99 -36.69 26.46
N SER G 585 -43.82 -36.41 27.74
CA SER G 585 -42.87 -35.38 28.13
C SER G 585 -41.43 -35.82 27.91
N HIS G 586 -41.24 -37.11 27.69
CA HIS G 586 -39.89 -37.65 27.46
C HIS G 586 -39.45 -37.35 26.04
N THR G 587 -40.43 -37.05 25.19
CA THR G 587 -40.21 -36.73 23.79
C THR G 587 -39.21 -35.59 23.67
N LEU G 588 -38.28 -35.69 22.72
CA LEU G 588 -37.30 -34.64 22.50
C LEU G 588 -38.06 -33.39 22.06
N PRO G 589 -38.91 -33.51 21.02
CA PRO G 589 -39.67 -32.35 20.55
C PRO G 589 -40.45 -31.73 21.70
N ALA G 590 -40.98 -32.57 22.57
CA ALA G 590 -41.74 -32.08 23.71
C ALA G 590 -40.92 -31.12 24.59
N LEU G 591 -39.60 -31.34 24.63
CA LEU G 591 -38.72 -30.50 25.43
C LEU G 591 -38.76 -29.07 24.92
N LEU G 592 -38.41 -28.88 23.65
CA LEU G 592 -38.42 -27.57 23.07
C LEU G 592 -39.82 -27.00 23.25
N GLU G 593 -40.83 -27.80 22.91
CA GLU G 593 -42.21 -27.37 23.01
C GLU G 593 -42.61 -26.79 24.37
N ASN G 594 -41.87 -27.14 25.43
CA ASN G 594 -42.15 -26.61 26.76
C ASN G 594 -41.32 -25.34 26.94
N LEU G 595 -40.07 -25.41 26.49
CA LEU G 595 -39.15 -24.28 26.59
C LEU G 595 -39.66 -23.06 25.82
N LYS G 596 -40.32 -23.30 24.69
CA LYS G 596 -40.87 -22.20 23.89
C LYS G 596 -41.73 -21.31 24.78
N LEU G 597 -42.47 -21.95 25.68
CA LEU G 597 -43.35 -21.24 26.60
C LEU G 597 -42.64 -20.32 27.59
N ARG G 598 -41.34 -20.53 27.77
CA ARG G 598 -40.54 -19.71 28.68
C ARG G 598 -40.69 -18.22 28.40
N LYS G 599 -40.54 -17.86 27.13
CA LYS G 599 -40.65 -16.49 26.68
C LYS G 599 -41.99 -15.83 26.98
N GLN G 600 -43.07 -16.62 26.96
CA GLN G 600 -44.42 -16.14 27.23
C GLN G 600 -44.57 -15.52 28.62
N ASN G 601 -43.47 -15.47 29.36
CA ASN G 601 -43.42 -14.91 30.71
C ASN G 601 -44.52 -15.35 31.68
N ASN G 602 -45.46 -16.16 31.21
CA ASN G 602 -46.53 -16.64 32.08
C ASN G 602 -46.08 -17.92 32.79
N GLY G 603 -47.01 -18.59 33.47
CA GLY G 603 -46.67 -19.81 34.18
C GLY G 603 -46.70 -21.07 33.33
N ALA G 604 -47.17 -20.94 32.10
CA ALA G 604 -47.27 -22.06 31.17
C ALA G 604 -46.02 -22.94 31.14
N PHE G 605 -44.87 -22.34 31.41
CA PHE G 605 -43.61 -23.07 31.42
C PHE G 605 -43.35 -23.73 32.78
N ASN G 606 -43.24 -25.04 32.78
CA ASN G 606 -42.94 -25.76 34.03
C ASN G 606 -41.42 -25.89 34.05
N GLU G 607 -40.77 -25.16 34.93
CA GLU G 607 -39.32 -25.19 35.00
C GLU G 607 -38.78 -26.52 35.50
N THR G 608 -39.35 -27.02 36.58
CA THR G 608 -38.87 -28.29 37.13
C THR G 608 -38.99 -29.37 36.06
N LEU G 609 -40.08 -29.36 35.30
CA LEU G 609 -40.28 -30.33 34.25
C LEU G 609 -39.13 -30.25 33.24
N PHE G 610 -38.87 -29.04 32.74
CA PHE G 610 -37.78 -28.83 31.78
C PHE G 610 -36.49 -29.40 32.35
N ARG G 611 -36.06 -28.84 33.48
CA ARG G 611 -34.84 -29.29 34.13
C ARG G 611 -34.61 -30.78 33.93
N ASN G 612 -35.62 -31.57 34.24
CA ASN G 612 -35.52 -33.02 34.09
C ASN G 612 -35.48 -33.38 32.61
N GLN G 613 -36.50 -32.94 31.88
CA GLN G 613 -36.58 -33.21 30.45
C GLN G 613 -35.18 -33.15 29.85
N LEU G 614 -34.53 -32.02 30.03
CA LEU G 614 -33.18 -31.84 29.50
C LEU G 614 -32.26 -32.90 30.12
N ALA G 615 -32.17 -32.88 31.44
CA ALA G 615 -31.33 -33.81 32.19
C ALA G 615 -31.38 -35.24 31.67
N LEU G 616 -32.58 -35.80 31.61
CA LEU G 616 -32.75 -37.16 31.13
C LEU G 616 -32.52 -37.26 29.62
N ALA G 617 -33.22 -36.43 28.86
CA ALA G 617 -33.07 -36.44 27.41
C ALA G 617 -31.59 -36.46 27.05
N THR G 618 -30.76 -35.95 27.95
CA THR G 618 -29.33 -35.93 27.71
C THR G 618 -28.80 -37.35 27.89
N TRP G 619 -28.98 -37.89 29.09
CA TRP G 619 -28.52 -39.24 29.39
C TRP G 619 -29.13 -40.28 28.46
N THR G 620 -30.29 -39.98 27.88
CA THR G 620 -30.91 -40.93 26.95
C THR G 620 -29.99 -41.00 25.74
N ILE G 621 -29.67 -39.85 25.19
CA ILE G 621 -28.78 -39.76 24.04
C ILE G 621 -27.41 -40.30 24.44
N GLN G 622 -26.93 -39.87 25.61
CA GLN G 622 -25.65 -40.32 26.12
C GLN G 622 -25.61 -41.83 26.08
N GLY G 623 -26.59 -42.44 26.74
CA GLY G 623 -26.68 -43.88 26.78
C GLY G 623 -26.67 -44.50 25.40
N ALA G 624 -27.47 -43.94 24.50
CA ALA G 624 -27.55 -44.45 23.14
C ALA G 624 -26.13 -44.57 22.57
N ALA G 625 -25.26 -43.67 23.01
CA ALA G 625 -23.88 -43.67 22.55
C ALA G 625 -23.11 -44.81 23.18
N ASN G 626 -23.13 -44.85 24.51
CA ASN G 626 -22.42 -45.89 25.24
C ASN G 626 -22.88 -47.27 24.82
N ALA G 627 -24.10 -47.36 24.30
CA ALA G 627 -24.62 -48.66 23.87
C ALA G 627 -24.17 -48.98 22.46
N LEU G 628 -24.10 -47.96 21.62
CA LEU G 628 -23.72 -48.13 20.21
C LEU G 628 -22.21 -48.31 19.98
N SER G 629 -21.50 -48.66 21.05
CA SER G 629 -20.05 -48.93 21.04
C SER G 629 -19.16 -47.94 21.78
N GLY G 630 -18.19 -47.39 21.05
CA GLY G 630 -17.22 -46.51 21.65
C GLY G 630 -16.20 -47.51 22.13
N ASP G 631 -16.30 -48.71 21.54
CA ASP G 631 -15.45 -49.85 21.83
C ASP G 631 -15.72 -50.31 23.26
N VAL G 632 -16.90 -49.95 23.77
CA VAL G 632 -17.28 -50.29 25.14
C VAL G 632 -16.44 -49.43 26.09
N TRP G 633 -16.96 -49.18 27.28
CA TRP G 633 -16.22 -48.40 28.26
C TRP G 633 -15.72 -47.07 27.66
N ASP G 634 -16.61 -46.33 27.00
CA ASP G 634 -16.21 -45.04 26.40
C ASP G 634 -15.25 -44.28 27.32
N ILE G 635 -14.02 -44.07 26.83
CA ILE G 635 -12.98 -43.43 27.62
C ILE G 635 -12.84 -41.90 27.52
N ASP G 636 -13.96 -41.17 27.57
CA ASP G 636 -13.87 -39.71 27.58
C ASP G 636 -13.99 -39.39 29.06
N ASN G 637 -13.07 -39.97 29.82
CA ASN G 637 -12.95 -39.85 31.27
C ASN G 637 -12.64 -38.44 31.78
N GLU G 638 -12.09 -37.61 30.91
CA GLU G 638 -11.74 -36.24 31.28
C GLU G 638 -13.02 -35.47 31.67
N PHE G 639 -13.48 -34.60 30.77
CA PHE G 639 -14.68 -33.79 30.98
C PHE G 639 -15.10 -33.73 32.45
N LEU H 1 -3.59 -73.55 27.82
CA LEU H 1 -3.42 -74.31 29.06
C LEU H 1 -4.76 -74.81 29.62
N TYR H 2 -4.71 -75.84 30.47
CA TYR H 2 -5.92 -76.38 31.08
C TYR H 2 -6.11 -75.90 32.50
N TRP H 3 -7.32 -76.09 33.03
CA TRP H 3 -7.64 -75.65 34.37
C TRP H 3 -6.60 -75.98 35.42
N ASP H 4 -6.22 -77.25 35.51
CA ASP H 4 -5.20 -77.64 36.48
C ASP H 4 -4.01 -76.69 36.38
N ASP H 5 -3.55 -76.45 35.15
CA ASP H 5 -2.43 -75.56 34.91
C ASP H 5 -2.68 -74.20 35.52
N LEU H 6 -3.80 -73.59 35.13
CA LEU H 6 -4.15 -72.28 35.66
C LEU H 6 -4.35 -72.31 37.17
N LYS H 7 -4.95 -73.39 37.67
CA LYS H 7 -5.19 -73.50 39.09
C LYS H 7 -3.86 -73.57 39.82
N ARG H 8 -3.00 -74.47 39.35
CA ARG H 8 -1.67 -74.66 39.94
C ARG H 8 -0.84 -73.39 39.87
N LYS H 9 -0.79 -72.76 38.70
CA LYS H 9 -0.04 -71.53 38.54
C LYS H 9 -0.56 -70.48 39.51
N LEU H 10 -1.83 -70.11 39.36
CA LEU H 10 -2.45 -69.13 40.22
C LEU H 10 -2.13 -69.38 41.70
N SER H 11 -1.94 -70.64 42.06
CA SER H 11 -1.64 -70.98 43.44
C SER H 11 -0.23 -70.54 43.84
N GLU H 12 0.78 -71.03 43.14
CA GLU H 12 2.15 -70.67 43.47
C GLU H 12 2.33 -69.16 43.44
N LYS H 13 1.67 -68.49 42.50
CA LYS H 13 1.75 -67.04 42.41
C LYS H 13 1.18 -66.50 43.72
N LEU H 14 0.10 -67.12 44.19
CA LEU H 14 -0.54 -66.72 45.44
C LEU H 14 0.36 -67.12 46.60
N ASP H 15 1.18 -68.13 46.37
CA ASP H 15 2.10 -68.62 47.39
C ASP H 15 3.25 -67.63 47.62
N SER H 16 3.48 -66.76 46.64
CA SER H 16 4.55 -65.77 46.72
C SER H 16 4.07 -64.34 46.53
N THR H 17 3.14 -63.91 47.37
CA THR H 17 2.62 -62.55 47.31
C THR H 17 2.31 -62.05 48.72
N ASP H 18 2.98 -60.99 49.12
CA ASP H 18 2.79 -60.41 50.44
C ASP H 18 1.60 -59.47 50.46
N PHE H 19 0.47 -59.97 50.91
CA PHE H 19 -0.75 -59.17 50.99
C PHE H 19 -0.71 -58.27 52.21
N THR H 20 -0.14 -58.80 53.29
CA THR H 20 -0.07 -58.06 54.52
C THR H 20 0.70 -56.74 54.36
N SER H 21 1.73 -56.75 53.52
CA SER H 21 2.54 -55.55 53.28
C SER H 21 1.68 -54.44 52.69
N THR H 22 1.01 -54.76 51.59
CA THR H 22 0.16 -53.80 50.90
C THR H 22 -1.01 -53.32 51.77
N ILE H 23 -1.51 -54.19 52.64
CA ILE H 23 -2.61 -53.83 53.51
C ILE H 23 -2.06 -52.79 54.49
N LYS H 24 -0.78 -52.89 54.78
CA LYS H 24 -0.11 -51.97 55.67
C LYS H 24 0.19 -50.69 54.88
N LEU H 25 0.84 -50.85 53.73
CA LEU H 25 1.19 -49.71 52.89
C LEU H 25 -0.01 -48.80 52.74
N LEU H 26 -1.18 -49.40 52.59
CA LEU H 26 -2.41 -48.64 52.45
C LEU H 26 -2.88 -48.16 53.82
N ASN H 27 -1.92 -47.82 54.68
CA ASN H 27 -2.20 -47.33 56.01
C ASN H 27 -1.24 -46.21 56.42
N GLU H 28 -0.15 -46.08 55.67
CA GLU H 28 0.83 -45.03 55.93
C GLU H 28 0.07 -43.71 55.90
N ASN H 29 0.56 -42.73 56.64
CA ASN H 29 -0.13 -41.44 56.68
C ASN H 29 -0.30 -40.81 55.31
N SER H 30 0.34 -41.40 54.30
CA SER H 30 0.23 -40.91 52.93
C SER H 30 -1.24 -40.97 52.48
N TYR H 31 -1.94 -41.98 52.98
CA TYR H 31 -3.36 -42.17 52.68
C TYR H 31 -4.09 -42.87 53.82
N VAL H 32 -4.20 -42.22 54.96
CA VAL H 32 -4.89 -42.82 56.10
C VAL H 32 -6.31 -42.29 56.28
N PRO H 33 -6.51 -40.99 56.62
CA PRO H 33 -7.94 -40.70 56.73
C PRO H 33 -8.43 -40.41 55.31
N ARG H 34 -8.40 -41.45 54.49
CA ARG H 34 -8.82 -41.37 53.09
C ARG H 34 -10.34 -41.26 52.99
N GLU H 35 -10.91 -40.20 53.52
CA GLU H 35 -12.36 -40.02 53.45
C GLU H 35 -12.71 -39.90 51.97
N ALA H 36 -14.01 -39.98 51.67
CA ALA H 36 -14.48 -39.89 50.30
C ALA H 36 -14.20 -38.52 49.73
N GLY H 37 -13.57 -38.49 48.56
CA GLY H 37 -13.26 -37.24 47.92
C GLY H 37 -12.27 -36.37 48.70
N SER H 38 -11.40 -37.00 49.48
CA SER H 38 -10.40 -36.27 50.25
C SER H 38 -9.11 -36.28 49.45
N GLN H 39 -8.07 -35.65 49.98
CA GLN H 39 -6.79 -35.63 49.30
C GLN H 39 -6.18 -37.01 49.36
N LYS H 40 -6.17 -37.60 50.56
CA LYS H 40 -5.62 -38.92 50.77
C LYS H 40 -6.29 -39.86 49.76
N ASP H 41 -7.62 -39.76 49.71
CA ASP H 41 -8.44 -40.55 48.80
C ASP H 41 -7.77 -40.47 47.43
N GLU H 42 -7.72 -39.25 46.90
CA GLU H 42 -7.13 -38.95 45.61
C GLU H 42 -5.69 -39.44 45.50
N ASN H 43 -5.01 -39.53 46.64
CA ASN H 43 -3.62 -40.01 46.66
C ASN H 43 -3.56 -41.48 46.30
N LEU H 44 -4.28 -42.31 47.08
CA LEU H 44 -4.31 -43.75 46.84
C LEU H 44 -4.86 -44.04 45.45
N ALA H 45 -5.85 -43.24 45.05
CA ALA H 45 -6.45 -43.39 43.73
C ALA H 45 -5.36 -43.39 42.66
N LEU H 46 -4.53 -42.35 42.68
CA LEU H 46 -3.44 -42.23 41.73
C LEU H 46 -2.43 -43.34 41.95
N TYR H 47 -2.34 -43.84 43.17
CA TYR H 47 -1.40 -44.92 43.46
C TYR H 47 -1.85 -46.17 42.71
N VAL H 48 -3.11 -46.52 42.89
CA VAL H 48 -3.67 -47.67 42.22
C VAL H 48 -3.50 -47.46 40.73
N GLU H 49 -3.95 -46.31 40.24
CA GLU H 49 -3.87 -45.98 38.83
C GLU H 49 -2.49 -46.29 38.27
N ASN H 50 -1.47 -45.76 38.92
CA ASN H 50 -0.10 -45.97 38.46
C ASN H 50 0.27 -47.44 38.59
N GLU H 51 0.00 -48.03 39.76
CA GLU H 51 0.32 -49.42 39.97
C GLU H 51 -0.21 -50.23 38.80
N PHE H 52 -1.45 -49.95 38.38
CA PHE H 52 -2.04 -50.66 37.25
C PHE H 52 -1.16 -50.47 36.02
N ARG H 53 -0.76 -49.22 35.77
CA ARG H 53 0.10 -48.92 34.64
C ARG H 53 1.40 -49.70 34.79
N GLU H 54 1.96 -49.69 36.00
CA GLU H 54 3.20 -50.39 36.27
C GLU H 54 2.99 -51.88 36.01
N PHE H 55 1.81 -52.39 36.38
CA PHE H 55 1.51 -53.80 36.18
C PHE H 55 1.56 -54.14 34.71
N LYS H 56 1.71 -53.10 33.89
CA LYS H 56 1.83 -53.25 32.45
C LYS H 56 0.57 -53.82 31.81
N LEU H 57 -0.56 -53.71 32.51
CA LEU H 57 -1.80 -54.22 31.96
C LEU H 57 -2.26 -53.29 30.85
N SER H 58 -3.17 -53.74 30.00
CA SER H 58 -3.67 -52.93 28.89
C SER H 58 -4.33 -51.65 29.37
N LYS H 59 -5.13 -51.04 28.52
CA LYS H 59 -5.80 -49.80 28.87
C LYS H 59 -6.17 -49.69 30.35
N VAL H 60 -6.04 -48.47 30.89
CA VAL H 60 -6.36 -48.16 32.28
C VAL H 60 -6.74 -46.69 32.29
N TRP H 61 -7.90 -46.37 32.85
CA TRP H 61 -8.36 -44.99 32.87
C TRP H 61 -8.92 -44.51 34.20
N ARG H 62 -9.47 -43.31 34.19
CA ARG H 62 -10.06 -42.70 35.39
C ARG H 62 -11.55 -42.46 35.15
N ASP H 63 -12.31 -42.39 36.22
CA ASP H 63 -13.73 -42.13 36.10
C ASP H 63 -14.10 -41.03 37.09
N GLN H 64 -14.34 -39.84 36.54
CA GLN H 64 -14.66 -38.66 37.31
C GLN H 64 -16.15 -38.55 37.62
N HIS H 65 -16.49 -37.96 38.76
CA HIS H 65 -17.88 -37.80 39.17
C HIS H 65 -18.03 -36.73 40.26
N PHE H 66 -19.12 -35.99 40.20
CA PHE H 66 -19.39 -34.96 41.20
C PHE H 66 -20.69 -35.27 41.95
N VAL H 67 -20.58 -35.91 43.12
CA VAL H 67 -21.77 -36.25 43.88
C VAL H 67 -21.84 -35.47 45.19
N LYS H 68 -23.05 -35.27 45.70
CA LYS H 68 -23.21 -34.55 46.96
C LYS H 68 -23.12 -35.48 48.15
N ILE H 69 -22.08 -35.29 48.96
CA ILE H 69 -21.85 -36.09 50.16
C ILE H 69 -22.25 -35.21 51.35
N GLN H 70 -22.46 -35.81 52.51
CA GLN H 70 -22.79 -34.99 53.68
C GLN H 70 -21.66 -35.07 54.70
N VAL H 71 -21.34 -33.93 55.29
CA VAL H 71 -20.27 -33.88 56.27
C VAL H 71 -20.67 -33.14 57.54
N LYS H 72 -19.87 -33.32 58.58
CA LYS H 72 -20.11 -32.71 59.88
C LYS H 72 -19.85 -31.20 59.78
N ASP H 73 -20.87 -30.42 60.09
CA ASP H 73 -20.78 -28.96 60.06
C ASP H 73 -19.88 -28.45 61.19
N SER H 74 -19.31 -27.27 61.01
CA SER H 74 -18.45 -26.66 62.03
C SER H 74 -19.14 -26.67 63.40
N ALA H 75 -20.47 -26.54 63.38
CA ALA H 75 -21.26 -26.57 64.62
C ALA H 75 -21.27 -28.01 65.13
N GLN H 76 -21.05 -28.18 66.41
CA GLN H 76 -21.01 -29.51 67.02
C GLN H 76 -22.36 -30.20 67.22
N ASN H 77 -22.40 -31.48 66.83
CA ASN H 77 -23.58 -32.31 66.96
C ASN H 77 -23.52 -32.86 68.37
N SER H 78 -24.69 -32.98 69.02
CA SER H 78 -24.70 -33.47 70.38
C SER H 78 -26.03 -34.01 70.89
N VAL H 79 -25.91 -34.82 71.93
CA VAL H 79 -27.05 -35.43 72.60
C VAL H 79 -26.99 -34.93 74.04
N ILE H 80 -28.10 -34.43 74.55
CA ILE H 80 -28.16 -33.92 75.90
C ILE H 80 -29.48 -34.23 76.61
N ILE H 81 -29.38 -34.77 77.83
CA ILE H 81 -30.55 -35.11 78.61
C ILE H 81 -31.10 -33.82 79.21
N VAL H 82 -32.40 -33.64 79.08
CA VAL H 82 -33.08 -32.45 79.58
C VAL H 82 -34.59 -32.76 79.59
N ASP H 83 -35.37 -32.24 80.54
CA ASP H 83 -36.81 -32.52 80.48
C ASP H 83 -37.51 -31.28 79.90
N LYS H 84 -38.25 -30.59 80.77
CA LYS H 84 -38.93 -29.36 80.37
C LYS H 84 -37.96 -28.27 80.80
N ASN H 85 -36.68 -28.66 80.83
CA ASN H 85 -35.56 -27.82 81.23
C ASN H 85 -34.23 -28.39 80.73
N GLY H 86 -33.42 -27.54 80.11
CA GLY H 86 -32.13 -27.96 79.55
C GLY H 86 -31.12 -28.76 80.36
N ARG H 87 -29.85 -28.38 80.19
CA ARG H 87 -28.65 -28.98 80.80
C ARG H 87 -28.77 -29.84 82.08
N LEU H 88 -29.59 -30.88 82.01
CA LEU H 88 -29.79 -31.78 83.15
C LEU H 88 -28.60 -32.73 83.31
N VAL H 89 -28.47 -33.28 84.51
CA VAL H 89 -27.42 -34.24 84.90
C VAL H 89 -26.09 -34.07 84.12
N TYR H 90 -25.32 -35.14 83.96
CA TYR H 90 -24.04 -35.10 83.26
C TYR H 90 -24.16 -34.69 81.77
N LEU H 91 -23.05 -34.21 81.21
CA LEU H 91 -22.98 -33.79 79.81
C LEU H 91 -22.84 -34.98 78.86
N VAL H 92 -23.97 -35.47 78.38
CA VAL H 92 -24.05 -36.63 77.48
C VAL H 92 -22.88 -36.74 76.51
N GLU H 93 -23.03 -36.23 75.30
CA GLU H 93 -21.92 -36.31 74.35
C GLU H 93 -22.01 -35.50 73.05
N ASN H 94 -20.83 -35.07 72.59
CA ASN H 94 -20.66 -34.33 71.34
C ASN H 94 -20.05 -35.39 70.43
N PRO H 95 -20.88 -36.33 69.94
CA PRO H 95 -20.44 -37.42 69.07
C PRO H 95 -19.25 -37.08 68.16
N GLY H 96 -18.28 -37.99 68.12
CA GLY H 96 -17.08 -37.81 67.29
C GLY H 96 -17.31 -38.14 65.82
N GLY H 97 -18.28 -39.02 65.56
CA GLY H 97 -18.61 -39.40 64.19
C GLY H 97 -20.01 -38.93 63.84
N TYR H 98 -20.53 -39.39 62.70
CA TYR H 98 -21.87 -38.98 62.29
C TYR H 98 -22.51 -39.93 61.29
N VAL H 99 -23.81 -39.75 61.07
CA VAL H 99 -24.56 -40.55 60.13
C VAL H 99 -24.83 -39.68 58.91
N ALA H 100 -24.16 -39.98 57.80
CA ALA H 100 -24.32 -39.21 56.58
C ALA H 100 -25.79 -39.05 56.19
N TYR H 101 -26.05 -38.19 55.21
CA TYR H 101 -27.39 -37.95 54.72
C TYR H 101 -28.45 -37.88 55.81
N SER H 102 -28.03 -37.66 57.06
CA SER H 102 -28.99 -37.56 58.15
C SER H 102 -29.75 -36.24 58.04
N LYS H 103 -31.02 -36.24 58.44
CA LYS H 103 -31.81 -35.02 58.42
C LYS H 103 -31.10 -33.96 59.25
N ALA H 104 -30.85 -32.80 58.65
CA ALA H 104 -30.18 -31.71 59.35
C ALA H 104 -31.20 -30.95 60.20
N ALA H 105 -31.25 -31.27 61.49
CA ALA H 105 -32.19 -30.63 62.39
C ALA H 105 -31.85 -30.98 63.84
N THR H 106 -32.73 -30.57 64.74
CA THR H 106 -32.56 -30.81 66.15
C THR H 106 -33.90 -30.88 66.86
N VAL H 107 -34.12 -31.98 67.58
CA VAL H 107 -35.36 -32.19 68.33
C VAL H 107 -35.13 -32.94 69.63
N THR H 108 -36.09 -32.84 70.53
CA THR H 108 -36.02 -33.48 71.83
C THR H 108 -37.33 -34.13 72.23
N GLY H 109 -37.24 -35.13 73.08
CA GLY H 109 -38.42 -35.85 73.54
C GLY H 109 -38.03 -37.14 74.22
N LYS H 110 -39.02 -38.02 74.39
CA LYS H 110 -38.80 -39.32 75.03
C LYS H 110 -37.74 -40.13 74.27
N LEU H 111 -37.17 -41.13 74.93
CA LEU H 111 -36.16 -41.95 74.29
C LEU H 111 -36.32 -43.46 74.48
N VAL H 112 -36.98 -44.09 73.51
CA VAL H 112 -37.24 -45.54 73.54
C VAL H 112 -35.99 -46.28 73.02
N HIS H 113 -35.86 -47.55 73.39
CA HIS H 113 -34.73 -48.34 72.96
C HIS H 113 -35.15 -49.61 72.23
N ALA H 114 -35.35 -49.50 70.92
CA ALA H 114 -35.76 -50.63 70.09
C ALA H 114 -34.56 -51.43 69.59
N ASN H 115 -34.22 -52.48 70.35
CA ASN H 115 -33.10 -53.36 70.03
C ASN H 115 -32.87 -53.48 68.53
N PHE H 116 -31.60 -53.57 68.15
CA PHE H 116 -31.20 -53.70 66.75
C PHE H 116 -32.08 -52.94 65.77
N GLY H 117 -31.75 -51.66 65.60
CA GLY H 117 -32.48 -50.79 64.70
C GLY H 117 -33.88 -51.23 64.33
N THR H 118 -34.69 -51.52 65.34
CA THR H 118 -36.08 -51.92 65.14
C THR H 118 -36.23 -53.16 64.27
N LYS H 119 -35.27 -53.38 63.37
CA LYS H 119 -35.30 -54.52 62.48
C LYS H 119 -36.61 -54.54 61.69
N LYS H 120 -37.43 -53.52 61.90
CA LYS H 120 -38.74 -53.40 61.26
C LYS H 120 -39.63 -54.39 62.01
N ASP H 121 -39.02 -55.49 62.40
CA ASP H 121 -39.67 -56.57 63.13
C ASP H 121 -39.82 -56.15 64.58
N PHE H 122 -38.66 -55.91 65.22
CA PHE H 122 -38.60 -55.51 66.61
C PHE H 122 -39.53 -54.37 67.00
N GLU H 123 -39.99 -53.58 66.02
CA GLU H 123 -40.88 -52.47 66.32
C GLU H 123 -42.16 -52.96 66.99
N ASP H 124 -42.47 -54.24 66.78
CA ASP H 124 -43.65 -54.85 67.38
C ASP H 124 -43.33 -55.18 68.85
N LEU H 125 -43.08 -54.12 69.63
CA LEU H 125 -42.77 -54.24 71.04
C LEU H 125 -43.80 -53.43 71.80
N TYR H 126 -43.79 -53.56 73.13
CA TYR H 126 -44.73 -52.86 74.02
C TYR H 126 -44.75 -51.33 73.91
N THR H 127 -43.71 -50.69 74.41
CA THR H 127 -43.62 -49.23 74.39
C THR H 127 -43.70 -48.65 72.98
N PRO H 128 -44.61 -47.69 72.77
CA PRO H 128 -44.77 -47.06 71.45
C PRO H 128 -43.72 -45.96 71.20
N VAL H 129 -43.34 -45.78 69.95
CA VAL H 129 -42.36 -44.75 69.57
C VAL H 129 -43.07 -43.59 68.90
N ASN H 130 -44.39 -43.62 68.97
CA ASN H 130 -45.25 -42.60 68.37
C ASN H 130 -44.88 -41.19 68.85
N GLY H 131 -43.88 -40.59 68.20
CA GLY H 131 -43.44 -39.26 68.56
C GLY H 131 -42.40 -39.24 69.68
N SER H 132 -41.24 -39.85 69.45
CA SER H 132 -40.19 -39.87 70.46
C SER H 132 -38.88 -40.40 69.90
N ILE H 133 -37.77 -39.88 70.38
CA ILE H 133 -36.45 -40.31 69.92
C ILE H 133 -36.23 -41.78 70.23
N VAL H 134 -35.44 -42.46 69.42
CA VAL H 134 -35.19 -43.89 69.61
C VAL H 134 -33.73 -44.30 69.57
N ILE H 135 -33.41 -45.32 70.37
CA ILE H 135 -32.06 -45.86 70.44
C ILE H 135 -32.09 -47.23 69.79
N VAL H 136 -30.99 -47.61 69.16
CA VAL H 136 -30.91 -48.92 68.52
C VAL H 136 -29.45 -49.38 68.49
N ARG H 137 -29.27 -50.69 68.38
CA ARG H 137 -27.92 -51.26 68.34
C ARG H 137 -27.50 -51.40 66.88
N ALA H 138 -26.20 -51.32 66.63
CA ALA H 138 -25.70 -51.47 65.27
C ALA H 138 -25.64 -52.96 65.05
N GLY H 139 -26.42 -53.48 64.11
CA GLY H 139 -26.39 -54.92 63.87
C GLY H 139 -27.09 -55.54 62.67
N LYS H 140 -28.06 -56.39 62.96
CA LYS H 140 -28.83 -57.11 61.95
C LYS H 140 -29.18 -56.37 60.66
N ILE H 141 -29.47 -55.08 60.74
CA ILE H 141 -29.80 -54.34 59.52
C ILE H 141 -28.88 -53.14 59.30
N THR H 142 -29.20 -52.31 58.32
CA THR H 142 -28.40 -51.14 58.01
C THR H 142 -29.04 -49.89 58.60
N PHE H 143 -28.21 -48.94 59.03
CA PHE H 143 -28.69 -47.70 59.61
C PHE H 143 -29.87 -47.20 58.80
N ALA H 144 -29.67 -47.14 57.49
CA ALA H 144 -30.70 -46.69 56.56
C ALA H 144 -32.03 -47.32 56.93
N GLU H 145 -32.04 -48.64 57.04
CA GLU H 145 -33.23 -49.37 57.39
C GLU H 145 -33.68 -49.06 58.82
N LYS H 146 -32.74 -49.09 59.76
CA LYS H 146 -33.06 -48.80 61.15
C LYS H 146 -33.85 -47.51 61.22
N VAL H 147 -33.29 -46.47 60.64
CA VAL H 147 -33.92 -45.15 60.64
C VAL H 147 -35.26 -45.20 59.93
N ALA H 148 -35.25 -45.72 58.71
CA ALA H 148 -36.46 -45.81 57.90
C ALA H 148 -37.64 -46.32 58.70
N ASN H 149 -37.45 -47.46 59.38
CA ASN H 149 -38.51 -48.05 60.18
C ASN H 149 -38.90 -47.10 61.30
N ALA H 150 -37.90 -46.59 61.99
CA ALA H 150 -38.16 -45.66 63.09
C ALA H 150 -39.14 -44.59 62.64
N GLU H 151 -38.86 -43.97 61.49
CA GLU H 151 -39.71 -42.92 60.96
C GLU H 151 -41.04 -43.43 60.44
N SER H 152 -41.07 -44.67 59.98
CA SER H 152 -42.31 -45.24 59.48
C SER H 152 -43.30 -45.37 60.64
N LEU H 153 -42.77 -45.40 61.86
CA LEU H 153 -43.60 -45.51 63.05
C LEU H 153 -43.79 -44.14 63.68
N ASN H 154 -43.44 -43.10 62.93
CA ASN H 154 -43.59 -41.72 63.36
C ASN H 154 -42.67 -41.24 64.48
N ALA H 155 -41.49 -41.86 64.59
CA ALA H 155 -40.53 -41.45 65.60
C ALA H 155 -39.79 -40.24 65.07
N ILE H 156 -38.82 -39.75 65.85
CA ILE H 156 -37.98 -38.62 65.45
C ILE H 156 -36.63 -38.84 66.08
N GLY H 157 -35.57 -38.60 65.33
CA GLY H 157 -34.24 -38.80 65.87
C GLY H 157 -33.98 -40.26 66.19
N VAL H 158 -32.78 -40.72 65.88
CA VAL H 158 -32.39 -42.09 66.15
C VAL H 158 -30.92 -42.10 66.52
N LEU H 159 -30.58 -42.83 67.58
CA LEU H 159 -29.20 -42.93 68.01
C LEU H 159 -28.76 -44.37 67.79
N ILE H 160 -27.55 -44.54 67.26
CA ILE H 160 -27.00 -45.88 67.01
C ILE H 160 -25.72 -46.08 67.82
N TYR H 161 -25.69 -47.11 68.66
CA TYR H 161 -24.50 -47.38 69.48
C TYR H 161 -24.05 -48.82 69.36
N MET H 162 -22.77 -49.05 69.66
CA MET H 162 -22.20 -50.40 69.60
C MET H 162 -22.12 -51.04 70.99
N ASP H 163 -23.15 -51.82 71.36
CA ASP H 163 -23.15 -52.47 72.66
C ASP H 163 -21.90 -53.32 72.88
N GLN H 164 -21.71 -53.75 74.12
CA GLN H 164 -20.54 -54.56 74.50
C GLN H 164 -20.57 -56.01 74.02
N THR H 165 -21.72 -56.66 74.16
CA THR H 165 -21.88 -58.06 73.74
C THR H 165 -21.62 -58.22 72.24
N LYS H 166 -22.31 -57.41 71.45
CA LYS H 166 -22.18 -57.43 69.99
C LYS H 166 -20.84 -56.87 69.53
N PHE H 167 -20.39 -55.82 70.22
CA PHE H 167 -19.11 -55.19 69.89
C PHE H 167 -18.17 -55.17 71.10
N PRO H 168 -17.41 -56.26 71.29
CA PRO H 168 -16.44 -56.47 72.37
C PRO H 168 -15.22 -55.55 72.26
N ILE H 169 -15.46 -54.25 72.15
CA ILE H 169 -14.36 -53.28 72.05
C ILE H 169 -14.01 -52.82 73.44
N VAL H 170 -12.74 -52.98 73.82
CA VAL H 170 -12.27 -52.56 75.13
C VAL H 170 -12.65 -51.09 75.40
N ASN H 171 -12.33 -50.23 74.45
CA ASN H 171 -12.63 -48.81 74.56
C ASN H 171 -14.10 -48.53 74.33
N ALA H 172 -14.74 -47.84 75.27
CA ALA H 172 -16.15 -47.50 75.17
C ALA H 172 -16.35 -46.02 74.83
N GLU H 173 -15.22 -45.33 74.64
CA GLU H 173 -15.20 -43.91 74.28
C GLU H 173 -15.00 -43.79 72.76
N LEU H 174 -15.23 -44.91 72.08
CA LEU H 174 -15.07 -44.99 70.62
C LEU H 174 -16.32 -44.65 69.83
N SER H 175 -16.13 -43.84 68.79
CA SER H 175 -17.23 -43.41 67.92
C SER H 175 -17.07 -43.90 66.47
N PHE H 176 -18.20 -44.18 65.82
CA PHE H 176 -18.19 -44.69 64.45
C PHE H 176 -18.97 -43.86 63.43
N PHE H 177 -18.69 -44.11 62.15
CA PHE H 177 -19.30 -43.43 61.02
C PHE H 177 -20.53 -44.13 60.41
N GLY H 178 -21.53 -43.33 60.05
CA GLY H 178 -22.76 -43.88 59.50
C GLY H 178 -23.11 -43.50 58.07
N HIS H 179 -24.19 -44.10 57.57
CA HIS H 179 -24.67 -43.90 56.21
C HIS H 179 -26.03 -43.20 56.19
N ALA H 180 -27.09 -43.98 56.41
CA ALA H 180 -28.47 -43.47 56.46
C ALA H 180 -29.29 -43.39 55.17
N HIS H 181 -28.67 -43.62 54.01
CA HIS H 181 -29.41 -43.54 52.75
C HIS H 181 -30.04 -44.87 52.38
N LEU H 182 -31.36 -44.89 52.26
CA LEU H 182 -32.08 -46.11 51.91
C LEU H 182 -31.96 -46.37 50.41
N GLY H 183 -30.73 -46.49 49.94
CA GLY H 183 -30.52 -46.73 48.53
C GLY H 183 -29.05 -46.89 48.23
N THR H 184 -28.65 -46.61 47.00
CA THR H 184 -27.25 -46.75 46.61
C THR H 184 -26.77 -45.58 45.76
N GLY H 185 -25.64 -44.99 46.17
CA GLY H 185 -25.07 -43.86 45.44
C GLY H 185 -25.67 -42.52 45.78
N ASP H 186 -25.23 -41.46 45.09
CA ASP H 186 -25.75 -40.11 45.29
C ASP H 186 -27.28 -40.15 45.33
N PRO H 187 -27.88 -39.70 46.45
CA PRO H 187 -29.34 -39.69 46.62
C PRO H 187 -30.12 -38.66 45.85
N TYR H 188 -29.54 -38.11 44.80
CA TYR H 188 -30.22 -37.10 44.01
C TYR H 188 -30.15 -37.39 42.49
N THR H 189 -29.45 -38.47 42.14
CA THR H 189 -29.28 -38.90 40.74
C THR H 189 -29.70 -40.36 40.55
N PRO H 190 -30.92 -40.73 40.97
CA PRO H 190 -31.50 -42.08 40.89
C PRO H 190 -31.78 -42.66 39.50
N GLY H 191 -30.85 -43.49 39.03
CA GLY H 191 -30.99 -44.11 37.73
C GLY H 191 -30.19 -43.39 36.66
N PHE H 192 -30.07 -42.09 36.80
CA PHE H 192 -29.33 -41.25 35.86
C PHE H 192 -28.17 -40.58 36.58
N PRO H 193 -27.01 -40.47 35.90
CA PRO H 193 -25.81 -39.85 36.47
C PRO H 193 -25.97 -38.39 36.90
N SER H 194 -25.05 -37.94 37.75
CA SER H 194 -25.05 -36.58 38.29
C SER H 194 -24.26 -35.62 37.44
N PHE H 195 -24.32 -34.34 37.80
CA PHE H 195 -23.61 -33.29 37.08
C PHE H 195 -22.83 -32.40 38.07
N ASN H 196 -23.02 -31.09 37.95
CA ASN H 196 -22.38 -30.12 38.82
C ASN H 196 -23.42 -29.87 39.91
N HIS H 197 -23.15 -28.90 40.78
CA HIS H 197 -24.11 -28.53 41.80
C HIS H 197 -24.80 -27.33 41.15
N THR H 198 -24.00 -26.58 40.42
CA THR H 198 -24.45 -25.39 39.70
C THR H 198 -25.62 -25.80 38.84
N GLN H 199 -25.55 -27.02 38.32
CA GLN H 199 -26.61 -27.56 37.48
C GLN H 199 -27.26 -28.73 38.20
N PHE H 200 -28.59 -28.80 38.16
CA PHE H 200 -29.33 -29.87 38.82
C PHE H 200 -28.90 -29.98 40.30
N PRO H 201 -29.36 -29.02 41.14
CA PRO H 201 -28.98 -29.06 42.54
C PRO H 201 -30.06 -29.32 43.61
N PRO H 202 -31.04 -30.21 43.34
CA PRO H 202 -32.04 -30.45 44.38
C PRO H 202 -31.41 -30.69 45.76
N SER H 203 -32.17 -30.39 46.81
CA SER H 203 -31.68 -30.53 48.19
C SER H 203 -31.58 -31.98 48.70
N ARG H 204 -32.72 -32.64 48.90
CA ARG H 204 -32.72 -34.02 49.37
C ARG H 204 -34.12 -34.61 49.54
N SER H 205 -34.27 -35.51 50.53
CA SER H 205 -35.52 -36.19 50.84
C SER H 205 -35.95 -37.15 49.73
N SER H 206 -35.11 -37.28 48.71
CA SER H 206 -35.37 -38.16 47.58
C SER H 206 -34.96 -39.57 47.98
N GLY H 207 -35.53 -40.05 49.08
CA GLY H 207 -35.21 -41.37 49.60
C GLY H 207 -34.26 -41.21 50.79
N LEU H 208 -34.29 -40.03 51.39
CA LEU H 208 -33.44 -39.74 52.53
C LEU H 208 -34.25 -39.52 53.80
N PRO H 209 -33.71 -39.96 54.95
CA PRO H 209 -34.25 -39.89 56.30
C PRO H 209 -35.38 -38.91 56.62
N ASN H 210 -35.03 -37.63 56.78
CA ASN H 210 -36.02 -36.61 57.14
C ASN H 210 -36.21 -36.69 58.66
N ILE H 211 -35.28 -37.39 59.30
CA ILE H 211 -35.26 -37.58 60.74
C ILE H 211 -33.79 -37.63 61.15
N PRO H 212 -33.38 -36.77 62.09
CA PRO H 212 -31.98 -36.76 62.54
C PRO H 212 -31.49 -38.12 63.05
N VAL H 213 -30.32 -38.52 62.58
CA VAL H 213 -29.75 -39.80 62.99
C VAL H 213 -28.35 -39.54 63.47
N GLN H 214 -28.03 -39.97 64.68
CA GLN H 214 -26.69 -39.76 65.20
C GLN H 214 -26.09 -41.00 65.84
N THR H 215 -24.82 -41.25 65.51
CA THR H 215 -24.10 -42.38 66.06
C THR H 215 -23.65 -41.94 67.46
N ILE H 216 -23.74 -42.85 68.43
CA ILE H 216 -23.35 -42.56 69.81
C ILE H 216 -22.36 -43.58 70.39
N SER H 217 -21.40 -43.09 71.18
CA SER H 217 -20.40 -43.96 71.81
C SER H 217 -21.00 -44.79 72.93
N ARG H 218 -20.53 -46.02 73.10
CA ARG H 218 -21.06 -46.89 74.15
C ARG H 218 -21.14 -46.16 75.46
N ALA H 219 -20.07 -45.43 75.77
CA ALA H 219 -20.01 -44.65 77.00
C ALA H 219 -21.25 -43.78 77.11
N ALA H 220 -21.54 -43.04 76.05
CA ALA H 220 -22.69 -42.17 76.00
C ALA H 220 -23.97 -42.98 76.20
N ALA H 221 -24.03 -44.15 75.57
CA ALA H 221 -25.19 -45.01 75.68
C ALA H 221 -25.40 -45.35 77.15
N GLU H 222 -24.29 -45.73 77.81
CA GLU H 222 -24.30 -46.05 79.24
C GLU H 222 -25.10 -44.99 80.00
N LYS H 223 -24.64 -43.75 79.88
CA LYS H 223 -25.27 -42.62 80.55
C LYS H 223 -26.75 -42.47 80.24
N LEU H 224 -27.12 -42.60 78.96
CA LEU H 224 -28.53 -42.49 78.55
C LEU H 224 -29.36 -43.47 79.37
N PHE H 225 -28.97 -44.73 79.31
CA PHE H 225 -29.64 -45.80 80.05
C PHE H 225 -29.67 -45.42 81.53
N GLY H 226 -28.62 -44.72 81.97
CA GLY H 226 -28.52 -44.30 83.34
C GLY H 226 -29.74 -43.47 83.71
N ASN H 227 -30.28 -42.75 82.74
CA ASN H 227 -31.45 -41.91 82.98
C ASN H 227 -32.71 -42.51 82.35
N MET H 228 -32.89 -43.82 82.54
CA MET H 228 -34.05 -44.50 82.00
C MET H 228 -34.62 -45.48 83.03
N GLU H 229 -35.94 -45.47 83.15
CA GLU H 229 -36.66 -46.32 84.10
C GLU H 229 -36.79 -47.78 83.61
N GLY H 230 -37.33 -47.95 82.41
CA GLY H 230 -37.51 -49.28 81.84
C GLY H 230 -36.33 -50.23 82.00
N ASP H 231 -36.58 -51.52 81.79
CA ASP H 231 -35.53 -52.53 81.92
C ASP H 231 -35.41 -53.43 80.68
N CYS H 232 -34.20 -53.51 80.16
CA CYS H 232 -33.88 -54.30 78.98
C CYS H 232 -34.18 -55.81 79.11
N PRO H 233 -34.94 -56.38 78.16
CA PRO H 233 -35.34 -57.80 78.09
C PRO H 233 -34.22 -58.79 77.82
N SER H 234 -34.52 -60.06 78.09
CA SER H 234 -33.58 -61.16 77.86
C SER H 234 -33.80 -61.67 76.44
N ASP H 235 -34.96 -61.32 75.88
CA ASP H 235 -35.31 -61.70 74.51
C ASP H 235 -34.15 -61.17 73.67
N TRP H 236 -33.76 -59.92 73.94
CA TRP H 236 -32.63 -59.26 73.27
C TRP H 236 -31.38 -60.05 73.65
N LYS H 237 -30.79 -60.74 72.67
CA LYS H 237 -29.58 -61.51 72.94
C LYS H 237 -28.46 -60.53 73.24
N THR H 238 -28.61 -59.82 74.35
CA THR H 238 -27.65 -58.81 74.79
C THR H 238 -27.23 -59.15 76.21
N ASP H 239 -26.80 -58.12 76.95
CA ASP H 239 -26.41 -58.28 78.35
C ASP H 239 -26.77 -57.00 79.10
N SER H 240 -27.03 -57.17 80.41
CA SER H 240 -27.40 -56.10 81.33
C SER H 240 -26.86 -54.68 81.04
N THR H 241 -27.45 -53.71 81.73
CA THR H 241 -27.09 -52.29 81.66
C THR H 241 -28.11 -51.39 80.96
N CYS H 242 -28.71 -51.84 79.86
CA CYS H 242 -29.68 -50.98 79.19
C CYS H 242 -31.09 -51.01 79.71
N ARG H 243 -31.81 -49.93 79.42
CA ARG H 243 -33.19 -49.78 79.84
C ARG H 243 -34.02 -49.88 78.58
N MET H 244 -35.28 -49.45 78.68
CA MET H 244 -36.20 -49.47 77.54
C MET H 244 -36.72 -48.06 77.27
N VAL H 245 -36.94 -47.31 78.35
CA VAL H 245 -37.44 -45.94 78.23
C VAL H 245 -36.77 -45.05 79.29
N THR H 246 -36.54 -43.80 78.93
CA THR H 246 -35.92 -42.85 79.85
C THR H 246 -36.87 -42.64 81.02
N SER H 247 -36.30 -42.27 82.16
CA SER H 247 -37.11 -42.03 83.33
C SER H 247 -38.00 -40.81 83.06
N GLU H 248 -39.32 -41.03 83.14
CA GLU H 248 -40.31 -39.99 82.89
C GLU H 248 -39.85 -38.60 83.34
N SER H 249 -39.30 -38.54 84.56
CA SER H 249 -38.82 -37.29 85.15
C SER H 249 -38.19 -36.35 84.13
N LYS H 250 -37.59 -36.91 83.08
CA LYS H 250 -36.95 -36.08 82.06
C LYS H 250 -36.70 -36.80 80.74
N ASN H 251 -36.43 -36.01 79.70
CA ASN H 251 -36.17 -36.55 78.36
C ASN H 251 -34.81 -36.15 77.76
N VAL H 252 -34.61 -36.47 76.49
CA VAL H 252 -33.35 -36.17 75.80
C VAL H 252 -33.53 -35.38 74.51
N LYS H 253 -32.52 -34.56 74.20
CA LYS H 253 -32.54 -33.74 73.00
C LYS H 253 -31.38 -34.05 72.05
N LEU H 254 -31.72 -34.34 70.80
CA LEU H 254 -30.74 -34.64 69.76
C LEU H 254 -30.60 -33.46 68.80
N THR H 255 -29.35 -33.05 68.59
CA THR H 255 -29.05 -31.93 67.72
C THR H 255 -27.93 -32.25 66.72
N VAL H 256 -28.32 -32.46 65.46
CA VAL H 256 -27.35 -32.76 64.41
C VAL H 256 -27.31 -31.67 63.34
N SER H 257 -26.14 -31.08 63.18
CA SER H 257 -25.91 -30.04 62.20
C SER H 257 -24.87 -30.51 61.23
N ASN H 258 -25.33 -31.10 60.13
CA ASN H 258 -24.45 -31.59 59.08
C ASN H 258 -24.74 -30.82 57.81
N VAL H 259 -23.75 -30.76 56.93
CA VAL H 259 -23.91 -30.03 55.68
C VAL H 259 -23.48 -30.83 54.47
N LEU H 260 -24.13 -30.57 53.33
CA LEU H 260 -23.80 -31.25 52.10
C LEU H 260 -22.51 -30.64 51.57
N LYS H 261 -21.72 -31.43 50.85
CA LYS H 261 -20.46 -30.95 50.32
C LYS H 261 -20.11 -31.63 49.00
N GLU H 262 -20.29 -30.93 47.90
CA GLU H 262 -19.98 -31.51 46.59
C GLU H 262 -18.50 -31.88 46.50
N ILE H 263 -18.22 -33.16 46.25
CA ILE H 263 -16.86 -33.65 46.13
C ILE H 263 -16.65 -34.28 44.76
N LYS H 264 -15.40 -34.58 44.43
CA LYS H 264 -15.11 -35.19 43.15
C LYS H 264 -14.63 -36.62 43.35
N ILE H 265 -15.52 -37.58 43.09
CA ILE H 265 -15.18 -39.00 43.23
C ILE H 265 -14.29 -39.43 42.09
N LEU H 266 -13.39 -40.37 42.34
CA LEU H 266 -12.50 -40.80 41.29
C LEU H 266 -12.36 -42.33 41.16
N ASN H 267 -13.12 -42.92 40.25
CA ASN H 267 -13.04 -44.37 40.05
C ASN H 267 -11.86 -44.69 39.16
N ILE H 268 -11.09 -45.70 39.51
CA ILE H 268 -9.93 -46.08 38.70
C ILE H 268 -10.06 -47.46 38.09
N PHE H 269 -10.04 -47.54 36.76
CA PHE H 269 -10.16 -48.82 36.07
C PHE H 269 -8.83 -49.42 35.58
N GLY H 270 -8.93 -50.38 34.67
CA GLY H 270 -7.76 -51.05 34.13
C GLY H 270 -8.18 -52.45 33.71
N VAL H 271 -8.11 -52.75 32.42
CA VAL H 271 -8.54 -54.04 31.91
C VAL H 271 -7.43 -54.91 31.38
N ILE H 272 -7.79 -56.14 31.03
CA ILE H 272 -6.87 -57.11 30.45
C ILE H 272 -7.61 -57.74 29.27
N LYS H 273 -7.52 -57.08 28.12
CA LYS H 273 -8.18 -57.53 26.90
C LYS H 273 -8.17 -59.05 26.72
N GLY H 274 -9.32 -59.59 26.33
CA GLY H 274 -9.44 -61.01 26.11
C GLY H 274 -8.90 -61.41 24.75
N PHE H 275 -9.03 -62.68 24.37
CA PHE H 275 -8.52 -63.14 23.09
C PHE H 275 -9.58 -63.58 22.09
N VAL H 276 -10.80 -63.86 22.56
CA VAL H 276 -11.85 -64.30 21.65
C VAL H 276 -13.12 -63.47 21.75
N GLU H 277 -13.46 -63.08 22.98
CA GLU H 277 -14.63 -62.24 23.21
C GLU H 277 -14.12 -61.02 23.96
N PRO H 278 -13.07 -60.35 23.42
CA PRO H 278 -12.46 -59.18 24.04
C PRO H 278 -13.43 -58.15 24.59
N ASP H 279 -14.67 -58.15 24.11
CA ASP H 279 -15.64 -57.17 24.57
C ASP H 279 -16.67 -57.63 25.60
N HIS H 280 -16.40 -58.75 26.25
CA HIS H 280 -17.26 -59.29 27.30
C HIS H 280 -16.35 -59.31 28.52
N TYR H 281 -16.65 -58.45 29.49
CA TYR H 281 -15.83 -58.34 30.69
C TYR H 281 -16.33 -58.99 31.96
N VAL H 282 -15.44 -59.06 32.95
CA VAL H 282 -15.69 -59.62 34.27
C VAL H 282 -15.28 -58.54 35.25
N VAL H 283 -16.19 -57.64 35.59
CA VAL H 283 -15.86 -56.57 36.52
C VAL H 283 -15.46 -57.03 37.93
N VAL H 284 -14.23 -56.73 38.34
CA VAL H 284 -13.74 -57.07 39.68
C VAL H 284 -13.54 -55.77 40.46
N GLY H 285 -14.48 -55.46 41.36
CA GLY H 285 -14.39 -54.22 42.11
C GLY H 285 -13.87 -54.27 43.53
N ALA H 286 -13.65 -53.08 44.10
CA ALA H 286 -13.15 -52.94 45.47
C ALA H 286 -13.19 -51.49 45.97
N GLN H 287 -13.98 -51.25 47.02
CA GLN H 287 -14.10 -49.92 47.60
C GLN H 287 -12.73 -49.40 48.01
N ARG H 288 -12.45 -48.15 47.69
CA ARG H 288 -11.15 -47.55 48.00
C ARG H 288 -11.18 -46.45 49.05
N ASP H 289 -12.34 -45.86 49.29
CA ASP H 289 -12.43 -44.81 50.30
C ASP H 289 -12.83 -45.40 51.64
N ALA H 290 -12.82 -44.56 52.67
CA ALA H 290 -13.18 -44.98 54.02
C ALA H 290 -13.18 -43.80 54.98
N TRP H 291 -13.97 -43.88 56.04
CA TRP H 291 -14.02 -42.81 57.04
C TRP H 291 -12.75 -42.81 57.87
N GLY H 292 -12.53 -43.88 58.64
CA GLY H 292 -11.32 -43.97 59.43
C GLY H 292 -10.22 -44.45 58.51
N PRO H 293 -9.25 -45.21 59.02
CA PRO H 293 -8.16 -45.71 58.16
C PRO H 293 -8.68 -46.91 57.38
N GLY H 294 -9.85 -47.39 57.80
CA GLY H 294 -10.51 -48.53 57.17
C GLY H 294 -9.61 -49.60 56.58
N ALA H 295 -8.73 -50.17 57.38
CA ALA H 295 -7.84 -51.22 56.91
C ALA H 295 -8.68 -52.41 56.46
N ALA H 296 -9.78 -52.62 57.15
CA ALA H 296 -10.68 -53.73 56.82
C ALA H 296 -11.69 -53.23 55.80
N LYS H 297 -12.46 -52.22 56.18
CA LYS H 297 -13.49 -51.67 55.31
C LYS H 297 -12.97 -51.36 53.90
N SER H 298 -11.71 -50.97 53.79
CA SER H 298 -11.18 -50.62 52.47
C SER H 298 -9.78 -51.13 52.16
N GLY H 299 -8.99 -51.40 53.20
CA GLY H 299 -7.64 -51.87 52.98
C GLY H 299 -7.56 -53.19 52.25
N VAL H 300 -7.88 -54.27 52.96
CA VAL H 300 -7.86 -55.62 52.41
C VAL H 300 -8.39 -55.67 50.98
N GLY H 301 -9.51 -55.00 50.75
CA GLY H 301 -10.10 -54.98 49.41
C GLY H 301 -9.12 -54.47 48.37
N THR H 302 -8.85 -53.17 48.41
CA THR H 302 -7.93 -52.56 47.46
C THR H 302 -6.62 -53.33 47.43
N ALA H 303 -6.24 -53.91 48.56
CA ALA H 303 -5.02 -54.68 48.67
C ALA H 303 -5.10 -55.85 47.71
N LEU H 304 -6.23 -56.55 47.78
CA LEU H 304 -6.48 -57.70 46.93
C LEU H 304 -6.61 -57.26 45.48
N LEU H 305 -7.40 -56.22 45.24
CA LEU H 305 -7.62 -55.70 43.89
C LEU H 305 -6.30 -55.52 43.16
N LEU H 306 -5.35 -54.86 43.82
CA LEU H 306 -4.04 -54.61 43.24
C LEU H 306 -3.26 -55.91 43.02
N LYS H 307 -3.01 -56.64 44.10
CA LYS H 307 -2.27 -57.89 44.00
C LYS H 307 -2.92 -58.86 43.02
N LEU H 308 -4.24 -58.83 42.97
CA LEU H 308 -5.00 -59.72 42.09
C LEU H 308 -4.84 -59.31 40.63
N ALA H 309 -4.77 -58.00 40.39
CA ALA H 309 -4.61 -57.49 39.03
C ALA H 309 -3.17 -57.73 38.61
N GLN H 310 -2.25 -57.63 39.57
CA GLN H 310 -0.84 -57.84 39.32
C GLN H 310 -0.59 -59.24 38.80
N MET H 311 -1.32 -60.21 39.35
CA MET H 311 -1.15 -61.60 38.96
C MET H 311 -1.63 -61.95 37.55
N PHE H 312 -2.90 -61.69 37.29
CA PHE H 312 -3.44 -62.02 35.98
C PHE H 312 -2.66 -61.40 34.85
N SER H 313 -2.31 -60.14 34.98
CA SER H 313 -1.54 -59.48 33.93
C SER H 313 -0.29 -60.30 33.72
N ASP H 314 0.39 -60.60 34.82
CA ASP H 314 1.62 -61.37 34.77
C ASP H 314 1.39 -62.70 34.09
N MET H 315 0.36 -63.42 34.52
CA MET H 315 0.02 -64.71 33.94
C MET H 315 -0.19 -64.63 32.44
N VAL H 316 -0.78 -63.52 32.00
CA VAL H 316 -1.05 -63.33 30.58
C VAL H 316 0.21 -63.13 29.77
N LEU H 317 1.12 -62.30 30.28
CA LEU H 317 2.37 -62.03 29.59
C LEU H 317 3.41 -63.13 29.71
N LYS H 318 3.72 -63.52 30.94
CA LYS H 318 4.74 -64.53 31.20
C LYS H 318 4.32 -66.00 31.15
N ASP H 319 3.22 -66.33 31.80
CA ASP H 319 2.76 -67.72 31.88
C ASP H 319 1.91 -68.30 30.73
N GLY H 320 1.52 -67.46 29.78
CA GLY H 320 0.75 -67.95 28.64
C GLY H 320 -0.75 -68.06 28.81
N PHE H 321 -1.27 -67.48 29.88
CA PHE H 321 -2.71 -67.51 30.16
C PHE H 321 -3.46 -66.67 29.14
N GLN H 322 -4.37 -67.29 28.39
CA GLN H 322 -5.12 -66.57 27.36
C GLN H 322 -6.62 -66.42 27.62
N PRO H 323 -6.99 -65.61 28.63
CA PRO H 323 -8.40 -65.38 28.98
C PRO H 323 -9.24 -65.14 27.72
N SER H 324 -10.26 -65.96 27.49
CA SER H 324 -11.11 -65.79 26.31
C SER H 324 -11.94 -64.51 26.38
N ARG H 325 -12.15 -64.00 27.59
CA ARG H 325 -12.89 -62.77 27.78
C ARG H 325 -12.10 -61.84 28.69
N SER H 326 -12.13 -60.55 28.38
CA SER H 326 -11.38 -59.57 29.15
C SER H 326 -11.80 -59.42 30.61
N ILE H 327 -10.84 -59.02 31.43
CA ILE H 327 -11.02 -58.80 32.87
C ILE H 327 -10.87 -57.31 33.08
N ILE H 328 -11.69 -56.73 33.96
CA ILE H 328 -11.59 -55.29 34.21
C ILE H 328 -11.69 -54.99 35.71
N PHE H 329 -10.56 -54.66 36.32
CA PHE H 329 -10.52 -54.35 37.74
C PHE H 329 -10.95 -52.91 37.96
N ALA H 330 -11.62 -52.63 39.07
CA ALA H 330 -12.08 -51.28 39.35
C ALA H 330 -12.10 -50.96 40.82
N SER H 331 -11.44 -49.86 41.21
CA SER H 331 -11.40 -49.43 42.61
C SER H 331 -12.33 -48.22 42.76
N TRP H 332 -13.53 -48.47 43.25
CA TRP H 332 -14.51 -47.40 43.41
C TRP H 332 -14.15 -46.44 44.54
N SER H 333 -14.93 -45.37 44.65
CA SER H 333 -14.72 -44.36 45.69
C SER H 333 -16.08 -43.86 46.17
N ALA H 334 -16.07 -43.09 47.26
CA ALA H 334 -17.32 -42.58 47.81
C ALA H 334 -18.25 -43.75 48.12
N GLY H 335 -17.65 -44.89 48.44
CA GLY H 335 -18.41 -46.09 48.75
C GLY H 335 -19.08 -46.09 50.12
N ASP H 336 -18.56 -45.32 51.06
CA ASP H 336 -19.13 -45.26 52.39
C ASP H 336 -20.50 -44.59 52.35
N PHE H 337 -20.84 -44.01 51.21
CA PHE H 337 -22.12 -43.34 51.08
C PHE H 337 -23.12 -44.07 50.20
N GLY H 338 -22.93 -45.39 50.05
CA GLY H 338 -23.85 -46.20 49.26
C GLY H 338 -23.29 -46.61 47.91
N SER H 339 -22.00 -46.89 47.87
CA SER H 339 -21.33 -47.29 46.63
C SER H 339 -21.49 -46.19 45.59
N VAL H 340 -21.70 -44.97 46.06
CA VAL H 340 -21.88 -43.80 45.20
C VAL H 340 -20.94 -43.83 43.99
N GLY H 341 -19.73 -44.33 44.20
CA GLY H 341 -18.77 -44.41 43.10
C GLY H 341 -19.19 -45.45 42.08
N ALA H 342 -19.25 -46.69 42.51
CA ALA H 342 -19.63 -47.79 41.65
C ALA H 342 -21.04 -47.62 41.08
N THR H 343 -21.97 -47.19 41.92
CA THR H 343 -23.33 -47.02 41.45
C THR H 343 -23.48 -46.02 40.32
N GLU H 344 -22.96 -44.81 40.49
CA GLU H 344 -23.10 -43.80 39.44
C GLU H 344 -22.37 -44.21 38.14
N TRP H 345 -21.49 -45.19 38.23
CA TRP H 345 -20.80 -45.69 37.04
C TRP H 345 -21.87 -46.47 36.30
N LEU H 346 -22.49 -47.41 37.02
CA LEU H 346 -23.55 -48.24 36.48
C LEU H 346 -24.62 -47.31 35.95
N GLU H 347 -25.01 -46.32 36.75
CA GLU H 347 -26.03 -45.35 36.33
C GLU H 347 -25.73 -44.93 34.88
N GLY H 348 -24.43 -44.96 34.55
CA GLY H 348 -23.97 -44.58 33.22
C GLY H 348 -24.31 -45.48 32.05
N TYR H 349 -24.44 -46.77 32.27
CA TYR H 349 -24.79 -47.69 31.19
C TYR H 349 -26.14 -48.34 31.52
N LEU H 350 -27.12 -47.49 31.83
CA LEU H 350 -28.46 -47.93 32.22
C LEU H 350 -29.09 -49.03 31.41
N SER H 351 -28.68 -49.20 30.16
CA SER H 351 -29.31 -50.25 29.38
C SER H 351 -28.36 -50.97 28.44
N SER H 352 -27.08 -51.01 28.80
CA SER H 352 -26.10 -51.68 27.96
C SER H 352 -25.02 -52.43 28.72
N LEU H 353 -24.83 -52.10 29.99
CA LEU H 353 -23.81 -52.76 30.79
C LEU H 353 -23.86 -54.27 30.68
N HIS H 354 -25.06 -54.84 30.76
CA HIS H 354 -25.21 -56.27 30.68
C HIS H 354 -24.73 -56.81 29.34
N LEU H 355 -24.70 -55.94 28.34
CA LEU H 355 -24.23 -56.33 27.03
C LEU H 355 -22.70 -56.40 27.06
N LYS H 356 -22.12 -55.84 28.12
CA LYS H 356 -20.67 -55.77 28.29
C LYS H 356 -20.10 -56.60 29.44
N ALA H 357 -20.56 -56.32 30.66
CA ALA H 357 -20.08 -57.03 31.83
C ALA H 357 -21.00 -58.23 32.08
N PHE H 358 -20.44 -59.43 32.18
CA PHE H 358 -21.26 -60.60 32.41
C PHE H 358 -21.22 -61.15 33.82
N THR H 359 -20.41 -60.56 34.68
CA THR H 359 -20.31 -60.99 36.08
C THR H 359 -19.51 -59.98 36.89
N TYR H 360 -19.98 -59.70 38.09
CA TYR H 360 -19.29 -58.76 38.96
C TYR H 360 -18.85 -59.40 40.26
N ILE H 361 -17.55 -59.47 40.47
CA ILE H 361 -17.00 -60.03 41.71
C ILE H 361 -16.76 -58.81 42.61
N ASN H 362 -16.69 -59.02 43.91
CA ASN H 362 -16.48 -57.89 44.82
C ASN H 362 -15.55 -58.30 45.97
N LEU H 363 -14.46 -57.57 46.13
CA LEU H 363 -13.50 -57.90 47.17
C LEU H 363 -13.67 -57.17 48.49
N ASP H 364 -14.64 -56.26 48.58
CA ASP H 364 -14.87 -55.53 49.82
C ASP H 364 -14.99 -56.46 51.03
N LYS H 365 -14.49 -56.00 52.17
CA LYS H 365 -14.53 -56.78 53.41
C LYS H 365 -14.32 -58.27 53.16
N ALA H 366 -13.30 -58.61 52.39
CA ALA H 366 -13.02 -60.01 52.08
C ALA H 366 -12.48 -60.79 53.28
N VAL H 367 -11.66 -60.13 54.10
CA VAL H 367 -11.08 -60.79 55.27
C VAL H 367 -11.50 -60.08 56.56
N LEU H 368 -12.27 -60.78 57.39
CA LEU H 368 -12.72 -60.21 58.66
C LEU H 368 -12.55 -61.21 59.81
N GLY H 369 -12.20 -62.45 59.49
CA GLY H 369 -12.02 -63.46 60.52
C GLY H 369 -11.40 -64.71 59.96
N THR H 370 -11.60 -65.84 60.63
CA THR H 370 -11.04 -67.12 60.19
C THR H 370 -11.91 -68.31 60.57
N SER H 371 -13.16 -68.05 60.92
CA SER H 371 -14.07 -69.13 61.31
C SER H 371 -14.97 -69.55 60.17
N ASN H 372 -15.88 -68.68 59.78
CA ASN H 372 -16.84 -68.98 58.71
C ASN H 372 -16.38 -68.53 57.34
N PHE H 373 -17.24 -68.76 56.35
CA PHE H 373 -16.98 -68.34 54.99
C PHE H 373 -18.29 -68.01 54.29
N LYS H 374 -18.93 -66.93 54.74
CA LYS H 374 -20.20 -66.49 54.16
C LYS H 374 -19.99 -66.22 52.66
N VAL H 375 -21.04 -66.37 51.87
CA VAL H 375 -20.98 -66.13 50.43
C VAL H 375 -22.34 -65.71 49.95
N SER H 376 -22.39 -64.58 49.26
CA SER H 376 -23.64 -64.06 48.73
C SER H 376 -23.47 -63.86 47.24
N ALA H 377 -24.46 -64.31 46.48
CA ALA H 377 -24.39 -64.16 45.03
C ALA H 377 -25.72 -64.46 44.35
N SER H 378 -25.72 -64.28 43.03
CA SER H 378 -26.89 -64.55 42.23
C SER H 378 -26.84 -66.04 41.93
N PRO H 379 -27.99 -66.69 41.96
CA PRO H 379 -28.02 -68.12 41.68
C PRO H 379 -27.21 -68.51 40.46
N LEU H 380 -27.02 -67.58 39.53
CA LEU H 380 -26.26 -67.85 38.32
C LEU H 380 -24.81 -68.24 38.59
N LEU H 381 -24.29 -67.84 39.75
CA LEU H 381 -22.91 -68.15 40.08
C LEU H 381 -22.82 -69.22 41.18
N TYR H 382 -23.96 -69.84 41.46
CA TYR H 382 -24.03 -70.86 42.50
C TYR H 382 -23.04 -72.01 42.34
N THR H 383 -23.04 -72.64 41.16
CA THR H 383 -22.15 -73.76 40.93
C THR H 383 -20.68 -73.37 40.92
N LEU H 384 -20.38 -72.12 40.60
CA LEU H 384 -18.99 -71.66 40.59
C LEU H 384 -18.53 -71.53 42.04
N ILE H 385 -19.38 -70.90 42.84
CA ILE H 385 -19.05 -70.72 44.24
C ILE H 385 -18.80 -72.11 44.80
N GLU H 386 -19.71 -73.03 44.50
CA GLU H 386 -19.59 -74.40 44.99
C GLU H 386 -18.28 -75.07 44.58
N LYS H 387 -18.18 -75.44 43.30
CA LYS H 387 -16.99 -76.09 42.81
C LYS H 387 -15.68 -75.40 43.19
N THR H 388 -15.73 -74.10 43.47
CA THR H 388 -14.53 -73.38 43.88
C THR H 388 -14.23 -73.64 45.35
N MET H 389 -15.26 -73.59 46.18
CA MET H 389 -15.09 -73.85 47.61
C MET H 389 -14.61 -75.28 47.77
N GLN H 390 -14.59 -76.01 46.67
CA GLN H 390 -14.15 -77.39 46.65
C GLN H 390 -12.70 -77.46 46.20
N ASN H 391 -12.16 -76.32 45.78
CA ASN H 391 -10.78 -76.24 45.32
C ASN H 391 -9.89 -75.43 46.25
N VAL H 392 -10.50 -74.51 47.01
CA VAL H 392 -9.77 -73.65 47.93
C VAL H 392 -9.80 -74.15 49.37
N LYS H 393 -8.62 -74.32 49.96
CA LYS H 393 -8.49 -74.79 51.33
C LYS H 393 -8.41 -73.64 52.31
N HIS H 394 -9.15 -73.74 53.41
CA HIS H 394 -9.17 -72.70 54.45
C HIS H 394 -7.74 -72.33 54.82
N PRO H 395 -7.48 -71.02 55.07
CA PRO H 395 -6.13 -70.61 55.43
C PRO H 395 -5.62 -71.22 56.75
N VAL H 396 -6.49 -71.26 57.75
CA VAL H 396 -6.16 -71.81 59.07
C VAL H 396 -6.26 -73.34 59.09
N THR H 397 -7.45 -73.85 58.81
CA THR H 397 -7.72 -75.30 58.76
C THR H 397 -7.11 -75.85 57.47
N GLY H 398 -6.43 -76.98 57.52
CA GLY H 398 -5.85 -77.53 56.31
C GLY H 398 -6.90 -78.08 55.34
N GLN H 399 -8.16 -78.12 55.79
CA GLN H 399 -9.28 -78.65 55.01
C GLN H 399 -9.91 -77.66 54.02
N PHE H 400 -10.66 -78.21 53.05
CA PHE H 400 -11.32 -77.40 52.02
C PHE H 400 -12.49 -76.61 52.57
N LEU H 401 -12.78 -75.50 51.91
CA LEU H 401 -13.85 -74.60 52.31
C LEU H 401 -15.23 -75.24 52.27
N TYR H 402 -15.45 -76.12 51.29
CA TYR H 402 -16.73 -76.80 51.11
C TYR H 402 -17.10 -77.88 52.13
N GLN H 403 -18.24 -77.71 52.78
CA GLN H 403 -18.71 -78.68 53.76
C GLN H 403 -19.24 -79.93 53.07
N ASP H 404 -18.36 -80.94 52.96
CA ASP H 404 -18.67 -82.20 52.30
C ASP H 404 -19.92 -82.95 52.77
N SER H 405 -20.47 -82.55 53.90
CA SER H 405 -21.66 -83.22 54.42
C SER H 405 -22.98 -82.79 53.79
N ASN H 406 -22.94 -81.84 52.86
CA ASN H 406 -24.16 -81.37 52.22
C ASN H 406 -24.11 -81.52 50.70
N TRP H 407 -25.25 -81.30 50.05
CA TRP H 407 -25.35 -81.36 48.61
C TRP H 407 -25.95 -80.02 48.23
N ALA H 408 -26.45 -79.33 49.24
CA ALA H 408 -27.07 -78.02 49.08
C ALA H 408 -26.39 -77.05 50.03
N SER H 409 -25.48 -76.22 49.48
CA SER H 409 -24.72 -75.23 50.24
C SER H 409 -25.57 -73.98 50.52
N LYS H 410 -25.10 -73.16 51.45
CA LYS H 410 -25.83 -71.95 51.80
C LYS H 410 -25.30 -70.71 51.07
N VAL H 411 -26.20 -70.02 50.38
CA VAL H 411 -25.83 -68.81 49.67
C VAL H 411 -26.75 -67.71 50.14
N GLU H 412 -26.16 -66.59 50.53
CA GLU H 412 -26.88 -65.46 51.06
C GLU H 412 -27.30 -64.45 50.00
N LYS H 413 -28.35 -63.68 50.31
CA LYS H 413 -28.87 -62.65 49.40
C LYS H 413 -28.03 -61.40 49.53
N LEU H 414 -27.89 -60.65 48.44
CA LEU H 414 -27.10 -59.41 48.47
C LEU H 414 -27.90 -58.32 49.17
N THR H 415 -27.23 -57.57 50.04
CA THR H 415 -27.86 -56.50 50.80
C THR H 415 -27.62 -55.11 50.24
N LEU H 416 -28.58 -54.22 50.50
CA LEU H 416 -28.53 -52.84 50.07
C LEU H 416 -27.17 -52.19 50.29
N ASP H 417 -26.40 -52.73 51.24
CA ASP H 417 -25.09 -52.16 51.54
C ASP H 417 -23.89 -52.89 50.93
N ASN H 418 -24.05 -53.41 49.73
CA ASN H 418 -22.94 -54.09 49.10
C ASN H 418 -22.84 -53.70 47.63
N ALA H 419 -21.71 -53.10 47.27
CA ALA H 419 -21.46 -52.66 45.90
C ALA H 419 -21.97 -53.65 44.86
N ALA H 420 -21.95 -54.93 45.23
CA ALA H 420 -22.42 -55.97 44.33
C ALA H 420 -23.92 -55.86 44.14
N PHE H 421 -24.63 -55.47 45.19
CA PHE H 421 -26.08 -55.35 45.11
C PHE H 421 -26.54 -54.53 43.91
N PRO H 422 -26.01 -53.31 43.73
CA PRO H 422 -26.43 -52.49 42.59
C PRO H 422 -26.17 -53.19 41.26
N PHE H 423 -24.99 -53.79 41.11
CA PHE H 423 -24.65 -54.48 39.87
C PHE H 423 -25.73 -55.49 39.49
N LEU H 424 -26.26 -56.18 40.50
CA LEU H 424 -27.28 -57.21 40.29
C LEU H 424 -28.73 -56.74 40.31
N ALA H 425 -29.08 -55.92 41.29
CA ALA H 425 -30.44 -55.43 41.42
C ALA H 425 -30.80 -54.24 40.53
N TYR H 426 -29.79 -53.55 40.00
CA TYR H 426 -30.01 -52.37 39.15
C TYR H 426 -29.53 -52.53 37.71
N SER H 427 -28.33 -53.08 37.56
CA SER H 427 -27.73 -53.26 36.24
C SER H 427 -27.97 -54.64 35.63
N GLY H 428 -28.54 -55.54 36.43
CA GLY H 428 -28.82 -56.88 35.95
C GLY H 428 -27.58 -57.69 35.65
N ILE H 429 -26.54 -57.47 36.43
CA ILE H 429 -25.30 -58.22 36.25
C ILE H 429 -25.18 -59.24 37.38
N PRO H 430 -25.01 -60.52 37.04
CA PRO H 430 -24.89 -61.47 38.15
C PRO H 430 -23.64 -61.13 38.97
N ALA H 431 -23.74 -61.20 40.29
CA ALA H 431 -22.60 -60.84 41.13
C ALA H 431 -22.40 -61.68 42.38
N VAL H 432 -21.14 -62.02 42.64
CA VAL H 432 -20.77 -62.81 43.81
C VAL H 432 -20.14 -61.86 44.82
N SER H 433 -19.98 -62.32 46.05
CA SER H 433 -19.40 -61.50 47.11
C SER H 433 -19.06 -62.34 48.34
N PHE H 434 -17.85 -62.89 48.39
CA PHE H 434 -17.47 -63.73 49.52
C PHE H 434 -16.91 -62.97 50.71
N CYS H 435 -16.82 -63.68 51.84
CA CYS H 435 -16.34 -63.10 53.10
C CYS H 435 -15.80 -64.14 54.08
N PHE H 436 -14.56 -64.01 54.53
CA PHE H 436 -14.06 -64.95 55.52
C PHE H 436 -14.57 -64.43 56.87
N CYS H 437 -15.87 -64.14 56.87
CA CYS H 437 -16.62 -63.63 58.02
C CYS H 437 -16.48 -64.38 59.34
N GLU H 438 -17.11 -63.82 60.38
CA GLU H 438 -17.13 -64.38 61.74
C GLU H 438 -18.57 -64.33 62.26
N ASP H 439 -18.89 -65.13 63.27
CA ASP H 439 -20.25 -65.13 63.81
C ASP H 439 -20.66 -63.72 64.23
N THR H 440 -19.67 -62.94 64.68
CA THR H 440 -19.87 -61.57 65.10
C THR H 440 -19.16 -60.64 64.12
N ASP H 441 -19.86 -59.61 63.68
CA ASP H 441 -19.28 -58.66 62.73
C ASP H 441 -18.15 -57.87 63.37
N TYR H 442 -17.13 -57.57 62.56
CA TYR H 442 -15.96 -56.80 63.01
C TYR H 442 -16.48 -55.56 63.72
N PRO H 443 -15.94 -55.26 64.91
CA PRO H 443 -16.39 -54.09 65.68
C PRO H 443 -15.86 -52.74 65.18
N TYR H 444 -14.54 -52.69 65.02
CA TYR H 444 -13.85 -51.47 64.60
C TYR H 444 -14.27 -50.99 63.22
N LEU H 445 -15.04 -51.81 62.51
CA LEU H 445 -15.49 -51.50 61.16
C LEU H 445 -15.76 -50.04 60.82
N GLY H 446 -16.88 -49.49 61.29
CA GLY H 446 -17.21 -48.10 60.99
C GLY H 446 -16.57 -47.04 61.88
N THR H 447 -15.46 -47.37 62.53
CA THR H 447 -14.81 -46.41 63.41
C THR H 447 -13.32 -46.22 63.16
N THR H 448 -12.76 -45.17 63.76
CA THR H 448 -11.35 -44.82 63.65
C THR H 448 -10.41 -45.92 64.12
N MET H 449 -10.98 -47.05 64.53
CA MET H 449 -10.17 -48.14 65.03
C MET H 449 -9.84 -49.21 63.99
N ASP H 450 -10.33 -49.02 62.77
CA ASP H 450 -10.10 -49.95 61.68
C ASP H 450 -8.63 -49.90 61.22
N THR H 451 -7.71 -49.95 62.17
CA THR H 451 -6.28 -49.89 61.85
C THR H 451 -5.69 -51.23 61.45
N TYR H 452 -4.61 -51.19 60.67
CA TYR H 452 -3.93 -52.39 60.22
C TYR H 452 -3.39 -53.14 61.43
N LYS H 453 -3.17 -52.40 62.51
CA LYS H 453 -2.66 -53.00 63.75
C LYS H 453 -3.74 -53.82 64.44
N GLU H 454 -4.73 -53.12 65.01
CA GLU H 454 -5.82 -53.80 65.72
C GLU H 454 -6.42 -54.93 64.89
N LEU H 455 -6.22 -54.89 63.57
CA LEU H 455 -6.71 -55.94 62.69
C LEU H 455 -5.82 -57.16 62.89
N ILE H 456 -4.57 -57.02 62.46
CA ILE H 456 -3.62 -58.10 62.57
C ILE H 456 -3.45 -58.58 64.01
N GLU H 457 -3.83 -57.73 64.98
CA GLU H 457 -3.73 -58.11 66.39
C GLU H 457 -4.91 -59.05 66.66
N ARG H 458 -5.92 -58.95 65.80
CA ARG H 458 -7.13 -59.77 65.89
C ARG H 458 -7.25 -60.85 64.83
N ILE H 459 -6.21 -61.03 64.01
CA ILE H 459 -6.24 -62.03 62.96
C ILE H 459 -4.82 -62.36 62.47
N PRO H 460 -3.94 -62.71 63.42
CA PRO H 460 -2.52 -63.07 63.27
C PRO H 460 -2.01 -63.49 61.90
N GLU H 461 -2.69 -64.43 61.24
CA GLU H 461 -2.26 -64.89 59.93
C GLU H 461 -3.00 -64.21 58.79
N LEU H 462 -3.33 -62.94 59.00
CA LEU H 462 -4.04 -62.13 58.00
C LEU H 462 -3.52 -62.36 56.58
N ASN H 463 -2.24 -62.64 56.43
CA ASN H 463 -1.68 -62.87 55.12
C ASN H 463 -2.30 -64.10 54.47
N LYS H 464 -2.16 -65.25 55.13
CA LYS H 464 -2.73 -66.49 54.61
C LYS H 464 -4.21 -66.33 54.29
N VAL H 465 -4.96 -65.73 55.21
CA VAL H 465 -6.38 -65.52 55.02
C VAL H 465 -6.64 -64.72 53.74
N ALA H 466 -6.07 -63.53 53.68
CA ALA H 466 -6.24 -62.69 52.50
C ALA H 466 -5.88 -63.49 51.25
N ARG H 467 -4.84 -64.31 51.36
CA ARG H 467 -4.41 -65.14 50.23
C ARG H 467 -5.55 -66.01 49.73
N ALA H 468 -6.19 -66.74 50.65
CA ALA H 468 -7.31 -67.60 50.29
C ALA H 468 -8.36 -66.77 49.55
N ALA H 469 -8.81 -65.69 50.18
CA ALA H 469 -9.80 -64.80 49.58
C ALA H 469 -9.35 -64.44 48.17
N ALA H 470 -8.07 -64.10 48.04
CA ALA H 470 -7.52 -63.74 46.75
C ALA H 470 -7.51 -64.95 45.82
N GLU H 471 -7.61 -66.15 46.39
CA GLU H 471 -7.61 -67.34 45.56
C GLU H 471 -9.00 -67.65 45.04
N VAL H 472 -10.01 -67.60 45.91
CA VAL H 472 -11.36 -67.89 45.45
C VAL H 472 -11.73 -66.80 44.43
N ALA H 473 -11.29 -65.58 44.67
CA ALA H 473 -11.56 -64.48 43.76
C ALA H 473 -10.88 -64.79 42.43
N GLY H 474 -9.65 -65.30 42.53
CA GLY H 474 -8.89 -65.62 41.34
C GLY H 474 -9.52 -66.68 40.47
N GLN H 475 -9.84 -67.82 41.06
CA GLN H 475 -10.46 -68.91 40.33
C GLN H 475 -11.75 -68.45 39.64
N PHE H 476 -12.55 -67.66 40.35
CA PHE H 476 -13.80 -67.14 39.76
C PHE H 476 -13.43 -66.54 38.43
N VAL H 477 -12.44 -65.65 38.45
CA VAL H 477 -11.99 -65.00 37.23
C VAL H 477 -11.46 -66.01 36.20
N ILE H 478 -10.52 -66.86 36.60
CA ILE H 478 -9.99 -67.84 35.66
C ILE H 478 -11.16 -68.62 35.08
N LYS H 479 -12.00 -69.15 35.97
CA LYS H 479 -13.15 -69.94 35.54
C LYS H 479 -14.07 -69.21 34.58
N LEU H 480 -14.44 -67.98 34.92
CA LEU H 480 -15.34 -67.20 34.08
C LEU H 480 -14.71 -66.79 32.75
N THR H 481 -13.44 -67.16 32.54
CA THR H 481 -12.72 -66.80 31.31
C THR H 481 -12.03 -67.95 30.57
N HIS H 482 -11.37 -68.81 31.33
CA HIS H 482 -10.63 -69.97 30.80
C HIS H 482 -11.29 -70.63 29.59
N ASP H 483 -12.54 -71.05 29.72
CA ASP H 483 -13.27 -71.73 28.65
C ASP H 483 -14.06 -70.83 27.71
N VAL H 484 -14.38 -71.40 26.54
CA VAL H 484 -15.11 -70.69 25.51
C VAL H 484 -16.61 -70.54 25.82
N GLU H 485 -17.14 -71.44 26.63
CA GLU H 485 -18.55 -71.37 26.97
C GLU H 485 -18.71 -70.49 28.19
N LEU H 486 -19.61 -69.52 28.12
CA LEU H 486 -19.86 -68.63 29.24
C LEU H 486 -20.59 -69.48 30.30
N ASN H 487 -19.86 -69.83 31.36
CA ASN H 487 -20.43 -70.67 32.41
C ASN H 487 -21.27 -70.01 33.50
N LEU H 488 -22.55 -69.80 33.23
CA LEU H 488 -23.46 -69.22 34.22
C LEU H 488 -24.64 -70.16 34.35
N ASP H 489 -25.08 -70.36 35.59
CA ASP H 489 -26.18 -71.27 35.89
C ASP H 489 -27.55 -70.69 35.56
N TYR H 490 -27.88 -70.53 34.28
CA TYR H 490 -29.18 -69.98 33.94
C TYR H 490 -30.31 -70.94 34.28
N GLU H 491 -29.95 -72.15 34.72
CA GLU H 491 -30.92 -73.18 35.10
C GLU H 491 -31.48 -72.88 36.47
N GLU H 492 -30.58 -72.59 37.40
CA GLU H 492 -30.95 -72.29 38.78
C GLU H 492 -32.15 -71.34 38.85
N TYR H 493 -32.43 -70.62 37.77
CA TYR H 493 -33.59 -69.72 37.78
C TYR H 493 -34.88 -70.48 37.58
N ASN H 494 -34.79 -71.68 37.02
CA ASN H 494 -35.98 -72.49 36.82
C ASN H 494 -36.46 -72.82 38.21
N SER H 495 -35.51 -73.22 39.05
CA SER H 495 -35.81 -73.57 40.44
C SER H 495 -36.35 -72.33 41.11
N GLN H 496 -35.57 -71.25 41.03
CA GLN H 496 -35.96 -69.99 41.62
C GLN H 496 -37.37 -69.56 41.23
N LEU H 497 -37.74 -69.86 39.99
CA LEU H 497 -39.05 -69.50 39.49
C LEU H 497 -40.11 -70.47 39.99
N LEU H 498 -39.76 -71.75 40.07
CA LEU H 498 -40.71 -72.75 40.56
C LEU H 498 -41.03 -72.50 42.02
N SER H 499 -40.00 -72.21 42.81
CA SER H 499 -40.18 -71.94 44.23
C SER H 499 -41.27 -70.91 44.39
N PHE H 500 -41.22 -69.86 43.57
CA PHE H 500 -42.21 -68.79 43.61
C PHE H 500 -43.58 -69.39 43.38
N VAL H 501 -43.75 -70.03 42.23
CA VAL H 501 -45.02 -70.65 41.87
C VAL H 501 -45.56 -71.44 43.04
N ARG H 502 -44.69 -72.23 43.65
CA ARG H 502 -45.07 -73.03 44.79
C ARG H 502 -45.65 -72.14 45.88
N ASP H 503 -44.79 -71.32 46.49
CA ASP H 503 -45.21 -70.40 47.55
C ASP H 503 -46.48 -69.67 47.19
N LEU H 504 -46.68 -69.40 45.90
CA LEU H 504 -47.88 -68.71 45.47
C LEU H 504 -49.11 -69.60 45.53
N ASN H 505 -48.93 -70.90 45.28
CA ASN H 505 -50.05 -71.83 45.31
C ASN H 505 -50.60 -72.04 46.71
N GLN H 506 -49.90 -71.54 47.72
CA GLN H 506 -50.37 -71.68 49.07
C GLN H 506 -51.54 -70.73 49.30
N TYR H 507 -51.80 -69.88 48.31
CA TYR H 507 -52.89 -68.92 48.40
C TYR H 507 -53.90 -69.16 47.30
N ARG H 508 -53.84 -70.36 46.72
CA ARG H 508 -54.74 -70.71 45.62
C ARG H 508 -56.17 -70.46 46.02
N ALA H 509 -56.39 -70.44 47.34
CA ALA H 509 -57.71 -70.18 47.88
C ALA H 509 -58.07 -68.72 47.61
N ASP H 510 -57.21 -67.81 48.06
CA ASP H 510 -57.43 -66.39 47.86
C ASP H 510 -57.49 -66.12 46.37
N ILE H 511 -56.54 -66.71 45.64
CA ILE H 511 -56.51 -66.52 44.20
C ILE H 511 -57.85 -66.91 43.60
N LYS H 512 -58.57 -67.80 44.26
CA LYS H 512 -59.86 -68.25 43.75
C LYS H 512 -61.00 -67.30 44.09
N GLU H 513 -61.02 -66.81 45.33
CA GLU H 513 -62.09 -65.89 45.70
C GLU H 513 -62.08 -64.76 44.66
N MET H 514 -60.88 -64.36 44.25
CA MET H 514 -60.73 -63.34 43.23
C MET H 514 -60.82 -64.13 41.92
N GLY H 515 -61.38 -63.53 40.89
CA GLY H 515 -61.53 -64.24 39.62
C GLY H 515 -60.25 -64.74 38.97
N LEU H 516 -59.11 -64.38 39.53
CA LEU H 516 -57.80 -64.75 38.99
C LEU H 516 -57.64 -66.23 38.61
N SER H 517 -57.13 -66.44 37.39
CA SER H 517 -56.91 -67.79 36.87
C SER H 517 -55.51 -68.28 37.20
N LEU H 518 -54.59 -67.34 37.39
CA LEU H 518 -53.22 -67.72 37.71
C LEU H 518 -52.66 -68.77 36.74
N GLN H 519 -53.29 -68.92 35.59
CA GLN H 519 -52.86 -69.89 34.57
C GLN H 519 -51.76 -69.33 33.68
N TRP H 520 -51.84 -68.03 33.37
CA TRP H 520 -50.85 -67.37 32.54
C TRP H 520 -49.45 -67.42 33.14
N LEU H 521 -49.39 -67.45 34.47
CA LEU H 521 -48.11 -67.50 35.18
C LEU H 521 -47.39 -68.81 34.90
N TYR H 522 -48.11 -69.92 35.04
CA TYR H 522 -47.53 -71.23 34.81
C TYR H 522 -47.00 -71.27 33.40
N SER H 523 -47.80 -70.79 32.46
CA SER H 523 -47.42 -70.77 31.07
C SER H 523 -46.08 -70.08 30.90
N ALA H 524 -45.93 -68.91 31.52
CA ALA H 524 -44.69 -68.16 31.43
C ALA H 524 -43.58 -69.02 32.03
N ARG H 525 -43.75 -69.42 33.28
CA ARG H 525 -42.76 -70.25 33.97
C ARG H 525 -42.33 -71.40 33.09
N GLY H 526 -43.28 -71.93 32.34
CA GLY H 526 -42.98 -73.03 31.45
C GLY H 526 -42.36 -72.56 30.16
N ASP H 527 -42.97 -71.54 29.57
CA ASP H 527 -42.47 -70.97 28.32
C ASP H 527 -41.00 -70.60 28.54
N PHE H 528 -40.64 -70.34 29.79
CA PHE H 528 -39.25 -70.00 30.14
C PHE H 528 -38.39 -71.28 30.28
N PHE H 529 -38.95 -72.28 30.93
CA PHE H 529 -38.25 -73.54 31.13
C PHE H 529 -37.76 -74.06 29.79
N ARG H 530 -38.65 -74.14 28.82
CA ARG H 530 -38.29 -74.62 27.50
C ARG H 530 -37.12 -73.81 27.00
N ALA H 531 -37.28 -72.49 27.06
CA ALA H 531 -36.23 -71.58 26.60
C ALA H 531 -34.85 -72.03 27.10
N THR H 532 -34.77 -72.32 28.39
CA THR H 532 -33.52 -72.76 28.99
C THR H 532 -33.11 -74.14 28.51
N SER H 533 -34.10 -74.99 28.27
CA SER H 533 -33.83 -76.34 27.79
C SER H 533 -33.27 -76.34 26.39
N ARG H 534 -33.65 -75.35 25.59
CA ARG H 534 -33.13 -75.27 24.23
C ARG H 534 -31.71 -74.80 24.37
N LEU H 535 -31.54 -73.66 25.02
CA LEU H 535 -30.21 -73.10 25.22
C LEU H 535 -29.30 -74.19 25.77
N THR H 536 -29.75 -74.87 26.82
CA THR H 536 -28.97 -75.93 27.42
C THR H 536 -28.68 -77.04 26.42
N THR H 537 -29.47 -77.11 25.36
CA THR H 537 -29.27 -78.12 24.32
C THR H 537 -28.36 -77.56 23.25
N ASP H 538 -28.79 -76.48 22.61
CA ASP H 538 -28.02 -75.83 21.55
C ASP H 538 -26.53 -75.83 21.87
N PHE H 539 -26.21 -75.55 23.13
CA PHE H 539 -24.82 -75.54 23.57
C PHE H 539 -24.17 -76.86 23.26
N GLY H 540 -24.71 -77.92 23.86
CA GLY H 540 -24.16 -79.25 23.64
C GLY H 540 -23.93 -79.60 22.18
N ASN H 541 -24.86 -79.21 21.31
CA ASN H 541 -24.75 -79.50 19.88
C ASN H 541 -23.79 -78.58 19.13
N ALA H 542 -23.43 -77.46 19.75
CA ALA H 542 -22.52 -76.51 19.14
C ALA H 542 -21.07 -76.89 19.50
N GLU H 543 -20.14 -76.58 18.60
CA GLU H 543 -18.73 -76.90 18.81
C GLU H 543 -17.95 -75.70 19.33
N LYS H 544 -17.10 -75.96 20.31
CA LYS H 544 -16.30 -74.91 20.92
C LYS H 544 -15.28 -74.35 19.92
N THR H 545 -15.57 -74.53 18.63
CA THR H 545 -14.69 -74.04 17.57
C THR H 545 -15.38 -73.00 16.70
N ASP H 546 -16.70 -73.03 16.65
CA ASP H 546 -17.44 -72.08 15.83
C ASP H 546 -17.66 -70.81 16.64
N ARG H 547 -16.63 -69.98 16.69
CA ARG H 547 -16.66 -68.72 17.42
C ARG H 547 -18.01 -68.02 17.22
N PHE H 548 -18.63 -68.24 16.07
CA PHE H 548 -19.90 -67.61 15.77
C PHE H 548 -21.09 -68.20 16.52
N VAL H 549 -21.33 -69.50 16.36
CA VAL H 549 -22.46 -70.15 17.02
C VAL H 549 -22.36 -70.08 18.53
N MET H 550 -21.13 -70.07 19.03
CA MET H 550 -20.90 -69.98 20.46
C MET H 550 -21.21 -68.59 20.94
N LYS H 551 -20.76 -67.59 20.20
CA LYS H 551 -21.01 -66.21 20.58
C LYS H 551 -22.51 -65.98 20.63
N LYS H 552 -23.24 -66.53 19.66
CA LYS H 552 -24.69 -66.35 19.63
C LYS H 552 -25.35 -66.95 20.87
N LEU H 553 -24.79 -68.02 21.40
CA LEU H 553 -25.33 -68.67 22.60
C LEU H 553 -24.94 -67.89 23.84
N ASN H 554 -23.64 -67.68 24.03
CA ASN H 554 -23.15 -66.96 25.20
C ASN H 554 -23.90 -65.66 25.40
N ASP H 555 -24.25 -65.00 24.30
CA ASP H 555 -25.00 -63.76 24.39
C ASP H 555 -26.36 -64.02 25.02
N ARG H 556 -27.00 -65.12 24.64
CA ARG H 556 -28.30 -65.45 25.19
C ARG H 556 -28.18 -65.66 26.70
N VAL H 557 -27.10 -66.32 27.11
CA VAL H 557 -26.84 -66.59 28.51
C VAL H 557 -26.69 -65.26 29.23
N MET H 558 -25.99 -64.35 28.57
CA MET H 558 -25.69 -63.03 29.09
C MET H 558 -26.93 -62.15 29.23
N ARG H 559 -28.05 -62.58 28.65
CA ARG H 559 -29.30 -61.82 28.73
C ARG H 559 -30.12 -62.26 29.95
N VAL H 560 -30.04 -63.55 30.27
CA VAL H 560 -30.79 -64.14 31.37
C VAL H 560 -30.96 -63.29 32.62
N GLU H 561 -29.85 -62.87 33.23
CA GLU H 561 -29.93 -62.08 34.46
C GLU H 561 -30.65 -60.76 34.30
N TYR H 562 -30.21 -59.98 33.32
CA TYR H 562 -30.80 -58.67 33.05
C TYR H 562 -32.31 -58.69 32.78
N HIS H 563 -32.76 -59.67 32.00
CA HIS H 563 -34.18 -59.77 31.65
C HIS H 563 -35.15 -60.09 32.78
N PHE H 564 -34.67 -60.18 34.02
CA PHE H 564 -35.56 -60.42 35.15
C PHE H 564 -35.80 -59.12 35.90
N LEU H 565 -35.42 -58.01 35.27
CA LEU H 565 -35.59 -56.67 35.84
C LEU H 565 -36.91 -56.17 35.23
N SER H 566 -37.89 -55.88 36.07
CA SER H 566 -39.20 -55.44 35.60
C SER H 566 -39.15 -54.36 34.55
N PRO H 567 -39.51 -54.70 33.31
CA PRO H 567 -39.48 -53.68 32.26
C PRO H 567 -40.73 -52.81 32.31
N TYR H 568 -41.33 -52.71 33.50
CA TYR H 568 -42.52 -51.90 33.64
C TYR H 568 -42.37 -50.87 34.75
N VAL H 569 -41.15 -50.71 35.25
CA VAL H 569 -40.89 -49.73 36.30
C VAL H 569 -39.68 -48.87 35.91
N SER H 570 -39.80 -47.56 36.13
CA SER H 570 -38.72 -46.64 35.76
C SER H 570 -37.56 -46.59 36.74
N PRO H 571 -36.33 -46.73 36.24
CA PRO H 571 -35.13 -46.68 37.07
C PRO H 571 -35.11 -45.41 37.92
N LYS H 572 -35.66 -44.33 37.35
CA LYS H 572 -35.71 -43.03 38.02
C LYS H 572 -36.59 -43.11 39.28
N GLU H 573 -37.61 -43.97 39.23
CA GLU H 573 -38.53 -44.12 40.36
C GLU H 573 -38.12 -45.24 41.29
N SER H 574 -37.92 -46.43 40.72
CA SER H 574 -37.53 -47.61 41.50
C SER H 574 -36.34 -48.28 40.83
N PRO H 575 -35.13 -47.84 41.16
CA PRO H 575 -33.86 -48.35 40.62
C PRO H 575 -33.58 -49.85 40.68
N PHE H 576 -34.01 -50.52 41.74
CA PHE H 576 -33.76 -51.95 41.84
C PHE H 576 -34.92 -52.75 41.24
N ARG H 577 -34.95 -52.79 39.91
CA ARG H 577 -36.01 -53.45 39.16
C ARG H 577 -36.04 -54.97 39.16
N HIS H 578 -34.95 -55.61 39.56
CA HIS H 578 -34.89 -57.07 39.55
C HIS H 578 -36.04 -57.69 40.31
N VAL H 579 -36.98 -58.28 39.57
CA VAL H 579 -38.14 -58.91 40.21
C VAL H 579 -37.77 -59.84 41.36
N PHE H 580 -36.59 -60.46 41.30
CA PHE H 580 -36.16 -61.40 42.35
C PHE H 580 -35.41 -60.81 43.53
N TRP H 581 -34.44 -59.93 43.25
CA TRP H 581 -33.62 -59.35 44.32
C TRP H 581 -33.76 -57.84 44.49
N GLY H 582 -34.61 -57.23 43.68
CA GLY H 582 -34.78 -55.80 43.78
C GLY H 582 -35.50 -55.37 45.04
N SER H 583 -36.20 -54.25 44.95
CA SER H 583 -36.95 -53.69 46.06
C SER H 583 -38.02 -52.81 45.44
N GLY H 584 -39.28 -53.04 45.83
CA GLY H 584 -40.37 -52.27 45.29
C GLY H 584 -41.59 -53.16 45.12
N SER H 585 -42.70 -52.60 44.66
CA SER H 585 -43.90 -53.42 44.49
C SER H 585 -43.76 -54.36 43.28
N HIS H 586 -42.79 -54.09 42.42
CA HIS H 586 -42.56 -54.92 41.24
C HIS H 586 -41.87 -56.21 41.64
N THR H 587 -41.27 -56.19 42.83
CA THR H 587 -40.58 -57.33 43.39
C THR H 587 -41.50 -58.54 43.44
N LEU H 588 -40.95 -59.71 43.10
CA LEU H 588 -41.73 -60.95 43.13
C LEU H 588 -42.10 -61.20 44.60
N PRO H 589 -41.11 -61.26 45.49
CA PRO H 589 -41.41 -61.48 46.91
C PRO H 589 -42.45 -60.48 47.40
N ALA H 590 -42.38 -59.27 46.91
CA ALA H 590 -43.32 -58.23 47.32
C ALA H 590 -44.76 -58.62 47.00
N LEU H 591 -44.93 -59.43 45.95
CA LEU H 591 -46.26 -59.87 45.54
C LEU H 591 -46.89 -60.72 46.63
N LEU H 592 -46.21 -61.81 47.00
CA LEU H 592 -46.70 -62.68 48.05
C LEU H 592 -46.93 -61.84 49.29
N GLU H 593 -45.90 -61.07 49.66
CA GLU H 593 -45.95 -60.24 50.84
C GLU H 593 -47.22 -59.41 50.96
N ASN H 594 -47.85 -59.07 49.82
CA ASN H 594 -49.07 -58.29 49.85
C ASN H 594 -50.24 -59.26 49.97
N LEU H 595 -50.14 -60.36 49.23
CA LEU H 595 -51.18 -61.37 49.24
C LEU H 595 -51.37 -61.97 50.63
N LYS H 596 -50.27 -62.12 51.36
CA LYS H 596 -50.36 -62.68 52.71
C LYS H 596 -51.39 -61.92 53.53
N LEU H 597 -51.43 -60.60 53.32
CA LEU H 597 -52.34 -59.74 54.05
C LEU H 597 -53.82 -59.99 53.74
N ARG H 598 -54.09 -60.69 52.63
CA ARG H 598 -55.47 -60.98 52.22
C ARG H 598 -56.25 -61.65 53.35
N LYS H 599 -55.64 -62.68 53.94
CA LYS H 599 -56.26 -63.45 55.03
C LYS H 599 -56.59 -62.61 56.26
N GLN H 600 -55.79 -61.58 56.53
CA GLN H 600 -56.02 -60.70 57.68
C GLN H 600 -57.38 -60.00 57.65
N ASN H 601 -58.17 -60.31 56.61
CA ASN H 601 -59.51 -59.75 56.41
C ASN H 601 -59.64 -58.22 56.53
N ASN H 602 -58.55 -57.54 56.88
CA ASN H 602 -58.59 -56.08 57.00
C ASN H 602 -58.31 -55.43 55.64
N GLY H 603 -58.13 -54.12 55.64
CA GLY H 603 -57.87 -53.43 54.38
C GLY H 603 -56.41 -53.42 53.96
N ALA H 604 -55.53 -53.91 54.83
CA ALA H 604 -54.10 -53.94 54.57
C ALA H 604 -53.77 -54.46 53.16
N PHE H 605 -54.63 -55.31 52.61
CA PHE H 605 -54.42 -55.87 51.29
C PHE H 605 -55.00 -54.94 50.21
N ASN H 606 -54.13 -54.47 49.31
CA ASN H 606 -54.56 -53.61 48.20
C ASN H 606 -54.80 -54.58 47.06
N GLU H 607 -56.07 -54.81 46.73
CA GLU H 607 -56.40 -55.74 45.68
C GLU H 607 -55.97 -55.25 44.30
N THR H 608 -56.28 -54.00 43.98
CA THR H 608 -55.90 -53.46 42.69
C THR H 608 -54.39 -53.59 42.48
N LEU H 609 -53.64 -53.36 43.55
CA LEU H 609 -52.18 -53.48 43.48
C LEU H 609 -51.79 -54.91 43.12
N PHE H 610 -52.37 -55.88 43.84
CA PHE H 610 -52.07 -57.28 43.58
C PHE H 610 -52.36 -57.57 42.12
N ARG H 611 -53.62 -57.43 41.73
CA ARG H 611 -54.03 -57.67 40.35
C ARG H 611 -52.93 -57.33 39.36
N ASN H 612 -52.37 -56.12 39.47
CA ASN H 612 -51.31 -55.69 38.58
C ASN H 612 -50.04 -56.47 38.88
N GLN H 613 -49.58 -56.42 40.13
CA GLN H 613 -48.38 -57.13 40.55
C GLN H 613 -48.30 -58.48 39.87
N LEU H 614 -49.36 -59.26 39.98
CA LEU H 614 -49.41 -60.58 39.35
C LEU H 614 -49.33 -60.40 37.84
N ALA H 615 -50.30 -59.67 37.28
CA ALA H 615 -50.36 -59.41 35.84
C ALA H 615 -49.00 -59.10 35.23
N LEU H 616 -48.34 -58.06 35.72
CA LEU H 616 -47.05 -57.70 35.19
C LEU H 616 -45.97 -58.74 35.54
N ALA H 617 -45.85 -59.08 36.82
CA ALA H 617 -44.86 -60.07 37.25
C ALA H 617 -44.95 -61.30 36.36
N THR H 618 -46.10 -61.48 35.72
CA THR H 618 -46.29 -62.60 34.83
C THR H 618 -45.53 -62.30 33.54
N TRP H 619 -45.99 -61.26 32.85
CA TRP H 619 -45.37 -60.83 31.60
C TRP H 619 -43.87 -60.54 31.74
N THR H 620 -43.42 -60.24 32.95
CA THR H 620 -42.00 -60.00 33.14
C THR H 620 -41.34 -61.34 32.88
N ILE H 621 -41.83 -62.36 33.58
CA ILE H 621 -41.30 -63.70 33.45
C ILE H 621 -41.48 -64.15 32.02
N GLN H 622 -42.68 -63.94 31.51
CA GLN H 622 -43.00 -64.32 30.15
C GLN H 622 -41.92 -63.75 29.23
N GLY H 623 -41.76 -62.44 29.29
CA GLY H 623 -40.79 -61.77 28.46
C GLY H 623 -39.41 -62.36 28.60
N ALA H 624 -39.00 -62.62 29.83
CA ALA H 624 -37.70 -63.21 30.10
C ALA H 624 -37.54 -64.45 29.25
N ALA H 625 -38.66 -65.13 29.02
CA ALA H 625 -38.66 -66.35 28.22
C ALA H 625 -38.48 -66.00 26.75
N ASN H 626 -39.39 -65.19 26.22
CA ASN H 626 -39.31 -64.80 24.82
C ASN H 626 -37.99 -64.16 24.45
N ALA H 627 -37.28 -63.64 25.44
CA ALA H 627 -36.00 -63.02 25.16
C ALA H 627 -34.90 -64.07 25.18
N LEU H 628 -35.05 -65.07 26.07
CA LEU H 628 -34.04 -66.11 26.23
C LEU H 628 -34.08 -67.19 25.15
N SER H 629 -34.74 -66.87 24.04
CA SER H 629 -34.86 -67.74 22.85
C SER H 629 -36.24 -68.31 22.57
N GLY H 630 -36.32 -69.63 22.51
CA GLY H 630 -37.56 -70.30 22.15
C GLY H 630 -37.45 -70.31 20.64
N ASP H 631 -36.20 -70.11 20.20
CA ASP H 631 -35.82 -70.05 18.80
C ASP H 631 -36.45 -68.80 18.20
N VAL H 632 -36.77 -67.84 19.05
CA VAL H 632 -37.41 -66.60 18.61
C VAL H 632 -38.83 -66.96 18.22
N TRP H 633 -39.72 -65.96 18.24
CA TRP H 633 -41.11 -66.18 17.86
C TRP H 633 -41.73 -67.40 18.54
N ASP H 634 -41.50 -67.57 19.84
CA ASP H 634 -42.07 -68.71 20.57
C ASP H 634 -43.44 -69.08 20.01
N ILE H 635 -43.53 -70.29 19.47
CA ILE H 635 -44.76 -70.78 18.85
C ILE H 635 -45.76 -71.56 19.72
N ASP H 636 -46.06 -71.05 20.92
CA ASP H 636 -47.08 -71.68 21.75
C ASP H 636 -48.29 -70.81 21.50
N ASN H 637 -48.64 -70.74 20.21
CA ASN H 637 -49.76 -69.97 19.67
C ASN H 637 -51.15 -70.44 20.12
N GLU H 638 -51.23 -71.70 20.56
CA GLU H 638 -52.49 -72.28 21.02
C GLU H 638 -53.00 -71.49 22.24
N PHE H 639 -52.84 -72.08 23.43
CA PHE H 639 -53.27 -71.46 24.69
C PHE H 639 -54.27 -70.32 24.47
C1 NAG I . -8.18 77.71 -52.63
C2 NAG I . -8.44 79.19 -52.97
C3 NAG I . -9.95 79.43 -53.20
C4 NAG I . -10.55 78.40 -54.17
C5 NAG I . -10.16 76.97 -53.75
C6 NAG I . -10.61 75.92 -54.76
C7 NAG I . -8.49 80.03 -50.68
C8 NAG I . -7.91 80.98 -49.65
N2 NAG I . -7.95 80.05 -51.90
O3 NAG I . -10.15 80.75 -53.72
O4 NAG I . -11.97 78.52 -54.19
O5 NAG I . -8.72 76.86 -53.65
O6 NAG I . -10.44 74.61 -54.24
O7 NAG I . -9.44 79.29 -50.36
C1 NAG J . 4.10 38.26 -33.25
C2 NAG J . 4.26 37.15 -32.20
C3 NAG J . 4.47 35.83 -32.94
C4 NAG J . 3.31 35.56 -33.92
C5 NAG J . 3.07 36.78 -34.83
C6 NAG J . 1.78 36.65 -35.62
C7 NAG J . 5.19 37.69 -30.04
C8 NAG J . 6.43 37.97 -29.21
N2 NAG J . 5.38 37.43 -31.33
O3 NAG J . 4.56 34.76 -32.00
O4 NAG J . 3.62 34.43 -34.72
O5 NAG J . 2.94 38.01 -34.04
O6 NAG J . 0.76 37.47 -35.08
O7 NAG J . 4.08 37.71 -29.50
C1 NAG K . 7.08 79.38 -32.62
C2 NAG K . 5.70 78.75 -32.73
C3 NAG K . 5.18 78.40 -31.34
C4 NAG K . 6.17 77.51 -30.60
C5 NAG K . 7.58 78.13 -30.63
C6 NAG K . 8.64 77.18 -30.07
C7 NAG K . 4.68 79.62 -34.73
C8 NAG K . 3.72 80.61 -35.38
N2 NAG K . 4.79 79.66 -33.41
O3 NAG K . 3.92 77.74 -31.45
O4 NAG K . 5.75 77.31 -29.25
O5 NAG K . 7.97 78.45 -31.98
O6 NAG K . 9.21 76.38 -31.09
O7 NAG K . 5.32 78.83 -35.43
SM SM L . 34.23 77.51 -22.28
SM SM M . 9.92 52.00 -36.32
SM SM N . 16.96 45.43 -74.82
C1 NAG O . -16.11 74.54 -7.38
C2 NAG O . -17.48 73.84 -7.32
C3 NAG O . -18.63 74.84 -7.50
C4 NAG O . -18.45 76.07 -6.58
C5 NAG O . -17.02 76.64 -6.68
C6 NAG O . -16.75 77.77 -5.69
C7 NAG O . -17.57 73.10 -9.65
C8 NAG O . -17.65 71.94 -10.64
N2 NAG O . -17.56 72.80 -8.35
O3 NAG O . -19.87 74.21 -7.21
O4 NAG O . -19.39 77.09 -6.97
O5 NAG O . -16.06 75.59 -6.40
O6 NAG O . -15.51 78.41 -5.96
O7 NAG O . -17.51 74.26 -10.08
C1 NAG P . 25.96 88.44 -18.33
C2 NAG P . 27.14 88.92 -19.17
C3 NAG P . 28.09 89.69 -18.25
C4 NAG P . 27.36 90.83 -17.53
C5 NAG P . 26.07 90.33 -16.87
C6 NAG P . 25.20 91.48 -16.37
C7 NAG P . 27.83 87.64 -21.11
C8 NAG P . 28.56 86.42 -21.64
N2 NAG P . 27.82 87.79 -19.78
O3 NAG P . 29.18 90.21 -18.99
O4 NAG P . 28.22 91.42 -16.56
O5 NAG P . 25.26 89.57 -17.80
O6 NAG P . 24.07 91.67 -17.21
O7 NAG P . 27.28 88.42 -21.87
C1 NAG Q . -3.72 60.10 -22.97
C2 NAG Q . -4.09 61.57 -23.10
C3 NAG Q . -3.82 62.04 -24.54
C4 NAG Q . -2.36 61.75 -24.93
C5 NAG Q . -2.00 60.28 -24.63
C6 NAG Q . -0.52 60.00 -24.81
C7 NAG Q . -5.82 62.05 -21.50
C8 NAG Q . -7.31 62.22 -21.21
N2 NAG Q . -5.49 61.75 -22.76
O3 NAG Q . -4.06 63.43 -24.63
O4 NAG Q . -2.17 62.03 -26.31
O5 NAG Q . -2.32 59.93 -23.26
O6 NAG Q . 0.19 60.21 -23.60
O7 NAG Q . -4.99 62.19 -20.60
SM SM R . 16.33 38.92 -26.48
SM SM S . 18.30 75.48 -15.72
SM SM T . 18.36 78.43 23.74
C1 NAG U . 41.11 33.53 37.30
C2 NAG U . 42.42 34.35 37.39
C3 NAG U . 43.18 34.02 38.69
C4 NAG U . 42.26 34.07 39.92
C5 NAG U . 40.96 33.27 39.67
C6 NAG U . 39.95 33.39 40.79
C7 NAG U . 43.81 32.89 36.02
C8 NAG U . 44.67 32.74 34.77
N2 NAG U . 43.26 34.09 36.23
O3 NAG U . 44.25 34.95 38.86
O4 NAG U . 42.95 33.52 41.06
O5 NAG U . 40.32 33.75 38.47
O6 NAG U . 38.90 32.43 40.64
O7 NAG U . 43.64 31.91 36.76
C1 NAG V . 7.65 5.16 24.68
C2 NAG V . 6.95 3.89 24.21
C3 NAG V . 5.49 3.96 24.69
C4 NAG V . 5.42 4.15 26.22
C5 NAG V . 6.34 5.30 26.68
C6 NAG V . 6.53 5.31 28.19
C7 NAG V . 7.74 2.84 22.16
C8 NAG V . 7.73 2.84 20.64
N2 NAG V . 7.01 3.79 22.76
O3 NAG V . 4.79 2.78 24.33
O4 NAG V . 4.07 4.42 26.62
O5 NAG V . 7.67 5.18 26.11
O6 NAG V . 7.81 4.83 28.55
O7 NAG V . 8.40 1.99 22.75
C1 NAG W . 42.48 24.99 14.60
C2 NAG W . 42.47 24.19 15.89
C3 NAG W . 42.81 22.72 15.62
C4 NAG W . 41.87 22.15 14.56
C5 NAG W . 41.82 23.06 13.31
C6 NAG W . 40.77 22.62 12.31
C7 NAG W . 43.00 25.73 17.66
C8 NAG W . 44.04 26.31 18.61
N2 NAG W . 43.40 24.77 16.83
O3 NAG W . 42.70 21.98 16.83
O4 NAG W . 42.29 20.83 14.19
O5 NAG W . 41.52 24.43 13.69
O6 NAG W . 39.51 23.23 12.59
O7 NAG W . 41.85 26.16 17.67
SM SM X . 33.76 27.29 -13.16
SM SM Y . 16.19 16.33 18.86
SM SM Z . -3.69 46.43 34.94
C1 NAG AA . 56.18 -5.81 20.97
C2 NAG AA . 56.15 -6.75 22.20
C3 NAG AA . 57.43 -6.58 23.05
C4 NAG AA . 58.70 -6.65 22.17
C5 NAG AA . 58.57 -5.71 20.95
C6 NAG AA . 59.74 -5.82 19.99
C7 NAG AA . 54.81 -5.34 23.67
C8 NAG AA . 53.52 -5.21 24.48
N2 NAG AA . 54.96 -6.49 23.01
O3 NAG AA . 57.48 -7.61 24.04
O4 NAG AA . 59.84 -6.27 22.95
O5 NAG AA . 57.38 -6.04 20.21
O6 NAG AA . 59.70 -4.78 19.02
O7 NAG AA . 55.62 -4.42 23.66
C1 NAG BA . 47.17 26.14 -10.34
C2 NAG BA . 46.80 27.49 -10.95
C3 NAG BA . 47.37 27.54 -12.38
C4 NAG BA . 48.89 27.27 -12.37
C5 NAG BA . 49.22 25.99 -11.57
C6 NAG BA . 50.70 25.81 -11.33
C7 NAG BA . 44.78 28.58 -10.22
C8 NAG BA . 43.27 28.66 -10.31
N2 NAG BA . 45.36 27.65 -10.97
O3 NAG BA . 47.11 28.80 -12.97
O4 NAG BA . 49.36 27.14 -13.71
O5 NAG BA . 48.60 26.03 -10.27
O6 NAG BA . 51.03 26.09 -9.98
O7 NAG BA . 45.40 29.36 -9.48
C1 NAG CA . 33.11 4.32 21.80
C2 NAG CA . 34.50 4.94 21.89
C3 NAG CA . 34.37 6.42 22.32
C4 NAG CA . 33.42 7.17 21.37
C5 NAG CA . 32.09 6.40 21.20
C6 NAG CA . 31.24 7.01 20.10
C7 NAG CA . 36.13 3.23 22.40
C8 NAG CA . 36.97 2.52 23.45
N2 NAG CA . 35.34 4.21 22.83
O3 NAG CA . 35.65 7.04 22.33
O4 NAG CA . 33.13 8.47 21.89
O5 NAG CA . 32.36 5.03 20.82
O6 NAG CA . 31.55 6.45 18.83
O7 NAG CA . 36.21 2.89 21.22
SM SM DA . 5.93 4.97 10.54
SM SM EA . 40.16 14.73 -3.13
SM SM FA . 55.65 -14.52 -24.79
C1 NAG GA . 15.03 -39.54 -42.42
C2 NAG GA . 15.32 -38.75 -43.72
C3 NAG GA . 15.26 -39.69 -44.94
C4 NAG GA . 16.07 -40.98 -44.73
C5 NAG GA . 15.74 -41.62 -43.36
C6 NAG GA . 16.60 -42.82 -43.01
C7 NAG GA . 13.06 -37.88 -44.07
C8 NAG GA . 12.18 -36.65 -44.24
N2 NAG GA . 14.37 -37.65 -43.88
O3 NAG GA . 15.74 -39.01 -46.10
O4 NAG GA . 15.79 -41.91 -45.77
O5 NAG GA . 15.93 -40.64 -42.30
O6 NAG GA . 16.08 -43.53 -41.90
O7 NAG GA . 12.57 -39.01 -44.13
C1 NAG HA . -2.21 -54.80 -3.02
C2 NAG HA . -3.23 -55.27 -1.98
C3 NAG HA . -2.49 -56.15 -0.95
C4 NAG HA . -1.76 -57.30 -1.67
C5 NAG HA . -0.91 -56.80 -2.84
C6 NAG HA . -0.43 -57.93 -3.71
C7 NAG HA . -5.15 -53.89 -1.51
C8 NAG HA . -5.72 -52.67 -0.78
N2 NAG HA . -3.85 -54.14 -1.32
O3 NAG HA . -3.41 -56.66 0.00
O4 NAG HA . -0.92 -57.99 -0.74
O5 NAG HA . -1.69 -55.93 -3.71
O6 NAG HA . -1.10 -57.93 -4.97
O7 NAG HA . -5.89 -54.58 -2.22
C1 NAG IA . -1.61 -24.33 -30.93
C2 NAG IA . -1.73 -25.78 -31.42
C3 NAG IA . -3.20 -26.20 -31.35
C4 NAG IA . -3.76 -26.00 -29.93
C5 NAG IA . -3.46 -24.57 -29.43
C6 NAG IA . -3.83 -24.38 -27.98
C7 NAG IA . 0.05 -26.24 -32.97
C8 NAG IA . 0.51 -26.38 -34.41
N2 NAG IA . -1.23 -25.92 -32.77
O3 NAG IA . -3.31 -27.57 -31.71
O4 NAG IA . -5.17 -26.24 -29.92
O5 NAG IA . -2.06 -24.26 -29.58
O6 NAG IA . -2.76 -24.77 -27.11
O7 NAG IA . 0.86 -26.42 -32.05
SM SM JA . -6.46 -4.57 -9.88
SM SM KA . 2.16 -41.63 -9.40
SM SM LA . 41.01 -47.19 -4.61
C1 NAG MA . -29.81 -39.82 -40.85
C2 NAG MA . -30.13 -41.26 -41.29
C3 NAG MA . -30.11 -41.39 -42.82
C4 NAG MA . -30.95 -40.28 -43.49
C5 NAG MA . -30.58 -38.91 -42.92
C6 NAG MA . -31.44 -37.79 -43.46
C7 NAG MA . -27.89 -42.21 -41.04
C8 NAG MA . -27.00 -43.23 -40.34
N2 NAG MA . -29.18 -42.20 -40.68
O3 NAG MA . -30.62 -42.67 -43.21
O4 NAG MA . -30.72 -40.29 -44.89
O5 NAG MA . -30.73 -38.91 -41.49
O6 NAG MA . -30.91 -36.52 -43.12
O7 NAG MA . -27.41 -41.45 -41.89
C1 NAG NA . -11.48 -2.21 -22.64
C2 NAG NA . -10.43 -1.18 -22.22
C3 NAG NA . -11.15 0.16 -22.02
C4 NAG NA . -11.93 0.56 -23.29
C5 NAG NA . -12.80 -0.61 -23.80
C6 NAG NA . -13.38 -0.34 -25.17
C7 NAG NA . -8.49 -1.95 -20.98
C8 NAG NA . -7.91 -2.38 -19.64
N2 NAG NA . -9.78 -1.61 -20.99
O3 NAG NA . -10.21 1.18 -21.68
O4 NAG NA . -12.75 1.69 -23.01
O5 NAG NA . -12.03 -1.83 -23.89
O6 NAG NA . -12.76 -1.17 -26.15
O7 NAG NA . -7.77 -1.92 -21.98
C1 NAG OA . -12.91 -43.47 -23.27
C2 NAG OA . -12.77 -42.72 -24.59
C3 NAG OA . -11.30 -42.43 -24.86
C4 NAG OA . -10.70 -41.64 -23.69
C5 NAG OA . -10.95 -42.38 -22.37
C6 NAG OA . -10.50 -41.57 -21.15
C7 NAG OA . -14.63 -43.38 -25.98
C8 NAG OA . -15.15 -44.23 -27.11
N2 NAG OA . -13.33 -43.50 -25.66
O3 NAG OA . -11.17 -41.67 -26.05
O4 NAG OA . -9.29 -41.48 -23.88
O5 NAG OA . -12.38 -42.65 -22.21
O6 NAG OA . -11.52 -40.72 -20.65
O7 NAG OA . -15.39 -42.62 -25.37
SM SM PA . -6.71 -44.55 5.30
SM SM QA . -15.90 -16.17 -18.33
SM SM RA . -54.64 -8.27 -16.99
C1 NAG SA . -67.20 -21.33 30.76
C2 NAG SA . -67.07 -19.84 31.06
C3 NAG SA . -68.29 -19.33 31.88
C4 NAG SA . -69.62 -19.82 31.28
C5 NAG SA . -69.57 -21.32 30.96
C6 NAG SA . -70.80 -21.83 30.25
C7 NAG SA . -65.61 -19.99 33.01
C8 NAG SA . -64.28 -19.63 33.64
N2 NAG SA . -65.82 -19.54 31.77
O3 NAG SA . -68.29 -17.91 31.93
O4 NAG SA . -70.68 -19.57 32.20
O5 NAG SA . -68.44 -21.62 30.11
O6 NAG SA . -70.83 -23.26 30.21
O7 NAG SA . -66.43 -20.66 33.64
C1 NAG TA . -60.50 -66.38 27.77
C2 NAG TA . -60.18 -67.83 28.18
C3 NAG TA . -60.85 -68.77 27.17
C4 NAG TA . -62.36 -68.49 27.09
C5 NAG TA . -62.64 -66.97 26.88
C6 NAG TA . -64.10 -66.61 27.04
C7 NAG TA . -58.10 -68.29 29.35
C8 NAG TA . -56.60 -68.49 29.27
N2 NAG TA . -58.74 -68.04 28.20
O3 NAG TA . -60.64 -70.12 27.55
O4 NAG TA . -62.94 -69.22 26.01
O5 NAG TA . -61.91 -66.18 27.85
O6 NAG TA . -64.31 -65.91 28.26
O7 NAG TA . -58.67 -68.34 30.44
C1 NAG UA . -44.20 -29.55 36.88
C2 NAG UA . -45.58 -29.93 37.46
C3 NAG UA . -45.36 -30.76 38.73
C4 NAG UA . -44.46 -31.97 38.44
C5 NAG UA . -43.17 -31.55 37.73
C6 NAG UA . -42.37 -32.74 37.24
C7 NAG UA . -47.14 -28.23 36.79
C8 NAG UA . -47.92 -26.98 37.15
N2 NAG UA . -46.35 -28.74 37.73
O3 NAG UA . -46.61 -31.22 39.23
O4 NAG UA . -44.15 -32.63 39.65
O5 NAG UA . -43.46 -30.75 36.57
O6 NAG UA . -42.80 -33.14 35.94
O7 NAG UA . -47.27 -28.73 35.67
SM SM VA . -18.07 -38.23 27.32
SM SM WA . -52.98 -53.29 25.27
SM SM XA . -70.20 -44.83 -9.19
C1 NAG YA . -49.59 -41.07 69.14
C2 NAG YA . -50.84 -41.58 69.88
C3 NAG YA . -51.46 -40.45 70.72
C4 NAG YA . -50.41 -39.73 71.59
C5 NAG YA . -49.18 -39.35 70.75
C6 NAG YA . -48.05 -38.75 71.56
C7 NAG YA . -52.43 -41.29 68.07
C8 NAG YA . -53.43 -41.93 67.11
N2 NAG YA . -51.82 -42.10 68.93
O3 NAG YA . -52.49 -40.98 71.56
O4 NAG YA . -50.96 -38.57 72.18
O5 NAG YA . -48.65 -40.51 70.07
O6 NAG YA . -47.05 -38.19 70.72
O7 NAG YA . -52.21 -40.08 68.00
C1 NAG ZA . -18.52 -29.23 37.87
C2 NAG ZA . -17.91 -28.63 36.61
C3 NAG ZA . -16.40 -28.42 36.87
C4 NAG ZA . -16.18 -27.56 38.14
C5 NAG ZA . -17.00 -28.11 39.34
C6 NAG ZA . -17.00 -27.15 40.50
C7 NAG ZA . -18.89 -29.15 34.46
C8 NAG ZA . -19.04 -30.14 33.33
N2 NAG ZA . -18.10 -29.51 35.48
O3 NAG ZA . -15.79 -27.79 35.74
O4 NAG ZA . -14.80 -27.56 38.47
O5 NAG ZA . -18.38 -28.31 38.95
O6 NAG ZA . -18.27 -26.53 40.65
O7 NAG ZA . -19.48 -28.07 34.43
C1 NAG AB . -53.59 -49.46 45.68
C2 NAG AB . -53.45 -48.02 46.20
C3 NAG AB . -53.83 -47.05 45.08
C4 NAG AB . -52.99 -47.33 43.82
C5 NAG AB . -53.03 -48.82 43.44
C6 NAG AB . -52.05 -49.17 42.32
C7 NAG AB . -53.79 -48.03 48.58
C8 NAG AB . -54.72 -47.79 49.77
N2 NAG AB . -54.29 -47.81 47.36
O3 NAG AB . -53.62 -45.71 45.50
O4 NAG AB . -53.48 -46.53 42.73
O5 NAG AB . -52.69 -49.64 44.58
O6 NAG AB . -50.79 -49.56 42.85
O7 NAG AB . -52.63 -48.41 48.78
SM SM BB . -46.96 -69.55 25.53
SM SM CB . -27.34 -41.25 41.43
SM SM DB . -5.46 -54.13 71.69
#